data_5NJD
#
_entry.id   5NJD
#
_cell.length_a   191.606
_cell.length_b   191.606
_cell.length_c   519.109
_cell.angle_alpha   90.00
_cell.angle_beta   90.00
_cell.angle_gamma   90.00
#
_symmetry.space_group_name_H-M   'P 41 21 2'
#
loop_
_entity.id
_entity.type
_entity.pdbx_description
1 polymer 'Interleukin-12 subunit beta'
2 polymer 'Interleukin-23 subunit alpha'
3 polymer 'Briakinumab FAb Light chain'
4 polymer 'Briakinumab FAb Heavy chain'
5 branched alpha-D-mannopyranose-(1-3)-[alpha-D-mannopyranose-(1-6)]beta-D-mannopyranose-(1-4)-2-acetamido-2-deoxy-beta-D-glucopyranose-(1-4)-2-acetamido-2-deoxy-beta-D-glucopyranose
6 non-polymer 'SULFATE ION'
#
loop_
_entity_poly.entity_id
_entity_poly.type
_entity_poly.pdbx_seq_one_letter_code
_entity_poly.pdbx_strand_id
1 'polypeptide(L)'
;MCHQQLVISWFSLVFLASPLVAIWELKKDVYVVELDWYPDAPGEMVVLTCDTPEEDGITWTLDQSSEVLGSGKTLTIQVK
EFGDAGQYTCHKGGEVLSHSLLLLHKKEDGIWSTDILKDQKEPKNKTFLRCEAKNYSGRFTCWWLTTISTDLTFSVKSSR
GSSDPQGVTCGAATLSAERVRGDNKEYEYSVECQEDSACPAAEESLPIEVMVDAVHKLKYENYTSSFFIRDIIKPDPPKN
LQLKPLKNSRQVEVSWEYPDTWSTPHSYFSLTFCVQVQGKSKREKKDRVFTDKTSATVICRKNASISVRAQDRYYSSSWS
EWASVPCS
;
A,C,E,G,I,K
2 'polypeptide(L)'
;MLGSRAVMLLLLLPWTAQGRAVPGGSSPAWTQCQQLSQKLCTLAWSAHPLVGHMDLREEGDEETTNDVPHIQCGDGCDPQ
GLRDNSQFCLQRIHQGLIFYEKLLGSDIFTGEPSLLPDSPVGQLHASLLGLSQLLQPEGHHWETQQIPSLSPSQPWQRLL
LRFKILRSLQAFVAVAARVFAHGAATLSPGTKHHHHHH
;
B,D,F,H,J,L
3 'polypeptide(L)'
;MGILPSPGMPALLSLVSLLSVLLMGCVAQSVLTQPPSVSGAPGQRVTISCSGSRSNIGSNTVKWYQQLPGTAPKLLIYYN
DQRPSGVPDRFSGSKSGTSASLAITGLQAEDEADYYCQSYDRYTHPALLFGTGTKVTVLGQPKAAPSVTLFPPSSEELQA
NKATLVCLISDFYPGAVTVAWKADSSPVKAGVETTTPSKQSNNKYAASSYLSLTPEQWKSHRSYSCQVTHEGSTVEKTVA
PTECS
;
M,O,Q,S,U,W
4 'polypeptide(L)'
;MGILPSPGMPALLSLVSLLSVLLMGCVAQVQLVESGGGVVQPGRSLRLSCAASGFTFSSYGMHWVRQAPGKGLEWVAFIR
YDGSNKYYADSVKGRFTISRDNSKNTLYLQMNSLRAEDTAVYYCKTHGSHDNWGQGTMVTVSSASTKGPSVFPLAPSSKS
TSGGTAALGCLVKDYFPEPVTVSWNSGALTSGVHTFPAVLQSSGLYSLSSVVTVPSSSLGTQTYICNVNHKPSNTKVDKK
VEPKSCDKGTSGLVPRGSGGSGGSGLNDIFEAQKIEWHEGRTKHHHHHH
;
N,P,R,T,V,X
#
loop_
_chem_comp.id
_chem_comp.type
_chem_comp.name
_chem_comp.formula
BMA D-saccharide, beta linking beta-D-mannopyranose 'C6 H12 O6'
MAN D-saccharide, alpha linking alpha-D-mannopyranose 'C6 H12 O6'
NAG D-saccharide, beta linking 2-acetamido-2-deoxy-beta-D-glucopyranose 'C8 H15 N O6'
SO4 non-polymer 'SULFATE ION' 'O4 S -2'
#
# COMPACT_ATOMS: atom_id res chain seq x y z
N ILE A 23 -36.58 -12.90 27.40
CA ILE A 23 -37.62 -13.78 26.90
C ILE A 23 -37.79 -13.52 25.41
N TRP A 24 -38.15 -14.57 24.66
CA TRP A 24 -38.36 -14.46 23.23
C TRP A 24 -39.33 -15.55 22.80
N GLU A 25 -39.91 -15.36 21.62
CA GLU A 25 -40.96 -16.26 21.13
C GLU A 25 -40.35 -17.32 20.22
N LEU A 26 -40.50 -18.59 20.61
CA LEU A 26 -40.04 -19.69 19.77
C LEU A 26 -40.99 -19.93 18.61
N LYS A 27 -42.29 -19.92 18.87
CA LYS A 27 -43.32 -19.98 17.85
C LYS A 27 -44.61 -19.44 18.45
N LYS A 28 -45.71 -19.54 17.71
CA LYS A 28 -46.97 -18.94 18.11
C LYS A 28 -47.37 -19.37 19.52
N ASP A 29 -47.52 -18.38 20.40
CA ASP A 29 -47.97 -18.62 21.78
C ASP A 29 -47.03 -19.57 22.52
N VAL A 30 -45.76 -19.63 22.11
CA VAL A 30 -44.74 -20.40 22.79
C VAL A 30 -43.53 -19.49 22.97
N TYR A 31 -43.04 -19.41 24.21
CA TYR A 31 -41.96 -18.51 24.56
C TYR A 31 -40.89 -19.28 25.33
N VAL A 32 -39.69 -18.70 25.36
CA VAL A 32 -38.56 -19.26 26.09
C VAL A 32 -38.03 -18.21 27.06
N VAL A 33 -37.70 -18.65 28.27
CA VAL A 33 -37.13 -17.79 29.29
C VAL A 33 -35.72 -18.29 29.57
N GLU A 34 -34.74 -17.44 29.36
CA GLU A 34 -33.35 -17.77 29.64
C GLU A 34 -33.05 -17.46 31.09
N LEU A 35 -32.49 -18.44 31.80
CA LEU A 35 -32.24 -18.31 33.22
C LEU A 35 -30.80 -18.72 33.54
N ASP A 36 -30.19 -18.00 34.48
CA ASP A 36 -28.93 -18.42 35.07
C ASP A 36 -29.25 -19.43 36.16
N TRP A 37 -28.86 -20.68 35.95
CA TRP A 37 -29.29 -21.78 36.82
C TRP A 37 -28.27 -21.95 37.95
N TYR A 38 -28.64 -21.49 39.14
CA TYR A 38 -27.80 -21.63 40.32
C TYR A 38 -28.68 -21.58 41.56
N PRO A 39 -28.25 -22.19 42.67
CA PRO A 39 -29.11 -22.29 43.85
C PRO A 39 -29.70 -20.94 44.26
N ASP A 40 -30.99 -20.96 44.59
CA ASP A 40 -31.70 -19.77 45.07
C ASP A 40 -31.47 -18.58 44.15
N ALA A 41 -31.42 -18.85 42.86
CA ALA A 41 -31.42 -17.76 41.89
C ALA A 41 -32.80 -17.13 41.82
N PRO A 42 -32.89 -15.79 41.76
CA PRO A 42 -34.21 -15.16 41.77
C PRO A 42 -34.98 -15.33 40.48
N GLY A 43 -34.30 -15.66 39.39
CA GLY A 43 -34.95 -15.77 38.10
C GLY A 43 -35.21 -14.41 37.50
N GLU A 44 -36.14 -14.39 36.54
CA GLU A 44 -36.49 -13.19 35.81
C GLU A 44 -37.97 -12.89 35.97
N MET A 45 -38.30 -11.61 36.03
CA MET A 45 -39.69 -11.18 36.07
C MET A 45 -40.24 -11.14 34.65
N VAL A 46 -41.38 -11.80 34.44
CA VAL A 46 -42.02 -11.88 33.13
C VAL A 46 -43.44 -11.35 33.25
N VAL A 47 -43.84 -10.56 32.26
CA VAL A 47 -45.17 -9.97 32.19
C VAL A 47 -45.89 -10.60 30.99
N LEU A 48 -46.92 -11.38 31.26
CA LEU A 48 -47.70 -12.04 30.23
C LEU A 48 -48.93 -11.20 29.91
N THR A 49 -49.18 -11.01 28.61
CA THR A 49 -50.31 -10.21 28.14
C THR A 49 -51.26 -11.13 27.39
N CYS A 50 -52.52 -11.15 27.81
CA CYS A 50 -53.56 -11.91 27.13
C CYS A 50 -53.86 -11.26 25.78
N ASP A 51 -53.69 -12.01 24.70
CA ASP A 51 -53.96 -11.52 23.35
C ASP A 51 -55.47 -11.49 23.19
N THR A 52 -56.07 -10.34 23.47
CA THR A 52 -57.53 -10.24 23.47
C THR A 52 -57.93 -8.78 23.38
N PRO A 53 -59.09 -8.47 22.77
CA PRO A 53 -59.54 -7.07 22.71
C PRO A 53 -60.12 -6.58 24.03
N GLU A 54 -60.93 -7.40 24.69
CA GLU A 54 -61.59 -6.99 25.92
C GLU A 54 -60.58 -6.65 26.99
N GLU A 55 -60.96 -5.75 27.91
CA GLU A 55 -60.03 -5.13 28.84
C GLU A 55 -60.48 -5.25 30.29
N ASP A 56 -61.38 -6.16 30.63
CA ASP A 56 -61.80 -6.29 32.01
C ASP A 56 -62.38 -7.68 32.22
N GLY A 57 -62.48 -8.07 33.49
CA GLY A 57 -63.03 -9.36 33.85
C GLY A 57 -62.24 -10.50 33.24
N ILE A 58 -60.95 -10.57 33.58
CA ILE A 58 -60.03 -11.55 33.03
C ILE A 58 -59.36 -12.28 34.18
N THR A 59 -59.20 -13.60 34.03
CA THR A 59 -58.57 -14.43 35.04
C THR A 59 -57.52 -15.32 34.38
N TRP A 60 -56.45 -15.60 35.12
CA TRP A 60 -55.34 -16.41 34.62
C TRP A 60 -55.26 -17.72 35.39
N THR A 61 -54.70 -18.73 34.74
CA THR A 61 -54.49 -20.04 35.37
C THR A 61 -53.21 -20.64 34.82
N LEU A 62 -52.87 -21.83 35.33
CA LEU A 62 -51.67 -22.52 34.88
C LEU A 62 -51.98 -24.00 34.65
N ASP A 63 -51.65 -24.48 33.46
CA ASP A 63 -51.79 -25.90 33.08
C ASP A 63 -53.27 -26.27 33.26
N GLN A 64 -53.60 -27.30 34.02
CA GLN A 64 -54.98 -27.72 34.21
C GLN A 64 -55.62 -27.13 35.47
N SER A 65 -54.82 -26.76 36.46
CA SER A 65 -55.35 -26.26 37.71
C SER A 65 -56.30 -25.08 37.47
N SER A 66 -57.39 -25.08 38.23
CA SER A 66 -58.36 -23.99 38.17
C SER A 66 -57.99 -22.82 39.07
N GLU A 67 -56.94 -22.96 39.89
CA GLU A 67 -56.51 -21.88 40.77
C GLU A 67 -56.26 -20.61 39.97
N VAL A 68 -56.95 -19.54 40.33
CA VAL A 68 -56.78 -18.25 39.68
C VAL A 68 -55.51 -17.59 40.23
N LEU A 69 -54.48 -17.47 39.38
CA LEU A 69 -53.23 -16.86 39.79
C LEU A 69 -53.25 -15.34 39.74
N GLY A 70 -54.14 -14.76 38.93
CA GLY A 70 -54.23 -13.32 38.86
C GLY A 70 -55.41 -12.91 38.00
N SER A 71 -55.60 -11.60 37.90
CA SER A 71 -56.67 -11.03 37.10
C SER A 71 -56.16 -9.82 36.35
N GLY A 72 -56.87 -9.44 35.30
CA GLY A 72 -56.55 -8.28 34.51
C GLY A 72 -55.97 -8.65 33.15
N LYS A 73 -55.72 -7.60 32.36
CA LYS A 73 -55.18 -7.78 31.03
C LYS A 73 -53.83 -8.49 31.06
N THR A 74 -52.97 -8.14 32.02
CA THR A 74 -51.62 -8.64 32.11
C THR A 74 -51.44 -9.41 33.41
N LEU A 75 -50.31 -10.12 33.50
CA LEU A 75 -49.98 -10.91 34.68
C LEU A 75 -48.47 -10.89 34.88
N THR A 76 -48.04 -10.49 36.07
CA THR A 76 -46.62 -10.41 36.41
C THR A 76 -46.25 -11.60 37.28
N ILE A 77 -45.15 -12.28 36.93
CA ILE A 77 -44.73 -13.49 37.61
C ILE A 77 -43.22 -13.54 37.65
N GLN A 78 -42.68 -14.14 38.72
CA GLN A 78 -41.25 -14.37 38.87
C GLN A 78 -40.95 -15.81 38.48
N VAL A 79 -40.18 -15.97 37.40
CA VAL A 79 -39.88 -17.29 36.85
C VAL A 79 -38.48 -17.68 37.30
N LYS A 80 -38.40 -18.64 38.21
CA LYS A 80 -37.11 -19.14 38.69
C LYS A 80 -37.05 -20.65 38.81
N GLU A 81 -38.18 -21.36 38.77
CA GLU A 81 -38.19 -22.81 38.87
C GLU A 81 -39.22 -23.35 37.88
N PHE A 82 -39.03 -24.61 37.48
CA PHE A 82 -39.96 -25.23 36.55
C PHE A 82 -41.39 -25.17 37.07
N GLY A 83 -41.58 -25.21 38.39
CA GLY A 83 -42.90 -25.02 38.95
C GLY A 83 -43.54 -23.69 38.59
N ASP A 84 -42.74 -22.73 38.13
CA ASP A 84 -43.25 -21.43 37.70
C ASP A 84 -43.49 -21.35 36.19
N ALA A 85 -43.21 -22.42 35.45
CA ALA A 85 -43.41 -22.44 34.02
C ALA A 85 -44.67 -23.25 33.68
N GLY A 86 -44.94 -23.40 32.39
CA GLY A 86 -46.08 -24.17 31.93
C GLY A 86 -47.01 -23.40 31.02
N GLN A 87 -48.23 -23.92 30.83
CA GLN A 87 -49.20 -23.32 29.93
C GLN A 87 -50.04 -22.31 30.70
N TYR A 88 -49.69 -21.03 30.58
CA TYR A 88 -50.48 -19.97 31.18
C TYR A 88 -51.65 -19.63 30.27
N THR A 89 -52.85 -19.59 30.84
CA THR A 89 -54.08 -19.38 30.08
C THR A 89 -54.91 -18.29 30.73
N CYS A 90 -55.49 -17.42 29.91
CA CYS A 90 -56.39 -16.38 30.38
C CYS A 90 -57.81 -16.69 29.91
N HIS A 91 -58.79 -16.41 30.75
CA HIS A 91 -60.18 -16.69 30.46
C HIS A 91 -61.03 -15.45 30.73
N LYS A 92 -62.25 -15.46 30.19
CA LYS A 92 -63.19 -14.36 30.42
C LYS A 92 -64.59 -14.94 30.23
N GLY A 93 -65.27 -15.22 31.34
CA GLY A 93 -66.56 -15.87 31.27
C GLY A 93 -66.48 -17.33 30.92
N GLY A 94 -65.43 -18.02 31.38
CA GLY A 94 -65.23 -19.41 31.06
C GLY A 94 -64.57 -19.63 29.72
N GLU A 95 -64.79 -18.71 28.78
CA GLU A 95 -64.19 -18.82 27.46
C GLU A 95 -62.67 -18.68 27.57
N VAL A 96 -61.96 -19.48 26.78
CA VAL A 96 -60.50 -19.41 26.70
C VAL A 96 -60.12 -18.34 25.70
N LEU A 97 -59.42 -17.31 26.18
CA LEU A 97 -59.08 -16.15 25.35
C LEU A 97 -57.74 -16.33 24.63
N SER A 98 -56.67 -16.56 25.38
CA SER A 98 -55.34 -16.73 24.79
C SER A 98 -54.54 -17.72 25.61
N HIS A 99 -53.61 -18.40 24.94
CA HIS A 99 -52.68 -19.31 25.57
C HIS A 99 -51.27 -18.74 25.48
N SER A 100 -50.41 -19.18 26.40
CA SER A 100 -49.02 -18.74 26.43
C SER A 100 -48.20 -19.78 27.18
N LEU A 101 -47.37 -20.52 26.46
CA LEU A 101 -46.56 -21.57 27.04
C LEU A 101 -45.15 -21.04 27.31
N LEU A 102 -44.63 -21.30 28.51
CA LEU A 102 -43.31 -20.86 28.91
C LEU A 102 -42.39 -22.06 29.07
N LEU A 103 -41.23 -21.99 28.42
CA LEU A 103 -40.20 -23.00 28.53
C LEU A 103 -38.92 -22.37 29.05
N LEU A 104 -38.09 -23.17 29.72
CA LEU A 104 -36.92 -22.68 30.41
C LEU A 104 -35.65 -23.20 29.74
N HIS A 105 -34.64 -22.33 29.65
CA HIS A 105 -33.36 -22.67 29.04
C HIS A 105 -32.28 -22.45 30.10
N LYS A 106 -31.77 -23.55 30.67
CA LYS A 106 -30.81 -23.45 31.77
C LYS A 106 -29.46 -23.00 31.26
N LYS A 107 -28.87 -22.03 31.94
CA LYS A 107 -27.46 -21.68 31.75
C LYS A 107 -26.72 -22.03 33.04
N GLU A 108 -25.93 -23.11 32.98
CA GLU A 108 -25.23 -23.64 34.14
C GLU A 108 -23.79 -23.17 34.10
N ASP A 109 -23.44 -22.26 35.01
CA ASP A 109 -22.10 -21.68 35.09
C ASP A 109 -21.65 -21.20 33.72
N GLY A 110 -22.52 -20.43 33.07
CA GLY A 110 -22.19 -19.82 31.80
C GLY A 110 -22.35 -20.73 30.60
N ILE A 111 -22.86 -21.94 30.77
CA ILE A 111 -23.04 -22.89 29.68
C ILE A 111 -24.50 -23.29 29.60
N TRP A 112 -25.01 -23.41 28.38
CA TRP A 112 -26.36 -23.91 28.20
C TRP A 112 -26.39 -25.42 28.50
N SER A 113 -27.58 -25.91 28.84
CA SER A 113 -27.70 -27.29 29.27
C SER A 113 -27.81 -28.23 28.08
N THR A 114 -27.29 -29.45 28.27
CA THR A 114 -27.27 -30.49 27.25
C THR A 114 -27.60 -31.83 27.88
N ASP A 115 -28.59 -31.85 28.77
CA ASP A 115 -28.96 -33.09 29.44
C ASP A 115 -29.75 -34.02 28.53
N ILE A 116 -30.46 -33.47 27.55
CA ILE A 116 -31.37 -34.28 26.73
C ILE A 116 -30.58 -35.30 25.92
N LEU A 117 -29.75 -34.83 24.99
CA LEU A 117 -29.10 -35.68 24.01
C LEU A 117 -27.81 -36.29 24.57
N LYS A 118 -27.52 -37.51 24.12
CA LYS A 118 -26.33 -38.23 24.54
C LYS A 118 -25.18 -37.86 23.62
N ASP A 119 -24.03 -37.54 24.21
CA ASP A 119 -22.86 -37.16 23.43
C ASP A 119 -22.29 -38.38 22.72
N GLN A 120 -22.12 -38.28 21.40
CA GLN A 120 -21.59 -39.38 20.61
C GLN A 120 -20.07 -39.44 20.62
N LYS A 121 -19.40 -38.36 21.02
CA LYS A 121 -17.94 -38.34 21.15
C LYS A 121 -17.25 -38.77 19.85
N GLU A 122 -17.93 -38.56 18.72
CA GLU A 122 -17.35 -38.83 17.42
C GLU A 122 -17.97 -37.82 16.45
N PRO A 123 -17.17 -37.16 15.60
CA PRO A 123 -15.71 -37.30 15.47
C PRO A 123 -14.94 -36.63 16.61
N LYS A 124 -15.66 -35.92 17.48
CA LYS A 124 -15.05 -35.21 18.59
C LYS A 124 -16.08 -35.05 19.70
N ASN A 125 -15.59 -34.73 20.89
CA ASN A 125 -16.47 -34.54 22.03
C ASN A 125 -17.48 -33.42 21.76
N LYS A 126 -18.53 -33.39 22.57
CA LYS A 126 -19.61 -32.42 22.40
C LYS A 126 -20.21 -32.51 21.00
N THR A 127 -20.38 -33.74 20.52
CA THR A 127 -21.02 -34.01 19.23
C THR A 127 -22.31 -34.79 19.51
N PHE A 128 -23.45 -34.13 19.30
CA PHE A 128 -24.76 -34.75 19.53
C PHE A 128 -25.50 -35.14 18.26
N LEU A 129 -25.20 -34.50 17.14
CA LEU A 129 -25.85 -34.79 15.87
C LEU A 129 -24.85 -35.41 14.91
N ARG A 130 -25.27 -36.48 14.24
CA ARG A 130 -24.49 -37.10 13.18
C ARG A 130 -25.35 -37.18 11.93
N CYS A 131 -24.86 -36.63 10.82
CA CYS A 131 -25.61 -36.56 9.59
C CYS A 131 -24.93 -37.38 8.49
N GLU A 132 -25.74 -37.85 7.53
CA GLU A 132 -25.25 -38.66 6.43
C GLU A 132 -26.05 -38.31 5.17
N ALA A 133 -25.54 -38.76 4.03
CA ALA A 133 -26.24 -38.62 2.76
C ALA A 133 -25.85 -39.77 1.84
N LYS A 134 -26.85 -40.38 1.20
CA LYS A 134 -26.61 -41.52 0.33
C LYS A 134 -26.17 -41.12 -1.07
N ASN A 135 -26.17 -39.83 -1.38
CA ASN A 135 -25.80 -39.35 -2.70
C ASN A 135 -25.65 -37.83 -2.64
N TYR A 136 -25.40 -37.22 -3.79
CA TYR A 136 -25.32 -35.78 -3.92
C TYR A 136 -26.65 -35.16 -4.36
N SER A 137 -27.74 -35.92 -4.27
CA SER A 137 -29.02 -35.43 -4.78
C SER A 137 -29.44 -34.14 -4.10
N GLY A 138 -29.00 -33.92 -2.86
CA GLY A 138 -29.49 -32.83 -2.04
C GLY A 138 -30.25 -33.30 -0.81
N ARG A 139 -30.52 -34.61 -0.72
CA ARG A 139 -31.12 -35.18 0.46
C ARG A 139 -30.04 -35.59 1.46
N PHE A 140 -30.44 -35.67 2.72
CA PHE A 140 -29.54 -36.13 3.77
C PHE A 140 -30.36 -36.44 5.02
N THR A 141 -29.75 -37.17 5.95
CA THR A 141 -30.43 -37.64 7.14
C THR A 141 -29.54 -37.38 8.35
N CYS A 142 -30.15 -36.92 9.44
CA CYS A 142 -29.44 -36.67 10.70
C CYS A 142 -30.15 -37.42 11.81
N TRP A 143 -29.38 -38.14 12.63
CA TRP A 143 -29.92 -38.94 13.71
C TRP A 143 -29.20 -38.60 15.01
N TRP A 144 -29.90 -38.75 16.14
CA TRP A 144 -29.34 -38.50 17.44
C TRP A 144 -29.95 -39.44 18.46
N LEU A 145 -29.30 -39.53 19.63
CA LEU A 145 -29.68 -40.47 20.66
C LEU A 145 -30.10 -39.74 21.92
N THR A 146 -30.89 -40.44 22.75
CA THR A 146 -31.36 -39.90 24.01
C THR A 146 -31.87 -41.04 24.89
N THR A 147 -31.80 -40.83 26.19
CA THR A 147 -32.32 -41.79 27.17
C THR A 147 -33.76 -41.49 27.56
N ILE A 148 -34.35 -40.44 27.01
CA ILE A 148 -35.69 -40.00 27.38
C ILE A 148 -36.71 -40.75 26.53
N SER A 149 -37.87 -41.04 27.13
CA SER A 149 -38.92 -41.81 26.48
C SER A 149 -40.26 -41.12 26.41
N THR A 150 -40.49 -40.05 27.18
CA THR A 150 -41.80 -39.42 27.28
C THR A 150 -41.67 -37.91 27.15
N ASP A 151 -42.80 -37.28 26.84
CA ASP A 151 -42.92 -35.82 26.82
C ASP A 151 -41.76 -35.17 26.08
N LEU A 152 -41.36 -35.79 24.98
CA LEU A 152 -40.17 -35.37 24.24
C LEU A 152 -40.59 -34.88 22.86
N THR A 153 -40.15 -33.67 22.51
CA THR A 153 -40.52 -33.04 21.25
C THR A 153 -39.29 -32.41 20.61
N PHE A 154 -39.17 -32.56 19.29
CA PHE A 154 -38.07 -31.96 18.54
C PHE A 154 -38.63 -31.10 17.41
N SER A 155 -37.88 -30.05 17.06
CA SER A 155 -38.20 -29.19 15.93
C SER A 155 -36.92 -28.96 15.13
N VAL A 156 -36.96 -29.27 13.83
CA VAL A 156 -35.78 -29.26 12.98
C VAL A 156 -35.93 -28.16 11.94
N LYS A 157 -34.84 -27.44 11.71
CA LYS A 157 -34.73 -26.47 10.63
C LYS A 157 -33.33 -26.59 10.05
N SER A 158 -33.18 -26.20 8.78
CA SER A 158 -31.89 -26.27 8.12
C SER A 158 -31.81 -25.19 7.06
N SER A 159 -30.59 -24.93 6.59
CA SER A 159 -30.33 -23.88 5.61
C SER A 159 -28.90 -24.00 5.13
N ARG A 160 -28.63 -23.41 3.97
CA ARG A 160 -27.28 -23.31 3.43
C ARG A 160 -26.88 -21.84 3.47
N GLY A 161 -26.03 -21.49 4.42
CA GLY A 161 -25.64 -20.10 4.61
C GLY A 161 -26.32 -19.49 5.82
N SER A 162 -25.60 -18.65 6.56
CA SER A 162 -26.12 -17.98 7.75
C SER A 162 -26.53 -16.54 7.47
N SER A 163 -25.63 -15.73 6.89
CA SER A 163 -25.96 -14.35 6.55
C SER A 163 -27.20 -14.31 5.67
N ASP A 164 -27.13 -14.92 4.49
CA ASP A 164 -28.27 -15.07 3.60
C ASP A 164 -28.58 -16.56 3.46
N PRO A 165 -29.55 -17.10 4.18
CA PRO A 165 -29.81 -18.53 4.11
C PRO A 165 -30.57 -18.92 2.85
N GLN A 166 -30.32 -20.15 2.42
CA GLN A 166 -30.97 -20.72 1.24
C GLN A 166 -31.96 -21.79 1.68
N GLY A 167 -32.99 -21.99 0.85
CA GLY A 167 -34.09 -22.85 1.23
C GLY A 167 -33.67 -24.30 1.38
N VAL A 168 -33.82 -24.84 2.58
CA VAL A 168 -33.62 -26.26 2.86
C VAL A 168 -34.82 -26.74 3.66
N THR A 169 -35.58 -27.68 3.11
CA THR A 169 -36.79 -28.16 3.75
C THR A 169 -36.48 -29.40 4.56
N CYS A 170 -36.92 -29.40 5.82
CA CYS A 170 -36.73 -30.52 6.73
C CYS A 170 -38.10 -31.05 7.15
N GLY A 171 -38.19 -32.36 7.32
CA GLY A 171 -39.43 -33.00 7.71
C GLY A 171 -39.60 -33.09 9.22
N ALA A 172 -40.22 -34.17 9.68
CA ALA A 172 -40.48 -34.40 11.10
C ALA A 172 -39.56 -35.48 11.64
N ALA A 173 -39.13 -35.29 12.88
CA ALA A 173 -38.23 -36.23 13.53
C ALA A 173 -39.04 -37.32 14.21
N THR A 174 -38.65 -38.57 13.99
CA THR A 174 -39.39 -39.72 14.52
C THR A 174 -38.40 -40.78 15.00
N LEU A 175 -38.90 -41.65 15.87
CA LEU A 175 -38.08 -42.75 16.37
C LEU A 175 -37.67 -43.67 15.23
N SER A 176 -36.39 -43.97 15.16
CA SER A 176 -35.85 -44.87 14.16
C SER A 176 -35.43 -46.23 14.72
N ALA A 177 -35.10 -46.30 16.01
CA ALA A 177 -34.65 -47.55 16.60
C ALA A 177 -34.72 -47.42 18.12
N GLU A 178 -34.61 -48.56 18.78
CA GLU A 178 -34.59 -48.65 20.24
C GLU A 178 -33.63 -49.78 20.62
N ARG A 179 -32.70 -49.48 21.50
CA ARG A 179 -31.70 -50.46 21.92
C ARG A 179 -31.33 -50.20 23.37
N VAL A 180 -30.60 -51.15 23.95
CA VAL A 180 -30.14 -51.07 25.33
C VAL A 180 -28.61 -50.96 25.32
N ARG A 181 -28.09 -50.00 26.07
CA ARG A 181 -26.66 -49.82 26.22
C ARG A 181 -26.37 -49.55 27.69
N GLY A 182 -25.62 -50.44 28.33
CA GLY A 182 -25.34 -50.30 29.74
C GLY A 182 -26.58 -50.33 30.61
N ASP A 183 -27.50 -51.26 30.34
CA ASP A 183 -28.69 -51.46 31.16
C ASP A 183 -29.55 -50.20 31.27
N ASN A 184 -29.48 -49.34 30.26
CA ASN A 184 -30.33 -48.15 30.16
C ASN A 184 -30.72 -47.97 28.70
N LYS A 185 -32.02 -47.86 28.44
CA LYS A 185 -32.51 -47.88 27.07
C LYS A 185 -32.01 -46.66 26.30
N GLU A 186 -31.71 -46.87 25.03
CA GLU A 186 -31.28 -45.83 24.10
C GLU A 186 -32.33 -45.69 23.01
N TYR A 187 -32.83 -44.48 22.83
CA TYR A 187 -33.83 -44.19 21.82
C TYR A 187 -33.20 -43.34 20.72
N GLU A 188 -33.20 -43.86 19.50
CA GLU A 188 -32.64 -43.16 18.35
C GLU A 188 -33.75 -42.44 17.59
N TYR A 189 -33.51 -41.16 17.29
CA TYR A 189 -34.40 -40.37 16.44
C TYR A 189 -33.69 -40.05 15.14
N SER A 190 -34.47 -39.82 14.09
CA SER A 190 -33.91 -39.48 12.79
C SER A 190 -34.85 -38.53 12.08
N VAL A 191 -34.30 -37.77 11.14
CA VAL A 191 -35.06 -36.81 10.34
C VAL A 191 -34.47 -36.76 8.94
N GLU A 192 -35.33 -36.52 7.96
CA GLU A 192 -34.90 -36.36 6.57
C GLU A 192 -35.12 -34.91 6.15
N CYS A 193 -34.15 -34.36 5.42
CA CYS A 193 -34.22 -33.01 4.87
C CYS A 193 -33.85 -33.06 3.40
N GLN A 194 -34.01 -31.93 2.72
CA GLN A 194 -33.68 -31.85 1.31
C GLN A 194 -33.42 -30.39 0.93
N GLU A 195 -32.40 -30.18 0.10
CA GLU A 195 -32.10 -28.85 -0.39
C GLU A 195 -33.06 -28.50 -1.52
N ASP A 196 -33.62 -27.28 -1.46
CA ASP A 196 -34.65 -26.89 -2.40
C ASP A 196 -34.14 -26.92 -3.84
N SER A 197 -33.12 -26.13 -4.13
CA SER A 197 -32.53 -26.06 -5.47
C SER A 197 -31.10 -26.58 -5.38
N ALA A 198 -30.92 -27.86 -5.69
CA ALA A 198 -29.65 -28.53 -5.51
C ALA A 198 -28.78 -28.42 -6.76
N CYS A 199 -27.47 -28.59 -6.55
CA CYS A 199 -26.50 -28.66 -7.64
C CYS A 199 -25.57 -29.82 -7.31
N PRO A 200 -25.98 -31.05 -7.65
CA PRO A 200 -25.21 -32.22 -7.20
C PRO A 200 -23.77 -32.21 -7.64
N ALA A 201 -23.49 -31.70 -8.83
CA ALA A 201 -22.15 -31.74 -9.41
C ALA A 201 -21.30 -30.53 -9.05
N ALA A 202 -21.82 -29.60 -8.25
CA ALA A 202 -21.14 -28.34 -7.99
C ALA A 202 -20.15 -28.46 -6.84
N GLU A 203 -19.30 -27.44 -6.73
CA GLU A 203 -18.32 -27.33 -5.66
C GLU A 203 -18.95 -26.53 -4.53
N GLU A 204 -19.35 -27.23 -3.47
CA GLU A 204 -20.02 -26.58 -2.35
C GLU A 204 -19.11 -25.52 -1.73
N SER A 205 -19.57 -24.27 -1.75
CA SER A 205 -18.83 -23.17 -1.14
C SER A 205 -19.34 -22.82 0.26
N LEU A 206 -20.66 -22.79 0.46
CA LEU A 206 -21.23 -22.49 1.77
C LEU A 206 -21.71 -23.77 2.44
N PRO A 207 -21.58 -23.91 3.75
CA PRO A 207 -21.96 -25.16 4.41
C PRO A 207 -23.45 -25.20 4.71
N ILE A 208 -23.92 -26.41 4.99
CA ILE A 208 -25.28 -26.60 5.48
C ILE A 208 -25.29 -26.30 6.97
N GLU A 209 -26.33 -25.62 7.41
CA GLU A 209 -26.55 -25.31 8.82
C GLU A 209 -27.81 -26.02 9.29
N VAL A 210 -27.68 -26.82 10.35
CA VAL A 210 -28.81 -27.55 10.94
C VAL A 210 -28.98 -27.05 12.36
N MET A 211 -30.22 -26.67 12.70
CA MET A 211 -30.56 -26.17 14.02
C MET A 211 -31.75 -26.96 14.55
N VAL A 212 -31.62 -27.47 15.78
CA VAL A 212 -32.62 -28.36 16.37
C VAL A 212 -33.06 -27.76 17.68
N ASP A 213 -34.37 -27.71 17.90
CA ASP A 213 -34.96 -27.32 19.18
C ASP A 213 -35.45 -28.59 19.88
N ALA A 214 -35.02 -28.77 21.13
CA ALA A 214 -35.40 -29.93 21.93
C ALA A 214 -36.20 -29.47 23.13
N VAL A 215 -37.31 -30.16 23.41
CA VAL A 215 -38.19 -29.81 24.53
C VAL A 215 -38.53 -31.10 25.28
N HIS A 216 -38.07 -31.18 26.53
CA HIS A 216 -38.36 -32.31 27.40
C HIS A 216 -39.22 -31.70 28.49
N LYS A 217 -40.51 -32.05 28.52
CA LYS A 217 -41.39 -31.43 29.50
C LYS A 217 -41.31 -29.95 29.25
N LEU A 218 -40.99 -29.16 30.26
CA LEU A 218 -40.86 -27.72 30.05
C LEU A 218 -39.45 -27.25 29.70
N LYS A 219 -38.48 -28.15 29.77
CA LYS A 219 -37.09 -27.80 29.49
C LYS A 219 -36.80 -27.48 28.02
N TYR A 220 -36.08 -26.40 27.75
CA TYR A 220 -35.73 -26.03 26.38
C TYR A 220 -34.23 -26.14 26.17
N GLU A 221 -33.86 -26.74 25.04
CA GLU A 221 -32.47 -26.82 24.61
C GLU A 221 -32.46 -26.84 23.09
N ASN A 222 -31.38 -26.35 22.50
CA ASN A 222 -31.24 -26.41 21.06
C ASN A 222 -29.81 -26.77 20.70
N TYR A 223 -29.68 -27.57 19.65
CA TYR A 223 -28.39 -28.07 19.18
C TYR A 223 -28.18 -27.65 17.74
N THR A 224 -26.93 -27.76 17.29
CA THR A 224 -26.54 -27.28 15.97
C THR A 224 -25.51 -28.22 15.37
N SER A 225 -25.41 -28.17 14.04
CA SER A 225 -24.36 -28.86 13.32
C SER A 225 -24.15 -28.17 11.98
N SER A 226 -22.90 -28.17 11.52
CA SER A 226 -22.50 -27.55 10.26
C SER A 226 -21.65 -28.52 9.47
N PHE A 227 -21.82 -28.54 8.15
CA PHE A 227 -21.09 -29.48 7.32
C PHE A 227 -21.42 -29.24 5.85
N PHE A 228 -20.51 -29.68 4.99
CA PHE A 228 -20.80 -29.84 3.57
C PHE A 228 -21.34 -31.24 3.31
N ILE A 229 -22.11 -31.38 2.22
CA ILE A 229 -22.69 -32.68 1.89
C ILE A 229 -21.59 -33.66 1.50
N ARG A 230 -20.64 -33.21 0.68
CA ARG A 230 -19.60 -34.10 0.18
C ARG A 230 -18.82 -34.78 1.31
N ASP A 231 -18.80 -34.17 2.50
CA ASP A 231 -18.06 -34.73 3.62
C ASP A 231 -18.82 -35.80 4.36
N ILE A 232 -20.15 -35.83 4.25
CA ILE A 232 -20.97 -36.78 5.00
C ILE A 232 -21.49 -37.91 4.13
N ILE A 233 -21.04 -37.98 2.88
CA ILE A 233 -21.53 -39.02 1.98
C ILE A 233 -21.21 -40.40 2.54
N LYS A 234 -22.19 -41.29 2.46
CA LYS A 234 -21.99 -42.70 2.78
C LYS A 234 -22.87 -43.49 1.84
N PRO A 235 -22.34 -43.99 0.73
CA PRO A 235 -23.17 -44.74 -0.22
C PRO A 235 -23.76 -45.98 0.43
N ASP A 236 -24.80 -46.51 -0.20
CA ASP A 236 -25.35 -47.77 0.25
C ASP A 236 -24.46 -48.91 -0.20
N PRO A 237 -24.57 -50.08 0.41
CA PRO A 237 -23.70 -51.20 0.05
C PRO A 237 -23.87 -51.56 -1.42
N PRO A 238 -22.89 -52.24 -2.02
CA PRO A 238 -23.07 -52.71 -3.40
C PRO A 238 -24.36 -53.51 -3.54
N LYS A 239 -24.81 -53.70 -4.78
CA LYS A 239 -26.04 -54.41 -5.07
C LYS A 239 -25.75 -55.67 -5.88
N ASN A 240 -26.53 -56.72 -5.63
CA ASN A 240 -26.49 -57.94 -6.42
C ASN A 240 -25.09 -58.56 -6.42
N LEU A 241 -24.60 -58.83 -5.21
CA LEU A 241 -23.30 -59.46 -5.06
C LEU A 241 -23.38 -60.93 -5.47
N GLN A 242 -22.57 -61.32 -6.45
CA GLN A 242 -22.61 -62.67 -7.00
C GLN A 242 -21.22 -63.30 -7.00
N LEU A 243 -21.21 -64.63 -7.01
CA LEU A 243 -19.97 -65.41 -7.02
C LEU A 243 -20.00 -66.37 -8.20
N LYS A 244 -18.92 -66.41 -8.96
CA LYS A 244 -18.78 -67.33 -10.09
C LYS A 244 -17.54 -68.20 -9.88
N PRO A 245 -17.70 -69.47 -9.51
CA PRO A 245 -16.53 -70.28 -9.14
C PRO A 245 -15.75 -70.74 -10.37
N LEU A 246 -14.59 -71.35 -10.10
CA LEU A 246 -13.74 -71.91 -11.13
C LEU A 246 -12.81 -72.93 -10.50
N LYS A 247 -12.85 -74.16 -10.98
CA LYS A 247 -12.04 -75.24 -10.41
C LYS A 247 -10.55 -74.89 -10.45
N GLN A 251 -9.67 -68.20 -7.69
CA GLN A 251 -10.53 -69.39 -7.71
C GLN A 251 -11.98 -69.01 -7.94
N VAL A 252 -12.36 -67.81 -7.50
CA VAL A 252 -13.73 -67.33 -7.56
C VAL A 252 -13.77 -65.97 -8.21
N GLU A 253 -14.81 -65.73 -9.00
CA GLU A 253 -15.02 -64.45 -9.68
C GLU A 253 -16.17 -63.71 -9.02
N VAL A 254 -15.91 -62.48 -8.58
CA VAL A 254 -16.88 -61.67 -7.85
C VAL A 254 -17.41 -60.58 -8.77
N SER A 255 -18.70 -60.27 -8.62
CA SER A 255 -19.35 -59.26 -9.45
C SER A 255 -20.47 -58.62 -8.64
N TRP A 256 -20.69 -57.33 -8.88
CA TRP A 256 -21.72 -56.57 -8.17
C TRP A 256 -22.14 -55.40 -9.05
N GLU A 257 -22.98 -54.53 -8.49
CA GLU A 257 -23.49 -53.37 -9.21
C GLU A 257 -23.57 -52.19 -8.24
N TYR A 258 -23.68 -51.00 -8.80
CA TYR A 258 -23.90 -49.81 -7.99
C TYR A 258 -25.26 -49.89 -7.30
N PRO A 259 -25.42 -49.22 -6.16
CA PRO A 259 -26.72 -49.24 -5.48
C PRO A 259 -27.74 -48.34 -6.17
N ASP A 260 -29.01 -48.59 -5.84
CA ASP A 260 -30.09 -47.84 -6.47
C ASP A 260 -30.11 -46.38 -6.02
N THR A 261 -29.67 -46.10 -4.79
CA THR A 261 -29.76 -44.75 -4.25
C THR A 261 -28.66 -43.84 -4.76
N TRP A 262 -27.52 -44.39 -5.18
CA TRP A 262 -26.41 -43.57 -5.63
C TRP A 262 -26.86 -42.65 -6.76
N SER A 263 -26.15 -41.53 -6.91
CA SER A 263 -26.48 -40.56 -7.94
C SER A 263 -26.31 -41.16 -9.34
N THR A 264 -26.87 -40.47 -10.31
CA THR A 264 -26.82 -40.87 -11.71
C THR A 264 -26.59 -39.62 -12.56
N PRO A 265 -25.93 -39.76 -13.73
CA PRO A 265 -25.38 -40.99 -14.31
C PRO A 265 -24.13 -41.51 -13.60
N HIS A 266 -23.76 -42.76 -13.87
CA HIS A 266 -22.65 -43.37 -13.14
C HIS A 266 -21.30 -43.03 -13.75
N SER A 267 -21.25 -42.71 -15.04
CA SER A 267 -19.97 -42.30 -15.63
C SER A 267 -19.48 -40.99 -15.04
N TYR A 268 -20.36 -40.21 -14.42
CA TYR A 268 -19.97 -38.97 -13.75
C TYR A 268 -19.68 -39.19 -12.28
N PHE A 269 -20.63 -39.76 -11.53
CA PHE A 269 -20.46 -40.02 -10.11
C PHE A 269 -19.94 -41.44 -9.94
N SER A 270 -18.63 -41.60 -10.09
CA SER A 270 -18.01 -42.90 -10.03
C SER A 270 -17.75 -43.32 -8.58
N LEU A 271 -17.55 -44.62 -8.40
CA LEU A 271 -17.28 -45.20 -7.09
C LEU A 271 -16.08 -46.13 -7.19
N THR A 272 -15.41 -46.32 -6.05
CA THR A 272 -14.36 -47.33 -5.91
C THR A 272 -14.79 -48.32 -4.83
N PHE A 273 -14.16 -49.48 -4.83
CA PHE A 273 -14.61 -50.60 -4.02
C PHE A 273 -13.44 -51.27 -3.31
N CYS A 274 -13.78 -52.03 -2.27
CA CYS A 274 -12.81 -52.80 -1.50
C CYS A 274 -13.39 -54.17 -1.24
N VAL A 275 -12.63 -55.21 -1.60
CA VAL A 275 -13.06 -56.60 -1.48
C VAL A 275 -12.25 -57.25 -0.36
N GLN A 276 -12.94 -57.95 0.54
CA GLN A 276 -12.33 -58.58 1.71
C GLN A 276 -12.81 -60.01 1.86
N VAL A 277 -11.89 -60.90 2.26
CA VAL A 277 -12.18 -62.31 2.49
C VAL A 277 -11.86 -62.60 3.95
N GLN A 278 -12.89 -62.70 4.78
CA GLN A 278 -12.71 -62.98 6.20
C GLN A 278 -13.80 -63.90 6.73
N GLU A 284 -7.39 -67.61 10.65
CA GLU A 284 -8.37 -66.53 10.49
C GLU A 284 -7.64 -65.22 10.22
N LYS A 285 -8.10 -64.48 9.22
CA LYS A 285 -7.45 -63.23 8.83
C LYS A 285 -8.41 -62.46 7.93
N LYS A 286 -7.94 -61.30 7.46
CA LYS A 286 -8.70 -60.44 6.56
C LYS A 286 -7.76 -59.93 5.48
N ASP A 287 -7.88 -60.49 4.28
CA ASP A 287 -7.09 -60.06 3.13
C ASP A 287 -7.96 -59.14 2.26
N ARG A 288 -7.40 -58.00 1.87
CA ARG A 288 -8.17 -56.95 1.20
C ARG A 288 -7.46 -56.47 -0.05
N VAL A 289 -8.27 -56.08 -1.04
CA VAL A 289 -7.78 -55.52 -2.30
C VAL A 289 -8.71 -54.38 -2.69
N PHE A 290 -8.25 -53.55 -3.64
CA PHE A 290 -9.01 -52.40 -4.11
C PHE A 290 -9.07 -52.40 -5.63
N THR A 291 -10.11 -51.77 -6.16
CA THR A 291 -10.29 -51.67 -7.61
C THR A 291 -11.38 -50.66 -7.89
N ASP A 292 -11.44 -50.22 -9.15
CA ASP A 292 -12.49 -49.34 -9.63
C ASP A 292 -13.53 -50.06 -10.46
N LYS A 293 -13.39 -51.38 -10.62
CA LYS A 293 -14.26 -52.17 -11.47
C LYS A 293 -15.40 -52.76 -10.64
N THR A 294 -16.43 -53.24 -11.35
CA THR A 294 -17.57 -53.88 -10.70
C THR A 294 -17.39 -55.38 -10.57
N SER A 295 -16.17 -55.88 -10.72
CA SER A 295 -15.89 -57.30 -10.63
C SER A 295 -14.43 -57.50 -10.19
N ALA A 296 -14.15 -58.68 -9.66
CA ALA A 296 -12.80 -58.99 -9.21
C ALA A 296 -12.67 -60.49 -9.00
N THR A 297 -11.44 -60.98 -9.14
CA THR A 297 -11.12 -62.39 -8.93
C THR A 297 -10.31 -62.52 -7.65
N VAL A 298 -10.62 -63.53 -6.85
CA VAL A 298 -10.02 -63.72 -5.54
C VAL A 298 -9.85 -65.21 -5.27
N ILE A 299 -9.31 -65.52 -4.10
CA ILE A 299 -9.10 -66.90 -3.65
C ILE A 299 -10.05 -67.17 -2.48
N CYS A 300 -10.87 -68.20 -2.62
CA CYS A 300 -11.89 -68.55 -1.64
C CYS A 300 -11.45 -69.74 -0.82
N ARG A 301 -12.02 -69.85 0.39
CA ARG A 301 -11.65 -70.91 1.31
C ARG A 301 -12.88 -71.34 2.09
N LYS A 302 -12.81 -72.54 2.67
CA LYS A 302 -13.90 -73.06 3.48
C LYS A 302 -14.12 -72.17 4.71
N ASN A 303 -15.38 -72.02 5.09
CA ASN A 303 -15.82 -71.26 6.26
C ASN A 303 -15.54 -69.77 6.15
N ALA A 304 -14.99 -69.30 5.02
CA ALA A 304 -14.68 -67.90 4.86
C ALA A 304 -15.91 -67.14 4.35
N SER A 305 -15.80 -65.81 4.36
CA SER A 305 -16.87 -64.94 3.88
C SER A 305 -16.26 -63.84 3.02
N ILE A 306 -16.92 -63.53 1.90
CA ILE A 306 -16.51 -62.45 1.01
C ILE A 306 -17.42 -61.26 1.21
N SER A 307 -16.84 -60.09 1.47
CA SER A 307 -17.58 -58.86 1.70
C SER A 307 -17.00 -57.75 0.84
N VAL A 308 -17.83 -56.77 0.51
CA VAL A 308 -17.43 -55.66 -0.33
C VAL A 308 -18.15 -54.40 0.14
N ARG A 309 -17.46 -53.26 0.06
CA ARG A 309 -18.06 -51.97 0.34
C ARG A 309 -17.57 -50.98 -0.71
N ALA A 310 -18.12 -49.77 -0.69
CA ALA A 310 -17.88 -48.79 -1.72
C ALA A 310 -17.56 -47.43 -1.12
N GLN A 311 -16.99 -46.55 -1.95
CA GLN A 311 -16.64 -45.20 -1.57
C GLN A 311 -16.59 -44.35 -2.83
N ASP A 312 -16.90 -43.06 -2.69
CA ASP A 312 -16.77 -42.15 -3.81
C ASP A 312 -15.35 -42.25 -4.38
N ARG A 313 -15.25 -42.38 -5.70
CA ARG A 313 -13.96 -42.68 -6.33
C ARG A 313 -12.99 -41.51 -6.25
N TYR A 314 -13.49 -40.28 -6.24
CA TYR A 314 -12.66 -39.10 -6.35
C TYR A 314 -12.52 -38.31 -5.05
N TYR A 315 -13.35 -38.59 -4.06
CA TYR A 315 -13.34 -37.86 -2.79
C TYR A 315 -13.36 -38.88 -1.66
N SER A 316 -12.54 -38.64 -0.64
CA SER A 316 -12.39 -39.58 0.48
C SER A 316 -13.44 -39.29 1.53
N SER A 317 -14.67 -39.73 1.25
CA SER A 317 -15.78 -39.62 2.20
C SER A 317 -15.88 -40.92 2.99
N SER A 318 -17.03 -41.19 3.58
CA SER A 318 -17.21 -42.40 4.38
C SER A 318 -17.44 -43.61 3.50
N TRP A 319 -16.90 -44.75 3.92
CA TRP A 319 -17.14 -45.99 3.21
C TRP A 319 -18.57 -46.47 3.45
N SER A 320 -19.00 -47.41 2.62
CA SER A 320 -20.32 -48.03 2.75
C SER A 320 -20.23 -49.26 3.64
N GLU A 321 -21.36 -49.61 4.23
CA GLU A 321 -21.44 -50.85 4.99
C GLU A 321 -21.18 -52.03 4.08
N TRP A 322 -20.63 -53.09 4.66
CA TRP A 322 -20.24 -54.25 3.87
C TRP A 322 -21.47 -54.94 3.27
N ALA A 323 -21.29 -55.48 2.06
CA ALA A 323 -22.24 -56.39 1.43
C ALA A 323 -21.58 -57.76 1.36
N SER A 324 -22.22 -58.75 1.98
CA SER A 324 -21.58 -60.03 2.25
C SER A 324 -22.25 -61.17 1.51
N VAL A 325 -21.47 -62.21 1.22
CA VAL A 325 -21.95 -63.47 0.67
C VAL A 325 -21.06 -64.57 1.21
N PRO A 326 -21.58 -65.57 1.91
CA PRO A 326 -20.71 -66.64 2.41
C PRO A 326 -20.00 -67.37 1.28
N CYS A 327 -18.74 -67.74 1.52
CA CYS A 327 -17.98 -68.47 0.52
C CYS A 327 -18.13 -69.97 0.75
N SER A 328 -17.87 -70.73 -0.30
CA SER A 328 -18.05 -72.19 -0.29
C SER A 328 -19.50 -72.53 0.01
N PRO B 28 -10.05 -31.07 -26.82
CA PRO B 28 -10.57 -31.57 -25.54
C PRO B 28 -9.70 -32.66 -24.92
N ALA B 29 -9.45 -33.73 -25.67
CA ALA B 29 -8.62 -34.85 -25.21
C ALA B 29 -9.16 -35.41 -23.88
N TRP B 30 -10.39 -35.92 -23.96
CA TRP B 30 -11.09 -36.36 -22.76
C TRP B 30 -10.34 -37.52 -22.09
N THR B 31 -10.07 -38.58 -22.85
CA THR B 31 -9.47 -39.78 -22.27
C THR B 31 -8.21 -39.47 -21.47
N GLN B 32 -7.43 -38.48 -21.90
CA GLN B 32 -6.17 -38.17 -21.22
C GLN B 32 -6.39 -37.31 -19.98
N CYS B 33 -7.30 -36.33 -20.08
CA CYS B 33 -7.62 -35.52 -18.91
C CYS B 33 -8.10 -36.38 -17.75
N GLN B 34 -8.93 -37.40 -18.05
CA GLN B 34 -9.48 -38.25 -17.00
C GLN B 34 -8.37 -38.98 -16.24
N GLN B 35 -7.44 -39.60 -16.97
CA GLN B 35 -6.33 -40.28 -16.31
C GLN B 35 -5.52 -39.33 -15.45
N LEU B 36 -5.43 -38.05 -15.85
CA LEU B 36 -4.67 -37.07 -15.09
C LEU B 36 -5.48 -36.53 -13.91
N SER B 37 -6.72 -36.10 -14.16
CA SER B 37 -7.57 -35.64 -13.07
C SER B 37 -7.66 -36.70 -11.97
N GLN B 38 -7.82 -37.97 -12.35
CA GLN B 38 -7.92 -39.03 -11.36
C GLN B 38 -6.66 -39.12 -10.52
N LYS B 39 -5.50 -38.86 -11.12
CA LYS B 39 -4.24 -38.85 -10.36
C LYS B 39 -4.16 -37.63 -9.44
N LEU B 40 -4.70 -36.48 -9.88
CA LEU B 40 -4.72 -35.32 -9.01
C LEU B 40 -5.45 -35.61 -7.71
N CYS B 41 -6.63 -36.23 -7.79
CA CYS B 41 -7.39 -36.56 -6.59
C CYS B 41 -6.60 -37.52 -5.71
N THR B 42 -5.86 -38.45 -6.31
CA THR B 42 -5.06 -39.38 -5.52
C THR B 42 -3.98 -38.65 -4.72
N LEU B 43 -3.23 -37.78 -5.38
CA LEU B 43 -2.15 -37.05 -4.70
C LEU B 43 -2.70 -36.10 -3.65
N ALA B 44 -3.81 -35.43 -3.94
CA ALA B 44 -4.30 -34.37 -3.05
C ALA B 44 -4.72 -34.91 -1.70
N TRP B 45 -5.12 -36.17 -1.63
CA TRP B 45 -5.62 -36.71 -0.38
C TRP B 45 -4.54 -37.36 0.47
N SER B 46 -3.50 -37.91 -0.15
CA SER B 46 -2.37 -38.46 0.61
C SER B 46 -1.48 -37.29 1.02
N ALA B 47 -1.94 -36.58 2.05
CA ALA B 47 -1.20 -35.47 2.65
C ALA B 47 -1.59 -35.40 4.11
N HIS B 48 -0.60 -35.26 5.00
CA HIS B 48 -0.81 -35.38 6.44
C HIS B 48 -0.35 -34.11 7.16
N PRO B 49 -1.19 -33.04 7.13
CA PRO B 49 -1.09 -32.01 8.17
C PRO B 49 -2.07 -32.28 9.30
N LEU B 50 -1.71 -31.89 10.54
CA LEU B 50 -2.53 -32.25 11.69
C LEU B 50 -3.89 -31.54 11.62
N VAL B 51 -4.95 -32.31 11.89
CA VAL B 51 -6.30 -31.74 11.91
C VAL B 51 -6.41 -30.72 13.04
N GLY B 52 -6.92 -29.55 12.71
CA GLY B 52 -7.07 -28.50 13.70
C GLY B 52 -7.98 -27.40 13.21
N HIS B 53 -9.06 -27.17 13.95
CA HIS B 53 -10.00 -26.12 13.58
C HIS B 53 -10.01 -25.06 14.68
N MET B 54 -9.88 -23.80 14.28
CA MET B 54 -9.88 -22.70 15.23
C MET B 54 -11.28 -22.49 15.80
N VAL B 68 -11.74 -16.42 -3.82
CA VAL B 68 -11.34 -17.73 -4.29
C VAL B 68 -12.32 -18.24 -5.35
N PRO B 69 -11.82 -18.89 -6.40
CA PRO B 69 -12.71 -19.44 -7.43
C PRO B 69 -13.21 -20.83 -7.10
N HIS B 70 -14.44 -21.09 -7.53
CA HIS B 70 -15.08 -22.39 -7.32
C HIS B 70 -15.89 -22.76 -8.55
N ILE B 71 -16.35 -24.01 -8.59
CA ILE B 71 -17.32 -24.47 -9.57
C ILE B 71 -18.69 -24.28 -8.95
N GLN B 72 -19.40 -23.24 -9.38
CA GLN B 72 -20.69 -22.89 -8.81
C GLN B 72 -21.84 -23.42 -9.66
N CYS B 73 -23.04 -23.32 -9.11
CA CYS B 73 -24.24 -23.68 -9.87
C CYS B 73 -24.33 -22.83 -11.13
N GLY B 74 -24.71 -23.48 -12.23
CA GLY B 74 -24.83 -22.80 -13.49
C GLY B 74 -23.56 -22.68 -14.30
N ASP B 75 -22.39 -22.90 -13.68
CA ASP B 75 -21.13 -22.85 -14.41
C ASP B 75 -21.07 -23.83 -15.57
N GLY B 76 -22.01 -24.78 -15.65
CA GLY B 76 -22.10 -25.66 -16.78
C GLY B 76 -21.35 -26.97 -16.66
N CYS B 77 -20.87 -27.31 -15.47
CA CYS B 77 -20.17 -28.58 -15.25
C CYS B 77 -21.11 -29.72 -14.88
N ASP B 78 -22.41 -29.51 -14.95
CA ASP B 78 -23.34 -30.61 -14.75
C ASP B 78 -23.47 -31.42 -16.03
N PRO B 79 -23.83 -32.71 -15.93
CA PRO B 79 -23.92 -33.53 -17.15
C PRO B 79 -24.80 -32.93 -18.24
N GLN B 80 -25.86 -32.23 -17.86
CA GLN B 80 -26.74 -31.62 -18.87
C GLN B 80 -25.99 -30.53 -19.64
N GLY B 81 -25.34 -29.60 -18.92
CA GLY B 81 -24.63 -28.53 -19.59
C GLY B 81 -23.52 -29.04 -20.50
N LEU B 82 -22.82 -30.09 -20.06
CA LEU B 82 -21.73 -30.64 -20.88
C LEU B 82 -22.24 -31.13 -22.22
N ARG B 83 -23.41 -31.76 -22.24
CA ARG B 83 -24.01 -32.18 -23.51
C ARG B 83 -24.47 -30.98 -24.32
N ASP B 84 -24.80 -29.87 -23.66
CA ASP B 84 -25.18 -28.64 -24.36
C ASP B 84 -23.92 -27.91 -24.86
N ASN B 85 -23.10 -27.42 -23.93
CA ASN B 85 -21.83 -26.79 -24.29
C ASN B 85 -20.86 -27.01 -23.14
N SER B 86 -19.82 -27.81 -23.39
CA SER B 86 -18.84 -28.12 -22.36
C SER B 86 -17.75 -27.06 -22.25
N GLN B 87 -17.60 -26.20 -23.26
CA GLN B 87 -16.57 -25.17 -23.20
C GLN B 87 -16.69 -24.31 -21.95
N PHE B 88 -17.92 -23.93 -21.58
CA PHE B 88 -18.12 -23.03 -20.45
C PHE B 88 -17.51 -23.60 -19.17
N CYS B 89 -17.80 -24.87 -18.88
CA CYS B 89 -17.21 -25.52 -17.71
C CYS B 89 -15.68 -25.48 -17.78
N LEU B 90 -15.12 -25.70 -18.97
CA LEU B 90 -13.67 -25.77 -19.09
C LEU B 90 -13.01 -24.42 -18.84
N GLN B 91 -13.69 -23.31 -19.18
CA GLN B 91 -13.17 -22.00 -18.84
C GLN B 91 -12.96 -21.87 -17.34
N ARG B 92 -13.88 -22.45 -16.55
CA ARG B 92 -13.75 -22.38 -15.09
C ARG B 92 -12.62 -23.26 -14.58
N ILE B 93 -12.55 -24.50 -15.06
CA ILE B 93 -11.48 -25.41 -14.62
C ILE B 93 -10.12 -24.77 -14.81
N HIS B 94 -9.82 -24.38 -16.06
CA HIS B 94 -8.51 -23.80 -16.38
C HIS B 94 -8.16 -22.68 -15.40
N GLN B 95 -9.09 -21.76 -15.18
CA GLN B 95 -8.88 -20.71 -14.19
C GLN B 95 -8.59 -21.31 -12.82
N GLY B 96 -9.31 -22.37 -12.45
CA GLY B 96 -9.10 -22.98 -11.15
C GLY B 96 -7.75 -23.66 -11.03
N LEU B 97 -7.33 -24.38 -12.08
CA LEU B 97 -6.04 -25.03 -12.07
C LEU B 97 -4.90 -24.00 -11.99
N ILE B 98 -4.99 -22.95 -12.80
CA ILE B 98 -3.97 -21.90 -12.76
C ILE B 98 -3.96 -21.22 -11.41
N PHE B 99 -5.14 -21.09 -10.78
CA PHE B 99 -5.21 -20.45 -9.48
C PHE B 99 -4.39 -21.23 -8.45
N TYR B 100 -4.78 -22.47 -8.18
CA TYR B 100 -4.05 -23.28 -7.22
C TYR B 100 -2.59 -23.46 -7.63
N GLU B 101 -2.31 -23.48 -8.94
CA GLU B 101 -0.93 -23.56 -9.40
C GLU B 101 -0.11 -22.38 -8.90
N LYS B 102 -0.64 -21.17 -9.05
CA LYS B 102 0.05 -19.99 -8.53
C LYS B 102 0.25 -20.09 -7.03
N LEU B 103 -0.66 -20.75 -6.32
CA LEU B 103 -0.54 -20.88 -4.87
C LEU B 103 0.56 -21.88 -4.50
N LEU B 104 0.44 -23.11 -4.98
CA LEU B 104 1.42 -24.13 -4.62
C LEU B 104 2.85 -23.73 -4.98
N GLY B 105 3.01 -22.75 -5.86
CA GLY B 105 4.33 -22.22 -6.19
C GLY B 105 4.68 -20.93 -5.51
N SER B 106 3.85 -20.45 -4.58
CA SER B 106 4.11 -19.21 -3.87
C SER B 106 4.99 -19.48 -2.65
N ASP B 107 5.11 -18.49 -1.76
CA ASP B 107 5.86 -18.69 -0.53
C ASP B 107 5.11 -19.56 0.47
N ILE B 108 3.79 -19.69 0.32
CA ILE B 108 2.99 -20.42 1.29
C ILE B 108 3.54 -21.83 1.48
N PHE B 109 3.82 -22.51 0.37
CA PHE B 109 4.33 -23.88 0.45
C PHE B 109 5.86 -23.92 0.42
N THR B 110 6.51 -23.02 -0.34
CA THR B 110 7.96 -23.07 -0.47
C THR B 110 8.64 -22.52 0.79
N GLY B 111 8.14 -21.42 1.32
CA GLY B 111 8.73 -20.79 2.48
C GLY B 111 8.64 -21.68 3.71
N GLU B 112 8.99 -21.08 4.84
CA GLU B 112 8.87 -21.74 6.12
C GLU B 112 7.39 -21.98 6.44
N PRO B 113 7.06 -23.09 7.14
CA PRO B 113 7.90 -24.15 7.69
C PRO B 113 8.40 -25.10 6.62
N SER B 114 9.47 -25.83 6.92
CA SER B 114 10.07 -26.73 5.95
C SER B 114 9.03 -27.73 5.45
N LEU B 115 9.07 -28.03 4.15
CA LEU B 115 8.17 -29.02 3.59
C LEU B 115 8.67 -30.43 3.90
N LEU B 116 7.87 -31.38 3.57
CA LEU B 116 8.19 -32.77 3.89
C LEU B 116 9.02 -33.41 2.79
N PRO B 117 9.91 -34.36 3.13
CA PRO B 117 10.60 -35.09 2.08
C PRO B 117 9.65 -35.95 1.26
N ASP B 118 8.61 -36.51 1.90
CA ASP B 118 7.56 -37.25 1.23
C ASP B 118 6.43 -36.36 0.75
N SER B 119 6.71 -35.08 0.54
CA SER B 119 5.66 -34.14 0.15
C SER B 119 5.18 -34.45 -1.26
N PRO B 120 3.88 -34.61 -1.49
CA PRO B 120 3.38 -34.74 -2.86
C PRO B 120 3.24 -33.41 -3.58
N VAL B 121 3.26 -32.30 -2.85
CA VAL B 121 3.04 -30.97 -3.40
C VAL B 121 3.75 -30.82 -4.74
N GLY B 122 5.01 -31.23 -4.80
CA GLY B 122 5.78 -31.16 -6.02
C GLY B 122 5.05 -31.75 -7.21
N GLN B 123 4.78 -33.06 -7.15
CA GLN B 123 4.08 -33.72 -8.25
C GLN B 123 2.68 -33.13 -8.44
N LEU B 124 2.06 -32.68 -7.35
CA LEU B 124 0.74 -32.10 -7.44
C LEU B 124 0.77 -30.78 -8.22
N HIS B 125 1.79 -29.96 -7.96
CA HIS B 125 1.93 -28.69 -8.67
C HIS B 125 2.18 -28.91 -10.16
N ALA B 126 3.10 -29.83 -10.50
CA ALA B 126 3.37 -30.12 -11.90
C ALA B 126 2.20 -30.84 -12.56
N SER B 127 1.39 -31.56 -11.78
CA SER B 127 0.20 -32.20 -12.33
C SER B 127 -0.83 -31.16 -12.74
N LEU B 128 -1.14 -30.22 -11.83
CA LEU B 128 -1.99 -29.09 -12.19
C LEU B 128 -1.48 -28.39 -13.44
N LEU B 129 -0.18 -28.12 -13.48
CA LEU B 129 0.40 -27.39 -14.61
C LEU B 129 0.27 -28.20 -15.90
N GLY B 130 0.53 -29.50 -15.85
CA GLY B 130 0.40 -30.32 -17.03
C GLY B 130 -1.03 -30.40 -17.54
N LEU B 131 -2.01 -30.35 -16.64
CA LEU B 131 -3.40 -30.47 -17.05
C LEU B 131 -3.96 -29.16 -17.60
N SER B 132 -3.44 -28.03 -17.14
CA SER B 132 -3.86 -26.74 -17.70
C SER B 132 -3.42 -26.60 -19.15
N GLN B 133 -2.31 -27.24 -19.52
CA GLN B 133 -1.87 -27.23 -20.90
C GLN B 133 -2.87 -27.94 -21.80
N LEU B 134 -3.25 -29.17 -21.44
CA LEU B 134 -4.15 -29.97 -22.25
C LEU B 134 -5.44 -29.23 -22.59
N LEU B 135 -5.71 -28.12 -21.91
CA LEU B 135 -6.89 -27.30 -22.15
C LEU B 135 -6.56 -26.01 -22.91
N GLN B 136 -5.71 -25.15 -22.33
CA GLN B 136 -5.24 -23.94 -22.98
C GLN B 136 -3.73 -24.03 -23.17
N PRO B 137 -3.26 -25.02 -23.95
CA PRO B 137 -1.81 -25.24 -24.06
C PRO B 137 -1.14 -24.08 -24.76
N GLU B 138 0.03 -23.70 -24.26
CA GLU B 138 0.75 -22.54 -24.78
C GLU B 138 -0.18 -21.35 -24.94
N GLY B 139 -0.88 -21.02 -23.84
CA GLY B 139 -1.89 -19.97 -23.87
C GLY B 139 -1.81 -19.00 -22.71
N HIS B 140 -1.77 -19.51 -21.48
CA HIS B 140 -1.92 -18.66 -20.29
C HIS B 140 -0.82 -17.60 -20.24
N HIS B 141 -1.21 -16.39 -19.83
CA HIS B 141 -0.29 -15.28 -19.60
C HIS B 141 -0.63 -14.64 -18.26
N TRP B 142 0.38 -14.46 -17.41
CA TRP B 142 0.18 -13.89 -16.08
C TRP B 142 1.34 -12.97 -15.74
N GLU B 143 1.14 -12.14 -14.71
CA GLU B 143 2.18 -11.20 -14.27
C GLU B 143 1.89 -10.71 -12.85
N SER B 149 -1.82 -12.06 -3.83
CA SER B 149 -2.79 -11.28 -3.08
C SER B 149 -2.49 -11.31 -1.57
N LEU B 150 -3.08 -12.28 -0.87
CA LEU B 150 -2.86 -12.47 0.56
C LEU B 150 -1.64 -13.36 0.76
N SER B 151 -0.72 -12.92 1.60
CA SER B 151 0.52 -13.65 1.84
C SER B 151 0.84 -13.64 3.33
N PRO B 152 0.70 -14.75 4.03
CA PRO B 152 0.94 -14.74 5.47
C PRO B 152 2.39 -14.45 5.81
N SER B 153 2.62 -14.10 7.08
CA SER B 153 3.95 -13.77 7.56
C SER B 153 4.53 -14.89 8.43
N GLN B 154 3.86 -15.23 9.53
CA GLN B 154 4.39 -16.22 10.45
C GLN B 154 4.22 -17.63 9.87
N PRO B 155 5.09 -18.57 10.25
CA PRO B 155 4.94 -19.93 9.73
C PRO B 155 3.61 -20.57 10.09
N TRP B 156 3.12 -20.34 11.31
CA TRP B 156 1.86 -20.95 11.71
C TRP B 156 0.72 -20.55 10.77
N GLN B 157 0.58 -19.26 10.51
CA GLN B 157 -0.44 -18.81 9.57
C GLN B 157 -0.27 -19.48 8.20
N ARG B 158 0.97 -19.60 7.74
CA ARG B 158 1.22 -20.31 6.48
C ARG B 158 0.78 -21.77 6.58
N LEU B 159 1.17 -22.44 7.68
CA LEU B 159 0.85 -23.85 7.80
C LEU B 159 -0.65 -24.09 7.89
N LEU B 160 -1.40 -23.13 8.45
CA LEU B 160 -2.85 -23.26 8.47
C LEU B 160 -3.44 -23.23 7.06
N LEU B 161 -3.01 -22.26 6.25
CA LEU B 161 -3.56 -22.12 4.90
C LEU B 161 -3.22 -23.33 4.04
N ARG B 162 -2.02 -23.88 4.20
CA ARG B 162 -1.69 -25.13 3.52
C ARG B 162 -2.74 -26.19 3.79
N PHE B 163 -3.33 -26.20 4.99
CA PHE B 163 -4.35 -27.16 5.35
C PHE B 163 -5.75 -26.72 4.93
N LYS B 164 -6.03 -25.41 4.98
CA LYS B 164 -7.32 -24.92 4.49
C LYS B 164 -7.38 -24.96 2.97
N ILE B 165 -6.23 -24.80 2.30
CA ILE B 165 -6.21 -24.78 0.84
C ILE B 165 -6.39 -26.18 0.28
N LEU B 166 -5.66 -27.15 0.81
CA LEU B 166 -5.71 -28.51 0.27
C LEU B 166 -7.12 -29.07 0.32
N ARG B 167 -7.82 -28.90 1.45
CA ARG B 167 -9.17 -29.46 1.56
C ARG B 167 -10.14 -28.73 0.64
N SER B 168 -9.85 -27.49 0.26
CA SER B 168 -10.62 -26.83 -0.78
C SER B 168 -10.20 -27.30 -2.16
N LEU B 169 -8.91 -27.51 -2.37
CA LEU B 169 -8.42 -28.11 -3.61
C LEU B 169 -9.08 -29.47 -3.84
N GLN B 170 -9.07 -30.32 -2.80
CA GLN B 170 -9.64 -31.66 -2.93
C GLN B 170 -11.03 -31.61 -3.55
N ALA B 171 -11.85 -30.65 -3.13
CA ALA B 171 -13.22 -30.56 -3.64
C ALA B 171 -13.27 -30.09 -5.08
N PHE B 172 -12.24 -29.39 -5.55
CA PHE B 172 -12.28 -28.86 -6.91
C PHE B 172 -11.86 -29.91 -7.93
N VAL B 173 -10.75 -30.60 -7.69
CA VAL B 173 -10.33 -31.68 -8.59
C VAL B 173 -11.38 -32.76 -8.65
N ALA B 174 -12.02 -33.06 -7.51
CA ALA B 174 -13.05 -34.09 -7.49
C ALA B 174 -14.13 -33.80 -8.53
N VAL B 175 -14.56 -32.54 -8.63
CA VAL B 175 -15.57 -32.19 -9.62
C VAL B 175 -15.01 -32.32 -11.03
N ALA B 176 -13.73 -32.00 -11.21
CA ALA B 176 -13.14 -32.06 -12.54
C ALA B 176 -13.09 -33.50 -13.05
N ALA B 177 -12.52 -34.41 -12.25
CA ALA B 177 -12.42 -35.81 -12.65
C ALA B 177 -13.78 -36.36 -13.07
N ARG B 178 -14.84 -35.97 -12.36
CA ARG B 178 -16.18 -36.37 -12.76
C ARG B 178 -16.52 -35.83 -14.14
N VAL B 179 -16.08 -34.60 -14.45
CA VAL B 179 -16.37 -34.00 -15.75
C VAL B 179 -15.68 -34.80 -16.85
N PHE B 180 -14.38 -35.04 -16.71
CA PHE B 180 -13.63 -35.71 -17.77
C PHE B 180 -13.98 -37.18 -17.87
N ALA B 181 -14.32 -37.82 -16.76
CA ALA B 181 -14.82 -39.19 -16.82
C ALA B 181 -16.13 -39.25 -17.60
N HIS B 182 -17.04 -38.29 -17.34
CA HIS B 182 -18.32 -38.28 -18.05
C HIS B 182 -18.12 -37.90 -19.51
N GLY B 183 -17.25 -36.94 -19.79
CA GLY B 183 -16.96 -36.58 -21.17
C GLY B 183 -16.24 -37.67 -21.92
N ALA B 184 -15.36 -38.42 -21.25
CA ALA B 184 -14.64 -39.50 -21.90
C ALA B 184 -15.57 -40.65 -22.25
N ALA B 185 -16.54 -40.95 -21.36
CA ALA B 185 -17.46 -42.05 -21.58
C ALA B 185 -18.54 -41.70 -22.60
N THR B 186 -18.87 -40.42 -22.75
CA THR B 186 -19.98 -40.01 -23.60
C THR B 186 -19.48 -39.16 -24.77
N LEU B 187 -18.95 -37.97 -24.52
CA LEU B 187 -18.55 -37.05 -25.58
C LEU B 187 -17.36 -37.55 -26.40
N SER B 188 -16.84 -38.75 -26.12
CA SER B 188 -15.74 -39.31 -26.90
C SER B 188 -16.32 -40.21 -27.99
N PRO B 189 -16.23 -39.83 -29.28
CA PRO B 189 -16.80 -40.70 -30.33
C PRO B 189 -16.09 -42.05 -30.42
N ILE C 23 -59.04 -8.27 4.42
CA ILE C 23 -57.60 -8.46 4.33
C ILE C 23 -57.15 -9.49 5.35
N TRP C 24 -56.18 -10.31 4.97
CA TRP C 24 -55.63 -11.30 5.88
C TRP C 24 -54.16 -11.49 5.58
N GLU C 25 -53.45 -12.12 6.51
CA GLU C 25 -52.00 -12.26 6.43
C GLU C 25 -51.66 -13.61 5.82
N LEU C 26 -51.05 -13.60 4.64
CA LEU C 26 -50.57 -14.83 4.03
C LEU C 26 -49.34 -15.34 4.76
N LYS C 27 -48.38 -14.47 5.01
CA LYS C 27 -47.23 -14.80 5.83
C LYS C 27 -46.64 -13.50 6.35
N LYS C 28 -45.55 -13.60 7.11
CA LYS C 28 -44.94 -12.45 7.76
C LYS C 28 -44.86 -11.26 6.80
N ASP C 29 -45.52 -10.16 7.18
CA ASP C 29 -45.46 -8.89 6.45
C ASP C 29 -45.99 -9.02 5.03
N VAL C 30 -46.78 -10.05 4.74
CA VAL C 30 -47.40 -10.23 3.44
C VAL C 30 -48.90 -10.39 3.65
N TYR C 31 -49.69 -9.65 2.88
CA TYR C 31 -51.13 -9.59 3.10
C TYR C 31 -51.85 -9.66 1.76
N VAL C 32 -53.01 -10.33 1.76
CA VAL C 32 -53.84 -10.52 0.58
C VAL C 32 -55.09 -9.67 0.74
N VAL C 33 -55.54 -9.09 -0.38
CA VAL C 33 -56.75 -8.28 -0.40
C VAL C 33 -57.72 -8.93 -1.39
N GLU C 34 -58.91 -9.25 -0.90
CA GLU C 34 -59.97 -9.80 -1.73
C GLU C 34 -60.80 -8.66 -2.29
N LEU C 35 -60.90 -8.58 -3.62
CA LEU C 35 -61.61 -7.51 -4.30
C LEU C 35 -62.66 -8.09 -5.24
N ASP C 36 -63.80 -7.41 -5.34
CA ASP C 36 -64.81 -7.77 -6.34
C ASP C 36 -64.40 -7.07 -7.63
N TRP C 37 -63.87 -7.85 -8.58
CA TRP C 37 -63.28 -7.29 -9.78
C TRP C 37 -64.37 -6.96 -10.79
N TYR C 38 -64.62 -5.68 -11.02
CA TYR C 38 -65.57 -5.25 -12.04
C TYR C 38 -65.29 -3.78 -12.35
N PRO C 39 -65.71 -3.31 -13.53
CA PRO C 39 -65.35 -1.94 -13.94
C PRO C 39 -65.72 -0.89 -12.90
N ASP C 40 -64.78 0.03 -12.67
CA ASP C 40 -64.96 1.15 -11.74
C ASP C 40 -65.50 0.66 -10.40
N ALA C 41 -64.99 -0.48 -9.95
CA ALA C 41 -65.28 -0.96 -8.61
C ALA C 41 -64.48 -0.14 -7.60
N PRO C 42 -65.10 0.32 -6.51
CA PRO C 42 -64.35 1.18 -5.56
C PRO C 42 -63.27 0.44 -4.80
N GLY C 43 -63.33 -0.90 -4.72
CA GLY C 43 -62.33 -1.64 -4.00
C GLY C 43 -62.65 -1.73 -2.51
N GLU C 44 -61.60 -1.80 -1.71
CA GLU C 44 -61.73 -1.90 -0.26
C GLU C 44 -60.81 -0.89 0.40
N MET C 45 -61.24 -0.38 1.55
CA MET C 45 -60.42 0.51 2.35
C MET C 45 -59.56 -0.33 3.29
N VAL C 46 -58.25 -0.07 3.29
CA VAL C 46 -57.30 -0.80 4.11
C VAL C 46 -56.51 0.21 4.93
N VAL C 47 -56.10 -0.21 6.13
CA VAL C 47 -55.31 0.62 7.04
C VAL C 47 -54.05 -0.14 7.39
N LEU C 48 -52.90 0.41 7.01
CA LEU C 48 -51.61 -0.22 7.25
C LEU C 48 -50.98 0.39 8.49
N THR C 49 -50.47 -0.46 9.37
CA THR C 49 -49.83 -0.04 10.61
C THR C 49 -48.35 -0.38 10.58
N CYS C 50 -47.52 0.62 10.80
CA CYS C 50 -46.08 0.40 10.85
C CYS C 50 -45.72 -0.37 12.11
N ASP C 51 -45.04 -1.51 11.94
CA ASP C 51 -44.65 -2.37 13.05
C ASP C 51 -43.39 -1.79 13.69
N THR C 52 -43.57 -0.89 14.67
CA THR C 52 -42.45 -0.27 15.35
C THR C 52 -42.98 0.46 16.58
N PRO C 53 -42.12 0.67 17.58
CA PRO C 53 -42.58 1.42 18.77
C PRO C 53 -42.74 2.91 18.53
N GLU C 54 -41.81 3.54 17.81
CA GLU C 54 -41.85 4.99 17.66
C GLU C 54 -43.13 5.43 16.93
N GLU C 55 -43.62 6.63 17.29
CA GLU C 55 -45.00 7.00 17.00
C GLU C 55 -45.24 8.32 16.28
N ASP C 56 -44.20 9.06 15.89
CA ASP C 56 -44.45 10.31 15.19
C ASP C 56 -43.31 10.62 14.24
N GLY C 57 -43.61 11.49 13.28
CA GLY C 57 -42.63 11.79 12.23
C GLY C 57 -42.33 10.58 11.38
N ILE C 58 -43.37 9.83 11.02
CA ILE C 58 -43.23 8.64 10.20
C ILE C 58 -43.75 8.95 8.80
N THR C 59 -43.20 8.27 7.80
CA THR C 59 -43.58 8.49 6.41
C THR C 59 -43.67 7.16 5.69
N TRP C 60 -44.56 7.10 4.70
CA TRP C 60 -44.87 5.89 3.96
C TRP C 60 -44.54 6.06 2.48
N THR C 61 -43.95 5.02 1.89
CA THR C 61 -43.66 4.98 0.46
C THR C 61 -44.09 3.64 -0.09
N LEU C 62 -44.14 3.56 -1.42
CA LEU C 62 -44.58 2.36 -2.13
C LEU C 62 -43.48 1.88 -3.06
N ASP C 63 -43.07 0.62 -2.90
CA ASP C 63 -42.08 -0.02 -3.77
C ASP C 63 -40.80 0.81 -3.73
N GLN C 64 -40.28 1.28 -4.86
CA GLN C 64 -39.03 2.02 -4.88
C GLN C 64 -39.22 3.54 -4.89
N SER C 65 -40.34 4.02 -5.42
CA SER C 65 -40.56 5.46 -5.52
C SER C 65 -40.39 6.13 -4.17
N SER C 66 -39.92 7.38 -4.19
CA SER C 66 -39.64 8.14 -2.97
C SER C 66 -40.77 9.07 -2.55
N GLU C 67 -41.78 9.26 -3.40
CA GLU C 67 -42.87 10.16 -3.07
C GLU C 67 -43.60 9.68 -1.83
N VAL C 68 -43.77 10.58 -0.87
CA VAL C 68 -44.40 10.25 0.40
C VAL C 68 -45.91 10.20 0.20
N LEU C 69 -46.52 9.06 0.50
CA LEU C 69 -47.96 8.90 0.36
C LEU C 69 -48.73 9.32 1.59
N GLY C 70 -48.06 9.48 2.74
CA GLY C 70 -48.74 9.88 3.95
C GLY C 70 -47.79 9.76 5.13
N SER C 71 -48.28 10.24 6.27
CA SER C 71 -47.49 10.26 7.49
C SER C 71 -48.33 9.75 8.66
N GLY C 72 -47.65 9.42 9.74
CA GLY C 72 -48.28 8.90 10.94
C GLY C 72 -48.05 7.41 11.10
N LYS C 73 -48.46 6.91 12.27
CA LYS C 73 -48.32 5.50 12.57
C LYS C 73 -49.10 4.64 11.60
N THR C 74 -50.27 5.11 11.17
CA THR C 74 -51.17 4.34 10.32
C THR C 74 -51.39 5.06 8.99
N LEU C 75 -51.71 4.28 7.97
CA LEU C 75 -51.91 4.80 6.62
C LEU C 75 -53.18 4.18 6.05
N THR C 76 -54.09 5.04 5.58
CA THR C 76 -55.35 4.62 5.00
C THR C 76 -55.28 4.78 3.48
N ILE C 77 -55.61 3.70 2.76
CA ILE C 77 -55.53 3.67 1.30
C ILE C 77 -56.71 2.89 0.74
N GLN C 78 -57.17 3.31 -0.44
CA GLN C 78 -58.24 2.61 -1.14
C GLN C 78 -57.60 1.73 -2.22
N VAL C 79 -57.75 0.42 -2.07
CA VAL C 79 -57.13 -0.55 -2.97
C VAL C 79 -58.20 -1.00 -3.97
N LYS C 80 -58.06 -0.58 -5.22
CA LYS C 80 -58.96 -1.01 -6.28
C LYS C 80 -58.24 -1.40 -7.57
N GLU C 81 -56.93 -1.22 -7.65
CA GLU C 81 -56.18 -1.57 -8.85
C GLU C 81 -54.77 -2.00 -8.44
N PHE C 82 -54.14 -2.78 -9.31
CA PHE C 82 -52.77 -3.24 -9.03
C PHE C 82 -51.84 -2.07 -8.76
N GLY C 83 -52.08 -0.92 -9.39
CA GLY C 83 -51.29 0.27 -9.10
C GLY C 83 -51.30 0.67 -7.64
N ASP C 84 -52.31 0.23 -6.88
CA ASP C 84 -52.40 0.52 -5.45
C ASP C 84 -51.77 -0.56 -4.58
N ALA C 85 -51.35 -1.67 -5.16
CA ALA C 85 -50.73 -2.76 -4.41
C ALA C 85 -49.22 -2.63 -4.45
N GLY C 86 -48.54 -3.59 -3.81
CA GLY C 86 -47.09 -3.59 -3.77
C GLY C 86 -46.52 -3.56 -2.37
N GLN C 87 -45.28 -3.11 -2.24
CA GLN C 87 -44.57 -3.09 -0.96
C GLN C 87 -44.70 -1.69 -0.36
N TYR C 88 -45.50 -1.56 0.69
CA TYR C 88 -45.62 -0.31 1.42
C TYR C 88 -44.60 -0.29 2.56
N THR C 89 -43.77 0.75 2.59
CA THR C 89 -42.66 0.85 3.52
C THR C 89 -42.78 2.12 4.33
N CYS C 90 -42.65 1.99 5.65
CA CYS C 90 -42.70 3.13 6.56
C CYS C 90 -41.31 3.42 7.09
N HIS C 91 -40.95 4.69 7.14
CA HIS C 91 -39.60 5.12 7.50
C HIS C 91 -39.65 6.14 8.62
N LYS C 92 -38.46 6.45 9.14
CA LYS C 92 -38.29 7.52 10.12
C LYS C 92 -36.80 7.83 10.19
N GLY C 93 -36.45 9.10 10.01
CA GLY C 93 -35.04 9.48 10.00
C GLY C 93 -34.22 8.72 8.98
N GLY C 94 -34.81 8.42 7.82
CA GLY C 94 -34.13 7.66 6.79
C GLY C 94 -34.07 6.17 7.03
N GLU C 95 -34.20 5.73 8.27
CA GLU C 95 -34.18 4.30 8.58
C GLU C 95 -35.49 3.65 8.13
N VAL C 96 -35.40 2.37 7.78
CA VAL C 96 -36.56 1.59 7.39
C VAL C 96 -37.10 0.87 8.63
N LEU C 97 -38.38 1.11 8.93
CA LEU C 97 -38.99 0.55 10.15
C LEU C 97 -39.63 -0.81 9.84
N SER C 98 -40.70 -0.80 9.06
CA SER C 98 -41.38 -2.03 8.68
C SER C 98 -41.72 -1.96 7.19
N HIS C 99 -42.01 -3.13 6.62
CA HIS C 99 -42.42 -3.26 5.24
C HIS C 99 -43.66 -4.13 5.18
N SER C 100 -44.57 -3.79 4.28
CA SER C 100 -45.82 -4.55 4.11
C SER C 100 -46.10 -4.71 2.63
N LEU C 101 -46.29 -5.96 2.22
CA LEU C 101 -46.58 -6.29 0.82
C LEU C 101 -48.05 -6.63 0.67
N LEU C 102 -48.71 -6.01 -0.31
CA LEU C 102 -50.13 -6.22 -0.57
C LEU C 102 -50.31 -6.94 -1.90
N LEU C 103 -51.07 -8.03 -1.86
CA LEU C 103 -51.43 -8.79 -3.05
C LEU C 103 -52.93 -8.75 -3.25
N LEU C 104 -53.36 -8.92 -4.49
CA LEU C 104 -54.76 -8.88 -4.83
C LEU C 104 -55.25 -10.27 -5.24
N HIS C 105 -56.42 -10.65 -4.74
CA HIS C 105 -57.09 -11.90 -5.07
C HIS C 105 -58.39 -11.52 -5.76
N LYS C 106 -58.43 -11.64 -7.09
CA LYS C 106 -59.59 -11.20 -7.85
C LYS C 106 -60.76 -12.16 -7.69
N LYS C 107 -61.96 -11.61 -7.59
CA LYS C 107 -63.19 -12.38 -7.65
C LYS C 107 -64.02 -11.85 -8.81
N GLU C 108 -64.06 -12.61 -9.89
CA GLU C 108 -64.73 -12.20 -11.13
C GLU C 108 -66.13 -12.81 -11.14
N ASP C 109 -67.13 -11.95 -11.05
CA ASP C 109 -68.54 -12.37 -11.05
C ASP C 109 -68.74 -13.59 -10.15
N GLY C 110 -68.25 -13.48 -8.93
CA GLY C 110 -68.45 -14.51 -7.94
C GLY C 110 -67.45 -15.64 -7.97
N ILE C 111 -66.45 -15.59 -8.86
CA ILE C 111 -65.45 -16.65 -8.98
C ILE C 111 -64.07 -16.05 -8.77
N TRP C 112 -63.19 -16.82 -8.12
CA TRP C 112 -61.80 -16.42 -7.98
C TRP C 112 -61.05 -16.70 -9.28
N SER C 113 -60.07 -15.84 -9.57
CA SER C 113 -59.34 -15.97 -10.83
C SER C 113 -58.45 -17.19 -10.83
N THR C 114 -58.23 -17.74 -12.02
CA THR C 114 -57.35 -18.89 -12.23
C THR C 114 -56.43 -18.65 -13.43
N ASP C 115 -56.10 -17.38 -13.69
CA ASP C 115 -55.40 -17.03 -14.92
C ASP C 115 -53.96 -17.55 -14.95
N ILE C 116 -53.39 -17.90 -13.80
CA ILE C 116 -51.99 -18.34 -13.76
C ILE C 116 -51.85 -19.71 -14.39
N LEU C 117 -52.48 -20.71 -13.79
CA LEU C 117 -52.30 -22.10 -14.21
C LEU C 117 -53.21 -22.43 -15.39
N LYS C 118 -52.81 -23.46 -16.13
CA LYS C 118 -53.53 -23.90 -17.31
C LYS C 118 -54.38 -25.12 -16.95
N ASP C 119 -55.63 -25.14 -17.42
CA ASP C 119 -56.54 -26.23 -17.12
C ASP C 119 -56.15 -27.47 -17.92
N GLN C 120 -55.74 -28.54 -17.22
CA GLN C 120 -55.33 -29.77 -17.89
C GLN C 120 -56.53 -30.56 -18.43
N LYS C 121 -57.74 -30.22 -17.99
CA LYS C 121 -58.98 -30.83 -18.49
C LYS C 121 -59.03 -32.34 -18.28
N GLU C 122 -58.12 -32.90 -17.48
CA GLU C 122 -58.09 -34.31 -17.22
C GLU C 122 -57.75 -34.52 -15.74
N PRO C 123 -58.48 -35.37 -15.00
CA PRO C 123 -59.60 -36.16 -15.50
C PRO C 123 -60.88 -35.36 -15.75
N LYS C 124 -60.86 -34.04 -15.49
CA LYS C 124 -62.04 -33.22 -15.70
C LYS C 124 -61.61 -31.78 -15.96
N ASN C 125 -62.60 -30.91 -16.19
CA ASN C 125 -62.38 -29.55 -16.67
C ASN C 125 -62.16 -28.54 -15.55
N LYS C 126 -61.71 -28.97 -14.38
CA LYS C 126 -61.35 -28.06 -13.31
C LYS C 126 -60.15 -28.60 -12.56
N THR C 127 -59.19 -29.15 -13.31
CA THR C 127 -58.04 -29.85 -12.74
C THR C 127 -56.79 -29.12 -13.20
N PHE C 128 -56.21 -28.33 -12.29
CA PHE C 128 -54.96 -27.65 -12.56
C PHE C 128 -53.74 -28.38 -12.00
N LEU C 129 -53.93 -29.22 -10.99
CA LEU C 129 -52.85 -29.98 -10.38
C LEU C 129 -53.02 -31.46 -10.67
N ARG C 130 -51.92 -32.14 -10.96
CA ARG C 130 -51.92 -33.58 -11.16
C ARG C 130 -50.82 -34.17 -10.31
N CYS C 131 -51.16 -35.19 -9.53
CA CYS C 131 -50.22 -35.78 -8.58
C CYS C 131 -50.00 -37.25 -8.91
N GLU C 132 -48.78 -37.72 -8.65
CA GLU C 132 -48.41 -39.10 -8.87
C GLU C 132 -47.59 -39.60 -7.69
N ALA C 133 -47.54 -40.93 -7.54
CA ALA C 133 -46.71 -41.56 -6.54
C ALA C 133 -46.12 -42.84 -7.11
N LYS C 134 -44.80 -43.00 -6.99
CA LYS C 134 -44.13 -44.18 -7.52
C LYS C 134 -44.23 -45.38 -6.60
N ASN C 135 -44.81 -45.23 -5.42
CA ASN C 135 -44.89 -46.33 -4.47
C ASN C 135 -45.77 -45.89 -3.30
N TYR C 136 -45.92 -46.77 -2.32
CA TYR C 136 -46.67 -46.48 -1.11
C TYR C 136 -45.80 -45.95 0.03
N SER C 137 -44.59 -45.48 -0.29
CA SER C 137 -43.69 -44.99 0.75
C SER C 137 -44.23 -43.77 1.48
N GLY C 138 -45.28 -43.13 0.96
CA GLY C 138 -45.74 -41.87 1.47
C GLY C 138 -45.26 -40.67 0.69
N ARG C 139 -44.24 -40.85 -0.14
CA ARG C 139 -43.78 -39.79 -1.02
C ARG C 139 -44.71 -39.67 -2.22
N PHE C 140 -44.73 -38.49 -2.82
CA PHE C 140 -45.51 -38.28 -4.04
C PHE C 140 -45.07 -36.96 -4.66
N THR C 141 -45.51 -36.75 -5.89
CA THR C 141 -45.12 -35.61 -6.70
C THR C 141 -46.36 -35.02 -7.36
N CYS C 142 -46.43 -33.68 -7.41
CA CYS C 142 -47.50 -32.97 -8.11
C CYS C 142 -46.89 -31.94 -9.05
N TRP C 143 -47.43 -31.87 -10.26
CA TRP C 143 -46.92 -30.99 -11.30
C TRP C 143 -48.06 -30.23 -11.96
N TRP C 144 -47.77 -29.01 -12.42
CA TRP C 144 -48.74 -28.17 -13.09
C TRP C 144 -48.08 -27.40 -14.22
N LEU C 145 -48.89 -26.70 -15.00
CA LEU C 145 -48.44 -26.01 -16.20
C LEU C 145 -48.82 -24.55 -16.14
N THR C 146 -48.15 -23.75 -16.97
CA THR C 146 -48.38 -22.32 -17.05
C THR C 146 -47.59 -21.73 -18.20
N THR C 147 -48.11 -20.63 -18.75
CA THR C 147 -47.44 -19.91 -19.83
C THR C 147 -46.54 -18.79 -19.32
N ILE C 148 -46.47 -18.58 -18.02
CA ILE C 148 -45.79 -17.42 -17.45
C ILE C 148 -44.32 -17.76 -17.24
N SER C 149 -43.46 -16.78 -17.54
CA SER C 149 -42.02 -16.96 -17.51
C SER C 149 -41.31 -16.09 -16.48
N THR C 150 -41.97 -15.06 -15.94
CA THR C 150 -41.30 -14.08 -15.10
C THR C 150 -42.16 -13.73 -13.90
N ASP C 151 -41.51 -13.34 -12.82
CA ASP C 151 -42.18 -12.87 -11.61
C ASP C 151 -43.24 -13.87 -11.16
N LEU C 152 -42.84 -15.13 -11.05
CA LEU C 152 -43.74 -16.21 -10.69
C LEU C 152 -43.22 -16.93 -9.45
N THR C 153 -44.08 -17.01 -8.43
CA THR C 153 -43.74 -17.65 -7.16
C THR C 153 -44.86 -18.56 -6.69
N PHE C 154 -44.46 -19.70 -6.11
CA PHE C 154 -45.38 -20.71 -5.62
C PHE C 154 -45.01 -21.07 -4.19
N SER C 155 -46.02 -21.54 -3.44
CA SER C 155 -45.82 -22.01 -2.08
C SER C 155 -46.76 -23.20 -1.86
N VAL C 156 -46.20 -24.31 -1.41
CA VAL C 156 -46.92 -25.58 -1.31
C VAL C 156 -47.06 -25.98 0.15
N LYS C 157 -48.24 -26.45 0.50
CA LYS C 157 -48.52 -27.02 1.81
C LYS C 157 -49.49 -28.17 1.64
N SER C 158 -49.30 -29.22 2.44
CA SER C 158 -50.10 -30.44 2.33
C SER C 158 -50.38 -30.97 3.73
N SER C 159 -51.25 -31.97 3.80
CA SER C 159 -51.64 -32.57 5.07
C SER C 159 -52.63 -33.69 4.79
N ARG C 160 -52.73 -34.64 5.73
CA ARG C 160 -53.74 -35.69 5.68
C ARG C 160 -54.75 -35.35 6.77
N GLY C 161 -55.86 -34.75 6.35
CA GLY C 161 -56.85 -34.22 7.26
C GLY C 161 -56.95 -32.71 7.15
N SER C 162 -58.15 -32.19 7.40
CA SER C 162 -58.43 -30.77 7.27
C SER C 162 -58.61 -30.09 8.63
N SER C 163 -59.60 -30.53 9.42
CA SER C 163 -59.82 -29.95 10.73
C SER C 163 -58.54 -29.95 11.56
N ASP C 164 -57.94 -31.12 11.73
CA ASP C 164 -56.65 -31.26 12.40
C ASP C 164 -55.65 -31.78 11.38
N PRO C 165 -54.79 -30.92 10.81
CA PRO C 165 -53.83 -31.40 9.82
C PRO C 165 -52.88 -32.45 10.40
N GLN C 166 -52.64 -33.49 9.60
CA GLN C 166 -51.63 -34.49 9.90
C GLN C 166 -50.35 -34.18 9.14
N GLY C 167 -49.21 -34.29 9.83
CA GLY C 167 -47.94 -33.86 9.30
C GLY C 167 -47.58 -34.39 7.92
N VAL C 168 -47.50 -33.49 6.95
CA VAL C 168 -46.99 -33.82 5.62
C VAL C 168 -46.05 -32.71 5.20
N THR C 169 -44.81 -33.06 4.87
CA THR C 169 -43.80 -32.09 4.51
C THR C 169 -43.75 -31.96 2.99
N CYS C 170 -43.80 -30.72 2.51
CA CYS C 170 -43.69 -30.43 1.09
C CYS C 170 -42.45 -29.58 0.83
N GLY C 171 -41.72 -29.94 -0.23
CA GLY C 171 -40.52 -29.22 -0.63
C GLY C 171 -40.83 -27.94 -1.36
N ALA C 172 -39.91 -27.51 -2.21
CA ALA C 172 -40.03 -26.27 -2.95
C ALA C 172 -40.33 -26.54 -4.42
N ALA C 173 -41.12 -25.67 -5.02
CA ALA C 173 -41.57 -25.87 -6.39
C ALA C 173 -40.49 -25.41 -7.36
N THR C 174 -40.16 -26.27 -8.32
CA THR C 174 -39.10 -25.99 -9.27
C THR C 174 -39.54 -26.36 -10.68
N LEU C 175 -39.01 -25.62 -11.65
CA LEU C 175 -39.30 -25.90 -13.04
C LEU C 175 -38.69 -27.25 -13.40
N SER C 176 -39.51 -28.13 -13.99
CA SER C 176 -39.07 -29.45 -14.40
C SER C 176 -38.89 -29.60 -15.91
N ALA C 177 -39.71 -28.93 -16.71
CA ALA C 177 -39.63 -29.08 -18.15
C ALA C 177 -40.16 -27.82 -18.84
N GLU C 178 -39.65 -27.58 -20.03
CA GLU C 178 -40.08 -26.50 -20.91
C GLU C 178 -40.40 -27.10 -22.27
N ARG C 179 -41.50 -26.65 -22.87
CA ARG C 179 -41.98 -27.24 -24.11
C ARG C 179 -42.87 -26.23 -24.81
N VAL C 180 -43.15 -26.49 -26.09
CA VAL C 180 -43.89 -25.57 -26.94
C VAL C 180 -45.17 -26.26 -27.41
N ARG C 181 -46.30 -25.58 -27.25
CA ARG C 181 -47.57 -25.94 -27.86
C ARG C 181 -48.20 -24.68 -28.43
N GLY C 182 -48.37 -24.64 -29.74
CA GLY C 182 -48.98 -23.50 -30.40
C GLY C 182 -48.25 -22.20 -30.23
N ASP C 183 -46.94 -22.20 -30.47
CA ASP C 183 -46.15 -20.97 -30.51
C ASP C 183 -46.39 -20.11 -29.27
N ASN C 184 -46.48 -20.78 -28.12
CA ASN C 184 -46.50 -20.13 -26.82
C ASN C 184 -46.07 -21.16 -25.80
N LYS C 185 -44.89 -20.97 -25.21
CA LYS C 185 -44.24 -22.04 -24.47
C LYS C 185 -45.11 -22.46 -23.28
N GLU C 186 -44.84 -23.65 -22.77
CA GLU C 186 -45.50 -24.16 -21.58
C GLU C 186 -44.44 -24.57 -20.56
N TYR C 187 -44.48 -23.94 -19.39
CA TYR C 187 -43.50 -24.15 -18.34
C TYR C 187 -44.09 -25.10 -17.31
N GLU C 188 -43.43 -26.23 -17.11
CA GLU C 188 -43.88 -27.24 -16.16
C GLU C 188 -43.13 -27.07 -14.85
N TYR C 189 -43.87 -27.17 -13.75
CA TYR C 189 -43.30 -27.13 -12.41
C TYR C 189 -43.67 -28.41 -11.68
N SER C 190 -42.79 -28.85 -10.78
CA SER C 190 -43.01 -30.06 -10.00
C SER C 190 -42.56 -29.81 -8.57
N VAL C 191 -43.20 -30.49 -7.63
CA VAL C 191 -42.87 -30.38 -6.22
C VAL C 191 -42.82 -31.76 -5.62
N GLU C 192 -41.97 -31.93 -4.61
CA GLU C 192 -41.83 -33.18 -3.89
C GLU C 192 -42.41 -33.02 -2.50
N CYS C 193 -43.18 -34.03 -2.05
CA CYS C 193 -43.76 -34.05 -0.73
C CYS C 193 -43.66 -35.45 -0.17
N GLN C 194 -43.89 -35.57 1.14
CA GLN C 194 -43.77 -36.86 1.82
C GLN C 194 -44.58 -36.80 3.09
N GLU C 195 -45.25 -37.92 3.41
CA GLU C 195 -45.99 -38.02 4.65
C GLU C 195 -45.04 -38.31 5.80
N ASP C 196 -45.18 -37.54 6.89
CA ASP C 196 -44.23 -37.65 8.00
C ASP C 196 -44.20 -39.06 8.58
N SER C 197 -45.36 -39.60 8.92
CA SER C 197 -45.48 -40.93 9.53
C SER C 197 -46.39 -41.75 8.63
N ALA C 198 -45.79 -42.51 7.71
CA ALA C 198 -46.55 -43.24 6.71
C ALA C 198 -46.87 -44.65 7.18
N CYS C 199 -47.86 -45.24 6.52
CA CYS C 199 -48.25 -46.64 6.76
C CYS C 199 -48.54 -47.24 5.39
N PRO C 200 -47.48 -47.61 4.65
CA PRO C 200 -47.70 -48.03 3.26
C PRO C 200 -48.75 -49.12 3.10
N ALA C 201 -48.79 -50.08 4.03
CA ALA C 201 -49.69 -51.22 3.93
C ALA C 201 -51.12 -50.91 4.38
N ALA C 202 -51.36 -49.73 4.96
CA ALA C 202 -52.63 -49.44 5.58
C ALA C 202 -53.68 -49.03 4.54
N GLU C 203 -54.94 -49.17 4.93
CA GLU C 203 -56.08 -48.77 4.11
C GLU C 203 -56.38 -47.31 4.42
N GLU C 204 -55.95 -46.42 3.54
CA GLU C 204 -56.15 -44.99 3.76
C GLU C 204 -57.63 -44.68 3.93
N SER C 205 -57.96 -44.00 5.04
CA SER C 205 -59.32 -43.60 5.33
C SER C 205 -59.57 -42.11 5.07
N LEU C 206 -58.60 -41.26 5.41
CA LEU C 206 -58.70 -39.83 5.18
C LEU C 206 -57.78 -39.42 4.03
N PRO C 207 -58.19 -38.46 3.19
CA PRO C 207 -57.41 -38.14 1.99
C PRO C 207 -56.29 -37.13 2.24
N ILE C 208 -55.35 -37.11 1.29
CA ILE C 208 -54.28 -36.13 1.28
C ILE C 208 -54.82 -34.84 0.66
N GLU C 209 -54.54 -33.72 1.33
CA GLU C 209 -54.94 -32.40 0.85
C GLU C 209 -53.68 -31.62 0.47
N VAL C 210 -53.70 -31.01 -0.71
CA VAL C 210 -52.57 -30.24 -1.23
C VAL C 210 -53.05 -28.83 -1.53
N MET C 211 -52.47 -27.85 -0.84
CA MET C 211 -52.84 -26.46 -1.01
C MET C 211 -51.64 -25.70 -1.58
N VAL C 212 -51.87 -24.98 -2.67
CA VAL C 212 -50.83 -24.25 -3.39
C VAL C 212 -51.21 -22.78 -3.42
N ASP C 213 -50.28 -21.92 -3.02
CA ASP C 213 -50.42 -20.48 -3.16
C ASP C 213 -49.60 -20.04 -4.37
N ALA C 214 -50.20 -19.23 -5.24
CA ALA C 214 -49.54 -18.74 -6.44
C ALA C 214 -49.54 -17.21 -6.44
N VAL C 215 -48.39 -16.64 -6.81
CA VAL C 215 -48.24 -15.18 -6.86
C VAL C 215 -47.53 -14.82 -8.15
N HIS C 216 -48.24 -14.13 -9.05
CA HIS C 216 -47.66 -13.57 -10.27
C HIS C 216 -47.60 -12.06 -10.08
N LYS C 217 -46.38 -11.53 -9.96
CA LYS C 217 -46.20 -10.11 -9.71
C LYS C 217 -46.94 -9.73 -8.44
N LEU C 218 -48.19 -9.26 -8.57
CA LEU C 218 -49.01 -8.91 -7.43
C LEU C 218 -50.33 -9.65 -7.40
N LYS C 219 -50.56 -10.56 -8.36
CA LYS C 219 -51.80 -11.31 -8.44
C LYS C 219 -51.70 -12.56 -7.59
N TYR C 220 -52.67 -12.76 -6.70
CA TYR C 220 -52.70 -13.91 -5.81
C TYR C 220 -53.79 -14.89 -6.25
N GLU C 221 -53.43 -16.17 -6.32
CA GLU C 221 -54.37 -17.23 -6.63
C GLU C 221 -53.89 -18.48 -5.92
N ASN C 222 -54.83 -19.30 -5.45
CA ASN C 222 -54.49 -20.53 -4.75
C ASN C 222 -55.38 -21.67 -5.25
N TYR C 223 -54.76 -22.84 -5.37
CA TYR C 223 -55.38 -24.03 -5.94
C TYR C 223 -55.33 -25.17 -4.93
N THR C 224 -56.08 -26.24 -5.21
CA THR C 224 -56.18 -27.36 -4.29
C THR C 224 -56.36 -28.65 -5.08
N SER C 225 -56.21 -29.77 -4.37
CA SER C 225 -56.40 -31.10 -4.92
C SER C 225 -56.48 -32.10 -3.76
N SER C 226 -57.37 -33.07 -3.88
CA SER C 226 -57.61 -34.04 -2.82
C SER C 226 -57.60 -35.44 -3.41
N PHE C 227 -56.91 -36.36 -2.73
CA PHE C 227 -56.73 -37.70 -3.28
C PHE C 227 -56.16 -38.64 -2.21
N PHE C 228 -56.41 -39.93 -2.40
CA PHE C 228 -55.71 -40.98 -1.67
C PHE C 228 -54.48 -41.40 -2.46
N ILE C 229 -53.45 -41.83 -1.74
CA ILE C 229 -52.20 -42.26 -2.40
C ILE C 229 -52.47 -43.40 -3.35
N ARG C 230 -53.29 -44.37 -2.94
CA ARG C 230 -53.51 -45.56 -3.74
C ARG C 230 -54.10 -45.25 -5.10
N ASP C 231 -54.79 -44.11 -5.25
CA ASP C 231 -55.47 -43.80 -6.49
C ASP C 231 -54.59 -43.09 -7.51
N ILE C 232 -53.45 -42.55 -7.09
CA ILE C 232 -52.52 -41.87 -7.99
C ILE C 232 -51.28 -42.70 -8.28
N ILE C 233 -51.16 -43.90 -7.70
CA ILE C 233 -50.01 -44.74 -7.94
C ILE C 233 -49.74 -44.86 -9.43
N LYS C 234 -48.46 -44.71 -9.80
CA LYS C 234 -48.02 -44.98 -11.16
C LYS C 234 -46.60 -45.56 -11.05
N PRO C 235 -46.45 -46.88 -11.10
CA PRO C 235 -45.12 -47.47 -10.95
C PRO C 235 -44.20 -47.03 -12.07
N ASP C 236 -42.91 -47.26 -11.86
CA ASP C 236 -41.94 -47.07 -12.92
C ASP C 236 -41.94 -48.26 -13.85
N PRO C 237 -41.44 -48.10 -15.07
CA PRO C 237 -41.49 -49.20 -16.05
C PRO C 237 -40.68 -50.39 -15.57
N PRO C 238 -40.92 -51.58 -16.14
CA PRO C 238 -40.10 -52.74 -15.77
C PRO C 238 -38.62 -52.48 -15.99
N LYS C 239 -37.80 -53.28 -15.32
CA LYS C 239 -36.35 -53.14 -15.36
C LYS C 239 -35.71 -54.37 -15.99
N ASN C 240 -34.62 -54.15 -16.71
CA ASN C 240 -33.82 -55.21 -17.31
C ASN C 240 -34.68 -56.11 -18.21
N LEU C 241 -35.23 -55.51 -19.26
CA LEU C 241 -36.06 -56.22 -20.22
C LEU C 241 -35.17 -57.01 -21.17
N GLN C 242 -35.28 -58.33 -21.15
CA GLN C 242 -34.43 -59.21 -21.92
C GLN C 242 -35.26 -60.11 -22.84
N LEU C 243 -34.60 -60.62 -23.87
CA LEU C 243 -35.22 -61.51 -24.84
C LEU C 243 -34.35 -62.74 -25.03
N LYS C 244 -34.99 -63.91 -25.08
CA LYS C 244 -34.30 -65.18 -25.29
C LYS C 244 -34.97 -65.90 -26.46
N PRO C 245 -34.45 -65.78 -27.67
CA PRO C 245 -35.09 -66.43 -28.82
C PRO C 245 -35.00 -67.95 -28.72
N LEU C 246 -35.79 -68.61 -29.56
CA LEU C 246 -35.82 -70.07 -29.60
C LEU C 246 -36.26 -70.58 -30.97
N GLN C 251 -42.02 -67.84 -29.72
CA GLN C 251 -40.78 -67.75 -30.47
C GLN C 251 -39.66 -67.13 -29.64
N VAL C 252 -40.03 -66.28 -28.68
CA VAL C 252 -39.08 -65.57 -27.84
C VAL C 252 -39.53 -65.66 -26.39
N GLU C 253 -38.58 -65.87 -25.49
CA GLU C 253 -38.84 -65.89 -24.05
C GLU C 253 -38.47 -64.53 -23.48
N VAL C 254 -39.47 -63.83 -22.94
CA VAL C 254 -39.28 -62.48 -22.40
C VAL C 254 -39.12 -62.57 -20.89
N SER C 255 -38.38 -61.62 -20.33
CA SER C 255 -38.14 -61.58 -18.89
C SER C 255 -37.84 -60.14 -18.47
N TRP C 256 -38.15 -59.84 -17.22
CA TRP C 256 -37.96 -58.49 -16.70
C TRP C 256 -37.97 -58.55 -15.17
N GLU C 257 -37.87 -57.39 -14.54
CA GLU C 257 -37.77 -57.30 -13.09
C GLU C 257 -38.63 -56.15 -12.59
N TYR C 258 -38.97 -56.19 -11.32
CA TYR C 258 -39.65 -55.08 -10.69
C TYR C 258 -38.75 -53.85 -10.72
N PRO C 259 -39.30 -52.66 -10.89
CA PRO C 259 -38.47 -51.45 -10.83
C PRO C 259 -37.95 -51.22 -9.42
N ASP C 260 -36.79 -50.57 -9.34
CA ASP C 260 -36.17 -50.34 -8.04
C ASP C 260 -37.08 -49.52 -7.14
N THR C 261 -37.72 -48.49 -7.70
CA THR C 261 -38.49 -47.54 -6.90
C THR C 261 -39.71 -48.18 -6.24
N TRP C 262 -40.15 -49.34 -6.73
CA TRP C 262 -41.38 -49.93 -6.19
C TRP C 262 -41.22 -50.29 -4.72
N SER C 263 -42.34 -50.28 -4.01
CA SER C 263 -42.34 -50.62 -2.59
C SER C 263 -41.76 -52.02 -2.37
N THR C 264 -41.22 -52.23 -1.17
CA THR C 264 -40.66 -53.50 -0.78
C THR C 264 -41.21 -53.90 0.58
N PRO C 265 -41.28 -55.21 0.87
CA PRO C 265 -40.88 -56.32 0.00
C PRO C 265 -41.85 -56.59 -1.15
N HIS C 266 -41.37 -57.28 -2.18
CA HIS C 266 -42.19 -57.53 -3.34
C HIS C 266 -43.26 -58.59 -3.06
N SER C 267 -42.95 -59.57 -2.21
CA SER C 267 -43.93 -60.59 -1.87
C SER C 267 -45.19 -59.99 -1.25
N TYR C 268 -45.13 -58.74 -0.81
CA TYR C 268 -46.29 -58.04 -0.28
C TYR C 268 -46.91 -57.09 -1.29
N PHE C 269 -46.10 -56.22 -1.91
CA PHE C 269 -46.60 -55.24 -2.88
C PHE C 269 -46.34 -55.79 -4.27
N SER C 270 -47.22 -56.69 -4.70
CA SER C 270 -47.04 -57.37 -5.97
C SER C 270 -47.47 -56.49 -7.14
N LEU C 271 -47.18 -56.97 -8.35
CA LEU C 271 -47.49 -56.27 -9.58
C LEU C 271 -48.03 -57.25 -10.60
N THR C 272 -48.79 -56.72 -11.55
CA THR C 272 -49.20 -57.45 -12.75
C THR C 272 -48.68 -56.71 -13.97
N PHE C 273 -48.58 -57.44 -15.09
CA PHE C 273 -47.92 -56.91 -16.27
C PHE C 273 -48.76 -57.14 -17.51
N CYS C 274 -48.49 -56.34 -18.53
CA CYS C 274 -49.12 -56.45 -19.84
C CYS C 274 -48.04 -56.42 -20.90
N VAL C 275 -47.98 -57.47 -21.72
CA VAL C 275 -46.96 -57.60 -22.77
C VAL C 275 -47.62 -57.35 -24.11
N GLN C 276 -46.91 -56.63 -24.99
CA GLN C 276 -47.46 -56.17 -26.26
C GLN C 276 -46.44 -56.36 -27.37
N VAL C 277 -46.91 -56.83 -28.52
CA VAL C 277 -46.10 -56.95 -29.73
C VAL C 277 -46.83 -56.17 -30.83
N GLN C 278 -46.23 -55.06 -31.26
CA GLN C 278 -46.85 -54.17 -32.22
C GLN C 278 -45.85 -53.80 -33.31
N GLY C 279 -46.34 -53.67 -34.53
CA GLY C 279 -45.50 -53.32 -35.67
C GLY C 279 -46.27 -53.30 -36.98
N ARG C 288 -51.90 -58.29 -27.42
CA ARG C 288 -51.57 -58.09 -26.02
C ARG C 288 -51.85 -59.35 -25.18
N VAL C 289 -51.12 -59.47 -24.07
CA VAL C 289 -51.34 -60.55 -23.11
C VAL C 289 -51.02 -60.00 -21.72
N PHE C 290 -51.63 -60.61 -20.71
CA PHE C 290 -51.44 -60.22 -19.33
C PHE C 290 -50.93 -61.40 -18.51
N THR C 291 -50.22 -61.08 -17.43
CA THR C 291 -49.71 -62.11 -16.53
C THR C 291 -49.19 -61.44 -15.27
N ASP C 292 -49.15 -62.23 -14.19
CA ASP C 292 -48.61 -61.78 -12.91
C ASP C 292 -47.15 -62.18 -12.74
N LYS C 293 -46.57 -62.87 -13.72
CA LYS C 293 -45.20 -63.37 -13.63
C LYS C 293 -44.23 -62.35 -14.21
N THR C 294 -42.94 -62.60 -14.01
CA THR C 294 -41.89 -61.75 -14.53
C THR C 294 -41.29 -62.30 -15.81
N SER C 295 -42.05 -63.12 -16.54
CA SER C 295 -41.57 -63.71 -17.78
C SER C 295 -42.77 -64.15 -18.61
N ALA C 296 -42.55 -64.27 -19.91
CA ALA C 296 -43.62 -64.67 -20.82
C ALA C 296 -43.01 -65.15 -22.14
N THR C 297 -43.73 -66.03 -22.80
CA THR C 297 -43.35 -66.54 -24.11
C THR C 297 -44.30 -65.96 -25.15
N VAL C 298 -43.75 -65.38 -26.21
CA VAL C 298 -44.51 -64.69 -27.24
C VAL C 298 -43.96 -65.10 -28.61
N ILE C 299 -44.63 -64.61 -29.65
CA ILE C 299 -44.23 -64.86 -31.03
C ILE C 299 -43.74 -63.55 -31.62
N CYS C 300 -42.52 -63.57 -32.14
CA CYS C 300 -41.84 -62.39 -32.64
C CYS C 300 -41.87 -62.38 -34.18
N ARG C 301 -41.86 -61.18 -34.74
CA ARG C 301 -41.86 -61.01 -36.19
C ARG C 301 -40.95 -59.84 -36.56
N LYS C 302 -40.46 -59.87 -37.80
CA LYS C 302 -39.46 -58.91 -38.23
C LYS C 302 -40.02 -57.48 -38.19
N ASN C 303 -39.15 -56.54 -37.85
CA ASN C 303 -39.45 -55.11 -37.74
C ASN C 303 -40.38 -54.78 -36.58
N ALA C 304 -40.77 -55.76 -35.78
CA ALA C 304 -41.68 -55.53 -34.67
C ALA C 304 -40.91 -55.06 -33.43
N SER C 305 -41.67 -54.61 -32.43
CA SER C 305 -41.12 -54.15 -31.17
C SER C 305 -41.95 -54.72 -30.03
N ILE C 306 -41.27 -55.20 -28.98
CA ILE C 306 -41.92 -55.74 -27.80
C ILE C 306 -41.93 -54.68 -26.72
N SER C 307 -43.06 -54.58 -26.00
CA SER C 307 -43.22 -53.59 -24.96
C SER C 307 -43.93 -54.22 -23.77
N VAL C 308 -43.65 -53.69 -22.58
CA VAL C 308 -44.23 -54.19 -21.33
C VAL C 308 -44.47 -53.01 -20.41
N ARG C 309 -45.57 -53.07 -19.65
CA ARG C 309 -45.84 -52.09 -18.61
C ARG C 309 -46.44 -52.79 -17.40
N ALA C 310 -46.54 -52.06 -16.29
CA ALA C 310 -46.84 -52.65 -15.00
C ALA C 310 -47.99 -51.93 -14.32
N GLN C 311 -48.66 -52.64 -13.41
CA GLN C 311 -49.77 -52.13 -12.63
C GLN C 311 -49.85 -52.93 -11.34
N ASP C 312 -50.36 -52.27 -10.29
CA ASP C 312 -50.54 -52.95 -9.01
C ASP C 312 -51.44 -54.16 -9.21
N ARG C 313 -51.03 -55.29 -8.62
CA ARG C 313 -51.74 -56.55 -8.86
C ARG C 313 -53.12 -56.58 -8.23
N TYR C 314 -53.37 -55.78 -7.19
CA TYR C 314 -54.59 -55.87 -6.41
C TYR C 314 -55.43 -54.61 -6.43
N TYR C 315 -54.95 -53.53 -7.05
CA TYR C 315 -55.68 -52.28 -7.09
C TYR C 315 -55.52 -51.66 -8.47
N SER C 316 -56.64 -51.26 -9.08
CA SER C 316 -56.63 -50.72 -10.43
C SER C 316 -56.21 -49.25 -10.39
N SER C 317 -54.93 -49.05 -10.12
CA SER C 317 -54.31 -47.73 -10.20
C SER C 317 -53.71 -47.55 -11.60
N SER C 318 -52.91 -46.50 -11.78
CA SER C 318 -52.40 -46.18 -13.11
C SER C 318 -51.43 -47.26 -13.59
N TRP C 319 -51.34 -47.38 -14.92
CA TRP C 319 -50.33 -48.22 -15.54
C TRP C 319 -49.00 -47.49 -15.62
N SER C 320 -47.92 -48.26 -15.72
CA SER C 320 -46.60 -47.67 -15.90
C SER C 320 -46.35 -47.39 -17.38
N GLU C 321 -45.35 -46.55 -17.65
CA GLU C 321 -44.95 -46.30 -19.02
C GLU C 321 -44.27 -47.53 -19.59
N TRP C 322 -44.39 -47.70 -20.91
CA TRP C 322 -43.88 -48.90 -21.55
C TRP C 322 -42.37 -49.00 -21.41
N ALA C 323 -41.88 -50.23 -21.36
CA ALA C 323 -40.46 -50.54 -21.50
C ALA C 323 -40.31 -51.39 -22.75
N SER C 324 -39.49 -50.93 -23.69
CA SER C 324 -39.46 -51.48 -25.04
C SER C 324 -38.12 -52.11 -25.36
N VAL C 325 -38.18 -53.15 -26.20
CA VAL C 325 -36.99 -53.77 -26.78
C VAL C 325 -37.32 -54.14 -28.22
N PRO C 326 -36.54 -53.71 -29.21
CA PRO C 326 -36.85 -54.10 -30.59
C PRO C 326 -36.74 -55.61 -30.77
N CYS C 327 -37.62 -56.15 -31.62
CA CYS C 327 -37.60 -57.57 -31.92
C CYS C 327 -36.83 -57.82 -33.21
N SER C 328 -36.38 -59.07 -33.35
CA SER C 328 -35.51 -59.45 -34.47
C SER C 328 -34.20 -58.68 -34.40
N PRO D 28 -54.63 -71.31 9.72
CA PRO D 28 -54.40 -70.15 8.85
C PRO D 28 -54.73 -70.43 7.38
N ALA D 29 -54.05 -71.42 6.79
CA ALA D 29 -54.26 -71.80 5.39
C ALA D 29 -53.93 -70.65 4.45
N TRP D 30 -52.64 -70.32 4.41
CA TRP D 30 -52.18 -69.17 3.64
C TRP D 30 -52.40 -69.37 2.15
N THR D 31 -51.88 -70.48 1.61
CA THR D 31 -51.96 -70.72 0.16
C THR D 31 -53.39 -70.60 -0.35
N GLN D 32 -54.35 -71.09 0.43
CA GLN D 32 -55.74 -71.13 -0.04
C GLN D 32 -56.42 -69.76 0.07
N CYS D 33 -56.06 -68.97 1.08
CA CYS D 33 -56.61 -67.62 1.19
C CYS D 33 -56.09 -66.72 0.06
N GLN D 34 -54.81 -66.85 -0.27
CA GLN D 34 -54.24 -66.05 -1.35
C GLN D 34 -55.08 -66.16 -2.62
N GLN D 35 -55.34 -67.39 -3.07
CA GLN D 35 -56.09 -67.59 -4.30
C GLN D 35 -57.49 -66.98 -4.20
N LEU D 36 -58.12 -67.09 -3.03
CA LEU D 36 -59.46 -66.53 -2.88
C LEU D 36 -59.43 -65.02 -2.79
N SER D 37 -58.43 -64.47 -2.09
CA SER D 37 -58.30 -63.03 -1.98
C SER D 37 -58.02 -62.39 -3.33
N GLN D 38 -57.13 -62.99 -4.12
CA GLN D 38 -56.85 -62.48 -5.45
C GLN D 38 -58.12 -62.44 -6.30
N LYS D 39 -58.98 -63.45 -6.16
CA LYS D 39 -60.24 -63.49 -6.91
C LYS D 39 -61.22 -62.43 -6.42
N LEU D 40 -61.20 -62.11 -5.12
CA LEU D 40 -62.05 -61.04 -4.62
C LEU D 40 -61.75 -59.73 -5.33
N CYS D 41 -60.47 -59.35 -5.40
CA CYS D 41 -60.12 -58.10 -6.06
C CYS D 41 -60.62 -58.09 -7.50
N THR D 42 -60.40 -59.19 -8.22
CA THR D 42 -60.84 -59.25 -9.62
C THR D 42 -62.33 -58.96 -9.73
N LEU D 43 -63.15 -59.70 -8.95
CA LEU D 43 -64.60 -59.48 -8.98
C LEU D 43 -64.97 -58.11 -8.45
N ALA D 44 -64.17 -57.56 -7.54
CA ALA D 44 -64.50 -56.26 -6.95
C ALA D 44 -64.40 -55.14 -7.97
N TRP D 45 -63.55 -55.28 -8.97
CA TRP D 45 -63.34 -54.22 -9.95
C TRP D 45 -64.14 -54.41 -11.23
N SER D 46 -64.44 -55.66 -11.60
CA SER D 46 -65.21 -55.93 -12.81
C SER D 46 -66.69 -55.64 -12.54
N ALA D 47 -66.98 -54.34 -12.38
CA ALA D 47 -68.33 -53.90 -12.06
C ALA D 47 -68.50 -52.43 -12.44
N HIS D 48 -69.72 -52.07 -12.85
CA HIS D 48 -70.05 -50.69 -13.17
C HIS D 48 -71.43 -50.32 -12.62
N GLY D 52 -69.99 -44.26 -13.11
CA GLY D 52 -69.89 -42.82 -13.11
C GLY D 52 -70.49 -42.23 -11.84
N HIS D 53 -69.79 -41.26 -11.25
CA HIS D 53 -70.22 -40.61 -10.02
C HIS D 53 -69.25 -39.50 -9.61
N MET D 54 -69.77 -38.31 -9.40
CA MET D 54 -68.94 -37.17 -9.02
C MET D 54 -69.71 -36.20 -8.13
N VAL D 68 -67.32 -47.26 9.87
CA VAL D 68 -66.86 -48.26 8.90
C VAL D 68 -65.49 -48.81 9.30
N PRO D 69 -65.30 -50.12 9.20
CA PRO D 69 -64.01 -50.71 9.56
C PRO D 69 -62.99 -50.60 8.44
N HIS D 70 -61.75 -50.32 8.82
CA HIS D 70 -60.65 -50.22 7.87
C HIS D 70 -59.42 -50.88 8.48
N ILE D 71 -58.46 -51.20 7.61
CA ILE D 71 -57.14 -51.66 8.05
C ILE D 71 -56.27 -50.41 8.15
N GLN D 72 -56.06 -49.95 9.37
CA GLN D 72 -55.39 -48.67 9.62
C GLN D 72 -54.00 -48.91 10.20
N CYS D 73 -53.30 -47.81 10.45
CA CYS D 73 -51.96 -47.90 11.02
C CYS D 73 -51.98 -48.62 12.35
N GLY D 74 -50.96 -49.43 12.59
CA GLY D 74 -50.82 -50.16 13.82
C GLY D 74 -51.70 -51.38 13.98
N ASP D 75 -52.62 -51.62 13.03
CA ASP D 75 -53.47 -52.80 13.12
C ASP D 75 -52.72 -54.11 12.94
N GLY D 76 -51.42 -54.06 12.65
CA GLY D 76 -50.62 -55.27 12.56
C GLY D 76 -50.61 -55.92 11.20
N CYS D 77 -51.10 -55.25 10.16
CA CYS D 77 -51.14 -55.80 8.82
C CYS D 77 -49.93 -55.42 7.97
N ASP D 78 -48.92 -54.83 8.57
CA ASP D 78 -47.68 -54.56 7.86
C ASP D 78 -46.77 -55.79 7.89
N PRO D 79 -45.83 -55.89 6.95
CA PRO D 79 -44.96 -57.08 6.92
C PRO D 79 -44.24 -57.36 8.23
N GLN D 80 -43.87 -56.33 8.98
CA GLN D 80 -43.20 -56.54 10.26
C GLN D 80 -44.15 -57.15 11.28
N GLY D 81 -45.35 -56.57 11.43
CA GLY D 81 -46.30 -57.10 12.39
C GLY D 81 -46.70 -58.53 12.11
N LEU D 82 -46.82 -58.88 10.83
CA LEU D 82 -47.17 -60.25 10.46
C LEU D 82 -46.11 -61.23 10.94
N ARG D 83 -44.83 -60.87 10.77
CA ARG D 83 -43.76 -61.72 11.28
C ARG D 83 -43.77 -61.76 12.81
N ASP D 84 -44.20 -60.67 13.45
CA ASP D 84 -44.32 -60.64 14.91
C ASP D 84 -45.55 -61.39 15.37
N ASN D 85 -46.74 -60.95 14.93
CA ASN D 85 -47.98 -61.65 15.28
C ASN D 85 -49.02 -61.30 14.24
N SER D 86 -49.45 -62.30 13.46
CA SER D 86 -50.45 -62.08 12.43
C SER D 86 -51.88 -62.11 12.96
N GLN D 87 -52.08 -62.74 14.13
CA GLN D 87 -53.43 -62.88 14.66
C GLN D 87 -54.16 -61.55 14.68
N PHE D 88 -53.48 -60.47 15.05
CA PHE D 88 -54.14 -59.18 15.18
C PHE D 88 -54.66 -58.69 13.84
N CYS D 89 -53.87 -58.84 12.78
CA CYS D 89 -54.32 -58.40 11.47
C CYS D 89 -55.50 -59.23 10.99
N LEU D 90 -55.44 -60.55 11.17
CA LEU D 90 -56.51 -61.41 10.67
C LEU D 90 -57.84 -61.11 11.35
N GLN D 91 -57.82 -60.82 12.65
CA GLN D 91 -59.03 -60.48 13.37
C GLN D 91 -59.73 -59.29 12.73
N ARG D 92 -58.97 -58.22 12.43
CA ARG D 92 -59.55 -57.07 11.76
C ARG D 92 -60.06 -57.44 10.38
N ILE D 93 -59.34 -58.31 9.67
CA ILE D 93 -59.79 -58.73 8.35
C ILE D 93 -61.13 -59.44 8.47
N HIS D 94 -61.23 -60.41 9.39
CA HIS D 94 -62.48 -61.13 9.54
C HIS D 94 -63.63 -60.19 9.85
N GLN D 95 -63.38 -59.16 10.66
CA GLN D 95 -64.42 -58.19 10.98
C GLN D 95 -64.82 -57.39 9.74
N GLY D 96 -63.85 -57.06 8.89
CA GLY D 96 -64.18 -56.32 7.68
C GLY D 96 -64.95 -57.15 6.67
N LEU D 97 -64.60 -58.43 6.54
CA LEU D 97 -65.32 -59.31 5.62
C LEU D 97 -66.78 -59.45 6.03
N ILE D 98 -67.01 -59.87 7.27
CA ILE D 98 -68.38 -60.00 7.78
C ILE D 98 -69.13 -58.69 7.64
N PHE D 99 -68.44 -57.56 7.89
CA PHE D 99 -69.06 -56.26 7.73
C PHE D 99 -69.57 -56.07 6.31
N TYR D 100 -68.69 -56.20 5.32
CA TYR D 100 -69.11 -56.07 3.92
C TYR D 100 -70.03 -57.22 3.51
N GLU D 101 -69.91 -58.37 4.17
CA GLU D 101 -70.83 -59.47 3.90
C GLU D 101 -72.26 -59.10 4.26
N LYS D 102 -72.46 -58.41 5.40
CA LYS D 102 -73.79 -57.99 5.79
C LYS D 102 -74.35 -56.94 4.83
N LEU D 103 -73.49 -56.06 4.32
CA LEU D 103 -73.95 -54.99 3.41
C LEU D 103 -74.46 -55.58 2.10
N LEU D 104 -73.61 -56.33 1.39
CA LEU D 104 -74.02 -56.91 0.12
C LEU D 104 -75.24 -57.79 0.27
N GLY D 105 -75.57 -58.22 1.49
CA GLY D 105 -76.78 -58.98 1.72
C GLY D 105 -77.92 -58.14 2.27
N SER D 106 -77.85 -56.82 2.07
CA SER D 106 -78.85 -55.90 2.58
C SER D 106 -79.68 -55.35 1.43
N ASP D 107 -80.69 -54.56 1.78
CA ASP D 107 -81.52 -53.89 0.78
C ASP D 107 -80.72 -52.89 -0.05
N ILE D 108 -79.53 -52.51 0.42
CA ILE D 108 -78.72 -51.56 -0.33
C ILE D 108 -78.38 -52.11 -1.69
N PHE D 109 -78.25 -53.42 -1.81
CA PHE D 109 -77.91 -54.09 -3.07
C PHE D 109 -79.05 -54.92 -3.63
N THR D 110 -79.82 -55.59 -2.79
CA THR D 110 -80.94 -56.42 -3.24
C THR D 110 -82.24 -55.63 -3.26
N GLY D 111 -82.24 -54.51 -3.98
CA GLY D 111 -83.42 -53.67 -4.07
C GLY D 111 -83.39 -52.85 -5.33
N GLU D 112 -84.26 -51.84 -5.36
CA GLU D 112 -84.35 -50.95 -6.52
C GLU D 112 -83.20 -49.96 -6.49
N PRO D 113 -82.51 -49.72 -7.62
CA PRO D 113 -82.73 -50.34 -8.94
C PRO D 113 -82.24 -51.78 -9.00
N SER D 114 -82.96 -52.63 -9.71
CA SER D 114 -82.58 -54.03 -9.83
C SER D 114 -81.24 -54.16 -10.55
N LEU D 115 -80.53 -55.24 -10.26
CA LEU D 115 -79.25 -55.51 -10.88
C LEU D 115 -79.41 -56.31 -12.17
N LEU D 116 -78.28 -56.64 -12.76
CA LEU D 116 -78.22 -57.46 -13.94
C LEU D 116 -77.48 -58.76 -13.63
N PRO D 117 -77.70 -59.82 -14.42
CA PRO D 117 -76.65 -60.83 -14.52
C PRO D 117 -75.39 -60.15 -15.05
N ASP D 118 -74.24 -60.70 -14.66
CA ASP D 118 -72.93 -60.04 -14.73
C ASP D 118 -72.61 -59.41 -13.38
N SER D 119 -73.64 -58.97 -12.64
CA SER D 119 -73.41 -58.33 -11.36
C SER D 119 -72.50 -59.21 -10.52
N PRO D 120 -71.22 -58.88 -10.39
CA PRO D 120 -70.33 -59.74 -9.58
C PRO D 120 -70.74 -59.78 -8.12
N VAL D 121 -71.70 -58.95 -7.72
CA VAL D 121 -72.10 -58.87 -6.32
C VAL D 121 -72.40 -60.26 -5.78
N GLY D 122 -73.32 -60.98 -6.40
CA GLY D 122 -73.65 -62.32 -5.95
C GLY D 122 -72.43 -63.21 -5.80
N GLN D 123 -71.58 -63.24 -6.84
CA GLN D 123 -70.31 -63.94 -6.73
C GLN D 123 -69.44 -63.33 -5.65
N LEU D 124 -69.46 -61.99 -5.56
CA LEU D 124 -68.61 -61.29 -4.60
C LEU D 124 -69.05 -61.56 -3.17
N HIS D 125 -70.36 -61.54 -2.92
CA HIS D 125 -70.88 -61.80 -1.59
C HIS D 125 -70.51 -63.20 -1.11
N ALA D 126 -70.65 -64.21 -1.98
CA ALA D 126 -70.33 -65.58 -1.59
C ALA D 126 -68.83 -65.77 -1.40
N SER D 127 -68.01 -65.04 -2.17
CA SER D 127 -66.56 -65.13 -2.02
C SER D 127 -66.11 -64.56 -0.68
N LEU D 128 -66.62 -63.39 -0.32
CA LEU D 128 -66.41 -62.85 1.02
C LEU D 128 -66.75 -63.89 2.07
N LEU D 129 -68.01 -64.36 2.06
CA LEU D 129 -68.46 -65.34 3.05
C LEU D 129 -67.52 -66.53 3.10
N GLY D 130 -67.17 -67.09 1.93
CA GLY D 130 -66.29 -68.25 1.92
C GLY D 130 -64.96 -67.98 2.59
N LEU D 131 -64.41 -66.77 2.41
CA LEU D 131 -63.12 -66.45 2.98
C LEU D 131 -63.20 -66.26 4.50
N SER D 132 -64.27 -65.60 4.97
CA SER D 132 -64.46 -65.46 6.41
C SER D 132 -64.49 -66.81 7.11
N GLN D 133 -65.02 -67.84 6.44
CA GLN D 133 -65.07 -69.17 7.04
C GLN D 133 -63.68 -69.79 7.15
N LEU D 134 -62.81 -69.53 6.16
CA LEU D 134 -61.47 -70.10 6.21
C LEU D 134 -60.66 -69.55 7.37
N LEU D 135 -60.88 -68.28 7.73
CA LEU D 135 -60.16 -67.69 8.85
C LEU D 135 -60.76 -68.12 10.18
N GLN D 136 -62.09 -68.05 10.31
CA GLN D 136 -62.78 -68.44 11.53
C GLN D 136 -64.07 -69.15 11.13
N PRO D 137 -64.02 -70.49 10.99
CA PRO D 137 -65.27 -71.24 10.77
C PRO D 137 -66.26 -71.15 11.93
N GLU D 138 -65.90 -70.48 13.02
CA GLU D 138 -66.71 -70.48 14.23
C GLU D 138 -68.02 -69.74 14.03
N GLY D 139 -67.97 -68.57 13.38
CA GLY D 139 -69.18 -67.80 13.09
C GLY D 139 -69.88 -67.30 14.33
N HIS D 140 -69.13 -66.63 15.22
CA HIS D 140 -69.71 -66.16 16.48
C HIS D 140 -70.57 -64.92 16.27
N HIS D 141 -70.14 -64.00 15.39
CA HIS D 141 -70.75 -62.67 15.27
C HIS D 141 -71.60 -62.52 14.01
N TRP D 142 -71.93 -63.61 13.32
CA TRP D 142 -72.71 -63.50 12.08
C TRP D 142 -74.08 -62.87 12.33
N GLU D 143 -74.72 -63.19 13.46
CA GLU D 143 -76.07 -62.70 13.76
C GLU D 143 -76.10 -61.26 14.22
N THR D 144 -74.97 -60.71 14.68
CA THR D 144 -75.00 -59.53 15.53
C THR D 144 -75.44 -58.28 14.77
N GLN D 145 -74.66 -57.87 13.78
CA GLN D 145 -74.70 -56.50 13.25
C GLN D 145 -75.56 -56.43 11.99
N GLN D 146 -76.67 -55.68 12.08
CA GLN D 146 -77.51 -55.36 10.95
C GLN D 146 -77.25 -53.97 10.38
N ILE D 147 -76.53 -53.11 11.11
CA ILE D 147 -76.11 -51.81 10.58
C ILE D 147 -77.33 -50.96 10.25
N PRO D 148 -77.93 -50.29 11.26
CA PRO D 148 -79.10 -49.45 10.97
C PRO D 148 -78.78 -48.09 10.37
N SER D 149 -77.68 -47.48 10.82
CA SER D 149 -77.37 -46.10 10.45
C SER D 149 -77.37 -45.89 8.94
N LEU D 150 -76.84 -46.86 8.18
CA LEU D 150 -76.71 -46.71 6.73
C LEU D 150 -78.05 -46.81 6.01
N SER D 151 -79.06 -47.43 6.62
CA SER D 151 -80.34 -47.72 5.98
C SER D 151 -80.84 -46.57 5.11
N PRO D 152 -80.99 -46.78 3.80
CA PRO D 152 -81.66 -45.79 2.96
C PRO D 152 -82.99 -46.29 2.42
N SER D 153 -83.79 -45.41 1.85
CA SER D 153 -85.07 -45.79 1.27
C SER D 153 -85.20 -45.47 -0.20
N GLN D 154 -84.74 -44.31 -0.63
CA GLN D 154 -84.91 -43.92 -2.03
C GLN D 154 -83.95 -44.70 -2.93
N PRO D 155 -84.37 -45.10 -4.13
CA PRO D 155 -83.45 -45.83 -5.02
C PRO D 155 -82.18 -45.08 -5.32
N TRP D 156 -82.28 -43.77 -5.62
CA TRP D 156 -81.09 -43.01 -5.98
C TRP D 156 -80.04 -43.06 -4.88
N GLN D 157 -80.48 -43.00 -3.61
CA GLN D 157 -79.54 -43.06 -2.50
C GLN D 157 -78.90 -44.44 -2.37
N ARG D 158 -79.69 -45.50 -2.54
CA ARG D 158 -79.12 -46.84 -2.61
C ARG D 158 -78.01 -46.89 -3.66
N LEU D 159 -78.30 -46.38 -4.86
CA LEU D 159 -77.33 -46.45 -5.94
C LEU D 159 -76.05 -45.73 -5.58
N LEU D 160 -76.15 -44.47 -5.14
CA LEU D 160 -74.96 -43.73 -4.73
C LEU D 160 -74.18 -44.49 -3.67
N LEU D 161 -74.88 -45.15 -2.75
CA LEU D 161 -74.20 -45.81 -1.65
C LEU D 161 -73.44 -47.05 -2.11
N ARG D 162 -73.93 -47.73 -3.15
CA ARG D 162 -73.20 -48.86 -3.70
C ARG D 162 -71.85 -48.43 -4.22
N PHE D 163 -71.84 -47.40 -5.07
CA PHE D 163 -70.58 -46.89 -5.62
C PHE D 163 -69.59 -46.57 -4.52
N LYS D 164 -70.06 -45.95 -3.44
CA LYS D 164 -69.17 -45.61 -2.34
C LYS D 164 -68.65 -46.86 -1.65
N ILE D 165 -69.53 -47.84 -1.41
CA ILE D 165 -69.12 -49.07 -0.73
C ILE D 165 -68.10 -49.82 -1.57
N LEU D 166 -68.36 -49.96 -2.86
CA LEU D 166 -67.51 -50.78 -3.70
C LEU D 166 -66.09 -50.24 -3.74
N ARG D 167 -65.93 -48.94 -4.01
CA ARG D 167 -64.59 -48.37 -4.08
C ARG D 167 -63.87 -48.46 -2.74
N SER D 168 -64.61 -48.38 -1.64
CA SER D 168 -64.02 -48.64 -0.33
C SER D 168 -63.67 -50.12 -0.17
N LEU D 169 -64.57 -51.00 -0.60
CA LEU D 169 -64.28 -52.44 -0.55
C LEU D 169 -63.05 -52.80 -1.36
N GLN D 170 -62.89 -52.18 -2.54
CA GLN D 170 -61.73 -52.44 -3.37
C GLN D 170 -60.43 -52.24 -2.58
N ALA D 171 -60.38 -51.18 -1.78
CA ALA D 171 -59.16 -50.91 -1.00
C ALA D 171 -58.97 -51.93 0.11
N PHE D 172 -60.08 -52.38 0.72
CA PHE D 172 -59.97 -53.30 1.85
C PHE D 172 -59.51 -54.68 1.39
N VAL D 173 -60.10 -55.19 0.31
CA VAL D 173 -59.70 -56.51 -0.19
C VAL D 173 -58.26 -56.49 -0.67
N ALA D 174 -57.86 -55.40 -1.32
CA ALA D 174 -56.49 -55.30 -1.82
C ALA D 174 -55.49 -55.54 -0.71
N VAL D 175 -55.63 -54.81 0.40
CA VAL D 175 -54.74 -55.00 1.55
C VAL D 175 -54.73 -56.47 1.96
N ALA D 176 -55.92 -57.07 2.08
CA ALA D 176 -55.99 -58.47 2.48
C ALA D 176 -55.19 -59.35 1.54
N ALA D 177 -55.33 -59.13 0.23
CA ALA D 177 -54.62 -59.96 -0.74
C ALA D 177 -53.11 -59.87 -0.51
N ARG D 178 -52.59 -58.65 -0.36
CA ARG D 178 -51.17 -58.49 -0.07
C ARG D 178 -50.78 -59.26 1.18
N VAL D 179 -51.64 -59.25 2.20
CA VAL D 179 -51.34 -59.97 3.43
C VAL D 179 -51.20 -61.46 3.14
N PHE D 180 -52.26 -62.07 2.61
CA PHE D 180 -52.22 -63.50 2.35
C PHE D 180 -51.14 -63.86 1.34
N ALA D 181 -50.88 -62.98 0.38
CA ALA D 181 -49.79 -63.21 -0.57
C ALA D 181 -48.44 -63.23 0.14
N HIS D 182 -48.21 -62.27 1.03
CA HIS D 182 -46.95 -62.23 1.76
C HIS D 182 -46.82 -63.41 2.71
N GLY D 183 -47.90 -63.75 3.41
CA GLY D 183 -47.84 -64.86 4.37
C GLY D 183 -47.60 -66.19 3.71
N ALA D 184 -48.20 -66.41 2.55
CA ALA D 184 -48.03 -67.69 1.84
C ALA D 184 -46.60 -67.86 1.35
N ALA D 185 -45.95 -66.77 0.95
CA ALA D 185 -44.59 -66.86 0.43
C ALA D 185 -43.55 -66.95 1.53
N THR D 186 -43.87 -66.52 2.76
CA THR D 186 -42.91 -66.47 3.85
C THR D 186 -43.33 -67.32 5.04
N LEU D 187 -44.53 -67.08 5.59
CA LEU D 187 -44.98 -67.82 6.76
C LEU D 187 -45.45 -69.24 6.45
N SER D 188 -45.42 -69.65 5.17
CA SER D 188 -45.75 -71.01 4.80
C SER D 188 -44.48 -71.86 4.85
N PRO D 189 -44.34 -72.81 5.80
CA PRO D 189 -43.10 -73.60 5.88
C PRO D 189 -42.82 -74.40 4.60
N ILE E 23 17.83 63.62 -22.88
CA ILE E 23 16.60 64.40 -23.02
C ILE E 23 15.53 63.52 -23.64
N TRP E 24 14.27 63.77 -23.24
CA TRP E 24 13.14 63.00 -23.74
C TRP E 24 11.89 63.87 -23.64
N GLU E 25 10.89 63.51 -24.44
CA GLU E 25 9.66 64.29 -24.52
C GLU E 25 8.65 63.78 -23.50
N LEU E 26 8.24 64.65 -22.59
CA LEU E 26 7.19 64.30 -21.65
C LEU E 26 5.82 64.33 -22.33
N LYS E 27 5.57 65.33 -23.16
CA LYS E 27 4.37 65.42 -23.96
C LYS E 27 4.64 66.41 -25.09
N LYS E 28 3.59 66.74 -25.86
CA LYS E 28 3.74 67.59 -27.03
C LYS E 28 4.42 68.91 -26.66
N ASP E 29 5.56 69.17 -27.28
CA ASP E 29 6.29 70.43 -27.10
C ASP E 29 6.73 70.64 -25.65
N VAL E 30 7.00 69.54 -24.94
CA VAL E 30 7.45 69.59 -23.55
C VAL E 30 8.50 68.51 -23.37
N TYR E 31 9.70 68.90 -22.92
CA TYR E 31 10.84 68.01 -22.84
C TYR E 31 11.49 68.12 -21.46
N VAL E 32 12.12 67.01 -21.04
CA VAL E 32 12.77 66.91 -19.74
C VAL E 32 14.26 66.67 -19.96
N VAL E 33 15.08 67.27 -19.10
CA VAL E 33 16.53 67.16 -19.19
C VAL E 33 17.03 66.58 -17.87
N GLU E 34 17.78 65.48 -17.96
CA GLU E 34 18.36 64.84 -16.79
C GLU E 34 19.76 65.41 -16.54
N LEU E 35 19.96 65.99 -15.36
CA LEU E 35 21.21 66.66 -15.02
C LEU E 35 21.81 66.06 -13.75
N ASP E 36 23.15 65.98 -13.72
CA ASP E 36 23.88 65.62 -12.52
C ASP E 36 24.04 66.91 -11.72
N TRP E 37 23.28 67.03 -10.63
CA TRP E 37 23.19 68.29 -9.89
C TRP E 37 24.32 68.37 -8.88
N TYR E 38 25.34 69.18 -9.18
CA TYR E 38 26.45 69.43 -8.28
C TYR E 38 27.03 70.80 -8.63
N PRO E 39 27.68 71.47 -7.67
CA PRO E 39 28.14 72.84 -7.93
C PRO E 39 28.96 72.98 -9.21
N ASP E 40 28.61 73.98 -10.02
CA ASP E 40 29.35 74.32 -11.24
C ASP E 40 29.41 73.17 -12.22
N ALA E 41 28.37 72.35 -12.26
CA ALA E 41 28.34 71.26 -13.24
C ALA E 41 28.13 71.83 -14.64
N PRO E 42 28.85 71.31 -15.65
CA PRO E 42 28.66 71.85 -17.00
C PRO E 42 27.29 71.58 -17.58
N GLY E 43 26.54 70.65 -17.01
CA GLY E 43 25.21 70.34 -17.51
C GLY E 43 25.23 69.40 -18.69
N GLU E 44 24.36 69.66 -19.68
CA GLU E 44 24.29 68.85 -20.88
C GLU E 44 24.03 69.74 -22.08
N MET E 45 24.63 69.38 -23.21
CA MET E 45 24.41 70.10 -24.45
C MET E 45 23.15 69.58 -25.12
N VAL E 46 22.25 70.50 -25.48
CA VAL E 46 20.96 70.16 -26.06
C VAL E 46 20.83 70.82 -27.42
N VAL E 47 20.18 70.13 -28.35
CA VAL E 47 19.92 70.63 -29.69
C VAL E 47 18.42 70.63 -29.92
N LEU E 48 17.88 71.80 -30.30
CA LEU E 48 16.44 71.99 -30.42
C LEU E 48 16.08 72.19 -31.89
N THR E 49 15.25 71.30 -32.42
CA THR E 49 14.86 71.33 -33.81
C THR E 49 13.47 71.94 -33.94
N CYS E 50 13.35 72.99 -34.73
CA CYS E 50 12.07 73.63 -34.97
C CYS E 50 11.18 72.68 -35.78
N ASP E 51 10.05 72.27 -35.21
CA ASP E 51 9.13 71.38 -35.92
C ASP E 51 8.40 72.14 -37.02
N THR E 52 9.03 72.25 -38.18
CA THR E 52 8.52 73.04 -39.28
C THR E 52 9.10 72.49 -40.57
N PRO E 53 8.42 72.65 -41.70
CA PRO E 53 9.06 72.33 -42.99
C PRO E 53 10.08 73.37 -43.41
N GLU E 54 9.88 74.65 -43.08
CA GLU E 54 10.73 75.70 -43.59
C GLU E 54 12.10 75.66 -42.93
N GLU E 55 13.04 76.42 -43.51
CA GLU E 55 14.45 76.21 -43.22
C GLU E 55 15.27 77.47 -42.93
N ASP E 56 14.89 78.62 -43.47
CA ASP E 56 15.73 79.81 -43.38
C ASP E 56 14.92 81.02 -42.96
N GLY E 57 15.63 82.04 -42.47
CA GLY E 57 14.98 83.13 -41.78
C GLY E 57 14.43 82.77 -40.43
N ILE E 58 14.91 81.68 -39.85
CA ILE E 58 14.43 81.18 -38.56
C ILE E 58 15.25 81.81 -37.46
N THR E 59 14.60 82.01 -36.32
CA THR E 59 15.24 82.60 -35.14
C THR E 59 14.74 81.88 -33.90
N TRP E 60 15.49 82.03 -32.81
CA TRP E 60 15.16 81.38 -31.54
C TRP E 60 15.13 82.41 -30.43
N THR E 61 14.25 82.17 -29.45
CA THR E 61 14.14 83.03 -28.28
C THR E 61 13.80 82.17 -27.06
N LEU E 62 13.88 82.78 -25.89
CA LEU E 62 13.64 82.10 -24.62
C LEU E 62 12.65 82.91 -23.80
N ASP E 63 11.54 82.27 -23.43
CA ASP E 63 10.50 82.89 -22.60
C ASP E 63 10.05 84.17 -23.32
N GLN E 64 10.00 85.32 -22.63
CA GLN E 64 9.50 86.55 -23.23
C GLN E 64 10.60 87.43 -23.78
N SER E 65 11.86 87.17 -23.43
CA SER E 65 12.96 87.95 -23.98
C SER E 65 13.02 87.79 -25.49
N SER E 66 13.36 88.89 -26.16
CA SER E 66 13.50 88.91 -27.61
C SER E 66 14.91 88.61 -28.05
N GLU E 67 15.82 88.39 -27.10
CA GLU E 67 17.19 88.04 -27.42
C GLU E 67 17.22 86.84 -28.34
N VAL E 68 17.75 87.04 -29.55
CA VAL E 68 17.90 85.97 -30.52
C VAL E 68 19.09 85.13 -30.08
N LEU E 69 18.83 83.99 -29.44
CA LEU E 69 19.89 83.11 -29.00
C LEU E 69 20.49 82.28 -30.14
N GLY E 70 20.02 82.45 -31.36
CA GLY E 70 20.59 81.72 -32.47
C GLY E 70 19.71 81.80 -33.69
N SER E 71 20.14 81.10 -34.73
CA SER E 71 19.40 81.04 -35.98
C SER E 71 19.56 79.65 -36.58
N GLY E 72 18.65 79.32 -37.49
CA GLY E 72 18.71 78.09 -38.24
C GLY E 72 17.63 77.11 -37.83
N LYS E 73 17.58 76.00 -38.58
CA LYS E 73 16.66 74.92 -38.27
C LYS E 73 16.85 74.39 -36.86
N THR E 74 18.06 74.53 -36.31
CA THR E 74 18.41 73.94 -35.03
C THR E 74 19.07 74.98 -34.13
N LEU E 75 18.95 74.75 -32.83
CA LEU E 75 19.59 75.59 -31.81
C LEU E 75 20.31 74.71 -30.82
N THR E 76 21.55 75.07 -30.47
CA THR E 76 22.36 74.34 -29.51
C THR E 76 22.62 75.22 -28.30
N ILE E 77 22.44 74.66 -27.11
CA ILE E 77 22.59 75.41 -25.87
C ILE E 77 23.11 74.47 -24.79
N GLN E 78 23.83 75.05 -23.83
CA GLN E 78 24.33 74.31 -22.67
C GLN E 78 23.37 74.54 -21.50
N VAL E 79 22.65 73.49 -21.10
CA VAL E 79 21.69 73.57 -20.02
C VAL E 79 22.38 73.09 -18.75
N LYS E 80 22.47 73.98 -17.75
CA LYS E 80 23.10 73.63 -16.48
C LYS E 80 22.43 74.31 -15.30
N GLU E 81 21.52 75.23 -15.55
CA GLU E 81 20.82 75.93 -14.48
C GLU E 81 19.40 76.24 -14.93
N PHE E 82 18.51 76.41 -13.95
CA PHE E 82 17.12 76.71 -14.25
C PHE E 82 16.99 77.92 -15.17
N GLY E 83 17.89 78.89 -15.05
CA GLY E 83 17.90 80.01 -15.97
C GLY E 83 18.06 79.59 -17.42
N ASP E 84 18.65 78.42 -17.66
CA ASP E 84 18.76 77.84 -19.00
C ASP E 84 17.52 77.07 -19.41
N ALA E 85 16.49 77.01 -18.56
CA ALA E 85 15.27 76.27 -18.85
C ALA E 85 14.13 77.24 -19.13
N GLY E 86 13.03 76.69 -19.65
CA GLY E 86 11.85 77.45 -19.97
C GLY E 86 11.40 77.18 -21.39
N GLN E 87 10.60 78.11 -21.93
CA GLN E 87 10.07 77.99 -23.28
C GLN E 87 11.12 78.46 -24.29
N TYR E 88 11.59 77.54 -25.13
CA TYR E 88 12.42 77.90 -26.27
C TYR E 88 11.56 77.87 -27.52
N THR E 89 11.39 79.03 -28.15
CA THR E 89 10.48 79.18 -29.27
C THR E 89 11.26 79.57 -30.53
N CYS E 90 10.86 78.99 -31.66
CA CYS E 90 11.39 79.37 -32.95
C CYS E 90 10.36 80.15 -33.75
N HIS E 91 10.84 81.10 -34.55
CA HIS E 91 9.97 82.04 -35.24
C HIS E 91 10.43 82.18 -36.70
N LYS E 92 9.61 82.88 -37.47
CA LYS E 92 9.95 83.21 -38.85
C LYS E 92 8.91 84.17 -39.41
N GLY E 93 9.34 85.39 -39.76
CA GLY E 93 8.42 86.40 -40.24
C GLY E 93 7.45 86.90 -39.21
N GLY E 94 7.79 86.81 -37.92
CA GLY E 94 6.91 87.21 -36.85
C GLY E 94 6.00 86.13 -36.32
N GLU E 95 5.80 85.05 -37.08
CA GLU E 95 4.97 83.95 -36.64
C GLU E 95 5.75 83.03 -35.70
N VAL E 96 5.01 82.37 -34.81
CA VAL E 96 5.58 81.33 -33.96
C VAL E 96 5.45 80.01 -34.68
N LEU E 97 6.57 79.34 -34.91
CA LEU E 97 6.57 78.07 -35.64
C LEU E 97 6.31 76.90 -34.72
N SER E 98 7.21 76.68 -33.74
CA SER E 98 7.09 75.58 -32.80
C SER E 98 7.35 76.10 -31.39
N HIS E 99 7.01 75.24 -30.43
CA HIS E 99 7.19 75.52 -29.01
C HIS E 99 7.96 74.35 -28.41
N SER E 100 8.85 74.65 -27.46
CA SER E 100 9.66 73.61 -26.84
C SER E 100 10.00 74.06 -25.42
N LEU E 101 9.23 73.55 -24.45
CA LEU E 101 9.46 73.84 -23.05
C LEU E 101 10.47 72.85 -22.47
N LEU E 102 11.45 73.36 -21.73
CA LEU E 102 12.49 72.53 -21.14
C LEU E 102 12.34 72.52 -19.63
N LEU E 103 12.33 71.31 -19.06
CA LEU E 103 12.27 71.11 -17.62
C LEU E 103 13.48 70.32 -17.17
N LEU E 104 13.80 70.44 -15.89
CA LEU E 104 15.01 69.86 -15.33
C LEU E 104 14.64 68.83 -14.27
N HIS E 105 15.31 67.68 -14.31
CA HIS E 105 15.12 66.61 -13.34
C HIS E 105 16.45 66.43 -12.62
N LYS E 106 16.52 66.93 -11.39
CA LYS E 106 17.78 66.93 -10.64
C LYS E 106 18.15 65.52 -10.21
N LYS E 107 19.40 65.14 -10.41
CA LYS E 107 19.98 63.94 -9.82
C LYS E 107 21.06 64.37 -8.86
N GLU E 108 20.83 64.16 -7.56
CA GLU E 108 21.71 64.65 -6.51
C GLU E 108 22.50 63.48 -5.95
N ASP E 109 23.75 63.35 -6.38
CA ASP E 109 24.63 62.29 -5.87
C ASP E 109 24.00 60.91 -6.11
N GLY E 110 23.32 60.76 -7.22
CA GLY E 110 22.76 59.49 -7.62
C GLY E 110 21.28 59.30 -7.36
N ILE E 111 20.62 60.28 -6.75
CA ILE E 111 19.20 60.19 -6.41
C ILE E 111 18.45 61.33 -7.08
N TRP E 112 17.25 61.03 -7.55
CA TRP E 112 16.41 62.07 -8.12
C TRP E 112 15.73 62.84 -7.00
N SER E 113 15.54 64.13 -7.22
CA SER E 113 15.01 65.01 -6.18
C SER E 113 13.55 64.69 -5.90
N THR E 114 13.17 64.73 -4.63
CA THR E 114 11.80 64.56 -4.17
C THR E 114 11.38 65.76 -3.34
N ASP E 115 11.83 66.95 -3.75
CA ASP E 115 11.63 68.16 -2.96
C ASP E 115 10.17 68.59 -2.93
N ILE E 116 9.38 68.21 -3.93
CA ILE E 116 8.01 68.73 -4.06
C ILE E 116 7.12 68.14 -2.98
N LEU E 117 7.03 66.81 -2.94
CA LEU E 117 6.14 66.13 -2.02
C LEU E 117 6.83 65.89 -0.68
N LYS E 118 6.01 65.68 0.36
CA LYS E 118 6.50 65.45 1.72
C LYS E 118 6.33 63.98 2.06
N ASP E 119 7.43 63.36 2.49
CA ASP E 119 7.42 61.95 2.86
C ASP E 119 6.43 61.70 3.99
N GLN E 120 5.42 60.87 3.71
CA GLN E 120 4.47 60.50 4.75
C GLN E 120 5.03 59.48 5.73
N LYS E 121 6.10 58.79 5.37
CA LYS E 121 6.80 57.84 6.24
C LYS E 121 5.92 56.68 6.68
N GLU E 122 4.70 56.58 6.16
CA GLU E 122 3.80 55.49 6.51
C GLU E 122 3.22 54.90 5.24
N PRO E 123 3.11 53.57 5.14
CA PRO E 123 3.46 52.58 6.17
C PRO E 123 4.97 52.43 6.38
N LYS E 124 5.76 53.05 5.51
CA LYS E 124 7.22 52.97 5.60
C LYS E 124 7.80 54.27 5.07
N ASN E 125 9.12 54.39 5.16
CA ASN E 125 9.78 55.57 4.64
C ASN E 125 9.68 55.63 3.12
N LYS E 126 9.89 56.83 2.59
CA LYS E 126 9.85 57.08 1.14
C LYS E 126 8.47 56.81 0.56
N THR E 127 7.43 57.07 1.34
CA THR E 127 6.05 56.89 0.89
C THR E 127 5.42 58.26 0.71
N PHE E 128 5.24 58.68 -0.54
CA PHE E 128 4.71 59.99 -0.86
C PHE E 128 3.25 59.95 -1.30
N LEU E 129 2.80 58.83 -1.84
CA LEU E 129 1.43 58.69 -2.32
C LEU E 129 0.68 57.70 -1.43
N ARG E 130 -0.49 58.11 -0.97
CA ARG E 130 -1.38 57.25 -0.21
C ARG E 130 -2.65 57.07 -1.02
N CYS E 131 -3.01 55.82 -1.29
CA CYS E 131 -4.19 55.50 -2.07
C CYS E 131 -5.20 54.75 -1.22
N GLU E 132 -6.49 55.03 -1.45
CA GLU E 132 -7.57 54.53 -0.61
C GLU E 132 -8.77 54.19 -1.49
N ALA E 133 -9.47 53.11 -1.14
CA ALA E 133 -10.64 52.68 -1.89
C ALA E 133 -11.77 52.32 -0.94
N LYS E 134 -12.97 52.81 -1.23
CA LYS E 134 -14.14 52.59 -0.38
C LYS E 134 -14.87 51.30 -0.69
N ASN E 135 -14.49 50.60 -1.75
CA ASN E 135 -15.18 49.38 -2.14
C ASN E 135 -14.34 48.68 -3.20
N TYR E 136 -14.88 47.57 -3.73
CA TYR E 136 -14.24 46.81 -4.79
C TYR E 136 -14.72 47.23 -6.17
N SER E 137 -15.41 48.37 -6.29
CA SER E 137 -15.98 48.79 -7.56
C SER E 137 -14.94 49.09 -8.62
N GLY E 138 -13.65 49.07 -8.28
CA GLY E 138 -12.62 49.51 -9.19
C GLY E 138 -12.27 50.98 -9.05
N ARG E 139 -13.04 51.74 -8.28
CA ARG E 139 -12.73 53.13 -7.99
C ARG E 139 -11.78 53.22 -6.81
N PHE E 140 -10.93 54.25 -6.83
CA PHE E 140 -10.04 54.51 -5.72
C PHE E 140 -9.59 55.96 -5.79
N THR E 141 -8.93 56.39 -4.71
CA THR E 141 -8.49 57.78 -4.57
C THR E 141 -7.09 57.79 -3.97
N CYS E 142 -6.22 58.62 -4.54
CA CYS E 142 -4.87 58.81 -4.03
C CYS E 142 -4.65 60.28 -3.68
N TRP E 143 -4.01 60.51 -2.54
CA TRP E 143 -3.76 61.86 -2.06
C TRP E 143 -2.30 62.00 -1.63
N TRP E 144 -1.80 63.22 -1.68
CA TRP E 144 -0.43 63.52 -1.27
C TRP E 144 -0.38 64.92 -0.70
N LEU E 145 0.77 65.24 -0.09
CA LEU E 145 0.95 66.50 0.61
C LEU E 145 2.14 67.26 0.02
N THR E 146 2.14 68.56 0.24
CA THR E 146 3.22 69.42 -0.21
C THR E 146 3.13 70.76 0.52
N THR E 147 4.26 71.47 0.57
CA THR E 147 4.31 72.81 1.14
C THR E 147 4.19 73.90 0.10
N ILE E 148 4.22 73.55 -1.18
CA ILE E 148 4.24 74.54 -2.26
C ILE E 148 2.82 75.04 -2.53
N SER E 149 2.73 76.30 -2.95
CA SER E 149 1.45 76.97 -3.15
C SER E 149 1.26 77.52 -4.56
N THR E 150 2.33 77.69 -5.34
CA THR E 150 2.23 78.37 -6.62
C THR E 150 3.02 77.61 -7.67
N ASP E 151 2.61 77.81 -8.94
CA ASP E 151 3.32 77.26 -10.09
C ASP E 151 3.54 75.75 -9.94
N LEU E 152 2.48 75.06 -9.53
CA LEU E 152 2.52 73.63 -9.25
C LEU E 152 1.54 72.92 -10.17
N THR E 153 2.00 71.85 -10.83
CA THR E 153 1.18 71.12 -11.79
C THR E 153 1.45 69.63 -11.66
N PHE E 154 0.37 68.84 -11.63
CA PHE E 154 0.45 67.39 -11.52
C PHE E 154 -0.23 66.71 -12.70
N SER E 155 0.32 65.55 -13.08
CA SER E 155 -0.25 64.72 -14.13
C SER E 155 -0.28 63.29 -13.64
N VAL E 156 -1.45 62.67 -13.70
CA VAL E 156 -1.68 61.34 -13.12
C VAL E 156 -1.94 60.34 -14.24
N LYS E 157 -1.34 59.17 -14.11
CA LYS E 157 -1.57 58.05 -15.03
C LYS E 157 -1.50 56.76 -14.23
N SER E 158 -2.31 55.79 -14.63
CA SER E 158 -2.35 54.52 -13.93
C SER E 158 -2.62 53.40 -14.93
N SER E 159 -2.52 52.16 -14.44
CA SER E 159 -2.72 50.97 -15.24
C SER E 159 -2.58 49.76 -14.32
N ARG E 160 -3.14 48.63 -14.73
CA ARG E 160 -2.97 47.37 -14.03
C ARG E 160 -2.02 46.50 -14.84
N GLY E 161 -0.85 46.22 -14.28
CA GLY E 161 0.16 45.46 -14.98
C GLY E 161 1.13 46.36 -15.72
N SER E 162 2.40 45.95 -15.78
CA SER E 162 3.43 46.68 -16.49
C SER E 162 3.69 46.11 -17.89
N SER E 163 3.97 44.81 -17.97
CA SER E 163 4.22 44.20 -19.28
C SER E 163 3.05 44.45 -20.23
N ASP E 164 1.84 44.08 -19.82
CA ASP E 164 0.62 44.29 -20.61
C ASP E 164 -0.36 45.10 -19.78
N PRO E 165 -0.25 46.43 -19.80
CA PRO E 165 -1.14 47.24 -18.97
C PRO E 165 -2.57 47.24 -19.49
N GLN E 166 -3.52 47.14 -18.56
CA GLN E 166 -4.94 47.24 -18.86
C GLN E 166 -5.42 48.67 -18.62
N GLY E 167 -6.61 48.96 -19.13
CA GLY E 167 -7.10 50.33 -19.12
C GLY E 167 -7.47 50.80 -17.73
N VAL E 168 -6.92 51.95 -17.32
CA VAL E 168 -7.28 52.60 -16.07
C VAL E 168 -7.37 54.10 -16.34
N THR E 169 -8.52 54.69 -16.04
CA THR E 169 -8.74 56.12 -16.25
C THR E 169 -8.51 56.87 -14.94
N CYS E 170 -7.77 57.97 -15.03
CA CYS E 170 -7.49 58.83 -13.89
C CYS E 170 -7.85 60.27 -14.24
N GLY E 171 -8.63 60.90 -13.37
CA GLY E 171 -9.09 62.26 -13.62
C GLY E 171 -8.04 63.31 -13.33
N ALA E 172 -8.46 64.44 -12.79
CA ALA E 172 -7.57 65.54 -12.47
C ALA E 172 -7.28 65.58 -10.97
N ALA E 173 -6.06 65.95 -10.62
CA ALA E 173 -5.67 66.14 -9.23
C ALA E 173 -6.00 67.57 -8.82
N THR E 174 -6.75 67.72 -7.73
CA THR E 174 -7.15 69.02 -7.23
C THR E 174 -6.90 69.10 -5.74
N LEU E 175 -6.92 70.32 -5.22
CA LEU E 175 -6.63 70.56 -3.80
C LEU E 175 -7.85 70.18 -2.99
N SER E 176 -7.66 69.25 -2.04
CA SER E 176 -8.73 68.74 -1.20
C SER E 176 -8.81 69.42 0.16
N ALA E 177 -7.67 69.77 0.76
CA ALA E 177 -7.68 70.34 2.10
C ALA E 177 -6.43 71.18 2.30
N GLU E 178 -6.52 72.13 3.22
CA GLU E 178 -5.41 72.98 3.63
C GLU E 178 -5.31 72.95 5.14
N ARG E 179 -4.09 72.94 5.65
CA ARG E 179 -3.87 72.94 7.09
C ARG E 179 -2.45 73.39 7.38
N VAL E 180 -2.21 73.78 8.64
CA VAL E 180 -0.90 74.24 9.09
C VAL E 180 -0.31 73.14 9.96
N ARG E 181 0.88 72.68 9.58
CA ARG E 181 1.62 71.67 10.34
C ARG E 181 3.07 72.12 10.43
N GLY E 182 3.56 72.31 11.66
CA GLY E 182 4.91 72.78 11.87
C GLY E 182 5.14 74.22 11.44
N ASP E 183 4.21 75.12 11.82
CA ASP E 183 4.36 76.56 11.57
C ASP E 183 4.65 76.85 10.09
N ASN E 184 4.01 76.08 9.22
CA ASN E 184 4.09 76.31 7.78
C ASN E 184 2.98 75.51 7.12
N LYS E 185 2.31 76.13 6.15
CA LYS E 185 1.11 75.53 5.59
C LYS E 185 1.42 74.18 4.95
N GLU E 186 0.38 73.36 4.81
CA GLU E 186 0.48 72.02 4.25
C GLU E 186 -0.73 71.82 3.33
N TYR E 187 -0.47 71.69 2.04
CA TYR E 187 -1.54 71.55 1.05
C TYR E 187 -1.71 70.09 0.66
N GLU E 188 -2.97 69.66 0.59
CA GLU E 188 -3.33 68.28 0.29
C GLU E 188 -3.97 68.22 -1.09
N TYR E 189 -3.42 67.38 -1.96
CA TYR E 189 -3.97 67.16 -3.29
C TYR E 189 -4.47 65.73 -3.40
N SER E 190 -5.66 65.56 -3.95
CA SER E 190 -6.28 64.25 -4.12
C SER E 190 -6.74 64.07 -5.56
N VAL E 191 -6.90 62.81 -5.96
CA VAL E 191 -7.28 62.47 -7.32
C VAL E 191 -8.05 61.16 -7.30
N GLU E 192 -9.04 61.04 -8.17
CA GLU E 192 -9.84 59.83 -8.30
C GLU E 192 -9.48 59.11 -9.59
N CYS E 193 -9.52 57.79 -9.54
CA CYS E 193 -9.30 56.95 -10.71
C CYS E 193 -10.34 55.82 -10.70
N GLN E 194 -10.36 55.07 -11.80
CA GLN E 194 -11.30 53.96 -11.95
C GLN E 194 -10.74 52.98 -12.96
N GLU E 195 -10.94 51.69 -12.70
CA GLU E 195 -10.55 50.65 -13.64
C GLU E 195 -11.61 50.54 -14.72
N ASP E 196 -11.17 50.57 -15.98
CA ASP E 196 -12.12 50.55 -17.09
C ASP E 196 -12.96 49.29 -17.08
N SER E 197 -12.32 48.13 -16.89
CA SER E 197 -13.01 46.83 -16.90
C SER E 197 -12.69 46.12 -15.59
N ALA E 198 -13.50 46.38 -14.57
CA ALA E 198 -13.24 45.86 -13.23
C ALA E 198 -13.88 44.49 -13.03
N CYS E 199 -13.41 43.80 -12.00
CA CYS E 199 -13.94 42.50 -11.59
C CYS E 199 -13.93 42.45 -10.07
N PRO E 200 -14.88 43.11 -9.42
CA PRO E 200 -14.82 43.24 -7.96
C PRO E 200 -14.61 41.92 -7.24
N ALA E 201 -15.32 40.86 -7.66
CA ALA E 201 -15.22 39.58 -6.98
C ALA E 201 -13.94 38.83 -7.33
N ALA E 202 -13.27 39.20 -8.42
CA ALA E 202 -12.10 38.45 -8.86
C ALA E 202 -10.94 38.58 -7.87
N GLU E 203 -10.04 37.62 -7.94
CA GLU E 203 -8.82 37.61 -7.11
C GLU E 203 -7.73 38.33 -7.89
N GLU E 204 -7.44 39.57 -7.49
CA GLU E 204 -6.45 40.37 -8.19
C GLU E 204 -5.11 39.65 -8.23
N SER E 205 -4.61 39.43 -9.44
CA SER E 205 -3.30 38.81 -9.64
C SER E 205 -2.23 39.82 -10.02
N LEU E 206 -2.59 40.88 -10.75
CA LEU E 206 -1.67 41.92 -11.13
C LEU E 206 -2.01 43.23 -10.40
N PRO E 207 -1.02 43.96 -9.88
CA PRO E 207 -1.32 45.13 -9.05
C PRO E 207 -1.66 46.34 -9.90
N ILE E 208 -2.15 47.37 -9.21
CA ILE E 208 -2.39 48.67 -9.83
C ILE E 208 -1.11 49.48 -9.76
N GLU E 209 -0.76 50.13 -10.87
CA GLU E 209 0.43 50.95 -10.96
C GLU E 209 0.01 52.40 -11.14
N VAL E 210 0.42 53.25 -10.21
CA VAL E 210 0.14 54.68 -10.26
C VAL E 210 1.42 55.42 -10.54
N MET E 211 1.40 56.30 -11.53
CA MET E 211 2.55 57.12 -11.90
C MET E 211 2.11 58.57 -11.90
N VAL E 212 2.90 59.42 -11.24
CA VAL E 212 2.58 60.84 -11.09
C VAL E 212 3.75 61.65 -11.61
N ASP E 213 3.45 62.62 -12.48
CA ASP E 213 4.43 63.59 -12.95
C ASP E 213 4.15 64.93 -12.29
N ALA E 214 5.15 65.47 -11.59
CA ALA E 214 5.01 66.71 -10.87
C ALA E 214 5.94 67.76 -11.46
N VAL E 215 5.47 69.01 -11.49
CA VAL E 215 6.21 70.12 -12.10
C VAL E 215 6.02 71.36 -11.24
N HIS E 216 7.11 71.86 -10.66
CA HIS E 216 7.11 73.12 -9.94
C HIS E 216 7.95 74.12 -10.74
N LYS E 217 7.31 75.15 -11.27
CA LYS E 217 7.99 76.15 -12.08
C LYS E 217 8.69 75.49 -13.27
N LEU E 218 9.91 75.01 -13.07
CA LEU E 218 10.63 74.29 -14.10
C LEU E 218 11.27 73.01 -13.58
N LYS E 219 11.06 72.66 -12.32
CA LYS E 219 11.62 71.44 -11.74
C LYS E 219 10.69 70.27 -12.00
N TYR E 220 11.25 69.16 -12.46
CA TYR E 220 10.50 67.95 -12.78
C TYR E 220 10.83 66.86 -11.78
N GLU E 221 9.80 66.22 -11.26
CA GLU E 221 9.95 65.03 -10.43
C GLU E 221 8.75 64.15 -10.71
N ASN E 222 8.96 62.84 -10.62
CA ASN E 222 7.85 61.91 -10.80
C ASN E 222 7.92 60.81 -9.76
N TYR E 223 6.74 60.41 -9.28
CA TYR E 223 6.59 59.42 -8.23
C TYR E 223 5.71 58.28 -8.72
N THR E 224 5.69 57.19 -7.95
CA THR E 224 4.95 56.00 -8.32
C THR E 224 4.37 55.35 -7.07
N SER E 225 3.58 54.30 -7.29
CA SER E 225 3.10 53.45 -6.22
C SER E 225 2.44 52.23 -6.85
N SER E 226 2.48 51.12 -6.12
CA SER E 226 1.93 49.86 -6.59
C SER E 226 1.14 49.21 -5.46
N PHE E 227 0.01 48.60 -5.80
CA PHE E 227 -0.87 48.05 -4.78
C PHE E 227 -2.02 47.31 -5.43
N PHE E 228 -2.59 46.37 -4.68
CA PHE E 228 -3.86 45.73 -5.02
C PHE E 228 -4.98 46.50 -4.34
N ILE E 229 -6.16 46.50 -4.99
CA ILE E 229 -7.30 47.22 -4.45
C ILE E 229 -7.66 46.67 -3.06
N ARG E 230 -7.71 45.34 -2.94
CA ARG E 230 -8.09 44.72 -1.68
C ARG E 230 -7.19 45.15 -0.52
N ASP E 231 -5.96 45.61 -0.81
CA ASP E 231 -5.02 46.00 0.24
C ASP E 231 -5.22 47.44 0.73
N ILE E 232 -5.84 48.30 -0.06
CA ILE E 232 -6.11 49.67 0.34
C ILE E 232 -7.58 49.87 0.69
N ILE E 233 -8.30 48.78 1.00
CA ILE E 233 -9.72 48.88 1.31
C ILE E 233 -9.90 49.64 2.61
N LYS E 234 -10.81 50.61 2.61
CA LYS E 234 -11.20 51.32 3.82
C LYS E 234 -12.67 51.69 3.69
N PRO E 235 -13.59 50.94 4.30
CA PRO E 235 -15.00 51.27 4.16
C PRO E 235 -15.35 52.57 4.86
N ASP E 236 -16.52 53.11 4.50
CA ASP E 236 -17.05 54.25 5.20
C ASP E 236 -17.65 53.83 6.53
N PRO E 237 -17.83 54.75 7.47
CA PRO E 237 -18.36 54.39 8.78
C PRO E 237 -19.75 53.79 8.67
N PRO E 238 -20.20 53.03 9.66
CA PRO E 238 -21.56 52.50 9.62
C PRO E 238 -22.59 53.62 9.47
N LYS E 239 -23.79 53.23 9.06
CA LYS E 239 -24.86 54.17 8.78
C LYS E 239 -26.01 53.96 9.74
N ASN E 240 -26.74 55.03 10.01
CA ASN E 240 -27.95 55.00 10.82
C ASN E 240 -27.73 54.26 12.14
N LEU E 241 -26.76 54.75 12.90
CA LEU E 241 -26.47 54.19 14.21
C LEU E 241 -27.56 54.60 15.19
N GLN E 242 -28.24 53.61 15.77
CA GLN E 242 -29.37 53.86 16.65
C GLN E 242 -29.17 53.12 17.97
N LEU E 243 -29.93 53.54 18.98
CA LEU E 243 -29.90 52.94 20.31
C LEU E 243 -31.31 52.65 20.77
N LYS E 244 -31.48 51.55 21.50
CA LYS E 244 -32.77 51.17 22.06
C LYS E 244 -32.57 50.85 23.54
N PRO E 245 -32.98 51.72 24.46
CA PRO E 245 -32.74 51.46 25.88
C PRO E 245 -33.68 50.38 26.43
N LEU E 246 -33.34 49.90 27.62
CA LEU E 246 -34.13 48.88 28.30
C LEU E 246 -34.02 49.02 29.81
N ARG E 250 -31.59 50.36 31.97
CA ARG E 250 -30.15 50.56 31.97
C ARG E 250 -29.52 49.96 30.71
N GLN E 251 -29.87 48.71 30.41
CA GLN E 251 -29.33 48.05 29.22
C GLN E 251 -29.75 48.80 27.96
N VAL E 252 -28.95 48.63 26.91
CA VAL E 252 -29.14 49.33 25.65
C VAL E 252 -28.98 48.34 24.50
N GLU E 253 -29.80 48.49 23.46
CA GLU E 253 -29.69 47.71 22.24
C GLU E 253 -29.25 48.62 21.10
N VAL E 254 -28.17 48.25 20.43
CA VAL E 254 -27.59 49.07 19.37
C VAL E 254 -27.95 48.45 18.03
N SER E 255 -28.01 49.29 16.99
CA SER E 255 -28.32 48.83 15.64
C SER E 255 -27.76 49.83 14.65
N TRP E 256 -27.40 49.32 13.47
CA TRP E 256 -26.83 50.15 12.41
C TRP E 256 -27.04 49.44 11.09
N GLU E 257 -26.50 50.04 10.02
CA GLU E 257 -26.67 49.53 8.67
C GLU E 257 -25.36 49.70 7.89
N TYR E 258 -25.21 48.90 6.84
CA TYR E 258 -24.07 49.03 5.97
C TYR E 258 -24.06 50.41 5.31
N PRO E 259 -22.88 50.98 5.05
CA PRO E 259 -22.83 52.29 4.38
C PRO E 259 -23.18 52.18 2.90
N ASP E 260 -23.68 53.29 2.35
CA ASP E 260 -24.13 53.30 0.97
C ASP E 260 -22.99 52.95 0.01
N THR E 261 -21.78 53.42 0.32
CA THR E 261 -20.66 53.28 -0.61
C THR E 261 -20.11 51.86 -0.68
N TRP E 262 -20.54 50.96 0.20
CA TRP E 262 -19.96 49.63 0.21
C TRP E 262 -20.43 48.83 -1.00
N SER E 263 -19.56 47.91 -1.45
CA SER E 263 -19.87 47.04 -2.58
C SER E 263 -21.17 46.31 -2.29
N THR E 264 -21.85 45.88 -3.35
CA THR E 264 -23.12 45.17 -3.23
C THR E 264 -23.10 44.00 -4.20
N PRO E 265 -23.86 42.94 -3.92
CA PRO E 265 -24.74 42.76 -2.77
C PRO E 265 -23.98 42.53 -1.46
N HIS E 266 -24.67 42.70 -0.34
CA HIS E 266 -24.03 42.57 0.97
C HIS E 266 -23.85 41.11 1.37
N SER E 267 -24.73 40.23 0.91
CA SER E 267 -24.60 38.81 1.23
C SER E 267 -23.26 38.27 0.74
N TYR E 268 -22.69 38.87 -0.31
CA TYR E 268 -21.39 38.46 -0.82
C TYR E 268 -20.27 39.28 -0.18
N PHE E 269 -20.32 40.61 -0.35
CA PHE E 269 -19.34 41.52 0.24
C PHE E 269 -19.78 41.83 1.67
N SER E 270 -19.46 40.91 2.56
CA SER E 270 -19.87 41.03 3.96
C SER E 270 -18.87 41.90 4.73
N LEU E 271 -19.25 42.23 5.96
CA LEU E 271 -18.44 43.05 6.83
C LEU E 271 -18.56 42.56 8.27
N THR E 272 -17.51 42.83 9.05
CA THR E 272 -17.53 42.66 10.49
C THR E 272 -17.44 44.02 11.16
N PHE E 273 -17.66 44.06 12.46
CA PHE E 273 -17.78 45.32 13.19
C PHE E 273 -17.09 45.22 14.54
N CYS E 274 -16.92 46.38 15.15
CA CYS E 274 -16.31 46.50 16.47
C CYS E 274 -17.05 47.60 17.22
N VAL E 275 -17.70 47.24 18.33
CA VAL E 275 -18.45 48.18 19.16
C VAL E 275 -17.60 48.53 20.38
N GLN E 276 -17.63 49.81 20.75
CA GLN E 276 -16.83 50.31 21.86
C GLN E 276 -17.66 51.27 22.70
N VAL E 277 -17.39 51.28 24.00
CA VAL E 277 -18.03 52.18 24.94
C VAL E 277 -16.93 52.94 25.68
N GLN E 278 -16.97 54.28 25.59
CA GLN E 278 -15.97 55.12 26.23
C GLN E 278 -16.51 56.53 26.45
N ARG E 288 -14.49 46.86 24.48
CA ARG E 288 -14.73 46.55 23.08
C ARG E 288 -15.37 45.18 22.89
N VAL E 289 -16.14 45.02 21.81
CA VAL E 289 -16.72 43.74 21.43
C VAL E 289 -16.79 43.71 19.91
N PHE E 290 -16.66 42.51 19.36
CA PHE E 290 -16.72 42.30 17.92
C PHE E 290 -17.88 41.38 17.58
N THR E 291 -18.42 41.55 16.37
CA THR E 291 -19.51 40.71 15.88
C THR E 291 -19.62 40.87 14.39
N ASP E 292 -20.35 39.94 13.77
CA ASP E 292 -20.66 40.02 12.35
C ASP E 292 -22.06 40.56 12.09
N LYS E 293 -22.80 40.91 13.14
CA LYS E 293 -24.18 41.35 13.01
C LYS E 293 -24.25 42.87 12.88
N THR E 294 -25.43 43.37 12.53
CA THR E 294 -25.72 44.79 12.52
C THR E 294 -26.41 45.26 13.80
N SER E 295 -26.25 44.50 14.88
CA SER E 295 -26.91 44.83 16.14
C SER E 295 -26.12 44.19 17.27
N ALA E 296 -26.27 44.76 18.47
CA ALA E 296 -25.56 44.28 19.64
C ALA E 296 -26.19 44.88 20.89
N THR E 297 -25.96 44.21 22.02
CA THR E 297 -26.44 44.66 23.33
C THR E 297 -25.24 44.89 24.22
N VAL E 298 -25.21 46.05 24.87
CA VAL E 298 -24.07 46.48 25.68
C VAL E 298 -24.59 47.10 26.97
N ILE E 299 -23.66 47.58 27.80
CA ILE E 299 -23.98 48.25 29.06
C ILE E 299 -23.62 49.71 28.92
N CYS E 300 -24.59 50.59 29.17
CA CYS E 300 -24.43 52.02 29.05
C CYS E 300 -24.21 52.66 30.42
N ARG E 301 -23.55 53.81 30.42
CA ARG E 301 -23.32 54.55 31.66
C ARG E 301 -23.29 56.04 31.34
N LYS E 302 -23.53 56.85 32.37
CA LYS E 302 -23.63 58.29 32.19
C LYS E 302 -22.31 58.87 31.69
N ASN E 303 -22.41 59.91 30.85
CA ASN E 303 -21.28 60.63 30.29
C ASN E 303 -20.39 59.76 29.41
N ALA E 304 -20.88 58.59 28.99
CA ALA E 304 -20.15 57.71 28.09
C ALA E 304 -20.67 57.86 26.66
N SER E 305 -19.89 57.32 25.73
CA SER E 305 -20.23 57.37 24.31
C SER E 305 -20.09 56.00 23.70
N ILE E 306 -20.97 55.69 22.75
CA ILE E 306 -20.91 54.43 22.00
C ILE E 306 -20.37 54.72 20.61
N SER E 307 -19.51 53.83 20.11
CA SER E 307 -18.90 53.99 18.80
C SER E 307 -18.78 52.63 18.15
N VAL E 308 -18.88 52.61 16.82
CA VAL E 308 -18.84 51.37 16.04
C VAL E 308 -18.10 51.63 14.73
N ARG E 309 -17.21 50.71 14.37
CA ARG E 309 -16.50 50.75 13.09
C ARG E 309 -16.56 49.37 12.46
N ALA E 310 -16.04 49.24 11.24
CA ALA E 310 -16.22 48.04 10.44
C ALA E 310 -14.95 47.69 9.69
N GLN E 311 -14.95 46.50 9.09
CA GLN E 311 -13.81 45.97 8.36
C GLN E 311 -14.30 44.81 7.50
N ASP E 312 -13.58 44.53 6.42
CA ASP E 312 -13.93 43.39 5.59
C ASP E 312 -13.91 42.11 6.42
N ARG E 313 -15.00 41.34 6.35
CA ARG E 313 -15.15 40.17 7.21
C ARG E 313 -14.11 39.10 6.89
N TYR E 314 -13.63 39.05 5.66
CA TYR E 314 -12.78 37.96 5.20
C TYR E 314 -11.36 38.36 4.84
N TYR E 315 -11.05 39.66 4.84
CA TYR E 315 -9.72 40.14 4.52
C TYR E 315 -9.32 41.21 5.54
N SER E 316 -8.09 41.13 6.03
CA SER E 316 -7.61 42.05 7.06
C SER E 316 -7.13 43.35 6.42
N SER E 317 -8.08 44.13 5.94
CA SER E 317 -7.79 45.43 5.35
C SER E 317 -7.94 46.50 6.44
N SER E 318 -8.04 47.76 6.04
CA SER E 318 -8.08 48.86 6.99
C SER E 318 -9.48 49.03 7.59
N TRP E 319 -9.52 49.43 8.85
CA TRP E 319 -10.78 49.71 9.53
C TRP E 319 -11.33 51.07 9.11
N SER E 320 -12.63 51.25 9.30
CA SER E 320 -13.29 52.50 8.99
C SER E 320 -13.28 53.41 10.21
N GLU E 321 -13.56 54.69 9.96
CA GLU E 321 -13.62 55.66 11.04
C GLU E 321 -14.84 55.42 11.91
N TRP E 322 -14.71 55.77 13.19
CA TRP E 322 -15.77 55.51 14.15
C TRP E 322 -17.05 56.24 13.76
N ALA E 323 -18.18 55.60 14.05
CA ALA E 323 -19.50 56.22 13.99
C ALA E 323 -20.06 56.28 15.40
N SER E 324 -20.25 57.49 15.92
CA SER E 324 -20.46 57.71 17.35
C SER E 324 -21.88 58.21 17.62
N VAL E 325 -22.37 57.85 18.80
CA VAL E 325 -23.63 58.38 19.33
C VAL E 325 -23.48 58.48 20.85
N PRO E 326 -23.79 59.61 21.48
CA PRO E 326 -23.63 59.70 22.94
C PRO E 326 -24.56 58.73 23.65
N CYS E 327 -24.15 58.29 24.82
CA CYS E 327 -24.97 57.42 25.65
C CYS E 327 -25.68 58.25 26.72
N SER E 328 -26.79 57.72 27.21
CA SER E 328 -27.64 58.44 28.16
C SER E 328 -28.17 59.72 27.54
N PRO F 28 -23.74 20.20 -2.80
CA PRO F 28 -23.02 21.46 -2.58
C PRO F 28 -22.66 21.68 -1.11
N ALA F 29 -23.66 21.63 -0.22
CA ALA F 29 -23.45 21.82 1.21
C ALA F 29 -22.96 23.24 1.51
N TRP F 30 -23.83 24.22 1.20
CA TRP F 30 -23.44 25.62 1.29
C TRP F 30 -23.17 26.03 2.73
N THR F 31 -24.14 25.80 3.63
CA THR F 31 -24.00 26.26 5.00
C THR F 31 -22.74 25.73 5.66
N GLN F 32 -22.32 24.51 5.31
CA GLN F 32 -21.16 23.91 5.96
C GLN F 32 -19.85 24.45 5.39
N CYS F 33 -19.82 24.73 4.08
CA CYS F 33 -18.63 25.32 3.48
C CYS F 33 -18.41 26.73 4.00
N GLN F 34 -19.49 27.48 4.23
CA GLN F 34 -19.35 28.84 4.75
C GLN F 34 -18.60 28.84 6.07
N GLN F 35 -19.04 28.01 7.02
CA GLN F 35 -18.38 27.97 8.32
C GLN F 35 -16.91 27.62 8.21
N LEU F 36 -16.54 26.79 7.23
CA LEU F 36 -15.15 26.39 7.07
C LEU F 36 -14.35 27.47 6.35
N SER F 37 -14.88 28.01 5.26
CA SER F 37 -14.21 29.09 4.56
C SER F 37 -13.96 30.27 5.50
N GLN F 38 -14.85 30.50 6.46
CA GLN F 38 -14.66 31.59 7.41
C GLN F 38 -13.52 31.28 8.38
N LYS F 39 -13.40 30.01 8.82
CA LYS F 39 -12.29 29.63 9.67
C LYS F 39 -10.97 29.65 8.92
N LEU F 40 -10.99 29.44 7.60
CA LEU F 40 -9.76 29.52 6.82
C LEU F 40 -9.20 30.94 6.85
N CYS F 41 -10.04 31.94 6.56
CA CYS F 41 -9.57 33.32 6.57
C CYS F 41 -8.98 33.69 7.92
N THR F 42 -9.60 33.25 9.01
CA THR F 42 -9.09 33.57 10.33
C THR F 42 -7.69 32.98 10.54
N LEU F 43 -7.52 31.69 10.21
CA LEU F 43 -6.21 31.06 10.38
C LEU F 43 -5.18 31.63 9.42
N ALA F 44 -5.59 31.94 8.19
CA ALA F 44 -4.66 32.45 7.18
C ALA F 44 -3.99 33.74 7.64
N TRP F 45 -4.71 34.58 8.39
CA TRP F 45 -4.18 35.86 8.84
C TRP F 45 -3.51 35.77 10.20
N SER F 46 -3.35 34.57 10.75
CA SER F 46 -2.64 34.39 12.03
C SER F 46 -1.15 34.20 11.73
N ALA F 47 -0.48 35.32 11.49
CA ALA F 47 0.95 35.35 11.24
C ALA F 47 1.62 36.32 12.21
N HIS F 48 2.94 36.49 12.06
CA HIS F 48 3.72 37.29 12.99
C HIS F 48 4.77 38.13 12.26
N PRO F 49 5.60 37.54 11.39
CA PRO F 49 6.66 38.32 10.75
C PRO F 49 6.11 39.33 9.74
N LEU F 50 6.90 40.38 9.52
CA LEU F 50 6.53 41.47 8.61
C LEU F 50 7.80 42.15 8.13
N VAL F 51 8.00 42.18 6.80
CA VAL F 51 9.21 42.72 6.18
C VAL F 51 8.82 43.39 4.87
N GLY F 52 9.76 44.16 4.32
CA GLY F 52 9.65 44.66 2.96
C GLY F 52 10.33 43.75 1.96
N HIS F 53 9.57 42.88 1.30
CA HIS F 53 10.10 41.84 0.42
C HIS F 53 10.96 42.45 -0.69
N MET F 54 11.57 41.58 -1.52
CA MET F 54 12.40 42.03 -2.62
C MET F 54 12.78 40.85 -3.51
N VAL F 68 0.58 30.16 -11.40
CA VAL F 68 -0.25 30.19 -10.21
C VAL F 68 -1.73 30.36 -10.58
N PRO F 69 -2.62 29.58 -9.96
CA PRO F 69 -4.05 29.72 -10.25
C PRO F 69 -4.70 30.83 -9.44
N HIS F 70 -5.62 31.54 -10.08
CA HIS F 70 -6.37 32.61 -9.43
C HIS F 70 -7.83 32.55 -9.86
N ILE F 71 -8.69 33.16 -9.04
CA ILE F 71 -10.10 33.33 -9.39
C ILE F 71 -10.19 34.59 -10.24
N GLN F 72 -10.24 34.41 -11.55
CA GLN F 72 -10.15 35.53 -12.48
C GLN F 72 -11.55 35.94 -12.97
N CYS F 73 -11.58 37.07 -13.66
CA CYS F 73 -12.82 37.57 -14.25
C CYS F 73 -13.45 36.49 -15.11
N GLY F 74 -14.77 36.42 -15.09
CA GLY F 74 -15.50 35.47 -15.91
C GLY F 74 -15.46 34.04 -15.42
N ASP F 75 -14.60 33.70 -14.46
CA ASP F 75 -14.55 32.35 -13.93
C ASP F 75 -15.89 31.88 -13.37
N GLY F 76 -16.85 32.78 -13.21
CA GLY F 76 -18.16 32.43 -12.72
C GLY F 76 -18.37 32.63 -11.24
N CYS F 77 -17.41 33.23 -10.54
CA CYS F 77 -17.51 33.43 -9.09
C CYS F 77 -18.18 34.75 -8.71
N ASP F 78 -18.74 35.46 -9.67
CA ASP F 78 -19.49 36.66 -9.33
C ASP F 78 -20.93 36.31 -8.98
N PRO F 79 -21.63 37.16 -8.23
CA PRO F 79 -22.99 36.82 -7.80
C PRO F 79 -23.93 36.43 -8.93
N GLN F 80 -23.92 37.16 -10.04
CA GLN F 80 -24.79 36.82 -11.17
C GLN F 80 -24.43 35.45 -11.73
N GLY F 81 -23.14 35.21 -11.97
CA GLY F 81 -22.72 33.93 -12.51
C GLY F 81 -23.09 32.76 -11.62
N LEU F 82 -23.03 32.95 -10.30
CA LEU F 82 -23.42 31.89 -9.38
C LEU F 82 -24.92 31.59 -9.48
N ARG F 83 -25.73 32.62 -9.72
CA ARG F 83 -27.16 32.40 -9.95
C ARG F 83 -27.39 31.68 -11.27
N ASP F 84 -26.54 31.94 -12.28
CA ASP F 84 -26.66 31.24 -13.56
C ASP F 84 -26.16 29.80 -13.43
N ASN F 85 -24.88 29.63 -13.11
CA ASN F 85 -24.30 28.31 -12.93
C ASN F 85 -23.11 28.44 -12.00
N SER F 86 -23.24 27.93 -10.78
CA SER F 86 -22.17 28.04 -9.79
C SER F 86 -21.12 26.95 -9.92
N GLN F 87 -21.42 25.86 -10.65
CA GLN F 87 -20.46 24.77 -10.79
C GLN F 87 -19.11 25.28 -11.28
N PHE F 88 -19.13 26.19 -12.26
CA PHE F 88 -17.88 26.69 -12.85
C PHE F 88 -16.96 27.27 -11.78
N CYS F 89 -17.51 28.12 -10.91
CA CYS F 89 -16.69 28.73 -9.86
C CYS F 89 -16.11 27.66 -8.95
N LEU F 90 -16.95 26.74 -8.48
CA LEU F 90 -16.49 25.73 -7.53
C LEU F 90 -15.41 24.84 -8.11
N GLN F 91 -15.33 24.73 -9.44
CA GLN F 91 -14.26 23.95 -10.06
C GLN F 91 -12.92 24.65 -9.90
N ARG F 92 -12.87 25.96 -10.22
CA ARG F 92 -11.64 26.72 -10.01
C ARG F 92 -11.22 26.69 -8.55
N ILE F 93 -12.19 26.84 -7.64
CA ILE F 93 -11.87 26.83 -6.21
C ILE F 93 -11.23 25.51 -5.82
N HIS F 94 -11.83 24.39 -6.25
CA HIS F 94 -11.27 23.09 -5.94
C HIS F 94 -9.83 22.99 -6.43
N GLN F 95 -9.55 23.51 -7.63
CA GLN F 95 -8.17 23.53 -8.11
C GLN F 95 -7.28 24.29 -7.14
N GLY F 96 -7.66 25.53 -6.81
CA GLY F 96 -6.81 26.36 -5.96
C GLY F 96 -6.54 25.73 -4.60
N LEU F 97 -7.60 25.21 -3.97
CA LEU F 97 -7.41 24.53 -2.69
C LEU F 97 -6.38 23.41 -2.81
N ILE F 98 -6.57 22.52 -3.78
CA ILE F 98 -5.60 21.45 -4.00
C ILE F 98 -4.21 22.04 -4.25
N PHE F 99 -4.15 23.16 -4.97
CA PHE F 99 -2.87 23.77 -5.28
C PHE F 99 -2.16 24.21 -4.00
N TYR F 100 -2.80 25.09 -3.24
CA TYR F 100 -2.21 25.52 -1.97
C TYR F 100 -2.03 24.35 -1.01
N GLU F 101 -2.88 23.32 -1.13
CA GLU F 101 -2.72 22.13 -0.30
C GLU F 101 -1.40 21.44 -0.58
N LYS F 102 -1.01 21.39 -1.86
CA LYS F 102 0.28 20.79 -2.21
C LYS F 102 1.44 21.64 -1.72
N LEU F 103 1.26 22.96 -1.67
CA LEU F 103 2.35 23.84 -1.24
C LEU F 103 2.64 23.67 0.25
N LEU F 104 1.66 24.02 1.09
CA LEU F 104 1.85 23.98 2.55
C LEU F 104 2.33 22.61 3.02
N GLY F 105 2.29 21.61 2.13
CA GLY F 105 2.82 20.29 2.41
C GLY F 105 4.11 19.98 1.67
N SER F 106 4.77 21.02 1.17
CA SER F 106 6.04 20.87 0.47
C SER F 106 7.19 21.14 1.45
N ASP F 107 8.42 21.14 0.92
CA ASP F 107 9.59 21.50 1.73
C ASP F 107 9.61 22.99 2.04
N ILE F 108 8.82 23.80 1.35
CA ILE F 108 8.79 25.23 1.60
C ILE F 108 8.43 25.49 3.06
N PHE F 109 7.40 24.81 3.55
CA PHE F 109 6.92 25.04 4.91
C PHE F 109 7.41 24.01 5.89
N THR F 110 7.73 22.79 5.44
CA THR F 110 8.20 21.77 6.36
C THR F 110 9.70 21.87 6.60
N GLY F 111 10.46 22.25 5.58
CA GLY F 111 11.90 22.36 5.69
C GLY F 111 12.33 23.52 6.59
N GLU F 112 13.62 23.49 6.94
CA GLU F 112 14.16 24.57 7.74
C GLU F 112 14.15 25.87 6.93
N PRO F 113 13.82 27.01 7.54
CA PRO F 113 13.56 27.31 8.95
C PRO F 113 12.41 26.52 9.57
N SER F 114 12.67 25.88 10.70
CA SER F 114 11.64 25.13 11.40
C SER F 114 10.61 26.09 12.00
N LEU F 115 9.35 25.67 11.96
CA LEU F 115 8.26 26.51 12.47
C LEU F 115 7.97 26.18 13.93
N LEU F 116 7.15 27.03 14.55
CA LEU F 116 6.77 26.88 15.94
C LEU F 116 5.32 26.41 16.06
N PRO F 117 4.94 25.79 17.18
CA PRO F 117 3.55 25.34 17.33
C PRO F 117 2.54 26.47 17.20
N ASP F 118 2.96 27.72 17.37
CA ASP F 118 2.09 28.86 17.06
C ASP F 118 1.67 28.86 15.59
N SER F 119 2.41 28.17 14.73
CA SER F 119 2.14 28.16 13.30
C SER F 119 0.76 27.59 13.03
N PRO F 120 -0.18 28.36 12.48
CA PRO F 120 -1.47 27.79 12.10
C PRO F 120 -1.42 26.95 10.83
N VAL F 121 -0.22 26.77 10.26
CA VAL F 121 -0.11 26.07 8.98
C VAL F 121 -0.67 24.66 9.09
N GLY F 122 -0.34 23.95 10.17
CA GLY F 122 -0.86 22.61 10.34
C GLY F 122 -2.38 22.57 10.30
N GLN F 123 -3.02 23.42 11.10
CA GLN F 123 -4.47 23.54 11.04
C GLN F 123 -4.93 24.07 9.68
N LEU F 124 -4.17 25.01 9.12
CA LEU F 124 -4.54 25.60 7.84
C LEU F 124 -4.43 24.59 6.71
N HIS F 125 -3.38 23.78 6.71
CA HIS F 125 -3.24 22.75 5.68
C HIS F 125 -4.40 21.77 5.71
N ALA F 126 -4.77 21.32 6.91
CA ALA F 126 -5.88 20.36 7.04
C ALA F 126 -7.21 21.00 6.69
N SER F 127 -7.38 22.28 7.03
CA SER F 127 -8.62 22.98 6.68
C SER F 127 -8.81 23.00 5.16
N LEU F 128 -7.77 23.43 4.43
CA LEU F 128 -7.83 23.39 2.97
C LEU F 128 -8.22 22.00 2.49
N LEU F 129 -7.57 20.97 3.04
CA LEU F 129 -7.77 19.61 2.57
C LEU F 129 -9.20 19.13 2.83
N GLY F 130 -9.75 19.44 4.01
CA GLY F 130 -11.11 19.03 4.30
C GLY F 130 -12.13 19.73 3.44
N LEU F 131 -11.91 21.03 3.17
CA LEU F 131 -12.84 21.77 2.33
C LEU F 131 -12.92 21.19 0.92
N SER F 132 -11.81 20.64 0.42
CA SER F 132 -11.85 19.98 -0.89
C SER F 132 -12.76 18.76 -0.86
N GLN F 133 -12.62 17.92 0.17
CA GLN F 133 -13.57 16.84 0.38
C GLN F 133 -15.00 17.35 0.39
N LEU F 134 -15.23 18.46 1.08
CA LEU F 134 -16.58 19.02 1.17
C LEU F 134 -17.13 19.36 -0.20
N LEU F 135 -16.34 20.05 -1.03
CA LEU F 135 -16.82 20.46 -2.35
C LEU F 135 -17.24 19.26 -3.19
N GLN F 136 -16.40 18.23 -3.22
CA GLN F 136 -16.71 17.02 -3.97
C GLN F 136 -15.76 15.91 -3.53
N PRO F 137 -16.24 14.89 -2.81
CA PRO F 137 -15.36 13.76 -2.45
C PRO F 137 -14.82 13.01 -3.67
N GLU F 138 -13.97 13.70 -4.45
CA GLU F 138 -13.38 13.13 -5.66
C GLU F 138 -12.54 14.19 -6.39
N GLY F 139 -11.36 13.79 -6.87
CA GLY F 139 -10.49 14.71 -7.58
C GLY F 139 -9.22 14.06 -8.10
N HIS F 140 -8.16 14.84 -8.22
CA HIS F 140 -6.87 14.31 -8.68
C HIS F 140 -5.78 15.36 -8.50
N HIS F 141 -4.67 14.98 -7.85
CA HIS F 141 -3.55 15.88 -7.59
C HIS F 141 -2.24 15.13 -7.87
N TRP F 142 -2.10 14.61 -9.09
CA TRP F 142 -0.90 13.90 -9.51
C TRP F 142 0.15 14.80 -10.15
N GLU F 143 -0.21 16.04 -10.50
CA GLU F 143 0.76 16.98 -11.05
C GLU F 143 1.63 17.56 -9.94
N THR F 144 2.87 17.88 -10.29
CA THR F 144 3.84 18.46 -9.36
C THR F 144 3.72 19.97 -9.24
N GLN F 145 2.50 20.50 -9.18
CA GLN F 145 2.28 21.94 -9.12
C GLN F 145 2.52 22.44 -7.69
N SER F 149 5.68 23.19 -9.76
CA SER F 149 6.38 23.61 -8.55
C SER F 149 7.89 23.66 -8.80
N LEU F 150 8.59 24.46 -7.99
CA LEU F 150 10.05 24.60 -8.08
C LEU F 150 10.58 24.73 -6.65
N SER F 151 11.09 23.64 -6.11
CA SER F 151 11.55 23.65 -4.72
C SER F 151 12.74 24.60 -4.57
N PRO F 152 12.86 25.33 -3.44
CA PRO F 152 14.02 26.21 -3.25
C PRO F 152 15.13 25.55 -2.45
N SER F 153 16.26 26.24 -2.33
CA SER F 153 17.47 25.67 -1.73
C SER F 153 17.76 26.32 -0.39
N GLN F 154 18.17 27.59 -0.37
CA GLN F 154 18.60 28.22 0.87
C GLN F 154 17.41 28.47 1.79
N PRO F 155 17.59 28.36 3.11
CA PRO F 155 16.46 28.61 4.02
C PRO F 155 15.87 30.00 3.86
N TRP F 156 16.71 31.02 3.65
CA TRP F 156 16.20 32.37 3.48
C TRP F 156 15.19 32.44 2.34
N GLN F 157 15.49 31.77 1.21
CA GLN F 157 14.56 31.76 0.09
C GLN F 157 13.24 31.12 0.49
N ARG F 158 13.28 29.97 1.16
CA ARG F 158 12.06 29.33 1.66
C ARG F 158 11.22 30.33 2.46
N LEU F 159 11.86 31.05 3.38
CA LEU F 159 11.14 31.96 4.25
C LEU F 159 10.47 33.08 3.48
N LEU F 160 11.11 33.55 2.40
CA LEU F 160 10.52 34.63 1.61
C LEU F 160 9.27 34.16 0.88
N LEU F 161 9.24 32.90 0.44
CA LEU F 161 8.09 32.42 -0.31
C LEU F 161 6.88 32.21 0.60
N ARG F 162 7.10 31.69 1.81
CA ARG F 162 6.00 31.60 2.77
C ARG F 162 5.30 32.94 2.90
N PHE F 163 6.08 34.01 3.04
CA PHE F 163 5.50 35.35 3.15
C PHE F 163 4.68 35.70 1.90
N LYS F 164 5.16 35.29 0.72
CA LYS F 164 4.47 35.60 -0.52
C LYS F 164 3.27 34.69 -0.75
N ILE F 165 3.41 33.40 -0.42
CA ILE F 165 2.31 32.46 -0.59
C ILE F 165 1.15 32.83 0.32
N LEU F 166 1.45 33.22 1.57
CA LEU F 166 0.38 33.47 2.53
C LEU F 166 -0.44 34.69 2.16
N ARG F 167 0.21 35.75 1.69
CA ARG F 167 -0.55 36.95 1.33
C ARG F 167 -1.33 36.78 0.05
N SER F 168 -0.97 35.80 -0.78
CA SER F 168 -1.82 35.42 -1.90
C SER F 168 -2.94 34.49 -1.45
N LEU F 169 -2.61 33.49 -0.64
CA LEU F 169 -3.63 32.60 -0.09
C LEU F 169 -4.72 33.39 0.61
N GLN F 170 -4.34 34.41 1.38
CA GLN F 170 -5.31 35.24 2.08
C GLN F 170 -6.32 35.84 1.10
N ALA F 171 -5.87 36.17 -0.12
CA ALA F 171 -6.78 36.73 -1.11
C ALA F 171 -7.66 35.65 -1.74
N PHE F 172 -7.16 34.43 -1.84
CA PHE F 172 -7.91 33.36 -2.48
C PHE F 172 -9.07 32.91 -1.60
N VAL F 173 -8.79 32.50 -0.37
CA VAL F 173 -9.85 32.04 0.52
C VAL F 173 -10.87 33.13 0.75
N ALA F 174 -10.44 34.40 0.74
CA ALA F 174 -11.39 35.49 0.95
C ALA F 174 -12.49 35.46 -0.10
N VAL F 175 -12.12 35.33 -1.36
CA VAL F 175 -13.11 35.25 -2.43
C VAL F 175 -14.02 34.05 -2.24
N ALA F 176 -13.43 32.90 -1.89
CA ALA F 176 -14.23 31.69 -1.72
C ALA F 176 -15.25 31.86 -0.60
N ALA F 177 -14.83 32.43 0.54
CA ALA F 177 -15.75 32.62 1.66
C ALA F 177 -16.92 33.51 1.27
N ARG F 178 -16.66 34.56 0.49
CA ARG F 178 -17.74 35.38 -0.03
C ARG F 178 -18.70 34.54 -0.86
N VAL F 179 -18.17 33.60 -1.65
CA VAL F 179 -19.02 32.74 -2.47
C VAL F 179 -19.92 31.90 -1.57
N PHE F 180 -19.31 31.14 -0.65
CA PHE F 180 -20.11 30.27 0.21
C PHE F 180 -21.04 31.06 1.11
N ALA F 181 -20.71 32.31 1.42
CA ALA F 181 -21.59 33.14 2.23
C ALA F 181 -22.79 33.62 1.43
N HIS F 182 -22.59 33.94 0.15
CA HIS F 182 -23.68 34.36 -0.70
C HIS F 182 -24.55 33.18 -1.12
N GLY F 183 -23.93 32.03 -1.37
CA GLY F 183 -24.70 30.87 -1.79
C GLY F 183 -25.59 30.31 -0.68
N ALA F 184 -25.07 30.28 0.55
CA ALA F 184 -25.84 29.74 1.67
C ALA F 184 -27.01 30.65 2.05
N ALA F 185 -26.96 31.93 1.70
CA ALA F 185 -28.01 32.87 2.03
C ALA F 185 -29.08 32.99 0.95
N THR F 186 -28.78 32.59 -0.29
CA THR F 186 -29.72 32.69 -1.40
C THR F 186 -29.99 31.32 -2.03
N LEU F 187 -28.97 30.62 -2.51
CA LEU F 187 -29.15 29.34 -3.17
C LEU F 187 -29.57 28.22 -2.22
N SER F 188 -29.60 28.48 -0.90
CA SER F 188 -30.04 27.48 0.06
C SER F 188 -31.56 27.58 0.20
N PRO F 189 -32.33 26.60 -0.30
CA PRO F 189 -33.80 26.70 -0.22
C PRO F 189 -34.31 26.76 1.21
N ILE G 23 21.76 -2.03 30.73
CA ILE G 23 21.68 -1.83 32.17
C ILE G 23 22.89 -1.05 32.66
N TRP G 24 22.68 -0.18 33.64
CA TRP G 24 23.76 0.62 34.21
C TRP G 24 23.40 1.00 35.64
N GLU G 25 24.43 1.18 36.45
CA GLU G 25 24.27 1.42 37.88
C GLU G 25 24.02 2.89 38.14
N LEU G 26 22.86 3.21 38.74
CA LEU G 26 22.60 4.59 39.15
C LEU G 26 23.38 4.95 40.41
N LYS G 27 23.48 4.03 41.35
CA LYS G 27 24.32 4.19 42.54
C LYS G 27 24.53 2.81 43.15
N LYS G 28 25.15 2.78 44.33
CA LYS G 28 25.52 1.52 44.96
C LYS G 28 24.32 0.59 45.07
N ASP G 29 24.43 -0.60 44.46
CA ASP G 29 23.38 -1.63 44.51
C ASP G 29 22.05 -1.10 43.99
N VAL G 30 22.08 -0.23 43.00
CA VAL G 30 20.89 0.27 42.31
C VAL G 30 21.21 0.36 40.83
N TYR G 31 20.31 -0.16 40.01
CA TYR G 31 20.56 -0.27 38.58
C TYR G 31 19.31 0.10 37.81
N VAL G 32 19.50 0.64 36.61
CA VAL G 32 18.40 1.02 35.73
C VAL G 32 18.47 0.17 34.49
N VAL G 33 17.30 -0.23 33.98
CA VAL G 33 17.19 -1.01 32.77
C VAL G 33 16.38 -0.18 31.78
N GLU G 34 16.96 0.09 30.63
CA GLU G 34 16.28 0.80 29.56
C GLU G 34 15.48 -0.19 28.72
N LEU G 35 14.19 0.11 28.53
CA LEU G 35 13.29 -0.80 27.84
C LEU G 35 12.51 -0.05 26.78
N ASP G 36 12.28 -0.72 25.65
CA ASP G 36 11.41 -0.23 24.60
C ASP G 36 9.98 -0.62 24.95
N TRP G 37 9.16 0.37 25.29
CA TRP G 37 7.85 0.12 25.89
C TRP G 37 6.79 0.01 24.81
N TYR G 38 6.38 -1.22 24.49
CA TYR G 38 5.32 -1.46 23.52
C TYR G 38 4.66 -2.78 23.86
N PRO G 39 3.40 -2.98 23.46
CA PRO G 39 2.66 -4.18 23.88
C PRO G 39 3.43 -5.46 23.66
N ASP G 40 3.43 -6.32 24.67
CA ASP G 40 4.06 -7.65 24.60
C ASP G 40 5.53 -7.56 24.21
N ALA G 41 6.18 -6.46 24.57
CA ALA G 41 7.60 -6.33 24.30
C ALA G 41 8.37 -7.37 25.11
N PRO G 42 9.42 -7.98 24.54
CA PRO G 42 10.16 -8.99 25.29
C PRO G 42 11.03 -8.40 26.39
N GLY G 43 11.34 -7.10 26.32
CA GLY G 43 12.21 -6.49 27.29
C GLY G 43 13.67 -6.78 27.03
N GLU G 44 14.42 -7.06 28.10
CA GLU G 44 15.84 -7.36 27.96
C GLU G 44 16.20 -8.49 28.91
N MET G 45 17.30 -9.18 28.58
CA MET G 45 17.85 -10.22 29.44
C MET G 45 18.91 -9.60 30.34
N VAL G 46 18.75 -9.80 31.64
CA VAL G 46 19.66 -9.26 32.65
C VAL G 46 20.20 -10.42 33.47
N VAL G 47 21.50 -10.37 33.77
CA VAL G 47 22.16 -11.36 34.61
C VAL G 47 22.66 -10.65 35.85
N LEU G 48 22.13 -11.04 37.01
CA LEU G 48 22.55 -10.48 38.29
C LEU G 48 23.57 -11.41 38.93
N THR G 49 24.56 -10.82 39.60
CA THR G 49 25.60 -11.58 40.26
C THR G 49 25.63 -11.22 41.74
N CYS G 50 25.57 -12.24 42.59
CA CYS G 50 25.58 -12.04 44.04
C CYS G 50 26.96 -11.54 44.48
N ASP G 51 26.99 -10.35 45.08
CA ASP G 51 28.25 -9.81 45.59
C ASP G 51 28.73 -10.62 46.78
N THR G 52 29.52 -11.66 46.53
CA THR G 52 29.97 -12.57 47.58
C THR G 52 31.11 -13.43 47.07
N PRO G 53 32.00 -13.91 47.95
CA PRO G 53 33.00 -14.89 47.50
C PRO G 53 32.48 -16.31 47.41
N GLU G 54 31.31 -16.61 47.99
CA GLU G 54 30.78 -17.96 47.99
C GLU G 54 30.27 -18.33 46.60
N GLU G 55 29.91 -19.61 46.45
CA GLU G 55 29.41 -20.12 45.16
C GLU G 55 28.30 -21.15 45.32
N ASP G 56 28.40 -22.02 46.33
CA ASP G 56 27.51 -23.16 46.49
C ASP G 56 26.38 -22.85 47.47
N GLY G 57 25.20 -23.37 47.17
CA GLY G 57 24.06 -23.23 48.06
C GLY G 57 23.43 -21.85 48.09
N ILE G 58 23.46 -21.14 46.96
CA ILE G 58 22.93 -19.78 46.87
C ILE G 58 21.51 -19.82 46.32
N THR G 59 20.67 -18.91 46.82
CA THR G 59 19.28 -18.81 46.38
C THR G 59 18.89 -17.35 46.29
N TRP G 60 18.09 -17.02 45.27
CA TRP G 60 17.67 -15.66 45.01
C TRP G 60 16.19 -15.49 45.37
N THR G 61 15.84 -14.28 45.81
CA THR G 61 14.46 -13.92 46.11
C THR G 61 14.23 -12.47 45.72
N LEU G 62 12.95 -12.11 45.58
CA LEU G 62 12.56 -10.78 45.15
C LEU G 62 11.68 -10.14 46.21
N ASP G 63 12.03 -8.90 46.58
CA ASP G 63 11.24 -8.09 47.51
C ASP G 63 11.04 -8.91 48.79
N GLN G 64 9.80 -9.08 49.27
CA GLN G 64 9.54 -9.81 50.51
C GLN G 64 9.15 -11.26 50.27
N SER G 65 8.71 -11.60 49.06
CA SER G 65 8.31 -12.97 48.77
C SER G 65 9.45 -13.94 49.05
N SER G 66 9.11 -15.13 49.53
CA SER G 66 10.08 -16.18 49.81
C SER G 66 10.31 -17.10 48.61
N GLU G 67 9.69 -16.83 47.46
CA GLU G 67 9.81 -17.71 46.31
C GLU G 67 11.25 -17.73 45.81
N VAL G 68 11.81 -18.94 45.72
CA VAL G 68 13.15 -19.13 45.18
C VAL G 68 13.05 -19.06 43.66
N LEU G 69 13.43 -17.91 43.09
CA LEU G 69 13.37 -17.74 41.65
C LEU G 69 14.51 -18.46 40.93
N GLY G 70 15.56 -18.83 41.65
CA GLY G 70 16.68 -19.53 41.04
C GLY G 70 17.80 -19.70 42.05
N SER G 71 18.82 -20.44 41.62
CA SER G 71 19.99 -20.72 42.45
C SER G 71 21.26 -20.47 41.64
N GLY G 72 22.35 -20.25 42.36
CA GLY G 72 23.65 -20.10 41.77
C GLY G 72 24.23 -18.71 41.98
N LYS G 73 25.54 -18.62 41.68
CA LYS G 73 26.24 -17.34 41.80
C LYS G 73 25.53 -16.25 41.03
N THR G 74 24.98 -16.58 39.86
CA THR G 74 24.32 -15.63 38.99
C THR G 74 22.85 -16.03 38.80
N LEU G 75 22.06 -15.05 38.38
CA LEU G 75 20.63 -15.25 38.13
C LEU G 75 20.26 -14.52 36.84
N THR G 76 19.74 -15.26 35.87
CA THR G 76 19.32 -14.70 34.60
C THR G 76 17.81 -14.53 34.58
N ILE G 77 17.36 -13.34 34.19
CA ILE G 77 15.95 -13.00 34.18
C ILE G 77 15.64 -12.17 32.93
N GLN G 78 14.39 -12.27 32.47
CA GLN G 78 13.90 -11.48 31.35
C GLN G 78 13.02 -10.37 31.92
N VAL G 79 13.49 -9.13 31.79
CA VAL G 79 12.83 -7.97 32.41
C VAL G 79 11.97 -7.30 31.35
N LYS G 80 10.65 -7.42 31.49
CA LYS G 80 9.73 -6.80 30.55
C LYS G 80 8.55 -6.12 31.21
N GLU G 81 8.35 -6.27 32.53
CA GLU G 81 7.26 -5.61 33.21
C GLU G 81 7.69 -5.27 34.62
N PHE G 82 7.13 -4.19 35.16
CA PHE G 82 7.48 -3.76 36.50
C PHE G 82 7.46 -4.92 37.48
N GLY G 83 6.50 -5.83 37.33
CA GLY G 83 6.49 -7.02 38.18
C GLY G 83 7.81 -7.77 38.18
N ASP G 84 8.59 -7.63 37.12
CA ASP G 84 9.92 -8.21 37.03
C ASP G 84 10.99 -7.31 37.66
N ALA G 85 10.60 -6.16 38.19
CA ALA G 85 11.52 -5.24 38.84
C ALA G 85 11.33 -5.31 40.36
N GLY G 86 12.19 -4.59 41.10
CA GLY G 86 12.16 -4.58 42.54
C GLY G 86 13.52 -4.93 43.10
N GLN G 87 13.54 -5.25 44.39
CA GLN G 87 14.78 -5.56 45.11
C GLN G 87 15.02 -7.06 45.12
N TYR G 88 15.91 -7.52 44.26
CA TYR G 88 16.36 -8.89 44.29
C TYR G 88 17.35 -9.08 45.42
N THR G 89 17.40 -10.30 45.97
CA THR G 89 18.27 -10.59 47.09
C THR G 89 18.72 -12.04 47.04
N CYS G 90 20.03 -12.27 47.08
CA CYS G 90 20.59 -13.61 47.14
C CYS G 90 20.90 -13.96 48.59
N HIS G 91 20.83 -15.27 48.89
CA HIS G 91 20.96 -15.74 50.26
C HIS G 91 21.73 -17.05 50.30
N LYS G 92 22.22 -17.38 51.49
CA LYS G 92 22.83 -18.68 51.75
C LYS G 92 22.71 -18.97 53.24
N GLY G 93 22.14 -20.12 53.58
CA GLY G 93 21.97 -20.47 54.98
C GLY G 93 21.15 -19.47 55.76
N GLY G 94 20.14 -18.87 55.13
CA GLY G 94 19.30 -17.89 55.79
C GLY G 94 19.90 -16.50 55.89
N GLU G 95 21.21 -16.36 55.70
CA GLU G 95 21.85 -15.06 55.77
C GLU G 95 21.75 -14.33 54.43
N VAL G 96 21.50 -13.03 54.50
CA VAL G 96 21.47 -12.20 53.30
C VAL G 96 22.90 -11.85 52.91
N LEU G 97 23.26 -12.16 51.66
CA LEU G 97 24.59 -11.90 51.14
C LEU G 97 24.66 -10.56 50.40
N SER G 98 23.80 -10.38 49.40
CA SER G 98 23.79 -9.17 48.60
C SER G 98 22.39 -8.97 48.03
N HIS G 99 22.11 -7.72 47.63
CA HIS G 99 20.86 -7.39 46.97
C HIS G 99 21.16 -6.40 45.85
N SER G 100 20.18 -6.22 44.96
CA SER G 100 20.35 -5.33 43.81
C SER G 100 18.98 -4.85 43.38
N LEU G 101 18.75 -3.54 43.46
CA LEU G 101 17.49 -2.95 43.04
C LEU G 101 17.51 -2.66 41.55
N LEU G 102 16.40 -3.01 40.87
CA LEU G 102 16.26 -2.79 39.44
C LEU G 102 15.09 -1.84 39.20
N LEU G 103 15.33 -0.80 38.42
CA LEU G 103 14.32 0.17 38.05
C LEU G 103 14.20 0.20 36.53
N LEU G 104 13.07 0.70 36.04
CA LEU G 104 12.75 0.68 34.63
C LEU G 104 12.65 2.10 34.09
N HIS G 105 13.32 2.36 32.97
CA HIS G 105 13.27 3.64 32.28
C HIS G 105 12.58 3.41 30.95
N LYS G 106 11.32 3.84 30.86
CA LYS G 106 10.51 3.54 29.69
C LYS G 106 10.96 4.36 28.49
N LYS G 107 11.01 3.73 27.32
CA LYS G 107 11.14 4.42 26.04
C LYS G 107 9.90 4.13 25.22
N GLU G 108 9.04 5.13 25.06
CA GLU G 108 7.76 4.98 24.38
C GLU G 108 7.88 5.60 23.00
N ASP G 109 8.01 4.75 21.98
CA ASP G 109 8.06 5.18 20.58
C ASP G 109 9.25 6.10 20.35
N GLY G 110 10.40 5.69 20.87
CA GLY G 110 11.63 6.43 20.71
C GLY G 110 11.85 7.55 21.70
N ILE G 111 10.89 7.79 22.61
CA ILE G 111 11.00 8.86 23.60
C ILE G 111 10.95 8.25 24.98
N TRP G 112 11.69 8.87 25.90
CA TRP G 112 11.66 8.45 27.29
C TRP G 112 10.40 9.00 27.98
N SER G 113 10.10 8.42 29.14
CA SER G 113 8.87 8.75 29.83
C SER G 113 9.02 9.99 30.68
N THR G 114 7.95 10.80 30.72
CA THR G 114 7.87 12.00 31.53
C THR G 114 6.53 12.07 32.25
N ASP G 115 6.11 10.93 32.81
CA ASP G 115 4.80 10.85 33.45
C ASP G 115 4.80 11.46 34.84
N ILE G 116 5.93 11.40 35.55
CA ILE G 116 5.98 11.87 36.93
C ILE G 116 5.67 13.37 36.98
N LEU G 117 6.51 14.18 36.34
CA LEU G 117 6.43 15.63 36.45
C LEU G 117 5.42 16.19 35.46
N LYS G 118 4.91 17.37 35.80
CA LYS G 118 3.90 18.05 35.00
C LYS G 118 4.56 19.18 34.20
N ASP G 119 4.26 19.23 32.90
CA ASP G 119 4.81 20.25 32.04
C ASP G 119 4.24 21.61 32.44
N GLN G 120 5.12 22.56 32.76
CA GLN G 120 4.70 23.91 33.09
C GLN G 120 4.45 24.77 31.86
N LYS G 121 4.88 24.32 30.68
CA LYS G 121 4.61 24.98 29.40
C LYS G 121 5.10 26.44 29.39
N GLU G 122 6.03 26.79 30.28
CA GLU G 122 6.58 28.13 30.32
C GLU G 122 8.03 28.01 30.78
N PRO G 123 8.99 28.71 30.13
CA PRO G 123 8.77 29.64 29.02
C PRO G 123 8.43 28.97 27.68
N LYS G 124 8.47 27.64 27.63
CA LYS G 124 8.13 26.90 26.42
C LYS G 124 7.67 25.51 26.81
N ASN G 125 7.04 24.82 25.86
CA ASN G 125 6.58 23.47 26.11
C ASN G 125 7.77 22.56 26.44
N LYS G 126 7.45 21.43 27.09
CA LYS G 126 8.47 20.49 27.56
C LYS G 126 9.41 21.13 28.57
N THR G 127 8.86 21.99 29.42
CA THR G 127 9.60 22.64 30.50
C THR G 127 9.10 22.07 31.82
N PHE G 128 9.91 21.21 32.43
CA PHE G 128 9.55 20.58 33.69
C PHE G 128 10.22 21.23 34.90
N LEU G 129 11.41 21.78 34.74
CA LEU G 129 12.15 22.41 35.82
C LEU G 129 12.18 23.92 35.59
N ARG G 130 11.67 24.67 36.57
CA ARG G 130 11.70 26.12 36.55
C ARG G 130 12.62 26.60 37.66
N CYS G 131 13.70 27.27 37.30
CA CYS G 131 14.71 27.72 38.24
C CYS G 131 14.70 29.24 38.34
N GLU G 132 15.03 29.74 39.55
CA GLU G 132 15.08 31.17 39.81
C GLU G 132 16.30 31.47 40.68
N ALA G 133 16.65 32.76 40.75
CA ALA G 133 17.72 33.23 41.61
C ALA G 133 17.38 34.62 42.12
N LYS G 134 17.43 34.79 43.44
CA LYS G 134 17.09 36.07 44.06
C LYS G 134 18.20 37.10 43.93
N ASN G 135 19.37 36.73 43.43
CA ASN G 135 20.50 37.65 43.32
C ASN G 135 21.62 36.95 42.56
N TYR G 136 22.73 37.66 42.36
CA TYR G 136 23.90 37.14 41.70
C TYR G 136 24.87 36.46 42.67
N SER G 137 24.41 36.12 43.87
CA SER G 137 25.31 35.56 44.88
C SER G 137 25.87 34.20 44.49
N GLY G 138 25.29 33.54 43.47
CA GLY G 138 25.64 32.18 43.13
C GLY G 138 24.64 31.15 43.62
N ARG G 139 23.69 31.56 44.44
CA ARG G 139 22.64 30.68 44.93
C ARG G 139 21.43 30.76 44.00
N PHE G 140 20.67 29.67 43.95
CA PHE G 140 19.46 29.63 43.14
C PHE G 140 18.57 28.52 43.66
N THR G 141 17.33 28.50 43.18
CA THR G 141 16.34 27.53 43.61
C THR G 141 15.55 27.04 42.41
N CYS G 142 15.39 25.73 42.29
CA CYS G 142 14.59 25.11 41.26
C CYS G 142 13.43 24.36 41.91
N TRP G 143 12.28 24.39 41.25
CA TRP G 143 11.08 23.72 41.78
C TRP G 143 10.25 23.20 40.61
N TRP G 144 9.62 22.05 40.84
CA TRP G 144 8.80 21.37 39.85
C TRP G 144 7.49 20.93 40.49
N LEU G 145 6.58 20.42 39.66
CA LEU G 145 5.25 20.02 40.10
C LEU G 145 5.00 18.56 39.76
N THR G 146 4.04 17.97 40.46
CA THR G 146 3.67 16.57 40.26
C THR G 146 2.38 16.30 41.00
N THR G 147 1.65 15.29 40.54
CA THR G 147 0.42 14.86 41.18
C THR G 147 0.59 13.65 42.07
N ILE G 148 1.78 13.05 42.09
CA ILE G 148 2.03 11.88 42.90
C ILE G 148 2.28 12.29 44.35
N SER G 149 1.89 11.41 45.27
CA SER G 149 1.96 11.72 46.69
C SER G 149 2.77 10.73 47.50
N THR G 150 3.21 9.61 46.91
CA THR G 150 3.78 8.52 47.68
C THR G 150 4.89 7.85 46.86
N ASP G 151 5.79 7.17 47.57
CA ASP G 151 6.87 6.41 46.95
C ASP G 151 7.61 7.25 45.92
N LEU G 152 7.80 8.53 46.23
CA LEU G 152 8.42 9.48 45.31
C LEU G 152 9.77 9.92 45.88
N THR G 153 10.83 9.72 45.11
CA THR G 153 12.18 10.08 45.50
C THR G 153 12.82 10.95 44.43
N PHE G 154 13.65 11.89 44.84
CA PHE G 154 14.38 12.75 43.93
C PHE G 154 15.84 12.80 44.35
N SER G 155 16.72 12.98 43.36
CA SER G 155 18.14 13.16 43.60
C SER G 155 18.66 14.18 42.61
N VAL G 156 19.30 15.23 43.13
CA VAL G 156 19.69 16.38 42.33
C VAL G 156 21.20 16.48 42.27
N LYS G 157 21.70 16.94 41.12
CA LYS G 157 23.11 17.23 40.95
C LYS G 157 23.23 18.36 39.94
N SER G 158 24.30 19.14 40.06
CA SER G 158 24.50 20.30 39.20
C SER G 158 25.99 20.56 39.04
N SER G 159 26.31 21.49 38.14
CA SER G 159 27.68 21.87 37.83
C SER G 159 27.62 23.00 36.82
N ARG G 160 28.73 23.71 36.68
CA ARG G 160 28.87 24.74 35.65
C ARG G 160 29.84 24.22 34.60
N GLY G 161 29.33 23.97 33.40
CA GLY G 161 30.14 23.39 32.35
C GLY G 161 30.05 21.89 32.31
N SER G 162 30.06 21.31 31.10
CA SER G 162 29.95 19.87 30.93
C SER G 162 31.30 19.20 30.73
N SER G 163 32.12 19.73 29.82
CA SER G 163 33.42 19.11 29.54
C SER G 163 34.30 19.13 30.77
N ASP G 164 34.39 20.27 31.45
CA ASP G 164 35.20 20.42 32.65
C ASP G 164 34.31 21.06 33.72
N PRO G 165 33.51 20.25 34.41
CA PRO G 165 32.56 20.83 35.38
C PRO G 165 33.27 21.45 36.58
N GLN G 166 32.64 22.48 37.12
CA GLN G 166 33.12 23.15 38.33
C GLN G 166 32.19 22.84 39.49
N GLY G 167 32.66 23.15 40.69
CA GLY G 167 31.95 22.77 41.91
C GLY G 167 30.63 23.51 42.04
N VAL G 168 29.53 22.76 42.13
CA VAL G 168 28.19 23.30 42.39
C VAL G 168 27.52 22.40 43.42
N THR G 169 27.27 22.94 44.61
CA THR G 169 26.62 22.20 45.69
C THR G 169 25.11 22.33 45.58
N CYS G 170 24.41 21.20 45.68
CA CYS G 170 22.96 21.19 45.69
C CYS G 170 22.46 20.45 46.91
N GLY G 171 21.40 20.99 47.51
CA GLY G 171 20.79 20.41 48.69
C GLY G 171 19.79 19.33 48.33
N ALA G 172 18.96 18.97 49.31
CA ALA G 172 17.95 17.95 49.12
C ALA G 172 16.63 18.57 48.70
N ALA G 173 15.93 17.88 47.80
CA ALA G 173 14.64 18.35 47.34
C ALA G 173 13.57 17.94 48.35
N THR G 174 12.69 18.87 48.69
CA THR G 174 11.64 18.63 49.66
C THR G 174 10.35 19.30 49.20
N LEU G 175 9.24 18.91 49.84
CA LEU G 175 7.95 19.49 49.48
C LEU G 175 7.86 20.93 49.99
N SER G 176 7.55 21.85 49.08
CA SER G 176 7.50 23.28 49.39
C SER G 176 6.09 23.84 49.50
N ALA G 177 5.12 23.24 48.80
CA ALA G 177 3.75 23.74 48.87
C ALA G 177 2.81 22.65 48.34
N GLU G 178 1.55 22.76 48.73
CA GLU G 178 0.51 21.85 48.27
C GLU G 178 -0.73 22.66 47.92
N ARG G 179 -1.36 22.30 46.81
CA ARG G 179 -2.54 23.01 46.35
C ARG G 179 -3.32 22.09 45.42
N VAL G 180 -4.53 22.53 45.07
CA VAL G 180 -5.43 21.78 44.20
C VAL G 180 -5.60 22.58 42.91
N ARG G 181 -5.36 21.93 41.78
CA ARG G 181 -5.61 22.52 40.46
C ARG G 181 -6.44 21.53 39.64
N GLY G 182 -7.66 21.93 39.32
CA GLY G 182 -8.58 21.05 38.62
C GLY G 182 -8.99 19.85 39.45
N ASP G 183 -9.34 20.08 40.71
CA ASP G 183 -9.83 19.02 41.61
C ASP G 183 -8.89 17.82 41.64
N ASN G 184 -7.59 18.09 41.50
CA ASN G 184 -6.56 17.07 41.64
C ASN G 184 -5.33 17.74 42.24
N LYS G 185 -4.86 17.21 43.36
CA LYS G 185 -3.82 17.88 44.13
C LYS G 185 -2.55 18.05 43.30
N GLU G 186 -1.85 19.14 43.55
CA GLU G 186 -0.57 19.46 42.92
C GLU G 186 0.47 19.66 44.00
N TYR G 187 1.53 18.86 43.97
CA TYR G 187 2.58 18.88 44.97
C TYR G 187 3.80 19.61 44.40
N GLU G 188 4.20 20.69 45.06
CA GLU G 188 5.36 21.47 44.65
C GLU G 188 6.57 21.05 45.46
N TYR G 189 7.64 20.69 44.76
CA TYR G 189 8.92 20.39 45.36
C TYR G 189 9.92 21.49 45.01
N SER G 190 10.88 21.72 45.90
CA SER G 190 11.88 22.76 45.71
C SER G 190 13.22 22.26 46.19
N VAL G 191 14.27 22.88 45.69
CA VAL G 191 15.64 22.54 46.08
C VAL G 191 16.51 23.77 45.91
N GLU G 192 17.44 23.96 46.84
CA GLU G 192 18.41 25.06 46.78
C GLU G 192 19.77 24.51 46.38
N CYS G 193 20.56 25.37 45.72
CA CYS G 193 21.93 25.06 45.33
C CYS G 193 22.77 26.31 45.48
N GLN G 194 24.09 26.14 45.32
CA GLN G 194 25.02 27.25 45.46
C GLN G 194 26.30 26.93 44.69
N GLU G 195 26.78 27.90 43.93
CA GLU G 195 28.06 27.73 43.24
C GLU G 195 29.20 27.83 44.24
N ASP G 196 30.08 26.83 44.22
CA ASP G 196 31.15 26.76 45.21
C ASP G 196 32.00 28.02 45.21
N SER G 197 32.42 28.46 44.01
CA SER G 197 33.30 29.62 43.85
C SER G 197 32.65 30.51 42.80
N ALA G 198 31.81 31.44 43.24
CA ALA G 198 31.02 32.26 42.33
C ALA G 198 31.72 33.58 42.04
N CYS G 199 31.14 34.32 41.10
CA CYS G 199 31.69 35.61 40.65
C CYS G 199 30.52 36.51 40.28
N PRO G 200 29.86 37.11 41.27
CA PRO G 200 28.59 37.80 40.99
C PRO G 200 28.67 38.88 39.91
N ALA G 201 29.82 39.50 39.72
CA ALA G 201 29.94 40.59 38.76
C ALA G 201 30.55 40.16 37.42
N ALA G 202 31.01 38.92 37.31
CA ALA G 202 31.63 38.44 36.08
C ALA G 202 30.57 38.13 35.02
N GLU G 203 31.03 37.96 33.78
CA GLU G 203 30.17 37.65 32.65
C GLU G 203 30.18 36.15 32.43
N GLU G 204 29.08 35.49 32.78
CA GLU G 204 28.99 34.03 32.69
C GLU G 204 29.23 33.57 31.27
N SER G 205 30.31 32.82 31.07
CA SER G 205 30.60 32.21 29.78
C SER G 205 30.08 30.78 29.67
N LEU G 206 30.12 30.02 30.77
CA LEU G 206 29.66 28.65 30.79
C LEU G 206 28.34 28.57 31.56
N PRO G 207 27.34 27.84 31.07
CA PRO G 207 26.05 27.81 31.75
C PRO G 207 26.02 26.80 32.88
N ILE G 208 24.96 26.89 33.68
CA ILE G 208 24.72 25.96 34.78
C ILE G 208 23.93 24.77 34.27
N GLU G 209 24.42 23.57 34.54
CA GLU G 209 23.75 22.32 34.18
C GLU G 209 23.12 21.73 35.43
N VAL G 210 21.82 21.48 35.39
CA VAL G 210 21.11 20.82 36.47
C VAL G 210 20.59 19.49 35.96
N MET G 211 20.81 18.42 36.74
CA MET G 211 20.37 17.08 36.41
C MET G 211 19.59 16.54 37.60
N VAL G 212 18.39 16.02 37.34
CA VAL G 212 17.51 15.53 38.38
C VAL G 212 17.14 14.08 38.05
N ASP G 213 17.36 13.19 39.01
CA ASP G 213 16.91 11.81 38.93
C ASP G 213 15.61 11.67 39.71
N ALA G 214 14.63 11.00 39.13
CA ALA G 214 13.32 10.81 39.75
C ALA G 214 12.96 9.34 39.75
N VAL G 215 12.37 8.88 40.85
CA VAL G 215 12.04 7.47 41.01
C VAL G 215 10.67 7.38 41.67
N HIS G 216 9.67 6.95 40.90
CA HIS G 216 8.34 6.67 41.43
C HIS G 216 8.16 5.16 41.51
N LYS G 217 8.19 4.63 42.73
CA LYS G 217 8.11 3.18 42.94
C LYS G 217 9.27 2.49 42.25
N LEU G 218 9.07 1.98 41.03
CA LEU G 218 10.12 1.34 40.27
C LEU G 218 10.32 1.96 38.90
N LYS G 219 9.64 3.08 38.62
CA LYS G 219 9.81 3.82 37.38
C LYS G 219 10.94 4.82 37.54
N TYR G 220 11.83 4.88 36.55
CA TYR G 220 12.94 5.82 36.56
C TYR G 220 12.76 6.86 35.46
N GLU G 221 13.02 8.11 35.80
CA GLU G 221 13.04 9.20 34.84
C GLU G 221 14.10 10.18 35.31
N ASN G 222 14.64 10.96 34.37
CA ASN G 222 15.55 12.02 34.76
C ASN G 222 15.36 13.22 33.84
N TYR G 223 15.46 14.42 34.43
CA TYR G 223 15.23 15.67 33.75
C TYR G 223 16.48 16.53 33.85
N THR G 224 16.49 17.61 33.07
CA THR G 224 17.64 18.51 33.03
C THR G 224 17.15 19.92 32.72
N SER G 225 18.07 20.88 32.93
CA SER G 225 17.83 22.28 32.60
C SER G 225 19.18 22.96 32.48
N SER G 226 19.32 23.83 31.47
CA SER G 226 20.55 24.55 31.20
C SER G 226 20.23 26.05 31.15
N PHE G 227 21.06 26.85 31.81
CA PHE G 227 20.78 28.28 31.93
C PHE G 227 21.98 29.00 32.53
N PHE G 228 22.10 30.28 32.19
CA PHE G 228 22.96 31.18 32.92
C PHE G 228 22.18 31.81 34.07
N ILE G 229 22.91 32.21 35.12
CA ILE G 229 22.25 32.79 36.29
C ILE G 229 21.58 34.10 35.92
N ARG G 230 22.23 34.91 35.08
CA ARG G 230 21.68 36.21 34.73
C ARG G 230 20.35 36.10 34.01
N ASP G 231 20.03 34.93 33.44
CA ASP G 231 18.81 34.75 32.67
C ASP G 231 17.61 34.33 33.53
N ILE G 232 17.85 33.72 34.69
CA ILE G 232 16.77 33.29 35.59
C ILE G 232 16.54 34.28 36.72
N ILE G 233 17.18 35.46 36.67
CA ILE G 233 17.08 36.40 37.76
C ILE G 233 15.63 36.82 37.97
N LYS G 234 15.22 36.88 39.23
CA LYS G 234 13.91 37.42 39.60
C LYS G 234 14.07 38.06 40.96
N PRO G 235 14.16 39.38 41.03
CA PRO G 235 14.30 40.04 42.34
C PRO G 235 13.07 39.82 43.20
N ASP G 236 13.24 40.03 44.50
CA ASP G 236 12.10 40.09 45.38
C ASP G 236 11.41 41.44 45.25
N PRO G 237 10.14 41.54 45.63
CA PRO G 237 9.40 42.79 45.41
C PRO G 237 10.02 43.95 46.17
N PRO G 238 9.61 45.18 45.87
CA PRO G 238 10.11 46.33 46.64
C PRO G 238 9.78 46.19 48.12
N LYS G 239 10.62 46.80 48.95
CA LYS G 239 10.46 46.75 50.40
C LYS G 239 10.00 48.10 50.92
N ASN G 240 9.17 48.07 51.96
CA ASN G 240 8.73 49.28 52.65
C ASN G 240 8.14 50.30 51.68
N LEU G 241 7.07 49.88 51.01
CA LEU G 241 6.37 50.75 50.07
C LEU G 241 5.49 51.72 50.84
N GLN G 242 5.74 53.02 50.68
CA GLN G 242 5.03 54.06 51.42
C GLN G 242 4.33 55.02 50.46
N LEU G 243 3.37 55.76 51.01
CA LEU G 243 2.61 56.76 50.26
C LEU G 243 2.59 58.07 51.05
N LYS G 244 2.65 59.18 50.33
CA LYS G 244 2.61 60.51 50.94
C LYS G 244 1.67 61.39 50.13
N PRO G 245 0.40 61.51 50.53
CA PRO G 245 -0.55 62.32 49.76
C PRO G 245 -0.23 63.81 49.77
N GLN G 251 -3.25 64.25 44.22
CA GLN G 251 -2.09 63.43 43.86
C GLN G 251 -1.43 62.85 45.10
N VAL G 252 -0.31 62.15 44.91
CA VAL G 252 0.36 61.44 45.99
C VAL G 252 1.79 61.12 45.54
N GLU G 253 2.69 60.99 46.52
CA GLU G 253 4.07 60.60 46.29
C GLU G 253 4.29 59.17 46.78
N VAL G 254 5.02 58.38 45.98
CA VAL G 254 5.28 56.98 46.30
C VAL G 254 6.77 56.80 46.57
N SER G 255 7.09 55.85 47.43
CA SER G 255 8.47 55.59 47.83
C SER G 255 8.61 54.13 48.24
N TRP G 256 9.82 53.59 48.08
CA TRP G 256 10.11 52.20 48.41
C TRP G 256 11.62 52.04 48.47
N GLU G 257 12.07 50.81 48.73
CA GLU G 257 13.48 50.49 48.88
C GLU G 257 13.79 49.21 48.12
N TYR G 258 15.09 48.93 47.99
CA TYR G 258 15.53 47.67 47.42
C TYR G 258 15.29 46.55 48.44
N PRO G 259 14.96 45.35 47.96
CA PRO G 259 14.71 44.24 48.89
C PRO G 259 15.99 43.75 49.54
N ASP G 260 15.83 43.19 50.74
CA ASP G 260 16.99 42.74 51.51
C ASP G 260 17.81 41.73 50.72
N THR G 261 17.15 40.89 49.93
CA THR G 261 17.84 39.77 49.29
C THR G 261 18.70 40.21 48.11
N TRP G 262 18.43 41.38 47.52
CA TRP G 262 19.17 41.78 46.33
C TRP G 262 20.66 41.96 46.65
N SER G 263 21.48 41.78 45.61
CA SER G 263 22.92 41.85 45.77
C SER G 263 23.34 43.23 46.27
N THR G 264 24.57 43.30 46.75
CA THR G 264 25.18 44.54 47.22
C THR G 264 26.60 44.61 46.69
N PRO G 265 27.12 45.82 46.44
CA PRO G 265 26.45 47.10 46.66
C PRO G 265 25.39 47.39 45.59
N HIS G 266 24.43 48.25 45.94
CA HIS G 266 23.35 48.59 45.02
C HIS G 266 23.81 49.56 43.95
N SER G 267 24.81 50.38 44.24
CA SER G 267 25.38 51.27 43.24
C SER G 267 25.91 50.49 42.04
N TYR G 268 26.32 49.23 42.27
CA TYR G 268 26.84 48.37 41.21
C TYR G 268 25.72 47.53 40.59
N PHE G 269 24.93 46.85 41.43
CA PHE G 269 23.81 46.03 40.97
C PHE G 269 22.54 46.86 41.09
N SER G 270 22.34 47.72 40.10
CA SER G 270 21.20 48.63 40.09
C SER G 270 19.94 47.93 39.62
N LEU G 271 18.80 48.58 39.85
CA LEU G 271 17.50 48.06 39.46
C LEU G 271 16.67 49.20 38.87
N THR G 272 15.66 48.82 38.09
CA THR G 272 14.64 49.74 37.62
C THR G 272 13.28 49.26 38.10
N PHE G 273 12.26 50.09 37.93
CA PHE G 273 10.98 49.86 38.57
C PHE G 273 9.84 50.26 37.65
N CYS G 274 8.68 49.65 37.89
CA CYS G 274 7.46 49.91 37.14
C CYS G 274 6.32 50.14 38.13
N VAL G 275 5.69 51.30 38.05
CA VAL G 275 4.60 51.68 38.95
C VAL G 275 3.29 51.60 38.17
N GLN G 276 2.26 51.06 38.82
CA GLN G 276 0.97 50.86 38.18
C GLN G 276 -0.13 51.24 39.16
N VAL G 277 -1.20 51.82 38.63
CA VAL G 277 -2.38 52.19 39.41
C VAL G 277 -3.56 51.44 38.80
N GLN G 278 -4.09 50.45 39.52
CA GLN G 278 -5.19 49.63 39.03
C GLN G 278 -6.12 49.23 40.18
N LYS G 286 -4.22 50.54 35.30
CA LYS G 286 -4.36 51.03 33.93
C LYS G 286 -3.56 52.31 33.74
N ASP G 287 -2.46 52.46 34.51
CA ASP G 287 -1.60 53.64 34.40
C ASP G 287 -0.17 53.21 34.77
N ARG G 288 0.58 52.80 33.75
CA ARG G 288 1.96 52.36 33.94
C ARG G 288 2.93 53.53 33.79
N VAL G 289 3.98 53.51 34.59
CA VAL G 289 5.11 54.44 34.46
C VAL G 289 6.37 53.72 34.91
N PHE G 290 7.49 54.08 34.32
CA PHE G 290 8.77 53.45 34.63
C PHE G 290 9.77 54.50 35.08
N THR G 291 10.72 54.08 35.90
CA THR G 291 11.74 54.98 36.42
C THR G 291 12.85 54.15 37.04
N ASP G 292 14.01 54.78 37.19
CA ASP G 292 15.15 54.20 37.89
C ASP G 292 15.26 54.69 39.33
N LYS G 293 14.37 55.57 39.76
CA LYS G 293 14.39 56.12 41.10
C LYS G 293 13.60 55.24 42.06
N THR G 294 13.81 55.47 43.36
CA THR G 294 13.09 54.77 44.42
C THR G 294 11.90 55.58 44.93
N SER G 295 11.29 56.38 44.06
CA SER G 295 10.14 57.21 44.43
C SER G 295 9.50 57.71 43.13
N ALA G 296 8.23 58.12 43.24
CA ALA G 296 7.51 58.62 42.09
C ALA G 296 6.26 59.36 42.54
N THR G 297 5.82 60.30 41.71
CA THR G 297 4.57 61.03 41.92
C THR G 297 3.54 60.52 40.93
N VAL G 298 2.35 60.20 41.43
CA VAL G 298 1.28 59.63 40.63
C VAL G 298 -0.04 60.26 41.05
N ILE G 299 -1.11 59.89 40.35
CA ILE G 299 -2.46 60.37 40.65
C ILE G 299 -3.25 59.21 41.21
N CYS G 300 -3.84 59.42 42.39
CA CYS G 300 -4.58 58.40 43.11
C CYS G 300 -6.07 58.65 42.97
N ARG G 301 -6.84 57.56 42.99
CA ARG G 301 -8.29 57.65 42.93
C ARG G 301 -8.90 56.61 43.86
N LYS G 302 -10.13 56.88 44.28
CA LYS G 302 -10.80 56.03 45.27
C LYS G 302 -10.95 54.61 44.73
N ASN G 303 -10.89 53.65 45.66
CA ASN G 303 -11.06 52.23 45.36
C ASN G 303 -9.95 51.66 44.46
N ALA G 304 -8.93 52.45 44.18
CA ALA G 304 -7.81 51.99 43.37
C ALA G 304 -6.69 51.47 44.27
N SER G 305 -5.71 50.83 43.64
CA SER G 305 -4.54 50.31 44.34
C SER G 305 -3.28 50.68 43.57
N ILE G 306 -2.19 50.88 44.30
CA ILE G 306 -0.90 51.19 43.72
C ILE G 306 0.01 49.99 43.91
N SER G 307 0.73 49.63 42.85
CA SER G 307 1.59 48.46 42.87
C SER G 307 2.91 48.80 42.19
N VAL G 308 3.98 48.12 42.60
CA VAL G 308 5.32 48.37 42.11
C VAL G 308 6.07 47.05 41.99
N ARG G 309 6.85 46.90 40.93
CA ARG G 309 7.73 45.75 40.74
C ARG G 309 9.03 46.23 40.13
N ALA G 310 10.02 45.33 40.12
CA ALA G 310 11.39 45.71 39.79
C ALA G 310 11.98 44.75 38.78
N GLN G 311 13.07 45.22 38.15
CA GLN G 311 13.81 44.47 37.14
C GLN G 311 15.22 45.02 37.11
N ASP G 312 16.18 44.17 36.76
CA ASP G 312 17.57 44.60 36.67
C ASP G 312 17.68 45.77 35.69
N ARG G 313 18.41 46.81 36.10
CA ARG G 313 18.43 48.05 35.34
C ARG G 313 19.16 47.90 34.02
N TYR G 314 20.12 46.97 33.94
CA TYR G 314 20.95 46.84 32.76
C TYR G 314 20.77 45.53 32.00
N TYR G 315 19.98 44.59 32.53
CA TYR G 315 19.76 43.32 31.85
C TYR G 315 18.27 42.98 31.97
N SER G 316 17.67 42.57 30.86
CA SER G 316 16.23 42.31 30.83
C SER G 316 15.95 40.90 31.35
N SER G 317 16.06 40.75 32.67
CA SER G 317 15.74 39.51 33.33
C SER G 317 14.28 39.56 33.82
N SER G 318 13.89 38.65 34.70
CA SER G 318 12.50 38.54 35.11
C SER G 318 12.11 39.67 36.06
N TRP G 319 10.91 40.18 35.87
CA TRP G 319 10.34 41.13 36.80
C TRP G 319 9.97 40.44 38.11
N SER G 320 9.93 41.23 39.18
CA SER G 320 9.52 40.72 40.47
C SER G 320 8.00 40.76 40.59
N GLU G 321 7.49 40.09 41.62
CA GLU G 321 6.07 40.17 41.93
C GLU G 321 5.71 41.56 42.45
N TRP G 322 4.47 41.96 42.21
CA TRP G 322 4.03 43.29 42.58
C TRP G 322 4.07 43.47 44.10
N ALA G 323 4.38 44.70 44.53
CA ALA G 323 4.24 45.12 45.91
C ALA G 323 3.14 46.19 45.96
N SER G 324 2.05 45.89 46.65
CA SER G 324 0.83 46.67 46.54
C SER G 324 0.53 47.41 47.83
N VAL G 325 -0.18 48.53 47.69
CA VAL G 325 -0.74 49.27 48.82
C VAL G 325 -2.04 49.93 48.35
N PRO G 326 -3.16 49.71 49.02
CA PRO G 326 -4.42 50.31 48.55
C PRO G 326 -4.31 51.83 48.47
N CYS G 327 -5.12 52.42 47.60
CA CYS G 327 -5.20 53.86 47.47
C CYS G 327 -6.64 54.34 47.66
N PRO H 28 39.75 58.83 33.20
CA PRO H 28 38.68 57.84 33.41
C PRO H 28 37.32 58.34 32.92
N ALA H 29 36.93 59.54 33.35
CA ALA H 29 35.66 60.16 32.95
C ALA H 29 34.48 59.25 33.30
N TRP H 30 34.36 58.96 34.59
CA TRP H 30 33.35 58.01 35.04
C TRP H 30 31.94 58.48 34.71
N THR H 31 31.63 59.74 35.04
CA THR H 31 30.26 60.24 34.87
C THR H 31 29.79 60.11 33.44
N GLN H 32 30.67 60.39 32.47
CA GLN H 32 30.25 60.39 31.07
C GLN H 32 30.16 58.99 30.50
N CYS H 33 31.00 58.06 30.96
CA CYS H 33 30.92 56.68 30.50
C CYS H 33 29.65 56.01 31.01
N GLN H 34 29.23 56.32 32.24
CA GLN H 34 28.02 55.73 32.79
C GLN H 34 26.82 56.04 31.91
N GLN H 35 26.64 57.31 31.56
CA GLN H 35 25.52 57.67 30.69
C GLN H 35 25.60 56.96 29.34
N LEU H 36 26.83 56.74 28.83
CA LEU H 36 26.98 56.08 27.54
C LEU H 36 26.76 54.58 27.65
N SER H 37 27.32 53.94 28.68
CA SER H 37 27.09 52.51 28.89
C SER H 37 25.61 52.21 29.09
N GLN H 38 24.91 53.06 29.85
CA GLN H 38 23.48 52.85 30.07
C GLN H 38 22.71 52.87 28.75
N LYS H 39 23.10 53.77 27.83
CA LYS H 39 22.42 53.82 26.55
C LYS H 39 22.78 52.61 25.68
N LEU H 40 23.98 52.06 25.84
CA LEU H 40 24.32 50.83 25.13
C LEU H 40 23.37 49.70 25.51
N CYS H 41 23.17 49.49 26.82
CA CYS H 41 22.26 48.44 27.27
C CYS H 41 20.84 48.67 26.77
N THR H 42 20.44 49.94 26.59
CA THR H 42 19.12 50.22 26.05
C THR H 42 19.00 49.79 24.60
N LEU H 43 19.92 50.27 23.76
CA LEU H 43 19.87 49.93 22.33
C LEU H 43 20.03 48.42 22.12
N ALA H 44 20.86 47.78 22.94
CA ALA H 44 21.18 46.37 22.75
C ALA H 44 19.97 45.46 22.95
N TRP H 45 18.94 45.92 23.66
CA TRP H 45 17.78 45.07 23.93
C TRP H 45 16.59 45.35 23.04
N SER H 46 16.39 46.60 22.60
CA SER H 46 15.34 46.93 21.65
C SER H 46 15.87 46.64 20.26
N ALA H 47 15.89 45.36 19.89
CA ALA H 47 16.58 44.90 18.70
C ALA H 47 15.64 44.17 17.74
N HIS H 48 16.15 43.11 17.08
CA HIS H 48 15.49 42.52 15.93
C HIS H 48 14.30 41.66 16.34
N PRO H 49 13.42 41.32 15.38
CA PRO H 49 12.26 40.48 15.69
C PRO H 49 12.51 39.00 15.47
N LEU H 50 11.43 38.22 15.29
CA LEU H 50 11.46 36.80 14.95
C LEU H 50 11.50 35.92 16.18
N VAL H 51 10.98 36.42 17.31
CA VAL H 51 10.72 35.64 18.51
C VAL H 51 11.94 34.84 18.94
N GLY H 52 12.02 33.57 18.52
CA GLY H 52 12.96 32.62 19.05
C GLY H 52 14.13 32.34 18.12
N HIS H 53 14.82 31.24 18.40
CA HIS H 53 15.99 30.82 17.62
C HIS H 53 16.25 29.34 17.93
N MET H 54 17.46 28.87 17.61
CA MET H 54 17.85 27.48 17.83
C MET H 54 18.90 27.28 18.91
N ASP H 55 19.73 28.30 19.18
CA ASP H 55 20.77 28.21 20.20
C ASP H 55 21.73 27.07 19.91
N VAL H 68 36.25 34.07 21.90
CA VAL H 68 35.46 35.24 22.29
C VAL H 68 35.92 35.76 23.66
N PRO H 69 35.95 37.08 23.83
CA PRO H 69 36.34 37.65 25.13
C PRO H 69 35.14 37.82 26.07
N HIS H 70 35.44 37.71 27.36
CA HIS H 70 34.43 37.87 28.40
C HIS H 70 35.09 38.40 29.65
N ILE H 71 34.32 39.16 30.44
CA ILE H 71 34.77 39.66 31.74
C ILE H 71 34.72 38.48 32.71
N GLN H 72 35.87 37.88 32.98
CA GLN H 72 35.92 36.65 33.77
C GLN H 72 36.25 36.95 35.23
N CYS H 73 36.21 35.89 36.04
CA CYS H 73 36.54 36.00 37.45
C CYS H 73 37.98 36.47 37.61
N GLY H 74 38.20 37.43 38.50
CA GLY H 74 39.53 37.92 38.79
C GLY H 74 40.03 39.01 37.86
N ASP H 75 39.32 39.28 36.77
CA ASP H 75 39.75 40.34 35.84
C ASP H 75 39.71 41.72 36.47
N GLY H 76 39.23 41.85 37.71
CA GLY H 76 39.31 43.10 38.41
C GLY H 76 38.13 44.03 38.23
N CYS H 77 36.99 43.52 37.76
CA CYS H 77 35.79 44.33 37.61
C CYS H 77 34.84 44.22 38.80
N ASP H 78 35.21 43.49 39.83
CA ASP H 78 34.41 43.45 41.04
C ASP H 78 34.63 44.72 41.85
N PRO H 79 33.62 45.15 42.62
CA PRO H 79 33.77 46.41 43.38
C PRO H 79 35.05 46.49 44.19
N GLN H 80 35.45 45.40 44.84
CA GLN H 80 36.69 45.42 45.60
C GLN H 80 37.89 45.59 44.68
N GLY H 81 37.90 44.90 43.54
CA GLY H 81 38.99 45.06 42.58
C GLY H 81 39.04 46.44 41.97
N LEU H 82 37.89 47.08 41.77
CA LEU H 82 37.88 48.45 41.26
C LEU H 82 38.48 49.42 42.28
N ARG H 83 38.15 49.25 43.55
CA ARG H 83 38.76 50.09 44.58
C ARG H 83 40.25 49.84 44.71
N ASP H 84 40.69 48.59 44.48
CA ASP H 84 42.11 48.28 44.57
C ASP H 84 42.87 48.79 43.34
N ASN H 85 42.43 48.42 42.15
CA ASN H 85 43.06 48.91 40.93
C ASN H 85 42.08 48.69 39.77
N SER H 86 41.47 49.77 39.30
CA SER H 86 40.46 49.70 38.25
C SER H 86 41.05 49.54 36.86
N GLN H 87 42.36 49.75 36.69
CA GLN H 87 42.97 49.67 35.36
C GLN H 87 42.74 48.30 34.75
N PHE H 88 42.97 47.23 35.53
CA PHE H 88 42.76 45.87 35.02
C PHE H 88 41.42 45.75 34.32
N CYS H 89 40.34 46.15 35.00
CA CYS H 89 39.01 46.01 34.44
C CYS H 89 38.88 46.80 33.14
N LEU H 90 39.35 48.04 33.13
CA LEU H 90 39.15 48.91 31.97
C LEU H 90 39.96 48.44 30.78
N GLN H 91 40.99 47.60 30.98
CA GLN H 91 41.72 47.04 29.86
C GLN H 91 40.93 45.92 29.20
N ARG H 92 40.20 45.14 29.98
CA ARG H 92 39.36 44.09 29.42
C ARG H 92 38.11 44.65 28.77
N ILE H 93 37.49 45.66 29.39
CA ILE H 93 36.35 46.33 28.78
C ILE H 93 36.74 46.88 27.42
N HIS H 94 37.87 47.59 27.35
CA HIS H 94 38.31 48.16 26.08
C HIS H 94 38.49 47.07 25.03
N GLN H 95 39.22 46.01 25.38
CA GLN H 95 39.37 44.89 24.46
C GLN H 95 38.01 44.36 24.00
N GLY H 96 37.05 44.29 24.92
CA GLY H 96 35.72 43.82 24.54
C GLY H 96 35.03 44.77 23.60
N LEU H 97 35.04 46.07 23.90
CA LEU H 97 34.38 47.05 23.03
C LEU H 97 34.93 46.97 21.62
N ILE H 98 36.25 46.99 21.47
CA ILE H 98 36.85 46.89 20.15
C ILE H 98 36.44 45.60 19.46
N PHE H 99 36.37 44.51 20.22
CA PHE H 99 35.99 43.22 19.65
C PHE H 99 34.61 43.30 19.00
N TYR H 100 33.59 43.66 19.78
CA TYR H 100 32.24 43.72 19.25
C TYR H 100 32.10 44.79 18.18
N GLU H 101 32.84 45.89 18.31
CA GLU H 101 32.85 46.89 17.25
C GLU H 101 33.25 46.27 15.93
N LYS H 102 34.32 45.48 15.92
CA LYS H 102 34.79 44.83 14.70
C LYS H 102 33.74 43.87 14.15
N LEU H 103 32.92 43.27 15.02
CA LEU H 103 31.90 42.35 14.55
C LEU H 103 30.75 43.09 13.87
N LEU H 104 30.14 44.04 14.57
CA LEU H 104 29.02 44.78 14.01
C LEU H 104 29.38 45.49 12.71
N GLY H 105 30.67 45.71 12.47
CA GLY H 105 31.13 46.32 11.23
C GLY H 105 31.62 45.32 10.19
N SER H 106 31.40 44.02 10.40
CA SER H 106 31.82 43.00 9.45
C SER H 106 30.67 42.69 8.50
N ASP H 107 30.82 41.60 7.72
CA ASP H 107 29.77 41.19 6.79
C ASP H 107 28.58 40.58 7.51
N ILE H 108 28.75 40.14 8.76
CA ILE H 108 27.67 39.49 9.49
C ILE H 108 26.46 40.41 9.56
N PHE H 109 26.67 41.66 9.92
CA PHE H 109 25.58 42.61 10.11
C PHE H 109 25.38 43.55 8.92
N THR H 110 26.27 43.53 7.93
CA THR H 110 26.14 44.36 6.74
C THR H 110 25.75 43.58 5.50
N GLY H 111 26.15 42.31 5.40
CA GLY H 111 25.72 41.48 4.28
C GLY H 111 24.28 41.04 4.42
N GLU H 112 23.77 40.44 3.34
CA GLU H 112 22.40 39.98 3.34
C GLU H 112 22.18 39.01 4.49
N PRO H 113 21.03 39.05 5.18
CA PRO H 113 19.86 39.93 4.98
C PRO H 113 20.00 41.11 5.92
N SER H 114 20.73 42.14 5.51
CA SER H 114 20.86 43.35 6.32
C SER H 114 19.79 44.38 5.94
N LEU H 115 18.62 43.86 5.60
CA LEU H 115 17.46 44.69 5.30
C LEU H 115 16.69 45.14 6.54
N LEU H 116 17.29 46.10 7.24
CA LEU H 116 16.82 46.52 8.56
C LEU H 116 16.76 48.04 8.61
N PRO H 117 15.59 48.65 8.42
CA PRO H 117 15.52 50.12 8.45
C PRO H 117 15.57 50.69 9.86
N ASP H 118 14.83 50.09 10.81
CA ASP H 118 14.79 50.54 12.20
C ASP H 118 15.83 49.84 13.06
N SER H 119 16.97 49.48 12.50
CA SER H 119 17.98 48.75 13.26
C SER H 119 18.72 49.70 14.19
N PRO H 120 18.91 49.33 15.46
CA PRO H 120 19.82 50.09 16.31
C PRO H 120 21.29 49.73 16.14
N VAL H 121 21.60 48.77 15.26
CA VAL H 121 22.97 48.31 15.09
C VAL H 121 23.87 49.51 14.76
N GLY H 122 23.46 50.32 13.80
CA GLY H 122 24.22 51.51 13.45
C GLY H 122 24.57 52.35 14.65
N GLN H 123 23.54 52.82 15.37
CA GLN H 123 23.77 53.54 16.62
C GLN H 123 24.61 52.71 17.58
N LEU H 124 24.31 51.41 17.68
CA LEU H 124 25.03 50.56 18.62
C LEU H 124 26.51 50.46 18.25
N HIS H 125 26.82 50.41 16.95
CA HIS H 125 28.21 50.37 16.55
C HIS H 125 28.91 51.68 16.87
N ALA H 126 28.27 52.81 16.56
CA ALA H 126 28.87 54.10 16.85
C ALA H 126 29.05 54.32 18.35
N SER H 127 28.13 53.78 19.16
CA SER H 127 28.22 53.95 20.60
C SER H 127 29.38 53.13 21.18
N LEU H 128 29.49 51.85 20.78
CA LEU H 128 30.66 51.06 21.13
C LEU H 128 31.94 51.81 20.81
N LEU H 129 32.02 52.36 19.59
CA LEU H 129 33.23 53.01 19.12
C LEU H 129 33.52 54.28 19.92
N GLY H 130 32.47 55.00 20.31
CA GLY H 130 32.68 56.21 21.11
C GLY H 130 33.21 55.91 22.49
N LEU H 131 32.69 54.85 23.13
CA LEU H 131 33.08 54.56 24.50
C LEU H 131 34.55 54.13 24.60
N SER H 132 35.09 53.51 23.54
CA SER H 132 36.50 53.12 23.55
C SER H 132 37.40 54.35 23.45
N GLN H 133 36.98 55.37 22.71
CA GLN H 133 37.74 56.62 22.64
C GLN H 133 37.84 57.26 24.01
N LEU H 134 36.70 57.38 24.71
CA LEU H 134 36.71 57.91 26.07
C LEU H 134 37.68 57.14 26.96
N LEU H 135 37.78 55.83 26.76
CA LEU H 135 38.62 55.00 27.63
C LEU H 135 40.09 55.12 27.24
N GLN H 136 40.40 55.00 25.95
CA GLN H 136 41.78 55.05 25.48
C GLN H 136 41.79 55.52 24.03
N PRO H 137 42.02 56.83 23.78
CA PRO H 137 42.08 57.35 22.41
C PRO H 137 43.16 56.68 21.56
N SER H 149 37.49 37.48 13.21
CA SER H 149 37.70 36.19 12.55
C SER H 149 36.57 35.87 11.58
N LEU H 150 36.91 35.17 10.50
CA LEU H 150 35.94 34.82 9.47
C LEU H 150 34.93 33.74 9.87
N SER H 151 33.64 34.02 9.58
CA SER H 151 32.61 33.07 9.97
C SER H 151 31.56 32.69 8.91
N PRO H 152 30.74 33.61 8.39
CA PRO H 152 29.54 33.20 7.66
C PRO H 152 29.80 32.76 6.21
N SER H 153 28.69 32.41 5.53
CA SER H 153 28.66 31.89 4.17
C SER H 153 27.26 32.07 3.58
N GLN H 154 26.23 31.66 4.31
CA GLN H 154 24.87 31.85 3.80
C GLN H 154 24.16 32.95 4.60
N PRO H 155 23.24 33.69 3.98
CA PRO H 155 22.53 34.74 4.73
C PRO H 155 21.87 34.26 6.01
N TRP H 156 21.23 33.08 5.98
CA TRP H 156 20.60 32.57 7.19
C TRP H 156 21.63 32.37 8.30
N GLN H 157 22.78 31.79 7.97
CA GLN H 157 23.84 31.62 8.96
C GLN H 157 24.24 32.97 9.56
N ARG H 158 24.31 34.01 8.73
CA ARG H 158 24.56 35.35 9.25
C ARG H 158 23.51 35.75 10.27
N LEU H 159 22.23 35.62 9.89
CA LEU H 159 21.14 36.03 10.77
C LEU H 159 21.16 35.28 12.09
N LEU H 160 21.67 34.05 12.10
CA LEU H 160 21.75 33.30 13.35
C LEU H 160 22.84 33.85 14.26
N LEU H 161 23.95 34.29 13.68
CA LEU H 161 25.01 34.84 14.51
C LEU H 161 24.63 36.18 15.13
N ARG H 162 23.71 36.92 14.51
CA ARG H 162 23.21 38.14 15.13
C ARG H 162 22.48 37.82 16.43
N PHE H 163 21.56 36.85 16.38
CA PHE H 163 20.88 36.42 17.61
C PHE H 163 21.88 36.07 18.69
N LYS H 164 22.89 35.27 18.35
CA LYS H 164 23.84 34.81 19.36
C LYS H 164 24.75 35.94 19.85
N ILE H 165 25.31 36.69 18.90
CA ILE H 165 26.24 37.77 19.25
C ILE H 165 25.55 38.78 20.15
N LEU H 166 24.32 39.15 19.81
CA LEU H 166 23.63 40.21 20.56
C LEU H 166 23.35 39.79 21.99
N ARG H 167 22.96 38.53 22.20
CA ARG H 167 22.71 38.07 23.56
C ARG H 167 24.00 37.85 24.34
N SER H 168 25.13 37.69 23.64
CA SER H 168 26.44 37.73 24.30
C SER H 168 26.90 39.15 24.53
N LEU H 169 26.57 40.05 23.59
CA LEU H 169 26.83 41.47 23.80
C LEU H 169 26.03 42.00 24.98
N GLN H 170 24.73 41.69 25.03
CA GLN H 170 23.88 42.17 26.11
C GLN H 170 24.45 41.84 27.49
N ALA H 171 25.12 40.70 27.61
CA ALA H 171 25.72 40.32 28.88
C ALA H 171 27.02 41.06 29.14
N PHE H 172 27.71 41.50 28.09
CA PHE H 172 28.97 42.21 28.25
C PHE H 172 28.74 43.68 28.59
N VAL H 173 27.81 44.34 27.90
CA VAL H 173 27.55 45.75 28.18
C VAL H 173 27.00 45.91 29.58
N ALA H 174 26.14 44.98 30.01
CA ALA H 174 25.56 45.07 31.35
C ALA H 174 26.64 45.18 32.42
N VAL H 175 27.63 44.28 32.36
CA VAL H 175 28.73 44.33 33.33
C VAL H 175 29.40 45.69 33.30
N ALA H 176 29.64 46.22 32.09
CA ALA H 176 30.32 47.50 31.97
C ALA H 176 29.54 48.61 32.64
N ALA H 177 28.24 48.70 32.37
CA ALA H 177 27.42 49.73 32.97
C ALA H 177 27.52 49.70 34.50
N ARG H 178 27.41 48.50 35.09
CA ARG H 178 27.60 48.37 36.52
C ARG H 178 28.96 48.93 36.93
N VAL H 179 30.01 48.64 36.16
CA VAL H 179 31.33 49.14 36.49
C VAL H 179 31.37 50.66 36.43
N PHE H 180 30.74 51.23 35.41
CA PHE H 180 30.77 52.69 35.24
C PHE H 180 29.76 53.40 36.14
N ALA H 181 28.75 52.68 36.66
CA ALA H 181 27.84 53.28 37.63
C ALA H 181 28.43 53.26 39.02
N HIS H 182 29.09 52.16 39.39
CA HIS H 182 29.74 52.08 40.70
C HIS H 182 30.91 53.06 40.78
N GLY H 183 31.68 53.20 39.69
CA GLY H 183 32.80 54.11 39.70
C GLY H 183 32.40 55.57 39.74
N ALA H 184 31.27 55.91 39.12
CA ALA H 184 30.83 57.30 39.13
C ALA H 184 30.25 57.70 40.48
N ALA H 185 29.66 56.75 41.21
CA ALA H 185 29.09 57.05 42.51
C ALA H 185 30.10 57.04 43.63
N THR H 186 31.23 56.36 43.44
CA THR H 186 32.24 56.21 44.50
C THR H 186 33.59 56.78 44.08
N LEU H 187 34.22 56.23 43.03
CA LEU H 187 35.53 56.68 42.59
C LEU H 187 35.52 58.09 41.99
N SER H 188 34.36 58.75 41.92
CA SER H 188 34.30 60.15 41.51
C SER H 188 34.37 61.01 42.77
N PRO H 189 35.47 61.76 43.00
CA PRO H 189 35.56 62.57 44.23
C PRO H 189 34.44 63.61 44.36
N ILE I 23 44.56 -27.65 0.10
CA ILE I 23 45.15 -28.92 0.49
C ILE I 23 45.42 -28.92 1.99
N TRP I 24 45.20 -30.07 2.63
CA TRP I 24 45.45 -30.23 4.05
C TRP I 24 45.94 -31.64 4.31
N GLU I 25 46.54 -31.84 5.48
CA GLU I 25 47.17 -33.10 5.85
C GLU I 25 46.21 -33.92 6.69
N LEU I 26 45.78 -35.06 6.16
CA LEU I 26 44.93 -35.97 6.93
C LEU I 26 45.72 -36.64 8.03
N LYS I 27 46.91 -37.14 7.72
CA LYS I 27 47.81 -37.73 8.70
C LYS I 27 49.23 -37.71 8.13
N LYS I 28 50.14 -38.39 8.81
CA LYS I 28 51.56 -38.35 8.45
C LYS I 28 51.77 -38.72 6.99
N ASP I 29 52.29 -37.76 6.22
CA ASP I 29 52.62 -37.96 4.80
C ASP I 29 51.38 -38.36 3.98
N VAL I 30 50.21 -37.88 4.38
CA VAL I 30 48.97 -38.13 3.65
C VAL I 30 48.20 -36.82 3.58
N TYR I 31 47.80 -36.43 2.37
CA TYR I 31 47.18 -35.14 2.13
C TYR I 31 45.92 -35.29 1.29
N VAL I 32 44.97 -34.39 1.48
CA VAL I 32 43.70 -34.38 0.76
C VAL I 32 43.63 -33.10 -0.07
N VAL I 33 42.97 -33.19 -1.23
CA VAL I 33 42.83 -32.07 -2.14
C VAL I 33 41.35 -31.92 -2.47
N GLU I 34 40.80 -30.74 -2.16
CA GLU I 34 39.39 -30.46 -2.42
C GLU I 34 39.25 -29.88 -3.83
N LEU I 35 38.44 -30.54 -4.66
CA LEU I 35 38.30 -30.20 -6.07
C LEU I 35 36.85 -30.00 -6.44
N ASP I 36 36.60 -28.99 -7.27
CA ASP I 36 35.25 -28.74 -7.80
C ASP I 36 35.06 -29.65 -9.01
N TRP I 37 34.44 -30.80 -8.79
CA TRP I 37 34.36 -31.85 -9.80
C TRP I 37 33.38 -31.44 -10.91
N TYR I 38 33.91 -31.20 -12.10
CA TYR I 38 33.08 -30.93 -13.28
C TYR I 38 33.94 -31.13 -14.52
N PRO I 39 33.31 -31.40 -15.67
CA PRO I 39 34.09 -31.75 -16.88
C PRO I 39 35.18 -30.74 -17.20
N ASP I 40 36.38 -31.27 -17.46
CA ASP I 40 37.53 -30.44 -17.85
C ASP I 40 37.80 -29.34 -16.83
N ALA I 41 37.60 -29.66 -15.57
CA ALA I 41 37.92 -28.70 -14.52
C ALA I 41 39.43 -28.56 -14.40
N PRO I 42 39.97 -27.34 -14.36
CA PRO I 42 41.43 -27.18 -14.28
C PRO I 42 42.02 -27.70 -12.96
N GLY I 43 41.18 -28.04 -11.98
CA GLY I 43 41.69 -28.53 -10.73
C GLY I 43 42.44 -27.45 -9.97
N GLU I 44 43.41 -27.89 -9.17
CA GLU I 44 44.20 -26.99 -8.33
C GLU I 44 45.67 -27.24 -8.57
N MET I 45 46.47 -26.24 -8.22
CA MET I 45 47.93 -26.35 -8.27
C MET I 45 48.46 -26.66 -6.87
N VAL I 46 49.26 -27.71 -6.77
CA VAL I 46 49.82 -28.15 -5.50
C VAL I 46 51.33 -28.25 -5.65
N VAL I 47 52.05 -27.92 -4.59
CA VAL I 47 53.50 -27.98 -4.56
C VAL I 47 53.90 -29.01 -3.51
N LEU I 48 54.55 -30.08 -3.94
CA LEU I 48 55.04 -31.11 -3.05
C LEU I 48 56.51 -30.87 -2.77
N THR I 49 56.90 -30.99 -1.51
CA THR I 49 58.27 -30.76 -1.08
C THR I 49 58.82 -32.06 -0.51
N CYS I 50 59.96 -32.49 -1.04
CA CYS I 50 60.61 -33.68 -0.51
C CYS I 50 61.08 -33.43 0.92
N ASP I 51 60.68 -34.30 1.84
CA ASP I 51 60.99 -34.17 3.26
C ASP I 51 62.40 -34.70 3.49
N THR I 52 63.40 -33.82 3.30
CA THR I 52 64.81 -34.25 3.30
C THR I 52 65.76 -33.06 3.43
N PRO I 53 66.98 -33.27 3.93
CA PRO I 53 67.94 -32.16 3.99
C PRO I 53 68.71 -31.95 2.69
N GLU I 54 69.00 -33.04 1.99
CA GLU I 54 69.74 -32.95 0.73
C GLU I 54 69.06 -31.94 -0.19
N GLU I 55 69.89 -31.20 -0.94
CA GLU I 55 69.39 -30.14 -1.80
C GLU I 55 69.86 -30.31 -3.25
N ASP I 56 70.13 -31.54 -3.66
CA ASP I 56 70.51 -31.76 -5.05
C ASP I 56 70.36 -33.25 -5.37
N GLY I 57 70.26 -33.52 -6.67
CA GLY I 57 70.14 -34.88 -7.16
C GLY I 57 68.84 -35.54 -6.75
N ILE I 58 67.73 -34.82 -6.87
CA ILE I 58 66.44 -35.29 -6.40
C ILE I 58 65.53 -35.51 -7.60
N THR I 59 64.87 -36.67 -7.63
CA THR I 59 63.95 -37.04 -8.69
C THR I 59 62.64 -37.48 -8.08
N TRP I 60 61.54 -37.17 -8.78
CA TRP I 60 60.20 -37.51 -8.30
C TRP I 60 59.60 -38.60 -9.18
N THR I 61 58.82 -39.47 -8.54
CA THR I 61 58.09 -40.53 -9.22
C THR I 61 56.71 -40.65 -8.60
N LEU I 62 55.84 -41.40 -9.27
CA LEU I 62 54.46 -41.58 -8.81
C LEU I 62 54.15 -43.07 -8.71
N ASP I 63 53.71 -43.51 -7.54
CA ASP I 63 53.25 -44.88 -7.32
C ASP I 63 54.41 -45.82 -7.62
N GLN I 64 54.28 -46.77 -8.53
CA GLN I 64 55.35 -47.69 -8.90
C GLN I 64 56.10 -47.26 -10.16
N SER I 65 55.49 -46.44 -11.01
CA SER I 65 56.12 -46.05 -12.26
C SER I 65 57.50 -45.46 -12.02
N SER I 66 58.43 -45.80 -12.90
CA SER I 66 59.77 -45.25 -12.86
C SER I 66 59.89 -43.95 -13.64
N GLU I 67 58.85 -43.54 -14.36
CA GLU I 67 58.87 -42.29 -15.09
C GLU I 67 59.20 -41.14 -14.16
N VAL I 68 60.23 -40.37 -14.51
CA VAL I 68 60.62 -39.21 -13.72
C VAL I 68 59.71 -38.05 -14.10
N LEU I 69 58.94 -37.57 -13.12
CA LEU I 69 58.00 -36.47 -13.36
C LEU I 69 58.63 -35.11 -13.13
N GLY I 70 59.74 -35.04 -12.40
CA GLY I 70 60.39 -33.78 -12.14
C GLY I 70 61.62 -33.99 -11.28
N SER I 71 62.32 -32.89 -11.03
CA SER I 71 63.52 -32.91 -10.23
C SER I 71 63.57 -31.66 -9.36
N GLY I 72 64.28 -31.76 -8.25
CA GLY I 72 64.45 -30.66 -7.32
C GLY I 72 63.79 -30.94 -5.99
N LYS I 73 64.06 -30.02 -5.05
CA LYS I 73 63.48 -30.13 -3.71
C LYS I 73 61.97 -30.16 -3.76
N THR I 74 61.37 -29.39 -4.68
CA THR I 74 59.93 -29.22 -4.75
C THR I 74 59.43 -29.72 -6.11
N LEU I 75 58.12 -29.95 -6.17
CA LEU I 75 57.47 -30.40 -7.38
C LEU I 75 56.13 -29.69 -7.51
N THR I 76 55.92 -29.04 -8.65
CA THR I 76 54.67 -28.33 -8.94
C THR I 76 53.87 -29.16 -9.93
N ILE I 77 52.63 -29.50 -9.56
CA ILE I 77 51.76 -30.33 -10.37
C ILE I 77 50.35 -29.76 -10.33
N GLN I 78 49.59 -30.02 -11.40
CA GLN I 78 48.20 -29.63 -11.48
C GLN I 78 47.34 -30.87 -11.23
N VAL I 79 46.57 -30.83 -10.16
CA VAL I 79 45.74 -31.96 -9.75
C VAL I 79 44.34 -31.71 -10.27
N LYS I 80 43.87 -32.57 -11.18
CA LYS I 80 42.50 -32.49 -11.67
C LYS I 80 41.86 -33.85 -11.91
N GLU I 81 42.62 -34.94 -11.98
CA GLU I 81 42.09 -36.27 -12.20
C GLU I 81 42.78 -37.23 -11.25
N PHE I 82 42.12 -38.36 -10.99
CA PHE I 82 42.73 -39.39 -10.14
C PHE I 82 44.09 -39.81 -10.67
N GLY I 83 44.28 -39.77 -11.99
CA GLY I 83 45.60 -40.02 -12.55
C GLY I 83 46.67 -39.09 -12.02
N ASP I 84 46.27 -37.88 -11.63
CA ASP I 84 47.19 -36.92 -11.00
C ASP I 84 47.42 -37.21 -9.53
N ALA I 85 46.71 -38.16 -8.94
CA ALA I 85 46.82 -38.48 -7.54
C ALA I 85 47.58 -39.79 -7.36
N GLY I 86 47.98 -40.06 -6.12
CA GLY I 86 48.74 -41.25 -5.80
C GLY I 86 49.85 -40.92 -4.82
N GLN I 87 50.86 -41.81 -4.80
CA GLN I 87 51.99 -41.71 -3.88
C GLN I 87 53.17 -41.07 -4.63
N TYR I 88 53.39 -39.78 -4.39
CA TYR I 88 54.54 -39.09 -4.96
C TYR I 88 55.77 -39.37 -4.09
N THR I 89 56.80 -39.94 -4.70
CA THR I 89 57.98 -40.41 -3.99
C THR I 89 59.21 -39.74 -4.60
N CYS I 90 59.99 -39.06 -3.78
CA CYS I 90 61.24 -38.44 -4.21
C CYS I 90 62.42 -39.31 -3.82
N HIS I 91 63.39 -39.41 -4.71
CA HIS I 91 64.55 -40.27 -4.52
C HIS I 91 65.83 -39.48 -4.73
N LYS I 92 66.92 -40.06 -4.24
CA LYS I 92 68.27 -39.51 -4.45
C LYS I 92 69.25 -40.64 -4.22
N GLY I 93 69.99 -41.01 -5.27
CA GLY I 93 70.88 -42.14 -5.17
C GLY I 93 70.15 -43.46 -5.01
N GLY I 94 69.01 -43.62 -5.66
CA GLY I 94 68.23 -44.84 -5.57
C GLY I 94 67.51 -45.05 -4.26
N GLU I 95 67.79 -44.23 -3.25
CA GLU I 95 67.13 -44.33 -1.96
C GLU I 95 65.83 -43.53 -1.97
N VAL I 96 64.87 -44.00 -1.19
CA VAL I 96 63.60 -43.30 -1.01
C VAL I 96 63.75 -42.32 0.14
N LEU I 97 63.57 -41.03 -0.17
CA LEU I 97 63.72 -39.98 0.84
C LEU I 97 62.41 -39.72 1.59
N SER I 98 61.30 -39.58 0.87
CA SER I 98 60.01 -39.36 1.50
C SER I 98 58.92 -39.54 0.45
N HIS I 99 57.84 -40.19 0.86
CA HIS I 99 56.67 -40.39 0.00
C HIS I 99 55.50 -39.66 0.62
N SER I 100 54.73 -38.97 -0.23
CA SER I 100 53.59 -38.16 0.21
C SER I 100 52.39 -38.52 -0.65
N LEU I 101 51.41 -39.20 -0.04
CA LEU I 101 50.20 -39.61 -0.74
C LEU I 101 49.20 -38.47 -0.83
N LEU I 102 48.49 -38.41 -1.94
CA LEU I 102 47.47 -37.40 -2.18
C LEU I 102 46.14 -38.07 -2.47
N LEU I 103 45.07 -37.51 -1.92
CA LEU I 103 43.72 -38.02 -2.09
C LEU I 103 42.82 -36.91 -2.57
N LEU I 104 41.74 -37.28 -3.26
CA LEU I 104 40.81 -36.33 -3.84
C LEU I 104 39.46 -36.43 -3.12
N HIS I 105 38.90 -35.28 -2.77
CA HIS I 105 37.57 -35.20 -2.17
C HIS I 105 36.68 -34.46 -3.16
N LYS I 106 35.89 -35.20 -3.92
CA LYS I 106 35.10 -34.61 -4.99
C LYS I 106 34.04 -33.68 -4.45
N LYS I 107 33.83 -32.55 -5.14
CA LYS I 107 32.71 -31.66 -4.88
C LYS I 107 31.90 -31.55 -6.16
N GLU I 108 30.75 -32.20 -6.19
CA GLU I 108 29.90 -32.26 -7.38
C GLU I 108 28.75 -31.27 -7.21
N ASP I 109 28.86 -30.13 -7.89
CA ASP I 109 27.82 -29.10 -7.85
C ASP I 109 27.60 -28.61 -6.42
N GLY I 110 28.69 -28.38 -5.70
CA GLY I 110 28.63 -27.87 -4.34
C GLY I 110 28.46 -28.92 -3.26
N ILE I 111 28.35 -30.20 -3.63
CA ILE I 111 28.09 -31.27 -2.69
C ILE I 111 29.28 -32.22 -2.66
N TRP I 112 29.62 -32.72 -1.48
CA TRP I 112 30.68 -33.70 -1.36
C TRP I 112 30.15 -35.10 -1.67
N SER I 113 30.96 -35.89 -2.35
CA SER I 113 30.51 -37.19 -2.82
C SER I 113 30.20 -38.11 -1.65
N THR I 114 29.30 -39.07 -1.90
CA THR I 114 28.92 -40.09 -0.92
C THR I 114 28.79 -41.44 -1.60
N ASP I 115 29.66 -41.69 -2.57
CA ASP I 115 29.53 -42.87 -3.42
C ASP I 115 29.96 -44.15 -2.71
N ILE I 116 30.84 -44.05 -1.70
CA ILE I 116 31.32 -45.25 -1.03
C ILE I 116 30.19 -45.92 -0.26
N LEU I 117 29.61 -45.21 0.70
CA LEU I 117 28.62 -45.81 1.57
C LEU I 117 27.23 -45.77 0.94
N LYS I 118 26.37 -46.66 1.40
CA LYS I 118 25.01 -46.79 0.89
C LYS I 118 24.03 -46.19 1.89
N ASP I 119 23.14 -45.33 1.40
CA ASP I 119 22.18 -44.66 2.25
C ASP I 119 21.19 -45.67 2.83
N GLN I 120 21.08 -45.72 4.15
CA GLN I 120 20.14 -46.62 4.80
C GLN I 120 18.71 -46.08 4.82
N LYS I 121 18.54 -44.77 4.61
CA LYS I 121 17.23 -44.13 4.54
C LYS I 121 16.40 -44.34 5.80
N GLU I 122 17.06 -44.68 6.92
CA GLU I 122 16.41 -44.87 8.21
C GLU I 122 17.34 -44.33 9.29
N PRO I 123 16.85 -43.53 10.25
CA PRO I 123 15.45 -43.09 10.41
C PRO I 123 15.02 -42.02 9.41
N LYS I 124 15.91 -41.63 8.51
CA LYS I 124 15.62 -40.59 7.54
C LYS I 124 16.58 -40.75 6.36
N ASN I 125 16.44 -39.88 5.37
CA ASN I 125 17.33 -39.90 4.22
C ASN I 125 18.71 -39.35 4.58
N LYS I 126 19.70 -39.76 3.79
CA LYS I 126 21.08 -39.31 3.97
C LYS I 126 21.70 -39.86 5.26
N THR I 127 21.31 -41.08 5.62
CA THR I 127 21.77 -41.73 6.85
C THR I 127 22.65 -42.92 6.46
N PHE I 128 23.96 -42.73 6.52
CA PHE I 128 24.90 -43.79 6.16
C PHE I 128 25.39 -44.59 7.35
N LEU I 129 25.29 -44.04 8.56
CA LEU I 129 25.83 -44.67 9.75
C LEU I 129 24.70 -44.96 10.74
N ARG I 130 24.63 -46.21 11.18
CA ARG I 130 23.67 -46.63 12.20
C ARG I 130 24.45 -47.09 13.42
N CYS I 131 24.01 -46.66 14.60
CA CYS I 131 24.69 -46.99 15.85
C CYS I 131 23.71 -47.66 16.81
N GLU I 132 24.26 -48.47 17.70
CA GLU I 132 23.48 -49.20 18.69
C GLU I 132 24.30 -49.32 19.97
N ALA I 133 23.62 -49.61 21.08
CA ALA I 133 24.28 -49.84 22.35
C ALA I 133 23.48 -50.86 23.15
N LYS I 134 24.19 -51.80 23.78
CA LYS I 134 23.56 -52.87 24.54
C LYS I 134 23.27 -52.48 25.99
N ASN I 135 23.85 -51.38 26.47
CA ASN I 135 23.64 -50.96 27.85
C ASN I 135 24.09 -49.50 27.96
N TYR I 136 23.90 -48.92 29.14
CA TYR I 136 24.37 -47.58 29.42
C TYR I 136 25.84 -47.55 29.85
N SER I 137 26.56 -48.65 29.62
CA SER I 137 27.94 -48.75 30.08
C SER I 137 28.84 -47.69 29.48
N GLY I 138 28.41 -47.01 28.42
CA GLY I 138 29.27 -46.15 27.66
C GLY I 138 29.85 -46.80 26.42
N ARG I 139 29.74 -48.13 26.30
CA ARG I 139 30.12 -48.82 25.09
C ARG I 139 29.00 -48.75 24.06
N PHE I 140 29.37 -48.62 22.80
CA PHE I 140 28.42 -48.62 21.71
C PHE I 140 29.10 -49.12 20.45
N THR I 141 28.29 -49.41 19.43
CA THR I 141 28.78 -49.95 18.17
C THR I 141 28.04 -49.26 17.04
N CYS I 142 28.76 -49.01 15.94
CA CYS I 142 28.17 -48.42 14.75
C CYS I 142 28.56 -49.25 13.54
N TRP I 143 27.62 -49.44 12.63
CA TRP I 143 27.84 -50.22 11.42
C TRP I 143 27.34 -49.44 10.21
N TRP I 144 27.97 -49.70 9.06
CA TRP I 144 27.58 -49.07 7.80
C TRP I 144 27.75 -50.09 6.69
N LEU I 145 27.15 -49.79 5.54
CA LEU I 145 27.11 -50.71 4.41
C LEU I 145 27.77 -50.09 3.19
N THR I 146 28.26 -50.96 2.31
CA THR I 146 28.90 -50.54 1.07
C THR I 146 28.92 -51.72 0.11
N THR I 147 29.03 -51.40 -1.17
CA THR I 147 29.09 -52.41 -2.23
C THR I 147 30.51 -52.76 -2.62
N ILE I 148 31.48 -52.12 -2.03
CA ILE I 148 32.87 -52.25 -2.47
C ILE I 148 33.54 -53.41 -1.75
N SER I 149 34.55 -53.98 -2.41
CA SER I 149 35.28 -55.13 -1.89
C SER I 149 36.79 -54.95 -1.80
N THR I 150 37.39 -53.97 -2.48
CA THR I 150 38.84 -53.90 -2.59
C THR I 150 39.33 -52.47 -2.41
N ASP I 151 40.55 -52.34 -1.89
CA ASP I 151 41.22 -51.05 -1.71
C ASP I 151 40.32 -50.08 -0.95
N LEU I 152 39.91 -50.50 0.25
CA LEU I 152 38.96 -49.76 1.06
C LEU I 152 39.49 -49.66 2.49
N THR I 153 39.53 -48.43 3.02
CA THR I 153 40.06 -48.18 4.34
C THR I 153 39.16 -47.22 5.09
N PHE I 154 39.06 -47.41 6.40
CA PHE I 154 38.25 -46.56 7.27
C PHE I 154 39.07 -46.11 8.46
N SER I 155 38.74 -44.91 8.95
CA SER I 155 39.35 -44.35 10.16
C SER I 155 38.26 -43.71 10.99
N VAL I 156 38.12 -44.14 12.24
CA VAL I 156 37.03 -43.72 13.11
C VAL I 156 37.58 -42.86 14.24
N LYS I 157 36.83 -41.82 14.59
CA LYS I 157 37.11 -41.03 15.78
C LYS I 157 35.78 -40.59 16.36
N SER I 158 35.75 -40.39 17.67
CA SER I 158 34.51 -40.01 18.35
C SER I 158 34.84 -39.10 19.52
N SER I 159 33.81 -38.52 20.11
CA SER I 159 33.94 -37.60 21.22
C SER I 159 32.56 -37.16 21.67
N ARG I 160 32.47 -36.65 22.90
CA ARG I 160 31.23 -36.11 23.44
C ARG I 160 31.40 -34.60 23.58
N GLY I 161 30.61 -33.85 22.83
CA GLY I 161 30.73 -32.40 22.81
C GLY I 161 31.68 -31.96 21.71
N SER I 162 31.35 -30.85 21.03
CA SER I 162 32.17 -30.34 19.94
C SER I 162 33.12 -29.23 20.39
N SER I 163 32.65 -28.29 21.22
CA SER I 163 33.50 -27.20 21.65
C SER I 163 34.56 -27.69 22.64
N ASP I 164 34.16 -28.52 23.60
CA ASP I 164 35.06 -29.06 24.63
C ASP I 164 34.94 -30.58 24.60
N PRO I 165 35.56 -31.23 23.63
CA PRO I 165 35.36 -32.67 23.47
C PRO I 165 35.93 -33.46 24.65
N GLN I 166 35.20 -34.48 25.06
CA GLN I 166 35.62 -35.38 26.11
C GLN I 166 36.09 -36.71 25.53
N GLY I 167 36.81 -37.47 26.36
CA GLY I 167 37.52 -38.64 25.86
C GLY I 167 36.57 -39.74 25.42
N VAL I 168 36.76 -40.22 24.19
CA VAL I 168 36.05 -41.39 23.67
C VAL I 168 37.03 -42.18 22.82
N THR I 169 37.25 -43.44 23.17
CA THR I 169 38.17 -44.32 22.45
C THR I 169 37.38 -45.16 21.47
N CYS I 170 37.84 -45.20 20.21
CA CYS I 170 37.21 -45.99 19.17
C CYS I 170 38.21 -46.99 18.60
N GLY I 171 37.83 -48.26 18.59
CA GLY I 171 38.67 -49.30 18.06
C GLY I 171 38.77 -49.25 16.55
N ALA I 172 39.08 -50.37 15.93
CA ALA I 172 39.23 -50.45 14.48
C ALA I 172 37.96 -50.97 13.83
N ALA I 173 37.70 -50.50 12.61
CA ALA I 173 36.54 -50.92 11.84
C ALA I 173 36.89 -52.13 11.01
N THR I 174 36.08 -53.19 11.12
CA THR I 174 36.32 -54.44 10.44
C THR I 174 35.04 -54.92 9.78
N LEU I 175 35.20 -55.89 8.87
CA LEU I 175 34.05 -56.46 8.17
C LEU I 175 33.34 -57.45 9.09
N SER I 176 32.02 -57.25 9.26
CA SER I 176 31.23 -58.07 10.16
C SER I 176 30.36 -59.10 9.45
N ALA I 177 29.84 -58.78 8.26
CA ALA I 177 28.94 -59.70 7.56
C ALA I 177 28.98 -59.41 6.08
N GLU I 178 28.56 -60.41 5.29
CA GLU I 178 28.45 -60.29 3.84
C GLU I 178 27.11 -60.89 3.42
N ARG I 179 26.45 -60.22 2.48
CA ARG I 179 25.16 -60.67 1.98
C ARG I 179 24.94 -60.08 0.59
N VAL I 180 24.01 -60.69 -0.14
CA VAL I 180 23.68 -60.26 -1.49
C VAL I 180 22.31 -59.60 -1.47
N ARG I 181 22.24 -58.36 -1.95
CA ARG I 181 20.98 -57.64 -2.11
C ARG I 181 20.90 -57.11 -3.53
N GLY I 182 19.86 -57.52 -4.25
CA GLY I 182 19.70 -57.09 -5.63
C GLY I 182 20.81 -57.52 -6.56
N ASP I 183 21.23 -58.78 -6.45
CA ASP I 183 22.24 -59.36 -7.34
C ASP I 183 23.52 -58.53 -7.35
N ASN I 184 23.90 -58.03 -6.18
CA ASN I 184 25.17 -57.32 -6.00
C ASN I 184 25.52 -57.37 -4.52
N LYS I 185 26.74 -57.81 -4.22
CA LYS I 185 27.10 -58.09 -2.83
C LYS I 185 27.02 -56.82 -1.98
N GLU I 186 26.67 -57.00 -0.71
CA GLU I 186 26.62 -55.93 0.29
C GLU I 186 27.56 -56.30 1.43
N TYR I 187 28.49 -55.41 1.73
CA TYR I 187 29.49 -55.64 2.77
C TYR I 187 29.18 -54.77 3.98
N GLU I 188 29.12 -55.39 5.16
CA GLU I 188 28.79 -54.69 6.40
C GLU I 188 30.05 -54.60 7.26
N TYR I 189 30.42 -53.38 7.63
CA TYR I 189 31.51 -53.15 8.56
C TYR I 189 30.95 -52.70 9.91
N SER I 190 31.75 -52.89 10.96
CA SER I 190 31.36 -52.52 12.30
C SER I 190 32.57 -52.00 13.05
N VAL I 191 32.31 -51.18 14.07
CA VAL I 191 33.36 -50.64 14.92
C VAL I 191 32.79 -50.44 16.32
N GLU I 192 33.58 -50.78 17.33
CA GLU I 192 33.22 -50.57 18.72
C GLU I 192 33.97 -49.38 19.27
N CYS I 193 33.28 -48.59 20.10
CA CYS I 193 33.85 -47.45 20.80
C CYS I 193 33.49 -47.54 22.27
N GLN I 194 34.08 -46.64 23.06
CA GLN I 194 33.77 -46.59 24.48
C GLN I 194 34.11 -45.20 25.00
N GLU I 195 33.24 -44.68 25.86
CA GLU I 195 33.50 -43.40 26.52
C GLU I 195 34.51 -43.63 27.64
N ASP I 196 35.58 -42.83 27.65
CA ASP I 196 36.66 -43.03 28.61
C ASP I 196 36.16 -42.91 30.05
N SER I 197 35.34 -41.91 30.32
CA SER I 197 34.79 -41.67 31.67
C SER I 197 33.28 -41.54 31.53
N ALA I 198 32.56 -42.61 31.89
CA ALA I 198 31.13 -42.69 31.67
C ALA I 198 30.37 -42.44 32.96
N CYS I 199 29.11 -42.03 32.81
CA CYS I 199 28.17 -41.85 33.91
C CYS I 199 26.86 -42.51 33.51
N PRO I 200 26.79 -43.84 33.58
CA PRO I 200 25.61 -44.55 33.03
C PRO I 200 24.29 -44.03 33.54
N ALA I 201 24.24 -43.56 34.79
CA ALA I 201 23.00 -43.07 35.38
C ALA I 201 22.74 -41.59 35.09
N ALA I 202 23.67 -40.90 34.44
CA ALA I 202 23.58 -39.47 34.27
C ALA I 202 22.64 -39.11 33.13
N GLU I 203 22.12 -37.88 33.18
CA GLU I 203 21.25 -37.35 32.13
C GLU I 203 22.12 -36.70 31.09
N GLU I 204 22.34 -37.39 29.98
CA GLU I 204 23.23 -36.89 28.93
C GLU I 204 22.77 -35.52 28.47
N SER I 205 23.67 -34.55 28.53
CA SER I 205 23.41 -33.20 28.04
C SER I 205 24.15 -32.88 26.75
N LEU I 206 25.32 -33.49 26.52
CA LEU I 206 26.10 -33.29 25.30
C LEU I 206 26.14 -34.57 24.50
N PRO I 207 25.76 -34.56 23.23
CA PRO I 207 25.63 -35.81 22.48
C PRO I 207 26.99 -36.41 22.15
N ILE I 208 26.96 -37.62 21.61
CA ILE I 208 28.15 -38.29 21.11
C ILE I 208 28.33 -37.92 19.65
N GLU I 209 29.54 -37.54 19.29
CA GLU I 209 29.89 -37.18 17.91
C GLU I 209 30.78 -38.27 17.33
N VAL I 210 30.38 -38.83 16.19
CA VAL I 210 31.16 -39.85 15.50
C VAL I 210 31.58 -39.28 14.15
N MET I 211 32.88 -39.37 13.85
CA MET I 211 33.44 -38.90 12.59
C MET I 211 34.24 -40.04 11.96
N VAL I 212 33.95 -40.32 10.70
CA VAL I 212 34.58 -41.43 9.98
C VAL I 212 35.17 -40.92 8.69
N ASP I 213 36.46 -41.18 8.48
CA ASP I 213 37.14 -40.92 7.23
C ASP I 213 37.11 -42.21 6.41
N ALA I 214 36.78 -42.10 5.12
CA ALA I 214 36.71 -43.23 4.23
C ALA I 214 37.62 -42.98 3.04
N VAL I 215 38.40 -43.99 2.67
CA VAL I 215 39.31 -43.91 1.53
C VAL I 215 39.05 -45.12 0.66
N HIS I 216 38.73 -44.86 -0.61
CA HIS I 216 38.61 -45.92 -1.61
C HIS I 216 39.52 -45.60 -2.78
N LYS I 217 40.49 -46.48 -3.01
CA LYS I 217 41.49 -46.21 -4.02
C LYS I 217 42.03 -44.80 -3.74
N LEU I 218 41.75 -43.83 -4.61
CA LEU I 218 42.22 -42.46 -4.37
C LEU I 218 41.11 -41.48 -4.04
N LYS I 219 39.91 -41.95 -3.74
CA LYS I 219 38.79 -41.06 -3.41
C LYS I 219 38.60 -40.99 -1.91
N TYR I 220 38.44 -39.78 -1.39
CA TYR I 220 38.21 -39.54 0.03
C TYR I 220 36.79 -39.05 0.25
N GLU I 221 36.15 -39.59 1.29
CA GLU I 221 34.84 -39.14 1.74
C GLU I 221 34.79 -39.38 3.24
N ASN I 222 34.16 -38.46 3.98
CA ASN I 222 33.98 -38.65 5.40
C ASN I 222 32.54 -38.38 5.78
N TYR I 223 32.10 -39.09 6.82
CA TYR I 223 30.71 -39.07 7.25
C TYR I 223 30.64 -38.78 8.75
N THR I 224 29.43 -38.47 9.22
CA THR I 224 29.24 -38.07 10.60
C THR I 224 27.90 -38.59 11.10
N SER I 225 27.74 -38.56 12.42
CA SER I 225 26.48 -38.91 13.07
C SER I 225 26.52 -38.39 14.50
N SER I 226 25.36 -37.95 14.97
CA SER I 226 25.23 -37.38 16.30
C SER I 226 24.07 -38.06 17.01
N PHE I 227 24.24 -38.32 18.31
CA PHE I 227 23.22 -39.04 19.07
C PHE I 227 23.59 -39.04 20.54
N PHE I 228 22.58 -39.21 21.38
CA PHE I 228 22.77 -39.58 22.77
C PHE I 228 22.82 -41.10 22.90
N ILE I 229 23.35 -41.57 24.03
CA ILE I 229 23.42 -43.01 24.26
C ILE I 229 22.02 -43.57 24.53
N ARG I 230 21.21 -42.86 25.31
CA ARG I 230 19.89 -43.36 25.70
C ARG I 230 18.97 -43.57 24.52
N ASP I 231 19.21 -42.90 23.39
CA ASP I 231 18.33 -43.01 22.22
C ASP I 231 18.66 -44.17 21.31
N ILE I 232 19.89 -44.69 21.35
CA ILE I 232 20.29 -45.82 20.51
C ILE I 232 20.29 -47.14 21.30
N ILE I 233 19.74 -47.14 22.52
CA ILE I 233 19.72 -48.37 23.31
C ILE I 233 18.92 -49.43 22.59
N LYS I 234 19.45 -50.65 22.58
CA LYS I 234 18.72 -51.81 22.07
C LYS I 234 19.16 -53.01 22.91
N PRO I 235 18.38 -53.40 23.91
CA PRO I 235 18.81 -54.49 24.80
C PRO I 235 18.92 -55.80 24.05
N ASP I 236 19.67 -56.73 24.64
CA ASP I 236 19.75 -58.07 24.11
C ASP I 236 18.47 -58.84 24.47
N PRO I 237 18.15 -59.90 23.73
CA PRO I 237 16.91 -60.62 23.98
C PRO I 237 16.89 -61.19 25.39
N PRO I 238 15.70 -61.45 25.95
CA PRO I 238 15.63 -62.05 27.28
C PRO I 238 16.41 -63.36 27.34
N LYS I 239 16.71 -63.79 28.56
CA LYS I 239 17.53 -64.97 28.80
C LYS I 239 16.72 -66.05 29.52
N ASN I 240 17.05 -67.31 29.22
CA ASN I 240 16.45 -68.46 29.89
C ASN I 240 14.92 -68.41 29.80
N LEU I 241 14.42 -68.44 28.56
CA LEU I 241 12.99 -68.44 28.31
C LEU I 241 12.44 -69.85 28.51
N GLN I 242 11.64 -70.03 29.56
CA GLN I 242 11.08 -71.33 29.91
C GLN I 242 9.56 -71.29 29.83
N LEU I 243 8.96 -72.48 29.85
CA LEU I 243 7.51 -72.63 29.87
C LEU I 243 7.14 -73.64 30.95
N LYS I 244 6.05 -73.36 31.66
CA LYS I 244 5.52 -74.25 32.69
C LYS I 244 4.04 -74.47 32.42
N PRO I 245 3.64 -75.64 31.87
CA PRO I 245 2.21 -75.89 31.62
C PRO I 245 1.43 -76.23 32.89
N GLN I 251 -3.24 -73.67 28.93
CA GLN I 251 -2.68 -72.51 29.62
C GLN I 251 -1.28 -72.83 30.14
N VAL I 252 -0.37 -71.85 30.04
CA VAL I 252 1.03 -72.03 30.39
C VAL I 252 1.54 -70.81 31.14
N GLU I 253 2.57 -71.02 31.96
CA GLU I 253 3.22 -69.97 32.71
C GLU I 253 4.61 -69.72 32.11
N VAL I 254 4.88 -68.47 31.75
CA VAL I 254 6.12 -68.09 31.09
C VAL I 254 7.05 -67.46 32.11
N SER I 255 8.36 -67.60 31.87
CA SER I 255 9.38 -67.05 32.75
C SER I 255 10.64 -66.81 31.93
N TRP I 256 11.45 -65.87 32.42
CA TRP I 256 12.70 -65.51 31.74
C TRP I 256 13.55 -64.70 32.71
N GLU I 257 14.70 -64.23 32.21
CA GLU I 257 15.65 -63.48 33.01
C GLU I 257 16.25 -62.36 32.16
N TYR I 258 16.70 -61.31 32.85
CA TYR I 258 17.39 -60.23 32.16
C TYR I 258 18.60 -60.77 31.41
N PRO I 259 19.00 -60.13 30.30
CA PRO I 259 20.21 -60.59 29.59
C PRO I 259 21.48 -60.18 30.33
N ASP I 260 22.52 -60.99 30.14
CA ASP I 260 23.79 -60.74 30.83
C ASP I 260 24.36 -59.38 30.49
N THR I 261 24.14 -58.91 29.26
CA THR I 261 24.78 -57.69 28.81
C THR I 261 24.13 -56.43 29.36
N TRP I 262 22.89 -56.51 29.84
CA TRP I 262 22.21 -55.32 30.34
C TRP I 262 22.95 -54.78 31.56
N SER I 263 22.78 -53.48 31.80
CA SER I 263 23.46 -52.80 32.90
C SER I 263 23.00 -53.36 34.25
N THR I 264 23.80 -53.09 35.27
CA THR I 264 23.54 -53.53 36.63
C THR I 264 23.80 -52.38 37.58
N PRO I 265 23.12 -52.35 38.75
CA PRO I 265 22.15 -53.34 39.23
C PRO I 265 20.79 -53.25 38.54
N HIS I 266 19.99 -54.32 38.61
CA HIS I 266 18.72 -54.36 37.91
C HIS I 266 17.65 -53.54 38.61
N SER I 267 17.70 -53.45 39.94
CA SER I 267 16.74 -52.62 40.67
C SER I 267 16.82 -51.16 40.28
N TYR I 268 17.93 -50.75 39.65
CA TYR I 268 18.07 -49.40 39.12
C TYR I 268 17.70 -49.34 37.64
N PHE I 269 18.42 -50.10 36.80
CA PHE I 269 18.17 -50.14 35.37
C PHE I 269 17.13 -51.22 35.11
N SER I 270 15.86 -50.82 35.19
CA SER I 270 14.75 -51.75 35.02
C SER I 270 14.34 -51.85 33.55
N LEU I 271 13.67 -52.95 33.24
CA LEU I 271 13.20 -53.25 31.89
C LEU I 271 11.72 -53.58 31.92
N THR I 272 11.09 -53.46 30.75
CA THR I 272 9.74 -53.95 30.53
C THR I 272 9.79 -54.95 29.37
N PHE I 273 8.72 -55.73 29.24
CA PHE I 273 8.72 -56.82 28.28
C PHE I 273 7.36 -56.90 27.59
N CYS I 274 7.37 -57.49 26.39
CA CYS I 274 6.18 -57.69 25.59
C CYS I 274 6.10 -59.15 25.19
N VAL I 275 5.02 -59.82 25.62
CA VAL I 275 4.82 -61.23 25.34
C VAL I 275 3.80 -61.37 24.22
N GLN I 276 4.09 -62.23 23.26
CA GLN I 276 3.27 -62.41 22.06
C GLN I 276 3.07 -63.89 21.80
N VAL I 277 1.91 -64.23 21.24
CA VAL I 277 1.57 -65.60 20.88
C VAL I 277 1.16 -65.58 19.41
N GLN I 278 2.00 -66.16 18.55
CA GLN I 278 1.73 -66.20 17.12
C GLN I 278 2.37 -67.42 16.47
N ARG I 288 -0.84 -60.02 21.98
CA ARG I 288 0.23 -59.36 22.73
C ARG I 288 -0.22 -58.88 24.11
N VAL I 289 0.71 -58.84 25.05
CA VAL I 289 0.48 -58.31 26.40
C VAL I 289 1.78 -57.71 26.90
N PHE I 290 1.67 -56.81 27.87
CA PHE I 290 2.82 -56.12 28.44
C PHE I 290 2.83 -56.25 29.95
N THR I 291 4.03 -56.26 30.52
CA THR I 291 4.20 -56.30 31.97
C THR I 291 5.60 -55.83 32.30
N ASP I 292 5.87 -55.72 33.60
CA ASP I 292 7.19 -55.36 34.09
C ASP I 292 7.86 -56.51 34.83
N LYS I 293 7.16 -57.62 35.03
CA LYS I 293 7.70 -58.76 35.76
C LYS I 293 8.32 -59.77 34.78
N THR I 294 9.19 -60.62 35.33
CA THR I 294 9.88 -61.65 34.56
C THR I 294 9.06 -62.91 34.35
N SER I 295 7.74 -62.83 34.48
CA SER I 295 6.89 -64.00 34.32
C SER I 295 5.49 -63.54 33.89
N ALA I 296 4.77 -64.44 33.22
CA ALA I 296 3.44 -64.12 32.75
C ALA I 296 2.69 -65.41 32.45
N THR I 297 1.37 -65.34 32.60
CA THR I 297 0.47 -66.43 32.28
C THR I 297 -0.29 -66.08 31.00
N VAL I 298 -0.31 -67.02 30.05
CA VAL I 298 -0.93 -66.80 28.75
C VAL I 298 -1.65 -68.07 28.33
N ILE I 299 -2.24 -68.04 27.13
CA ILE I 299 -3.00 -69.15 26.57
C ILE I 299 -2.24 -69.69 25.36
N CYS I 300 -2.00 -70.99 25.36
CA CYS I 300 -1.25 -71.66 24.31
C CYS I 300 -2.20 -72.27 23.28
N ARG I 301 -1.67 -72.53 22.09
CA ARG I 301 -2.45 -73.12 21.01
C ARG I 301 -1.54 -74.00 20.17
N LYS I 302 -2.14 -75.01 19.54
CA LYS I 302 -1.38 -75.91 18.70
C LYS I 302 -0.77 -75.17 17.53
N ASN I 303 0.49 -75.49 17.21
CA ASN I 303 1.24 -74.88 16.11
C ASN I 303 1.60 -73.42 16.38
N ALA I 304 1.39 -72.93 17.60
CA ALA I 304 1.71 -71.56 17.94
C ALA I 304 3.11 -71.45 18.53
N SER I 305 3.64 -70.22 18.52
CA SER I 305 4.97 -69.95 19.06
C SER I 305 4.88 -68.77 20.01
N ILE I 306 5.63 -68.85 21.11
CA ILE I 306 5.69 -67.78 22.11
C ILE I 306 6.99 -67.01 21.91
N SER I 307 6.90 -65.68 21.93
CA SER I 307 8.06 -64.81 21.79
C SER I 307 7.96 -63.68 22.80
N VAL I 308 9.12 -63.18 23.22
CA VAL I 308 9.21 -62.09 24.19
C VAL I 308 10.39 -61.20 23.81
N ARG I 309 10.23 -59.89 24.02
CA ARG I 309 11.29 -58.92 23.80
C ARG I 309 11.26 -57.91 24.93
N ALA I 310 12.30 -57.07 24.97
CA ALA I 310 12.53 -56.18 26.11
C ALA I 310 12.73 -54.74 25.64
N GLN I 311 12.58 -53.82 26.60
CA GLN I 311 12.73 -52.39 26.37
C GLN I 311 12.98 -51.72 27.71
N ASP I 312 13.72 -50.62 27.69
CA ASP I 312 13.97 -49.86 28.91
C ASP I 312 12.65 -49.44 29.55
N ARG I 313 12.49 -49.76 30.83
CA ARG I 313 11.21 -49.54 31.49
C ARG I 313 10.81 -48.08 31.51
N TYR I 314 11.79 -47.17 31.59
CA TYR I 314 11.51 -45.76 31.81
C TYR I 314 11.82 -44.87 30.61
N TYR I 315 12.43 -45.41 29.56
CA TYR I 315 12.76 -44.60 28.39
C TYR I 315 12.44 -45.40 27.14
N SER I 316 11.67 -44.80 26.23
CA SER I 316 11.18 -45.49 25.03
C SER I 316 12.30 -45.56 24.00
N SER I 317 13.25 -46.46 24.26
CA SER I 317 14.32 -46.77 23.34
C SER I 317 13.96 -48.01 22.52
N SER I 318 14.90 -48.45 21.69
CA SER I 318 14.63 -49.57 20.79
C SER I 318 14.30 -50.84 21.57
N TRP I 319 13.40 -51.64 20.99
CA TRP I 319 13.08 -52.95 21.53
C TRP I 319 14.18 -53.96 21.18
N SER I 320 14.22 -55.04 21.95
CA SER I 320 15.16 -56.11 21.67
C SER I 320 14.54 -57.13 20.71
N GLU I 321 15.39 -57.98 20.16
CA GLU I 321 14.93 -59.02 19.25
C GLU I 321 14.12 -60.07 20.02
N TRP I 322 13.24 -60.75 19.30
CA TRP I 322 12.35 -61.72 19.91
C TRP I 322 13.12 -62.95 20.39
N ALA I 323 12.85 -63.38 21.62
CA ALA I 323 13.32 -64.66 22.13
C ALA I 323 12.17 -65.65 22.03
N SER I 324 12.34 -66.67 21.20
CA SER I 324 11.22 -67.53 20.80
C SER I 324 11.33 -68.91 21.41
N VAL I 325 10.16 -69.48 21.69
CA VAL I 325 10.02 -70.88 22.12
C VAL I 325 8.73 -71.40 21.52
N PRO I 326 8.72 -72.53 20.81
CA PRO I 326 7.47 -73.02 20.22
C PRO I 326 6.46 -73.38 21.31
N CYS I 327 5.19 -73.02 21.07
CA CYS I 327 4.13 -73.33 22.00
C CYS I 327 3.62 -74.74 21.69
N SER I 328 3.47 -75.54 22.75
CA SER I 328 3.10 -76.94 22.61
C SER I 328 2.54 -77.48 23.92
N PRO J 28 11.17 -39.75 53.19
CA PRO J 28 11.52 -40.17 51.83
C PRO J 28 10.38 -40.86 51.09
N ALA J 29 9.74 -41.84 51.73
CA ALA J 29 8.60 -42.55 51.16
C ALA J 29 8.94 -43.14 49.80
N TRP J 30 9.89 -44.07 49.80
CA TRP J 30 10.40 -44.65 48.57
C TRP J 30 9.29 -45.31 47.76
N THR J 31 8.60 -46.28 48.36
CA THR J 31 7.61 -47.06 47.63
C THR J 31 6.56 -46.18 46.96
N GLN J 32 6.26 -45.01 47.55
CA GLN J 32 5.24 -44.13 46.99
C GLN J 32 5.81 -43.26 45.87
N CYS J 33 7.07 -42.85 45.99
CA CYS J 33 7.70 -42.09 44.90
C CYS J 33 7.87 -42.95 43.66
N GLN J 34 8.22 -44.23 43.84
CA GLN J 34 8.43 -45.12 42.70
C GLN J 34 7.17 -45.21 41.84
N GLN J 35 6.05 -45.57 42.45
CA GLN J 35 4.81 -45.71 41.70
C GLN J 35 4.49 -44.43 40.93
N LEU J 36 4.73 -43.27 41.54
CA LEU J 36 4.44 -42.01 40.88
C LEU J 36 5.42 -41.73 39.76
N SER J 37 6.73 -41.89 40.03
CA SER J 37 7.73 -41.66 39.00
C SER J 37 7.47 -42.51 37.77
N GLN J 38 7.03 -43.77 37.97
CA GLN J 38 6.79 -44.66 36.84
C GLN J 38 5.60 -44.21 36.00
N LYS J 39 4.62 -43.53 36.61
CA LYS J 39 3.50 -42.99 35.85
C LYS J 39 3.92 -41.73 35.09
N LEU J 40 4.84 -40.94 35.63
CA LEU J 40 5.34 -39.78 34.90
C LEU J 40 5.96 -40.19 33.57
N CYS J 41 6.84 -41.20 33.59
CA CYS J 41 7.45 -41.68 32.35
C CYS J 41 6.39 -42.09 31.35
N THR J 42 5.33 -42.76 31.82
CA THR J 42 4.28 -43.22 30.91
C THR J 42 3.58 -42.05 30.24
N LEU J 43 3.01 -41.14 31.04
CA LEU J 43 2.36 -39.96 30.47
C LEU J 43 3.33 -39.16 29.61
N ALA J 44 4.59 -39.06 30.04
CA ALA J 44 5.57 -38.24 29.33
C ALA J 44 5.72 -38.68 27.88
N TRP J 45 5.74 -39.99 27.64
CA TRP J 45 5.91 -40.50 26.28
C TRP J 45 4.61 -40.54 25.49
N SER J 46 3.48 -40.24 26.12
CA SER J 46 2.19 -40.22 25.45
C SER J 46 1.93 -38.80 24.96
N ALA J 47 2.38 -38.49 23.75
CA ALA J 47 2.20 -37.14 23.23
C ALA J 47 2.23 -37.17 21.71
N HIS J 48 1.84 -36.04 21.11
CA HIS J 48 1.79 -35.91 19.65
C HIS J 48 3.13 -36.27 19.02
N HIS J 53 6.29 -32.22 11.82
CA HIS J 53 6.37 -32.67 13.20
C HIS J 53 7.76 -33.21 13.51
N MET J 54 8.42 -33.76 12.50
CA MET J 54 9.76 -34.32 12.66
C MET J 54 10.88 -33.28 12.57
N ASP J 55 10.56 -32.05 12.19
CA ASP J 55 11.59 -31.01 12.13
C ASP J 55 12.14 -30.74 13.52
N LEU J 56 13.46 -30.63 13.61
CA LEU J 56 14.16 -30.42 14.87
C LEU J 56 15.00 -29.16 14.79
N ARG J 57 15.31 -28.61 15.97
CA ARG J 57 16.12 -27.39 16.08
C ARG J 57 15.64 -26.31 15.12
N ASN J 66 19.08 -20.11 27.30
CA ASN J 66 18.46 -21.44 27.31
C ASN J 66 19.14 -22.35 28.34
N ASP J 67 19.08 -21.94 29.60
CA ASP J 67 19.68 -22.70 30.71
C ASP J 67 18.67 -23.67 31.29
N VAL J 68 19.12 -24.89 31.54
CA VAL J 68 18.24 -25.99 31.98
C VAL J 68 18.98 -26.83 32.99
N PRO J 69 18.28 -27.34 34.00
CA PRO J 69 18.92 -28.24 34.96
C PRO J 69 18.92 -29.69 34.51
N HIS J 70 19.99 -30.38 34.90
CA HIS J 70 20.22 -31.76 34.50
C HIS J 70 20.85 -32.54 35.64
N ILE J 71 20.61 -33.84 35.65
CA ILE J 71 21.27 -34.75 36.60
C ILE J 71 22.62 -35.10 36.01
N GLN J 72 23.66 -34.40 36.46
CA GLN J 72 25.00 -34.54 35.89
C GLN J 72 25.85 -35.48 36.73
N CYS J 73 26.98 -35.88 36.15
CA CYS J 73 27.93 -36.74 36.85
C CYS J 73 28.28 -36.15 38.21
N GLY J 74 28.31 -37.01 39.22
CA GLY J 74 28.66 -36.58 40.56
C GLY J 74 27.54 -35.95 41.35
N ASP J 75 26.36 -35.76 40.75
CA ASP J 75 25.22 -35.23 41.49
C ASP J 75 24.68 -36.18 42.54
N GLY J 76 25.28 -37.37 42.68
CA GLY J 76 24.90 -38.30 43.73
C GLY J 76 23.71 -39.17 43.43
N CYS J 77 23.29 -39.27 42.17
CA CYS J 77 22.14 -40.09 41.79
C CYS J 77 22.53 -41.49 41.35
N ASP J 78 23.82 -41.82 41.33
CA ASP J 78 24.24 -43.16 40.99
C ASP J 78 23.96 -44.10 42.17
N PRO J 79 23.89 -45.41 41.91
CA PRO J 79 23.62 -46.34 43.02
C PRO J 79 24.60 -46.24 44.17
N GLN J 80 25.89 -46.00 43.87
CA GLN J 80 26.88 -45.90 44.94
C GLN J 80 26.63 -44.67 45.82
N GLY J 81 26.19 -43.57 45.21
CA GLY J 81 25.94 -42.35 45.98
C GLY J 81 24.70 -42.45 46.84
N LEU J 82 23.64 -43.10 46.34
CA LEU J 82 22.42 -43.22 47.11
C LEU J 82 22.64 -44.01 48.39
N ARG J 83 23.50 -45.04 48.34
CA ARG J 83 23.85 -45.77 49.55
C ARG J 83 24.76 -44.94 50.45
N ASP J 84 25.58 -44.06 49.85
CA ASP J 84 26.40 -43.15 50.65
C ASP J 84 25.53 -42.06 51.27
N ASN J 85 24.86 -41.28 50.42
CA ASN J 85 23.94 -40.26 50.91
C ASN J 85 23.01 -39.90 49.76
N SER J 86 21.75 -40.29 49.88
CA SER J 86 20.75 -40.02 48.83
C SER J 86 20.21 -38.60 48.90
N GLN J 87 20.46 -37.87 49.98
CA GLN J 87 19.87 -36.53 50.12
C GLN J 87 20.31 -35.62 48.99
N PHE J 88 21.56 -35.73 48.56
CA PHE J 88 22.07 -34.85 47.50
C PHE J 88 21.26 -35.02 46.22
N CYS J 89 21.09 -36.26 45.76
CA CYS J 89 20.33 -36.48 44.53
C CYS J 89 18.91 -35.95 44.67
N LEU J 90 18.27 -36.18 45.82
CA LEU J 90 16.89 -35.74 45.99
C LEU J 90 16.77 -34.23 45.92
N GLN J 91 17.84 -33.50 46.25
CA GLN J 91 17.81 -32.06 46.10
C GLN J 91 17.84 -31.66 44.63
N ARG J 92 18.63 -32.36 43.81
CA ARG J 92 18.66 -32.08 42.38
C ARG J 92 17.33 -32.45 41.71
N ILE J 93 16.69 -33.53 42.18
CA ILE J 93 15.42 -33.95 41.60
C ILE J 93 14.32 -32.97 41.95
N HIS J 94 14.31 -32.48 43.19
CA HIS J 94 13.27 -31.53 43.60
C HIS J 94 13.35 -30.25 42.78
N GLN J 95 14.57 -29.77 42.51
CA GLN J 95 14.74 -28.58 41.69
C GLN J 95 14.19 -28.81 40.28
N GLY J 96 14.54 -29.95 39.69
CA GLY J 96 14.05 -30.23 38.35
C GLY J 96 12.54 -30.26 38.27
N LEU J 97 11.91 -31.01 39.18
CA LEU J 97 10.46 -31.10 39.19
C LEU J 97 9.82 -29.72 39.23
N ILE J 98 10.26 -28.88 40.17
CA ILE J 98 9.74 -27.52 40.27
C ILE J 98 10.01 -26.76 38.98
N PHE J 99 11.14 -27.04 38.31
CA PHE J 99 11.47 -26.35 37.08
C PHE J 99 10.46 -26.69 35.98
N TYR J 100 10.39 -27.97 35.58
CA TYR J 100 9.44 -28.39 34.56
C TYR J 100 8.01 -28.06 34.98
N GLU J 101 7.73 -28.05 36.28
CA GLU J 101 6.40 -27.65 36.74
C GLU J 101 6.10 -26.22 36.33
N LYS J 102 7.05 -25.30 36.58
CA LYS J 102 6.83 -23.90 36.22
C LYS J 102 6.70 -23.72 34.71
N LEU J 103 7.30 -24.62 33.92
CA LEU J 103 7.22 -24.49 32.46
C LEU J 103 5.87 -24.91 31.94
N LEU J 104 5.50 -26.17 32.15
CA LEU J 104 4.24 -26.69 31.62
C LEU J 104 3.07 -25.77 31.95
N GLY J 105 3.15 -25.06 33.08
CA GLY J 105 2.13 -24.09 33.42
C GLY J 105 2.28 -22.73 32.78
N SER J 106 3.30 -22.54 31.94
CA SER J 106 3.58 -21.25 31.35
C SER J 106 2.76 -21.06 30.08
N ASP J 107 2.94 -19.92 29.42
CA ASP J 107 2.26 -19.67 28.15
C ASP J 107 2.85 -20.48 27.01
N ILE J 108 3.98 -21.15 27.23
CA ILE J 108 4.52 -22.05 26.22
C ILE J 108 3.59 -23.22 25.99
N PHE J 109 2.88 -23.66 27.03
CA PHE J 109 1.99 -24.79 26.93
C PHE J 109 0.52 -24.42 27.05
N THR J 110 0.20 -23.22 27.52
CA THR J 110 -1.20 -22.79 27.63
C THR J 110 -1.61 -21.83 26.53
N GLY J 111 -0.68 -21.02 26.04
CA GLY J 111 -0.99 -20.12 24.95
C GLY J 111 -1.12 -20.84 23.63
N GLU J 112 -1.72 -20.15 22.67
CA GLU J 112 -1.93 -20.74 21.36
C GLU J 112 -0.58 -21.09 20.73
N PRO J 113 -0.45 -22.27 20.10
CA PRO J 113 -1.45 -23.34 19.92
C PRO J 113 -1.44 -24.36 21.03
N SER J 114 -2.34 -24.20 22.00
CA SER J 114 -2.56 -25.20 23.04
C SER J 114 -3.80 -26.03 22.76
N LEU J 115 -4.24 -26.06 21.51
CA LEU J 115 -5.43 -26.81 21.11
C LEU J 115 -5.10 -28.30 21.21
N LEU J 116 -5.17 -28.82 22.44
CA LEU J 116 -4.70 -30.16 22.74
C LEU J 116 -5.66 -30.82 23.73
N PRO J 117 -6.73 -31.48 23.23
CA PRO J 117 -7.70 -32.09 24.14
C PRO J 117 -7.22 -33.39 24.77
N ASP J 118 -6.47 -34.18 24.01
CA ASP J 118 -5.96 -35.47 24.46
C ASP J 118 -4.57 -35.38 25.08
N SER J 119 -4.05 -34.18 25.27
CA SER J 119 -2.68 -34.04 25.76
C SER J 119 -2.61 -34.44 27.24
N PRO J 120 -1.62 -35.23 27.64
CA PRO J 120 -1.46 -35.53 29.07
C PRO J 120 -0.75 -34.44 29.85
N VAL J 121 -0.43 -33.31 29.22
CA VAL J 121 0.31 -32.24 29.89
C VAL J 121 -0.33 -31.92 31.23
N GLY J 122 -1.63 -31.65 31.24
CA GLY J 122 -2.36 -31.38 32.47
C GLY J 122 -2.11 -32.44 33.52
N GLN J 123 -2.42 -33.70 33.20
CA GLN J 123 -2.07 -34.81 34.09
C GLN J 123 -0.58 -34.76 34.42
N LEU J 124 0.26 -34.58 33.41
CA LEU J 124 1.70 -34.56 33.63
C LEU J 124 2.10 -33.43 34.56
N HIS J 125 1.43 -32.27 34.43
CA HIS J 125 1.76 -31.14 35.29
C HIS J 125 1.44 -31.43 36.76
N ALA J 126 0.21 -31.84 37.05
CA ALA J 126 -0.18 -32.10 38.43
C ALA J 126 0.65 -33.21 39.05
N SER J 127 1.08 -34.20 38.25
CA SER J 127 1.91 -35.28 38.79
C SER J 127 3.28 -34.76 39.20
N LEU J 128 3.92 -33.95 38.34
CA LEU J 128 5.15 -33.27 38.73
C LEU J 128 4.96 -32.51 40.03
N LEU J 129 3.79 -31.87 40.18
CA LEU J 129 3.52 -31.10 41.38
C LEU J 129 3.33 -32.00 42.59
N GLY J 130 2.61 -33.12 42.42
CA GLY J 130 2.38 -34.03 43.53
C GLY J 130 3.65 -34.71 44.00
N LEU J 131 4.56 -35.04 43.09
CA LEU J 131 5.80 -35.71 43.48
C LEU J 131 6.71 -34.78 44.26
N SER J 132 6.76 -33.50 43.88
CA SER J 132 7.58 -32.54 44.62
C SER J 132 7.15 -32.46 46.08
N GLN J 133 5.85 -32.51 46.33
CA GLN J 133 5.36 -32.41 47.71
C GLN J 133 5.76 -33.61 48.56
N LEU J 134 6.18 -34.72 47.94
CA LEU J 134 6.64 -35.87 48.68
C LEU J 134 8.04 -35.69 49.25
N LEU J 135 8.62 -34.51 49.08
CA LEU J 135 10.00 -34.24 49.49
C LEU J 135 10.13 -32.99 50.34
N GLN J 136 9.35 -31.95 50.06
CA GLN J 136 9.39 -30.72 50.85
C GLN J 136 7.98 -30.12 50.85
N PRO J 137 7.17 -30.42 51.88
CA PRO J 137 5.80 -29.85 51.92
C PRO J 137 5.78 -28.33 51.92
N GLU J 138 6.67 -27.70 52.68
CA GLU J 138 6.74 -26.23 52.74
C GLU J 138 7.88 -25.69 51.86
N PRO J 148 9.94 -17.59 37.88
CA PRO J 148 10.91 -17.92 36.82
C PRO J 148 10.46 -17.47 35.43
N SER J 149 11.24 -16.61 34.78
CA SER J 149 10.85 -15.94 33.54
C SER J 149 11.83 -16.27 32.43
N LEU J 150 11.32 -16.86 31.35
CA LEU J 150 12.09 -17.11 30.13
C LEU J 150 11.04 -17.36 29.05
N SER J 151 10.64 -16.29 28.36
CA SER J 151 9.35 -16.28 27.67
C SER J 151 9.52 -16.22 26.16
N PRO J 152 8.90 -17.14 25.41
CA PRO J 152 8.82 -17.00 23.94
C PRO J 152 7.44 -16.50 23.52
N SER J 153 7.35 -15.85 22.37
CA SER J 153 6.11 -15.21 21.95
C SER J 153 5.47 -15.84 20.72
N GLN J 154 6.25 -16.25 19.73
CA GLN J 154 5.68 -16.68 18.47
C GLN J 154 4.85 -17.96 18.68
N PRO J 155 3.68 -18.08 18.05
CA PRO J 155 2.90 -19.32 18.19
C PRO J 155 3.67 -20.56 17.76
N TRP J 156 4.24 -20.54 16.55
CA TRP J 156 5.01 -21.70 16.10
C TRP J 156 6.19 -21.98 17.02
N GLN J 157 6.94 -20.93 17.40
CA GLN J 157 8.05 -21.12 18.34
C GLN J 157 7.58 -21.81 19.60
N ARG J 158 6.39 -21.44 20.10
CA ARG J 158 5.82 -22.16 21.23
C ARG J 158 5.73 -23.64 20.92
N LEU J 159 5.32 -23.98 19.69
CA LEU J 159 5.12 -25.38 19.33
C LEU J 159 6.44 -26.13 19.27
N LEU J 160 7.53 -25.47 18.88
CA LEU J 160 8.82 -26.14 18.85
C LEU J 160 9.31 -26.44 20.25
N LEU J 161 9.39 -25.43 21.10
CA LEU J 161 9.82 -25.65 22.47
C LEU J 161 8.94 -26.68 23.16
N ARG J 162 7.65 -26.70 22.84
CA ARG J 162 6.74 -27.65 23.46
C ARG J 162 7.25 -29.08 23.32
N PHE J 163 7.94 -29.36 22.21
CA PHE J 163 8.50 -30.69 21.97
C PHE J 163 9.92 -30.82 22.46
N LYS J 164 10.74 -29.79 22.29
CA LYS J 164 12.09 -29.82 22.85
C LYS J 164 12.05 -30.09 24.35
N ILE J 165 11.23 -29.33 25.07
CA ILE J 165 11.06 -29.55 26.51
C ILE J 165 10.62 -30.98 26.77
N LEU J 166 9.71 -31.49 25.95
CA LEU J 166 9.10 -32.78 26.25
C LEU J 166 10.13 -33.90 26.23
N ARG J 167 10.99 -33.92 25.20
CA ARG J 167 11.95 -35.02 25.06
C ARG J 167 13.07 -34.92 26.08
N SER J 168 13.46 -33.70 26.48
CA SER J 168 14.44 -33.55 27.54
C SER J 168 13.84 -33.95 28.89
N LEU J 169 12.55 -33.73 29.09
CA LEU J 169 11.89 -34.20 30.30
C LEU J 169 11.84 -35.72 30.35
N GLN J 170 11.58 -36.35 29.20
CA GLN J 170 11.55 -37.81 29.15
C GLN J 170 12.83 -38.41 29.71
N ALA J 171 13.98 -37.79 29.41
CA ALA J 171 15.24 -38.26 29.96
C ALA J 171 15.40 -37.88 31.43
N PHE J 172 14.74 -36.81 31.86
CA PHE J 172 14.86 -36.36 33.24
C PHE J 172 14.12 -37.30 34.18
N VAL J 173 12.83 -37.53 33.93
CA VAL J 173 12.02 -38.37 34.81
C VAL J 173 12.52 -39.80 34.78
N ALA J 174 13.07 -40.24 33.64
CA ALA J 174 13.54 -41.61 33.53
C ALA J 174 14.56 -41.93 34.62
N VAL J 175 15.58 -41.07 34.76
CA VAL J 175 16.59 -41.29 35.79
C VAL J 175 15.95 -41.30 37.18
N ALA J 176 15.06 -40.34 37.44
CA ALA J 176 14.42 -40.27 38.74
C ALA J 176 13.69 -41.56 39.08
N ALA J 177 12.96 -42.12 38.11
CA ALA J 177 12.25 -43.37 38.35
C ALA J 177 13.22 -44.47 38.74
N ARG J 178 14.38 -44.55 38.07
CA ARG J 178 15.38 -45.54 38.44
C ARG J 178 15.84 -45.34 39.88
N VAL J 179 16.01 -44.08 40.29
CA VAL J 179 16.40 -43.79 41.67
C VAL J 179 15.37 -44.35 42.64
N PHE J 180 14.12 -43.91 42.50
CA PHE J 180 13.07 -44.36 43.41
C PHE J 180 12.87 -45.87 43.32
N ALA J 181 13.13 -46.46 42.14
CA ALA J 181 13.02 -47.91 42.00
C ALA J 181 14.16 -48.61 42.73
N HIS J 182 15.35 -48.03 42.71
CA HIS J 182 16.47 -48.60 43.45
C HIS J 182 16.34 -48.34 44.95
N GLY J 183 15.82 -47.18 45.33
CA GLY J 183 15.70 -46.86 46.75
C GLY J 183 14.61 -47.66 47.44
N ALA J 184 13.48 -47.85 46.76
CA ALA J 184 12.39 -48.62 47.35
C ALA J 184 12.75 -50.10 47.50
N ALA J 185 13.66 -50.60 46.67
CA ALA J 185 14.04 -52.01 46.71
C ALA J 185 15.13 -52.31 47.72
N THR J 186 16.00 -51.34 48.02
CA THR J 186 17.14 -51.56 48.90
C THR J 186 17.04 -50.72 50.16
N LEU J 187 17.04 -49.39 50.05
CA LEU J 187 17.01 -48.51 51.21
C LEU J 187 15.70 -48.60 51.99
N SER J 188 14.75 -49.43 51.55
CA SER J 188 13.49 -49.63 52.27
C SER J 188 13.67 -50.76 53.27
N PRO J 189 13.64 -50.52 54.60
CA PRO J 189 13.82 -51.61 55.56
C PRO J 189 12.76 -52.72 55.44
N ILE K 23 55.35 16.96 -5.94
CA ILE K 23 56.71 17.35 -6.30
C ILE K 23 57.69 16.28 -5.83
N TRP K 24 58.72 16.02 -6.65
CA TRP K 24 59.73 15.03 -6.34
C TRP K 24 61.08 15.51 -6.86
N GLU K 25 62.14 15.06 -6.21
CA GLU K 25 63.49 15.50 -6.57
C GLU K 25 64.01 14.67 -7.73
N LEU K 26 64.39 15.34 -8.82
CA LEU K 26 65.02 14.65 -9.93
C LEU K 26 66.48 14.34 -9.61
N LYS K 27 67.23 15.34 -9.14
CA LYS K 27 68.58 15.12 -8.64
C LYS K 27 68.86 16.20 -7.60
N LYS K 28 70.12 16.26 -7.13
CA LYS K 28 70.48 17.20 -6.08
C LYS K 28 70.08 18.63 -6.46
N ASP K 29 69.20 19.22 -5.65
CA ASP K 29 68.74 20.60 -5.82
C ASP K 29 67.94 20.79 -7.10
N VAL K 30 67.35 19.72 -7.63
CA VAL K 30 66.54 19.78 -8.85
C VAL K 30 65.25 19.01 -8.59
N TYR K 31 64.12 19.68 -8.80
CA TYR K 31 62.82 19.12 -8.46
C TYR K 31 61.85 19.29 -9.62
N VAL K 32 60.99 18.29 -9.80
CA VAL K 32 59.97 18.27 -10.85
C VAL K 32 58.61 18.48 -10.22
N VAL K 33 57.75 19.21 -10.92
CA VAL K 33 56.39 19.48 -10.47
C VAL K 33 55.44 18.96 -11.54
N GLU K 34 54.57 18.01 -11.15
CA GLU K 34 53.59 17.45 -12.07
C GLU K 34 52.33 18.31 -12.04
N LEU K 35 51.92 18.80 -13.20
CA LEU K 35 50.78 19.71 -13.31
C LEU K 35 49.76 19.18 -14.30
N ASP K 36 48.48 19.41 -14.01
CA ASP K 36 47.41 19.14 -14.95
C ASP K 36 47.28 20.37 -15.86
N TRP K 37 47.75 20.25 -17.09
CA TRP K 37 47.87 21.39 -17.99
C TRP K 37 46.54 21.63 -18.69
N TYR K 38 45.85 22.70 -18.30
CA TYR K 38 44.62 23.11 -18.96
C TYR K 38 44.41 24.60 -18.68
N PRO K 39 43.63 25.29 -19.51
CA PRO K 39 43.49 26.74 -19.34
C PRO K 39 43.07 27.12 -17.93
N ASP K 40 43.74 28.16 -17.42
CA ASP K 40 43.41 28.75 -16.12
C ASP K 40 43.40 27.70 -15.00
N ALA K 41 44.24 26.68 -15.14
CA ALA K 41 44.38 25.71 -14.06
C ALA K 41 45.07 26.37 -12.87
N PRO K 42 44.64 26.09 -11.63
CA PRO K 42 45.27 26.74 -10.48
C PRO K 42 46.67 26.22 -10.19
N GLY K 43 47.05 25.07 -10.73
CA GLY K 43 48.35 24.51 -10.48
C GLY K 43 48.42 23.81 -9.13
N GLU K 44 49.65 23.70 -8.63
CA GLU K 44 49.92 23.07 -7.34
C GLU K 44 50.67 24.06 -6.46
N MET K 45 50.46 23.93 -5.14
CA MET K 45 51.15 24.75 -4.17
C MET K 45 52.41 24.03 -3.69
N VAL K 46 53.53 24.75 -3.67
CA VAL K 46 54.83 24.16 -3.32
C VAL K 46 55.50 25.01 -2.25
N VAL K 47 56.20 24.33 -1.33
CA VAL K 47 56.88 24.97 -0.21
C VAL K 47 58.36 24.62 -0.33
N LEU K 48 59.19 25.63 -0.61
CA LEU K 48 60.63 25.45 -0.77
C LEU K 48 61.32 25.75 0.55
N THR K 49 62.24 24.88 0.94
CA THR K 49 62.96 25.01 2.20
C THR K 49 64.43 25.28 1.91
N CYS K 50 64.92 26.43 2.36
CA CYS K 50 66.34 26.74 2.26
C CYS K 50 67.14 25.86 3.20
N ASP K 51 68.29 25.38 2.72
CA ASP K 51 69.09 24.41 3.47
C ASP K 51 70.09 25.14 4.37
N THR K 52 69.55 25.75 5.43
CA THR K 52 70.41 26.39 6.43
C THR K 52 69.78 26.34 7.82
N PRO K 53 70.57 26.04 8.85
CA PRO K 53 70.06 26.18 10.21
C PRO K 53 69.66 27.59 10.62
N GLU K 54 70.26 28.64 10.05
CA GLU K 54 69.97 30.00 10.50
C GLU K 54 68.56 30.42 10.09
N GLU K 55 67.97 31.33 10.87
CA GLU K 55 66.53 31.57 10.85
C GLU K 55 66.12 32.85 10.11
N ASP K 56 66.16 34.00 10.78
CA ASP K 56 65.68 35.23 10.19
C ASP K 56 66.81 35.88 9.37
N GLY K 57 66.50 36.98 8.70
CA GLY K 57 67.44 37.60 7.80
C GLY K 57 67.68 36.78 6.54
N ILE K 58 66.62 36.16 6.02
CA ILE K 58 66.71 35.34 4.82
C ILE K 58 65.77 35.91 3.77
N THR K 59 66.15 35.74 2.51
CA THR K 59 65.38 36.27 1.40
C THR K 59 65.53 35.33 0.21
N TRP K 60 64.48 35.27 -0.61
CA TRP K 60 64.44 34.40 -1.77
C TRP K 60 64.43 35.24 -3.04
N THR K 61 65.00 34.67 -4.11
CA THR K 61 64.96 35.28 -5.43
C THR K 61 64.79 34.18 -6.46
N LEU K 62 64.50 34.58 -7.70
CA LEU K 62 64.27 33.63 -8.77
C LEU K 62 65.17 33.96 -9.94
N ASP K 63 65.91 32.95 -10.42
CA ASP K 63 66.79 33.09 -11.58
C ASP K 63 67.74 34.26 -11.33
N GLN K 64 67.83 35.23 -12.23
CA GLN K 64 68.76 36.33 -12.08
C GLN K 64 68.13 37.55 -11.43
N SER K 65 66.82 37.71 -11.52
CA SER K 65 66.17 38.89 -10.97
C SER K 65 66.49 39.03 -9.49
N SER K 66 66.65 40.28 -9.06
CA SER K 66 66.94 40.58 -7.65
C SER K 66 65.67 40.78 -6.82
N GLU K 67 64.49 40.75 -7.45
CA GLU K 67 63.25 40.92 -6.71
C GLU K 67 63.13 39.89 -5.61
N VAL K 68 62.91 40.36 -4.39
CA VAL K 68 62.72 39.49 -3.23
C VAL K 68 61.29 38.98 -3.25
N LEU K 69 61.11 37.69 -3.55
CA LEU K 69 59.78 37.09 -3.63
C LEU K 69 59.22 36.75 -2.26
N GLY K 70 60.04 36.68 -1.23
CA GLY K 70 59.56 36.35 0.10
C GLY K 70 60.72 36.26 1.07
N SER K 71 60.39 35.99 2.32
CA SER K 71 61.39 35.85 3.36
C SER K 71 61.03 34.68 4.25
N GLY K 72 62.02 34.20 4.99
CA GLY K 72 61.85 33.10 5.92
C GLY K 72 62.60 31.85 5.46
N LYS K 73 62.63 30.87 6.36
CA LYS K 73 63.27 29.59 6.07
C LYS K 73 62.55 28.86 4.94
N THR K 74 61.24 29.06 4.82
CA THR K 74 60.43 28.39 3.80
C THR K 74 59.76 29.43 2.92
N LEU K 75 59.33 28.99 1.72
CA LEU K 75 58.66 29.86 0.77
C LEU K 75 57.54 29.09 0.10
N THR K 76 56.30 29.55 0.29
CA THR K 76 55.13 28.95 -0.33
C THR K 76 54.82 29.67 -1.64
N ILE K 77 54.56 28.92 -2.70
CA ILE K 77 54.32 29.51 -4.01
C ILE K 77 53.32 28.64 -4.77
N GLN K 78 52.62 29.27 -5.71
CA GLN K 78 51.64 28.60 -6.56
C GLN K 78 52.26 28.44 -7.95
N VAL K 79 52.56 27.20 -8.32
CA VAL K 79 53.20 26.89 -9.59
C VAL K 79 52.11 26.53 -10.59
N LYS K 80 51.90 27.40 -11.59
CA LYS K 80 50.93 27.14 -12.63
C LYS K 80 51.41 27.52 -14.02
N GLU K 81 52.52 28.24 -14.15
CA GLU K 81 53.04 28.61 -15.46
C GLU K 81 54.55 28.62 -15.40
N PHE K 82 55.18 28.41 -16.56
CA PHE K 82 56.64 28.41 -16.62
C PHE K 82 57.23 29.63 -15.94
N GLY K 83 56.52 30.77 -16.00
CA GLY K 83 56.97 31.93 -15.27
C GLY K 83 57.16 31.66 -13.79
N ASP K 84 56.43 30.68 -13.24
CA ASP K 84 56.60 30.29 -11.85
C ASP K 84 57.75 29.32 -11.64
N ALA K 85 58.29 28.75 -12.70
CA ALA K 85 59.39 27.80 -12.59
C ALA K 85 60.73 28.53 -12.69
N GLY K 86 61.82 27.79 -12.42
CA GLY K 86 63.16 28.32 -12.48
C GLY K 86 63.93 27.98 -11.23
N GLN K 87 65.06 28.67 -11.04
CA GLN K 87 65.96 28.43 -9.92
C GLN K 87 65.65 29.41 -8.81
N TYR K 88 65.04 28.92 -7.73
CA TYR K 88 64.74 29.74 -6.57
C TYR K 88 65.93 29.67 -5.61
N THR K 89 66.56 30.82 -5.37
CA THR K 89 67.75 30.91 -4.55
C THR K 89 67.45 31.68 -3.27
N CYS K 90 67.89 31.14 -2.14
CA CYS K 90 67.79 31.80 -0.86
C CYS K 90 69.15 32.38 -0.46
N HIS K 91 69.12 33.51 0.24
CA HIS K 91 70.33 34.24 0.60
C HIS K 91 70.20 34.76 2.03
N LYS K 92 71.32 35.26 2.55
CA LYS K 92 71.35 35.96 3.83
C LYS K 92 72.68 36.70 3.92
N GLY K 93 72.61 38.03 3.89
CA GLY K 93 73.82 38.85 3.93
C GLY K 93 74.62 38.78 2.66
N GLY K 94 73.95 38.75 1.51
CA GLY K 94 74.62 38.64 0.23
C GLY K 94 75.14 37.26 -0.11
N GLU K 95 75.22 36.36 0.87
CA GLU K 95 75.72 35.01 0.64
C GLU K 95 74.59 34.11 0.16
N VAL K 96 74.86 33.33 -0.88
CA VAL K 96 73.91 32.32 -1.33
C VAL K 96 73.97 31.15 -0.36
N LEU K 97 72.81 30.73 0.14
CA LEU K 97 72.72 29.61 1.07
C LEU K 97 72.41 28.30 0.34
N SER K 98 71.46 28.34 -0.60
CA SER K 98 71.13 27.17 -1.40
C SER K 98 70.17 27.60 -2.49
N HIS K 99 70.02 26.74 -3.50
CA HIS K 99 69.13 27.00 -4.61
C HIS K 99 68.36 25.72 -4.92
N SER K 100 67.26 25.87 -5.64
CA SER K 100 66.40 24.74 -5.99
C SER K 100 65.76 25.01 -7.34
N LEU K 101 65.93 24.08 -8.27
CA LEU K 101 65.44 24.21 -9.64
C LEU K 101 64.11 23.50 -9.78
N LEU K 102 63.11 24.20 -10.32
CA LEU K 102 61.76 23.68 -10.46
C LEU K 102 61.43 23.51 -11.93
N LEU K 103 61.11 22.27 -12.32
CA LEU K 103 60.77 21.94 -13.68
C LEU K 103 59.31 21.49 -13.75
N LEU K 104 58.71 21.66 -14.92
CA LEU K 104 57.30 21.38 -15.12
C LEU K 104 57.15 20.20 -16.06
N HIS K 105 56.35 19.21 -15.66
CA HIS K 105 56.06 18.02 -16.46
C HIS K 105 54.57 18.07 -16.81
N LYS K 106 54.26 18.53 -18.01
CA LYS K 106 52.86 18.72 -18.41
C LYS K 106 52.14 17.40 -18.54
N LYS K 107 50.90 17.36 -18.03
CA LYS K 107 49.96 16.27 -18.30
C LYS K 107 48.78 16.89 -19.04
N GLU K 108 48.77 16.74 -20.37
CA GLU K 108 47.77 17.37 -21.23
C GLU K 108 46.63 16.37 -21.48
N ASP K 109 45.48 16.61 -20.85
CA ASP K 109 44.29 15.77 -21.02
C ASP K 109 44.62 14.30 -20.69
N GLY K 110 45.31 14.12 -19.56
CA GLY K 110 45.62 12.79 -19.08
C GLY K 110 46.85 12.13 -19.68
N ILE K 111 47.59 12.84 -20.53
CA ILE K 111 48.79 12.29 -21.15
C ILE K 111 49.95 13.26 -20.95
N TRP K 112 51.14 12.69 -20.68
CA TRP K 112 52.33 13.50 -20.50
C TRP K 112 52.86 13.94 -21.85
N SER K 113 53.33 15.19 -21.90
CA SER K 113 53.72 15.79 -23.17
C SER K 113 54.96 15.10 -23.74
N THR K 114 55.06 15.13 -25.08
CA THR K 114 56.20 14.61 -25.82
C THR K 114 56.64 15.61 -26.89
N ASP K 115 56.67 16.90 -26.53
CA ASP K 115 56.93 17.95 -27.51
C ASP K 115 58.39 18.00 -27.93
N ILE K 116 59.29 17.53 -27.07
CA ILE K 116 60.72 17.63 -27.37
C ILE K 116 61.09 16.72 -28.55
N LEU K 117 60.89 15.42 -28.39
CA LEU K 117 61.33 14.47 -29.38
C LEU K 117 60.29 14.33 -30.51
N LYS K 118 60.78 13.90 -31.65
CA LYS K 118 59.94 13.68 -32.83
C LYS K 118 59.69 12.19 -32.98
N ASP K 119 58.43 11.84 -33.25
CA ASP K 119 58.04 10.45 -33.36
C ASP K 119 58.59 9.85 -34.65
N GLN K 120 59.40 8.79 -34.52
CA GLN K 120 60.01 8.15 -35.69
C GLN K 120 59.04 7.24 -36.44
N LYS K 121 57.93 6.84 -35.81
CA LYS K 121 56.88 6.07 -36.45
C LYS K 121 57.38 4.74 -37.03
N GLU K 122 58.50 4.23 -36.50
CA GLU K 122 59.02 2.95 -36.91
C GLU K 122 59.71 2.33 -35.72
N PRO K 123 59.47 1.04 -35.42
CA PRO K 123 58.63 0.13 -36.19
C PRO K 123 57.12 0.36 -35.95
N LYS K 124 56.79 1.30 -35.08
CA LYS K 124 55.40 1.63 -34.80
C LYS K 124 55.31 3.08 -34.34
N ASN K 125 54.07 3.57 -34.22
CA ASN K 125 53.85 4.92 -33.74
C ASN K 125 54.22 5.03 -32.26
N LYS K 126 54.48 6.27 -31.83
CA LYS K 126 54.91 6.54 -30.46
C LYS K 126 56.27 5.91 -30.17
N THR K 127 57.17 5.95 -31.17
CA THR K 127 58.54 5.48 -31.04
C THR K 127 59.47 6.68 -31.21
N PHE K 128 60.16 7.06 -30.13
CA PHE K 128 61.08 8.19 -30.15
C PHE K 128 62.54 7.77 -30.05
N LEU K 129 62.82 6.58 -29.55
CA LEU K 129 64.18 6.08 -29.40
C LEU K 129 64.40 4.89 -30.32
N ARG K 130 65.56 4.86 -30.96
CA ARG K 130 65.98 3.74 -31.80
C ARG K 130 67.38 3.32 -31.36
N CYS K 131 67.55 2.04 -31.09
CA CYS K 131 68.82 1.53 -30.58
C CYS K 131 69.39 0.48 -31.54
N GLU K 132 70.71 0.31 -31.46
CA GLU K 132 71.43 -0.62 -32.31
C GLU K 132 72.59 -1.21 -31.53
N ALA K 133 73.16 -2.28 -32.07
CA ALA K 133 74.36 -2.89 -31.52
C ALA K 133 75.12 -3.57 -32.64
N LYS K 134 76.44 -3.40 -32.64
CA LYS K 134 77.28 -4.02 -33.66
C LYS K 134 77.69 -5.44 -33.30
N ASN K 135 77.39 -5.91 -32.10
CA ASN K 135 77.82 -7.24 -31.66
C ASN K 135 77.08 -7.58 -30.37
N TYR K 136 77.37 -8.76 -29.85
CA TYR K 136 76.82 -9.23 -28.58
C TYR K 136 77.72 -8.89 -27.39
N SER K 137 78.74 -8.04 -27.60
CA SER K 137 79.70 -7.75 -26.54
C SER K 137 79.02 -7.21 -25.28
N GLY K 138 77.85 -6.60 -25.43
CA GLY K 138 77.20 -5.87 -24.35
C GLY K 138 77.15 -4.37 -24.56
N ARG K 139 77.76 -3.85 -25.62
CA ARG K 139 77.70 -2.44 -25.94
C ARG K 139 76.58 -2.20 -26.94
N PHE K 140 75.91 -1.06 -26.80
CA PHE K 140 74.87 -0.67 -27.73
C PHE K 140 74.74 0.84 -27.77
N THR K 141 74.12 1.34 -28.83
CA THR K 141 73.95 2.77 -29.05
C THR K 141 72.48 3.07 -29.32
N CYS K 142 72.02 4.22 -28.83
CA CYS K 142 70.66 4.68 -29.06
C CYS K 142 70.71 6.12 -29.53
N TRP K 143 69.76 6.48 -30.41
CA TRP K 143 69.71 7.82 -30.97
C TRP K 143 68.25 8.26 -31.08
N TRP K 144 68.07 9.58 -31.13
CA TRP K 144 66.75 10.17 -31.28
C TRP K 144 66.89 11.48 -32.03
N LEU K 145 65.75 12.08 -32.37
CA LEU K 145 65.70 13.27 -33.20
C LEU K 145 64.88 14.35 -32.52
N THR K 146 65.25 15.60 -32.79
CA THR K 146 64.58 16.75 -32.19
C THR K 146 64.81 17.98 -33.07
N THR K 147 63.82 18.87 -33.08
CA THR K 147 63.93 20.13 -33.79
C THR K 147 64.56 21.23 -32.93
N ILE K 148 64.71 20.99 -31.63
CA ILE K 148 65.16 22.03 -30.71
C ILE K 148 66.68 22.17 -30.82
N SER K 149 67.15 23.41 -30.70
CA SER K 149 68.56 23.72 -30.84
C SER K 149 69.19 24.33 -29.59
N THR K 150 68.39 24.84 -28.65
CA THR K 150 68.91 25.59 -27.53
C THR K 150 68.30 25.09 -26.23
N ASP K 151 69.02 25.35 -25.13
CA ASP K 151 68.54 25.05 -23.78
C ASP K 151 67.98 23.63 -23.71
N LEU K 152 68.74 22.67 -24.23
CA LEU K 152 68.31 21.29 -24.30
C LEU K 152 69.31 20.41 -23.54
N THR K 153 68.81 19.63 -22.58
CA THR K 153 69.63 18.75 -21.78
C THR K 153 69.02 17.37 -21.75
N PHE K 154 69.87 16.34 -21.67
CA PHE K 154 69.43 14.96 -21.57
C PHE K 154 70.20 14.25 -20.47
N SER K 155 69.57 13.22 -19.91
CA SER K 155 70.21 12.34 -18.95
C SER K 155 69.75 10.92 -19.25
N VAL K 156 70.70 9.99 -19.29
CA VAL K 156 70.45 8.62 -19.71
C VAL K 156 70.84 7.68 -18.58
N LYS K 157 70.01 6.64 -18.38
CA LYS K 157 70.31 5.55 -17.47
C LYS K 157 69.69 4.29 -18.04
N SER K 158 70.28 3.14 -17.72
CA SER K 158 69.83 1.89 -18.29
C SER K 158 70.08 0.76 -17.30
N SER K 159 69.36 -0.33 -17.49
CA SER K 159 69.52 -1.51 -16.65
C SER K 159 68.79 -2.68 -17.29
N ARG K 160 69.20 -3.88 -16.92
CA ARG K 160 68.58 -5.12 -17.41
C ARG K 160 67.67 -5.66 -16.30
N GLY K 161 66.38 -5.43 -16.45
CA GLY K 161 65.40 -5.92 -15.50
C GLY K 161 64.83 -4.79 -14.67
N SER K 162 63.55 -4.90 -14.35
CA SER K 162 62.86 -3.90 -13.52
C SER K 162 62.86 -4.29 -12.05
N SER K 163 62.37 -5.49 -11.73
CA SER K 163 62.27 -5.91 -10.33
C SER K 163 63.65 -5.98 -9.68
N ASP K 164 64.62 -6.60 -10.35
CA ASP K 164 65.98 -6.74 -9.84
C ASP K 164 66.93 -6.22 -10.91
N PRO K 165 67.17 -4.92 -10.95
CA PRO K 165 68.00 -4.35 -12.03
C PRO K 165 69.47 -4.72 -11.88
N GLN K 166 70.11 -4.98 -13.02
CA GLN K 166 71.54 -5.26 -13.08
C GLN K 166 72.27 -4.06 -13.66
N GLY K 167 73.53 -3.90 -13.28
CA GLY K 167 74.32 -2.74 -13.65
C GLY K 167 74.52 -2.55 -15.14
N VAL K 168 74.18 -1.37 -15.64
CA VAL K 168 74.43 -0.98 -17.03
C VAL K 168 74.90 0.46 -17.04
N THR K 169 76.11 0.69 -17.54
CA THR K 169 76.70 2.02 -17.57
C THR K 169 76.36 2.72 -18.89
N CYS K 170 75.89 3.95 -18.78
CA CYS K 170 75.60 4.77 -19.95
C CYS K 170 76.45 6.04 -19.91
N GLY K 171 76.96 6.43 -21.07
CA GLY K 171 77.74 7.64 -21.20
C GLY K 171 76.85 8.85 -21.38
N ALA K 172 77.42 9.89 -21.99
CA ALA K 172 76.72 11.15 -22.18
C ALA K 172 75.97 11.14 -23.51
N ALA K 173 74.92 11.96 -23.58
CA ALA K 173 74.19 12.17 -24.82
C ALA K 173 74.75 13.40 -25.53
N THR K 174 75.12 13.22 -26.80
CA THR K 174 75.78 14.26 -27.57
C THR K 174 75.18 14.32 -28.97
N LEU K 175 75.29 15.49 -29.60
CA LEU K 175 74.75 15.69 -30.93
C LEU K 175 75.58 14.90 -31.94
N SER K 176 74.92 14.04 -32.71
CA SER K 176 75.62 13.17 -33.66
C SER K 176 75.52 13.64 -35.10
N ALA K 177 74.47 14.37 -35.48
CA ALA K 177 74.33 14.81 -36.85
C ALA K 177 73.30 15.93 -36.91
N GLU K 178 73.36 16.70 -38.00
CA GLU K 178 72.42 17.77 -38.27
C GLU K 178 72.00 17.69 -39.73
N ARG K 179 70.69 17.79 -39.96
CA ARG K 179 70.15 17.71 -41.32
C ARG K 179 68.85 18.49 -41.39
N VAL K 180 68.40 18.73 -42.61
CA VAL K 180 67.18 19.50 -42.87
C VAL K 180 66.12 18.56 -43.41
N ARG K 181 64.91 18.63 -42.84
CA ARG K 181 63.74 17.92 -43.34
C ARG K 181 62.56 18.88 -43.28
N GLY K 182 62.06 19.29 -44.44
CA GLY K 182 60.94 20.21 -44.52
C GLY K 182 61.23 21.59 -43.96
N ASP K 183 62.30 22.22 -44.44
CA ASP K 183 62.64 23.62 -44.16
C ASP K 183 62.97 23.89 -42.70
N ASN K 184 62.84 22.91 -41.82
CA ASN K 184 63.23 23.06 -40.42
C ASN K 184 64.33 22.05 -40.12
N LYS K 185 65.31 22.47 -39.34
CA LYS K 185 66.45 21.61 -39.06
C LYS K 185 66.05 20.43 -38.19
N GLU K 186 66.75 19.31 -38.36
CA GLU K 186 66.57 18.12 -37.56
C GLU K 186 67.90 17.78 -36.89
N TYR K 187 67.88 17.68 -35.57
CA TYR K 187 69.08 17.39 -34.80
C TYR K 187 69.01 15.99 -34.25
N GLU K 188 70.04 15.19 -34.53
CA GLU K 188 70.12 13.81 -34.08
C GLU K 188 71.11 13.72 -32.92
N TYR K 189 70.66 13.14 -31.82
CA TYR K 189 71.52 12.84 -30.68
C TYR K 189 71.76 11.35 -30.59
N SER K 190 72.84 10.98 -29.91
CA SER K 190 73.20 9.58 -29.74
C SER K 190 73.80 9.40 -28.36
N VAL K 191 73.93 8.15 -27.94
CA VAL K 191 74.54 7.82 -26.67
C VAL K 191 74.98 6.37 -26.71
N GLU K 192 76.13 6.09 -26.10
CA GLU K 192 76.64 4.73 -25.98
C GLU K 192 76.43 4.22 -24.56
N CYS K 193 76.28 2.91 -24.44
CA CYS K 193 76.12 2.28 -23.13
C CYS K 193 76.78 0.90 -23.19
N GLN K 194 76.88 0.26 -22.03
CA GLN K 194 77.50 -1.04 -21.95
C GLN K 194 76.97 -1.78 -20.74
N GLU K 195 76.69 -3.07 -20.91
CA GLU K 195 76.30 -3.91 -19.79
C GLU K 195 77.52 -4.22 -18.94
N ASP K 196 77.43 -3.93 -17.64
CA ASP K 196 78.56 -4.14 -16.74
C ASP K 196 79.07 -5.58 -16.83
N SER K 197 78.18 -6.54 -16.64
CA SER K 197 78.54 -7.96 -16.66
C SER K 197 77.74 -8.62 -17.78
N ALA K 198 78.37 -8.79 -18.93
CA ALA K 198 77.71 -9.28 -20.14
C ALA K 198 77.96 -10.78 -20.33
N CYS K 199 76.98 -11.43 -20.95
CA CYS K 199 77.07 -12.84 -21.34
C CYS K 199 76.70 -12.92 -22.82
N PRO K 200 77.67 -12.67 -23.71
CA PRO K 200 77.32 -12.58 -25.14
C PRO K 200 76.65 -13.82 -25.69
N ALA K 201 77.10 -15.00 -25.28
CA ALA K 201 76.58 -16.25 -25.83
C ALA K 201 75.27 -16.69 -25.20
N ALA K 202 74.85 -16.08 -24.09
CA ALA K 202 73.71 -16.55 -23.35
C ALA K 202 72.40 -16.16 -24.03
N GLU K 203 71.32 -16.85 -23.63
CA GLU K 203 69.97 -16.57 -24.10
C GLU K 203 69.34 -15.53 -23.17
N GLU K 204 69.25 -14.30 -23.64
CA GLU K 204 68.69 -13.23 -22.82
C GLU K 204 67.28 -13.58 -22.40
N SER K 205 67.03 -13.59 -21.09
CA SER K 205 65.70 -13.83 -20.54
C SER K 205 65.01 -12.54 -20.14
N LEU K 206 65.75 -11.55 -19.62
CA LEU K 206 65.22 -10.27 -19.19
C LEU K 206 65.66 -9.17 -20.15
N PRO K 207 64.78 -8.25 -20.53
CA PRO K 207 65.12 -7.26 -21.55
C PRO K 207 65.97 -6.13 -20.98
N ILE K 208 66.50 -5.32 -21.89
CA ILE K 208 67.27 -4.13 -21.52
C ILE K 208 66.31 -2.95 -21.42
N GLU K 209 66.36 -2.24 -20.31
CA GLU K 209 65.50 -1.09 -20.06
C GLU K 209 66.34 0.18 -20.15
N VAL K 210 65.88 1.14 -20.96
CA VAL K 210 66.52 2.43 -21.11
C VAL K 210 65.53 3.51 -20.70
N MET K 211 65.99 4.45 -19.87
CA MET K 211 65.18 5.55 -19.38
C MET K 211 65.91 6.86 -19.63
N VAL K 212 65.23 7.82 -20.24
CA VAL K 212 65.82 9.07 -20.69
C VAL K 212 65.06 10.22 -20.05
N ASP K 213 65.79 11.14 -19.42
CA ASP K 213 65.21 12.38 -18.91
C ASP K 213 65.57 13.50 -19.86
N ALA K 214 64.55 14.23 -20.33
CA ALA K 214 64.72 15.33 -21.26
C ALA K 214 64.32 16.64 -20.59
N VAL K 215 65.10 17.69 -20.83
CA VAL K 215 64.83 19.00 -20.25
C VAL K 215 65.06 20.05 -21.34
N HIS K 216 64.01 20.82 -21.65
CA HIS K 216 64.11 21.98 -22.52
C HIS K 216 63.75 23.20 -21.67
N LYS K 217 64.74 24.05 -21.43
CA LYS K 217 64.52 25.21 -20.57
C LYS K 217 63.98 24.76 -19.21
N LEU K 218 62.66 24.81 -19.04
CA LEU K 218 62.02 24.40 -17.79
C LEU K 218 60.91 23.38 -18.02
N LYS K 219 60.95 22.69 -19.16
CA LYS K 219 59.98 21.65 -19.49
C LYS K 219 60.62 20.27 -19.33
N TYR K 220 59.92 19.37 -18.64
CA TYR K 220 60.43 18.03 -18.37
C TYR K 220 59.55 17.01 -19.07
N GLU K 221 60.21 16.06 -19.74
CA GLU K 221 59.56 14.89 -20.32
C GLU K 221 60.57 13.76 -20.27
N ASN K 222 60.09 12.55 -19.98
CA ASN K 222 60.99 11.40 -19.97
C ASN K 222 60.40 10.27 -20.79
N TYR K 223 61.29 9.56 -21.50
CA TYR K 223 60.94 8.50 -22.43
C TYR K 223 61.60 7.21 -22.00
N THR K 224 61.24 6.11 -22.68
CA THR K 224 61.74 4.79 -22.35
C THR K 224 61.82 3.94 -23.59
N SER K 225 62.53 2.81 -23.47
CA SER K 225 62.56 1.80 -24.51
C SER K 225 63.02 0.49 -23.87
N SER K 226 62.39 -0.61 -24.30
CA SER K 226 62.70 -1.93 -23.78
C SER K 226 62.95 -2.88 -24.96
N PHE K 227 63.99 -3.71 -24.84
CA PHE K 227 64.37 -4.59 -25.94
C PHE K 227 65.44 -5.54 -25.45
N PHE K 228 65.57 -6.67 -26.15
CA PHE K 228 66.71 -7.55 -26.03
C PHE K 228 67.81 -7.10 -26.99
N ILE K 229 69.06 -7.44 -26.66
CA ILE K 229 70.16 -7.08 -27.55
C ILE K 229 70.03 -7.82 -28.88
N ARG K 230 69.69 -9.10 -28.84
CA ARG K 230 69.66 -9.93 -30.05
C ARG K 230 68.67 -9.42 -31.09
N ASP K 231 67.76 -8.51 -30.73
CA ASP K 231 66.77 -8.02 -31.68
C ASP K 231 67.17 -6.71 -32.35
N ILE K 232 68.15 -5.99 -31.84
CA ILE K 232 68.63 -4.76 -32.44
C ILE K 232 69.97 -4.95 -33.12
N ILE K 233 70.47 -6.17 -33.19
CA ILE K 233 71.77 -6.44 -33.79
C ILE K 233 71.79 -5.86 -35.20
N LYS K 234 72.88 -5.17 -35.53
CA LYS K 234 73.14 -4.71 -36.90
C LYS K 234 74.64 -4.79 -37.12
N PRO K 235 75.13 -5.87 -37.74
CA PRO K 235 76.58 -5.99 -37.93
C PRO K 235 77.09 -4.91 -38.87
N ASP K 236 78.41 -4.72 -38.84
CA ASP K 236 79.05 -3.82 -39.78
C ASP K 236 79.21 -4.51 -41.13
N PRO K 237 79.42 -3.76 -42.20
CA PRO K 237 79.57 -4.38 -43.51
C PRO K 237 80.77 -5.32 -43.53
N PRO K 238 80.80 -6.27 -44.46
CA PRO K 238 81.96 -7.16 -44.56
C PRO K 238 83.25 -6.36 -44.81
N LYS K 239 84.37 -7.04 -44.63
CA LYS K 239 85.68 -6.41 -44.70
C LYS K 239 86.50 -7.01 -45.83
N ASN K 240 87.33 -6.16 -46.45
CA ASN K 240 88.27 -6.57 -47.49
C ASN K 240 87.55 -7.31 -48.62
N LEU K 241 86.78 -6.53 -49.37
CA LEU K 241 86.01 -7.05 -50.50
C LEU K 241 86.90 -7.06 -51.74
N GLN K 242 87.10 -8.25 -52.31
CA GLN K 242 88.02 -8.44 -53.43
C GLN K 242 87.32 -9.16 -54.58
N LEU K 243 87.85 -8.93 -55.79
CA LEU K 243 87.33 -9.55 -57.00
C LEU K 243 88.46 -10.26 -57.72
N LYS K 244 88.19 -11.49 -58.18
CA LYS K 244 89.18 -12.28 -58.91
C LYS K 244 88.53 -12.78 -60.20
N PRO K 245 88.81 -12.15 -61.35
CA PRO K 245 88.22 -12.59 -62.62
C PRO K 245 88.86 -13.87 -63.17
N ARG K 250 83.52 -14.44 -69.02
CA ARG K 250 83.24 -13.28 -68.18
C ARG K 250 82.73 -13.73 -66.81
N GLN K 251 83.63 -14.29 -66.00
CA GLN K 251 83.30 -14.81 -64.68
C GLN K 251 84.19 -14.14 -63.63
N VAL K 252 83.65 -14.02 -62.42
CA VAL K 252 84.32 -13.32 -61.33
C VAL K 252 84.19 -14.14 -60.05
N GLU K 253 85.26 -14.15 -59.25
CA GLU K 253 85.29 -14.83 -57.96
C GLU K 253 85.41 -13.76 -56.87
N VAL K 254 84.40 -13.68 -56.00
CA VAL K 254 84.34 -12.66 -54.96
C VAL K 254 84.80 -13.27 -53.65
N SER K 255 85.38 -12.42 -52.80
CA SER K 255 85.88 -12.85 -51.50
C SER K 255 85.82 -11.67 -50.53
N TRP K 256 85.56 -11.98 -49.26
CA TRP K 256 85.45 -10.97 -48.22
C TRP K 256 85.74 -11.60 -46.87
N GLU K 257 85.72 -10.78 -45.82
CA GLU K 257 86.03 -11.21 -44.47
C GLU K 257 84.98 -10.66 -43.50
N TYR K 258 84.90 -11.28 -42.34
CA TYR K 258 84.05 -10.75 -41.28
C TYR K 258 84.59 -9.40 -40.83
N PRO K 259 83.73 -8.44 -40.49
CA PRO K 259 84.22 -7.14 -40.01
C PRO K 259 84.87 -7.23 -38.64
N ASP K 260 85.63 -6.19 -38.31
CA ASP K 260 86.38 -6.18 -37.06
C ASP K 260 85.46 -6.14 -35.85
N THR K 261 84.39 -5.34 -35.93
CA THR K 261 83.53 -5.11 -34.76
C THR K 261 82.68 -6.30 -34.38
N TRP K 262 82.62 -7.34 -35.20
CA TRP K 262 81.76 -8.47 -34.90
C TRP K 262 82.31 -9.30 -33.74
N SER K 263 81.41 -9.95 -33.02
CA SER K 263 81.81 -10.76 -31.88
C SER K 263 82.74 -11.88 -32.32
N THR K 264 83.55 -12.35 -31.38
CA THR K 264 84.51 -13.41 -31.60
C THR K 264 84.34 -14.46 -30.53
N PRO K 265 84.74 -15.71 -30.79
CA PRO K 265 85.33 -16.19 -32.05
C PRO K 265 84.28 -16.30 -33.16
N HIS K 266 84.76 -16.36 -34.41
CA HIS K 266 83.84 -16.42 -35.54
C HIS K 266 83.16 -17.78 -35.63
N SER K 267 83.89 -18.85 -35.28
CA SER K 267 83.32 -20.18 -35.35
C SER K 267 82.08 -20.34 -34.48
N TYR K 268 81.87 -19.43 -33.52
CA TYR K 268 80.69 -19.43 -32.67
C TYR K 268 79.64 -18.43 -33.16
N PHE K 269 80.04 -17.20 -33.46
CA PHE K 269 79.11 -16.16 -33.90
C PHE K 269 79.20 -16.04 -35.41
N SER K 270 78.58 -16.99 -36.10
CA SER K 270 78.69 -17.08 -37.54
C SER K 270 77.78 -16.05 -38.22
N LEU K 271 77.97 -15.89 -39.53
CA LEU K 271 77.24 -14.91 -40.34
C LEU K 271 76.76 -15.55 -41.62
N THR K 272 75.72 -14.94 -42.20
CA THR K 272 75.26 -15.28 -43.54
C THR K 272 75.26 -14.01 -44.38
N PHE K 273 75.54 -14.16 -45.67
CA PHE K 273 75.82 -13.04 -46.55
C PHE K 273 74.85 -13.03 -47.74
N CYS K 274 74.69 -11.84 -48.33
CA CYS K 274 73.87 -11.65 -49.51
C CYS K 274 74.68 -10.86 -50.53
N VAL K 275 74.95 -11.48 -51.68
CA VAL K 275 75.73 -10.87 -52.75
C VAL K 275 74.77 -10.42 -53.84
N GLN K 276 74.91 -9.16 -54.26
CA GLN K 276 74.02 -8.56 -55.25
C GLN K 276 74.83 -7.95 -56.37
N VAL K 277 74.24 -7.91 -57.57
CA VAL K 277 74.86 -7.31 -58.74
C VAL K 277 73.85 -6.30 -59.28
N GLN K 278 74.05 -5.02 -58.96
CA GLN K 278 73.17 -3.96 -59.43
C GLN K 278 73.97 -2.79 -60.00
N GLU K 284 64.59 -3.78 -65.67
CA GLU K 284 65.72 -4.04 -64.78
C GLU K 284 65.28 -4.91 -63.60
N LYS K 285 66.22 -5.71 -63.10
CA LYS K 285 65.94 -6.58 -61.96
C LYS K 285 67.26 -6.97 -61.32
N LYS K 286 67.29 -6.93 -59.98
CA LYS K 286 68.50 -7.24 -59.23
C LYS K 286 68.59 -8.75 -59.01
N ASP K 287 69.69 -9.36 -59.45
CA ASP K 287 69.92 -10.78 -59.26
C ASP K 287 70.73 -10.96 -57.98
N ARG K 288 70.09 -11.46 -56.94
CA ARG K 288 70.71 -11.66 -55.64
C ARG K 288 70.97 -13.15 -55.40
N VAL K 289 71.92 -13.42 -54.51
CA VAL K 289 72.20 -14.79 -54.05
C VAL K 289 72.60 -14.71 -52.59
N PHE K 290 72.51 -15.85 -51.91
CA PHE K 290 72.85 -15.96 -50.50
C PHE K 290 73.82 -17.11 -50.28
N THR K 291 74.62 -16.99 -49.23
CA THR K 291 75.57 -18.03 -48.87
C THR K 291 76.10 -17.75 -47.48
N ASP K 292 76.52 -18.81 -46.80
CA ASP K 292 77.20 -18.71 -45.52
C ASP K 292 78.71 -18.71 -45.66
N LYS K 293 79.21 -18.77 -46.89
CA LYS K 293 80.63 -18.77 -47.17
C LYS K 293 81.15 -17.35 -47.36
N THR K 294 82.44 -17.18 -47.15
CA THR K 294 83.10 -15.88 -47.29
C THR K 294 83.51 -15.60 -48.73
N SER K 295 82.94 -16.31 -49.70
CA SER K 295 83.29 -16.17 -51.10
C SER K 295 82.09 -16.55 -51.95
N ALA K 296 82.19 -16.27 -53.24
CA ALA K 296 81.10 -16.59 -54.16
C ALA K 296 81.55 -16.34 -55.59
N THR K 297 80.93 -17.07 -56.53
CA THR K 297 81.16 -16.90 -57.95
C THR K 297 79.90 -16.29 -58.56
N VAL K 298 80.09 -15.26 -59.39
CA VAL K 298 78.97 -14.54 -60.01
C VAL K 298 79.36 -14.14 -61.42
N ILE K 299 78.42 -13.51 -62.12
CA ILE K 299 78.61 -13.06 -63.49
C ILE K 299 78.62 -11.53 -63.47
N CYS K 300 79.61 -10.94 -64.14
CA CYS K 300 79.83 -9.50 -64.12
C CYS K 300 79.48 -8.90 -65.47
N ARG K 301 79.02 -7.66 -65.45
CA ARG K 301 78.66 -6.93 -66.66
C ARG K 301 79.09 -5.48 -66.51
N LYS K 302 79.21 -4.80 -67.65
CA LYS K 302 79.75 -3.45 -67.68
C LYS K 302 78.81 -2.47 -66.98
N ASN K 303 79.41 -1.46 -66.34
CA ASN K 303 78.71 -0.44 -65.58
C ASN K 303 77.95 -0.99 -64.39
N ALA K 304 78.17 -2.25 -64.04
CA ALA K 304 77.51 -2.87 -62.89
C ALA K 304 78.40 -2.76 -61.66
N SER K 305 77.77 -2.93 -60.49
CA SER K 305 78.46 -2.87 -59.22
C SER K 305 78.09 -4.08 -58.38
N ILE K 306 79.05 -4.59 -57.62
CA ILE K 306 78.84 -5.76 -56.76
C ILE K 306 78.67 -5.28 -55.33
N SER K 307 77.68 -5.85 -54.64
CA SER K 307 77.35 -5.47 -53.27
C SER K 307 77.29 -6.71 -52.40
N VAL K 308 77.67 -6.55 -51.13
CA VAL K 308 77.67 -7.64 -50.16
C VAL K 308 77.25 -7.08 -48.81
N ARG K 309 76.30 -7.74 -48.15
CA ARG K 309 75.91 -7.40 -46.79
C ARG K 309 75.75 -8.68 -45.99
N ALA K 310 75.65 -8.53 -44.67
CA ALA K 310 75.74 -9.66 -43.74
C ALA K 310 74.61 -9.60 -42.72
N GLN K 311 74.37 -10.77 -42.10
CA GLN K 311 73.32 -10.96 -41.09
C GLN K 311 73.74 -12.12 -40.20
N ASP K 312 73.26 -12.10 -38.96
CA ASP K 312 73.50 -13.23 -38.07
C ASP K 312 72.96 -14.51 -38.71
N ARG K 313 73.76 -15.58 -38.63
CA ARG K 313 73.44 -16.82 -39.33
C ARG K 313 72.35 -17.63 -38.62
N TYR K 314 72.01 -17.30 -37.38
CA TYR K 314 71.08 -18.09 -36.59
C TYR K 314 69.94 -17.28 -36.00
N TYR K 315 69.84 -15.99 -36.32
CA TYR K 315 68.79 -15.13 -35.80
C TYR K 315 68.51 -14.03 -36.80
N SER K 316 67.22 -13.76 -37.05
CA SER K 316 66.82 -12.80 -38.07
C SER K 316 66.76 -11.39 -37.48
N SER K 317 67.94 -10.91 -37.11
CA SER K 317 68.11 -9.52 -36.72
C SER K 317 68.33 -8.67 -37.97
N SER K 318 68.63 -7.39 -37.80
CA SER K 318 68.74 -6.48 -38.94
C SER K 318 69.94 -6.84 -39.81
N TRP K 319 69.84 -6.48 -41.09
CA TRP K 319 70.93 -6.66 -42.03
C TRP K 319 71.96 -5.54 -41.88
N SER K 320 73.11 -5.74 -42.51
CA SER K 320 74.18 -4.75 -42.51
C SER K 320 74.14 -3.93 -43.80
N GLU K 321 74.77 -2.76 -43.74
CA GLU K 321 74.86 -1.91 -44.91
C GLU K 321 75.75 -2.55 -45.97
N TRP K 322 75.49 -2.17 -47.22
CA TRP K 322 76.18 -2.79 -48.35
C TRP K 322 77.66 -2.44 -48.35
N ALA K 323 78.50 -3.42 -48.68
CA ALA K 323 79.90 -3.21 -48.99
C ALA K 323 80.07 -3.39 -50.49
N SER K 324 80.53 -2.34 -51.16
CA SER K 324 80.46 -2.27 -52.61
C SER K 324 81.85 -2.29 -53.24
N VAL K 325 81.87 -2.67 -54.53
CA VAL K 325 83.06 -2.58 -55.36
C VAL K 325 82.58 -2.51 -56.81
N PRO K 326 83.03 -1.57 -57.62
CA PRO K 326 82.55 -1.50 -59.01
C PRO K 326 82.97 -2.72 -59.81
N CYS K 327 82.09 -3.16 -60.71
CA CYS K 327 82.41 -4.25 -61.61
C CYS K 327 82.97 -3.69 -62.92
N SER K 328 83.80 -4.50 -63.58
CA SER K 328 84.49 -4.08 -64.79
C SER K 328 85.42 -2.91 -64.49
N PRO L 28 79.12 -37.45 -28.96
CA PRO L 28 78.81 -36.05 -29.27
C PRO L 28 78.28 -35.85 -30.68
N ALA L 29 79.05 -36.28 -31.69
CA ALA L 29 78.65 -36.15 -33.10
C ALA L 29 78.48 -34.68 -33.48
N TRP L 30 79.57 -33.94 -33.36
CA TRP L 30 79.53 -32.49 -33.55
C TRP L 30 79.06 -32.13 -34.94
N THR L 31 79.76 -32.63 -35.96
CA THR L 31 79.43 -32.27 -37.34
C THR L 31 77.95 -32.49 -37.64
N GLN L 32 77.37 -33.56 -37.09
CA GLN L 32 75.99 -33.93 -37.41
C GLN L 32 75.00 -33.03 -36.69
N CYS L 33 75.28 -32.66 -35.44
CA CYS L 33 74.41 -31.74 -34.72
C CYS L 33 74.42 -30.35 -35.34
N GLN L 34 75.51 -29.99 -36.03
CA GLN L 34 75.57 -28.67 -36.66
C GLN L 34 74.57 -28.55 -37.80
N GLN L 35 74.39 -29.63 -38.57
CA GLN L 35 73.43 -29.59 -39.67
C GLN L 35 71.99 -29.54 -39.17
N LEU L 36 71.70 -30.18 -38.03
CA LEU L 36 70.36 -30.13 -37.46
C LEU L 36 70.05 -28.76 -36.87
N SER L 37 70.90 -28.30 -35.95
CA SER L 37 70.68 -27.01 -35.31
C SER L 37 70.48 -25.91 -36.36
N GLN L 38 71.31 -25.92 -37.41
CA GLN L 38 71.16 -24.90 -38.45
C GLN L 38 69.81 -25.02 -39.15
N LYS L 39 69.34 -26.25 -39.38
CA LYS L 39 68.03 -26.45 -39.98
C LYS L 39 66.91 -26.08 -39.01
N LEU L 40 67.13 -26.23 -37.70
CA LEU L 40 66.14 -25.79 -36.74
C LEU L 40 65.91 -24.29 -36.85
N CYS L 41 67.00 -23.51 -36.81
CA CYS L 41 66.86 -22.05 -36.88
C CYS L 41 66.09 -21.64 -38.13
N THR L 42 66.35 -22.30 -39.26
CA THR L 42 65.67 -21.94 -40.50
C THR L 42 64.17 -22.10 -40.36
N LEU L 43 63.71 -23.28 -39.94
CA LEU L 43 62.28 -23.53 -39.82
C LEU L 43 61.64 -22.58 -38.81
N ALA L 44 62.35 -22.26 -37.73
CA ALA L 44 61.79 -21.44 -36.67
C ALA L 44 61.47 -20.02 -37.12
N TRP L 45 61.98 -19.59 -38.28
CA TRP L 45 61.75 -18.25 -38.78
C TRP L 45 60.91 -18.20 -40.04
N SER L 46 60.39 -19.33 -40.50
CA SER L 46 59.63 -19.40 -41.76
C SER L 46 58.13 -19.59 -41.52
N ALA L 47 57.64 -19.29 -40.33
CA ALA L 47 56.25 -19.55 -39.96
C ALA L 47 55.38 -18.35 -40.33
N HIS L 48 54.19 -18.25 -39.72
CA HIS L 48 53.28 -17.16 -40.01
C HIS L 48 53.77 -15.88 -39.34
N PRO L 49 53.35 -14.72 -39.83
CA PRO L 49 53.78 -13.45 -39.21
C PRO L 49 53.11 -13.24 -37.86
N LEU L 50 53.61 -12.24 -37.13
CA LEU L 50 53.10 -11.90 -35.81
C LEU L 50 53.63 -10.54 -35.39
N VAL L 51 52.78 -9.75 -34.74
CA VAL L 51 53.13 -8.42 -34.25
C VAL L 51 52.74 -8.35 -32.78
N GLY L 52 53.63 -7.77 -31.97
CA GLY L 52 53.38 -7.64 -30.55
C GLY L 52 52.25 -6.68 -30.23
N ASN L 66 55.85 -17.98 -17.29
CA ASN L 66 56.82 -18.27 -16.25
C ASN L 66 57.25 -19.73 -16.29
N ASP L 67 58.34 -20.05 -15.58
CA ASP L 67 58.88 -21.41 -15.51
C ASP L 67 59.26 -21.91 -16.91
N VAL L 68 60.32 -21.29 -17.44
CA VAL L 68 60.85 -21.64 -18.77
C VAL L 68 62.36 -21.83 -18.66
N PRO L 69 62.94 -22.84 -19.31
CA PRO L 69 64.39 -23.02 -19.25
C PRO L 69 65.09 -22.17 -20.30
N HIS L 70 66.24 -21.61 -19.91
CA HIS L 70 67.06 -20.82 -20.81
C HIS L 70 68.51 -21.25 -20.69
N ILE L 71 69.32 -20.77 -21.63
CA ILE L 71 70.77 -20.92 -21.56
C ILE L 71 71.29 -19.67 -20.88
N GLN L 72 71.51 -19.76 -19.56
CA GLN L 72 71.86 -18.60 -18.76
C GLN L 72 73.38 -18.46 -18.61
N CYS L 73 73.78 -17.31 -18.07
CA CYS L 73 75.19 -17.10 -17.77
C CYS L 73 75.70 -18.19 -16.84
N GLY L 74 76.85 -18.77 -17.18
CA GLY L 74 77.46 -19.79 -16.36
C GLY L 74 77.00 -21.21 -16.65
N ASP L 75 76.07 -21.40 -17.58
CA ASP L 75 75.63 -22.75 -17.93
C ASP L 75 76.67 -23.53 -18.71
N GLY L 76 77.77 -22.89 -19.11
CA GLY L 76 78.86 -23.59 -19.77
C GLY L 76 78.80 -23.61 -21.28
N CYS L 77 77.92 -22.84 -21.90
CA CYS L 77 77.80 -22.79 -23.35
C CYS L 77 78.71 -21.75 -24.00
N ASP L 78 79.55 -21.06 -23.22
CA ASP L 78 80.47 -20.10 -23.80
C ASP L 78 81.71 -20.82 -24.33
N PRO L 79 82.38 -20.25 -25.33
CA PRO L 79 83.50 -20.96 -25.95
C PRO L 79 84.53 -21.48 -24.96
N GLN L 80 84.87 -20.67 -23.95
CA GLN L 80 85.84 -21.13 -22.95
C GLN L 80 85.27 -22.29 -22.15
N GLY L 81 83.99 -22.22 -21.78
CA GLY L 81 83.37 -23.32 -21.06
C GLY L 81 83.29 -24.60 -21.87
N LEU L 82 83.16 -24.48 -23.20
CA LEU L 82 83.13 -25.67 -24.05
C LEU L 82 84.51 -26.29 -24.19
N ARG L 83 85.56 -25.46 -24.19
CA ARG L 83 86.92 -25.98 -24.24
C ARG L 83 87.31 -26.64 -22.91
N ASP L 84 86.69 -26.22 -21.81
CA ASP L 84 86.98 -26.82 -20.51
C ASP L 84 86.18 -28.11 -20.32
N ASN L 85 84.85 -28.01 -20.41
CA ASN L 85 83.99 -29.19 -20.33
C ASN L 85 82.65 -28.83 -20.96
N SER L 86 82.33 -29.46 -22.10
CA SER L 86 81.11 -29.14 -22.82
C SER L 86 79.89 -29.84 -22.23
N GLN L 87 80.08 -30.92 -21.48
CA GLN L 87 78.95 -31.71 -21.00
C GLN L 87 77.92 -30.85 -20.28
N PHE L 88 78.35 -29.79 -19.60
CA PHE L 88 77.41 -28.98 -18.84
C PHE L 88 76.46 -28.23 -19.76
N CYS L 89 76.96 -27.71 -20.88
CA CYS L 89 76.09 -26.99 -21.80
C CYS L 89 75.10 -27.93 -22.49
N LEU L 90 75.54 -29.15 -22.79
CA LEU L 90 74.68 -30.07 -23.55
C LEU L 90 73.53 -30.60 -22.70
N GLN L 91 73.70 -30.65 -21.37
CA GLN L 91 72.60 -31.07 -20.51
C GLN L 91 71.50 -30.00 -20.49
N ARG L 92 71.89 -28.73 -20.45
CA ARG L 92 70.90 -27.66 -20.47
C ARG L 92 70.23 -27.54 -21.84
N ILE L 93 70.93 -27.92 -22.90
CA ILE L 93 70.32 -27.90 -24.23
C ILE L 93 69.33 -29.06 -24.37
N HIS L 94 69.78 -30.27 -24.02
CA HIS L 94 68.89 -31.42 -24.06
C HIS L 94 67.59 -31.15 -23.32
N GLN L 95 67.67 -30.51 -22.15
CA GLN L 95 66.47 -30.16 -21.40
C GLN L 95 65.61 -29.18 -22.17
N GLY L 96 66.22 -28.15 -22.75
CA GLY L 96 65.45 -27.17 -23.50
C GLY L 96 64.80 -27.75 -24.73
N LEU L 97 65.48 -28.69 -25.39
CA LEU L 97 64.91 -29.36 -26.55
C LEU L 97 63.68 -30.17 -26.15
N ILE L 98 63.83 -31.06 -25.16
CA ILE L 98 62.69 -31.84 -24.67
C ILE L 98 61.58 -30.92 -24.21
N PHE L 99 61.93 -29.76 -23.65
CA PHE L 99 60.91 -28.84 -23.15
C PHE L 99 60.02 -28.35 -24.29
N TYR L 100 60.61 -27.69 -25.29
CA TYR L 100 59.82 -27.22 -26.42
C TYR L 100 59.19 -28.37 -27.19
N GLU L 101 59.84 -29.54 -27.21
CA GLU L 101 59.23 -30.71 -27.82
C GLU L 101 57.89 -31.02 -27.17
N LYS L 102 57.83 -30.98 -25.84
CA LYS L 102 56.58 -31.23 -25.15
C LYS L 102 55.56 -30.12 -25.40
N LEU L 103 56.02 -28.90 -25.64
CA LEU L 103 55.09 -27.79 -25.89
C LEU L 103 54.47 -27.91 -27.27
N LEU L 104 55.29 -28.05 -28.30
CA LEU L 104 54.76 -28.13 -29.66
C LEU L 104 53.83 -29.33 -29.83
N GLY L 105 54.02 -30.38 -29.02
CA GLY L 105 53.15 -31.54 -29.03
C GLY L 105 51.93 -31.44 -28.15
N SER L 106 51.70 -30.29 -27.53
CA SER L 106 50.59 -30.09 -26.60
C SER L 106 49.37 -29.58 -27.36
N ASP L 107 48.32 -29.24 -26.62
CA ASP L 107 47.13 -28.66 -27.22
C ASP L 107 47.34 -27.22 -27.65
N ILE L 108 48.42 -26.58 -27.21
CA ILE L 108 48.68 -25.19 -27.59
C ILE L 108 48.76 -25.07 -29.11
N PHE L 109 49.46 -26.00 -29.75
CA PHE L 109 49.68 -25.95 -31.19
C PHE L 109 48.79 -26.90 -31.97
N THR L 110 48.23 -27.94 -31.33
CA THR L 110 47.36 -28.89 -32.00
C THR L 110 45.88 -28.56 -31.86
N GLY L 111 45.50 -27.87 -30.80
CA GLY L 111 44.11 -27.49 -30.61
C GLY L 111 43.68 -26.33 -31.49
N GLU L 112 42.38 -26.11 -31.51
CA GLU L 112 41.84 -25.04 -32.33
C GLU L 112 42.47 -23.71 -31.92
N PRO L 113 42.78 -22.82 -32.87
CA PRO L 113 42.65 -22.96 -34.31
C PRO L 113 43.95 -23.40 -34.97
N SER L 114 44.17 -24.72 -35.04
CA SER L 114 45.36 -25.26 -35.70
C SER L 114 45.12 -25.36 -37.20
N LEU L 115 44.71 -24.24 -37.81
CA LEU L 115 44.57 -24.15 -39.25
C LEU L 115 45.92 -23.73 -39.82
N LEU L 116 46.82 -24.73 -39.89
CA LEU L 116 48.24 -24.51 -40.13
C LEU L 116 48.67 -25.40 -41.29
N PRO L 117 48.36 -25.02 -42.52
CA PRO L 117 48.75 -25.83 -43.68
C PRO L 117 50.22 -25.69 -44.04
N ASP L 118 50.75 -24.47 -43.98
CA ASP L 118 52.11 -24.16 -44.39
C ASP L 118 53.07 -24.07 -43.20
N SER L 119 52.61 -24.37 -41.99
CA SER L 119 53.44 -24.18 -40.82
C SER L 119 54.59 -25.18 -40.81
N PRO L 120 55.75 -24.79 -40.29
CA PRO L 120 56.84 -25.75 -40.10
C PRO L 120 56.79 -26.47 -38.76
N VAL L 121 55.75 -26.24 -37.96
CA VAL L 121 55.69 -26.81 -36.63
C VAL L 121 55.90 -28.31 -36.68
N GLY L 122 55.13 -29.00 -37.53
CA GLY L 122 55.32 -30.44 -37.68
C GLY L 122 56.76 -30.81 -37.94
N GLN L 123 57.36 -30.16 -38.94
CA GLN L 123 58.78 -30.39 -39.24
C GLN L 123 59.65 -29.93 -38.08
N LEU L 124 59.29 -28.81 -37.46
CA LEU L 124 60.07 -28.28 -36.34
C LEU L 124 59.98 -29.19 -35.12
N HIS L 125 58.84 -29.85 -34.92
CA HIS L 125 58.69 -30.76 -33.80
C HIS L 125 59.57 -31.99 -33.98
N ALA L 126 59.51 -32.61 -35.16
CA ALA L 126 60.29 -33.82 -35.39
C ALA L 126 61.78 -33.55 -35.43
N SER L 127 62.18 -32.36 -35.91
CA SER L 127 63.60 -32.02 -35.93
C SER L 127 64.16 -31.91 -34.51
N LEU L 128 63.45 -31.19 -33.63
CA LEU L 128 63.84 -31.11 -32.24
C LEU L 128 63.99 -32.50 -31.63
N LEU L 129 62.97 -33.34 -31.82
CA LEU L 129 63.02 -34.71 -31.30
C LEU L 129 64.22 -35.46 -31.87
N GLY L 130 64.43 -35.35 -33.19
CA GLY L 130 65.58 -36.00 -33.80
C GLY L 130 66.89 -35.55 -33.19
N LEU L 131 67.01 -34.26 -32.88
CA LEU L 131 68.21 -33.77 -32.23
C LEU L 131 68.33 -34.30 -30.81
N SER L 132 67.20 -34.47 -30.11
CA SER L 132 67.24 -35.03 -28.77
C SER L 132 67.82 -36.44 -28.75
N GLN L 133 67.83 -37.12 -29.90
CA GLN L 133 68.39 -38.46 -29.97
C GLN L 133 69.92 -38.43 -30.09
N LEU L 134 70.43 -37.53 -30.93
CA LEU L 134 71.89 -37.43 -31.11
C LEU L 134 72.60 -37.21 -29.77
N LEU L 135 72.01 -36.40 -28.90
CA LEU L 135 72.66 -36.08 -27.64
C LEU L 135 72.54 -37.22 -26.63
N GLN L 136 71.33 -37.76 -26.45
CA GLN L 136 71.08 -38.77 -25.44
C GLN L 136 69.94 -39.67 -25.90
N PRO L 137 70.27 -40.77 -26.62
CA PRO L 137 69.27 -41.75 -27.04
C PRO L 137 68.45 -42.31 -25.87
N PRO L 148 55.84 -32.71 -16.72
CA PRO L 148 54.90 -32.18 -17.71
C PRO L 148 54.15 -30.93 -17.22
N SER L 149 53.86 -30.01 -18.12
CA SER L 149 53.50 -28.64 -17.76
C SER L 149 51.99 -28.44 -17.65
N LEU L 150 51.59 -27.23 -17.24
CA LEU L 150 50.20 -26.81 -17.20
C LEU L 150 49.73 -26.43 -18.61
N SER L 151 48.41 -26.30 -18.77
CA SER L 151 47.82 -26.21 -20.11
C SER L 151 46.74 -25.13 -20.17
N PRO L 152 46.55 -24.48 -21.34
CA PRO L 152 45.48 -23.50 -21.49
C PRO L 152 44.15 -24.14 -21.92
N SER L 153 43.21 -23.33 -22.39
CA SER L 153 41.90 -23.83 -22.79
C SER L 153 41.31 -23.06 -23.96
N GLN L 154 41.54 -21.73 -24.01
CA GLN L 154 40.86 -20.89 -24.98
C GLN L 154 41.64 -20.78 -26.29
N PRO L 155 40.96 -20.53 -27.44
CA PRO L 155 41.69 -20.37 -28.71
C PRO L 155 42.61 -19.16 -28.75
N TRP L 156 42.03 -17.95 -28.66
CA TRP L 156 42.81 -16.74 -28.78
C TRP L 156 44.08 -16.79 -27.91
N GLN L 157 43.94 -17.26 -26.67
CA GLN L 157 45.09 -17.37 -25.79
C GLN L 157 46.12 -18.37 -26.35
N ARG L 158 45.65 -19.52 -26.83
CA ARG L 158 46.55 -20.45 -27.51
C ARG L 158 47.34 -19.73 -28.61
N LEU L 159 46.64 -18.95 -29.43
CA LEU L 159 47.29 -18.28 -30.55
C LEU L 159 48.37 -17.32 -30.08
N LEU L 160 48.15 -16.65 -28.94
CA LEU L 160 49.16 -15.73 -28.43
C LEU L 160 50.38 -16.46 -27.88
N LEU L 161 50.18 -17.65 -27.30
CA LEU L 161 51.32 -18.37 -26.72
C LEU L 161 52.24 -18.92 -27.81
N ARG L 162 51.68 -19.36 -28.94
CA ARG L 162 52.51 -19.81 -30.05
C ARG L 162 53.48 -18.72 -30.48
N PHE L 163 52.99 -17.48 -30.61
CA PHE L 163 53.86 -16.37 -30.98
C PHE L 163 54.91 -16.13 -29.91
N LYS L 164 54.52 -16.20 -28.63
CA LYS L 164 55.48 -15.99 -27.55
C LYS L 164 56.46 -17.14 -27.44
N ILE L 165 55.97 -18.37 -27.59
CA ILE L 165 56.83 -19.56 -27.50
C ILE L 165 57.83 -19.56 -28.65
N LEU L 166 57.35 -19.33 -29.87
CA LEU L 166 58.22 -19.43 -31.04
C LEU L 166 59.37 -18.43 -30.96
N ARG L 167 59.07 -17.16 -30.67
CA ARG L 167 60.13 -16.15 -30.61
C ARG L 167 61.10 -16.44 -29.48
N SER L 168 60.62 -17.03 -28.38
CA SER L 168 61.53 -17.54 -27.36
C SER L 168 62.35 -18.70 -27.90
N LEU L 169 61.68 -19.67 -28.55
CA LEU L 169 62.39 -20.77 -29.17
C LEU L 169 63.47 -20.27 -30.12
N GLN L 170 63.14 -19.27 -30.94
CA GLN L 170 64.10 -18.75 -31.90
C GLN L 170 65.42 -18.39 -31.23
N ALA L 171 65.36 -17.85 -30.02
CA ALA L 171 66.58 -17.46 -29.34
C ALA L 171 67.36 -18.68 -28.86
N PHE L 172 66.66 -19.72 -28.42
CA PHE L 172 67.35 -20.89 -27.87
C PHE L 172 68.12 -21.64 -28.94
N VAL L 173 67.45 -22.05 -30.01
CA VAL L 173 68.11 -22.81 -31.07
C VAL L 173 69.29 -22.03 -31.64
N ALA L 174 69.13 -20.71 -31.80
CA ALA L 174 70.22 -19.89 -32.29
C ALA L 174 71.48 -20.13 -31.47
N VAL L 175 71.35 -20.09 -30.14
CA VAL L 175 72.51 -20.32 -29.27
C VAL L 175 73.03 -21.75 -29.45
N ALA L 176 72.13 -22.72 -29.58
CA ALA L 176 72.55 -24.10 -29.75
C ALA L 176 73.35 -24.26 -31.04
N ALA L 177 72.85 -23.69 -32.15
CA ALA L 177 73.56 -23.78 -33.42
C ALA L 177 74.98 -23.28 -33.28
N ARG L 178 75.16 -22.10 -32.68
CA ARG L 178 76.50 -21.58 -32.44
C ARG L 178 77.37 -22.61 -31.75
N VAL L 179 76.86 -23.19 -30.66
CA VAL L 179 77.62 -24.18 -29.90
C VAL L 179 78.12 -25.28 -30.82
N PHE L 180 77.19 -25.95 -31.51
CA PHE L 180 77.59 -27.08 -32.34
C PHE L 180 78.46 -26.65 -33.50
N ALA L 181 78.33 -25.41 -33.96
CA ALA L 181 79.19 -24.92 -35.03
C ALA L 181 80.61 -24.70 -34.53
N HIS L 182 80.75 -24.19 -33.31
CA HIS L 182 82.08 -24.01 -32.73
C HIS L 182 82.71 -25.35 -32.39
N GLY L 183 81.92 -26.29 -31.87
CA GLY L 183 82.47 -27.58 -31.50
C GLY L 183 82.96 -28.36 -32.70
N ALA L 184 82.15 -28.40 -33.76
CA ALA L 184 82.52 -29.17 -34.94
C ALA L 184 83.76 -28.60 -35.62
N ALA L 185 84.01 -27.30 -35.47
CA ALA L 185 85.17 -26.66 -36.08
C ALA L 185 86.40 -26.69 -35.18
N THR L 186 86.24 -26.98 -33.89
CA THR L 186 87.35 -26.99 -32.95
C THR L 186 87.47 -28.32 -32.21
N LEU L 187 86.44 -28.72 -31.46
CA LEU L 187 86.50 -29.96 -30.69
C LEU L 187 86.40 -31.20 -31.57
N SER L 188 86.32 -31.05 -32.90
CA SER L 188 86.29 -32.18 -33.81
C SER L 188 87.73 -32.49 -34.25
N PRO L 189 88.34 -33.60 -33.79
CA PRO L 189 89.75 -33.86 -34.14
C PRO L 189 90.02 -33.89 -35.64
N SER M 30 38.70 4.97 -35.19
CA SER M 30 38.12 3.99 -34.28
C SER M 30 36.93 4.59 -33.53
N VAL M 31 36.21 3.74 -32.82
CA VAL M 31 34.95 4.11 -32.16
C VAL M 31 34.81 3.36 -30.84
N LEU M 32 34.08 3.98 -29.91
CA LEU M 32 33.73 3.36 -28.64
C LEU M 32 32.23 3.11 -28.59
N THR M 33 31.85 1.97 -27.98
CA THR M 33 30.48 1.48 -28.04
C THR M 33 29.67 2.01 -26.87
N GLN M 34 28.58 2.72 -27.17
CA GLN M 34 27.59 3.11 -26.18
C GLN M 34 26.24 2.54 -26.55
N PRO M 35 25.37 2.29 -25.57
CA PRO M 35 23.98 1.91 -25.90
C PRO M 35 23.27 3.08 -26.54
N PRO M 36 22.38 2.84 -27.51
CA PRO M 36 21.75 3.99 -28.19
C PRO M 36 20.80 4.77 -27.31
N SER M 37 20.10 4.10 -26.40
CA SER M 37 19.05 4.74 -25.62
C SER M 37 18.92 4.07 -24.26
N VAL M 38 19.01 4.86 -23.20
CA VAL M 38 18.64 4.46 -21.85
C VAL M 38 17.51 5.36 -21.37
N SER M 39 16.92 5.00 -20.25
CA SER M 39 15.80 5.79 -19.74
C SER M 39 15.44 5.27 -18.35
N GLY M 40 14.48 5.95 -17.73
CA GLY M 40 14.05 5.64 -16.38
C GLY M 40 13.18 6.74 -15.80
N ALA M 41 12.42 6.40 -14.76
CA ALA M 41 11.53 7.36 -14.13
C ALA M 41 12.29 8.23 -13.14
N PRO M 42 11.72 9.37 -12.75
CA PRO M 42 12.44 10.28 -11.85
C PRO M 42 12.84 9.58 -10.56
N GLY M 43 13.97 10.03 -10.00
CA GLY M 43 14.49 9.45 -8.78
C GLY M 43 15.10 8.08 -8.93
N GLN M 44 15.01 7.47 -10.11
CA GLN M 44 15.55 6.13 -10.32
C GLN M 44 17.04 6.19 -10.65
N ARG M 45 17.63 5.03 -10.91
CA ARG M 45 19.06 4.87 -11.12
C ARG M 45 19.29 4.28 -12.49
N VAL M 46 20.29 4.81 -13.20
CA VAL M 46 20.60 4.37 -14.55
C VAL M 46 22.10 4.35 -14.76
N THR M 47 22.53 3.50 -15.69
CA THR M 47 23.95 3.37 -16.01
C THR M 47 24.10 3.39 -17.53
N ILE M 48 25.19 4.00 -17.99
CA ILE M 48 25.51 4.08 -19.41
C ILE M 48 26.88 3.45 -19.61
N SER M 49 26.93 2.36 -20.38
CA SER M 49 28.18 1.63 -20.58
C SER M 49 28.95 2.22 -21.77
N CYS M 50 30.28 2.21 -21.65
CA CYS M 50 31.18 2.69 -22.71
C CYS M 50 32.25 1.62 -22.88
N SER M 51 32.12 0.80 -23.93
CA SER M 51 32.97 -0.37 -24.16
C SER M 51 34.05 -0.08 -25.18
N GLY M 52 35.21 -0.71 -24.98
CA GLY M 52 36.34 -0.52 -25.85
C GLY M 52 37.28 -1.71 -25.92
N SER M 53 38.58 -1.46 -25.79
CA SER M 53 39.59 -2.51 -25.90
C SER M 53 40.80 -2.13 -25.06
N ARG M 54 41.86 -2.94 -25.16
CA ARG M 54 43.06 -2.69 -24.36
C ARG M 54 43.83 -1.49 -24.89
N SER M 55 43.86 -1.31 -26.21
CA SER M 55 44.64 -0.22 -26.79
C SER M 55 44.12 1.14 -26.34
N ASN M 56 42.81 1.24 -26.10
CA ASN M 56 42.21 2.54 -25.77
C ASN M 56 41.81 2.60 -24.30
N ILE M 57 40.64 2.07 -23.97
CA ILE M 57 40.14 2.21 -22.61
C ILE M 57 40.98 1.41 -21.64
N GLY M 58 41.44 0.23 -22.05
CA GLY M 58 42.27 -0.59 -21.18
C GLY M 58 43.63 0.01 -20.88
N SER M 59 43.99 1.13 -21.52
CA SER M 59 45.27 1.78 -21.26
C SER M 59 45.16 3.29 -21.14
N ASN M 60 43.96 3.86 -21.17
CA ASN M 60 43.78 5.30 -21.13
C ASN M 60 42.60 5.64 -20.23
N THR M 61 42.38 6.94 -20.05
CA THR M 61 41.32 7.45 -19.20
C THR M 61 40.03 7.62 -19.99
N VAL M 62 39.00 8.14 -19.34
CA VAL M 62 37.70 8.34 -19.96
C VAL M 62 37.15 9.70 -19.54
N LYS M 63 36.55 10.40 -20.49
CA LYS M 63 35.78 11.61 -20.22
C LYS M 63 34.30 11.33 -20.48
N TRP M 64 33.47 12.30 -20.09
CA TRP M 64 32.03 12.19 -20.30
C TRP M 64 31.49 13.57 -20.59
N TYR M 65 30.63 13.66 -21.60
CA TYR M 65 30.08 14.93 -22.06
C TYR M 65 28.56 14.89 -21.98
N GLN M 66 27.97 16.08 -21.86
CA GLN M 66 26.52 16.24 -21.82
C GLN M 66 26.12 17.23 -22.89
N GLN M 67 25.30 16.78 -23.84
CA GLN M 67 24.79 17.64 -24.91
C GLN M 67 23.29 17.79 -24.73
N LEU M 68 22.87 18.99 -24.41
CA LEU M 68 21.45 19.31 -24.33
C LEU M 68 20.96 19.81 -25.68
N PRO M 69 19.67 19.58 -26.01
CA PRO M 69 19.17 20.02 -27.32
C PRO M 69 19.37 21.51 -27.56
N GLY M 70 20.21 21.85 -28.53
CA GLY M 70 20.43 23.23 -28.91
C GLY M 70 21.73 23.84 -28.42
N THR M 71 22.60 23.06 -27.78
CA THR M 71 23.87 23.56 -27.27
C THR M 71 24.99 22.60 -27.62
N ALA M 72 26.21 22.96 -27.22
CA ALA M 72 27.38 22.14 -27.40
C ALA M 72 27.54 21.18 -26.23
N PRO M 73 28.39 20.17 -26.35
CA PRO M 73 28.64 19.28 -25.21
C PRO M 73 29.28 20.03 -24.05
N LYS M 74 28.92 19.61 -22.84
CA LYS M 74 29.48 20.11 -21.60
C LYS M 74 30.21 18.98 -20.89
N LEU M 75 31.43 19.24 -20.44
CA LEU M 75 32.16 18.22 -19.72
C LEU M 75 31.47 17.91 -18.40
N LEU M 76 31.34 16.62 -18.09
CA LEU M 76 30.78 16.18 -16.81
C LEU M 76 31.78 15.42 -15.95
N ILE M 77 32.57 14.54 -16.54
CA ILE M 77 33.53 13.74 -15.78
C ILE M 77 34.85 13.71 -16.54
N TYR M 78 35.94 13.71 -15.79
CA TYR M 78 37.27 13.55 -16.37
C TYR M 78 38.06 12.59 -15.49
N TYR M 79 39.09 11.99 -16.08
CA TYR M 79 39.93 11.01 -15.40
C TYR M 79 39.07 9.98 -14.68
N ASN M 80 38.03 9.51 -15.38
CA ASN M 80 37.21 8.38 -14.93
C ASN M 80 36.14 8.78 -13.91
N ASP M 81 36.54 9.48 -12.84
CA ASP M 81 35.65 9.67 -11.70
C ASP M 81 35.64 11.07 -11.11
N GLN M 82 36.38 12.03 -11.67
CA GLN M 82 36.47 13.36 -11.09
C GLN M 82 35.38 14.27 -11.65
N ARG M 83 34.76 15.05 -10.76
CA ARG M 83 33.69 15.98 -11.12
C ARG M 83 34.23 17.40 -11.17
N PRO M 84 34.02 18.15 -12.25
CA PRO M 84 34.40 19.57 -12.23
C PRO M 84 33.52 20.38 -11.30
N SER M 85 33.77 21.69 -11.23
CA SER M 85 32.88 22.58 -10.51
C SER M 85 31.63 22.82 -11.35
N GLY M 86 30.48 22.85 -10.69
CA GLY M 86 29.21 23.02 -11.37
C GLY M 86 28.52 21.74 -11.76
N VAL M 87 29.13 20.59 -11.50
CA VAL M 87 28.57 19.29 -11.86
C VAL M 87 28.02 18.64 -10.60
N PRO M 88 26.74 18.29 -10.54
CA PRO M 88 26.20 17.66 -9.32
C PRO M 88 26.92 16.36 -9.00
N ASP M 89 26.83 15.97 -7.73
CA ASP M 89 27.50 14.77 -7.25
C ASP M 89 26.76 13.48 -7.59
N ARG M 90 25.54 13.58 -8.14
CA ARG M 90 24.81 12.38 -8.53
C ARG M 90 25.37 11.76 -9.81
N PHE M 91 26.08 12.55 -10.63
CA PHE M 91 26.80 12.02 -11.78
C PHE M 91 28.11 11.42 -11.30
N SER M 92 28.20 10.10 -11.28
CA SER M 92 29.41 9.41 -10.84
C SER M 92 29.88 8.46 -11.93
N GLY M 93 31.17 8.56 -12.28
CA GLY M 93 31.76 7.72 -13.30
C GLY M 93 32.65 6.63 -12.71
N SER M 94 33.01 5.67 -13.55
CA SER M 94 33.81 4.54 -13.12
C SER M 94 34.42 3.88 -14.35
N LYS M 95 35.50 3.12 -14.10
CA LYS M 95 36.21 2.42 -15.15
C LYS M 95 36.76 1.13 -14.59
N SER M 96 36.70 0.06 -15.40
CA SER M 96 37.13 -1.26 -14.97
C SER M 96 37.47 -2.07 -16.21
N GLY M 97 38.75 -2.41 -16.38
CA GLY M 97 39.19 -3.17 -17.53
C GLY M 97 39.03 -2.42 -18.83
N THR M 98 38.20 -2.95 -19.74
CA THR M 98 37.96 -2.33 -21.03
C THR M 98 36.59 -1.67 -21.11
N SER M 99 36.02 -1.30 -19.97
CA SER M 99 34.69 -0.72 -19.92
C SER M 99 34.65 0.39 -18.89
N ALA M 100 33.82 1.41 -19.15
CA ALA M 100 33.52 2.45 -18.19
C ALA M 100 32.01 2.62 -18.11
N SER M 101 31.56 3.25 -17.02
CA SER M 101 30.13 3.40 -16.77
C SER M 101 29.86 4.75 -16.11
N LEU M 102 28.81 5.43 -16.58
CA LEU M 102 28.32 6.65 -15.97
C LEU M 102 27.02 6.34 -15.26
N ALA M 103 26.93 6.73 -13.99
CA ALA M 103 25.75 6.48 -13.17
C ALA M 103 25.11 7.80 -12.79
N ILE M 104 23.79 7.87 -12.90
CA ILE M 104 23.01 9.06 -12.55
C ILE M 104 22.06 8.65 -11.44
N THR M 105 22.51 8.82 -10.20
CA THR M 105 21.71 8.43 -9.03
C THR M 105 20.65 9.50 -8.78
N GLY M 106 19.39 9.17 -9.05
CA GLY M 106 18.31 10.12 -8.90
C GLY M 106 18.15 10.98 -10.14
N LEU M 107 17.17 10.65 -10.97
CA LEU M 107 16.98 11.38 -12.21
C LEU M 107 16.12 12.62 -11.99
N GLN M 108 16.20 13.52 -12.97
CA GLN M 108 15.39 14.73 -12.99
C GLN M 108 15.02 15.01 -14.45
N ALA M 109 14.13 15.99 -14.63
CA ALA M 109 13.75 16.37 -15.98
C ALA M 109 14.91 17.02 -16.73
N GLU M 110 15.73 17.79 -16.02
CA GLU M 110 16.83 18.51 -16.67
C GLU M 110 17.93 17.59 -17.16
N ASP M 111 17.95 16.33 -16.72
CA ASP M 111 18.98 15.40 -17.14
C ASP M 111 18.68 14.71 -18.45
N GLU M 112 17.47 14.87 -18.99
CA GLU M 112 17.12 14.29 -20.29
C GLU M 112 17.97 14.98 -21.36
N ALA M 113 18.84 14.21 -22.01
CA ALA M 113 19.80 14.78 -22.96
C ALA M 113 20.56 13.64 -23.63
N ASP M 114 21.62 14.01 -24.38
CA ASP M 114 22.52 13.08 -25.04
C ASP M 114 23.88 13.10 -24.34
N TYR M 115 24.45 11.92 -24.14
CA TYR M 115 25.70 11.74 -23.42
C TYR M 115 26.69 10.97 -24.27
N TYR M 116 27.95 11.39 -24.23
CA TYR M 116 29.03 10.80 -25.02
C TYR M 116 30.23 10.55 -24.13
N CYS M 117 30.93 9.45 -24.39
CA CYS M 117 32.19 9.16 -23.72
C CYS M 117 33.34 9.30 -24.72
N GLN M 118 34.49 9.75 -24.22
CA GLN M 118 35.65 10.07 -25.06
C GLN M 118 36.94 9.58 -24.42
N SER M 119 37.84 9.07 -25.25
CA SER M 119 39.12 8.57 -24.80
C SER M 119 40.04 8.49 -26.01
N TYR M 120 41.25 7.98 -25.79
CA TYR M 120 42.29 7.89 -26.81
C TYR M 120 42.72 6.44 -26.98
N ASP M 121 43.75 6.24 -27.79
CA ASP M 121 44.44 4.95 -27.89
C ASP M 121 45.93 5.23 -28.03
N ARG M 122 46.74 4.34 -27.46
CA ARG M 122 48.15 4.64 -27.30
C ARG M 122 48.95 4.52 -28.60
N TYR M 123 48.32 4.81 -29.74
CA TYR M 123 49.02 4.82 -31.02
C TYR M 123 48.66 6.08 -31.80
N THR M 124 47.36 6.27 -32.05
CA THR M 124 46.85 7.55 -32.55
C THR M 124 46.58 8.45 -31.35
N HIS M 125 47.69 8.83 -30.71
CA HIS M 125 47.70 9.40 -29.37
C HIS M 125 46.77 10.60 -29.18
N PRO M 126 46.91 11.69 -29.94
CA PRO M 126 46.08 12.87 -29.71
C PRO M 126 44.70 12.79 -30.33
N ALA M 127 44.41 11.77 -31.15
CA ALA M 127 43.12 11.66 -31.80
C ALA M 127 42.04 11.23 -30.79
N LEU M 128 40.89 11.89 -30.87
CA LEU M 128 39.81 11.65 -29.93
C LEU M 128 38.94 10.49 -30.42
N LEU M 129 38.70 9.53 -29.53
CA LEU M 129 37.77 8.43 -29.80
C LEU M 129 36.47 8.74 -29.07
N PHE M 130 35.46 9.18 -29.82
CA PHE M 130 34.15 9.46 -29.26
C PHE M 130 33.25 8.23 -29.31
N GLY M 131 32.26 8.21 -28.44
CA GLY M 131 31.32 7.11 -28.41
C GLY M 131 30.19 7.32 -29.39
N THR M 132 29.34 6.29 -29.50
CA THR M 132 28.21 6.33 -30.41
C THR M 132 27.14 7.33 -29.98
N GLY M 133 27.12 7.68 -28.70
CA GLY M 133 26.09 8.55 -28.17
C GLY M 133 24.99 7.77 -27.49
N THR M 134 24.37 8.38 -26.48
CA THR M 134 23.32 7.74 -25.72
C THR M 134 22.23 8.77 -25.42
N LYS M 135 21.02 8.51 -25.93
CA LYS M 135 19.87 9.35 -25.61
C LYS M 135 19.28 8.94 -24.27
N VAL M 136 19.27 9.87 -23.32
CA VAL M 136 18.66 9.64 -22.01
C VAL M 136 17.25 10.20 -22.04
N THR M 137 16.26 9.33 -21.85
CA THR M 137 14.85 9.70 -21.86
C THR M 137 14.26 9.44 -20.48
N VAL M 138 13.49 10.40 -19.98
CA VAL M 138 12.79 10.27 -18.71
C VAL M 138 11.42 9.66 -18.96
N LEU M 139 11.07 8.66 -18.17
CA LEU M 139 9.79 7.97 -18.29
C LEU M 139 8.95 8.22 -17.06
N GLY M 140 7.75 7.64 -17.05
CA GLY M 140 6.83 7.84 -15.96
C GLY M 140 6.49 9.29 -15.69
N GLN M 141 6.67 10.16 -16.68
CA GLN M 141 6.43 11.57 -16.49
C GLN M 141 4.93 11.86 -16.48
N PRO M 142 4.44 12.69 -15.54
CA PRO M 142 3.00 13.03 -15.55
C PRO M 142 2.49 13.46 -16.93
N LYS M 143 1.57 12.69 -17.48
CA LYS M 143 1.04 12.97 -18.82
C LYS M 143 0.47 14.39 -18.87
N ALA M 144 0.58 15.01 -20.04
CA ALA M 144 0.08 16.36 -20.26
C ALA M 144 -0.50 16.46 -21.65
N ALA M 145 -1.65 17.11 -21.75
CA ALA M 145 -2.34 17.22 -23.02
C ALA M 145 -1.70 18.31 -23.89
N PRO M 146 -1.77 18.17 -25.21
CA PRO M 146 -1.21 19.20 -26.09
C PRO M 146 -2.09 20.43 -26.19
N SER M 147 -1.50 21.50 -26.68
CA SER M 147 -2.20 22.76 -26.94
C SER M 147 -2.20 22.97 -28.45
N VAL M 148 -3.27 22.52 -29.10
CA VAL M 148 -3.35 22.56 -30.56
C VAL M 148 -3.74 23.97 -31.01
N THR M 149 -3.24 24.36 -32.18
CA THR M 149 -3.62 25.62 -32.79
C THR M 149 -3.54 25.46 -34.30
N LEU M 150 -4.67 25.68 -34.97
CA LEU M 150 -4.78 25.49 -36.41
C LEU M 150 -5.00 26.85 -37.08
N PHE M 151 -4.23 27.12 -38.13
CA PHE M 151 -4.36 28.35 -38.89
C PHE M 151 -4.70 28.05 -40.35
N PRO M 152 -5.50 28.89 -41.00
CA PRO M 152 -5.82 28.67 -42.40
C PRO M 152 -4.76 29.25 -43.31
N PRO M 153 -4.90 29.11 -44.62
CA PRO M 153 -3.95 29.75 -45.54
C PRO M 153 -4.17 31.25 -45.59
N SER M 154 -3.09 32.01 -45.43
CA SER M 154 -3.17 33.45 -45.47
C SER M 154 -3.67 33.93 -46.84
N SER M 155 -4.23 35.14 -46.85
CA SER M 155 -4.67 35.74 -48.11
C SER M 155 -3.49 35.98 -49.04
N GLU M 156 -2.35 36.38 -48.48
CA GLU M 156 -1.17 36.65 -49.31
C GLU M 156 -0.71 35.39 -50.03
N GLU M 157 -0.70 34.25 -49.34
CA GLU M 157 -0.23 33.00 -49.94
C GLU M 157 -1.15 32.55 -51.07
N LEU M 158 -2.46 32.74 -50.90
CA LEU M 158 -3.42 32.32 -51.92
C LEU M 158 -3.26 33.13 -53.20
N GLN M 159 -2.90 34.41 -53.09
CA GLN M 159 -2.63 35.20 -54.28
C GLN M 159 -1.56 34.56 -55.15
N ALA M 160 -0.59 33.89 -54.53
CA ALA M 160 0.48 33.20 -55.25
C ALA M 160 0.05 31.82 -55.75
N ASN M 161 -1.24 31.49 -55.64
CA ASN M 161 -1.74 30.19 -56.09
C ASN M 161 -1.13 29.07 -55.25
N LYS M 162 -1.16 29.24 -53.94
CA LYS M 162 -0.62 28.26 -53.01
C LYS M 162 -1.40 28.33 -51.70
N ALA M 163 -1.45 27.21 -51.00
CA ALA M 163 -2.17 27.12 -49.73
C ALA M 163 -1.49 26.12 -48.83
N THR M 164 -1.38 26.46 -47.54
CA THR M 164 -0.77 25.59 -46.55
C THR M 164 -1.52 25.74 -45.23
N LEU M 165 -1.91 24.62 -44.65
CA LEU M 165 -2.57 24.59 -43.35
C LEU M 165 -1.53 24.26 -42.28
N VAL M 166 -1.44 25.12 -41.27
CA VAL M 166 -0.42 25.00 -40.22
C VAL M 166 -1.11 24.56 -38.95
N CYS M 167 -0.82 23.34 -38.52
CA CYS M 167 -1.35 22.77 -37.28
C CYS M 167 -0.21 22.70 -36.27
N LEU M 168 -0.33 23.46 -35.19
CA LEU M 168 0.73 23.61 -34.21
C LEU M 168 0.34 22.93 -32.91
N ILE M 169 1.29 22.19 -32.34
CA ILE M 169 1.08 21.39 -31.14
C ILE M 169 2.21 21.69 -30.18
N SER M 170 1.87 21.99 -28.92
CA SER M 170 2.86 22.45 -27.97
C SER M 170 2.49 21.99 -26.57
N ASP M 171 3.48 22.04 -25.67
CA ASP M 171 3.28 21.70 -24.26
C ASP M 171 2.68 20.33 -24.00
N PHE M 172 3.47 19.27 -24.15
CA PHE M 172 2.99 17.93 -23.85
C PHE M 172 4.12 16.96 -23.52
N TYR M 173 4.02 16.33 -22.35
CA TYR M 173 4.89 15.23 -21.95
C TYR M 173 3.98 14.06 -21.61
N PRO M 174 4.12 12.87 -22.24
CA PRO M 174 5.14 12.36 -23.17
C PRO M 174 5.21 13.08 -24.50
N GLY M 175 6.35 12.96 -25.17
CA GLY M 175 6.56 13.57 -26.47
C GLY M 175 6.43 12.59 -27.60
N ALA M 176 5.20 12.18 -27.90
CA ALA M 176 4.97 11.22 -28.97
C ALA M 176 3.49 11.27 -29.31
N VAL M 177 3.18 11.54 -30.57
CA VAL M 177 1.80 11.76 -31.01
C VAL M 177 1.65 11.37 -32.47
N THR M 178 0.43 11.50 -33.00
CA THR M 178 0.12 11.20 -34.38
C THR M 178 -0.91 12.20 -34.88
N VAL M 179 -0.68 12.73 -36.08
CA VAL M 179 -1.54 13.75 -36.66
C VAL M 179 -2.37 13.12 -37.77
N ALA M 180 -3.62 13.55 -37.88
CA ALA M 180 -4.51 13.07 -38.93
C ALA M 180 -5.27 14.26 -39.51
N TRP M 181 -5.17 14.44 -40.82
CA TRP M 181 -5.89 15.48 -41.53
C TRP M 181 -7.13 14.90 -42.18
N LYS M 182 -8.17 15.73 -42.32
CA LYS M 182 -9.43 15.30 -42.91
C LYS M 182 -10.04 16.46 -43.67
N ALA M 183 -10.27 16.29 -44.97
CA ALA M 183 -11.02 17.24 -45.76
C ALA M 183 -12.51 17.06 -45.47
N ASP M 184 -13.15 18.09 -44.94
CA ASP M 184 -14.49 17.95 -44.38
C ASP M 184 -14.52 16.74 -43.45
N SER M 185 -15.05 15.60 -43.91
CA SER M 185 -15.20 14.42 -43.08
C SER M 185 -14.35 13.23 -43.53
N SER M 186 -13.79 13.26 -44.73
CA SER M 186 -13.12 12.12 -45.32
C SER M 186 -11.60 12.24 -45.21
N PRO M 187 -10.84 11.16 -45.49
CA PRO M 187 -9.41 11.17 -45.18
C PRO M 187 -8.52 11.44 -46.39
N VAL M 188 -7.42 12.14 -46.17
CA VAL M 188 -6.41 12.40 -47.20
C VAL M 188 -5.05 12.10 -46.61
N LYS M 189 -4.36 11.08 -47.13
CA LYS M 189 -3.07 10.70 -46.59
C LYS M 189 -1.96 11.65 -47.02
N ALA M 190 -1.91 11.98 -48.32
CA ALA M 190 -0.77 12.68 -48.90
C ALA M 190 -0.89 14.19 -48.69
N GLY M 191 0.21 14.88 -48.98
CA GLY M 191 0.30 16.32 -48.83
C GLY M 191 0.77 16.80 -47.48
N VAL M 192 0.91 15.90 -46.50
CA VAL M 192 1.25 16.26 -45.14
C VAL M 192 2.76 16.19 -44.95
N GLU M 193 3.26 17.05 -44.07
CA GLU M 193 4.67 17.04 -43.70
C GLU M 193 4.75 17.43 -42.22
N THR M 194 5.11 16.47 -41.36
CA THR M 194 5.11 16.67 -39.93
C THR M 194 6.53 16.45 -39.38
N THR M 195 6.86 17.20 -38.33
CA THR M 195 8.16 17.08 -37.68
C THR M 195 8.10 15.99 -36.61
N THR M 196 9.19 15.85 -35.89
CA THR M 196 9.26 14.99 -34.73
C THR M 196 9.20 15.82 -33.45
N PRO M 197 8.59 15.31 -32.38
CA PRO M 197 8.50 16.10 -31.13
C PRO M 197 9.88 16.42 -30.57
N SER M 198 10.20 17.71 -30.52
CA SER M 198 11.42 18.20 -29.90
C SER M 198 11.10 18.81 -28.54
N LYS M 199 12.09 18.79 -27.64
CA LYS M 199 11.87 19.25 -26.28
C LYS M 199 11.98 20.77 -26.22
N GLN M 200 10.98 21.40 -25.58
CA GLN M 200 10.98 22.84 -25.39
C GLN M 200 11.86 23.22 -24.20
N SER M 201 11.87 24.50 -23.87
CA SER M 201 12.65 24.97 -22.74
C SER M 201 12.05 24.51 -21.40
N ASN M 202 10.73 24.29 -21.36
CA ASN M 202 10.06 23.91 -20.12
C ASN M 202 9.96 22.39 -19.97
N ASN M 203 10.83 21.64 -20.62
CA ASN M 203 10.87 20.18 -20.57
C ASN M 203 9.63 19.54 -21.20
N LYS M 204 8.69 20.32 -21.71
CA LYS M 204 7.60 19.80 -22.53
C LYS M 204 8.02 19.82 -24.00
N TYR M 205 7.35 19.00 -24.80
CA TYR M 205 7.70 18.84 -26.20
C TYR M 205 6.81 19.71 -27.09
N ALA M 206 7.19 19.78 -28.36
CA ALA M 206 6.48 20.59 -29.34
C ALA M 206 6.72 20.02 -30.73
N ALA M 207 5.82 20.34 -31.64
CA ALA M 207 5.90 19.85 -33.01
C ALA M 207 5.00 20.72 -33.88
N SER M 208 4.97 20.41 -35.17
CA SER M 208 4.23 21.20 -36.14
C SER M 208 3.98 20.35 -37.38
N SER M 209 2.78 20.46 -37.92
CA SER M 209 2.39 19.75 -39.15
C SER M 209 1.95 20.78 -40.19
N TYR M 210 2.32 20.53 -41.45
CA TYR M 210 1.98 21.43 -42.55
C TYR M 210 1.34 20.61 -43.66
N LEU M 211 0.14 21.02 -44.07
CA LEU M 211 -0.60 20.36 -45.14
C LEU M 211 -0.63 21.29 -46.34
N SER M 212 0.16 20.97 -47.37
CA SER M 212 0.20 21.78 -48.57
C SER M 212 -0.96 21.39 -49.49
N LEU M 213 -1.71 22.39 -49.94
CA LEU M 213 -2.87 22.17 -50.79
C LEU M 213 -2.87 23.20 -51.92
N THR M 214 -3.83 23.07 -52.84
CA THR M 214 -4.05 24.02 -53.90
C THR M 214 -5.15 25.00 -53.52
N PRO M 215 -5.17 26.18 -54.13
CA PRO M 215 -6.21 27.16 -53.78
C PRO M 215 -7.63 26.68 -54.06
N GLU M 216 -7.80 25.79 -55.04
CA GLU M 216 -9.14 25.35 -55.42
C GLU M 216 -9.68 24.31 -54.46
N GLN M 217 -8.89 23.30 -54.12
CA GLN M 217 -9.36 22.26 -53.20
C GLN M 217 -9.60 22.83 -51.80
N TRP M 218 -8.87 23.89 -51.44
CA TRP M 218 -9.13 24.57 -50.18
C TRP M 218 -10.47 25.30 -50.20
N LYS M 219 -10.90 25.76 -51.38
CA LYS M 219 -12.18 26.45 -51.51
C LYS M 219 -13.33 25.50 -51.83
N SER M 220 -13.03 24.31 -52.36
CA SER M 220 -14.09 23.35 -52.65
C SER M 220 -14.64 22.75 -51.37
N HIS M 221 -13.82 22.01 -50.64
CA HIS M 221 -14.25 21.44 -49.36
C HIS M 221 -14.46 22.55 -48.35
N ARG M 222 -15.55 22.43 -47.57
CA ARG M 222 -15.98 23.51 -46.70
C ARG M 222 -15.21 23.59 -45.39
N SER M 223 -14.39 22.59 -45.06
CA SER M 223 -13.66 22.63 -43.80
C SER M 223 -12.56 21.57 -43.83
N TYR M 224 -11.57 21.76 -42.96
CA TYR M 224 -10.50 20.80 -42.74
C TYR M 224 -10.26 20.70 -41.25
N SER M 225 -9.79 19.52 -40.82
CA SER M 225 -9.59 19.24 -39.40
C SER M 225 -8.21 18.66 -39.17
N CYS M 226 -7.57 19.08 -38.08
CA CYS M 226 -6.29 18.54 -37.66
C CYS M 226 -6.52 17.74 -36.38
N GLN M 227 -6.48 16.42 -36.49
CA GLN M 227 -6.74 15.52 -35.37
C GLN M 227 -5.41 15.07 -34.79
N VAL M 228 -5.17 15.43 -33.54
CA VAL M 228 -3.92 15.12 -32.84
C VAL M 228 -4.26 14.17 -31.70
N THR M 229 -3.73 12.94 -31.77
CA THR M 229 -3.96 11.93 -30.74
C THR M 229 -2.72 11.85 -29.85
N HIS M 230 -2.95 11.81 -28.54
CA HIS M 230 -1.86 11.76 -27.58
C HIS M 230 -2.30 10.92 -26.40
N GLU M 231 -1.76 9.71 -26.30
CA GLU M 231 -2.09 8.80 -25.19
C GLU M 231 -3.58 8.43 -25.21
N GLY M 232 -4.13 8.25 -26.42
CA GLY M 232 -5.51 7.89 -26.59
C GLY M 232 -6.48 9.06 -26.65
N SER M 233 -6.06 10.25 -26.22
CA SER M 233 -6.92 11.43 -26.25
C SER M 233 -6.69 12.17 -27.56
N THR M 234 -7.76 12.40 -28.31
CA THR M 234 -7.71 13.12 -29.58
C THR M 234 -8.20 14.54 -29.40
N VAL M 235 -7.49 15.49 -30.02
CA VAL M 235 -7.85 16.89 -29.99
C VAL M 235 -8.03 17.36 -31.43
N GLU M 236 -9.22 17.85 -31.75
CA GLU M 236 -9.55 18.30 -33.09
C GLU M 236 -9.71 19.81 -33.11
N LYS M 237 -9.22 20.43 -34.19
CA LYS M 237 -9.40 21.86 -34.42
C LYS M 237 -9.78 22.06 -35.87
N THR M 238 -10.88 22.79 -36.09
CA THR M 238 -11.42 22.99 -37.43
C THR M 238 -11.22 24.45 -37.86
N VAL M 239 -11.21 24.65 -39.18
CA VAL M 239 -11.11 25.97 -39.78
C VAL M 239 -11.82 25.93 -41.12
N ALA M 240 -12.35 27.07 -41.54
CA ALA M 240 -13.11 27.18 -42.77
C ALA M 240 -12.62 28.36 -43.58
N PRO M 241 -12.81 28.34 -44.91
CA PRO M 241 -12.42 29.48 -45.74
C PRO M 241 -13.43 30.62 -45.61
N THR M 242 -12.97 31.74 -45.04
CA THR M 242 -13.82 32.92 -44.91
C THR M 242 -12.97 34.18 -44.84
N GLN N 29 36.55 32.46 -17.29
CA GLN N 29 35.64 33.04 -18.32
C GLN N 29 36.14 32.69 -19.72
N VAL N 30 36.48 31.42 -19.92
CA VAL N 30 36.94 30.95 -21.22
C VAL N 30 35.80 31.04 -22.24
N GLN N 31 36.16 31.35 -23.49
CA GLN N 31 35.18 31.54 -24.55
C GLN N 31 35.77 31.12 -25.88
N LEU N 32 34.94 30.51 -26.72
CA LEU N 32 35.29 30.15 -28.09
C LEU N 32 34.15 30.54 -29.02
N VAL N 33 34.50 31.11 -30.17
CA VAL N 33 33.53 31.61 -31.14
C VAL N 33 33.99 31.19 -32.53
N GLU N 34 33.20 30.35 -33.19
CA GLU N 34 33.52 29.90 -34.54
C GLU N 34 32.91 30.85 -35.57
N SER N 35 33.48 30.83 -36.77
CA SER N 35 32.99 31.64 -37.87
C SER N 35 33.50 31.04 -39.18
N GLY N 36 33.14 31.68 -40.29
CA GLY N 36 33.56 31.24 -41.60
C GLY N 36 32.65 30.20 -42.25
N GLY N 37 31.69 29.65 -41.52
CA GLY N 37 30.82 28.63 -42.05
C GLY N 37 29.79 29.18 -43.01
N GLY N 38 29.04 28.27 -43.60
CA GLY N 38 27.97 28.64 -44.52
C GLY N 38 27.69 27.50 -45.51
N VAL N 39 27.34 27.89 -46.73
CA VAL N 39 26.98 26.96 -47.79
C VAL N 39 28.05 27.01 -48.88
N VAL N 40 28.18 25.91 -49.60
CA VAL N 40 29.14 25.81 -50.71
C VAL N 40 28.82 24.57 -51.50
N GLN N 41 29.20 24.55 -52.76
CA GLN N 41 29.03 23.36 -53.59
C GLN N 41 30.21 22.43 -53.41
N PRO N 42 30.06 21.15 -53.74
CA PRO N 42 31.17 20.20 -53.57
C PRO N 42 32.35 20.59 -54.44
N GLY N 43 33.54 20.19 -53.99
CA GLY N 43 34.77 20.43 -54.72
C GLY N 43 35.47 21.74 -54.38
N ARG N 44 34.73 22.75 -53.94
CA ARG N 44 35.32 24.03 -53.61
C ARG N 44 35.90 24.00 -52.20
N SER N 45 36.46 25.13 -51.78
CA SER N 45 37.16 25.24 -50.51
C SER N 45 36.36 26.11 -49.54
N LEU N 46 36.85 26.18 -48.30
CA LEU N 46 36.26 27.03 -47.28
C LEU N 46 37.18 27.07 -46.07
N ARG N 47 37.24 28.23 -45.42
CA ARG N 47 38.10 28.47 -44.28
C ARG N 47 37.25 28.84 -43.06
N LEU N 48 37.53 28.20 -41.93
CA LEU N 48 36.85 28.46 -40.68
C LEU N 48 37.78 29.13 -39.69
N SER N 49 37.18 29.86 -38.74
CA SER N 49 37.93 30.65 -37.77
C SER N 49 37.28 30.50 -36.39
N CYS N 50 38.09 30.18 -35.39
CA CYS N 50 37.64 30.01 -34.01
C CYS N 50 38.41 30.99 -33.14
N ALA N 51 37.78 32.11 -32.80
CA ALA N 51 38.42 33.13 -31.97
C ALA N 51 38.43 32.69 -30.51
N ALA N 52 39.61 32.74 -29.90
CA ALA N 52 39.79 32.36 -28.51
C ALA N 52 39.93 33.59 -27.62
N SER N 53 39.63 33.40 -26.34
CA SER N 53 39.71 34.50 -25.38
C SER N 53 39.54 33.94 -23.98
N GLY N 54 40.21 34.57 -23.02
CA GLY N 54 40.09 34.24 -21.62
C GLY N 54 41.15 33.32 -21.05
N PHE N 55 42.31 33.19 -21.70
CA PHE N 55 43.37 32.31 -21.22
C PHE N 55 44.59 32.51 -22.10
N THR N 56 45.59 31.65 -21.92
CA THR N 56 46.86 31.72 -22.65
C THR N 56 46.75 30.85 -23.89
N PHE N 57 46.22 31.42 -24.97
CA PHE N 57 45.97 30.66 -26.19
C PHE N 57 47.21 29.91 -26.65
N SER N 58 48.36 30.60 -26.69
CA SER N 58 49.58 30.01 -27.24
C SER N 58 50.14 28.90 -26.37
N SER N 59 49.64 28.71 -25.16
CA SER N 59 50.20 27.75 -24.22
C SER N 59 49.37 26.48 -24.11
N TYR N 60 48.54 26.18 -25.11
CA TYR N 60 47.70 24.99 -25.07
C TYR N 60 47.38 24.54 -26.49
N GLY N 61 47.14 23.24 -26.65
CA GLY N 61 46.71 22.71 -27.92
C GLY N 61 45.27 23.09 -28.21
N MET N 62 44.79 22.62 -29.36
CA MET N 62 43.44 22.94 -29.81
C MET N 62 42.93 21.83 -30.73
N HIS N 63 41.62 21.58 -30.65
CA HIS N 63 40.97 20.54 -31.43
C HIS N 63 39.87 21.12 -32.32
N TRP N 64 39.57 20.41 -33.39
CA TRP N 64 38.38 20.63 -34.21
C TRP N 64 37.54 19.36 -34.18
N VAL N 65 36.23 19.53 -34.01
CA VAL N 65 35.30 18.40 -33.93
C VAL N 65 34.00 18.80 -34.62
N ARG N 66 33.36 17.81 -35.27
CA ARG N 66 32.16 18.05 -36.03
C ARG N 66 31.06 17.06 -35.64
N GLN N 67 29.81 17.49 -35.83
CA GLN N 67 28.66 16.67 -35.50
C GLN N 67 27.55 16.94 -36.52
N ALA N 68 27.17 15.90 -37.25
CA ALA N 68 26.09 16.05 -38.22
C ALA N 68 24.76 16.17 -37.51
N PRO N 69 23.74 16.74 -38.16
CA PRO N 69 22.44 16.94 -37.49
C PRO N 69 21.89 15.67 -36.88
N GLY N 70 21.74 15.65 -35.56
CA GLY N 70 21.17 14.52 -34.85
C GLY N 70 22.06 13.30 -34.74
N LYS N 71 23.28 13.36 -35.25
CA LYS N 71 24.19 12.22 -35.20
C LYS N 71 25.26 12.45 -34.14
N GLY N 72 26.22 11.51 -34.06
CA GLY N 72 27.25 11.55 -33.05
C GLY N 72 28.40 12.48 -33.41
N LEU N 73 29.35 12.55 -32.48
CA LEU N 73 30.52 13.40 -32.64
C LEU N 73 31.59 12.68 -33.45
N GLU N 74 32.37 13.45 -34.21
CA GLU N 74 33.50 12.93 -34.97
C GLU N 74 34.67 13.89 -34.82
N TRP N 75 35.78 13.37 -34.33
CA TRP N 75 37.01 14.17 -34.26
C TRP N 75 37.51 14.45 -35.68
N VAL N 76 37.98 15.67 -35.90
CA VAL N 76 38.41 16.12 -37.22
C VAL N 76 39.93 16.27 -37.29
N ALA N 77 40.50 17.11 -36.43
CA ALA N 77 41.93 17.38 -36.48
C ALA N 77 42.38 17.97 -35.14
N PHE N 78 43.69 18.21 -35.03
CA PHE N 78 44.29 18.74 -33.82
C PHE N 78 45.62 19.39 -34.19
N ILE N 79 46.04 20.34 -33.36
CA ILE N 79 47.31 21.04 -33.56
C ILE N 79 47.90 21.37 -32.19
N ARG N 80 49.19 21.12 -32.04
CA ARG N 80 49.86 21.35 -30.76
C ARG N 80 49.88 22.85 -30.43
N TYR N 81 50.52 23.17 -29.30
CA TYR N 81 50.53 24.56 -28.83
C TYR N 81 51.37 25.45 -29.73
N ASP N 82 52.49 24.92 -30.25
CA ASP N 82 53.41 25.70 -31.08
C ASP N 82 53.11 25.60 -32.57
N GLY N 83 52.17 24.75 -32.98
CA GLY N 83 51.92 24.48 -34.39
C GLY N 83 52.90 23.53 -35.01
N SER N 84 53.76 22.88 -34.22
CA SER N 84 54.75 21.94 -34.72
C SER N 84 54.10 20.75 -35.41
N ASN N 85 53.49 19.86 -34.64
CA ASN N 85 52.93 18.63 -35.16
C ASN N 85 51.42 18.82 -35.34
N LYS N 86 50.95 18.64 -36.57
CA LYS N 86 49.52 18.66 -36.88
C LYS N 86 49.04 17.23 -37.10
N TYR N 87 47.81 16.96 -36.68
CA TYR N 87 47.21 15.63 -36.79
C TYR N 87 45.82 15.75 -37.38
N TYR N 88 45.48 14.82 -38.28
CA TYR N 88 44.19 14.83 -38.95
C TYR N 88 43.55 13.45 -38.85
N ALA N 89 42.28 13.39 -39.21
CA ALA N 89 41.56 12.13 -39.33
C ALA N 89 41.64 11.65 -40.79
N ASP N 90 41.64 10.32 -40.95
CA ASP N 90 41.87 9.75 -42.28
C ASP N 90 40.77 10.16 -43.26
N SER N 91 39.57 10.42 -42.78
CA SER N 91 38.49 10.83 -43.67
C SER N 91 38.67 12.25 -44.21
N VAL N 92 39.72 12.97 -43.79
CA VAL N 92 39.95 14.34 -44.25
C VAL N 92 41.45 14.57 -44.45
N LYS N 93 42.25 13.50 -44.37
CA LYS N 93 43.69 13.64 -44.51
C LYS N 93 44.03 14.16 -45.91
N GLY N 94 44.93 15.14 -45.97
CA GLY N 94 45.34 15.74 -47.21
C GLY N 94 44.34 16.71 -47.82
N ARG N 95 43.08 16.66 -47.42
CA ARG N 95 42.05 17.55 -47.93
C ARG N 95 41.93 18.82 -47.09
N PHE N 96 41.78 18.66 -45.78
CA PHE N 96 41.74 19.78 -44.86
C PHE N 96 43.17 20.15 -44.43
N THR N 97 43.28 21.31 -43.80
CA THR N 97 44.58 21.79 -43.31
C THR N 97 44.34 22.72 -42.13
N ILE N 98 44.89 22.36 -40.98
CA ILE N 98 44.71 23.12 -39.75
C ILE N 98 45.84 24.14 -39.63
N SER N 99 45.56 25.25 -38.97
CA SER N 99 46.57 26.28 -38.75
C SER N 99 46.09 27.19 -37.63
N ARG N 100 47.05 27.85 -37.00
CA ARG N 100 46.77 28.74 -35.88
C ARG N 100 47.73 29.91 -35.93
N ASP N 101 47.27 31.05 -35.40
CA ASP N 101 48.09 32.25 -35.29
C ASP N 101 48.01 32.74 -33.84
N ASN N 102 49.07 32.48 -33.08
CA ASN N 102 49.06 32.82 -31.66
C ASN N 102 49.03 34.32 -31.43
N SER N 103 49.60 35.10 -32.35
CA SER N 103 49.69 36.55 -32.15
C SER N 103 48.33 37.20 -32.03
N LYS N 104 47.31 36.65 -32.70
CA LYS N 104 45.97 37.20 -32.69
C LYS N 104 44.96 36.31 -31.98
N ASN N 105 45.40 35.21 -31.39
CA ASN N 105 44.55 34.30 -30.63
C ASN N 105 43.33 33.89 -31.46
N THR N 106 43.62 33.07 -32.48
CA THR N 106 42.60 32.51 -33.34
C THR N 106 43.07 31.16 -33.84
N LEU N 107 42.11 30.34 -34.27
CA LEU N 107 42.37 29.00 -34.78
C LEU N 107 41.67 28.83 -36.12
N TYR N 108 42.40 28.31 -37.11
CA TYR N 108 41.92 28.21 -38.47
C TYR N 108 41.73 26.76 -38.88
N LEU N 109 40.95 26.57 -39.95
CA LEU N 109 40.75 25.25 -40.54
C LEU N 109 40.41 25.43 -42.01
N GLN N 110 41.42 25.27 -42.87
CA GLN N 110 41.22 25.38 -44.31
C GLN N 110 40.69 24.05 -44.83
N MET N 111 39.47 24.06 -45.38
CA MET N 111 38.83 22.87 -45.91
C MET N 111 38.81 22.95 -47.43
N ASN N 112 39.59 22.11 -48.08
CA ASN N 112 39.64 22.03 -49.53
C ASN N 112 39.01 20.72 -50.01
N SER N 113 38.57 20.72 -51.25
CA SER N 113 37.95 19.55 -51.87
C SER N 113 36.82 19.01 -50.98
N LEU N 114 35.86 19.88 -50.72
CA LEU N 114 34.78 19.54 -49.80
C LEU N 114 33.84 18.51 -50.43
N ARG N 115 33.36 17.60 -49.58
CA ARG N 115 32.45 16.55 -49.98
C ARG N 115 31.13 16.70 -49.22
N ALA N 116 30.06 16.15 -49.80
CA ALA N 116 28.73 16.31 -49.19
C ALA N 116 28.68 15.71 -47.80
N GLU N 117 29.38 14.59 -47.58
CA GLU N 117 29.40 13.96 -46.26
C GLU N 117 30.06 14.82 -45.21
N ASP N 118 30.77 15.88 -45.61
CA ASP N 118 31.35 16.83 -44.65
C ASP N 118 30.30 17.76 -44.05
N THR N 119 29.10 17.80 -44.61
CA THR N 119 28.03 18.62 -44.06
C THR N 119 27.82 18.29 -42.59
N ALA N 120 28.07 19.27 -41.72
CA ALA N 120 27.92 19.09 -40.29
C ALA N 120 28.23 20.41 -39.60
N VAL N 121 28.00 20.45 -38.30
CA VAL N 121 28.41 21.56 -37.46
C VAL N 121 29.83 21.27 -37.01
N TYR N 122 30.65 22.32 -36.92
CA TYR N 122 32.07 22.20 -36.61
C TYR N 122 32.39 23.02 -35.38
N TYR N 123 32.82 22.36 -34.31
CA TYR N 123 33.23 23.01 -33.07
C TYR N 123 34.76 23.08 -32.99
N CYS N 124 35.24 23.94 -32.09
CA CYS N 124 36.64 23.94 -31.66
C CYS N 124 36.67 23.62 -30.19
N LYS N 125 37.48 22.62 -29.81
CA LYS N 125 37.59 22.17 -28.44
C LYS N 125 39.04 22.31 -27.98
N THR N 126 39.22 22.84 -26.77
CA THR N 126 40.55 22.93 -26.19
C THR N 126 41.05 21.55 -25.78
N HIS N 127 42.36 21.40 -25.76
CA HIS N 127 43.00 20.14 -25.37
C HIS N 127 43.39 20.23 -23.89
N GLY N 128 42.81 19.36 -23.08
CA GLY N 128 43.11 19.33 -21.67
C GLY N 128 41.97 18.72 -20.88
N SER N 129 42.20 18.61 -19.57
CA SER N 129 41.20 18.06 -18.68
C SER N 129 39.92 18.86 -18.75
N HIS N 130 39.94 20.08 -18.22
CA HIS N 130 38.75 20.93 -18.19
C HIS N 130 38.62 21.68 -19.52
N ASP N 131 38.34 20.91 -20.56
CA ASP N 131 38.21 21.47 -21.90
C ASP N 131 36.90 22.23 -22.05
N ASN N 132 36.87 23.14 -23.02
CA ASN N 132 35.72 23.99 -23.27
C ASN N 132 35.41 24.01 -24.76
N TRP N 133 34.13 24.19 -25.08
CA TRP N 133 33.63 24.12 -26.45
C TRP N 133 32.97 25.44 -26.84
N GLY N 134 32.83 25.63 -28.15
CA GLY N 134 32.17 26.80 -28.68
C GLY N 134 30.74 26.50 -29.11
N GLN N 135 30.09 27.53 -29.64
CA GLN N 135 28.72 27.38 -30.14
C GLN N 135 28.65 26.64 -31.46
N GLY N 136 29.75 26.62 -32.22
CA GLY N 136 29.79 25.89 -33.46
C GLY N 136 29.21 26.65 -34.63
N THR N 137 29.68 26.35 -35.84
CA THR N 137 29.16 26.93 -37.06
C THR N 137 28.73 25.81 -38.00
N MET N 138 27.63 26.04 -38.71
CA MET N 138 27.07 25.02 -39.59
C MET N 138 27.71 25.12 -40.97
N VAL N 139 28.12 23.97 -41.50
CA VAL N 139 28.75 23.86 -42.81
C VAL N 139 27.92 22.89 -43.64
N THR N 140 27.32 23.39 -44.72
CA THR N 140 26.44 22.59 -45.58
C THR N 140 27.09 22.47 -46.95
N VAL N 141 27.30 21.24 -47.40
CA VAL N 141 27.87 20.94 -48.71
C VAL N 141 26.78 20.27 -49.53
N SER N 142 26.31 20.97 -50.57
CA SER N 142 25.25 20.46 -51.42
C SER N 142 25.31 21.16 -52.77
N SER N 143 24.83 20.46 -53.81
CA SER N 143 24.70 21.06 -55.12
C SER N 143 23.44 21.91 -55.24
N ALA N 144 22.43 21.66 -54.40
CA ALA N 144 21.23 22.49 -54.38
C ALA N 144 21.59 23.90 -53.93
N SER N 145 21.14 24.88 -54.71
CA SER N 145 21.47 26.28 -54.43
C SER N 145 20.63 26.80 -53.26
N THR N 146 21.13 27.87 -52.64
CA THR N 146 20.42 28.50 -51.54
C THR N 146 19.10 29.08 -52.02
N LYS N 147 18.12 29.10 -51.13
CA LYS N 147 16.84 29.74 -51.41
C LYS N 147 16.32 30.41 -50.15
N GLY N 148 15.75 31.60 -50.33
CA GLY N 148 15.16 32.32 -49.22
C GLY N 148 13.74 31.86 -48.95
N PRO N 149 13.21 32.31 -47.82
CA PRO N 149 11.85 31.92 -47.44
C PRO N 149 10.80 32.82 -48.08
N SER N 150 9.55 32.37 -47.99
CA SER N 150 8.38 33.13 -48.43
C SER N 150 7.51 33.36 -47.20
N VAL N 151 7.69 34.52 -46.57
CA VAL N 151 7.03 34.81 -45.31
C VAL N 151 5.55 35.11 -45.57
N PHE N 152 4.70 34.73 -44.60
CA PHE N 152 3.28 35.00 -44.66
C PHE N 152 2.79 35.22 -43.24
N PRO N 153 1.98 36.26 -42.99
CA PRO N 153 1.49 36.49 -41.62
C PRO N 153 0.37 35.53 -41.25
N LEU N 154 0.37 35.12 -39.98
CA LEU N 154 -0.66 34.25 -39.43
C LEU N 154 -1.49 35.09 -38.46
N ALA N 155 -2.61 35.61 -38.95
CA ALA N 155 -3.47 36.45 -38.14
C ALA N 155 -4.30 35.59 -37.19
N PRO N 156 -4.75 36.17 -36.07
CA PRO N 156 -5.52 35.40 -35.10
C PRO N 156 -6.98 35.25 -35.50
N SER N 157 -7.62 34.23 -34.93
CA SER N 157 -9.04 33.97 -35.18
C SER N 157 -9.87 34.29 -33.95
N THR N 165 -8.29 34.89 -24.58
CA THR N 165 -6.93 34.74 -25.07
C THR N 165 -6.93 34.40 -26.57
N ALA N 166 -5.88 34.83 -27.26
CA ALA N 166 -5.72 34.57 -28.68
C ALA N 166 -4.24 34.37 -28.99
N ALA N 167 -3.96 33.92 -30.21
CA ALA N 167 -2.59 33.64 -30.63
C ALA N 167 -2.42 34.04 -32.09
N LEU N 168 -1.20 34.46 -32.42
CA LEU N 168 -0.86 34.90 -33.77
C LEU N 168 0.60 34.55 -34.03
N GLY N 169 0.99 34.63 -35.29
CA GLY N 169 2.36 34.33 -35.64
C GLY N 169 2.66 34.64 -37.09
N CYS N 170 3.83 34.17 -37.52
CA CYS N 170 4.28 34.30 -38.91
C CYS N 170 4.65 32.92 -39.43
N LEU N 171 4.68 32.81 -40.76
CA LEU N 171 4.95 31.54 -41.44
C LEU N 171 6.16 31.70 -42.35
N VAL N 172 7.22 30.96 -42.05
CA VAL N 172 8.41 30.91 -42.90
C VAL N 172 8.31 29.62 -43.71
N LYS N 173 8.10 29.76 -45.02
CA LYS N 173 7.79 28.62 -45.88
C LYS N 173 8.80 28.52 -47.00
N ASP N 174 9.14 27.27 -47.37
CA ASP N 174 10.01 26.99 -48.50
C ASP N 174 11.30 27.80 -48.48
N TYR N 175 12.28 27.35 -47.69
CA TYR N 175 13.60 27.97 -47.65
C TYR N 175 14.65 26.89 -47.55
N PHE N 176 15.90 27.27 -47.87
CA PHE N 176 16.98 26.30 -47.83
C PHE N 176 18.30 27.05 -47.83
N PRO N 177 19.29 26.68 -47.00
CA PRO N 177 19.24 25.66 -45.95
C PRO N 177 18.93 26.27 -44.59
N GLU N 178 18.99 25.45 -43.54
CA GLU N 178 18.89 25.96 -42.18
C GLU N 178 20.11 26.82 -41.87
N PRO N 179 20.03 27.68 -40.84
CA PRO N 179 18.90 27.93 -39.94
C PRO N 179 18.17 29.23 -40.25
N VAL N 180 17.26 29.63 -39.37
CA VAL N 180 16.55 30.89 -39.47
C VAL N 180 16.39 31.47 -38.07
N THR N 181 16.43 32.80 -37.99
CA THR N 181 16.17 33.53 -36.76
C THR N 181 14.91 34.35 -36.93
N VAL N 182 14.08 34.40 -35.89
CA VAL N 182 12.79 35.08 -35.93
C VAL N 182 12.63 35.88 -34.65
N SER N 183 12.45 37.19 -34.80
CA SER N 183 12.20 38.08 -33.67
C SER N 183 10.84 38.75 -33.85
N TRP N 184 10.37 39.39 -32.78
CA TRP N 184 9.08 40.06 -32.76
C TRP N 184 9.23 41.46 -32.18
N ASN N 185 8.64 42.45 -32.86
CA ASN N 185 8.77 43.85 -32.46
C ASN N 185 10.23 44.27 -32.31
N SER N 186 11.10 43.67 -33.12
CA SER N 186 12.53 43.99 -33.14
C SER N 186 13.18 43.70 -31.79
N GLY N 187 12.94 42.49 -31.28
CA GLY N 187 13.55 42.02 -30.06
C GLY N 187 12.78 42.34 -28.79
N ALA N 188 11.90 43.35 -28.82
CA ALA N 188 11.19 43.75 -27.60
C ALA N 188 10.36 42.60 -27.04
N LEU N 189 9.63 41.91 -27.91
CA LEU N 189 8.75 40.83 -27.46
C LEU N 189 9.54 39.56 -27.20
N THR N 190 9.21 38.90 -26.09
CA THR N 190 9.89 37.67 -25.69
C THR N 190 8.90 36.70 -25.06
N SER N 191 8.01 37.22 -24.22
CA SER N 191 7.03 36.38 -23.54
C SER N 191 5.94 35.94 -24.50
N GLY N 192 5.59 34.65 -24.44
CA GLY N 192 4.59 34.07 -25.31
C GLY N 192 5.10 33.62 -26.67
N VAL N 193 6.30 34.03 -27.07
CA VAL N 193 6.85 33.66 -28.35
C VAL N 193 7.35 32.22 -28.29
N HIS N 194 6.88 31.39 -29.23
CA HIS N 194 7.32 30.00 -29.33
C HIS N 194 7.64 29.73 -30.80
N THR N 195 8.93 29.69 -31.14
CA THR N 195 9.38 29.41 -32.49
C THR N 195 9.54 27.91 -32.65
N PHE N 196 8.73 27.32 -33.53
CA PHE N 196 8.69 25.86 -33.68
C PHE N 196 9.79 25.39 -34.62
N PRO N 197 10.15 24.10 -34.53
CA PRO N 197 11.14 23.56 -35.45
C PRO N 197 10.59 23.47 -36.88
N ALA N 198 11.51 23.41 -37.83
CA ALA N 198 11.15 23.34 -39.24
C ALA N 198 10.93 21.90 -39.65
N VAL N 199 10.10 21.73 -40.69
CA VAL N 199 9.82 20.42 -41.27
C VAL N 199 10.60 20.30 -42.57
N LEU N 200 11.24 19.16 -42.76
CA LEU N 200 11.95 18.89 -44.01
C LEU N 200 10.95 18.39 -45.04
N GLN N 201 10.62 19.24 -46.00
CA GLN N 201 9.58 18.92 -46.97
C GLN N 201 10.05 17.82 -47.93
N SER N 202 9.07 17.17 -48.56
CA SER N 202 9.38 16.15 -49.56
C SER N 202 10.23 16.70 -50.69
N SER N 203 10.08 17.98 -51.01
CA SER N 203 10.86 18.61 -52.05
C SER N 203 12.31 18.88 -51.63
N GLY N 204 12.64 18.68 -50.36
CA GLY N 204 13.96 18.97 -49.85
C GLY N 204 14.11 20.34 -49.26
N LEU N 205 13.04 21.13 -49.16
CA LEU N 205 13.08 22.45 -48.59
C LEU N 205 12.55 22.42 -47.15
N TYR N 206 12.85 23.48 -46.41
CA TYR N 206 12.44 23.60 -45.02
C TYR N 206 11.28 24.60 -44.89
N SER N 207 10.65 24.59 -43.71
CA SER N 207 9.52 25.47 -43.43
C SER N 207 9.17 25.40 -41.95
N LEU N 208 9.08 26.55 -41.30
CA LEU N 208 8.76 26.62 -39.88
C LEU N 208 7.72 27.73 -39.67
N SER N 209 7.47 28.05 -38.41
CA SER N 209 6.56 29.14 -38.07
C SER N 209 6.83 29.56 -36.64
N SER N 210 6.73 30.87 -36.39
CA SER N 210 6.90 31.44 -35.05
C SER N 210 5.60 32.10 -34.65
N VAL N 211 5.15 31.83 -33.43
CA VAL N 211 3.86 32.32 -32.93
C VAL N 211 4.08 32.99 -31.58
N VAL N 212 3.13 33.85 -31.22
CA VAL N 212 3.14 34.55 -29.94
C VAL N 212 1.72 34.55 -29.39
N THR N 213 1.58 34.24 -28.11
CA THR N 213 0.28 34.18 -27.46
C THR N 213 0.03 35.52 -26.76
N VAL N 214 -1.04 36.20 -27.15
CA VAL N 214 -1.37 37.52 -26.61
C VAL N 214 -2.83 37.52 -26.20
N PRO N 215 -3.22 38.38 -25.25
CA PRO N 215 -4.63 38.45 -24.85
C PRO N 215 -5.52 38.94 -25.98
N SER N 216 -6.75 38.43 -26.00
CA SER N 216 -7.70 38.82 -27.04
C SER N 216 -8.16 40.26 -26.91
N SER N 217 -7.86 40.93 -25.80
CA SER N 217 -8.26 42.32 -25.59
C SER N 217 -7.26 43.30 -26.21
N SER N 218 -5.97 42.99 -26.14
CA SER N 218 -4.93 43.82 -26.72
C SER N 218 -4.79 43.61 -28.23
N LEU N 219 -5.73 42.90 -28.86
CA LEU N 219 -5.63 42.63 -30.29
C LEU N 219 -5.66 43.91 -31.11
N GLY N 220 -6.52 44.85 -30.73
CA GLY N 220 -6.68 46.08 -31.49
C GLY N 220 -5.61 47.10 -31.26
N THR N 221 -5.16 47.25 -30.00
CA THR N 221 -4.21 48.29 -29.64
C THR N 221 -2.83 48.03 -30.26
N GLN N 222 -2.09 47.08 -29.69
CA GLN N 222 -0.69 46.91 -30.05
C GLN N 222 -0.53 46.51 -31.51
N THR N 223 0.59 46.93 -32.10
CA THR N 223 0.99 46.54 -33.45
C THR N 223 2.12 45.52 -33.34
N TYR N 224 2.01 44.45 -34.12
CA TYR N 224 2.96 43.34 -34.04
C TYR N 224 3.64 43.15 -35.39
N ILE N 225 4.96 42.93 -35.36
CA ILE N 225 5.75 42.71 -36.55
C ILE N 225 6.78 41.62 -36.25
N CYS N 226 6.83 40.60 -37.09
CA CYS N 226 7.79 39.51 -36.95
C CYS N 226 8.99 39.79 -37.84
N ASN N 227 10.19 39.71 -37.25
CA ASN N 227 11.44 40.04 -37.94
C ASN N 227 12.15 38.72 -38.26
N VAL N 228 12.02 38.28 -39.50
CA VAL N 228 12.67 37.05 -39.95
C VAL N 228 13.98 37.42 -40.61
N ASN N 229 14.92 36.48 -40.61
CA ASN N 229 16.22 36.69 -41.23
C ASN N 229 16.80 35.33 -41.63
N HIS N 230 17.37 35.27 -42.83
CA HIS N 230 17.95 34.04 -43.37
C HIS N 230 19.32 34.41 -43.95
N LYS N 231 20.36 34.27 -43.12
CA LYS N 231 21.70 34.69 -43.52
C LYS N 231 22.18 34.02 -44.81
N PRO N 232 21.94 32.72 -45.04
CA PRO N 232 22.50 32.09 -46.25
C PRO N 232 22.13 32.78 -47.55
N SER N 233 20.85 33.11 -47.75
CA SER N 233 20.40 33.78 -48.96
C SER N 233 20.46 35.30 -48.85
N ASN N 234 20.82 35.84 -47.68
CA ASN N 234 20.87 37.27 -47.44
C ASN N 234 19.48 37.92 -47.47
N THR N 235 18.47 37.17 -47.03
CA THR N 235 17.09 37.64 -47.01
C THR N 235 16.73 38.11 -45.60
N LYS N 236 16.03 39.24 -45.54
CA LYS N 236 15.60 39.79 -44.26
C LYS N 236 14.25 40.46 -44.45
N VAL N 237 13.27 40.07 -43.65
CA VAL N 237 11.89 40.50 -43.82
C VAL N 237 11.31 40.94 -42.49
N ASP N 238 10.35 41.86 -42.55
CA ASP N 238 9.62 42.35 -41.37
C ASP N 238 8.14 42.40 -41.75
N LYS N 239 7.42 41.33 -41.44
CA LYS N 239 6.04 41.17 -41.87
C LYS N 239 5.09 41.64 -40.77
N LYS N 240 4.14 42.49 -41.15
CA LYS N 240 3.14 42.98 -40.21
C LYS N 240 2.00 41.98 -40.12
N VAL N 241 1.56 41.69 -38.90
CA VAL N 241 0.52 40.70 -38.65
C VAL N 241 -0.69 41.41 -38.06
N GLU N 242 -1.86 41.17 -38.63
CA GLU N 242 -3.10 41.76 -38.13
C GLU N 242 -4.28 40.84 -38.42
N SER O 30 9.50 -30.74 -5.17
CA SER O 30 9.36 -29.42 -4.56
C SER O 30 9.80 -28.34 -5.55
N VAL O 31 9.54 -27.08 -5.20
CA VAL O 31 9.72 -25.96 -6.11
C VAL O 31 10.28 -24.76 -5.35
N LEU O 32 10.90 -23.84 -6.09
CA LEU O 32 11.35 -22.56 -5.55
C LEU O 32 10.56 -21.44 -6.22
N THR O 33 10.27 -20.40 -5.44
CA THR O 33 9.36 -19.36 -5.89
C THR O 33 10.15 -18.22 -6.54
N GLN O 34 9.82 -17.92 -7.79
CA GLN O 34 10.34 -16.75 -8.48
C GLN O 34 9.18 -15.86 -8.91
N PRO O 35 9.42 -14.57 -9.12
CA PRO O 35 8.37 -13.70 -9.66
C PRO O 35 8.12 -14.04 -11.12
N PRO O 36 6.88 -13.99 -11.58
CA PRO O 36 6.63 -14.34 -12.99
C PRO O 36 7.35 -13.43 -13.96
N SER O 37 7.34 -12.12 -13.70
CA SER O 37 7.87 -11.16 -14.65
C SER O 37 8.47 -9.97 -13.94
N VAL O 38 9.65 -9.55 -14.42
CA VAL O 38 10.25 -8.27 -14.08
C VAL O 38 10.66 -7.61 -15.40
N SER O 39 10.80 -6.29 -15.35
CA SER O 39 11.08 -5.53 -16.57
C SER O 39 11.80 -4.25 -16.19
N GLY O 40 12.15 -3.48 -17.20
CA GLY O 40 12.85 -2.23 -17.00
C GLY O 40 13.42 -1.73 -18.30
N ALA O 41 13.87 -0.48 -18.26
CA ALA O 41 14.49 0.16 -19.40
C ALA O 41 15.99 -0.11 -19.42
N PRO O 42 16.64 0.01 -20.59
CA PRO O 42 18.07 -0.28 -20.67
C PRO O 42 18.86 0.59 -19.71
N GLY O 43 19.94 0.03 -19.18
CA GLY O 43 20.79 0.73 -18.26
C GLY O 43 20.28 0.78 -16.83
N GLN O 44 19.08 0.27 -16.57
CA GLN O 44 18.54 0.27 -15.22
C GLN O 44 18.93 -1.02 -14.50
N ARG O 45 18.60 -1.07 -13.22
CA ARG O 45 18.89 -2.21 -12.37
C ARG O 45 17.59 -2.94 -12.02
N VAL O 46 17.69 -4.26 -11.90
CA VAL O 46 16.54 -5.11 -11.57
C VAL O 46 17.04 -6.28 -10.74
N THR O 47 16.14 -6.84 -9.93
CA THR O 47 16.48 -7.95 -9.05
C THR O 47 15.44 -9.04 -9.22
N ILE O 48 15.88 -10.30 -9.12
CA ILE O 48 15.02 -11.46 -9.28
C ILE O 48 15.14 -12.30 -8.03
N SER O 49 14.04 -12.45 -7.30
CA SER O 49 14.05 -13.20 -6.04
C SER O 49 13.89 -14.69 -6.29
N CYS O 50 14.45 -15.47 -5.37
CA CYS O 50 14.38 -16.94 -5.41
C CYS O 50 14.21 -17.39 -3.95
N SER O 51 12.96 -17.61 -3.54
CA SER O 51 12.62 -17.95 -2.16
C SER O 51 12.46 -19.44 -1.98
N GLY O 52 12.79 -19.91 -0.79
CA GLY O 52 12.70 -21.32 -0.44
C GLY O 52 12.53 -21.47 1.05
N SER O 53 13.04 -22.58 1.59
CA SER O 53 12.90 -22.87 3.01
C SER O 53 14.24 -23.19 3.65
N ARG O 54 14.23 -23.72 4.88
CA ARG O 54 15.46 -24.11 5.55
C ARG O 54 16.03 -25.42 4.99
N SER O 55 15.18 -26.27 4.42
CA SER O 55 15.65 -27.56 3.93
C SER O 55 16.48 -27.42 2.65
N ASN O 56 16.16 -26.43 1.82
CA ASN O 56 16.77 -26.33 0.49
C ASN O 56 17.70 -25.14 0.47
N ILE O 57 17.22 -23.93 0.12
CA ILE O 57 18.10 -22.77 0.01
C ILE O 57 18.85 -22.53 1.31
N GLY O 58 18.17 -22.68 2.46
CA GLY O 58 18.78 -22.43 3.75
C GLY O 58 19.92 -23.36 4.10
N SER O 59 20.10 -24.45 3.34
CA SER O 59 21.16 -25.41 3.62
C SER O 59 22.07 -25.70 2.44
N ASN O 60 21.78 -25.16 1.26
CA ASN O 60 22.57 -25.45 0.06
C ASN O 60 22.75 -24.17 -0.75
N THR O 61 23.36 -24.30 -1.92
CA THR O 61 23.73 -23.17 -2.74
C THR O 61 22.62 -22.89 -3.76
N VAL O 62 22.90 -21.97 -4.69
CA VAL O 62 21.95 -21.56 -5.71
C VAL O 62 22.70 -21.31 -7.01
N LYS O 63 22.18 -21.84 -8.11
CA LYS O 63 22.67 -21.52 -9.44
C LYS O 63 21.70 -20.55 -10.10
N TRP O 64 22.06 -20.11 -11.29
CA TRP O 64 21.18 -19.28 -12.10
C TRP O 64 21.39 -19.62 -13.56
N TYR O 65 20.30 -19.68 -14.31
CA TYR O 65 20.34 -20.06 -15.71
C TYR O 65 19.69 -18.99 -16.56
N GLN O 66 20.16 -18.88 -17.80
CA GLN O 66 19.64 -17.91 -18.76
C GLN O 66 19.18 -18.69 -19.99
N GLN O 67 17.88 -18.70 -20.23
CA GLN O 67 17.32 -19.38 -21.39
C GLN O 67 16.81 -18.33 -22.36
N LEU O 68 17.43 -18.27 -23.57
CA LEU O 68 16.98 -17.36 -24.59
C LEU O 68 15.95 -18.05 -25.50
N PRO O 69 15.07 -17.27 -26.14
CA PRO O 69 14.03 -17.90 -26.98
C PRO O 69 14.62 -18.76 -28.09
N GLY O 70 14.44 -20.08 -27.97
CA GLY O 70 14.88 -21.01 -28.99
C GLY O 70 16.19 -21.71 -28.71
N THR O 71 16.66 -21.71 -27.48
CA THR O 71 17.90 -22.39 -27.14
C THR O 71 17.70 -23.05 -25.77
N ALA O 72 18.80 -23.57 -25.23
CA ALA O 72 18.81 -24.22 -23.93
C ALA O 72 19.25 -23.25 -22.85
N PRO O 73 19.09 -23.62 -21.59
CA PRO O 73 19.58 -22.75 -20.52
C PRO O 73 21.10 -22.64 -20.52
N LYS O 74 21.57 -21.45 -20.14
CA LYS O 74 22.99 -21.14 -20.02
C LYS O 74 23.31 -20.79 -18.57
N LEU O 75 24.44 -21.30 -18.07
CA LEU O 75 24.82 -21.04 -16.69
C LEU O 75 25.32 -19.61 -16.55
N LEU O 76 24.70 -18.85 -15.64
CA LEU O 76 25.13 -17.49 -15.31
C LEU O 76 25.90 -17.44 -13.99
N ILE O 77 25.34 -18.02 -12.93
CA ILE O 77 25.92 -17.96 -11.60
C ILE O 77 25.95 -19.35 -11.01
N TYR O 78 26.99 -19.63 -10.23
CA TYR O 78 27.13 -20.89 -9.51
C TYR O 78 27.70 -20.60 -8.14
N TYR O 79 27.30 -21.40 -7.16
CA TYR O 79 27.69 -21.17 -5.77
C TYR O 79 27.34 -19.75 -5.32
N ASN O 80 26.14 -19.30 -5.70
CA ASN O 80 25.52 -18.09 -5.16
C ASN O 80 25.98 -16.81 -5.85
N ASP O 81 27.29 -16.63 -6.03
CA ASP O 81 27.81 -15.38 -6.54
C ASP O 81 28.99 -15.52 -7.52
N GLN O 82 29.45 -16.73 -7.81
CA GLN O 82 30.58 -16.90 -8.72
C GLN O 82 30.13 -16.80 -10.16
N ARG O 83 30.94 -16.09 -10.98
CA ARG O 83 30.66 -15.90 -12.40
C ARG O 83 31.54 -16.83 -13.22
N PRO O 84 30.99 -17.61 -14.14
CA PRO O 84 31.85 -18.42 -15.02
C PRO O 84 32.56 -17.57 -16.06
N SER O 85 33.39 -18.20 -16.89
CA SER O 85 34.02 -17.47 -18.00
C SER O 85 32.97 -17.16 -19.06
N GLY O 86 32.99 -15.92 -19.55
CA GLY O 86 32.08 -15.48 -20.59
C GLY O 86 30.85 -14.75 -20.10
N VAL O 87 30.58 -14.76 -18.80
CA VAL O 87 29.42 -14.09 -18.23
C VAL O 87 29.84 -12.68 -17.84
N PRO O 88 29.16 -11.63 -18.30
CA PRO O 88 29.55 -10.28 -17.91
C PRO O 88 29.50 -10.08 -16.40
N ASP O 89 30.12 -9.00 -15.95
CA ASP O 89 30.16 -8.69 -14.53
C ASP O 89 28.90 -8.03 -14.03
N ARG O 90 28.01 -7.60 -14.93
CA ARG O 90 26.77 -6.96 -14.49
C ARG O 90 25.76 -7.96 -13.94
N PHE O 91 25.95 -9.25 -14.20
CA PHE O 91 25.14 -10.30 -13.58
C PHE O 91 25.77 -10.64 -12.24
N SER O 92 25.17 -10.17 -11.15
CA SER O 92 25.69 -10.42 -9.82
C SER O 92 24.61 -11.08 -8.98
N GLY O 93 25.00 -12.14 -8.26
CA GLY O 93 24.09 -12.87 -7.39
C GLY O 93 24.41 -12.65 -5.92
N SER O 94 23.55 -13.23 -5.08
CA SER O 94 23.65 -13.12 -3.63
C SER O 94 22.74 -14.15 -2.99
N LYS O 95 22.92 -14.36 -1.69
CA LYS O 95 22.11 -15.33 -0.96
C LYS O 95 22.05 -14.94 0.51
N SER O 96 20.86 -15.05 1.09
CA SER O 96 20.64 -14.78 2.51
C SER O 96 19.56 -15.71 3.02
N GLY O 97 19.86 -16.46 4.07
CA GLY O 97 18.89 -17.35 4.69
C GLY O 97 18.16 -18.26 3.72
N THR O 98 16.86 -18.02 3.56
CA THR O 98 16.02 -18.84 2.71
C THR O 98 15.74 -18.20 1.34
N SER O 99 16.42 -17.10 1.01
CA SER O 99 16.16 -16.37 -0.22
C SER O 99 17.47 -15.98 -0.89
N ALA O 100 17.51 -16.07 -2.21
CA ALA O 100 18.63 -15.57 -3.00
C ALA O 100 18.11 -14.49 -3.96
N SER O 101 19.02 -13.91 -4.74
CA SER O 101 18.63 -12.86 -5.66
C SER O 101 19.64 -12.79 -6.78
N LEU O 102 19.18 -12.34 -7.94
CA LEU O 102 20.03 -12.05 -9.09
C LEU O 102 19.86 -10.58 -9.46
N ALA O 103 20.99 -9.87 -9.57
CA ALA O 103 21.00 -8.45 -9.88
C ALA O 103 21.63 -8.22 -11.24
N ILE O 104 20.91 -7.54 -12.13
CA ILE O 104 21.41 -7.19 -13.45
C ILE O 104 21.54 -5.67 -13.46
N THR O 105 22.77 -5.20 -13.23
CA THR O 105 23.07 -3.77 -13.19
C THR O 105 23.38 -3.28 -14.60
N GLY O 106 22.45 -2.54 -15.18
CA GLY O 106 22.64 -2.06 -16.54
C GLY O 106 22.08 -3.04 -17.55
N LEU O 107 20.85 -2.81 -17.98
CA LEU O 107 20.19 -3.74 -18.88
C LEU O 107 20.58 -3.49 -20.33
N GLN O 108 20.48 -4.56 -21.13
CA GLN O 108 20.73 -4.48 -22.56
C GLN O 108 19.69 -5.32 -23.28
N ALA O 109 19.44 -4.98 -24.55
CA ALA O 109 18.43 -5.70 -25.32
C ALA O 109 18.73 -7.18 -25.42
N GLU O 110 20.00 -7.58 -25.26
CA GLU O 110 20.37 -8.99 -25.31
C GLU O 110 20.04 -9.73 -24.01
N ASP O 111 19.75 -9.01 -22.93
CA ASP O 111 19.41 -9.62 -21.65
C ASP O 111 17.93 -10.03 -21.57
N GLU O 112 17.13 -9.69 -22.57
CA GLU O 112 15.70 -9.98 -22.57
C GLU O 112 15.50 -11.49 -22.76
N ALA O 113 15.16 -12.19 -21.68
CA ALA O 113 15.08 -13.65 -21.73
C ALA O 113 14.37 -14.14 -20.47
N ASP O 114 14.32 -15.45 -20.31
CA ASP O 114 13.82 -16.11 -19.11
C ASP O 114 15.00 -16.50 -18.23
N TYR O 115 14.76 -16.50 -16.92
CA TYR O 115 15.79 -16.81 -15.91
C TYR O 115 15.21 -17.75 -14.87
N TYR O 116 15.97 -18.80 -14.54
CA TYR O 116 15.55 -19.80 -13.56
C TYR O 116 16.65 -19.96 -12.52
N CYS O 117 16.25 -20.11 -11.26
CA CYS O 117 17.19 -20.45 -10.20
C CYS O 117 17.05 -21.94 -9.86
N GLN O 118 18.16 -22.54 -9.46
CA GLN O 118 18.20 -23.97 -9.20
C GLN O 118 18.97 -24.24 -7.93
N SER O 119 18.51 -25.22 -7.16
CA SER O 119 19.17 -25.66 -5.94
C SER O 119 18.71 -27.07 -5.63
N TYR O 120 19.18 -27.60 -4.49
CA TYR O 120 18.89 -28.96 -4.06
C TYR O 120 18.12 -28.92 -2.74
N ASP O 121 17.78 -30.10 -2.24
CA ASP O 121 17.20 -30.27 -0.91
C ASP O 121 18.12 -31.15 -0.07
N ARG O 122 18.15 -30.86 1.22
CA ARG O 122 19.01 -31.62 2.13
C ARG O 122 18.69 -33.11 2.11
N TYR O 123 17.48 -33.49 1.70
CA TYR O 123 17.06 -34.88 1.68
C TYR O 123 17.02 -35.46 0.27
N THR O 124 16.36 -34.78 -0.67
CA THR O 124 16.40 -35.17 -2.08
C THR O 124 17.75 -34.74 -2.66
N HIS O 125 18.79 -35.48 -2.25
CA HIS O 125 20.20 -35.09 -2.41
C HIS O 125 20.51 -34.68 -3.85
N PRO O 126 20.38 -35.57 -4.84
CA PRO O 126 20.72 -35.18 -6.21
C PRO O 126 19.60 -34.48 -6.96
N ALA O 127 18.39 -34.49 -6.43
CA ALA O 127 17.25 -33.93 -7.15
C ALA O 127 17.41 -32.43 -7.35
N LEU O 128 16.99 -31.96 -8.52
CA LEU O 128 17.08 -30.55 -8.87
C LEU O 128 15.75 -29.87 -8.56
N LEU O 129 15.82 -28.74 -7.88
CA LEU O 129 14.64 -27.92 -7.57
C LEU O 129 14.75 -26.65 -8.42
N PHE O 130 13.99 -26.61 -9.51
CA PHE O 130 13.97 -25.46 -10.39
C PHE O 130 12.94 -24.45 -9.93
N GLY O 131 13.19 -23.18 -10.27
CA GLY O 131 12.25 -22.14 -9.95
C GLY O 131 11.15 -22.00 -10.97
N THR O 132 10.10 -21.30 -10.57
CA THR O 132 8.96 -21.08 -11.46
C THR O 132 9.37 -20.38 -12.75
N GLY O 133 10.48 -19.64 -12.72
CA GLY O 133 10.92 -18.90 -13.89
C GLY O 133 10.45 -17.46 -13.88
N THR O 134 11.29 -16.56 -14.39
CA THR O 134 10.97 -15.14 -14.43
C THR O 134 11.22 -14.59 -15.83
N LYS O 135 10.28 -13.82 -16.36
CA LYS O 135 10.38 -13.26 -17.70
C LYS O 135 10.93 -11.85 -17.61
N VAL O 136 12.17 -11.68 -18.07
CA VAL O 136 12.80 -10.36 -18.13
C VAL O 136 12.37 -9.69 -19.42
N THR O 137 11.70 -8.56 -19.30
CA THR O 137 11.23 -7.79 -20.46
C THR O 137 12.03 -6.50 -20.55
N VAL O 138 12.53 -6.20 -21.75
CA VAL O 138 13.28 -4.97 -22.01
C VAL O 138 12.38 -4.00 -22.76
N LEU O 139 12.35 -2.75 -22.31
CA LEU O 139 11.51 -1.73 -22.93
C LEU O 139 12.34 -0.51 -23.28
N GLY O 140 11.72 0.68 -23.27
CA GLY O 140 12.43 1.91 -23.56
C GLY O 140 12.57 2.19 -25.04
N GLN O 141 12.60 1.14 -25.88
CA GLN O 141 12.76 1.31 -27.32
C GLN O 141 11.72 2.30 -27.84
N PRO O 142 12.02 3.06 -28.91
CA PRO O 142 11.02 3.98 -29.44
C PRO O 142 9.77 3.28 -29.95
N LYS O 143 9.03 3.94 -30.83
CA LYS O 143 7.70 3.51 -31.22
C LYS O 143 7.65 3.27 -32.73
N ALA O 144 7.01 2.16 -33.10
CA ALA O 144 6.86 1.79 -34.51
C ALA O 144 5.41 1.42 -34.77
N ALA O 145 4.77 2.09 -35.73
CA ALA O 145 3.43 1.74 -36.12
C ALA O 145 3.45 0.37 -36.81
N PRO O 146 2.32 -0.34 -36.79
CA PRO O 146 2.28 -1.66 -37.44
C PRO O 146 2.23 -1.56 -38.95
N SER O 147 2.77 -2.59 -39.59
CA SER O 147 2.68 -2.77 -41.03
C SER O 147 1.59 -3.81 -41.27
N VAL O 148 0.41 -3.34 -41.68
CA VAL O 148 -0.76 -4.20 -41.86
C VAL O 148 -0.80 -4.72 -43.28
N THR O 149 -1.15 -6.00 -43.42
CA THR O 149 -1.26 -6.64 -44.73
C THR O 149 -2.41 -7.62 -44.67
N LEU O 150 -3.43 -7.38 -45.49
CA LEU O 150 -4.64 -8.20 -45.52
C LEU O 150 -4.72 -8.97 -46.83
N PHE O 151 -4.98 -10.27 -46.72
CA PHE O 151 -5.11 -11.15 -47.88
C PHE O 151 -6.51 -11.75 -47.93
N PRO O 152 -7.06 -11.97 -49.13
CA PRO O 152 -8.36 -12.63 -49.24
C PRO O 152 -8.22 -14.13 -49.21
N PRO O 153 -9.32 -14.87 -49.30
CA PRO O 153 -9.22 -16.33 -49.43
C PRO O 153 -8.76 -16.72 -50.82
N SER O 154 -7.87 -17.70 -50.88
CA SER O 154 -7.32 -18.13 -52.16
C SER O 154 -8.38 -18.84 -52.98
N SER O 155 -8.21 -18.78 -54.31
CA SER O 155 -9.11 -19.53 -55.20
C SER O 155 -9.05 -21.02 -54.89
N GLU O 156 -7.86 -21.53 -54.59
CA GLU O 156 -7.72 -22.95 -54.29
C GLU O 156 -8.45 -23.33 -53.01
N GLU O 157 -8.43 -22.46 -52.00
CA GLU O 157 -9.14 -22.72 -50.75
C GLU O 157 -10.65 -22.73 -50.99
N LEU O 158 -11.15 -21.80 -51.81
CA LEU O 158 -12.59 -21.74 -52.07
C LEU O 158 -13.10 -22.98 -52.79
N GLN O 159 -12.25 -23.60 -53.61
CA GLN O 159 -12.63 -24.85 -54.26
C GLN O 159 -12.93 -25.95 -53.26
N ALA O 160 -12.41 -25.86 -52.04
CA ALA O 160 -12.67 -26.81 -50.97
C ALA O 160 -13.80 -26.37 -50.06
N ASN O 161 -14.57 -25.36 -50.45
CA ASN O 161 -15.70 -24.87 -49.67
C ASN O 161 -15.25 -24.35 -48.31
N LYS O 162 -14.11 -23.66 -48.30
CA LYS O 162 -13.58 -23.04 -47.09
C LYS O 162 -13.04 -21.66 -47.45
N ALA O 163 -12.99 -20.79 -46.45
CA ALA O 163 -12.51 -19.43 -46.63
C ALA O 163 -11.84 -18.96 -45.34
N THR O 164 -10.72 -18.26 -45.49
CA THR O 164 -9.98 -17.73 -44.36
C THR O 164 -9.33 -16.42 -44.75
N LEU O 165 -9.62 -15.37 -43.98
CA LEU O 165 -9.02 -14.05 -44.17
C LEU O 165 -7.83 -13.91 -43.23
N VAL O 166 -6.68 -13.50 -43.78
CA VAL O 166 -5.44 -13.40 -43.02
C VAL O 166 -5.05 -11.93 -42.94
N CYS O 167 -5.04 -11.40 -41.72
CA CYS O 167 -4.60 -10.03 -41.44
C CYS O 167 -3.29 -10.10 -40.68
N LEU O 168 -2.21 -9.64 -41.31
CA LEU O 168 -0.87 -9.80 -40.77
C LEU O 168 -0.30 -8.45 -40.32
N ILE O 169 0.24 -8.43 -39.10
CA ILE O 169 0.69 -7.22 -38.43
C ILE O 169 2.12 -7.44 -37.98
N SER O 170 3.02 -6.54 -38.40
CA SER O 170 4.44 -6.71 -38.11
C SER O 170 5.08 -5.35 -37.91
N ASP O 171 6.32 -5.37 -37.45
CA ASP O 171 7.16 -4.18 -37.31
C ASP O 171 6.45 -3.07 -36.52
N PHE O 172 6.28 -3.35 -35.23
CA PHE O 172 5.64 -2.39 -34.33
C PHE O 172 6.21 -2.54 -32.93
N TYR O 173 6.01 -1.48 -32.14
CA TYR O 173 6.46 -1.40 -30.75
C TYR O 173 5.70 -0.24 -30.10
N PRO O 174 5.06 -0.45 -28.94
CA PRO O 174 5.00 -1.63 -28.07
C PRO O 174 4.17 -2.79 -28.63
N GLY O 175 4.46 -3.98 -28.13
CA GLY O 175 3.77 -5.19 -28.56
C GLY O 175 2.51 -5.44 -27.79
N ALA O 176 1.45 -4.72 -28.14
CA ALA O 176 0.14 -4.87 -27.50
C ALA O 176 -0.90 -4.10 -28.29
N VAL O 177 -1.83 -4.81 -28.93
CA VAL O 177 -2.77 -4.20 -29.85
C VAL O 177 -4.09 -4.96 -29.84
N THR O 178 -5.07 -4.46 -30.59
CA THR O 178 -6.40 -5.04 -30.64
C THR O 178 -6.86 -5.08 -32.08
N VAL O 179 -7.51 -6.19 -32.45
CA VAL O 179 -8.01 -6.39 -33.81
C VAL O 179 -9.54 -6.35 -33.78
N ALA O 180 -10.12 -5.87 -34.89
CA ALA O 180 -11.58 -5.79 -35.02
C ALA O 180 -11.93 -6.01 -36.48
N TRP O 181 -12.63 -7.12 -36.76
CA TRP O 181 -13.12 -7.39 -38.11
C TRP O 181 -14.51 -6.80 -38.28
N LYS O 182 -14.95 -6.71 -39.54
CA LYS O 182 -16.26 -6.16 -39.84
C LYS O 182 -16.65 -6.55 -41.26
N ALA O 183 -17.86 -7.10 -41.41
CA ALA O 183 -18.39 -7.45 -42.72
C ALA O 183 -19.04 -6.21 -43.33
N ASP O 184 -18.52 -5.77 -44.47
CA ASP O 184 -18.87 -4.45 -44.98
C ASP O 184 -18.66 -3.44 -43.86
N SER O 185 -19.73 -2.77 -43.41
CA SER O 185 -19.61 -1.78 -42.35
C SER O 185 -20.05 -2.29 -40.98
N SER O 186 -20.68 -3.48 -40.92
CA SER O 186 -21.13 -3.97 -39.62
C SER O 186 -20.09 -4.90 -39.00
N PRO O 187 -19.79 -4.78 -37.70
CA PRO O 187 -18.82 -5.70 -37.09
C PRO O 187 -19.31 -7.13 -37.10
N VAL O 188 -18.36 -8.07 -37.09
CA VAL O 188 -18.63 -9.49 -36.94
C VAL O 188 -17.85 -9.99 -35.74
N LYS O 189 -18.57 -10.44 -34.71
CA LYS O 189 -17.93 -10.90 -33.48
C LYS O 189 -17.33 -12.30 -33.64
N ALA O 190 -18.01 -13.16 -34.39
CA ALA O 190 -17.77 -14.60 -34.33
C ALA O 190 -16.60 -15.01 -35.24
N GLY O 191 -16.11 -16.23 -34.99
CA GLY O 191 -15.20 -16.90 -35.89
C GLY O 191 -13.82 -16.30 -36.03
N VAL O 192 -13.31 -15.69 -34.97
CA VAL O 192 -11.97 -15.11 -34.98
C VAL O 192 -10.99 -16.10 -34.36
N GLU O 193 -9.73 -16.00 -34.77
CA GLU O 193 -8.63 -16.63 -34.04
C GLU O 193 -7.38 -15.79 -34.23
N THR O 194 -6.89 -15.19 -33.16
CA THR O 194 -5.73 -14.31 -33.19
C THR O 194 -4.67 -14.80 -32.22
N THR O 195 -3.42 -14.43 -32.49
CA THR O 195 -2.30 -14.79 -31.63
C THR O 195 -2.00 -13.65 -30.67
N THR O 196 -1.02 -13.87 -29.80
CA THR O 196 -0.49 -12.84 -28.92
C THR O 196 0.78 -12.24 -29.51
N PRO O 197 1.00 -10.93 -29.38
CA PRO O 197 2.20 -10.33 -29.97
C PRO O 197 3.48 -11.02 -29.51
N SER O 198 4.32 -11.39 -30.48
CA SER O 198 5.61 -12.01 -30.20
C SER O 198 6.71 -11.23 -30.91
N LYS O 199 7.92 -11.36 -30.39
CA LYS O 199 9.05 -10.61 -30.91
C LYS O 199 9.58 -11.23 -32.19
N GLN O 200 10.13 -10.39 -33.05
CA GLN O 200 10.78 -10.81 -34.28
C GLN O 200 12.29 -10.88 -34.06
N SER O 201 13.04 -11.05 -35.15
CA SER O 201 14.50 -11.05 -35.07
C SER O 201 15.05 -9.65 -34.79
N ASN O 202 14.29 -8.59 -35.09
CA ASN O 202 14.74 -7.22 -34.95
C ASN O 202 14.23 -6.57 -33.67
N ASN O 203 13.86 -7.36 -32.66
CA ASN O 203 13.35 -6.87 -31.38
C ASN O 203 12.05 -6.11 -31.53
N LYS O 204 11.41 -6.16 -32.69
CA LYS O 204 10.07 -5.63 -32.88
C LYS O 204 9.06 -6.76 -32.78
N TYR O 205 7.80 -6.40 -32.51
CA TYR O 205 6.76 -7.39 -32.29
C TYR O 205 6.05 -7.74 -33.59
N ALA O 206 5.27 -8.83 -33.55
CA ALA O 206 4.57 -9.33 -34.71
C ALA O 206 3.42 -10.19 -34.26
N ALA O 207 2.35 -10.20 -35.06
CA ALA O 207 1.16 -10.97 -34.72
C ALA O 207 0.32 -11.16 -35.98
N SER O 208 -0.63 -12.08 -35.89
CA SER O 208 -1.45 -12.47 -37.02
C SER O 208 -2.86 -12.84 -36.53
N SER O 209 -3.85 -12.60 -37.38
CA SER O 209 -5.24 -12.94 -37.09
C SER O 209 -5.84 -13.66 -38.27
N TYR O 210 -6.76 -14.58 -37.98
CA TYR O 210 -7.38 -15.42 -39.01
C TYR O 210 -8.88 -15.48 -38.78
N LEU O 211 -9.64 -14.93 -39.73
CA LEU O 211 -11.09 -14.93 -39.67
C LEU O 211 -11.60 -16.02 -40.62
N SER O 212 -11.95 -17.17 -40.06
CA SER O 212 -12.51 -18.26 -40.85
C SER O 212 -13.98 -17.98 -41.16
N LEU O 213 -14.36 -18.17 -42.42
CA LEU O 213 -15.72 -17.87 -42.86
C LEU O 213 -16.18 -19.00 -43.76
N THR O 214 -17.35 -18.81 -44.36
CA THR O 214 -17.88 -19.72 -45.37
C THR O 214 -17.79 -19.07 -46.75
N PRO O 215 -17.76 -19.88 -47.82
CA PRO O 215 -17.64 -19.27 -49.16
C PRO O 215 -18.79 -18.34 -49.50
N GLU O 216 -20.00 -18.65 -49.06
CA GLU O 216 -21.16 -17.84 -49.44
C GLU O 216 -21.12 -16.47 -48.78
N GLN O 217 -20.95 -16.42 -47.45
CA GLN O 217 -20.94 -15.15 -46.77
C GLN O 217 -19.74 -14.28 -47.17
N TRP O 218 -18.69 -14.90 -47.72
CA TRP O 218 -17.59 -14.13 -48.28
C TRP O 218 -17.97 -13.51 -49.63
N LYS O 219 -18.85 -14.16 -50.38
CA LYS O 219 -19.35 -13.62 -51.64
C LYS O 219 -20.56 -12.72 -51.45
N SER O 220 -21.36 -12.96 -50.41
CA SER O 220 -22.53 -12.14 -50.13
C SER O 220 -22.11 -10.72 -49.82
N HIS O 221 -21.51 -10.51 -48.64
CA HIS O 221 -20.99 -9.20 -48.30
C HIS O 221 -19.93 -8.77 -49.31
N ARG O 222 -19.90 -7.47 -49.62
CA ARG O 222 -19.01 -6.97 -50.66
C ARG O 222 -17.59 -6.67 -50.18
N SER O 223 -17.39 -6.49 -48.88
CA SER O 223 -16.07 -6.13 -48.38
C SER O 223 -15.94 -6.51 -46.91
N TYR O 224 -14.70 -6.79 -46.51
CA TYR O 224 -14.33 -6.97 -45.11
C TYR O 224 -13.13 -6.08 -44.82
N SER O 225 -12.89 -5.83 -43.54
CA SER O 225 -11.84 -4.92 -43.12
C SER O 225 -11.17 -5.44 -41.86
N CYS O 226 -9.89 -5.13 -41.73
CA CYS O 226 -9.11 -5.46 -40.54
C CYS O 226 -8.63 -4.14 -39.93
N GLN O 227 -9.28 -3.71 -38.86
CA GLN O 227 -8.90 -2.50 -38.13
C GLN O 227 -7.97 -2.87 -36.99
N VAL O 228 -6.73 -2.41 -37.07
CA VAL O 228 -5.69 -2.72 -36.07
C VAL O 228 -5.37 -1.42 -35.35
N THR O 229 -5.66 -1.38 -34.04
CA THR O 229 -5.41 -0.20 -33.22
C THR O 229 -4.12 -0.41 -32.43
N HIS O 230 -3.27 0.62 -32.43
CA HIS O 230 -2.01 0.56 -31.70
C HIS O 230 -1.71 1.93 -31.11
N GLU O 231 -1.63 1.98 -29.78
CA GLU O 231 -1.28 3.21 -29.06
C GLU O 231 -2.08 4.40 -29.56
N GLY O 232 -3.33 4.17 -29.93
CA GLY O 232 -4.22 5.23 -30.37
C GLY O 232 -4.35 5.37 -31.86
N SER O 233 -3.55 4.63 -32.64
CA SER O 233 -3.57 4.72 -34.09
C SER O 233 -4.23 3.47 -34.66
N THR O 234 -5.30 3.67 -35.42
CA THR O 234 -5.99 2.59 -36.09
C THR O 234 -5.54 2.52 -37.55
N VAL O 235 -5.26 1.30 -38.00
CA VAL O 235 -4.86 1.04 -39.38
C VAL O 235 -5.90 0.11 -39.99
N GLU O 236 -6.53 0.55 -41.07
CA GLU O 236 -7.57 -0.23 -41.73
C GLU O 236 -7.10 -0.69 -43.11
N LYS O 237 -7.37 -1.95 -43.42
CA LYS O 237 -7.08 -2.52 -44.72
C LYS O 237 -8.29 -3.33 -45.16
N THR O 238 -8.73 -3.14 -46.40
CA THR O 238 -9.93 -3.78 -46.91
C THR O 238 -9.59 -4.70 -48.07
N VAL O 239 -10.56 -5.52 -48.45
CA VAL O 239 -10.40 -6.45 -49.57
C VAL O 239 -11.79 -6.81 -50.07
N ALA O 240 -11.90 -7.03 -51.37
CA ALA O 240 -13.16 -7.36 -52.00
C ALA O 240 -13.03 -8.63 -52.83
N PRO O 241 -14.11 -9.40 -53.02
CA PRO O 241 -14.04 -10.57 -53.89
C PRO O 241 -14.09 -10.19 -55.36
N THR O 242 -12.93 -10.16 -56.02
CA THR O 242 -12.86 -9.78 -57.43
C THR O 242 -13.04 -10.99 -58.35
N GLN P 29 35.80 -29.15 -27.26
CA GLN P 29 34.95 -28.50 -26.22
C GLN P 29 33.78 -29.40 -25.85
N VAL P 30 33.16 -29.13 -24.71
CA VAL P 30 32.02 -29.92 -24.26
C VAL P 30 30.86 -29.74 -25.22
N GLN P 31 30.15 -30.83 -25.50
CA GLN P 31 29.00 -30.80 -26.38
C GLN P 31 28.03 -31.91 -25.97
N LEU P 32 26.74 -31.63 -26.16
CA LEU P 32 25.69 -32.60 -25.88
C LEU P 32 24.69 -32.59 -27.04
N VAL P 33 24.27 -33.77 -27.46
CA VAL P 33 23.40 -33.93 -28.62
C VAL P 33 22.31 -34.92 -28.26
N GLU P 34 21.06 -34.46 -28.21
CA GLU P 34 19.92 -35.32 -27.94
C GLU P 34 19.33 -35.86 -29.23
N SER P 35 18.69 -37.02 -29.13
CA SER P 35 18.03 -37.64 -30.28
C SER P 35 17.02 -38.65 -29.77
N GLY P 36 16.26 -39.22 -30.70
CA GLY P 36 15.23 -40.18 -30.39
C GLY P 36 13.85 -39.60 -30.18
N GLY P 37 13.70 -38.28 -30.22
CA GLY P 37 12.41 -37.66 -30.00
C GLY P 37 11.51 -37.77 -31.20
N GLY P 38 10.27 -37.33 -31.01
CA GLY P 38 9.26 -37.35 -32.05
C GLY P 38 7.88 -37.52 -31.44
N VAL P 39 6.96 -38.03 -32.27
CA VAL P 39 5.56 -38.18 -31.89
C VAL P 39 5.29 -39.63 -31.57
N VAL P 40 4.28 -39.85 -30.71
CA VAL P 40 3.86 -41.19 -30.34
C VAL P 40 2.52 -41.07 -29.66
N GLN P 41 1.80 -42.19 -29.57
CA GLN P 41 0.51 -42.22 -28.89
C GLN P 41 0.71 -42.58 -27.42
N PRO P 42 -0.26 -42.23 -26.57
CA PRO P 42 -0.13 -42.58 -25.15
C PRO P 42 0.03 -44.08 -24.94
N GLY P 43 0.70 -44.43 -23.86
CA GLY P 43 0.88 -45.82 -23.49
C GLY P 43 1.99 -46.55 -24.20
N ARG P 44 2.57 -45.96 -25.25
CA ARG P 44 3.66 -46.60 -25.97
C ARG P 44 5.00 -46.10 -25.43
N SER P 45 6.07 -46.75 -25.89
CA SER P 45 7.42 -46.50 -25.39
C SER P 45 8.23 -45.70 -26.40
N LEU P 46 9.44 -45.33 -25.99
CA LEU P 46 10.34 -44.54 -26.81
C LEU P 46 11.67 -44.41 -26.08
N ARG P 47 12.77 -44.43 -26.84
CA ARG P 47 14.11 -44.36 -26.29
C ARG P 47 14.83 -43.12 -26.80
N LEU P 48 15.33 -42.30 -25.88
CA LEU P 48 16.06 -41.09 -26.21
C LEU P 48 17.56 -41.32 -26.02
N SER P 49 18.35 -40.56 -26.76
CA SER P 49 19.81 -40.69 -26.74
C SER P 49 20.45 -39.31 -26.63
N CYS P 50 21.40 -39.17 -25.71
CA CYS P 50 22.17 -37.95 -25.52
C CYS P 50 23.65 -38.30 -25.71
N ALA P 51 24.22 -37.84 -26.81
CA ALA P 51 25.62 -38.11 -27.13
C ALA P 51 26.50 -37.05 -26.48
N ALA P 52 27.53 -37.50 -25.77
CA ALA P 52 28.45 -36.63 -25.05
C ALA P 52 29.80 -36.60 -25.77
N SER P 53 30.53 -35.51 -25.55
CA SER P 53 31.83 -35.34 -26.19
C SER P 53 32.57 -34.19 -25.52
N GLY P 54 33.89 -34.23 -25.62
CA GLY P 54 34.73 -33.14 -25.16
C GLY P 54 35.15 -33.21 -23.72
N PHE P 55 35.08 -34.37 -23.08
CA PHE P 55 35.46 -34.51 -21.68
C PHE P 55 35.49 -35.99 -21.33
N THR P 56 35.65 -36.29 -20.05
CA THR P 56 35.73 -37.67 -19.56
C THR P 56 34.35 -38.08 -19.07
N PHE P 57 33.55 -38.63 -19.99
CA PHE P 57 32.15 -38.94 -19.67
C PHE P 57 32.05 -39.91 -18.50
N SER P 58 32.97 -40.87 -18.42
CA SER P 58 32.85 -41.94 -17.45
C SER P 58 33.16 -41.51 -16.02
N SER P 59 33.55 -40.25 -15.80
CA SER P 59 33.94 -39.79 -14.47
C SER P 59 32.96 -38.76 -13.89
N TYR P 60 31.83 -38.51 -14.55
CA TYR P 60 30.88 -37.51 -14.08
C TYR P 60 29.47 -38.07 -14.16
N GLY P 61 28.58 -37.46 -13.39
CA GLY P 61 27.18 -37.80 -13.45
C GLY P 61 26.45 -37.03 -14.53
N MET P 62 25.21 -37.45 -14.78
CA MET P 62 24.41 -36.87 -15.86
C MET P 62 22.96 -36.74 -15.41
N HIS P 63 22.30 -35.71 -15.92
CA HIS P 63 20.91 -35.40 -15.58
C HIS P 63 20.04 -35.45 -16.82
N TRP P 64 18.73 -35.61 -16.57
CA TRP P 64 17.70 -35.50 -17.59
C TRP P 64 16.69 -34.46 -17.11
N VAL P 65 16.50 -33.42 -17.91
CA VAL P 65 15.60 -32.33 -17.56
C VAL P 65 14.68 -32.08 -18.74
N ARG P 66 13.46 -31.66 -18.45
CA ARG P 66 12.47 -31.40 -19.50
C ARG P 66 11.81 -30.05 -19.29
N GLN P 67 11.19 -29.55 -20.36
CA GLN P 67 10.55 -28.25 -20.33
C GLN P 67 9.46 -28.21 -21.39
N ALA P 68 8.20 -28.14 -20.97
CA ALA P 68 7.11 -28.08 -21.90
C ALA P 68 7.09 -26.73 -22.60
N PRO P 69 6.46 -26.64 -23.77
CA PRO P 69 6.44 -25.36 -24.51
C PRO P 69 5.86 -24.23 -23.69
N GLY P 70 6.67 -23.19 -23.48
CA GLY P 70 6.27 -22.01 -22.75
C GLY P 70 6.22 -22.17 -21.24
N LYS P 71 6.59 -23.32 -20.71
CA LYS P 71 6.52 -23.60 -19.28
C LYS P 71 7.93 -23.68 -18.68
N GLY P 72 7.98 -23.96 -17.38
CA GLY P 72 9.23 -23.99 -16.66
C GLY P 72 9.95 -25.32 -16.76
N LEU P 73 11.06 -25.41 -16.05
CA LEU P 73 11.88 -26.61 -16.06
C LEU P 73 11.37 -27.62 -15.03
N GLU P 74 11.60 -28.90 -15.32
CA GLU P 74 11.22 -29.98 -14.42
C GLU P 74 12.29 -31.06 -14.46
N TRP P 75 12.88 -31.37 -13.30
CA TRP P 75 13.83 -32.46 -13.23
C TRP P 75 13.14 -33.78 -13.55
N VAL P 76 13.86 -34.66 -14.25
CA VAL P 76 13.34 -35.95 -14.69
C VAL P 76 14.04 -37.09 -13.95
N ALA P 77 15.35 -37.24 -14.15
CA ALA P 77 16.10 -38.34 -13.54
C ALA P 77 17.57 -37.96 -13.45
N PHE P 78 18.33 -38.80 -12.76
CA PHE P 78 19.78 -38.61 -12.63
C PHE P 78 20.44 -39.97 -12.48
N ILE P 79 21.72 -40.03 -12.84
CA ILE P 79 22.50 -41.26 -12.74
C ILE P 79 23.92 -40.89 -12.35
N ARG P 80 24.55 -41.78 -11.57
CA ARG P 80 25.92 -41.56 -11.11
C ARG P 80 26.92 -41.82 -12.23
N TYR P 81 28.18 -41.52 -11.95
CA TYR P 81 29.24 -41.73 -12.94
C TYR P 81 29.37 -43.20 -13.31
N ASP P 82 29.19 -44.09 -12.33
CA ASP P 82 29.32 -45.52 -12.54
C ASP P 82 28.00 -46.20 -12.92
N GLY P 83 26.88 -45.50 -12.83
CA GLY P 83 25.59 -46.11 -13.11
C GLY P 83 25.13 -47.09 -12.06
N SER P 84 25.64 -46.97 -10.83
CA SER P 84 25.25 -47.86 -9.74
C SER P 84 24.00 -47.38 -9.01
N ASN P 85 23.77 -46.06 -8.97
CA ASN P 85 22.61 -45.49 -8.30
C ASN P 85 21.91 -44.54 -9.27
N LYS P 86 20.64 -44.82 -9.57
CA LYS P 86 19.83 -44.01 -10.47
C LYS P 86 18.67 -43.41 -9.69
N TYR P 87 18.37 -42.14 -9.98
CA TYR P 87 17.36 -41.37 -9.25
C TYR P 87 16.33 -40.83 -10.22
N TYR P 88 15.05 -41.05 -9.92
CA TYR P 88 13.95 -40.57 -10.74
C TYR P 88 13.08 -39.62 -9.95
N ALA P 89 12.27 -38.85 -10.66
CA ALA P 89 11.22 -38.08 -10.03
C ALA P 89 9.98 -38.94 -9.80
N ASP P 90 9.12 -38.51 -8.87
CA ASP P 90 7.98 -39.33 -8.52
C ASP P 90 6.95 -39.38 -9.64
N SER P 91 6.87 -38.34 -10.47
CA SER P 91 5.91 -38.33 -11.56
C SER P 91 6.26 -39.29 -12.69
N VAL P 92 7.39 -40.00 -12.59
CA VAL P 92 7.80 -40.94 -13.63
C VAL P 92 8.42 -42.19 -12.99
N LYS P 93 8.28 -42.33 -11.68
CA LYS P 93 8.88 -43.47 -10.99
C LYS P 93 8.27 -44.77 -11.49
N GLY P 94 9.13 -45.73 -11.80
CA GLY P 94 8.67 -47.01 -12.30
C GLY P 94 8.17 -47.01 -13.73
N ARG P 95 8.07 -45.84 -14.37
CA ARG P 95 7.64 -45.74 -15.76
C ARG P 95 8.83 -45.53 -16.70
N PHE P 96 9.61 -44.48 -16.46
CA PHE P 96 10.81 -44.28 -17.24
C PHE P 96 11.94 -45.15 -16.68
N THR P 97 13.07 -45.15 -17.39
CA THR P 97 14.27 -45.84 -16.92
C THR P 97 15.48 -45.19 -17.56
N ILE P 98 16.48 -44.89 -16.74
CA ILE P 98 17.70 -44.23 -17.19
C ILE P 98 18.80 -45.27 -17.32
N SER P 99 19.70 -45.03 -18.26
CA SER P 99 20.82 -45.93 -18.50
C SER P 99 21.90 -45.18 -19.28
N ARG P 100 23.14 -45.61 -19.11
CA ARG P 100 24.28 -44.96 -19.74
C ARG P 100 25.28 -46.02 -20.17
N ASP P 101 25.88 -45.81 -21.35
CA ASP P 101 26.89 -46.70 -21.89
C ASP P 101 28.18 -45.89 -21.98
N ASN P 102 28.89 -45.83 -20.86
CA ASN P 102 30.15 -45.07 -20.81
C ASN P 102 31.11 -45.47 -21.92
N SER P 103 31.10 -46.76 -22.32
CA SER P 103 31.98 -47.20 -23.40
C SER P 103 31.65 -46.53 -24.74
N LYS P 104 30.44 -46.00 -24.88
CA LYS P 104 30.04 -45.27 -26.07
C LYS P 104 30.00 -43.75 -25.87
N ASN P 105 30.16 -43.28 -24.64
CA ASN P 105 30.04 -41.86 -24.31
C ASN P 105 28.68 -41.31 -24.73
N THR P 106 27.63 -41.95 -24.22
CA THR P 106 26.27 -41.57 -24.54
C THR P 106 25.39 -41.79 -23.33
N LEU P 107 24.22 -41.17 -23.35
CA LEU P 107 23.24 -41.28 -22.28
C LEU P 107 21.89 -41.63 -22.89
N TYR P 108 21.15 -42.50 -22.22
CA TYR P 108 19.86 -42.97 -22.70
C TYR P 108 18.77 -42.66 -21.68
N LEU P 109 17.52 -42.78 -22.14
CA LEU P 109 16.37 -42.64 -21.26
C LEU P 109 15.20 -43.41 -21.89
N GLN P 110 14.88 -44.57 -21.34
CA GLN P 110 13.80 -45.41 -21.85
C GLN P 110 12.49 -44.98 -21.20
N MET P 111 11.59 -44.40 -21.98
CA MET P 111 10.32 -43.88 -21.49
C MET P 111 9.20 -44.85 -21.86
N ASN P 112 8.70 -45.60 -20.89
CA ASN P 112 7.60 -46.52 -21.10
C ASN P 112 6.33 -45.97 -20.47
N SER P 113 5.19 -46.50 -20.92
CA SER P 113 3.88 -46.10 -20.42
C SER P 113 3.75 -44.57 -20.44
N LEU P 114 4.07 -43.99 -21.58
CA LEU P 114 4.02 -42.54 -21.71
C LEU P 114 2.60 -42.01 -21.50
N ARG P 115 2.51 -40.79 -20.99
CA ARG P 115 1.25 -40.10 -20.79
C ARG P 115 1.31 -38.76 -21.51
N ALA P 116 0.16 -38.10 -21.61
CA ALA P 116 0.11 -36.83 -22.32
C ALA P 116 0.91 -35.75 -21.61
N GLU P 117 0.88 -35.74 -20.26
CA GLU P 117 1.58 -34.70 -19.51
C GLU P 117 3.09 -34.78 -19.67
N ASP P 118 3.62 -35.90 -20.18
CA ASP P 118 5.05 -36.01 -20.46
C ASP P 118 5.47 -35.22 -21.69
N THR P 119 4.52 -34.63 -22.42
CA THR P 119 4.84 -33.84 -23.59
C THR P 119 5.74 -32.66 -23.23
N ALA P 120 6.98 -32.68 -23.72
CA ALA P 120 7.92 -31.60 -23.45
C ALA P 120 9.22 -31.89 -24.20
N VAL P 121 10.10 -30.87 -24.25
CA VAL P 121 11.46 -31.03 -24.75
C VAL P 121 12.32 -31.63 -23.66
N TYR P 122 13.25 -32.50 -24.04
CA TYR P 122 14.06 -33.27 -23.10
C TYR P 122 15.52 -32.93 -23.32
N TYR P 123 16.10 -32.18 -22.38
CA TYR P 123 17.51 -31.87 -22.38
C TYR P 123 18.29 -32.86 -21.53
N CYS P 124 19.59 -32.92 -21.76
CA CYS P 124 20.51 -33.61 -20.87
C CYS P 124 21.52 -32.59 -20.35
N LYS P 125 21.62 -32.48 -19.02
CA LYS P 125 22.54 -31.57 -18.36
C LYS P 125 23.55 -32.37 -17.56
N THR P 126 24.81 -31.95 -17.62
CA THR P 126 25.85 -32.60 -16.86
C THR P 126 25.70 -32.28 -15.37
N HIS P 127 26.24 -33.15 -14.54
CA HIS P 127 26.26 -32.92 -13.09
C HIS P 127 27.62 -32.34 -12.71
N GLY P 128 27.63 -31.04 -12.42
CA GLY P 128 28.86 -30.36 -12.04
C GLY P 128 28.59 -28.89 -11.84
N SER P 129 29.56 -28.23 -11.21
CA SER P 129 29.46 -26.78 -11.01
C SER P 129 29.23 -26.08 -12.35
N HIS P 130 30.12 -26.33 -13.32
CA HIS P 130 30.03 -25.73 -14.65
C HIS P 130 29.36 -26.75 -15.56
N ASP P 131 28.04 -26.80 -15.49
CA ASP P 131 27.28 -27.77 -16.26
C ASP P 131 26.93 -27.21 -17.64
N ASN P 132 26.81 -28.13 -18.61
CA ASN P 132 26.44 -27.79 -19.98
C ASN P 132 25.13 -28.47 -20.33
N TRP P 133 24.42 -27.87 -21.28
CA TRP P 133 23.12 -28.36 -21.71
C TRP P 133 23.12 -28.55 -23.22
N GLY P 134 22.35 -29.53 -23.68
CA GLY P 134 22.25 -29.83 -25.09
C GLY P 134 21.18 -28.99 -25.78
N GLN P 135 20.90 -29.35 -27.03
CA GLN P 135 19.91 -28.63 -27.83
C GLN P 135 18.49 -29.05 -27.48
N GLY P 136 18.30 -30.28 -27.02
CA GLY P 136 16.99 -30.79 -26.67
C GLY P 136 16.28 -31.41 -27.86
N THR P 137 15.43 -32.40 -27.56
CA THR P 137 14.63 -33.07 -28.57
C THR P 137 13.16 -33.02 -28.14
N MET P 138 12.27 -32.78 -29.11
CA MET P 138 10.84 -32.67 -28.81
C MET P 138 10.20 -34.05 -28.72
N VAL P 139 9.31 -34.22 -27.75
CA VAL P 139 8.59 -35.45 -27.52
C VAL P 139 7.11 -35.09 -27.35
N THR P 140 6.29 -35.44 -28.34
CA THR P 140 4.88 -35.06 -28.35
C THR P 140 4.04 -36.31 -28.15
N VAL P 141 3.26 -36.33 -27.08
CA VAL P 141 2.34 -37.43 -26.77
C VAL P 141 0.94 -36.90 -26.95
N SER P 142 0.23 -37.44 -27.93
CA SER P 142 -1.12 -36.99 -28.25
C SER P 142 -1.91 -38.15 -28.83
N SER P 143 -3.13 -38.36 -28.32
CA SER P 143 -4.00 -39.36 -28.92
C SER P 143 -4.39 -38.97 -30.34
N ALA P 144 -4.60 -37.68 -30.58
CA ALA P 144 -4.86 -37.20 -31.93
C ALA P 144 -3.65 -37.49 -32.81
N SER P 145 -3.93 -37.96 -34.03
CA SER P 145 -2.88 -38.41 -34.94
C SER P 145 -2.20 -37.21 -35.62
N THR P 146 -0.97 -37.45 -36.07
CA THR P 146 -0.24 -36.42 -36.82
C THR P 146 -1.04 -36.00 -38.05
N LYS P 147 -1.00 -34.71 -38.36
CA LYS P 147 -1.66 -34.20 -39.56
C LYS P 147 -0.74 -33.22 -40.28
N GLY P 148 -0.68 -33.36 -41.60
CA GLY P 148 0.06 -32.44 -42.42
C GLY P 148 -0.78 -31.22 -42.74
N PRO P 149 -0.13 -30.15 -43.19
CA PRO P 149 -0.85 -28.91 -43.47
C PRO P 149 -1.63 -28.97 -44.78
N SER P 150 -2.40 -27.91 -45.01
CA SER P 150 -3.08 -27.67 -46.28
C SER P 150 -2.64 -26.27 -46.73
N VAL P 151 -1.68 -26.22 -47.66
CA VAL P 151 -1.07 -24.96 -48.08
C VAL P 151 -1.92 -24.32 -49.17
N PHE P 152 -1.97 -22.99 -49.17
CA PHE P 152 -2.70 -22.21 -50.15
C PHE P 152 -1.92 -20.94 -50.44
N PRO P 153 -1.84 -20.51 -51.70
CA PRO P 153 -1.08 -19.30 -52.01
C PRO P 153 -1.85 -18.03 -51.67
N LEU P 154 -1.08 -17.02 -51.26
CA LEU P 154 -1.62 -15.70 -50.91
C LEU P 154 -1.10 -14.71 -51.94
N ALA P 155 -1.92 -14.41 -52.94
CA ALA P 155 -1.51 -13.54 -54.03
C ALA P 155 -1.55 -12.07 -53.60
N PRO P 156 -0.81 -11.20 -54.30
CA PRO P 156 -0.84 -9.78 -53.97
C PRO P 156 -1.95 -9.02 -54.69
N SER P 157 -2.32 -7.88 -54.10
CA SER P 157 -3.36 -7.02 -54.66
C SER P 157 -2.78 -5.72 -55.20
N THR P 165 4.37 -0.32 -53.40
CA THR P 165 4.75 -1.57 -52.75
C THR P 165 3.58 -2.56 -52.69
N ALA P 166 3.92 -3.85 -52.66
CA ALA P 166 2.91 -4.90 -52.54
C ALA P 166 3.48 -6.02 -51.70
N ALA P 167 2.64 -6.99 -51.38
CA ALA P 167 3.05 -8.08 -50.52
C ALA P 167 2.30 -9.35 -50.91
N LEU P 168 2.96 -10.50 -50.70
CA LEU P 168 2.39 -11.80 -51.00
C LEU P 168 2.95 -12.79 -49.99
N GLY P 169 2.44 -14.01 -50.06
CA GLY P 169 2.92 -15.05 -49.16
C GLY P 169 2.18 -16.35 -49.37
N CYS P 170 2.40 -17.26 -48.41
CA CYS P 170 1.74 -18.56 -48.39
C CYS P 170 0.98 -18.71 -47.07
N LEU P 171 0.04 -19.65 -47.07
CA LEU P 171 -0.81 -19.90 -45.92
C LEU P 171 -0.69 -21.37 -45.55
N VAL P 172 -0.04 -21.64 -44.41
CA VAL P 172 0.04 -22.99 -43.86
C VAL P 172 -1.14 -23.16 -42.91
N LYS P 173 -2.06 -24.06 -43.25
CA LYS P 173 -3.32 -24.20 -42.52
C LYS P 173 -3.48 -25.61 -41.99
N ASP P 174 -4.06 -25.72 -40.78
CA ASP P 174 -4.44 -27.00 -40.19
C ASP P 174 -3.35 -28.05 -40.23
N TYR P 175 -2.40 -27.98 -39.29
CA TYR P 175 -1.37 -28.99 -39.19
C TYR P 175 -1.08 -29.28 -37.72
N PHE P 176 -0.60 -30.49 -37.45
CA PHE P 176 -0.36 -30.92 -36.09
C PHE P 176 0.66 -32.05 -36.07
N PRO P 177 1.70 -31.98 -35.23
CA PRO P 177 2.06 -30.92 -34.30
C PRO P 177 3.06 -29.93 -34.88
N GLU P 178 3.56 -29.01 -34.07
CA GLU P 178 4.67 -28.16 -34.48
C GLU P 178 5.94 -29.00 -34.60
N PRO P 179 6.98 -28.48 -35.30
CA PRO P 179 7.06 -27.21 -36.02
C PRO P 179 6.98 -27.37 -37.54
N VAL P 180 7.11 -26.24 -38.24
CA VAL P 180 7.10 -26.23 -39.70
C VAL P 180 8.18 -25.28 -40.17
N THR P 181 8.85 -25.63 -41.26
CA THR P 181 9.86 -24.79 -41.89
C THR P 181 9.32 -24.27 -43.21
N VAL P 182 9.47 -22.97 -43.43
CA VAL P 182 9.00 -22.31 -44.65
C VAL P 182 10.18 -21.58 -45.28
N SER P 183 10.44 -21.89 -46.56
CA SER P 183 11.49 -21.23 -47.32
C SER P 183 10.87 -20.62 -48.58
N TRP P 184 11.63 -19.74 -49.24
CA TRP P 184 11.16 -19.04 -50.42
C TRP P 184 12.18 -19.14 -51.54
N ASN P 185 11.68 -19.20 -52.78
CA ASN P 185 12.50 -19.39 -53.97
C ASN P 185 13.54 -20.47 -53.73
N SER P 186 13.13 -21.56 -53.08
CA SER P 186 14.01 -22.69 -52.80
C SER P 186 15.12 -22.34 -51.83
N GLY P 187 15.01 -21.21 -51.13
CA GLY P 187 16.01 -20.75 -50.19
C GLY P 187 16.67 -19.45 -50.58
N ALA P 188 16.59 -19.05 -51.84
CA ALA P 188 17.28 -17.84 -52.28
C ALA P 188 16.76 -16.60 -51.54
N LEU P 189 15.45 -16.54 -51.31
CA LEU P 189 14.83 -15.33 -50.80
C LEU P 189 14.81 -15.33 -49.28
N THR P 190 15.30 -14.24 -48.69
CA THR P 190 15.25 -14.04 -47.25
C THR P 190 14.79 -12.64 -46.86
N SER P 191 14.88 -11.66 -47.75
CA SER P 191 14.53 -10.28 -47.45
C SER P 191 13.05 -10.06 -47.66
N GLY P 192 12.45 -9.28 -46.77
CA GLY P 192 11.01 -9.13 -46.73
C GLY P 192 10.27 -10.32 -46.17
N VAL P 193 10.95 -11.44 -45.96
CA VAL P 193 10.31 -12.65 -45.45
C VAL P 193 10.07 -12.46 -43.95
N HIS P 194 8.80 -12.57 -43.54
CA HIS P 194 8.43 -12.55 -42.12
C HIS P 194 7.53 -13.76 -41.88
N THR P 195 8.12 -14.84 -41.37
CA THR P 195 7.38 -16.06 -41.05
C THR P 195 6.73 -15.88 -39.68
N PHE P 196 5.43 -15.66 -39.65
CA PHE P 196 4.73 -15.34 -38.42
C PHE P 196 4.62 -16.59 -37.53
N PRO P 197 4.23 -16.40 -36.28
CA PRO P 197 3.96 -17.55 -35.41
C PRO P 197 2.60 -18.17 -35.70
N ALA P 198 2.45 -19.40 -35.23
CA ALA P 198 1.22 -20.16 -35.47
C ALA P 198 0.19 -19.85 -34.38
N VAL P 199 -1.08 -19.92 -34.79
CA VAL P 199 -2.21 -19.83 -33.86
C VAL P 199 -2.69 -21.23 -33.55
N LEU P 200 -3.05 -21.47 -32.30
CA LEU P 200 -3.62 -22.75 -31.91
C LEU P 200 -5.13 -22.65 -32.04
N GLN P 201 -5.67 -23.36 -33.03
CA GLN P 201 -7.09 -23.26 -33.32
C GLN P 201 -7.93 -23.91 -32.22
N SER P 202 -9.25 -23.69 -32.31
CA SER P 202 -10.18 -24.32 -31.38
C SER P 202 -10.25 -25.83 -31.55
N SER P 203 -9.84 -26.35 -32.71
CA SER P 203 -9.89 -27.77 -32.99
C SER P 203 -8.64 -28.51 -32.56
N GLY P 204 -7.65 -27.82 -32.01
CA GLY P 204 -6.40 -28.45 -31.61
C GLY P 204 -5.33 -28.48 -32.67
N LEU P 205 -5.53 -27.79 -33.79
CA LEU P 205 -4.58 -27.73 -34.88
C LEU P 205 -3.92 -26.36 -34.94
N TYR P 206 -2.80 -26.30 -35.66
CA TYR P 206 -2.04 -25.06 -35.82
C TYR P 206 -2.22 -24.51 -37.23
N SER P 207 -1.86 -23.23 -37.39
CA SER P 207 -2.05 -22.54 -38.65
C SER P 207 -1.26 -21.24 -38.67
N LEU P 208 -0.30 -21.12 -39.58
CA LEU P 208 0.51 -19.91 -39.69
C LEU P 208 0.50 -19.38 -41.11
N SER P 209 1.37 -18.42 -41.41
CA SER P 209 1.54 -17.92 -42.77
C SER P 209 2.86 -17.19 -42.85
N SER P 210 3.48 -17.26 -44.04
CA SER P 210 4.74 -16.58 -44.31
C SER P 210 4.53 -15.66 -45.50
N VAL P 211 5.02 -14.42 -45.39
CA VAL P 211 4.81 -13.42 -46.42
C VAL P 211 6.13 -12.78 -46.78
N VAL P 212 6.16 -12.14 -47.95
CA VAL P 212 7.33 -11.41 -48.41
C VAL P 212 6.85 -10.08 -49.00
N THR P 213 7.46 -8.98 -48.56
CA THR P 213 7.18 -7.66 -49.08
C THR P 213 8.08 -7.42 -50.29
N VAL P 214 7.46 -7.22 -51.45
CA VAL P 214 8.20 -7.01 -52.69
C VAL P 214 7.60 -5.83 -53.42
N PRO P 215 8.40 -5.16 -54.26
CA PRO P 215 7.85 -4.01 -55.01
C PRO P 215 6.70 -4.45 -55.90
N SER P 216 5.85 -3.49 -56.24
CA SER P 216 4.75 -3.75 -57.16
C SER P 216 5.21 -3.83 -58.62
N SER P 217 6.39 -3.30 -58.93
CA SER P 217 6.88 -3.31 -60.30
C SER P 217 7.32 -4.71 -60.72
N SER P 218 8.16 -5.35 -59.90
CA SER P 218 8.66 -6.70 -60.18
C SER P 218 7.58 -7.78 -60.04
N LEU P 219 6.31 -7.40 -59.93
CA LEU P 219 5.26 -8.40 -59.75
C LEU P 219 5.12 -9.31 -60.96
N GLY P 220 5.48 -8.82 -62.16
CA GLY P 220 5.33 -9.61 -63.37
C GLY P 220 6.54 -10.48 -63.69
N THR P 221 7.74 -9.93 -63.51
CA THR P 221 8.96 -10.61 -63.89
C THR P 221 9.25 -11.82 -63.01
N GLN P 222 9.70 -11.57 -61.78
CA GLN P 222 10.19 -12.64 -60.92
C GLN P 222 9.11 -13.68 -60.63
N THR P 223 9.54 -14.92 -60.43
CA THR P 223 8.66 -16.02 -60.04
C THR P 223 8.97 -16.41 -58.61
N TYR P 224 7.92 -16.63 -57.82
CA TYR P 224 8.05 -16.89 -56.39
C TYR P 224 7.37 -18.21 -56.03
N ILE P 225 8.08 -19.02 -55.23
CA ILE P 225 7.58 -20.31 -54.78
C ILE P 225 7.94 -20.46 -53.31
N CYS P 226 6.96 -20.79 -52.48
CA CYS P 226 7.20 -21.03 -51.06
C CYS P 226 7.38 -22.52 -50.83
N ASN P 227 8.45 -22.89 -50.12
CA ASN P 227 8.79 -24.28 -49.87
C ASN P 227 8.43 -24.60 -48.41
N VAL P 228 7.40 -25.41 -48.22
CA VAL P 228 6.92 -25.79 -46.89
C VAL P 228 7.41 -27.20 -46.58
N ASN P 229 7.58 -27.49 -45.30
CA ASN P 229 8.07 -28.81 -44.88
C ASN P 229 7.58 -29.09 -43.47
N HIS P 230 6.98 -30.26 -43.27
CA HIS P 230 6.41 -30.69 -41.99
C HIS P 230 6.88 -32.14 -41.74
N LYS P 231 8.07 -32.28 -41.14
CA LYS P 231 8.67 -33.60 -40.98
C LYS P 231 7.80 -34.60 -40.21
N PRO P 232 7.01 -34.19 -39.21
CA PRO P 232 6.20 -35.18 -38.49
C PRO P 232 5.23 -35.96 -39.38
N SER P 233 4.64 -35.31 -40.37
CA SER P 233 3.75 -35.99 -41.31
C SER P 233 4.44 -36.31 -42.64
N ASN P 234 5.74 -36.06 -42.75
CA ASN P 234 6.50 -36.35 -43.97
C ASN P 234 5.97 -35.53 -45.15
N THR P 235 5.45 -34.34 -44.86
CA THR P 235 4.84 -33.49 -45.87
C THR P 235 5.86 -32.44 -46.34
N LYS P 236 5.95 -32.28 -47.66
CA LYS P 236 6.88 -31.32 -48.25
C LYS P 236 6.23 -30.75 -49.50
N VAL P 237 6.06 -29.43 -49.54
CA VAL P 237 5.30 -28.78 -50.61
C VAL P 237 6.06 -27.56 -51.11
N ASP P 238 5.89 -27.28 -52.41
CA ASP P 238 6.48 -26.12 -53.08
C ASP P 238 5.35 -25.45 -53.87
N LYS P 239 4.72 -24.43 -53.28
CA LYS P 239 3.54 -23.81 -53.86
C LYS P 239 3.91 -22.53 -54.60
N LYS P 240 3.37 -22.37 -55.80
CA LYS P 240 3.67 -21.22 -56.64
C LYS P 240 2.66 -20.10 -56.36
N VAL P 241 3.17 -18.88 -56.27
CA VAL P 241 2.36 -17.72 -55.91
C VAL P 241 2.32 -16.75 -57.09
N GLU P 242 1.12 -16.36 -57.49
CA GLU P 242 0.94 -15.45 -58.62
C GLU P 242 -0.35 -14.63 -58.51
N SER Q 30 -76.05 -26.07 -21.25
CA SER Q 30 -76.92 -26.37 -20.12
C SER Q 30 -77.82 -25.16 -19.77
N VAL Q 31 -78.92 -25.45 -19.07
CA VAL Q 31 -80.00 -24.48 -18.87
C VAL Q 31 -80.47 -24.53 -17.43
N LEU Q 32 -81.05 -23.42 -16.98
CA LEU Q 32 -81.74 -23.34 -15.70
C LEU Q 32 -83.23 -23.18 -15.93
N THR Q 33 -84.01 -23.75 -15.02
CA THR Q 33 -85.46 -23.82 -15.17
C THR Q 33 -86.13 -22.67 -14.44
N GLN Q 34 -86.87 -21.85 -15.18
CA GLN Q 34 -87.73 -20.82 -14.61
C GLN Q 34 -89.17 -21.09 -15.02
N PRO Q 35 -90.14 -20.63 -14.24
CA PRO Q 35 -91.54 -20.71 -14.68
C PRO Q 35 -91.80 -19.71 -15.79
N PRO Q 36 -92.52 -20.10 -16.85
CA PRO Q 36 -92.69 -19.18 -17.98
C PRO Q 36 -93.48 -17.94 -17.64
N SER Q 37 -94.43 -18.01 -16.72
CA SER Q 37 -95.28 -16.85 -16.47
C SER Q 37 -95.75 -16.87 -15.03
N VAL Q 38 -95.60 -15.73 -14.35
CA VAL Q 38 -96.25 -15.44 -13.08
C VAL Q 38 -97.01 -14.14 -13.24
N SER Q 39 -97.85 -13.84 -12.25
CA SER Q 39 -98.67 -12.65 -12.31
C SER Q 39 -99.19 -12.31 -10.92
N GLY Q 40 -99.75 -11.12 -10.81
CA GLY Q 40 -100.28 -10.64 -9.56
C GLY Q 40 -100.74 -9.21 -9.71
N ALA Q 41 -101.66 -8.83 -8.81
CA ALA Q 41 -102.23 -7.49 -8.81
C ALA Q 41 -101.29 -6.51 -8.10
N PRO Q 42 -101.44 -5.22 -8.37
CA PRO Q 42 -100.56 -4.24 -7.74
C PRO Q 42 -100.59 -4.34 -6.22
N GLY Q 43 -99.44 -4.08 -5.61
CA GLY Q 43 -99.29 -4.17 -4.18
C GLY Q 43 -99.13 -5.58 -3.64
N GLN Q 44 -99.19 -6.60 -4.50
CA GLN Q 44 -99.06 -7.97 -4.07
C GLN Q 44 -97.60 -8.41 -4.11
N ARG Q 45 -97.36 -9.67 -3.76
CA ARG Q 45 -96.03 -10.26 -3.74
C ARG Q 45 -95.99 -11.46 -4.68
N VAL Q 46 -94.86 -11.62 -5.37
CA VAL Q 46 -94.67 -12.70 -6.33
C VAL Q 46 -93.23 -13.16 -6.27
N THR Q 47 -93.04 -14.46 -6.47
CA THR Q 47 -91.72 -15.07 -6.47
C THR Q 47 -91.45 -15.72 -7.82
N ILE Q 48 -90.18 -15.86 -8.15
CA ILE Q 48 -89.75 -16.44 -9.42
C ILE Q 48 -88.65 -17.45 -9.13
N SER Q 49 -88.92 -18.72 -9.42
CA SER Q 49 -87.99 -19.80 -9.11
C SER Q 49 -86.96 -19.98 -10.22
N CYS Q 50 -85.76 -20.41 -9.82
CA CYS Q 50 -84.65 -20.70 -10.72
C CYS Q 50 -83.97 -21.97 -10.21
N SER Q 51 -84.36 -23.12 -10.76
CA SER Q 51 -83.92 -24.42 -10.27
C SER Q 51 -82.85 -25.03 -11.17
N GLY Q 52 -81.88 -25.69 -10.56
CA GLY Q 52 -80.78 -26.30 -11.27
C GLY Q 52 -80.32 -27.61 -10.66
N SER Q 53 -79.02 -27.75 -10.43
CA SER Q 53 -78.47 -28.98 -9.86
C SER Q 53 -77.26 -28.63 -8.99
N ARG Q 54 -76.64 -29.66 -8.42
CA ARG Q 54 -75.49 -29.45 -7.55
C ARG Q 54 -74.31 -28.90 -8.31
N SER Q 55 -74.20 -29.20 -9.60
CA SER Q 55 -73.02 -28.78 -10.36
C SER Q 55 -73.03 -27.28 -10.64
N ASN Q 56 -74.20 -26.66 -10.69
CA ASN Q 56 -74.29 -25.25 -11.06
C ASN Q 56 -74.80 -24.42 -9.90
N ILE Q 57 -76.11 -24.32 -9.67
CA ILE Q 57 -76.63 -23.42 -8.65
C ILE Q 57 -76.14 -23.87 -7.28
N GLY Q 58 -75.90 -25.17 -7.12
CA GLY Q 58 -75.47 -25.69 -5.83
C GLY Q 58 -74.02 -25.43 -5.49
N SER Q 59 -73.25 -24.85 -6.41
CA SER Q 59 -71.85 -24.56 -6.17
C SER Q 59 -71.43 -23.16 -6.58
N ASN Q 60 -72.36 -22.34 -7.06
CA ASN Q 60 -72.05 -20.99 -7.53
C ASN Q 60 -73.21 -20.07 -7.18
N THR Q 61 -73.08 -18.80 -7.58
CA THR Q 61 -74.06 -17.78 -7.20
C THR Q 61 -75.11 -17.64 -8.29
N VAL Q 62 -75.91 -16.58 -8.20
CA VAL Q 62 -77.03 -16.33 -9.11
C VAL Q 62 -77.15 -14.84 -9.31
N LYS Q 63 -77.38 -14.44 -10.55
CA LYS Q 63 -77.77 -13.08 -10.87
C LYS Q 63 -79.23 -13.07 -11.29
N TRP Q 64 -79.79 -11.87 -11.40
CA TRP Q 64 -81.14 -11.70 -11.95
C TRP Q 64 -81.15 -10.47 -12.84
N TYR Q 65 -81.75 -10.61 -14.01
CA TYR Q 65 -81.82 -9.53 -14.99
C TYR Q 65 -83.26 -9.13 -15.24
N GLN Q 66 -83.45 -7.88 -15.62
CA GLN Q 66 -84.75 -7.35 -16.02
C GLN Q 66 -84.65 -6.88 -17.46
N GLN Q 67 -85.45 -7.47 -18.34
CA GLN Q 67 -85.48 -7.09 -19.75
C GLN Q 67 -86.88 -6.57 -20.06
N LEU Q 68 -86.98 -5.29 -20.38
CA LEU Q 68 -88.23 -4.67 -20.78
C LEU Q 68 -88.43 -4.81 -22.28
N PRO Q 69 -89.68 -4.73 -22.75
CA PRO Q 69 -90.00 -5.20 -24.11
C PRO Q 69 -89.06 -4.72 -25.21
N GLY Q 70 -88.52 -3.51 -25.09
CA GLY Q 70 -87.73 -2.94 -26.17
C GLY Q 70 -86.33 -2.50 -25.78
N THR Q 71 -85.68 -3.24 -24.87
CA THR Q 71 -84.34 -2.88 -24.43
C THR Q 71 -83.56 -4.16 -24.11
N ALA Q 72 -82.34 -3.98 -23.64
CA ALA Q 72 -81.49 -5.08 -23.23
C ALA Q 72 -81.73 -5.41 -21.77
N PRO Q 73 -81.18 -6.53 -21.29
CA PRO Q 73 -81.38 -6.87 -19.87
C PRO Q 73 -80.64 -5.92 -18.94
N LYS Q 74 -81.30 -5.61 -17.81
CA LYS Q 74 -80.74 -4.78 -16.76
C LYS Q 74 -80.47 -5.64 -15.53
N LEU Q 75 -79.29 -5.49 -14.95
CA LEU Q 75 -78.94 -6.25 -13.76
C LEU Q 75 -79.79 -5.78 -12.57
N LEU Q 76 -80.38 -6.74 -11.87
CA LEU Q 76 -81.17 -6.46 -10.67
C LEU Q 76 -80.50 -6.94 -9.40
N ILE Q 77 -80.02 -8.18 -9.38
CA ILE Q 77 -79.44 -8.78 -8.19
C ILE Q 77 -78.17 -9.52 -8.57
N TYR Q 78 -77.15 -9.44 -7.71
CA TYR Q 78 -75.91 -10.15 -7.91
C TYR Q 78 -75.51 -10.79 -6.58
N TYR Q 79 -74.70 -11.86 -6.68
CA TYR Q 79 -74.34 -12.68 -5.54
C TYR Q 79 -75.59 -13.03 -4.73
N ASN Q 80 -76.61 -13.54 -5.44
CA ASN Q 80 -77.80 -14.11 -4.83
C ASN Q 80 -78.76 -13.07 -4.28
N ASP Q 81 -78.26 -12.14 -3.45
CA ASP Q 81 -79.13 -11.27 -2.68
C ASP Q 81 -78.74 -9.80 -2.69
N GLN Q 82 -77.59 -9.43 -3.24
CA GLN Q 82 -77.14 -8.04 -3.18
C GLN Q 82 -77.87 -7.19 -4.21
N ARG Q 83 -78.17 -5.93 -3.82
CA ARG Q 83 -78.80 -4.96 -4.71
C ARG Q 83 -77.78 -3.95 -5.19
N PRO Q 84 -77.72 -3.63 -6.48
CA PRO Q 84 -76.88 -2.51 -6.92
C PRO Q 84 -77.51 -1.17 -6.57
N SER Q 85 -76.90 -0.08 -7.04
CA SER Q 85 -77.50 1.24 -6.90
C SER Q 85 -78.51 1.46 -8.01
N GLY Q 86 -79.60 2.14 -7.68
CA GLY Q 86 -80.67 2.39 -8.61
C GLY Q 86 -81.71 1.30 -8.68
N VAL Q 87 -81.58 0.24 -7.88
CA VAL Q 87 -82.57 -0.83 -7.80
C VAL Q 87 -83.33 -0.65 -6.50
N PRO Q 88 -84.65 -0.49 -6.53
CA PRO Q 88 -85.41 -0.33 -5.27
C PRO Q 88 -85.18 -1.54 -4.36
N ASP Q 89 -85.59 -1.36 -3.10
CA ASP Q 89 -85.40 -2.42 -2.11
C ASP Q 89 -86.46 -3.50 -2.18
N ARG Q 90 -87.57 -3.26 -2.89
CA ARG Q 90 -88.63 -4.27 -2.94
C ARG Q 90 -88.18 -5.50 -3.73
N PHE Q 91 -87.25 -5.34 -4.67
CA PHE Q 91 -86.64 -6.49 -5.34
C PHE Q 91 -85.70 -7.18 -4.37
N SER Q 92 -86.00 -8.44 -4.05
CA SER Q 92 -85.21 -9.19 -3.08
C SER Q 92 -85.02 -10.62 -3.59
N GLY Q 93 -83.79 -11.12 -3.50
CA GLY Q 93 -83.46 -12.45 -3.92
C GLY Q 93 -83.22 -13.40 -2.75
N SER Q 94 -82.76 -14.60 -3.09
CA SER Q 94 -82.47 -15.63 -2.11
C SER Q 94 -81.91 -16.83 -2.85
N LYS Q 95 -81.21 -17.69 -2.11
CA LYS Q 95 -80.66 -18.92 -2.67
C LYS Q 95 -80.27 -19.86 -1.55
N SER Q 96 -80.51 -21.15 -1.77
CA SER Q 96 -80.14 -22.19 -0.82
C SER Q 96 -80.42 -23.56 -1.42
N GLY Q 97 -79.38 -24.39 -1.53
CA GLY Q 97 -79.50 -25.65 -2.21
C GLY Q 97 -79.41 -25.46 -3.71
N THR Q 98 -80.19 -26.22 -4.47
CA THR Q 98 -80.18 -26.17 -5.91
C THR Q 98 -81.20 -25.19 -6.47
N SER Q 99 -81.66 -24.23 -5.68
CA SER Q 99 -82.76 -23.36 -6.08
C SER Q 99 -82.53 -21.95 -5.56
N ALA Q 100 -83.00 -20.98 -6.33
CA ALA Q 100 -83.00 -19.58 -5.95
C ALA Q 100 -84.37 -18.98 -6.26
N SER Q 101 -84.58 -17.75 -5.80
CA SER Q 101 -85.87 -17.12 -5.97
C SER Q 101 -85.72 -15.61 -5.93
N LEU Q 102 -86.46 -14.91 -6.79
CA LEU Q 102 -86.56 -13.46 -6.77
C LEU Q 102 -87.94 -13.05 -6.29
N ALA Q 103 -87.98 -12.21 -5.26
CA ALA Q 103 -89.23 -11.71 -4.69
C ALA Q 103 -89.41 -10.25 -5.07
N ILE Q 104 -90.65 -9.87 -5.39
CA ILE Q 104 -91.00 -8.49 -5.72
C ILE Q 104 -92.14 -8.11 -4.79
N THR Q 105 -91.82 -7.39 -3.71
CA THR Q 105 -92.81 -7.05 -2.69
C THR Q 105 -93.46 -5.72 -3.07
N GLY Q 106 -94.75 -5.77 -3.40
CA GLY Q 106 -95.46 -4.57 -3.80
C GLY Q 106 -95.28 -4.26 -5.27
N LEU Q 107 -96.09 -4.90 -6.11
CA LEU Q 107 -95.92 -4.80 -7.54
C LEU Q 107 -96.26 -3.39 -8.03
N GLN Q 108 -95.90 -3.15 -9.29
CA GLN Q 108 -96.18 -1.89 -9.97
C GLN Q 108 -96.32 -2.16 -11.46
N ALA Q 109 -96.93 -1.19 -12.16
CA ALA Q 109 -97.09 -1.31 -13.60
C ALA Q 109 -95.73 -1.39 -14.29
N GLU Q 110 -94.78 -0.58 -13.84
CA GLU Q 110 -93.45 -0.57 -14.44
C GLU Q 110 -92.71 -1.89 -14.25
N ASP Q 111 -93.20 -2.77 -13.38
CA ASP Q 111 -92.57 -4.06 -13.14
C ASP Q 111 -93.03 -5.14 -14.11
N GLU Q 112 -93.88 -4.80 -15.07
CA GLU Q 112 -94.34 -5.76 -16.06
C GLU Q 112 -93.25 -5.94 -17.11
N ALA Q 113 -92.56 -7.07 -17.08
CA ALA Q 113 -91.39 -7.29 -17.93
C ALA Q 113 -91.05 -8.77 -17.93
N ASP Q 114 -89.94 -9.11 -18.58
CA ASP Q 114 -89.37 -10.46 -18.58
C ASP Q 114 -88.14 -10.50 -17.69
N TYR Q 115 -87.97 -11.61 -16.98
CA TYR Q 115 -86.92 -11.76 -15.98
C TYR Q 115 -86.16 -13.06 -16.21
N TYR Q 116 -84.85 -13.00 -16.04
CA TYR Q 116 -83.96 -14.14 -16.27
C TYR Q 116 -82.97 -14.28 -15.12
N CYS Q 117 -82.70 -15.53 -14.74
CA CYS Q 117 -81.63 -15.83 -13.80
C CYS Q 117 -80.43 -16.35 -14.58
N GLN Q 118 -79.25 -16.23 -13.95
CA GLN Q 118 -78.01 -16.61 -14.60
C GLN Q 118 -77.06 -17.17 -13.56
N SER Q 119 -76.25 -18.14 -13.97
CA SER Q 119 -75.21 -18.70 -13.11
C SER Q 119 -74.23 -19.46 -14.00
N TYR Q 120 -73.24 -20.08 -13.35
CA TYR Q 120 -72.18 -20.79 -14.05
C TYR Q 120 -72.20 -22.26 -13.68
N ASP Q 121 -71.54 -23.07 -14.51
CA ASP Q 121 -71.40 -24.49 -14.25
C ASP Q 121 -70.00 -24.78 -13.71
N ARG Q 122 -69.93 -25.63 -12.70
CA ARG Q 122 -68.66 -25.96 -12.05
C ARG Q 122 -67.62 -26.42 -13.04
N TYR Q 123 -68.04 -26.92 -14.21
CA TYR Q 123 -67.11 -27.40 -15.22
C TYR Q 123 -67.15 -26.61 -16.52
N THR Q 124 -68.25 -25.91 -16.81
CA THR Q 124 -68.24 -24.89 -17.86
C THR Q 124 -68.08 -23.52 -17.19
N HIS Q 125 -66.89 -23.32 -16.63
CA HIS Q 125 -66.69 -22.26 -15.64
C HIS Q 125 -67.09 -20.88 -16.16
N PRO Q 126 -66.46 -20.33 -17.19
CA PRO Q 126 -66.85 -18.99 -17.65
C PRO Q 126 -68.09 -18.98 -18.54
N ALA Q 127 -68.67 -20.14 -18.83
CA ALA Q 127 -69.89 -20.19 -19.63
C ALA Q 127 -71.08 -19.71 -18.80
N LEU Q 128 -71.99 -19.00 -19.46
CA LEU Q 128 -73.16 -18.41 -18.81
C LEU Q 128 -74.35 -19.34 -18.98
N LEU Q 129 -74.89 -19.82 -17.86
CA LEU Q 129 -76.10 -20.63 -17.85
C LEU Q 129 -77.27 -19.69 -17.57
N PHE Q 130 -78.05 -19.39 -18.60
CA PHE Q 130 -79.23 -18.57 -18.45
C PHE Q 130 -80.45 -19.45 -18.15
N GLY Q 131 -81.51 -18.82 -17.67
CA GLY Q 131 -82.76 -19.49 -17.41
C GLY Q 131 -83.73 -19.36 -18.56
N THR Q 132 -84.80 -20.16 -18.48
CA THR Q 132 -85.81 -20.16 -19.54
C THR Q 132 -86.52 -18.83 -19.67
N GLY Q 133 -86.47 -17.98 -18.65
CA GLY Q 133 -87.17 -16.72 -18.68
C GLY Q 133 -88.53 -16.82 -18.00
N THR Q 134 -88.99 -15.69 -17.47
CA THR Q 134 -90.28 -15.62 -16.78
C THR Q 134 -90.96 -14.31 -17.16
N LYS Q 135 -92.17 -14.41 -17.68
CA LYS Q 135 -92.97 -13.25 -18.06
C LYS Q 135 -93.82 -12.82 -16.87
N VAL Q 136 -93.56 -11.61 -16.36
CA VAL Q 136 -94.29 -11.05 -15.24
C VAL Q 136 -95.44 -10.21 -15.77
N THR Q 137 -96.67 -10.60 -15.43
CA THR Q 137 -97.87 -9.93 -15.91
C THR Q 137 -98.64 -9.36 -14.72
N VAL Q 138 -99.18 -8.17 -14.90
CA VAL Q 138 -99.96 -7.50 -13.87
C VAL Q 138 -101.43 -7.82 -14.06
N LEU Q 139 -102.15 -7.90 -12.94
CA LEU Q 139 -103.58 -8.14 -12.94
C LEU Q 139 -104.31 -6.81 -12.71
N GLY Q 140 -105.61 -6.88 -12.49
CA GLY Q 140 -106.40 -5.72 -12.14
C GLY Q 140 -106.24 -4.56 -13.09
N GLN Q 141 -106.08 -4.84 -14.39
CA GLN Q 141 -106.01 -3.78 -15.38
C GLN Q 141 -107.37 -3.57 -16.03
N PRO Q 142 -107.71 -2.32 -16.36
CA PRO Q 142 -109.09 -2.03 -16.78
C PRO Q 142 -109.39 -2.60 -18.17
N LYS Q 143 -110.59 -3.17 -18.30
CA LYS Q 143 -111.09 -3.57 -19.59
C LYS Q 143 -111.17 -2.34 -20.50
N ALA Q 144 -110.54 -2.43 -21.67
CA ALA Q 144 -110.49 -1.32 -22.60
C ALA Q 144 -110.87 -1.78 -24.00
N ALA Q 145 -111.46 -0.87 -24.75
CA ALA Q 145 -111.87 -1.14 -26.12
C ALA Q 145 -110.82 -0.64 -27.10
N PRO Q 146 -110.75 -1.20 -28.30
CA PRO Q 146 -109.78 -0.74 -29.30
C PRO Q 146 -110.26 0.51 -30.03
N SER Q 147 -109.27 1.25 -30.55
CA SER Q 147 -109.51 2.43 -31.36
C SER Q 147 -109.24 2.05 -32.82
N VAL Q 148 -110.30 1.79 -33.56
CA VAL Q 148 -110.20 1.32 -34.93
C VAL Q 148 -110.08 2.50 -35.87
N THR Q 149 -109.26 2.35 -36.91
CA THR Q 149 -109.10 3.37 -37.94
C THR Q 149 -108.81 2.68 -39.26
N LEU Q 150 -109.71 2.82 -40.22
CA LEU Q 150 -109.63 2.14 -41.51
C LEU Q 150 -109.32 3.15 -42.61
N PHE Q 151 -108.32 2.84 -43.43
CA PHE Q 151 -107.95 3.69 -44.55
C PHE Q 151 -108.22 2.99 -45.88
N PRO Q 152 -108.66 3.71 -46.90
CA PRO Q 152 -108.84 3.09 -48.22
C PRO Q 152 -107.52 3.02 -48.96
N PRO Q 153 -107.51 2.41 -50.15
CA PRO Q 153 -106.28 2.40 -50.96
C PRO Q 153 -106.02 3.79 -51.53
N SER Q 154 -104.77 4.25 -51.38
CA SER Q 154 -104.40 5.56 -51.87
C SER Q 154 -104.48 5.60 -53.39
N SER Q 155 -104.76 6.79 -53.92
CA SER Q 155 -104.83 6.95 -55.36
C SER Q 155 -103.49 6.58 -56.01
N GLU Q 156 -102.38 6.91 -55.36
CA GLU Q 156 -101.07 6.60 -55.91
C GLU Q 156 -100.82 5.09 -55.99
N GLU Q 157 -101.38 4.33 -55.05
CA GLU Q 157 -101.24 2.88 -55.09
C GLU Q 157 -102.05 2.27 -56.23
N LEU Q 158 -103.26 2.79 -56.46
CA LEU Q 158 -104.11 2.26 -57.51
C LEU Q 158 -103.50 2.46 -58.89
N GLN Q 159 -102.78 3.57 -59.10
CA GLN Q 159 -102.11 3.80 -60.38
C GLN Q 159 -101.14 2.69 -60.71
N ALA Q 160 -100.66 1.94 -59.71
CA ALA Q 160 -99.79 0.80 -59.93
C ALA Q 160 -100.55 -0.52 -60.04
N ASN Q 161 -101.87 -0.47 -60.19
CA ASN Q 161 -102.70 -1.67 -60.32
C ASN Q 161 -102.53 -2.58 -59.11
N LYS Q 162 -102.72 -1.99 -57.93
CA LYS Q 162 -102.68 -2.74 -56.69
C LYS Q 162 -103.49 -1.98 -55.66
N ALA Q 163 -104.03 -2.70 -54.68
CA ALA Q 163 -104.85 -2.10 -53.65
C ALA Q 163 -104.58 -2.79 -52.32
N THR Q 164 -104.68 -2.03 -51.24
CA THR Q 164 -104.42 -2.55 -49.90
C THR Q 164 -105.25 -1.74 -48.91
N LEU Q 165 -106.07 -2.44 -48.13
CA LEU Q 165 -106.88 -1.81 -47.08
C LEU Q 165 -106.17 -1.98 -45.75
N VAL Q 166 -106.02 -0.88 -45.01
CA VAL Q 166 -105.27 -0.84 -43.76
C VAL Q 166 -106.25 -0.58 -42.62
N CYS Q 167 -106.41 -1.58 -41.76
CA CYS Q 167 -107.23 -1.47 -40.55
C CYS Q 167 -106.31 -1.51 -39.35
N LEU Q 168 -106.26 -0.41 -38.59
CA LEU Q 168 -105.35 -0.25 -37.47
C LEU Q 168 -106.10 -0.37 -36.16
N ILE Q 169 -105.47 -1.02 -35.18
CA ILE Q 169 -106.07 -1.29 -33.88
C ILE Q 169 -105.07 -0.87 -32.82
N SER Q 170 -105.51 -0.07 -31.85
CA SER Q 170 -104.61 0.48 -30.85
C SER Q 170 -105.37 0.73 -29.56
N ASP Q 171 -104.61 0.85 -28.46
CA ASP Q 171 -105.15 1.21 -27.16
C ASP Q 171 -106.30 0.29 -26.74
N PHE Q 172 -105.98 -0.86 -26.14
CA PHE Q 172 -107.00 -1.76 -25.63
C PHE Q 172 -106.35 -2.76 -24.70
N TYR Q 173 -107.19 -3.53 -24.01
CA TYR Q 173 -106.74 -4.52 -23.05
C TYR Q 173 -107.84 -5.58 -22.95
N PRO Q 174 -107.50 -6.87 -22.99
CA PRO Q 174 -106.17 -7.48 -23.11
C PRO Q 174 -105.76 -7.76 -24.56
N GLY Q 175 -104.48 -8.11 -24.75
CA GLY Q 175 -103.93 -8.33 -26.07
C GLY Q 175 -104.41 -9.61 -26.72
N ALA Q 176 -105.61 -9.59 -27.28
CA ALA Q 176 -106.16 -10.74 -27.97
C ALA Q 176 -107.48 -10.36 -28.63
N VAL Q 177 -107.53 -10.39 -29.96
CA VAL Q 177 -108.69 -9.98 -30.72
C VAL Q 177 -108.80 -10.88 -31.94
N THR Q 178 -109.79 -10.59 -32.77
CA THR Q 178 -109.97 -11.27 -34.05
C THR Q 178 -110.61 -10.31 -35.05
N VAL Q 179 -109.97 -10.14 -36.19
CA VAL Q 179 -110.42 -9.22 -37.23
C VAL Q 179 -111.12 -10.01 -38.32
N ALA Q 180 -112.17 -9.42 -38.89
CA ALA Q 180 -112.91 -10.04 -39.97
C ALA Q 180 -113.22 -8.99 -41.02
N TRP Q 181 -112.95 -9.31 -42.28
CA TRP Q 181 -113.19 -8.40 -43.39
C TRP Q 181 -114.45 -8.79 -44.12
N LYS Q 182 -115.24 -7.79 -44.52
CA LYS Q 182 -116.49 -8.00 -45.25
C LYS Q 182 -116.47 -7.16 -46.51
N ALA Q 183 -116.76 -7.79 -47.65
CA ALA Q 183 -116.93 -7.10 -48.92
C ALA Q 183 -118.41 -6.81 -49.08
N ASP Q 184 -118.83 -5.66 -48.58
CA ASP Q 184 -120.26 -5.30 -48.50
C ASP Q 184 -120.92 -6.38 -47.64
N SER Q 185 -121.93 -7.08 -48.14
CA SER Q 185 -122.66 -8.03 -47.30
C SER Q 185 -121.82 -9.27 -46.99
N SER Q 186 -121.17 -9.85 -48.02
CA SER Q 186 -120.56 -11.17 -47.88
C SER Q 186 -119.16 -11.09 -47.27
N PRO Q 187 -118.67 -12.20 -46.70
CA PRO Q 187 -117.31 -12.21 -46.13
C PRO Q 187 -116.20 -12.11 -47.17
N VAL Q 188 -114.96 -12.05 -46.68
CA VAL Q 188 -113.77 -11.88 -47.52
C VAL Q 188 -112.66 -12.77 -46.97
N LYS Q 189 -112.62 -14.01 -47.42
CA LYS Q 189 -111.73 -14.99 -46.78
C LYS Q 189 -110.27 -14.70 -47.09
N ALA Q 190 -109.95 -14.44 -48.36
CA ALA Q 190 -108.56 -14.31 -48.77
C ALA Q 190 -108.07 -12.87 -48.63
N GLY Q 191 -106.82 -12.64 -49.03
CA GLY Q 191 -106.26 -11.32 -49.12
C GLY Q 191 -105.84 -10.67 -47.82
N VAL Q 192 -105.93 -11.38 -46.70
CA VAL Q 192 -105.75 -10.79 -45.37
C VAL Q 192 -104.38 -11.15 -44.82
N GLU Q 193 -103.76 -10.21 -44.12
CA GLU Q 193 -102.47 -10.43 -43.48
C GLU Q 193 -102.40 -9.55 -42.24
N THR Q 194 -102.45 -10.17 -41.06
CA THR Q 194 -102.53 -9.46 -39.80
C THR Q 194 -101.34 -9.82 -38.93
N THR Q 195 -101.07 -8.97 -37.94
CA THR Q 195 -99.99 -9.20 -37.00
C THR Q 195 -100.52 -9.83 -35.72
N THR Q 196 -99.60 -10.20 -34.84
CA THR Q 196 -99.97 -10.59 -33.48
C THR Q 196 -99.94 -9.36 -32.58
N PRO Q 197 -100.88 -9.22 -31.64
CA PRO Q 197 -100.91 -8.01 -30.80
C PRO Q 197 -99.58 -7.77 -30.10
N SER Q 198 -99.14 -6.51 -30.12
CA SER Q 198 -97.91 -6.08 -29.48
C SER Q 198 -98.22 -5.02 -28.42
N LYS Q 199 -97.43 -5.03 -27.35
CA LYS Q 199 -97.64 -4.10 -26.25
C LYS Q 199 -97.00 -2.75 -26.58
N GLN Q 200 -97.75 -1.68 -26.34
CA GLN Q 200 -97.28 -0.33 -26.63
C GLN Q 200 -96.45 0.17 -25.45
N SER Q 201 -96.05 1.44 -25.50
CA SER Q 201 -95.32 2.05 -24.38
C SER Q 201 -96.21 2.17 -23.14
N ASN Q 202 -97.51 2.39 -23.34
CA ASN Q 202 -98.44 2.57 -22.24
C ASN Q 202 -99.04 1.25 -21.75
N ASN Q 203 -98.37 0.13 -22.00
CA ASN Q 203 -98.80 -1.18 -21.52
C ASN Q 203 -100.13 -1.62 -22.12
N LYS Q 204 -100.67 -0.84 -23.05
CA LYS Q 204 -101.81 -1.27 -23.85
C LYS Q 204 -101.32 -1.92 -25.12
N TYR Q 205 -102.13 -2.82 -25.68
CA TYR Q 205 -101.74 -3.57 -26.85
C TYR Q 205 -102.19 -2.85 -28.13
N ALA Q 206 -101.61 -3.28 -29.25
CA ALA Q 206 -101.92 -2.71 -30.55
C ALA Q 206 -101.70 -3.77 -31.60
N ALA Q 207 -102.18 -3.50 -32.80
CA ALA Q 207 -102.02 -4.43 -33.92
C ALA Q 207 -102.51 -3.74 -35.19
N SER Q 208 -102.33 -4.44 -36.31
CA SER Q 208 -102.68 -3.92 -37.62
C SER Q 208 -102.99 -5.08 -38.54
N SER Q 209 -103.92 -4.85 -39.48
CA SER Q 209 -104.31 -5.85 -40.47
C SER Q 209 -104.34 -5.21 -41.85
N TYR Q 210 -103.96 -5.98 -42.87
CA TYR Q 210 -103.89 -5.48 -44.23
C TYR Q 210 -104.61 -6.45 -45.16
N LEU Q 211 -105.57 -5.93 -45.93
CA LEU Q 211 -106.34 -6.73 -46.88
C LEU Q 211 -105.92 -6.33 -48.29
N SER Q 212 -105.20 -7.22 -48.97
CA SER Q 212 -104.72 -6.96 -50.32
C SER Q 212 -105.81 -7.33 -51.34
N LEU Q 213 -106.11 -6.39 -52.24
CA LEU Q 213 -107.15 -6.58 -53.24
C LEU Q 213 -106.64 -6.10 -54.58
N THR Q 214 -107.45 -6.33 -55.62
CA THR Q 214 -107.17 -5.79 -56.94
C THR Q 214 -107.95 -4.49 -57.15
N PRO Q 215 -107.47 -3.60 -58.02
CA PRO Q 215 -108.19 -2.33 -58.22
C PRO Q 215 -109.61 -2.52 -58.73
N GLU Q 216 -109.88 -3.60 -59.46
CA GLU Q 216 -111.20 -3.80 -60.04
C GLU Q 216 -112.20 -4.28 -59.00
N GLN Q 217 -111.82 -5.24 -58.15
CA GLN Q 217 -112.74 -5.71 -57.13
C GLN Q 217 -112.95 -4.68 -56.03
N TRP Q 218 -111.98 -3.76 -55.84
CA TRP Q 218 -112.18 -2.66 -54.90
C TRP Q 218 -113.19 -1.65 -55.44
N LYS Q 219 -113.28 -1.51 -56.76
CA LYS Q 219 -114.25 -0.62 -57.38
C LYS Q 219 -115.57 -1.29 -57.67
N SER Q 220 -115.58 -2.62 -57.83
CA SER Q 220 -116.83 -3.35 -58.06
C SER Q 220 -117.72 -3.28 -56.82
N HIS Q 221 -117.25 -3.83 -55.70
CA HIS Q 221 -118.00 -3.78 -54.46
C HIS Q 221 -118.02 -2.36 -53.91
N ARG Q 222 -119.19 -1.92 -53.43
CA ARG Q 222 -119.38 -0.52 -53.09
C ARG Q 222 -118.67 -0.14 -51.80
N SER Q 223 -118.47 -1.10 -50.89
CA SER Q 223 -117.88 -0.79 -49.59
C SER Q 223 -117.11 -1.99 -49.05
N TYR Q 224 -116.33 -1.74 -48.01
CA TYR Q 224 -115.64 -2.78 -47.26
C TYR Q 224 -115.62 -2.37 -45.80
N SER Q 225 -115.61 -3.37 -44.93
CA SER Q 225 -115.67 -3.15 -43.50
C SER Q 225 -114.58 -3.95 -42.80
N CYS Q 226 -114.08 -3.39 -41.70
CA CYS Q 226 -113.15 -4.07 -40.82
C CYS Q 226 -113.83 -4.27 -39.47
N GLN Q 227 -114.18 -5.51 -39.16
CA GLN Q 227 -114.87 -5.84 -37.92
C GLN Q 227 -113.86 -6.44 -36.95
N VAL Q 228 -113.69 -5.77 -35.81
CA VAL Q 228 -112.69 -6.14 -34.81
C VAL Q 228 -113.43 -6.54 -33.54
N THR Q 229 -113.43 -7.84 -33.24
CA THR Q 229 -114.08 -8.35 -32.04
C THR Q 229 -113.07 -8.39 -30.89
N HIS Q 230 -113.48 -7.87 -29.74
CA HIS Q 230 -112.60 -7.78 -28.56
C HIS Q 230 -113.42 -8.10 -27.32
N GLU Q 231 -113.21 -9.28 -26.76
CA GLU Q 231 -113.89 -9.68 -25.52
C GLU Q 231 -115.40 -9.59 -25.67
N GLY Q 232 -115.90 -10.00 -26.83
CA GLY Q 232 -117.31 -9.96 -27.11
C GLY Q 232 -117.81 -8.67 -27.72
N SER Q 233 -117.00 -7.62 -27.72
CA SER Q 233 -117.38 -6.34 -28.30
C SER Q 233 -116.73 -6.17 -29.67
N THR Q 234 -117.55 -6.04 -30.70
CA THR Q 234 -117.09 -5.86 -32.07
C THR Q 234 -117.12 -4.38 -32.43
N VAL Q 235 -116.11 -3.94 -33.19
CA VAL Q 235 -116.01 -2.56 -33.63
C VAL Q 235 -115.88 -2.57 -35.15
N GLU Q 236 -116.79 -1.86 -35.81
CA GLU Q 236 -116.87 -1.85 -37.27
C GLU Q 236 -116.53 -0.46 -37.79
N LYS Q 237 -115.74 -0.42 -38.87
CA LYS Q 237 -115.40 0.81 -39.57
C LYS Q 237 -115.51 0.56 -41.07
N THR Q 238 -116.27 1.41 -41.76
CA THR Q 238 -116.56 1.22 -43.17
C THR Q 238 -115.92 2.31 -44.00
N VAL Q 239 -115.65 1.98 -45.26
CA VAL Q 239 -115.03 2.92 -46.21
C VAL Q 239 -115.54 2.56 -47.60
N ALA Q 240 -115.60 3.56 -48.46
CA ALA Q 240 -116.13 3.39 -49.81
C ALA Q 240 -115.20 4.07 -50.81
N PRO Q 241 -115.23 3.64 -52.09
CA PRO Q 241 -114.40 4.28 -53.12
C PRO Q 241 -115.03 5.57 -53.62
N THR Q 242 -114.46 6.71 -53.22
CA THR Q 242 -114.95 8.01 -53.65
C THR Q 242 -113.82 8.84 -54.24
N GLN R 29 -69.13 6.87 -16.57
CA GLN R 29 -70.31 6.27 -17.25
C GLN R 29 -69.89 5.16 -18.20
N VAL R 30 -70.03 3.90 -17.76
CA VAL R 30 -69.74 2.76 -18.62
C VAL R 30 -70.65 2.82 -19.84
N GLN R 31 -70.12 2.35 -20.98
CA GLN R 31 -70.87 2.40 -22.22
C GLN R 31 -70.33 1.33 -23.16
N LEU R 32 -71.25 0.65 -23.85
CA LEU R 32 -70.92 -0.29 -24.90
C LEU R 32 -71.73 0.06 -26.13
N VAL R 33 -71.13 -0.12 -27.31
CA VAL R 33 -71.80 0.14 -28.58
C VAL R 33 -71.40 -0.97 -29.55
N GLU R 34 -72.38 -1.73 -30.01
CA GLU R 34 -72.13 -2.77 -30.99
C GLU R 34 -72.22 -2.20 -32.40
N SER R 35 -71.70 -2.97 -33.36
CA SER R 35 -71.76 -2.58 -34.76
C SER R 35 -71.25 -3.76 -35.58
N GLY R 36 -71.37 -3.63 -36.90
CA GLY R 36 -70.98 -4.67 -37.82
C GLY R 36 -72.10 -5.62 -38.22
N GLY R 37 -73.30 -5.46 -37.67
CA GLY R 37 -74.39 -6.33 -38.01
C GLY R 37 -75.09 -5.93 -39.29
N GLY R 38 -76.01 -6.79 -39.72
CA GLY R 38 -76.76 -6.55 -40.94
C GLY R 38 -77.37 -7.81 -41.52
N VAL R 39 -77.25 -7.98 -42.84
CA VAL R 39 -77.84 -9.10 -43.55
C VAL R 39 -76.73 -9.83 -44.32
N VAL R 40 -76.96 -11.11 -44.58
CA VAL R 40 -76.02 -11.92 -45.34
C VAL R 40 -76.70 -13.24 -45.67
N GLN R 41 -76.20 -13.92 -46.70
CA GLN R 41 -76.68 -15.25 -47.04
C GLN R 41 -75.94 -16.30 -46.21
N PRO R 42 -76.53 -17.48 -46.05
CA PRO R 42 -75.86 -18.52 -45.27
C PRO R 42 -74.50 -18.88 -45.85
N GLY R 43 -73.58 -19.27 -44.97
CA GLY R 43 -72.27 -19.72 -45.37
C GLY R 43 -71.21 -18.65 -45.43
N ARG R 44 -71.60 -17.38 -45.59
CA ARG R 44 -70.62 -16.30 -45.70
C ARG R 44 -70.26 -15.77 -44.32
N SER R 45 -69.21 -14.95 -44.28
CA SER R 45 -68.65 -14.46 -43.04
C SER R 45 -69.20 -13.07 -42.70
N LEU R 46 -68.88 -12.61 -41.50
CA LEU R 46 -69.28 -11.29 -41.04
C LEU R 46 -68.58 -11.02 -39.71
N ARG R 47 -68.15 -9.76 -39.52
CA ARG R 47 -67.39 -9.36 -38.35
C ARG R 47 -68.18 -8.32 -37.58
N LEU R 48 -68.30 -8.53 -36.26
CA LEU R 48 -69.02 -7.62 -35.38
C LEU R 48 -68.05 -6.90 -34.46
N SER R 49 -68.43 -5.69 -34.04
CA SER R 49 -67.58 -4.85 -33.23
C SER R 49 -68.36 -4.31 -32.04
N CYS R 50 -67.69 -4.22 -30.89
CA CYS R 50 -68.28 -3.69 -29.66
C CYS R 50 -67.30 -2.68 -29.07
N ALA R 51 -67.66 -1.41 -29.14
CA ALA R 51 -66.80 -0.33 -28.65
C ALA R 51 -67.08 -0.10 -27.17
N ALA R 52 -66.04 -0.22 -26.35
CA ALA R 52 -66.13 0.00 -24.92
C ALA R 52 -65.58 1.37 -24.56
N SER R 53 -66.06 1.92 -23.45
CA SER R 53 -65.64 3.24 -22.99
C SER R 53 -66.11 3.44 -21.57
N GLY R 54 -65.30 4.16 -20.79
CA GLY R 54 -65.66 4.50 -19.43
C GLY R 54 -65.08 3.62 -18.35
N PHE R 55 -64.00 2.88 -18.62
CA PHE R 55 -63.35 2.04 -17.62
C PHE R 55 -62.05 1.53 -18.21
N THR R 56 -61.38 0.63 -17.47
CA THR R 56 -60.12 0.04 -17.88
C THR R 56 -60.42 -1.22 -18.68
N PHE R 57 -60.57 -1.06 -20.00
CA PHE R 57 -60.97 -2.17 -20.84
C PHE R 57 -60.00 -3.34 -20.73
N SER R 58 -58.69 -3.05 -20.70
CA SER R 58 -57.68 -4.09 -20.73
C SER R 58 -57.64 -4.92 -19.44
N SER R 59 -58.39 -4.53 -18.41
CA SER R 59 -58.32 -5.17 -17.10
C SER R 59 -59.57 -6.00 -16.78
N TYR R 60 -60.37 -6.35 -17.79
CA TYR R 60 -61.57 -7.12 -17.55
C TYR R 60 -61.85 -8.02 -18.74
N GLY R 61 -62.53 -9.14 -18.47
CA GLY R 61 -62.99 -10.00 -19.54
C GLY R 61 -64.23 -9.43 -20.22
N MET R 62 -64.66 -10.12 -21.29
CA MET R 62 -65.81 -9.68 -22.06
C MET R 62 -66.53 -10.89 -22.61
N HIS R 63 -67.84 -10.76 -22.74
CA HIS R 63 -68.70 -11.84 -23.22
C HIS R 63 -69.40 -11.44 -24.51
N TRP R 64 -69.94 -12.45 -25.19
CA TRP R 64 -70.86 -12.26 -26.29
C TRP R 64 -72.11 -13.10 -26.03
N VAL R 65 -73.27 -12.47 -26.08
CA VAL R 65 -74.55 -13.15 -25.87
C VAL R 65 -75.52 -12.69 -26.94
N ARG R 66 -76.36 -13.62 -27.38
CA ARG R 66 -77.32 -13.35 -28.44
C ARG R 66 -78.72 -13.72 -28.00
N GLN R 67 -79.71 -13.15 -28.69
CA GLN R 67 -81.12 -13.36 -28.36
C GLN R 67 -81.94 -13.24 -29.63
N ALA R 68 -82.69 -14.28 -29.96
CA ALA R 68 -83.55 -14.23 -31.13
C ALA R 68 -84.79 -13.41 -30.83
N PRO R 69 -85.43 -12.84 -31.85
CA PRO R 69 -86.60 -11.98 -31.61
C PRO R 69 -87.68 -12.74 -30.84
N GLY R 70 -88.06 -12.17 -29.69
CA GLY R 70 -89.12 -12.74 -28.88
C GLY R 70 -88.75 -14.00 -28.12
N LYS R 71 -87.48 -14.40 -28.14
CA LYS R 71 -87.03 -15.61 -27.48
C LYS R 71 -86.11 -15.26 -26.30
N GLY R 72 -85.52 -16.29 -25.70
CA GLY R 72 -84.65 -16.12 -24.56
C GLY R 72 -83.21 -15.85 -24.96
N LEU R 73 -82.38 -15.68 -23.94
CA LEU R 73 -80.97 -15.40 -24.14
C LEU R 73 -80.18 -16.69 -24.36
N GLU R 74 -79.09 -16.57 -25.11
CA GLU R 74 -78.20 -17.70 -25.39
C GLU R 74 -76.77 -17.19 -25.42
N TRP R 75 -75.91 -17.74 -24.56
CA TRP R 75 -74.52 -17.33 -24.51
C TRP R 75 -73.78 -17.76 -25.76
N VAL R 76 -72.86 -16.90 -26.22
CA VAL R 76 -72.10 -17.16 -27.44
C VAL R 76 -70.68 -17.56 -27.07
N ALA R 77 -69.86 -16.58 -26.70
CA ALA R 77 -68.44 -16.82 -26.45
C ALA R 77 -67.92 -15.83 -25.43
N PHE R 78 -66.73 -16.13 -24.90
CA PHE R 78 -66.09 -15.32 -23.88
C PHE R 78 -64.59 -15.29 -24.11
N ILE R 79 -63.96 -14.21 -23.65
CA ILE R 79 -62.52 -14.03 -23.77
C ILE R 79 -62.03 -13.34 -22.50
N ARG R 80 -60.84 -13.76 -22.03
CA ARG R 80 -60.30 -13.22 -20.79
C ARG R 80 -59.79 -11.80 -21.01
N TYR R 81 -59.23 -11.21 -19.94
CA TYR R 81 -58.74 -9.83 -20.01
C TYR R 81 -57.57 -9.71 -20.99
N ASP R 82 -56.63 -10.65 -20.93
CA ASP R 82 -55.42 -10.59 -21.73
C ASP R 82 -55.56 -11.25 -23.10
N GLY R 83 -56.70 -11.88 -23.37
CA GLY R 83 -56.88 -12.63 -24.59
C GLY R 83 -56.25 -13.99 -24.58
N SER R 84 -55.70 -14.42 -23.44
CA SER R 84 -55.02 -15.72 -23.37
C SER R 84 -55.96 -16.86 -23.76
N ASN R 85 -57.06 -17.00 -23.03
CA ASN R 85 -58.01 -18.10 -23.23
C ASN R 85 -59.30 -17.57 -23.82
N LYS R 86 -59.76 -18.19 -24.89
CA LYS R 86 -61.04 -17.86 -25.52
C LYS R 86 -61.95 -19.07 -25.40
N TYR R 87 -63.20 -18.83 -25.01
CA TYR R 87 -64.18 -19.88 -24.81
C TYR R 87 -65.36 -19.67 -25.74
N TYR R 88 -65.94 -20.77 -26.21
CA TYR R 88 -67.06 -20.73 -27.15
C TYR R 88 -68.16 -21.68 -26.71
N ALA R 89 -69.36 -21.43 -27.22
CA ALA R 89 -70.48 -22.33 -27.03
C ALA R 89 -70.49 -23.38 -28.13
N ASP R 90 -70.90 -24.61 -27.78
CA ASP R 90 -70.75 -25.75 -28.68
C ASP R 90 -71.54 -25.59 -29.98
N SER R 91 -72.57 -24.74 -30.00
CA SER R 91 -73.32 -24.54 -31.24
C SER R 91 -72.61 -23.61 -32.21
N VAL R 92 -71.41 -23.13 -31.88
CA VAL R 92 -70.65 -22.25 -32.78
C VAL R 92 -69.16 -22.55 -32.66
N LYS R 93 -68.82 -23.71 -32.11
CA LYS R 93 -67.41 -24.06 -31.96
C LYS R 93 -66.77 -24.28 -33.33
N GLY R 94 -65.61 -23.67 -33.54
CA GLY R 94 -64.89 -23.76 -34.80
C GLY R 94 -65.35 -22.78 -35.87
N ARG R 95 -66.58 -22.29 -35.78
CA ARG R 95 -67.14 -21.39 -36.79
C ARG R 95 -66.91 -19.93 -36.44
N PHE R 96 -67.28 -19.53 -35.22
CA PHE R 96 -67.03 -18.18 -34.74
C PHE R 96 -65.63 -18.08 -34.14
N THR R 97 -65.14 -16.85 -34.05
CA THR R 97 -63.83 -16.59 -33.47
C THR R 97 -63.89 -15.28 -32.71
N ILE R 98 -63.44 -15.30 -31.47
CA ILE R 98 -63.49 -14.14 -30.58
C ILE R 98 -62.10 -13.49 -30.55
N SER R 99 -62.07 -12.16 -30.66
CA SER R 99 -60.81 -11.44 -30.64
C SER R 99 -61.05 -10.04 -30.09
N ARG R 100 -60.01 -9.48 -29.47
CA ARG R 100 -60.08 -8.16 -28.88
C ARG R 100 -58.81 -7.40 -29.20
N ASP R 101 -58.89 -6.08 -29.06
CA ASP R 101 -57.72 -5.21 -29.25
C ASP R 101 -57.78 -4.14 -28.16
N ASN R 102 -57.04 -4.36 -27.08
CA ASN R 102 -57.10 -3.46 -25.92
C ASN R 102 -56.53 -2.09 -26.24
N SER R 103 -55.58 -2.01 -27.17
CA SER R 103 -54.98 -0.71 -27.49
C SER R 103 -56.00 0.28 -28.03
N LYS R 104 -57.13 -0.19 -28.58
CA LYS R 104 -58.18 0.68 -29.08
C LYS R 104 -59.49 0.51 -28.34
N ASN R 105 -59.53 -0.34 -27.31
CA ASN R 105 -60.73 -0.53 -26.48
C ASN R 105 -61.93 -0.94 -27.33
N THR R 106 -61.81 -2.09 -27.98
CA THR R 106 -62.87 -2.63 -28.81
C THR R 106 -62.86 -4.15 -28.72
N LEU R 107 -64.03 -4.74 -28.92
CA LEU R 107 -64.21 -6.19 -28.89
C LEU R 107 -64.78 -6.64 -30.23
N TYR R 108 -64.29 -7.78 -30.72
CA TYR R 108 -64.66 -8.29 -32.03
C TYR R 108 -65.24 -9.68 -31.92
N LEU R 109 -65.97 -10.08 -32.97
CA LEU R 109 -66.46 -11.45 -33.09
C LEU R 109 -66.53 -11.80 -34.57
N GLN R 110 -65.58 -12.60 -35.04
CA GLN R 110 -65.56 -13.04 -36.43
C GLN R 110 -66.50 -14.24 -36.57
N MET R 111 -67.62 -14.04 -37.25
CA MET R 111 -68.61 -15.09 -37.46
C MET R 111 -68.46 -15.64 -38.87
N ASN R 112 -67.92 -16.86 -38.96
CA ASN R 112 -67.72 -17.52 -40.24
C ASN R 112 -68.67 -18.71 -40.36
N SER R 113 -68.93 -19.10 -41.61
CA SER R 113 -69.80 -20.22 -41.92
C SER R 113 -71.15 -20.07 -41.20
N LEU R 114 -71.86 -19.01 -41.59
CA LEU R 114 -73.10 -18.66 -40.91
C LEU R 114 -74.21 -19.65 -41.24
N ARG R 115 -75.18 -19.73 -40.34
CA ARG R 115 -76.34 -20.59 -40.48
C ARG R 115 -77.58 -19.79 -40.12
N ALA R 116 -78.73 -20.23 -40.65
CA ALA R 116 -79.95 -19.48 -40.45
C ALA R 116 -80.33 -19.40 -38.97
N GLU R 117 -79.95 -20.40 -38.18
CA GLU R 117 -80.30 -20.41 -36.76
C GLU R 117 -79.54 -19.36 -35.95
N ASP R 118 -78.45 -18.82 -36.49
CA ASP R 118 -77.72 -17.75 -35.82
C ASP R 118 -78.45 -16.42 -35.88
N THR R 119 -79.53 -16.34 -36.67
CA THR R 119 -80.31 -15.10 -36.75
C THR R 119 -80.76 -14.66 -35.37
N ALA R 120 -80.27 -13.51 -34.95
CA ALA R 120 -80.59 -12.98 -33.63
C ALA R 120 -79.91 -11.63 -33.40
N VAL R 121 -80.18 -11.02 -32.26
CA VAL R 121 -79.46 -9.82 -31.83
C VAL R 121 -78.28 -10.28 -30.97
N TYR R 122 -77.15 -9.62 -31.13
CA TYR R 122 -75.91 -9.99 -30.45
C TYR R 122 -75.47 -8.83 -29.56
N TYR R 123 -75.40 -9.08 -28.25
CA TYR R 123 -74.92 -8.12 -27.29
C TYR R 123 -73.51 -8.47 -26.83
N CYS R 124 -72.79 -7.45 -26.37
CA CYS R 124 -71.53 -7.63 -25.64
C CYS R 124 -71.77 -7.25 -24.19
N LYS R 125 -71.50 -8.17 -23.28
CA LYS R 125 -71.71 -7.96 -21.86
C LYS R 125 -70.40 -8.16 -21.12
N THR R 126 -70.14 -7.29 -20.15
CA THR R 126 -68.91 -7.37 -19.38
C THR R 126 -68.96 -8.54 -18.41
N HIS R 127 -67.79 -8.96 -17.95
CA HIS R 127 -67.66 -10.06 -17.01
C HIS R 127 -67.37 -9.49 -15.63
N GLY R 128 -68.32 -9.61 -14.72
CA GLY R 128 -68.15 -9.10 -13.38
C GLY R 128 -69.49 -8.97 -12.68
N SER R 129 -69.42 -8.52 -11.42
CA SER R 129 -70.63 -8.33 -10.63
C SER R 129 -71.54 -7.29 -11.28
N HIS R 130 -71.08 -6.05 -11.35
CA HIS R 130 -71.87 -4.95 -11.93
C HIS R 130 -71.60 -4.88 -13.44
N ASP R 131 -72.07 -5.91 -14.13
CA ASP R 131 -71.85 -5.97 -15.56
C ASP R 131 -72.74 -4.98 -16.31
N ASN R 132 -72.36 -4.69 -17.55
CA ASN R 132 -73.09 -3.74 -18.37
C ASN R 132 -73.21 -4.30 -19.79
N TRP R 133 -74.34 -3.98 -20.43
CA TRP R 133 -74.69 -4.49 -21.74
C TRP R 133 -74.74 -3.34 -22.74
N GLY R 134 -74.69 -3.69 -24.02
CA GLY R 134 -74.86 -2.73 -25.09
C GLY R 134 -76.30 -2.70 -25.59
N GLN R 135 -76.49 -2.01 -26.71
CA GLN R 135 -77.81 -1.89 -27.31
C GLN R 135 -78.13 -3.03 -28.27
N GLY R 136 -77.13 -3.75 -28.76
CA GLY R 136 -77.34 -4.89 -29.62
C GLY R 136 -77.49 -4.52 -31.08
N THR R 137 -76.84 -5.29 -31.95
CA THR R 137 -76.98 -5.12 -33.39
C THR R 137 -77.66 -6.36 -33.98
N MET R 138 -78.60 -6.14 -34.88
CA MET R 138 -79.35 -7.24 -35.47
C MET R 138 -78.48 -7.97 -36.51
N VAL R 139 -78.63 -9.28 -36.55
CA VAL R 139 -77.94 -10.13 -37.52
C VAL R 139 -78.98 -11.06 -38.12
N THR R 140 -79.16 -10.98 -39.45
CA THR R 140 -80.19 -11.74 -40.15
C THR R 140 -79.51 -12.62 -41.20
N VAL R 141 -79.66 -13.92 -41.05
CA VAL R 141 -79.11 -14.91 -41.98
C VAL R 141 -80.26 -15.48 -42.78
N SER R 142 -80.32 -15.13 -44.06
CA SER R 142 -81.41 -15.61 -44.91
C SER R 142 -80.96 -15.54 -46.36
N SER R 143 -81.40 -16.53 -47.15
CA SER R 143 -81.07 -16.54 -48.57
C SER R 143 -81.85 -15.47 -49.34
N ALA R 144 -83.06 -15.15 -48.88
CA ALA R 144 -83.85 -14.11 -49.52
C ALA R 144 -83.08 -12.80 -49.57
N SER R 145 -83.21 -12.10 -50.70
CA SER R 145 -82.45 -10.88 -50.91
C SER R 145 -83.15 -9.68 -50.28
N THR R 146 -82.38 -8.64 -50.00
CA THR R 146 -82.92 -7.40 -49.48
C THR R 146 -83.96 -6.83 -50.44
N LYS R 147 -84.85 -6.00 -49.89
CA LYS R 147 -85.83 -5.29 -50.71
C LYS R 147 -86.26 -4.04 -49.97
N GLY R 148 -86.38 -2.94 -50.71
CA GLY R 148 -86.81 -1.68 -50.14
C GLY R 148 -88.31 -1.53 -50.19
N PRO R 149 -88.86 -0.69 -49.31
CA PRO R 149 -90.32 -0.56 -49.23
C PRO R 149 -90.88 0.27 -50.38
N SER R 150 -92.21 0.19 -50.53
CA SER R 150 -92.97 1.01 -51.48
C SER R 150 -93.91 1.88 -50.66
N VAL R 151 -93.48 3.12 -50.40
CA VAL R 151 -94.22 4.01 -49.52
C VAL R 151 -95.42 4.59 -50.26
N PHE R 152 -96.51 4.79 -49.53
CA PHE R 152 -97.73 5.38 -50.06
C PHE R 152 -98.37 6.27 -49.01
N PRO R 153 -99.01 7.37 -49.42
CA PRO R 153 -99.63 8.27 -48.45
C PRO R 153 -101.04 7.83 -48.08
N LEU R 154 -101.37 8.03 -46.80
CA LEU R 154 -102.69 7.71 -46.26
C LEU R 154 -103.38 9.03 -45.94
N ALA R 155 -104.18 9.53 -46.86
CA ALA R 155 -104.83 10.82 -46.68
C ALA R 155 -105.99 10.71 -45.70
N PRO R 156 -106.29 11.79 -44.97
CA PRO R 156 -107.44 11.77 -44.06
C PRO R 156 -108.74 11.95 -44.81
N SER R 157 -109.83 11.57 -44.14
CA SER R 157 -111.17 11.70 -44.70
C SER R 157 -112.00 12.69 -43.90
N GLY R 164 -114.63 16.62 -34.52
CA GLY R 164 -113.70 17.65 -34.96
C GLY R 164 -112.25 17.20 -34.91
N THR R 165 -111.98 16.01 -35.42
CA THR R 165 -110.63 15.46 -35.44
C THR R 165 -110.49 14.55 -36.65
N ALA R 166 -109.26 14.48 -37.17
CA ALA R 166 -108.96 13.66 -38.33
C ALA R 166 -107.59 13.02 -38.14
N ALA R 167 -107.30 12.02 -38.97
CA ALA R 167 -106.07 11.25 -38.85
C ALA R 167 -105.53 10.92 -40.23
N LEU R 168 -104.20 10.89 -40.32
CA LEU R 168 -103.52 10.60 -41.58
C LEU R 168 -102.22 9.86 -41.26
N GLY R 169 -101.57 9.36 -42.30
CA GLY R 169 -100.32 8.65 -42.11
C GLY R 169 -99.73 8.19 -43.43
N CYS R 170 -98.76 7.30 -43.32
CA CYS R 170 -98.07 6.73 -44.47
C CYS R 170 -98.12 5.21 -44.39
N LEU R 171 -97.84 4.57 -45.53
CA LEU R 171 -97.90 3.12 -45.66
C LEU R 171 -96.56 2.62 -46.18
N VAL R 172 -95.89 1.80 -45.38
CA VAL R 172 -94.63 1.17 -45.77
C VAL R 172 -94.96 -0.28 -46.13
N LYS R 173 -94.88 -0.60 -47.42
CA LYS R 173 -95.39 -1.86 -47.95
C LYS R 173 -94.29 -2.68 -48.60
N ASP R 174 -94.40 -4.00 -48.48
CA ASP R 174 -93.50 -4.95 -49.13
C ASP R 174 -92.02 -4.62 -49.03
N TYR R 175 -91.41 -4.95 -47.90
CA TYR R 175 -89.98 -4.76 -47.73
C TYR R 175 -89.38 -5.91 -46.93
N PHE R 176 -88.05 -5.96 -46.93
CA PHE R 176 -87.35 -7.04 -46.24
C PHE R 176 -85.87 -6.69 -46.10
N PRO R 177 -85.26 -6.86 -44.91
CA PRO R 177 -85.82 -7.30 -43.62
C PRO R 177 -86.09 -6.13 -42.69
N GLU R 178 -86.44 -6.44 -41.44
CA GLU R 178 -86.53 -5.43 -40.40
C GLU R 178 -85.14 -4.85 -40.12
N PRO R 179 -85.07 -3.66 -39.51
CA PRO R 179 -86.16 -2.75 -39.11
C PRO R 179 -86.35 -1.58 -40.07
N VAL R 180 -87.20 -0.63 -39.68
CA VAL R 180 -87.44 0.57 -40.45
C VAL R 180 -87.64 1.71 -39.46
N THR R 181 -87.25 2.92 -39.89
CA THR R 181 -87.43 4.14 -39.11
C THR R 181 -88.29 5.10 -39.91
N VAL R 182 -89.32 5.64 -39.26
CA VAL R 182 -90.26 6.55 -39.90
C VAL R 182 -90.35 7.80 -39.04
N SER R 183 -90.06 8.95 -39.63
CA SER R 183 -90.17 10.23 -38.97
C SER R 183 -91.21 11.08 -39.69
N TRP R 184 -91.54 12.22 -39.09
CA TRP R 184 -92.55 13.12 -39.64
C TRP R 184 -92.05 14.56 -39.60
N ASN R 185 -92.31 15.30 -40.68
CA ASN R 185 -91.87 16.68 -40.80
C ASN R 185 -90.39 16.82 -40.45
N SER R 186 -89.58 15.91 -40.99
CA SER R 186 -88.14 15.90 -40.78
C SER R 186 -87.77 15.72 -39.31
N GLY R 187 -88.68 15.19 -38.50
CA GLY R 187 -88.47 15.00 -37.08
C GLY R 187 -89.22 15.98 -36.19
N ALA R 188 -89.77 17.05 -36.77
CA ALA R 188 -90.47 18.04 -35.96
C ALA R 188 -91.65 17.43 -35.23
N LEU R 189 -92.38 16.54 -35.90
CA LEU R 189 -93.60 15.96 -35.36
C LEU R 189 -93.29 14.74 -34.51
N THR R 190 -93.94 14.67 -33.35
CA THR R 190 -93.74 13.55 -32.43
C THR R 190 -95.06 13.16 -31.76
N SER R 191 -95.80 14.17 -31.27
CA SER R 191 -97.08 13.90 -30.62
C SER R 191 -98.12 13.44 -31.63
N GLY R 192 -99.00 12.56 -31.18
CA GLY R 192 -100.01 11.96 -32.04
C GLY R 192 -99.48 10.91 -33.00
N VAL R 193 -98.17 10.77 -33.13
CA VAL R 193 -97.58 9.81 -34.06
C VAL R 193 -97.67 8.41 -33.44
N HIS R 194 -98.34 7.51 -34.13
CA HIS R 194 -98.50 6.11 -33.71
C HIS R 194 -97.88 5.23 -34.79
N THR R 195 -96.60 4.88 -34.63
CA THR R 195 -95.94 3.97 -35.56
C THR R 195 -96.27 2.53 -35.14
N PHE R 196 -97.02 1.83 -35.98
CA PHE R 196 -97.51 0.50 -35.66
C PHE R 196 -96.48 -0.55 -36.01
N PRO R 197 -96.57 -1.73 -35.40
CA PRO R 197 -95.68 -2.83 -35.79
C PRO R 197 -96.03 -3.36 -37.17
N ALA R 198 -95.08 -4.09 -37.75
CA ALA R 198 -95.21 -4.59 -39.10
C ALA R 198 -95.81 -5.99 -39.11
N VAL R 199 -96.48 -6.32 -40.22
CA VAL R 199 -97.07 -7.63 -40.44
C VAL R 199 -96.09 -8.46 -41.26
N LEU R 200 -96.00 -9.75 -40.93
CA LEU R 200 -95.18 -10.68 -41.71
C LEU R 200 -96.09 -11.32 -42.75
N GLN R 201 -96.10 -10.73 -43.94
CA GLN R 201 -96.96 -11.21 -45.02
C GLN R 201 -96.65 -12.68 -45.32
N SER R 202 -97.60 -13.32 -46.01
CA SER R 202 -97.41 -14.72 -46.40
C SER R 202 -96.26 -14.88 -47.38
N SER R 203 -95.94 -13.83 -48.14
CA SER R 203 -94.88 -13.89 -49.14
C SER R 203 -93.49 -13.80 -48.53
N GLY R 204 -93.39 -13.49 -47.24
CA GLY R 204 -92.09 -13.33 -46.60
C GLY R 204 -91.59 -11.90 -46.53
N LEU R 205 -92.45 -10.92 -46.77
CA LEU R 205 -92.10 -9.51 -46.67
C LEU R 205 -92.79 -8.87 -45.48
N TYR R 206 -92.24 -7.75 -45.04
CA TYR R 206 -92.82 -6.98 -43.95
C TYR R 206 -93.60 -5.79 -44.51
N SER R 207 -94.36 -5.15 -43.62
CA SER R 207 -95.21 -4.03 -44.01
C SER R 207 -95.85 -3.40 -42.78
N LEU R 208 -95.66 -2.10 -42.60
CA LEU R 208 -96.22 -1.39 -41.46
C LEU R 208 -96.82 -0.08 -41.96
N SER R 209 -97.21 0.77 -41.01
CA SER R 209 -97.72 2.10 -41.32
C SER R 209 -97.59 2.97 -40.09
N SER R 210 -97.42 4.26 -40.32
CA SER R 210 -97.31 5.25 -39.24
C SER R 210 -98.34 6.34 -39.49
N VAL R 211 -99.06 6.71 -38.43
CA VAL R 211 -100.15 7.67 -38.52
C VAL R 211 -99.97 8.76 -37.49
N VAL R 212 -100.52 9.94 -37.78
CA VAL R 212 -100.55 11.05 -36.82
C VAL R 212 -101.98 11.56 -36.74
N THR R 213 -102.43 11.86 -35.53
CA THR R 213 -103.76 12.40 -35.28
C THR R 213 -103.64 13.91 -35.16
N VAL R 214 -104.34 14.63 -36.02
CA VAL R 214 -104.28 16.10 -36.04
C VAL R 214 -105.70 16.63 -36.08
N PRO R 215 -105.90 17.88 -35.66
CA PRO R 215 -107.24 18.47 -35.75
C PRO R 215 -107.68 18.64 -37.20
N SER R 216 -108.99 18.48 -37.41
CA SER R 216 -109.56 18.64 -38.75
C SER R 216 -109.54 20.08 -39.23
N SER R 217 -109.29 21.05 -38.34
CA SER R 217 -109.24 22.45 -38.75
C SER R 217 -107.87 22.81 -39.34
N SER R 218 -106.79 22.23 -38.79
CA SER R 218 -105.44 22.46 -39.29
C SER R 218 -105.13 21.62 -40.53
N LEU R 219 -106.15 21.05 -41.18
CA LEU R 219 -105.91 20.17 -42.31
C LEU R 219 -105.39 20.93 -43.53
N GLY R 220 -105.78 22.19 -43.70
CA GLY R 220 -105.42 22.93 -44.88
C GLY R 220 -104.09 23.67 -44.77
N THR R 221 -103.79 24.21 -43.60
CA THR R 221 -102.61 25.03 -43.42
C THR R 221 -101.33 24.20 -43.45
N GLN R 222 -101.10 23.41 -42.41
CA GLN R 222 -99.81 22.75 -42.24
C GLN R 222 -99.56 21.73 -43.36
N THR R 223 -98.28 21.54 -43.68
CA THR R 223 -97.83 20.53 -44.63
C THR R 223 -97.16 19.40 -43.88
N TYR R 224 -97.52 18.16 -44.21
CA TYR R 224 -97.02 16.98 -43.54
C TYR R 224 -96.22 16.11 -44.50
N ILE R 225 -95.07 15.63 -44.04
CA ILE R 225 -94.22 14.73 -44.82
C ILE R 225 -93.68 13.66 -43.89
N CYS R 226 -93.83 12.40 -44.29
CA CYS R 226 -93.31 11.27 -43.52
C CYS R 226 -91.96 10.86 -44.09
N ASN R 227 -90.96 10.72 -43.21
CA ASN R 227 -89.60 10.41 -43.62
C ASN R 227 -89.34 8.93 -43.32
N VAL R 228 -89.33 8.11 -44.36
CA VAL R 228 -89.07 6.68 -44.24
C VAL R 228 -87.60 6.42 -44.53
N ASN R 229 -87.08 5.33 -43.97
CA ASN R 229 -85.69 4.95 -44.19
C ASN R 229 -85.54 3.46 -43.95
N HIS R 230 -84.91 2.77 -44.90
CA HIS R 230 -84.62 1.34 -44.79
C HIS R 230 -83.13 1.15 -45.09
N LYS R 231 -82.32 1.21 -44.04
CA LYS R 231 -80.87 1.06 -44.19
C LYS R 231 -80.47 -0.22 -44.93
N PRO R 232 -81.08 -1.39 -44.67
CA PRO R 232 -80.61 -2.61 -45.35
C PRO R 232 -80.57 -2.50 -46.86
N SER R 233 -81.59 -1.91 -47.47
CA SER R 233 -81.61 -1.68 -48.90
C SER R 233 -81.03 -0.32 -49.28
N ASN R 234 -80.64 0.49 -48.29
CA ASN R 234 -80.13 1.84 -48.53
C ASN R 234 -81.20 2.73 -49.18
N THR R 235 -82.46 2.52 -48.78
CA THR R 235 -83.58 3.31 -49.28
C THR R 235 -83.96 4.38 -48.28
N LYS R 236 -84.40 5.53 -48.80
CA LYS R 236 -84.79 6.65 -47.95
C LYS R 236 -85.75 7.52 -48.74
N VAL R 237 -86.99 7.63 -48.26
CA VAL R 237 -88.06 8.31 -49.00
C VAL R 237 -88.70 9.36 -48.09
N ASP R 238 -89.16 10.44 -48.71
CA ASP R 238 -89.88 11.51 -48.03
C ASP R 238 -91.16 11.77 -48.82
N LYS R 239 -92.29 11.32 -48.29
CA LYS R 239 -93.57 11.37 -48.98
C LYS R 239 -94.49 12.38 -48.31
N LYS R 240 -95.04 13.30 -49.10
CA LYS R 240 -96.02 14.25 -48.59
C LYS R 240 -97.40 13.61 -48.51
N VAL R 241 -98.20 14.09 -47.57
CA VAL R 241 -99.54 13.56 -47.32
C VAL R 241 -100.53 14.71 -47.39
N GLU R 242 -101.53 14.57 -48.26
CA GLU R 242 -102.53 15.61 -48.45
C GLU R 242 -103.89 15.00 -48.82
N SER S 30 1.45 20.05 12.50
CA SER S 30 2.53 20.14 11.53
C SER S 30 2.49 18.93 10.58
N VAL S 31 3.34 18.96 9.54
CA VAL S 31 3.27 18.01 8.44
C VAL S 31 4.67 17.64 7.98
N LEU S 32 4.78 16.45 7.40
CA LEU S 32 6.01 15.98 6.75
C LEU S 32 5.75 15.80 5.26
N THR S 33 6.73 16.19 4.45
CA THR S 33 6.55 16.25 3.00
C THR S 33 7.00 14.94 2.36
N GLN S 34 6.08 14.31 1.63
CA GLN S 34 6.34 13.14 0.80
C GLN S 34 6.01 13.46 -0.65
N PRO S 35 6.67 12.79 -1.61
CA PRO S 35 6.26 12.94 -3.02
C PRO S 35 4.93 12.27 -3.26
N PRO S 36 4.00 12.90 -3.98
CA PRO S 36 2.67 12.30 -4.12
C PRO S 36 2.70 10.93 -4.78
N SER S 37 3.57 10.74 -5.77
CA SER S 37 3.58 9.53 -6.57
C SER S 37 4.99 9.20 -7.01
N VAL S 38 5.39 7.95 -6.78
CA VAL S 38 6.57 7.37 -7.41
C VAL S 38 6.12 6.11 -8.14
N SER S 39 6.97 5.62 -9.04
CA SER S 39 6.59 4.47 -9.85
C SER S 39 7.84 3.76 -10.34
N GLY S 40 7.62 2.59 -10.91
CA GLY S 40 8.70 1.78 -11.44
C GLY S 40 8.16 0.42 -11.85
N ALA S 41 9.00 -0.31 -12.56
CA ALA S 41 8.65 -1.64 -13.02
C ALA S 41 9.05 -2.69 -12.00
N PRO S 42 8.43 -3.87 -12.04
CA PRO S 42 8.78 -4.93 -11.08
C PRO S 42 10.26 -5.28 -11.15
N GLY S 43 10.86 -5.46 -9.98
CA GLY S 43 12.26 -5.78 -9.87
C GLY S 43 13.19 -4.59 -9.73
N GLN S 44 12.71 -3.39 -10.06
CA GLN S 44 13.54 -2.20 -9.99
C GLN S 44 13.65 -1.73 -8.54
N ARG S 45 14.20 -0.53 -8.37
CA ARG S 45 14.36 0.10 -7.07
C ARG S 45 13.69 1.47 -7.09
N VAL S 46 13.13 1.86 -5.94
CA VAL S 46 12.47 3.16 -5.80
C VAL S 46 12.68 3.65 -4.38
N THR S 47 12.89 4.97 -4.25
CA THR S 47 13.08 5.62 -2.96
C THR S 47 11.96 6.62 -2.74
N ILE S 48 11.50 6.70 -1.50
CA ILE S 48 10.46 7.64 -1.10
C ILE S 48 11.04 8.58 -0.06
N SER S 49 10.99 9.87 -0.34
CA SER S 49 11.61 10.87 0.52
C SER S 49 10.61 11.42 1.54
N CYS S 50 11.09 11.62 2.76
CA CYS S 50 10.30 12.23 3.83
C CYS S 50 11.14 13.37 4.40
N SER S 51 10.76 14.61 4.07
CA SER S 51 11.51 15.79 4.49
C SER S 51 10.84 16.48 5.67
N GLY S 52 11.64 17.15 6.48
CA GLY S 52 11.15 17.87 7.63
C GLY S 52 12.11 18.96 8.03
N SER S 53 12.29 19.18 9.33
CA SER S 53 13.16 20.24 9.82
C SER S 53 14.00 19.69 10.97
N ARG S 54 14.67 20.60 11.67
CA ARG S 54 15.50 20.21 12.81
C ARG S 54 14.64 19.86 14.01
N SER S 55 13.53 20.57 14.19
CA SER S 55 12.68 20.34 15.35
C SER S 55 12.18 18.90 15.42
N ASN S 56 11.81 18.33 14.27
CA ASN S 56 11.16 17.02 14.23
C ASN S 56 12.11 15.92 13.77
N ILE S 57 12.36 15.84 12.47
CA ILE S 57 13.17 14.75 11.93
C ILE S 57 14.61 14.87 12.41
N GLY S 58 15.15 16.09 12.48
CA GLY S 58 16.50 16.29 12.97
C GLY S 58 16.70 15.95 14.42
N SER S 59 15.62 15.68 15.16
CA SER S 59 15.69 15.40 16.59
C SER S 59 14.99 14.12 17.00
N ASN S 60 14.22 13.48 16.12
CA ASN S 60 13.43 12.31 16.47
C ASN S 60 13.63 11.24 15.40
N THR S 61 12.98 10.08 15.61
CA THR S 61 13.09 8.95 14.70
C THR S 61 12.03 9.05 13.60
N VAL S 62 11.90 7.99 12.81
CA VAL S 62 10.96 7.96 11.69
C VAL S 62 10.40 6.55 11.55
N LYS S 63 9.08 6.45 11.43
CA LYS S 63 8.37 5.22 11.14
C LYS S 63 7.85 5.24 9.71
N TRP S 64 7.60 4.05 9.18
CA TRP S 64 7.09 3.88 7.83
C TRP S 64 5.95 2.89 7.85
N TYR S 65 4.82 3.27 7.25
CA TYR S 65 3.62 2.45 7.25
C TYR S 65 3.27 2.01 5.82
N GLN S 66 2.47 0.96 5.73
CA GLN S 66 1.98 0.44 4.46
C GLN S 66 0.46 0.31 4.54
N GLN S 67 -0.25 1.18 3.82
CA GLN S 67 -1.71 1.17 3.78
C GLN S 67 -2.15 0.67 2.41
N LEU S 68 -2.70 -0.55 2.37
CA LEU S 68 -3.25 -1.12 1.14
C LEU S 68 -4.69 -0.66 0.95
N PRO S 69 -5.16 -0.56 -0.28
CA PRO S 69 -6.53 -0.10 -0.51
C PRO S 69 -7.54 -0.99 0.19
N GLY S 70 -8.29 -0.41 1.13
CA GLY S 70 -9.30 -1.13 1.85
C GLY S 70 -8.86 -1.71 3.19
N THR S 71 -7.68 -1.33 3.68
CA THR S 71 -7.22 -1.77 4.99
C THR S 71 -6.57 -0.60 5.72
N ALA S 72 -6.10 -0.87 6.93
CA ALA S 72 -5.43 0.11 7.75
C ALA S 72 -3.93 0.06 7.49
N PRO S 73 -3.19 1.06 7.95
CA PRO S 73 -1.73 1.04 7.78
C PRO S 73 -1.08 -0.12 8.54
N LYS S 74 0.02 -0.60 7.98
CA LYS S 74 0.84 -1.65 8.60
C LYS S 74 2.22 -1.09 8.89
N LEU S 75 2.79 -1.47 10.03
CA LEU S 75 4.11 -0.98 10.38
C LEU S 75 5.16 -1.68 9.54
N LEU S 76 5.91 -0.91 8.76
CA LEU S 76 7.03 -1.42 7.98
C LEU S 76 8.36 -1.22 8.68
N ILE S 77 8.68 0.02 9.04
CA ILE S 77 9.98 0.34 9.63
C ILE S 77 9.77 1.19 10.88
N TYR S 78 10.59 0.93 11.90
CA TYR S 78 10.61 1.72 13.11
C TYR S 78 12.05 2.06 13.46
N TYR S 79 12.22 3.17 14.17
CA TYR S 79 13.54 3.70 14.51
C TYR S 79 14.42 3.75 13.26
N ASN S 80 13.84 4.32 12.19
CA ASN S 80 14.59 4.68 11.00
C ASN S 80 14.89 3.50 10.08
N ASP S 81 15.40 2.40 10.63
CA ASP S 81 15.88 1.30 9.79
C ASP S 81 15.54 -0.09 10.33
N GLN S 82 14.93 -0.21 11.49
CA GLN S 82 14.63 -1.52 12.06
C GLN S 82 13.42 -2.16 11.37
N ARG S 83 13.47 -3.47 11.20
CA ARG S 83 12.41 -4.22 10.52
C ARG S 83 11.69 -5.13 11.51
N PRO S 84 10.36 -5.04 11.65
CA PRO S 84 9.65 -5.98 12.52
C PRO S 84 9.68 -7.39 11.94
N SER S 85 9.09 -8.34 12.66
CA SER S 85 8.92 -9.67 12.11
C SER S 85 7.80 -9.64 11.07
N GLY S 86 7.95 -10.45 10.03
CA GLY S 86 6.96 -10.52 8.98
C GLY S 86 7.10 -9.47 7.90
N VAL S 87 8.07 -8.58 8.01
CA VAL S 87 8.35 -7.58 6.98
C VAL S 87 9.54 -8.06 6.16
N PRO S 88 9.44 -8.10 4.83
CA PRO S 88 10.59 -8.55 4.03
C PRO S 88 11.78 -7.62 4.18
N ASP S 89 12.95 -8.15 3.83
CA ASP S 89 14.19 -7.38 3.96
C ASP S 89 14.39 -6.38 2.82
N ARG S 90 13.58 -6.45 1.76
CA ARG S 90 13.72 -5.47 0.68
C ARG S 90 13.24 -4.10 1.09
N PHE S 91 12.38 -4.01 2.09
CA PHE S 91 11.98 -2.73 2.67
C PHE S 91 13.09 -2.27 3.61
N SER S 92 13.91 -1.33 3.15
CA SER S 92 14.98 -0.77 3.96
C SER S 92 14.80 0.73 4.07
N GLY S 93 15.02 1.26 5.27
CA GLY S 93 14.92 2.67 5.54
C GLY S 93 16.28 3.29 5.83
N SER S 94 16.25 4.59 6.08
CA SER S 94 17.46 5.36 6.32
C SER S 94 17.07 6.78 6.70
N LYS S 95 17.98 7.46 7.39
CA LYS S 95 17.75 8.83 7.84
C LYS S 95 19.05 9.60 7.79
N SER S 96 18.95 10.85 7.34
CA SER S 96 20.08 11.78 7.32
C SER S 96 19.57 13.17 7.66
N GLY S 97 20.07 13.74 8.75
CA GLY S 97 19.68 15.07 9.16
C GLY S 97 18.17 15.27 9.18
N THR S 98 17.66 16.12 8.28
CA THR S 98 16.26 16.50 8.26
C THR S 98 15.45 15.73 7.21
N SER S 99 15.98 14.64 6.67
CA SER S 99 15.30 13.87 5.64
C SER S 99 15.48 12.38 5.92
N ALA S 100 14.47 11.60 5.54
CA ALA S 100 14.53 10.15 5.61
C ALA S 100 14.03 9.57 4.30
N SER S 101 14.38 8.31 4.06
CA SER S 101 14.09 7.67 2.78
C SER S 101 13.73 6.20 3.01
N LEU S 102 12.70 5.74 2.30
CA LEU S 102 12.31 4.34 2.29
C LEU S 102 12.67 3.73 0.94
N ALA S 103 13.46 2.66 0.97
CA ALA S 103 13.93 2.01 -0.24
C ALA S 103 13.25 0.66 -0.39
N ILE S 104 12.75 0.39 -1.59
CA ILE S 104 12.14 -0.90 -1.93
C ILE S 104 12.96 -1.49 -3.06
N THR S 105 13.74 -2.53 -2.74
CA THR S 105 14.65 -3.16 -3.69
C THR S 105 13.98 -4.39 -4.27
N GLY S 106 13.65 -4.33 -5.56
CA GLY S 106 12.97 -5.44 -6.20
C GLY S 106 11.47 -5.38 -6.00
N LEU S 107 10.79 -4.62 -6.84
CA LEU S 107 9.38 -4.38 -6.66
C LEU S 107 8.57 -5.65 -6.91
N GLN S 108 7.29 -5.58 -6.54
CA GLN S 108 6.31 -6.61 -6.83
C GLN S 108 4.94 -5.95 -6.96
N ALA S 109 3.99 -6.69 -7.51
CA ALA S 109 2.65 -6.14 -7.66
C ALA S 109 2.01 -5.88 -6.30
N GLU S 110 2.31 -6.73 -5.31
CA GLU S 110 1.73 -6.58 -3.98
C GLU S 110 2.27 -5.35 -3.26
N ASP S 111 3.40 -4.80 -3.70
CA ASP S 111 3.96 -3.58 -3.12
C ASP S 111 3.29 -2.31 -3.67
N GLU S 112 2.24 -2.47 -4.47
CA GLU S 112 1.52 -1.34 -5.07
C GLU S 112 0.50 -0.83 -4.06
N ALA S 113 0.86 0.20 -3.30
CA ALA S 113 0.02 0.69 -2.21
C ALA S 113 0.44 2.12 -1.85
N ASP S 114 -0.12 2.64 -0.77
CA ASP S 114 0.22 3.96 -0.23
C ASP S 114 1.15 3.84 0.96
N TYR S 115 2.11 4.76 1.05
CA TYR S 115 3.16 4.71 2.07
C TYR S 115 3.23 6.05 2.79
N TYR S 116 3.29 6.00 4.13
CA TYR S 116 3.31 7.18 4.97
C TYR S 116 4.50 7.12 5.93
N CYS S 117 5.11 8.29 6.18
CA CYS S 117 6.15 8.43 7.18
C CYS S 117 5.60 9.19 8.39
N GLN S 118 6.09 8.83 9.57
CA GLN S 118 5.61 9.39 10.81
C GLN S 118 6.80 9.73 11.71
N SER S 119 6.65 10.81 12.48
CA SER S 119 7.66 11.22 13.44
C SER S 119 7.02 12.23 14.39
N TYR S 120 7.78 12.63 15.41
CA TYR S 120 7.33 13.52 16.47
C TYR S 120 8.00 14.89 16.34
N ASP S 121 7.61 15.78 17.24
CA ASP S 121 8.17 17.13 17.31
C ASP S 121 8.55 17.42 18.74
N ARG S 122 9.73 18.03 18.93
CA ARG S 122 10.22 18.30 20.28
C ARG S 122 9.24 19.15 21.08
N TYR S 123 8.47 20.02 20.41
CA TYR S 123 7.51 20.88 21.11
C TYR S 123 6.21 20.13 21.35
N THR S 124 5.55 19.68 20.28
CA THR S 124 4.33 18.88 20.38
C THR S 124 4.72 17.41 20.50
N HIS S 125 5.17 17.05 21.71
CA HIS S 125 5.88 15.79 21.93
C HIS S 125 5.06 14.59 21.51
N PRO S 126 3.93 14.29 22.18
CA PRO S 126 3.21 13.04 21.86
C PRO S 126 2.41 13.09 20.57
N ALA S 127 2.28 14.27 19.95
CA ALA S 127 1.53 14.40 18.73
C ALA S 127 2.26 13.74 17.57
N LEU S 128 1.49 13.17 16.65
CA LEU S 128 2.03 12.44 15.51
C LEU S 128 2.06 13.36 14.30
N LEU S 129 3.22 13.45 13.65
CA LEU S 129 3.37 14.16 12.39
C LEU S 129 3.43 13.12 11.28
N PHE S 130 2.34 13.00 10.52
CA PHE S 130 2.29 12.09 9.39
C PHE S 130 2.73 12.80 8.11
N GLY S 131 3.23 12.00 7.17
CA GLY S 131 3.60 12.55 5.87
C GLY S 131 2.39 12.72 4.96
N THR S 132 2.59 13.49 3.89
CA THR S 132 1.50 13.70 2.92
C THR S 132 1.12 12.42 2.18
N GLY S 133 1.84 11.33 2.39
CA GLY S 133 1.52 10.06 1.76
C GLY S 133 2.05 9.97 0.34
N THR S 134 2.43 8.76 -0.08
CA THR S 134 2.98 8.51 -1.40
C THR S 134 2.25 7.32 -2.02
N LYS S 135 1.79 7.49 -3.24
CA LYS S 135 1.13 6.41 -3.99
C LYS S 135 2.17 5.71 -4.86
N VAL S 136 2.53 4.49 -4.49
CA VAL S 136 3.42 3.68 -5.30
C VAL S 136 2.61 3.02 -6.41
N THR S 137 3.06 3.18 -7.65
CA THR S 137 2.39 2.60 -8.81
C THR S 137 3.35 1.64 -9.49
N VAL S 138 2.87 0.43 -9.76
CA VAL S 138 3.64 -0.56 -10.50
C VAL S 138 3.46 -0.32 -11.99
N LEU S 139 4.50 -0.63 -12.76
CA LEU S 139 4.47 -0.51 -14.22
C LEU S 139 5.08 -1.78 -14.79
N GLY S 140 4.27 -2.83 -14.87
CA GLY S 140 4.70 -4.10 -15.44
C GLY S 140 3.59 -4.85 -16.15
N GLN S 141 2.35 -4.37 -16.02
CA GLN S 141 1.23 -5.01 -16.67
C GLN S 141 1.28 -4.76 -18.18
N PRO S 142 0.52 -5.55 -18.95
CA PRO S 142 0.44 -5.30 -20.40
C PRO S 142 -0.59 -4.21 -20.72
N LYS S 143 -1.22 -4.28 -21.89
CA LYS S 143 -2.19 -3.28 -22.31
C LYS S 143 -3.39 -4.03 -22.89
N ALA S 144 -4.45 -4.14 -22.09
CA ALA S 144 -5.64 -4.91 -22.46
C ALA S 144 -6.79 -3.98 -22.83
N ALA S 145 -7.79 -4.55 -23.48
CA ALA S 145 -8.96 -3.83 -23.94
C ALA S 145 -10.12 -4.04 -22.99
N PRO S 146 -11.13 -3.16 -23.02
CA PRO S 146 -12.24 -3.28 -22.08
C PRO S 146 -13.28 -4.30 -22.51
N SER S 147 -13.94 -4.88 -21.50
CA SER S 147 -15.09 -5.75 -21.70
C SER S 147 -16.33 -4.91 -21.42
N VAL S 148 -16.89 -4.34 -22.49
CA VAL S 148 -18.06 -3.47 -22.37
C VAL S 148 -19.32 -4.32 -22.28
N THR S 149 -20.27 -3.87 -21.47
CA THR S 149 -21.56 -4.53 -21.33
C THR S 149 -22.60 -3.45 -21.05
N LEU S 150 -23.66 -3.43 -21.87
CA LEU S 150 -24.68 -2.40 -21.80
C LEU S 150 -26.03 -3.05 -21.52
N PHE S 151 -26.78 -2.49 -20.56
CA PHE S 151 -28.10 -2.99 -20.20
C PHE S 151 -29.16 -1.92 -20.47
N PRO S 152 -30.38 -2.31 -20.79
CA PRO S 152 -31.45 -1.33 -20.98
C PRO S 152 -32.12 -1.01 -19.66
N PRO S 153 -33.08 -0.08 -19.66
CA PRO S 153 -33.85 0.17 -18.43
C PRO S 153 -34.79 -0.98 -18.15
N SER S 154 -34.80 -1.44 -16.90
CA SER S 154 -35.66 -2.54 -16.53
C SER S 154 -37.13 -2.12 -16.61
N SER S 155 -38.00 -3.12 -16.80
CA SER S 155 -39.44 -2.85 -16.83
C SER S 155 -39.95 -2.35 -15.49
N GLU S 156 -39.33 -2.79 -14.39
CA GLU S 156 -39.72 -2.29 -13.08
C GLU S 156 -39.33 -0.82 -12.91
N GLU S 157 -38.23 -0.40 -13.52
CA GLU S 157 -37.80 1.00 -13.41
C GLU S 157 -38.74 1.92 -14.19
N LEU S 158 -39.15 1.49 -15.39
CA LEU S 158 -40.01 2.33 -16.22
C LEU S 158 -41.39 2.51 -15.59
N GLN S 159 -41.89 1.50 -14.88
CA GLN S 159 -43.15 1.65 -14.17
C GLN S 159 -43.10 2.82 -13.19
N ALA S 160 -41.91 3.17 -12.71
CA ALA S 160 -41.72 4.32 -11.83
C ALA S 160 -41.47 5.61 -12.60
N ASN S 161 -41.71 5.62 -13.91
CA ASN S 161 -41.53 6.81 -14.75
C ASN S 161 -40.10 7.32 -14.65
N LYS S 162 -39.14 6.40 -14.77
CA LYS S 162 -37.72 6.75 -14.79
C LYS S 162 -36.98 5.69 -15.59
N ALA S 163 -35.81 6.06 -16.08
CA ALA S 163 -35.03 5.17 -16.93
C ALA S 163 -33.55 5.45 -16.74
N THR S 164 -32.74 4.39 -16.78
CA THR S 164 -31.30 4.50 -16.64
C THR S 164 -30.64 3.44 -17.50
N LEU S 165 -29.69 3.87 -18.33
CA LEU S 165 -28.87 2.95 -19.12
C LEU S 165 -27.54 2.76 -18.41
N VAL S 166 -27.11 1.51 -18.29
CA VAL S 166 -25.92 1.14 -17.53
C VAL S 166 -24.90 0.57 -18.50
N CYS S 167 -23.82 1.31 -18.72
CA CYS S 167 -22.72 0.88 -19.57
C CYS S 167 -21.53 0.51 -18.67
N LEU S 168 -21.28 -0.78 -18.53
CA LEU S 168 -20.25 -1.29 -17.64
C LEU S 168 -18.98 -1.61 -18.42
N ILE S 169 -17.84 -1.41 -17.76
CA ILE S 169 -16.53 -1.53 -18.39
C ILE S 169 -15.60 -2.22 -17.40
N SER S 170 -15.02 -3.35 -17.80
CA SER S 170 -14.23 -4.16 -16.89
C SER S 170 -13.01 -4.72 -17.60
N ASP S 171 -12.05 -5.18 -16.80
CA ASP S 171 -10.85 -5.85 -17.30
C ASP S 171 -10.16 -5.06 -18.39
N PHE S 172 -9.35 -4.08 -18.03
CA PHE S 172 -8.59 -3.32 -19.02
C PHE S 172 -7.47 -2.56 -18.33
N TYR S 173 -6.46 -2.20 -19.12
CA TYR S 173 -5.29 -1.46 -18.69
C TYR S 173 -4.89 -0.54 -19.84
N PRO S 174 -4.56 0.73 -19.57
CA PRO S 174 -4.50 1.39 -18.26
C PRO S 174 -5.84 1.94 -17.79
N GLY S 175 -5.86 2.51 -16.59
CA GLY S 175 -7.07 3.06 -16.02
C GLY S 175 -7.36 4.47 -16.49
N ALA S 176 -7.73 4.62 -17.77
CA ALA S 176 -8.01 5.93 -18.33
C ALA S 176 -8.78 5.72 -19.63
N VAL S 177 -10.04 6.16 -19.66
CA VAL S 177 -10.91 5.97 -20.81
C VAL S 177 -11.80 7.20 -20.97
N THR S 178 -12.60 7.19 -22.03
CA THR S 178 -13.58 8.24 -22.31
C THR S 178 -14.84 7.60 -22.87
N VAL S 179 -15.98 7.93 -22.28
CA VAL S 179 -17.27 7.38 -22.69
C VAL S 179 -18.04 8.43 -23.46
N ALA S 180 -18.82 7.97 -24.43
CA ALA S 180 -19.62 8.87 -25.26
C ALA S 180 -20.96 8.20 -25.53
N TRP S 181 -22.04 8.89 -25.18
CA TRP S 181 -23.38 8.36 -25.40
C TRP S 181 -23.98 9.00 -26.64
N LYS S 182 -24.75 8.20 -27.39
CA LYS S 182 -25.36 8.63 -28.64
C LYS S 182 -26.82 8.19 -28.67
N ALA S 183 -27.72 9.15 -28.89
CA ALA S 183 -29.14 8.86 -29.08
C ALA S 183 -29.36 8.53 -30.56
N ASP S 184 -29.68 7.27 -30.85
CA ASP S 184 -29.64 6.77 -32.21
C ASP S 184 -28.28 7.12 -32.82
N SER S 185 -28.24 8.11 -33.71
CA SER S 185 -27.01 8.53 -34.36
C SER S 185 -26.51 9.88 -33.88
N SER S 186 -27.34 10.67 -33.18
CA SER S 186 -26.93 11.98 -32.69
C SER S 186 -26.43 11.89 -31.26
N PRO S 187 -25.57 12.80 -30.82
CA PRO S 187 -24.90 12.63 -29.53
C PRO S 187 -25.77 13.03 -28.36
N VAL S 188 -25.44 12.47 -27.20
CA VAL S 188 -25.96 12.95 -25.93
C VAL S 188 -24.83 12.93 -24.92
N LYS S 189 -24.63 14.06 -24.23
CA LYS S 189 -23.67 14.19 -23.14
C LYS S 189 -24.34 14.85 -21.94
N ALA S 190 -25.67 14.82 -21.88
CA ALA S 190 -26.47 15.46 -20.85
C ALA S 190 -27.05 14.39 -19.93
N GLY S 191 -27.06 14.69 -18.63
CA GLY S 191 -27.51 13.70 -17.66
C GLY S 191 -26.68 12.43 -17.68
N VAL S 192 -25.37 12.58 -17.81
CA VAL S 192 -24.44 11.45 -17.81
C VAL S 192 -23.66 11.50 -16.51
N GLU S 193 -23.43 10.33 -15.92
CA GLU S 193 -22.66 10.25 -14.68
C GLU S 193 -21.78 9.01 -14.74
N THR S 194 -20.48 9.22 -14.51
CA THR S 194 -19.47 8.18 -14.70
C THR S 194 -18.46 8.24 -13.57
N THR S 195 -17.90 7.08 -13.23
CA THR S 195 -16.92 6.99 -12.16
C THR S 195 -15.53 7.27 -12.72
N THR S 196 -14.53 7.13 -11.85
CA THR S 196 -13.13 7.14 -12.24
C THR S 196 -12.59 5.72 -12.25
N PRO S 197 -11.75 5.36 -13.21
CA PRO S 197 -11.22 3.99 -13.26
C PRO S 197 -10.62 3.57 -11.92
N SER S 198 -11.03 2.39 -11.46
CA SER S 198 -10.52 1.82 -10.22
C SER S 198 -10.02 0.41 -10.47
N LYS S 199 -9.02 0.00 -9.70
CA LYS S 199 -8.39 -1.30 -9.91
C LYS S 199 -9.22 -2.41 -9.29
N GLN S 200 -9.18 -3.57 -9.93
CA GLN S 200 -9.90 -4.75 -9.46
C GLN S 200 -8.98 -5.60 -8.59
N SER S 201 -9.47 -6.79 -8.19
CA SER S 201 -8.63 -7.72 -7.45
C SER S 201 -7.48 -8.23 -8.31
N ASN S 202 -7.70 -8.36 -9.63
CA ASN S 202 -6.70 -8.84 -10.56
C ASN S 202 -5.80 -7.73 -11.12
N ASN S 203 -5.76 -6.58 -10.44
CA ASN S 203 -4.93 -5.44 -10.82
C ASN S 203 -5.30 -4.84 -12.17
N LYS S 204 -6.44 -5.22 -12.73
CA LYS S 204 -6.99 -4.56 -13.91
C LYS S 204 -8.03 -3.52 -13.48
N TYR S 205 -8.30 -2.59 -14.39
CA TYR S 205 -9.17 -1.46 -14.07
C TYR S 205 -10.62 -1.75 -14.44
N ALA S 206 -11.53 -1.02 -13.82
CA ALA S 206 -12.95 -1.17 -14.05
C ALA S 206 -13.63 0.17 -13.80
N ALA S 207 -14.79 0.36 -14.42
CA ALA S 207 -15.52 1.62 -14.32
C ALA S 207 -16.94 1.40 -14.82
N SER S 208 -17.77 2.43 -14.69
CA SER S 208 -19.19 2.33 -15.00
C SER S 208 -19.71 3.72 -15.33
N SER S 209 -20.68 3.76 -16.25
CA SER S 209 -21.33 5.01 -16.65
C SER S 209 -22.84 4.82 -16.58
N TYR S 210 -23.54 5.88 -16.20
CA TYR S 210 -24.99 5.84 -16.04
C TYR S 210 -25.60 7.04 -16.73
N LEU S 211 -26.52 6.78 -17.66
CA LEU S 211 -27.20 7.82 -18.43
C LEU S 211 -28.66 7.85 -17.98
N SER S 212 -29.01 8.86 -17.20
CA SER S 212 -30.38 8.99 -16.72
C SER S 212 -31.25 9.65 -17.80
N LEU S 213 -32.35 9.00 -18.14
CA LEU S 213 -33.26 9.46 -19.19
C LEU S 213 -34.71 9.40 -18.67
N THR S 214 -35.63 9.82 -19.53
CA THR S 214 -37.06 9.72 -19.24
C THR S 214 -37.66 8.54 -20.01
N PRO S 215 -38.77 7.99 -19.53
CA PRO S 215 -39.38 6.86 -20.24
C PRO S 215 -39.81 7.21 -21.66
N GLU S 216 -40.20 8.46 -21.92
CA GLU S 216 -40.70 8.81 -23.24
C GLU S 216 -39.58 8.94 -24.26
N GLN S 217 -38.49 9.63 -23.89
CA GLN S 217 -37.38 9.80 -24.83
C GLN S 217 -36.63 8.50 -25.06
N TRP S 218 -36.72 7.54 -24.13
CA TRP S 218 -36.15 6.22 -24.36
C TRP S 218 -36.98 5.42 -25.35
N LYS S 219 -38.30 5.61 -25.34
CA LYS S 219 -39.16 4.95 -26.32
C LYS S 219 -39.17 5.67 -27.65
N SER S 220 -38.99 7.00 -27.64
CA SER S 220 -38.96 7.79 -28.86
C SER S 220 -37.81 7.33 -29.76
N HIS S 221 -36.58 7.65 -29.36
CA HIS S 221 -35.42 7.23 -30.13
C HIS S 221 -35.33 5.70 -30.15
N ARG S 222 -34.94 5.15 -31.30
CA ARG S 222 -34.99 3.71 -31.52
C ARG S 222 -33.78 2.97 -30.97
N SER S 223 -32.75 3.67 -30.51
CA SER S 223 -31.57 2.99 -29.98
C SER S 223 -30.68 4.00 -29.27
N TYR S 224 -29.84 3.47 -28.38
CA TYR S 224 -28.77 4.23 -27.75
C TYR S 224 -27.49 3.40 -27.79
N SER S 225 -26.36 4.07 -27.76
CA SER S 225 -25.08 3.42 -27.93
C SER S 225 -24.09 3.96 -26.92
N CYS S 226 -23.24 3.08 -26.40
CA CYS S 226 -22.18 3.45 -25.46
C CYS S 226 -20.84 3.22 -26.16
N GLN S 227 -20.18 4.30 -26.54
CA GLN S 227 -18.88 4.24 -27.22
C GLN S 227 -17.77 4.45 -26.18
N VAL S 228 -16.99 3.41 -25.93
CA VAL S 228 -15.92 3.44 -24.94
C VAL S 228 -14.60 3.48 -25.69
N THR S 229 -13.91 4.61 -25.64
CA THR S 229 -12.61 4.77 -26.28
C THR S 229 -11.51 4.60 -25.24
N HIS S 230 -10.56 3.72 -25.54
CA HIS S 230 -9.48 3.38 -24.61
C HIS S 230 -8.22 3.17 -25.45
N GLU S 231 -7.32 4.14 -25.41
CA GLU S 231 -6.13 4.12 -26.26
C GLU S 231 -6.52 4.11 -27.74
N GLY S 232 -7.53 4.91 -28.09
CA GLY S 232 -8.01 4.99 -29.45
C GLY S 232 -8.88 3.82 -29.90
N SER S 233 -8.95 2.75 -29.11
CA SER S 233 -9.77 1.58 -29.45
C SER S 233 -11.18 1.84 -28.93
N THR S 234 -12.08 2.25 -29.82
CA THR S 234 -13.46 2.50 -29.45
C THR S 234 -14.26 1.20 -29.55
N VAL S 235 -14.97 0.86 -28.48
CA VAL S 235 -15.85 -0.31 -28.44
C VAL S 235 -17.27 0.20 -28.24
N GLU S 236 -18.16 -0.17 -29.16
CA GLU S 236 -19.53 0.27 -29.12
C GLU S 236 -20.46 -0.89 -28.82
N LYS S 237 -21.48 -0.63 -28.01
CA LYS S 237 -22.51 -1.61 -27.68
C LYS S 237 -23.86 -0.91 -27.75
N THR S 238 -24.82 -1.54 -28.44
CA THR S 238 -26.10 -0.93 -28.70
C THR S 238 -27.23 -1.74 -28.06
N VAL S 239 -28.36 -1.07 -27.86
CA VAL S 239 -29.54 -1.69 -27.26
C VAL S 239 -30.77 -0.93 -27.75
N ALA S 240 -31.89 -1.64 -27.83
CA ALA S 240 -33.14 -1.07 -28.33
C ALA S 240 -34.28 -1.42 -27.39
N PRO S 241 -35.38 -0.65 -27.42
CA PRO S 241 -36.51 -0.93 -26.51
C PRO S 241 -37.34 -2.13 -26.97
N THR S 242 -36.77 -3.33 -26.86
CA THR S 242 -37.48 -4.55 -27.22
C THR S 242 -36.75 -5.75 -26.64
N GLU S 243 -37.53 -6.75 -26.22
CA GLU S 243 -36.96 -7.98 -25.66
C GLU S 243 -36.28 -8.81 -26.74
N GLN T 29 -1.21 -12.07 20.67
CA GLN T 29 -2.00 -11.72 19.46
C GLN T 29 -2.77 -10.42 19.65
N VAL T 30 -2.11 -9.30 19.38
CA VAL T 30 -2.74 -7.99 19.55
C VAL T 30 -3.91 -7.83 18.58
N GLN T 31 -4.87 -7.01 18.98
CA GLN T 31 -6.04 -6.77 18.16
C GLN T 31 -6.73 -5.50 18.66
N LEU T 32 -7.40 -4.81 17.73
CA LEU T 32 -8.17 -3.62 18.08
C LEU T 32 -9.46 -3.62 17.27
N VAL T 33 -10.56 -3.21 17.91
CA VAL T 33 -11.88 -3.27 17.32
C VAL T 33 -12.57 -1.95 17.60
N GLU T 34 -12.74 -1.12 16.56
CA GLU T 34 -13.45 0.13 16.70
C GLU T 34 -14.95 -0.06 16.47
N SER T 35 -15.73 0.85 17.04
CA SER T 35 -17.17 0.79 16.93
C SER T 35 -17.73 2.10 17.48
N GLY T 36 -19.01 2.34 17.21
CA GLY T 36 -19.67 3.57 17.59
C GLY T 36 -19.86 4.55 16.46
N GLY T 37 -19.38 4.25 15.27
CA GLY T 37 -19.51 5.16 14.16
C GLY T 37 -20.88 5.10 13.52
N GLY T 38 -21.06 5.91 12.49
CA GLY T 38 -22.31 5.97 11.76
C GLY T 38 -22.47 7.31 11.06
N VAL T 39 -23.72 7.70 10.88
CA VAL T 39 -24.05 8.98 10.27
C VAL T 39 -24.62 9.88 11.35
N VAL T 40 -24.54 11.20 11.10
CA VAL T 40 -25.08 12.18 12.03
C VAL T 40 -25.09 13.53 11.33
N GLN T 41 -25.97 14.42 11.77
CA GLN T 41 -26.02 15.77 11.25
C GLN T 41 -24.95 16.62 11.95
N PRO T 42 -24.68 17.81 11.44
CA PRO T 42 -23.72 18.69 12.11
C PRO T 42 -24.25 19.19 13.45
N GLY T 43 -23.31 19.48 14.35
CA GLY T 43 -23.64 20.00 15.66
C GLY T 43 -23.94 18.95 16.71
N ARG T 44 -24.31 17.75 16.29
CA ARG T 44 -24.67 16.69 17.23
C ARG T 44 -23.43 15.90 17.64
N SER T 45 -23.61 15.07 18.67
CA SER T 45 -22.51 14.36 19.30
C SER T 45 -22.48 12.91 18.84
N LEU T 46 -21.43 12.20 19.27
CA LEU T 46 -21.30 10.79 18.96
C LEU T 46 -20.13 10.21 19.75
N ARG T 47 -20.28 8.97 20.21
CA ARG T 47 -19.28 8.30 21.02
C ARG T 47 -18.72 7.10 20.26
N LEU T 48 -17.40 6.99 20.24
CA LEU T 48 -16.70 5.89 19.60
C LEU T 48 -16.08 4.99 20.66
N SER T 49 -15.79 3.75 20.27
CA SER T 49 -15.27 2.75 21.19
C SER T 49 -14.23 1.90 20.48
N CYS T 50 -13.12 1.64 21.17
CA CYS T 50 -12.07 0.76 20.67
C CYS T 50 -11.85 -0.32 21.71
N ALA T 51 -12.12 -1.56 21.34
CA ALA T 51 -11.94 -2.70 22.23
C ALA T 51 -10.55 -3.30 22.02
N ALA T 52 -9.74 -3.32 23.07
CA ALA T 52 -8.39 -3.83 23.00
C ALA T 52 -8.33 -5.25 23.56
N SER T 53 -7.30 -5.99 23.13
CA SER T 53 -7.19 -7.40 23.46
C SER T 53 -5.80 -7.90 23.12
N GLY T 54 -5.28 -8.81 23.94
CA GLY T 54 -4.03 -9.47 23.66
C GLY T 54 -2.80 -8.82 24.23
N PHE T 55 -2.93 -8.02 25.28
CA PHE T 55 -1.78 -7.39 25.93
C PHE T 55 -2.25 -6.75 27.23
N THR T 56 -1.34 -6.04 27.90
CA THR T 56 -1.63 -5.38 29.17
C THR T 56 -2.08 -3.95 28.86
N PHE T 57 -3.40 -3.77 28.72
CA PHE T 57 -3.90 -2.50 28.19
C PHE T 57 -3.59 -1.33 29.11
N SER T 58 -3.75 -1.51 30.41
CA SER T 58 -3.60 -0.41 31.36
C SER T 58 -2.18 0.13 31.44
N SER T 59 -1.20 -0.54 30.83
CA SER T 59 0.20 -0.19 30.97
C SER T 59 0.78 0.52 29.75
N TYR T 60 -0.06 0.91 28.79
CA TYR T 60 0.41 1.57 27.57
C TYR T 60 -0.53 2.72 27.23
N GLY T 61 -0.01 3.66 26.44
CA GLY T 61 -0.83 4.74 25.95
C GLY T 61 -1.59 4.35 24.69
N MET T 62 -2.47 5.25 24.24
CA MET T 62 -3.30 4.99 23.07
C MET T 62 -3.58 6.29 22.34
N HIS T 63 -3.74 6.20 21.03
CA HIS T 63 -3.95 7.35 20.16
C HIS T 63 -5.31 7.25 19.49
N TRP T 64 -5.63 8.27 18.71
CA TRP T 64 -6.78 8.26 17.82
C TRP T 64 -6.38 8.95 16.53
N VAL T 65 -6.37 8.18 15.43
CA VAL T 65 -6.03 8.68 14.11
C VAL T 65 -7.25 8.56 13.23
N ARG T 66 -7.39 9.50 12.28
CA ARG T 66 -8.50 9.51 11.36
C ARG T 66 -8.01 9.72 9.94
N GLN T 67 -8.72 9.15 8.97
CA GLN T 67 -8.38 9.27 7.56
C GLN T 67 -9.65 9.43 6.75
N ALA T 68 -9.79 10.59 6.10
CA ALA T 68 -10.92 10.78 5.21
C ALA T 68 -10.75 9.91 3.97
N PRO T 69 -11.85 9.60 3.28
CA PRO T 69 -11.75 8.67 2.13
C PRO T 69 -10.80 9.18 1.07
N GLY T 70 -9.81 8.35 0.72
CA GLY T 70 -8.85 8.69 -0.31
C GLY T 70 -7.87 9.78 0.06
N LYS T 71 -7.87 10.25 1.30
CA LYS T 71 -6.96 11.30 1.77
C LYS T 71 -5.90 10.68 2.68
N GLY T 72 -5.05 11.56 3.22
CA GLY T 72 -3.99 11.14 4.10
C GLY T 72 -4.44 11.01 5.54
N LEU T 73 -3.48 10.68 6.40
CA LEU T 73 -3.74 10.46 7.81
C LEU T 73 -3.65 11.76 8.60
N GLU T 74 -4.40 11.83 9.69
CA GLU T 74 -4.40 12.98 10.58
C GLU T 74 -4.53 12.48 12.01
N TRP T 75 -3.68 13.01 12.89
CA TRP T 75 -3.73 12.66 14.30
C TRP T 75 -4.81 13.47 15.01
N VAL T 76 -5.57 12.80 15.88
CA VAL T 76 -6.75 13.38 16.52
C VAL T 76 -6.49 13.67 18.00
N ALA T 77 -6.00 12.69 18.74
CA ALA T 77 -5.78 12.87 20.16
C ALA T 77 -5.00 11.69 20.71
N PHE T 78 -4.46 11.88 21.91
CA PHE T 78 -3.70 10.84 22.62
C PHE T 78 -4.01 10.91 24.11
N ILE T 79 -3.83 9.78 24.78
CA ILE T 79 -4.04 9.67 26.22
C ILE T 79 -2.99 8.72 26.79
N ARG T 80 -2.56 9.01 28.02
CA ARG T 80 -1.49 8.26 28.65
C ARG T 80 -2.01 6.90 29.14
N TYR T 81 -1.11 6.12 29.74
CA TYR T 81 -1.47 4.80 30.23
C TYR T 81 -2.48 4.88 31.36
N ASP T 82 -2.32 5.85 32.26
CA ASP T 82 -3.15 5.97 33.44
C ASP T 82 -4.33 6.90 33.24
N GLY T 83 -4.45 7.52 32.07
CA GLY T 83 -5.46 8.53 31.85
C GLY T 83 -5.16 9.87 32.50
N SER T 84 -3.96 10.04 33.05
CA SER T 84 -3.58 11.29 33.70
C SER T 84 -3.73 12.48 32.76
N ASN T 85 -2.85 12.59 31.76
CA ASN T 85 -2.85 13.69 30.82
C ASN T 85 -3.52 13.29 29.51
N LYS T 86 -4.29 14.20 28.93
CA LYS T 86 -4.91 14.02 27.63
C LYS T 86 -4.41 15.10 26.67
N TYR T 87 -4.18 14.71 25.42
CA TYR T 87 -3.68 15.62 24.39
C TYR T 87 -4.63 15.57 23.19
N TYR T 88 -4.88 16.73 22.60
CA TYR T 88 -5.76 16.84 21.44
C TYR T 88 -5.07 17.66 20.34
N ALA T 89 -5.58 17.52 19.12
CA ALA T 89 -5.12 18.31 18.00
C ALA T 89 -5.92 19.61 17.89
N ASP T 90 -5.27 20.66 17.41
CA ASP T 90 -5.86 21.99 17.41
C ASP T 90 -7.08 22.10 16.51
N SER T 91 -7.37 21.08 15.69
CA SER T 91 -8.57 21.07 14.88
C SER T 91 -9.78 20.49 15.60
N VAL T 92 -9.61 19.95 16.80
CA VAL T 92 -10.70 19.34 17.55
C VAL T 92 -10.60 19.71 19.03
N LYS T 93 -9.77 20.70 19.34
CA LYS T 93 -9.61 21.11 20.73
C LYS T 93 -10.91 21.74 21.22
N GLY T 94 -11.29 21.38 22.46
CA GLY T 94 -12.50 21.88 23.06
C GLY T 94 -13.77 21.24 22.56
N ARG T 95 -13.71 20.46 21.48
CA ARG T 95 -14.90 19.80 20.92
C ARG T 95 -14.94 18.32 21.28
N PHE T 96 -13.90 17.57 20.93
CA PHE T 96 -13.84 16.16 21.26
C PHE T 96 -13.44 15.97 22.71
N THR T 97 -13.42 14.71 23.15
CA THR T 97 -12.98 14.39 24.51
C THR T 97 -12.58 12.92 24.51
N ILE T 98 -11.35 12.64 24.87
CA ILE T 98 -10.85 11.26 24.91
C ILE T 98 -10.99 10.74 26.33
N SER T 99 -11.14 9.42 26.45
CA SER T 99 -11.27 8.79 27.76
C SER T 99 -11.03 7.30 27.58
N ARG T 100 -10.71 6.63 28.69
CA ARG T 100 -10.42 5.20 28.68
C ARG T 100 -10.87 4.58 29.99
N ASP T 101 -11.15 3.28 29.93
CA ASP T 101 -11.60 2.52 31.11
C ASP T 101 -10.81 1.20 31.14
N ASN T 102 -9.68 1.23 31.85
CA ASN T 102 -8.81 0.05 31.92
C ASN T 102 -9.50 -1.14 32.57
N SER T 103 -10.54 -0.89 33.37
CA SER T 103 -11.22 -2.00 34.06
C SER T 103 -12.02 -2.87 33.09
N LYS T 104 -12.29 -2.39 31.88
CA LYS T 104 -12.96 -3.17 30.85
C LYS T 104 -12.16 -3.25 29.55
N ASN T 105 -10.93 -2.71 29.54
CA ASN T 105 -10.05 -2.81 28.38
C ASN T 105 -10.71 -2.23 27.13
N THR T 106 -11.06 -0.96 27.23
CA THR T 106 -11.65 -0.26 26.09
C THR T 106 -11.11 1.16 26.05
N LEU T 107 -11.33 1.82 24.91
CA LEU T 107 -10.97 3.21 24.70
C LEU T 107 -12.14 3.93 24.09
N TYR T 108 -12.31 5.20 24.46
CA TYR T 108 -13.45 6.00 24.03
C TYR T 108 -12.96 7.29 23.37
N LEU T 109 -13.88 7.92 22.63
CA LEU T 109 -13.60 9.22 22.02
C LEU T 109 -14.94 9.94 21.83
N GLN T 110 -15.32 10.72 22.84
CA GLN T 110 -16.56 11.47 22.81
C GLN T 110 -16.39 12.66 21.86
N MET T 111 -17.12 12.65 20.76
CA MET T 111 -17.04 13.69 19.75
C MET T 111 -18.27 14.57 19.86
N ASN T 112 -18.06 15.81 20.31
CA ASN T 112 -19.14 16.79 20.45
C ASN T 112 -18.93 17.92 19.45
N SER T 113 -20.03 18.60 19.11
CA SER T 113 -20.02 19.69 18.15
C SER T 113 -19.31 19.25 16.86
N LEU T 114 -19.82 18.16 16.29
CA LEU T 114 -19.19 17.57 15.11
C LEU T 114 -19.40 18.46 13.89
N ARG T 115 -18.37 18.54 13.05
CA ARG T 115 -18.38 19.35 11.84
C ARG T 115 -18.25 18.45 10.62
N ALA T 116 -18.65 18.98 9.47
CA ALA T 116 -18.60 18.20 8.24
C ALA T 116 -17.17 17.73 7.95
N GLU T 117 -16.18 18.61 8.12
CA GLU T 117 -14.79 18.24 7.85
C GLU T 117 -14.28 17.12 8.75
N ASP T 118 -15.03 16.77 9.81
CA ASP T 118 -14.69 15.59 10.60
C ASP T 118 -15.10 14.29 9.92
N THR T 119 -15.77 14.36 8.77
CA THR T 119 -16.11 13.18 8.01
C THR T 119 -14.83 12.40 7.70
N ALA T 120 -14.76 11.16 8.17
CA ALA T 120 -13.59 10.33 7.91
C ALA T 120 -13.74 8.95 8.56
N VAL T 121 -12.71 8.12 8.42
CA VAL T 121 -12.59 6.88 9.17
C VAL T 121 -11.66 7.13 10.35
N TYR T 122 -11.97 6.54 11.49
CA TYR T 122 -11.24 6.79 12.73
C TYR T 122 -10.66 5.47 13.24
N TYR T 123 -9.34 5.42 13.38
CA TYR T 123 -8.64 4.27 13.92
C TYR T 123 -8.23 4.54 15.37
N CYS T 124 -7.85 3.46 16.07
CA CYS T 124 -7.16 3.56 17.35
C CYS T 124 -5.79 2.92 17.21
N LYS T 125 -4.76 3.64 17.67
CA LYS T 125 -3.38 3.23 17.50
C LYS T 125 -2.70 3.15 18.87
N THR T 126 -1.98 2.06 19.11
CA THR T 126 -1.21 1.95 20.34
C THR T 126 -0.01 2.90 20.27
N HIS T 127 0.49 3.27 21.45
CA HIS T 127 1.64 4.18 21.56
C HIS T 127 2.88 3.36 21.90
N GLY T 128 3.75 3.18 20.91
CA GLY T 128 4.95 2.40 21.13
C GLY T 128 5.67 2.18 19.81
N SER T 129 6.73 1.37 19.87
CA SER T 129 7.52 1.09 18.68
C SER T 129 6.76 0.17 17.74
N HIS T 130 6.32 -0.98 18.24
CA HIS T 130 5.59 -1.96 17.42
C HIS T 130 4.09 -1.77 17.61
N ASP T 131 3.60 -0.65 17.09
CA ASP T 131 2.21 -0.30 17.25
C ASP T 131 1.31 -1.18 16.36
N ASN T 132 0.05 -1.28 16.77
CA ASN T 132 -0.97 -2.03 16.05
C ASN T 132 -2.22 -1.19 15.88
N TRP T 133 -2.86 -1.35 14.73
CA TRP T 133 -4.02 -0.55 14.35
C TRP T 133 -5.27 -1.42 14.28
N GLY T 134 -6.43 -0.77 14.31
CA GLY T 134 -7.70 -1.44 14.17
C GLY T 134 -8.23 -1.35 12.74
N GLN T 135 -9.44 -1.87 12.56
CA GLN T 135 -10.05 -1.90 11.23
C GLN T 135 -10.54 -0.51 10.83
N GLY T 136 -11.19 0.19 11.75
CA GLY T 136 -11.71 1.52 11.50
C GLY T 136 -13.22 1.52 11.38
N THR T 137 -13.82 2.61 11.84
CA THR T 137 -15.27 2.80 11.77
C THR T 137 -15.56 4.12 11.08
N MET T 138 -16.46 4.10 10.10
CA MET T 138 -16.77 5.29 9.31
C MET T 138 -17.61 6.27 10.10
N VAL T 139 -17.34 7.56 9.90
CA VAL T 139 -18.09 8.64 10.52
C VAL T 139 -18.40 9.65 9.43
N THR T 140 -19.69 9.88 9.19
CA THR T 140 -20.13 10.73 8.10
C THR T 140 -21.02 11.83 8.66
N VAL T 141 -20.52 13.05 8.65
CA VAL T 141 -21.25 14.20 9.16
C VAL T 141 -21.81 14.95 7.95
N SER T 142 -23.14 14.90 7.77
CA SER T 142 -23.76 15.57 6.65
C SER T 142 -25.22 15.88 6.99
N SER T 143 -25.65 17.10 6.69
CA SER T 143 -27.05 17.46 6.88
C SER T 143 -27.97 16.59 6.05
N ALA T 144 -27.48 16.09 4.91
CA ALA T 144 -28.29 15.22 4.06
C ALA T 144 -28.70 13.97 4.82
N SER T 145 -29.99 13.63 4.72
CA SER T 145 -30.53 12.51 5.47
C SER T 145 -30.21 11.19 4.77
N THR T 146 -30.11 10.13 5.58
CA THR T 146 -29.85 8.80 5.04
C THR T 146 -30.93 8.40 4.06
N LYS T 147 -30.54 7.68 3.01
CA LYS T 147 -31.47 7.21 2.00
C LYS T 147 -31.11 5.80 1.59
N GLY T 148 -32.14 4.94 1.50
CA GLY T 148 -31.94 3.59 1.03
C GLY T 148 -31.91 3.54 -0.48
N PRO T 149 -31.33 2.49 -1.03
CA PRO T 149 -31.26 2.37 -2.50
C PRO T 149 -32.61 2.01 -3.09
N SER T 150 -32.65 2.04 -4.42
CA SER T 150 -33.78 1.55 -5.20
C SER T 150 -33.21 0.53 -6.18
N VAL T 151 -33.44 -0.75 -5.90
CA VAL T 151 -32.83 -1.84 -6.66
C VAL T 151 -33.68 -2.16 -7.87
N PHE T 152 -33.01 -2.55 -8.96
CA PHE T 152 -33.66 -2.94 -10.20
C PHE T 152 -32.85 -4.07 -10.84
N PRO T 153 -33.51 -5.04 -11.47
CA PRO T 153 -32.78 -6.13 -12.12
C PRO T 153 -32.27 -5.74 -13.50
N LEU T 154 -31.11 -6.32 -13.85
CA LEU T 154 -30.44 -6.08 -15.12
C LEU T 154 -30.44 -7.38 -15.92
N ALA T 155 -31.51 -7.61 -16.67
CA ALA T 155 -31.69 -8.88 -17.33
C ALA T 155 -30.75 -8.99 -18.53
N PRO T 156 -30.32 -10.21 -18.88
CA PRO T 156 -29.47 -10.39 -20.05
C PRO T 156 -30.26 -10.31 -21.35
N SER T 157 -29.53 -10.12 -22.44
CA SER T 157 -30.14 -10.02 -23.78
C SER T 157 -29.99 -11.30 -24.59
N THR T 165 -22.12 -16.95 -24.54
CA THR T 165 -22.12 -16.45 -23.17
C THR T 165 -23.14 -15.31 -23.02
N ALA T 166 -23.44 -14.99 -21.76
CA ALA T 166 -24.37 -13.91 -21.45
C ALA T 166 -24.08 -13.39 -20.06
N ALA T 167 -24.52 -12.15 -19.80
CA ALA T 167 -24.22 -11.47 -18.55
C ALA T 167 -25.46 -10.78 -18.03
N LEU T 168 -25.62 -10.78 -16.71
CA LEU T 168 -26.75 -10.17 -16.04
C LEU T 168 -26.24 -9.56 -14.74
N GLY T 169 -27.13 -8.85 -14.05
CA GLY T 169 -26.75 -8.23 -12.79
C GLY T 169 -27.89 -7.48 -12.15
N CYS T 170 -27.53 -6.65 -11.17
CA CYS T 170 -28.46 -5.80 -10.44
C CYS T 170 -27.99 -4.36 -10.49
N LEU T 171 -28.89 -3.45 -10.14
CA LEU T 171 -28.64 -2.01 -10.20
C LEU T 171 -29.03 -1.40 -8.86
N VAL T 172 -28.04 -0.92 -8.11
CA VAL T 172 -28.27 -0.24 -6.84
C VAL T 172 -28.19 1.25 -7.12
N LYS T 173 -29.33 1.92 -7.15
CA LYS T 173 -29.43 3.30 -7.62
C LYS T 173 -29.88 4.21 -6.49
N ASP T 174 -29.37 5.45 -6.53
CA ASP T 174 -29.77 6.51 -5.60
C ASP T 174 -29.79 6.05 -4.15
N TYR T 175 -28.61 6.01 -3.52
CA TYR T 175 -28.51 5.67 -2.11
C TYR T 175 -27.44 6.55 -1.46
N PHE T 176 -27.56 6.71 -0.15
CA PHE T 176 -26.68 7.60 0.59
C PHE T 176 -26.73 7.25 2.08
N PRO T 177 -25.58 7.18 2.77
CA PRO T 177 -24.20 7.24 2.29
C PRO T 177 -23.63 5.86 2.01
N GLU T 178 -22.37 5.82 1.59
CA GLU T 178 -21.69 4.54 1.44
C GLU T 178 -21.57 3.85 2.80
N PRO T 179 -21.27 2.54 2.81
CA PRO T 179 -21.09 1.61 1.70
C PRO T 179 -22.31 0.68 1.50
N VAL T 180 -22.20 -0.27 0.58
CA VAL T 180 -23.24 -1.27 0.35
C VAL T 180 -22.58 -2.63 0.13
N THR T 181 -23.25 -3.68 0.57
CA THR T 181 -22.82 -5.05 0.30
C THR T 181 -23.82 -5.70 -0.65
N VAL T 182 -23.30 -6.41 -1.65
CA VAL T 182 -24.12 -7.06 -2.67
C VAL T 182 -23.66 -8.51 -2.77
N SER T 183 -24.57 -9.44 -2.48
CA SER T 183 -24.30 -10.86 -2.62
C SER T 183 -25.20 -11.42 -3.72
N TRP T 184 -24.96 -12.67 -4.08
CA TRP T 184 -25.70 -13.34 -5.15
C TRP T 184 -26.12 -14.74 -4.72
N ASN T 185 -27.36 -15.10 -5.08
CA ASN T 185 -27.94 -16.40 -4.73
C ASN T 185 -27.68 -16.75 -3.27
N SER T 186 -27.73 -15.73 -2.41
CA SER T 186 -27.60 -15.89 -0.97
C SER T 186 -26.17 -16.23 -0.57
N GLY T 187 -25.19 -15.81 -1.38
CA GLY T 187 -23.80 -16.05 -1.06
C GLY T 187 -23.18 -17.21 -1.81
N ALA T 188 -23.98 -18.09 -2.42
CA ALA T 188 -23.42 -19.24 -3.13
C ALA T 188 -22.60 -18.82 -4.34
N LEU T 189 -23.00 -17.75 -5.01
CA LEU T 189 -22.34 -17.31 -6.23
C LEU T 189 -21.19 -16.37 -5.91
N THR T 190 -20.03 -16.68 -6.48
CA THR T 190 -18.83 -15.88 -6.30
C THR T 190 -18.14 -15.67 -7.65
N SER T 191 -17.83 -16.77 -8.33
CA SER T 191 -17.16 -16.68 -9.63
C SER T 191 -18.04 -15.92 -10.62
N GLY T 192 -17.40 -15.02 -11.38
CA GLY T 192 -18.08 -14.25 -12.39
C GLY T 192 -18.69 -12.96 -11.89
N VAL T 193 -18.86 -12.79 -10.59
CA VAL T 193 -19.42 -11.57 -10.02
C VAL T 193 -18.36 -10.47 -10.04
N HIS T 194 -18.69 -9.35 -10.68
CA HIS T 194 -17.85 -8.16 -10.69
C HIS T 194 -18.67 -7.00 -10.15
N THR T 195 -18.51 -6.70 -8.88
CA THR T 195 -19.23 -5.60 -8.25
C THR T 195 -18.47 -4.31 -8.51
N PHE T 196 -19.09 -3.38 -9.24
CA PHE T 196 -18.42 -2.16 -9.66
C PHE T 196 -18.44 -1.10 -8.56
N PRO T 197 -17.57 -0.10 -8.64
CA PRO T 197 -17.62 1.00 -7.67
C PRO T 197 -18.78 1.93 -8.00
N ALA T 198 -19.16 2.72 -6.99
CA ALA T 198 -20.30 3.61 -7.12
C ALA T 198 -19.91 4.94 -7.75
N VAL T 199 -20.86 5.54 -8.45
CA VAL T 199 -20.71 6.88 -9.01
C VAL T 199 -21.34 7.88 -8.05
N LEU T 200 -20.68 9.02 -7.87
CA LEU T 200 -21.24 10.11 -7.07
C LEU T 200 -22.01 11.03 -8.00
N GLN T 201 -23.33 10.91 -7.97
CA GLN T 201 -24.19 11.64 -8.90
C GLN T 201 -24.13 13.14 -8.63
N SER T 202 -24.69 13.90 -9.57
CA SER T 202 -24.77 15.35 -9.40
C SER T 202 -25.65 15.73 -8.21
N SER T 203 -26.60 14.86 -7.85
CA SER T 203 -27.48 15.10 -6.71
C SER T 203 -26.86 14.71 -5.38
N GLY T 204 -25.60 14.30 -5.36
CA GLY T 204 -24.93 13.91 -4.14
C GLY T 204 -25.14 12.46 -3.74
N LEU T 205 -25.98 11.73 -4.46
CA LEU T 205 -26.28 10.34 -4.14
C LEU T 205 -25.27 9.41 -4.81
N TYR T 206 -25.26 8.16 -4.35
CA TYR T 206 -24.40 7.13 -4.91
C TYR T 206 -25.24 6.13 -5.69
N SER T 207 -24.56 5.35 -6.54
CA SER T 207 -25.23 4.42 -7.43
C SER T 207 -24.21 3.45 -8.03
N LEU T 208 -24.44 2.15 -7.86
CA LEU T 208 -23.53 1.13 -8.37
C LEU T 208 -24.34 0.01 -8.98
N SER T 209 -23.63 -0.99 -9.52
CA SER T 209 -24.26 -2.18 -10.05
C SER T 209 -23.31 -3.35 -9.89
N SER T 210 -23.87 -4.56 -9.86
CA SER T 210 -23.11 -5.79 -9.80
C SER T 210 -23.63 -6.71 -10.87
N VAL T 211 -22.72 -7.49 -11.47
CA VAL T 211 -23.06 -8.33 -12.61
C VAL T 211 -22.33 -9.67 -12.49
N VAL T 212 -22.90 -10.67 -13.15
CA VAL T 212 -22.31 -12.00 -13.19
C VAL T 212 -22.33 -12.48 -14.64
N THR T 213 -21.21 -13.05 -15.09
CA THR T 213 -21.11 -13.61 -16.43
C THR T 213 -21.41 -15.11 -16.36
N VAL T 214 -22.48 -15.52 -17.03
CA VAL T 214 -22.93 -16.90 -16.96
C VAL T 214 -23.09 -17.43 -18.39
N PRO T 215 -23.05 -18.75 -18.57
CA PRO T 215 -23.32 -19.32 -19.89
C PRO T 215 -24.74 -19.02 -20.35
N SER T 216 -24.87 -18.78 -21.65
CA SER T 216 -26.19 -18.54 -22.24
C SER T 216 -27.12 -19.75 -22.06
N SER T 217 -26.56 -20.95 -21.87
CA SER T 217 -27.38 -22.16 -21.78
C SER T 217 -28.07 -22.30 -20.44
N SER T 218 -27.36 -22.01 -19.35
CA SER T 218 -27.90 -22.06 -17.99
C SER T 218 -28.86 -20.89 -17.68
N LEU T 219 -29.16 -20.06 -18.68
CA LEU T 219 -30.03 -18.91 -18.45
C LEU T 219 -31.43 -19.34 -18.02
N GLY T 220 -31.92 -20.48 -18.53
CA GLY T 220 -33.25 -20.94 -18.20
C GLY T 220 -33.33 -21.73 -16.91
N THR T 221 -32.38 -22.63 -16.70
CA THR T 221 -32.42 -23.52 -15.55
C THR T 221 -32.25 -22.75 -14.24
N GLN T 222 -31.05 -22.28 -13.98
CA GLN T 222 -30.74 -21.71 -12.68
C GLN T 222 -31.58 -20.46 -12.44
N THR T 223 -31.77 -20.15 -11.15
CA THR T 223 -32.45 -18.95 -10.70
C THR T 223 -31.45 -18.08 -9.95
N TYR T 224 -31.47 -16.78 -10.24
CA TYR T 224 -30.46 -15.85 -9.71
C TYR T 224 -31.15 -14.75 -8.92
N ILE T 225 -30.63 -14.49 -7.72
CA ILE T 225 -31.14 -13.44 -6.83
C ILE T 225 -29.96 -12.67 -6.27
N CYS T 226 -30.00 -11.35 -6.41
CA CYS T 226 -28.95 -10.49 -5.87
C CYS T 226 -29.41 -9.98 -4.52
N ASN T 227 -28.56 -10.15 -3.51
CA ASN T 227 -28.87 -9.77 -2.14
C ASN T 227 -28.17 -8.45 -1.84
N VAL T 228 -28.96 -7.40 -1.70
CA VAL T 228 -28.45 -6.07 -1.38
C VAL T 228 -28.71 -5.78 0.10
N ASN T 229 -27.88 -4.93 0.68
CA ASN T 229 -28.01 -4.59 2.09
C ASN T 229 -27.38 -3.22 2.31
N HIS T 230 -28.16 -2.29 2.86
CA HIS T 230 -27.69 -0.93 3.14
C HIS T 230 -27.91 -0.67 4.63
N LYS T 231 -26.96 -1.13 5.45
CA LYS T 231 -27.08 -1.00 6.90
C LYS T 231 -27.47 0.40 7.36
N PRO T 232 -26.86 1.48 6.87
CA PRO T 232 -27.21 2.82 7.37
C PRO T 232 -28.70 3.13 7.31
N SER T 233 -29.41 2.62 6.31
CA SER T 233 -30.84 2.84 6.20
C SER T 233 -31.65 1.62 6.64
N ASN T 234 -31.00 0.58 7.15
CA ASN T 234 -31.68 -0.66 7.52
C ASN T 234 -32.46 -1.24 6.34
N THR T 235 -31.95 -1.04 5.13
CA THR T 235 -32.60 -1.51 3.91
C THR T 235 -31.93 -2.80 3.45
N LYS T 236 -32.74 -3.84 3.23
CA LYS T 236 -32.25 -5.14 2.80
C LYS T 236 -33.22 -5.68 1.76
N VAL T 237 -32.68 -6.13 0.63
CA VAL T 237 -33.49 -6.53 -0.51
C VAL T 237 -32.91 -7.79 -1.14
N ASP T 238 -33.80 -8.60 -1.73
CA ASP T 238 -33.44 -9.82 -2.44
C ASP T 238 -34.19 -9.81 -3.76
N LYS T 239 -33.56 -9.30 -4.81
CA LYS T 239 -34.23 -9.09 -6.09
C LYS T 239 -33.91 -10.24 -7.05
N LYS T 240 -34.95 -10.71 -7.75
CA LYS T 240 -34.83 -11.81 -8.69
C LYS T 240 -34.52 -11.24 -10.06
N VAL T 241 -33.56 -11.85 -10.76
CA VAL T 241 -33.13 -11.41 -12.08
C VAL T 241 -33.55 -12.46 -13.10
N GLU T 242 -34.32 -12.05 -14.10
CA GLU T 242 -34.85 -12.95 -15.11
C GLU T 242 -35.08 -12.17 -16.39
N PRO T 243 -35.06 -12.82 -17.56
CA PRO T 243 -35.27 -12.12 -18.84
C PRO T 243 -36.60 -11.37 -18.90
N GLN U 29 -7.38 -32.24 31.79
CA GLN U 29 -6.12 -32.33 30.98
C GLN U 29 -5.71 -30.96 30.42
N SER U 30 -5.63 -29.96 31.29
CA SER U 30 -5.24 -28.61 30.89
C SER U 30 -5.16 -27.72 32.12
N VAL U 31 -4.49 -26.59 31.97
CA VAL U 31 -4.25 -25.64 33.04
C VAL U 31 -4.27 -24.23 32.46
N LEU U 32 -4.56 -23.26 33.31
CA LEU U 32 -4.50 -21.84 32.94
C LEU U 32 -3.30 -21.19 33.61
N THR U 33 -2.71 -20.22 32.92
CA THR U 33 -1.46 -19.60 33.34
C THR U 33 -1.74 -18.27 34.04
N GLN U 34 -1.35 -18.18 35.32
CA GLN U 34 -1.41 -16.96 36.09
C GLN U 34 -0.02 -16.59 36.59
N PRO U 35 0.25 -15.30 36.82
CA PRO U 35 1.54 -14.90 37.40
C PRO U 35 1.64 -15.35 38.85
N PRO U 36 2.76 -15.96 39.25
CA PRO U 36 2.85 -16.46 40.63
C PRO U 36 2.66 -15.37 41.68
N SER U 37 3.29 -14.22 41.52
CA SER U 37 3.28 -13.19 42.54
C SER U 37 3.12 -11.81 41.91
N VAL U 38 2.24 -11.00 42.49
CA VAL U 38 2.09 -9.60 42.13
C VAL U 38 2.09 -8.79 43.42
N SER U 39 2.55 -7.54 43.32
CA SER U 39 2.75 -6.73 44.51
C SER U 39 2.49 -5.26 44.19
N GLY U 40 2.17 -4.52 45.25
CA GLY U 40 1.91 -3.10 45.13
C GLY U 40 1.57 -2.51 46.48
N ALA U 41 1.78 -1.20 46.59
CA ALA U 41 1.56 -0.50 47.84
C ALA U 41 0.09 -0.10 47.99
N PRO U 42 -0.35 0.22 49.21
CA PRO U 42 -1.75 0.63 49.40
C PRO U 42 -2.10 1.81 48.51
N GLY U 43 -3.36 1.81 48.05
CA GLY U 43 -3.85 2.86 47.19
C GLY U 43 -3.45 2.75 45.74
N GLN U 44 -2.61 1.77 45.40
CA GLN U 44 -2.17 1.59 44.02
C GLN U 44 -3.06 0.58 43.30
N ARG U 45 -2.83 0.44 42.00
CA ARG U 45 -3.55 -0.49 41.16
C ARG U 45 -2.65 -1.66 40.79
N VAL U 46 -3.25 -2.83 40.62
CA VAL U 46 -2.51 -4.04 40.24
C VAL U 46 -3.42 -4.89 39.37
N THR U 47 -2.80 -5.72 38.55
CA THR U 47 -3.53 -6.55 37.60
C THR U 47 -3.01 -7.97 37.65
N ILE U 48 -3.90 -8.94 37.47
CA ILE U 48 -3.56 -10.36 37.50
C ILE U 48 -4.04 -10.98 36.20
N SER U 49 -3.11 -11.60 35.45
CA SER U 49 -3.43 -12.16 34.16
C SER U 49 -3.86 -13.62 34.28
N CYS U 50 -4.73 -14.04 33.36
CA CYS U 50 -5.21 -15.42 33.24
C CYS U 50 -5.16 -15.75 31.75
N SER U 51 -4.05 -16.37 31.32
CA SER U 51 -3.82 -16.65 29.91
C SER U 51 -4.20 -18.09 29.58
N GLY U 52 -4.75 -18.28 28.38
CA GLY U 52 -5.23 -19.59 27.95
C GLY U 52 -5.12 -19.76 26.46
N SER U 53 -6.10 -20.43 25.85
CA SER U 53 -6.07 -20.74 24.43
C SER U 53 -7.47 -20.52 23.83
N ARG U 54 -7.59 -20.82 22.54
CA ARG U 54 -8.87 -20.68 21.87
C ARG U 54 -9.89 -21.71 22.37
N SER U 55 -9.41 -22.86 22.84
CA SER U 55 -10.33 -23.91 23.25
C SER U 55 -11.07 -23.57 24.53
N ASN U 56 -10.46 -22.76 25.41
CA ASN U 56 -11.01 -22.50 26.73
C ASN U 56 -11.40 -21.04 26.89
N ILE U 57 -10.42 -20.17 27.17
CA ILE U 57 -10.74 -18.76 27.39
C ILE U 57 -11.27 -18.11 26.11
N GLY U 58 -10.85 -18.60 24.95
CA GLY U 58 -11.31 -18.07 23.69
C GLY U 58 -12.69 -18.53 23.26
N SER U 59 -13.30 -19.43 24.02
CA SER U 59 -14.65 -19.93 23.74
C SER U 59 -15.55 -19.96 24.97
N ASN U 60 -15.02 -19.62 26.15
CA ASN U 60 -15.77 -19.71 27.39
C ASN U 60 -15.55 -18.42 28.18
N THR U 61 -16.17 -18.37 29.36
CA THR U 61 -16.08 -17.21 30.23
C THR U 61 -14.96 -17.42 31.24
N VAL U 62 -14.92 -16.59 32.29
CA VAL U 62 -13.87 -16.67 33.30
C VAL U 62 -14.47 -16.30 34.65
N LYS U 63 -14.11 -17.09 35.67
CA LYS U 63 -14.42 -16.79 37.06
C LYS U 63 -13.15 -16.42 37.80
N TRP U 64 -13.31 -15.68 38.90
CA TRP U 64 -12.21 -15.30 39.76
C TRP U 64 -12.57 -15.60 41.20
N TYR U 65 -11.63 -16.16 41.94
CA TYR U 65 -11.82 -16.51 43.34
C TYR U 65 -10.79 -15.79 44.22
N GLN U 66 -11.13 -15.69 45.50
CA GLN U 66 -10.25 -15.11 46.51
C GLN U 66 -10.15 -16.11 47.65
N GLN U 67 -8.96 -16.69 47.84
CA GLN U 67 -8.73 -17.63 48.93
C GLN U 67 -7.82 -16.99 49.96
N LEU U 68 -8.34 -16.82 51.17
CA LEU U 68 -7.55 -16.30 52.27
C LEU U 68 -6.88 -17.43 53.04
N PRO U 69 -5.78 -17.13 53.74
CA PRO U 69 -4.89 -18.21 54.24
C PRO U 69 -5.59 -19.40 54.87
N GLY U 70 -6.58 -19.15 55.72
CA GLY U 70 -7.19 -20.22 56.48
C GLY U 70 -8.67 -20.43 56.21
N THR U 71 -9.08 -20.35 54.95
CA THR U 71 -10.49 -20.52 54.60
C THR U 71 -10.57 -21.18 53.23
N ALA U 72 -11.79 -21.22 52.68
CA ALA U 72 -12.05 -21.74 51.35
C ALA U 72 -12.25 -20.60 50.36
N PRO U 73 -12.16 -20.87 49.06
CA PRO U 73 -12.26 -19.80 48.08
C PRO U 73 -13.62 -19.10 48.11
N LYS U 74 -13.59 -17.81 47.81
CA LYS U 74 -14.78 -16.97 47.76
C LYS U 74 -14.90 -16.39 46.36
N LEU U 75 -16.13 -16.27 45.86
CA LEU U 75 -16.33 -15.83 44.47
C LEU U 75 -16.25 -14.31 44.39
N LEU U 76 -15.42 -13.81 43.47
CA LEU U 76 -15.27 -12.39 43.20
C LEU U 76 -15.93 -11.96 41.89
N ILE U 77 -15.58 -12.61 40.78
CA ILE U 77 -16.11 -12.26 39.47
C ILE U 77 -16.68 -13.51 38.81
N TYR U 78 -17.77 -13.32 38.07
CA TYR U 78 -18.40 -14.39 37.30
C TYR U 78 -18.82 -13.82 35.96
N TYR U 79 -18.80 -14.67 34.94
CA TYR U 79 -19.06 -14.25 33.56
C TYR U 79 -18.16 -13.07 33.18
N ASN U 80 -16.88 -13.19 33.53
CA ASN U 80 -15.85 -12.27 33.08
C ASN U 80 -15.81 -10.96 33.86
N ASP U 81 -16.96 -10.30 34.02
CA ASP U 81 -16.97 -8.94 34.56
C ASP U 81 -18.03 -8.67 35.62
N GLN U 82 -18.90 -9.63 35.93
CA GLN U 82 -19.99 -9.35 36.85
C GLN U 82 -19.51 -9.42 38.30
N ARG U 83 -20.15 -8.62 39.16
CA ARG U 83 -19.85 -8.58 40.59
C ARG U 83 -21.01 -9.15 41.38
N PRO U 84 -20.79 -10.11 42.29
CA PRO U 84 -21.87 -10.55 43.18
C PRO U 84 -22.20 -9.52 44.24
N SER U 85 -23.11 -9.87 45.14
CA SER U 85 -23.40 -9.03 46.29
C SER U 85 -22.36 -9.26 47.37
N GLY U 86 -21.96 -8.18 48.04
CA GLY U 86 -20.96 -8.26 49.07
C GLY U 86 -19.53 -8.16 48.59
N VAL U 87 -19.32 -7.97 47.29
CA VAL U 87 -18.00 -7.78 46.72
C VAL U 87 -17.87 -6.30 46.35
N PRO U 88 -16.89 -5.57 46.90
CA PRO U 88 -16.78 -4.14 46.58
C PRO U 88 -16.67 -3.92 45.07
N ASP U 89 -16.76 -2.64 44.69
CA ASP U 89 -16.69 -2.26 43.28
C ASP U 89 -15.26 -2.14 42.77
N ARG U 90 -14.27 -2.06 43.66
CA ARG U 90 -12.89 -1.91 43.20
C ARG U 90 -12.40 -3.17 42.49
N PHE U 91 -12.90 -4.34 42.88
CA PHE U 91 -12.57 -5.57 42.17
C PHE U 91 -13.29 -5.57 40.82
N SER U 92 -12.52 -5.40 39.74
CA SER U 92 -13.08 -5.30 38.40
C SER U 92 -12.34 -6.27 37.48
N GLY U 93 -13.11 -7.08 36.74
CA GLY U 93 -12.55 -8.06 35.83
C GLY U 93 -12.79 -7.70 34.37
N SER U 94 -12.23 -8.54 33.51
CA SER U 94 -12.31 -8.34 32.06
C SER U 94 -11.90 -9.63 31.37
N LYS U 95 -12.09 -9.66 30.05
CA LYS U 95 -11.65 -10.80 29.25
C LYS U 95 -11.31 -10.32 27.85
N SER U 96 -10.17 -10.71 27.31
CA SER U 96 -9.87 -10.30 25.95
C SER U 96 -9.29 -11.43 25.13
N GLY U 97 -10.00 -11.89 24.12
CA GLY U 97 -9.46 -12.96 23.32
C GLY U 97 -9.17 -14.18 24.17
N THR U 98 -7.92 -14.60 24.14
CA THR U 98 -7.46 -15.76 24.89
C THR U 98 -7.03 -15.47 26.32
N SER U 99 -7.09 -14.21 26.75
CA SER U 99 -6.66 -13.87 28.11
C SER U 99 -7.63 -13.02 28.91
N ALA U 100 -7.54 -13.10 30.23
CA ALA U 100 -8.42 -12.32 31.08
C ALA U 100 -7.57 -11.59 32.12
N SER U 101 -8.20 -10.65 32.82
CA SER U 101 -7.49 -9.84 33.78
C SER U 101 -8.42 -9.40 34.89
N LEU U 102 -7.95 -9.50 36.13
CA LEU U 102 -8.66 -9.00 37.30
C LEU U 102 -7.92 -7.78 37.85
N ALA U 103 -8.65 -6.66 37.97
CA ALA U 103 -8.07 -5.39 38.39
C ALA U 103 -8.56 -5.05 39.79
N ILE U 104 -7.61 -4.76 40.69
CA ILE U 104 -7.91 -4.35 42.05
C ILE U 104 -7.49 -2.89 42.17
N THR U 105 -8.48 -1.99 42.24
CA THR U 105 -8.24 -0.56 42.23
C THR U 105 -8.31 -0.03 43.66
N GLY U 106 -7.17 0.45 44.18
CA GLY U 106 -7.12 0.92 45.56
C GLY U 106 -6.89 -0.22 46.51
N LEU U 107 -5.63 -0.57 46.73
CA LEU U 107 -5.30 -1.73 47.54
C LEU U 107 -5.62 -1.47 49.01
N GLN U 108 -5.69 -2.56 49.77
CA GLN U 108 -5.87 -2.50 51.21
C GLN U 108 -5.14 -3.68 51.83
N ALA U 109 -4.88 -3.58 53.13
CA ALA U 109 -4.23 -4.69 53.83
C ALA U 109 -5.05 -5.96 53.73
N GLU U 110 -6.37 -5.84 53.75
CA GLU U 110 -7.26 -7.00 53.72
C GLU U 110 -7.20 -7.76 52.39
N ASP U 111 -6.81 -7.09 51.30
CA ASP U 111 -6.77 -7.73 49.99
C ASP U 111 -5.56 -8.63 49.79
N GLU U 112 -4.69 -8.74 50.79
CA GLU U 112 -3.47 -9.55 50.69
C GLU U 112 -3.83 -11.02 50.77
N ALA U 113 -3.80 -11.73 49.65
CA ALA U 113 -4.28 -13.12 49.60
C ALA U 113 -3.97 -13.72 48.24
N ASP U 114 -4.31 -15.01 48.10
CA ASP U 114 -4.16 -15.74 46.85
C ASP U 114 -5.41 -15.61 45.99
N TYR U 115 -5.21 -15.64 44.67
CA TYR U 115 -6.29 -15.46 43.71
C TYR U 115 -6.18 -16.51 42.62
N TYR U 116 -7.33 -17.07 42.23
CA TYR U 116 -7.41 -18.14 41.24
C TYR U 116 -8.44 -17.79 40.17
N CYS U 117 -8.11 -18.08 38.91
CA CYS U 117 -9.04 -17.92 37.79
C CYS U 117 -9.47 -19.29 37.28
N GLN U 118 -10.75 -19.40 36.93
CA GLN U 118 -11.34 -20.67 36.55
C GLN U 118 -12.19 -20.49 35.30
N SER U 119 -12.18 -21.50 34.44
CA SER U 119 -12.98 -21.53 33.22
C SER U 119 -13.10 -22.98 32.76
N TYR U 120 -13.72 -23.18 31.61
CA TYR U 120 -13.94 -24.50 31.04
C TYR U 120 -13.25 -24.62 29.68
N ASP U 121 -13.05 -25.86 29.24
CA ASP U 121 -12.53 -26.14 27.90
C ASP U 121 -13.68 -26.56 26.99
N ARG U 122 -13.59 -26.17 25.72
CA ARG U 122 -14.68 -26.44 24.80
C ARG U 122 -14.91 -27.93 24.57
N TYR U 123 -14.00 -28.80 25.03
CA TYR U 123 -14.14 -30.23 24.83
C TYR U 123 -14.07 -31.05 26.11
N THR U 124 -13.44 -30.54 27.17
CA THR U 124 -13.57 -31.11 28.51
C THR U 124 -14.63 -30.33 29.29
N HIS U 125 -15.84 -30.33 28.73
CA HIS U 125 -16.87 -29.34 29.07
C HIS U 125 -17.02 -29.12 30.57
N PRO U 126 -17.52 -30.10 31.35
CA PRO U 126 -17.81 -29.80 32.77
C PRO U 126 -16.57 -29.70 33.63
N ALA U 127 -15.45 -30.29 33.21
CA ALA U 127 -14.23 -30.22 33.99
C ALA U 127 -13.79 -28.79 34.19
N LEU U 128 -13.30 -28.49 35.39
CA LEU U 128 -12.92 -27.14 35.76
C LEU U 128 -11.44 -26.92 35.50
N LEU U 129 -11.13 -25.81 34.83
CA LEU U 129 -9.75 -25.42 34.55
C LEU U 129 -9.39 -24.27 35.49
N PHE U 130 -8.57 -24.56 36.49
CA PHE U 130 -8.07 -23.56 37.44
C PHE U 130 -6.70 -23.06 37.01
N GLY U 131 -6.41 -21.82 37.37
CA GLY U 131 -5.12 -21.23 37.07
C GLY U 131 -4.07 -21.62 38.09
N THR U 132 -2.84 -21.17 37.82
CA THR U 132 -1.71 -21.49 38.67
C THR U 132 -1.82 -20.82 40.03
N GLY U 133 -2.65 -19.80 40.16
CA GLY U 133 -2.72 -19.04 41.40
C GLY U 133 -1.75 -17.87 41.41
N THR U 134 -2.12 -16.84 42.18
CA THR U 134 -1.34 -15.62 42.26
C THR U 134 -1.35 -15.13 43.70
N LYS U 135 -0.16 -15.03 44.30
CA LYS U 135 -0.02 -14.54 45.67
C LYS U 135 0.08 -13.01 45.62
N VAL U 136 -0.99 -12.33 46.04
CA VAL U 136 -0.97 -10.89 46.16
C VAL U 136 -0.34 -10.51 47.49
N THR U 137 0.68 -9.67 47.45
CA THR U 137 1.39 -9.22 48.64
C THR U 137 1.34 -7.70 48.71
N VAL U 138 1.14 -7.17 49.92
CA VAL U 138 1.12 -5.74 50.17
C VAL U 138 2.46 -5.33 50.73
N LEU U 139 3.12 -4.38 50.07
CA LEU U 139 4.40 -3.85 50.53
C LEU U 139 4.29 -2.35 50.74
N GLY U 140 5.37 -1.75 51.24
CA GLY U 140 5.36 -0.35 51.60
C GLY U 140 4.75 -0.06 52.95
N GLN U 141 4.26 -1.07 53.67
CA GLN U 141 3.71 -0.86 54.98
C GLN U 141 4.77 -0.25 55.91
N PRO U 142 4.36 0.38 57.00
CA PRO U 142 5.34 0.91 57.96
C PRO U 142 6.12 -0.21 58.63
N LYS U 143 7.43 -0.03 58.70
CA LYS U 143 8.31 -1.05 59.29
C LYS U 143 7.85 -1.37 60.71
N ALA U 144 8.29 -2.52 61.22
CA ALA U 144 7.90 -2.97 62.54
C ALA U 144 8.94 -3.96 63.06
N ALA U 145 9.23 -3.88 64.37
CA ALA U 145 10.19 -4.76 65.01
C ALA U 145 9.49 -5.95 65.64
N PRO U 146 10.17 -7.08 65.80
CA PRO U 146 9.53 -8.26 66.38
C PRO U 146 9.38 -8.17 67.89
N SER U 147 8.35 -8.84 68.39
CA SER U 147 8.08 -8.95 69.83
C SER U 147 8.47 -10.36 70.25
N VAL U 148 9.71 -10.50 70.72
CA VAL U 148 10.25 -11.82 71.07
C VAL U 148 9.84 -12.17 72.49
N THR U 149 9.69 -13.47 72.73
CA THR U 149 9.38 -13.98 74.07
C THR U 149 9.93 -15.38 74.18
N LEU U 150 10.80 -15.61 75.17
CA LEU U 150 11.46 -16.88 75.36
C LEU U 150 10.87 -17.59 76.58
N PHE U 151 10.74 -18.91 76.48
CA PHE U 151 10.25 -19.73 77.58
C PHE U 151 11.22 -20.87 77.84
N PRO U 152 11.47 -21.22 79.10
CA PRO U 152 12.38 -22.32 79.40
C PRO U 152 11.65 -23.66 79.30
N PRO U 153 12.37 -24.77 79.42
CA PRO U 153 11.70 -26.08 79.46
C PRO U 153 10.89 -26.23 80.73
N SER U 154 9.63 -26.59 80.59
CA SER U 154 8.75 -26.75 81.74
C SER U 154 9.28 -27.85 82.66
N SER U 155 8.96 -27.73 83.95
CA SER U 155 9.38 -28.73 84.92
C SER U 155 8.82 -30.11 84.56
N GLU U 156 7.61 -30.16 84.01
CA GLU U 156 7.02 -31.43 83.63
C GLU U 156 7.75 -32.05 82.44
N GLU U 157 8.23 -31.23 81.51
CA GLU U 157 8.97 -31.75 80.36
C GLU U 157 10.29 -32.37 80.78
N LEU U 158 10.96 -31.78 81.77
CA LEU U 158 12.23 -32.33 82.24
C LEU U 158 12.04 -33.66 82.95
N GLN U 159 10.91 -33.83 83.65
CA GLN U 159 10.64 -35.10 84.32
C GLN U 159 10.61 -36.27 83.34
N ALA U 160 10.26 -36.01 82.07
CA ALA U 160 10.30 -37.02 81.03
C ALA U 160 11.67 -37.13 80.37
N ASN U 161 12.68 -36.44 80.90
CA ASN U 161 14.04 -36.51 80.37
C ASN U 161 14.11 -35.91 78.97
N LYS U 162 13.55 -34.71 78.82
CA LYS U 162 13.56 -34.00 77.56
C LYS U 162 13.47 -32.51 77.83
N ALA U 163 13.97 -31.70 76.91
CA ALA U 163 14.01 -30.26 77.07
C ALA U 163 13.79 -29.59 75.72
N THR U 164 12.97 -28.54 75.71
CA THR U 164 12.66 -27.79 74.49
C THR U 164 12.56 -26.32 74.83
N LEU U 165 13.41 -25.50 74.20
CA LEU U 165 13.35 -24.05 74.33
C LEU U 165 12.47 -23.48 73.22
N VAL U 166 11.56 -22.59 73.59
CA VAL U 166 10.58 -22.03 72.66
C VAL U 166 10.83 -20.53 72.56
N CYS U 167 11.30 -20.08 71.41
CA CYS U 167 11.51 -18.67 71.13
C CYS U 167 10.41 -18.21 70.18
N LEU U 168 9.51 -17.37 70.67
CA LEU U 168 8.36 -16.93 69.89
C LEU U 168 8.56 -15.51 69.40
N ILE U 169 8.15 -15.27 68.16
CA ILE U 169 8.36 -13.99 67.47
C ILE U 169 7.01 -13.59 66.86
N SER U 170 6.64 -12.33 67.04
CA SER U 170 5.30 -11.90 66.64
C SER U 170 5.29 -10.40 66.37
N ASP U 171 4.24 -9.96 65.68
CA ASP U 171 4.00 -8.55 65.41
C ASP U 171 5.22 -7.88 64.79
N PHE U 172 5.38 -8.01 63.48
CA PHE U 172 6.49 -7.36 62.78
C PHE U 172 6.21 -7.38 61.29
N TYR U 173 7.00 -6.59 60.57
CA TYR U 173 6.93 -6.48 59.12
C TYR U 173 8.16 -5.70 58.65
N PRO U 174 8.77 -6.06 57.51
CA PRO U 174 8.45 -7.15 56.58
C PRO U 174 8.72 -8.54 57.13
N GLY U 175 8.07 -9.54 56.54
CA GLY U 175 8.13 -10.90 57.05
C GLY U 175 9.33 -11.67 56.57
N ALA U 176 10.46 -11.52 57.26
CA ALA U 176 11.66 -12.28 56.95
C ALA U 176 12.71 -11.99 58.00
N VAL U 177 13.17 -13.04 58.70
CA VAL U 177 14.10 -12.88 59.82
C VAL U 177 15.09 -14.05 59.81
N THR U 178 16.00 -14.04 60.77
CA THR U 178 16.94 -15.13 61.00
C THR U 178 17.11 -15.32 62.50
N VAL U 179 17.16 -16.57 62.94
CA VAL U 179 17.26 -16.91 64.35
C VAL U 179 18.63 -17.53 64.60
N ALA U 180 19.23 -17.15 65.72
CA ALA U 180 20.53 -17.67 66.13
C ALA U 180 20.50 -17.94 67.63
N TRP U 181 20.71 -19.20 68.01
CA TRP U 181 20.74 -19.60 69.40
C TRP U 181 22.18 -19.63 69.92
N LYS U 182 22.33 -19.40 71.22
CA LYS U 182 23.64 -19.40 71.86
C LYS U 182 23.56 -20.16 73.18
N ALA U 183 24.57 -21.00 73.43
CA ALA U 183 24.73 -21.64 74.73
C ALA U 183 25.69 -20.78 75.54
N ASP U 184 25.18 -20.13 76.58
CA ASP U 184 25.89 -19.03 77.20
C ASP U 184 26.35 -18.06 76.11
N SER U 185 27.63 -18.14 75.72
CA SER U 185 28.18 -17.24 74.72
C SER U 185 28.53 -17.91 73.40
N SER U 186 28.60 -19.25 73.37
CA SER U 186 29.06 -19.93 72.17
C SER U 186 27.88 -20.31 71.28
N PRO U 187 28.12 -20.54 69.98
CA PRO U 187 26.99 -20.75 69.06
C PRO U 187 26.29 -22.08 69.27
N VAL U 188 24.97 -22.06 69.06
CA VAL U 188 24.14 -23.26 69.04
C VAL U 188 23.54 -23.38 67.65
N LYS U 189 23.91 -24.44 66.93
CA LYS U 189 23.43 -24.67 65.57
C LYS U 189 22.59 -25.93 65.46
N ALA U 190 22.99 -27.01 66.11
CA ALA U 190 22.28 -28.28 66.00
C ALA U 190 21.05 -28.31 66.91
N GLY U 191 20.05 -29.08 66.48
CA GLY U 191 18.85 -29.29 67.27
C GLY U 191 17.76 -28.28 67.06
N VAL U 192 17.97 -27.27 66.21
CA VAL U 192 16.99 -26.20 66.03
C VAL U 192 15.92 -26.63 65.03
N GLU U 193 14.72 -26.11 65.22
CA GLU U 193 13.63 -26.29 64.28
C GLU U 193 12.77 -25.03 64.31
N THR U 194 12.58 -24.41 63.14
CA THR U 194 11.91 -23.13 63.05
C THR U 194 10.93 -23.16 61.89
N THR U 195 9.91 -22.30 61.98
CA THR U 195 8.90 -22.21 60.94
C THR U 195 9.27 -21.14 59.92
N THR U 196 8.36 -20.92 58.97
CA THR U 196 8.45 -19.84 58.00
C THR U 196 7.51 -18.70 58.42
N PRO U 197 7.92 -17.44 58.26
CA PRO U 197 7.05 -16.32 58.68
C PRO U 197 5.66 -16.38 58.06
N SER U 198 4.65 -16.55 58.90
CA SER U 198 3.26 -16.54 58.47
C SER U 198 2.60 -15.25 58.90
N LYS U 199 1.55 -14.87 58.18
CA LYS U 199 0.85 -13.61 58.44
C LYS U 199 -0.22 -13.80 59.51
N GLN U 200 -0.42 -12.76 60.31
CA GLN U 200 -1.37 -12.76 61.41
C GLN U 200 -2.72 -12.22 60.93
N SER U 201 -3.62 -11.97 61.88
CA SER U 201 -4.90 -11.34 61.54
C SER U 201 -4.76 -9.85 61.28
N ASN U 202 -3.80 -9.19 61.94
CA ASN U 202 -3.57 -7.76 61.78
C ASN U 202 -2.62 -7.43 60.63
N ASN U 203 -2.33 -8.40 59.76
CA ASN U 203 -1.50 -8.21 58.56
C ASN U 203 -0.03 -7.97 58.90
N LYS U 204 0.40 -8.38 60.09
CA LYS U 204 1.81 -8.52 60.42
C LYS U 204 2.16 -10.00 60.44
N TYR U 205 3.47 -10.29 60.51
CA TYR U 205 3.95 -11.65 60.40
C TYR U 205 4.48 -12.16 61.74
N ALA U 206 4.53 -13.49 61.84
CA ALA U 206 4.94 -14.14 63.08
C ALA U 206 5.65 -15.45 62.75
N ALA U 207 6.29 -16.02 63.76
CA ALA U 207 7.01 -17.28 63.59
C ALA U 207 7.41 -17.78 64.96
N SER U 208 7.99 -18.98 64.99
CA SER U 208 8.42 -19.62 66.22
C SER U 208 9.64 -20.48 65.93
N SER U 209 10.48 -20.66 66.94
CA SER U 209 11.68 -21.46 66.85
C SER U 209 11.77 -22.38 68.06
N TYR U 210 12.20 -23.62 67.83
CA TYR U 210 12.24 -24.64 68.88
C TYR U 210 13.62 -25.28 68.88
N LEU U 211 14.30 -25.22 70.02
CA LEU U 211 15.63 -25.79 70.19
C LEU U 211 15.52 -26.96 71.17
N SER U 212 15.53 -28.18 70.65
CA SER U 212 15.44 -29.37 71.48
C SER U 212 16.79 -29.67 72.12
N LEU U 213 16.79 -29.95 73.42
CA LEU U 213 18.01 -30.21 74.17
C LEU U 213 17.77 -31.37 75.12
N THR U 214 18.87 -31.86 75.70
CA THR U 214 18.81 -32.87 76.73
C THR U 214 18.75 -32.21 78.10
N PRO U 215 18.27 -32.93 79.12
CA PRO U 215 18.18 -32.32 80.45
C PRO U 215 19.53 -31.94 81.04
N GLU U 216 20.60 -32.64 80.65
CA GLU U 216 21.91 -32.38 81.24
C GLU U 216 22.57 -31.13 80.66
N GLN U 217 22.53 -30.96 79.33
CA GLN U 217 23.15 -29.80 78.72
C GLN U 217 22.39 -28.51 78.99
N TRP U 218 21.10 -28.61 79.34
CA TRP U 218 20.36 -27.43 79.77
C TRP U 218 20.77 -27.00 81.18
N LYS U 219 21.13 -27.96 82.04
CA LYS U 219 21.58 -27.64 83.39
C LYS U 219 23.06 -27.31 83.45
N SER U 220 23.87 -27.89 82.57
CA SER U 220 25.29 -27.58 82.52
C SER U 220 25.50 -26.12 82.14
N HIS U 221 25.19 -25.77 80.90
CA HIS U 221 25.28 -24.37 80.48
C HIS U 221 24.36 -23.53 81.35
N ARG U 222 24.87 -22.37 81.79
CA ARG U 222 24.14 -21.53 82.72
C ARG U 222 23.05 -20.69 82.07
N SER U 223 23.04 -20.55 80.75
CA SER U 223 22.04 -19.72 80.10
C SER U 223 22.02 -20.02 78.61
N TYR U 224 20.91 -19.62 77.97
CA TYR U 224 20.77 -19.70 76.52
C TYR U 224 20.08 -18.43 76.04
N SER U 225 20.33 -18.08 74.78
CA SER U 225 19.82 -16.84 74.21
C SER U 225 19.22 -17.12 72.84
N CYS U 226 18.24 -16.29 72.47
CA CYS U 226 17.61 -16.37 71.16
C CYS U 226 17.81 -15.01 70.48
N GLN U 227 18.68 -14.98 69.46
CA GLN U 227 18.99 -13.76 68.74
C GLN U 227 18.18 -13.74 67.45
N VAL U 228 17.27 -12.77 67.35
CA VAL U 228 16.37 -12.63 66.21
C VAL U 228 16.78 -11.36 65.47
N THR U 229 17.29 -11.52 64.24
CA THR U 229 17.72 -10.40 63.42
C THR U 229 16.62 -10.09 62.40
N HIS U 230 16.15 -8.86 62.39
CA HIS U 230 15.08 -8.43 61.48
C HIS U 230 15.45 -7.05 60.95
N GLU U 231 15.94 -7.00 59.72
CA GLU U 231 16.32 -5.75 59.07
C GLU U 231 17.49 -5.08 59.81
N GLY U 232 18.52 -5.87 60.08
CA GLY U 232 19.73 -5.37 60.71
C GLY U 232 19.65 -5.20 62.22
N SER U 233 18.44 -5.15 62.79
CA SER U 233 18.25 -4.96 64.22
C SER U 233 18.08 -6.31 64.89
N THR U 234 18.97 -6.64 65.83
CA THR U 234 18.91 -7.89 66.56
C THR U 234 18.23 -7.68 67.91
N VAL U 235 17.41 -8.65 68.31
CA VAL U 235 16.71 -8.65 69.59
C VAL U 235 17.04 -9.93 70.33
N GLU U 236 17.55 -9.81 71.54
CA GLU U 236 18.02 -10.94 72.33
C GLU U 236 17.15 -11.12 73.56
N LYS U 237 16.90 -12.37 73.92
CA LYS U 237 16.21 -12.71 75.16
C LYS U 237 16.92 -13.90 75.78
N THR U 238 17.24 -13.77 77.07
CA THR U 238 17.98 -14.79 77.80
C THR U 238 17.10 -15.43 78.87
N VAL U 239 17.50 -16.64 79.27
CA VAL U 239 16.79 -17.40 80.29
C VAL U 239 17.80 -18.30 80.99
N ALA U 240 17.49 -18.67 82.22
CA ALA U 240 18.39 -19.49 83.03
C ALA U 240 17.60 -20.59 83.72
N PRO U 241 18.27 -21.68 84.13
CA PRO U 241 17.56 -22.73 84.87
C PRO U 241 17.37 -22.38 86.34
N THR U 242 16.15 -22.00 86.72
CA THR U 242 15.84 -21.72 88.12
C THR U 242 14.33 -21.63 88.28
N GLU U 243 13.88 -21.78 89.53
CA GLU U 243 12.46 -21.72 89.84
C GLU U 243 11.68 -22.76 89.04
N GLN V 29 -30.19 -19.21 52.95
CA GLN V 29 -28.74 -19.30 53.31
C GLN V 29 -28.15 -20.66 52.90
N VAL V 30 -27.41 -20.66 51.79
CA VAL V 30 -26.80 -21.89 51.30
C VAL V 30 -25.69 -22.33 52.24
N GLN V 31 -25.57 -23.65 52.42
CA GLN V 31 -24.55 -24.21 53.29
C GLN V 31 -24.13 -25.57 52.77
N LEU V 32 -22.83 -25.86 52.92
CA LEU V 32 -22.27 -27.16 52.56
C LEU V 32 -21.39 -27.62 53.71
N VAL V 33 -21.45 -28.91 54.01
CA VAL V 33 -20.70 -29.48 55.12
C VAL V 33 -20.09 -30.80 54.65
N GLU V 34 -18.77 -30.84 54.58
CA GLU V 34 -18.06 -32.07 54.23
C GLU V 34 -17.87 -32.94 55.47
N SER V 35 -17.64 -34.23 55.22
CA SER V 35 -17.36 -35.18 56.28
C SER V 35 -16.83 -36.45 55.64
N GLY V 36 -16.33 -37.35 56.49
CA GLY V 36 -15.79 -38.62 56.05
C GLY V 36 -14.29 -38.66 55.89
N GLY V 37 -13.62 -37.51 55.94
CA GLY V 37 -12.18 -37.46 55.80
C GLY V 37 -11.44 -37.92 57.04
N GLY V 38 -10.13 -37.95 56.94
CA GLY V 38 -9.27 -38.39 58.03
C GLY V 38 -7.94 -38.89 57.48
N VAL V 39 -7.40 -39.90 58.17
CA VAL V 39 -6.13 -40.51 57.79
C VAL V 39 -6.39 -41.94 57.34
N VAL V 40 -5.51 -42.44 56.48
CA VAL V 40 -5.64 -43.81 55.96
C VAL V 40 -4.33 -44.18 55.29
N GLN V 41 -4.04 -45.48 55.22
CA GLN V 41 -2.86 -45.97 54.54
C GLN V 41 -3.10 -46.05 53.03
N PRO V 42 -2.03 -46.10 52.23
CA PRO V 42 -2.23 -46.24 50.78
C PRO V 42 -2.89 -47.57 50.44
N GLY V 43 -3.63 -47.56 49.34
CA GLY V 43 -4.31 -48.75 48.86
C GLY V 43 -5.69 -48.98 49.43
N ARG V 44 -6.01 -48.37 50.58
CA ARG V 44 -7.30 -48.57 51.21
C ARG V 44 -8.32 -47.56 50.68
N SER V 45 -9.57 -47.72 51.12
CA SER V 45 -10.69 -46.94 50.60
C SER V 45 -11.14 -45.91 51.64
N LEU V 46 -11.97 -44.98 51.17
CA LEU V 46 -12.57 -43.99 52.05
C LEU V 46 -13.73 -43.33 51.31
N ARG V 47 -14.81 -43.04 52.05
CA ARG V 47 -16.01 -42.45 51.50
C ARG V 47 -16.21 -41.07 52.10
N LEU V 48 -16.44 -40.08 51.25
CA LEU V 48 -16.62 -38.69 51.69
C LEU V 48 -18.06 -38.27 51.51
N SER V 49 -18.48 -37.31 52.33
CA SER V 49 -19.88 -36.90 52.40
C SER V 49 -19.95 -35.38 52.47
N CYS V 50 -20.81 -34.79 51.64
CA CYS V 50 -21.04 -33.35 51.61
C CYS V 50 -22.53 -33.11 51.82
N ALA V 51 -22.89 -32.61 52.99
CA ALA V 51 -24.29 -32.34 53.32
C ALA V 51 -24.68 -30.94 52.82
N ALA V 52 -25.78 -30.86 52.07
CA ALA V 52 -26.26 -29.61 51.50
C ALA V 52 -27.50 -29.13 52.24
N SER V 53 -27.84 -27.86 52.02
CA SER V 53 -28.95 -27.25 52.74
C SER V 53 -29.15 -25.85 52.21
N GLY V 54 -30.40 -25.42 52.19
CA GLY V 54 -30.76 -24.06 51.87
C GLY V 54 -31.27 -23.82 50.46
N PHE V 55 -31.40 -24.86 49.64
CA PHE V 55 -31.83 -24.69 48.25
C PHE V 55 -32.41 -26.00 47.75
N THR V 56 -32.66 -26.06 46.44
CA THR V 56 -33.23 -27.26 45.82
C THR V 56 -32.07 -28.11 45.32
N PHE V 57 -31.56 -28.98 46.20
CA PHE V 57 -30.38 -29.79 45.88
C PHE V 57 -30.60 -30.61 44.61
N SER V 58 -31.78 -31.22 44.47
CA SER V 58 -32.04 -32.14 43.37
C SER V 58 -32.13 -31.44 42.02
N SER V 59 -32.12 -30.11 41.99
CA SER V 59 -32.27 -29.36 40.74
C SER V 59 -30.96 -28.78 40.23
N TYR V 60 -29.82 -29.15 40.83
CA TYR V 60 -28.54 -28.60 40.42
C TYR V 60 -27.47 -29.71 40.44
N GLY V 61 -26.37 -29.45 39.72
CA GLY V 61 -25.24 -30.34 39.74
C GLY V 61 -24.22 -29.94 40.81
N MET V 62 -23.28 -30.84 41.05
CA MET V 62 -22.32 -30.69 42.14
C MET V 62 -20.94 -31.14 41.68
N HIS V 63 -19.91 -30.50 42.23
CA HIS V 63 -18.52 -30.82 41.92
C HIS V 63 -17.81 -31.37 43.15
N TRP V 64 -16.61 -31.88 42.92
CA TRP V 64 -15.66 -32.22 43.98
C TRP V 64 -14.32 -31.64 43.60
N VAL V 65 -13.74 -30.85 44.50
CA VAL V 65 -12.49 -30.15 44.26
C VAL V 65 -11.55 -30.39 45.44
N ARG V 66 -10.25 -30.47 45.15
CA ARG V 66 -9.25 -30.70 46.17
C ARG V 66 -8.13 -29.69 46.04
N GLN V 67 -7.37 -29.53 47.13
CA GLN V 67 -6.23 -28.62 47.17
C GLN V 67 -5.24 -29.13 48.20
N ALA V 68 -4.02 -29.39 47.76
CA ALA V 68 -2.98 -29.80 48.71
C ALA V 68 -2.57 -28.60 49.56
N PRO V 69 -2.13 -28.83 50.79
CA PRO V 69 -1.74 -27.70 51.65
C PRO V 69 -0.76 -26.78 50.96
N GLY V 70 -1.12 -25.50 50.85
CA GLY V 70 -0.22 -24.51 50.27
C GLY V 70 -0.03 -24.61 48.77
N LYS V 71 -0.90 -25.33 48.09
CA LYS V 71 -0.82 -25.49 46.64
C LYS V 71 -2.10 -24.96 46.00
N GLY V 72 -2.24 -25.21 44.69
CA GLY V 72 -3.37 -24.72 43.94
C GLY V 72 -4.52 -25.71 43.89
N LEU V 73 -5.61 -25.27 43.26
CA LEU V 73 -6.81 -26.07 43.16
C LEU V 73 -6.70 -27.07 42.00
N GLU V 74 -7.33 -28.22 42.19
CA GLU V 74 -7.34 -29.28 41.18
C GLU V 74 -8.73 -29.90 41.17
N TRP V 75 -9.37 -29.90 40.00
CA TRP V 75 -10.70 -30.48 39.88
C TRP V 75 -10.62 -32.00 39.94
N VAL V 76 -11.59 -32.60 40.63
CA VAL V 76 -11.64 -34.06 40.85
C VAL V 76 -12.70 -34.71 39.96
N ALA V 77 -13.98 -34.35 40.17
CA ALA V 77 -15.06 -35.02 39.46
C ALA V 77 -16.28 -34.10 39.50
N PHE V 78 -17.34 -34.54 38.82
CA PHE V 78 -18.57 -33.78 38.72
C PHE V 78 -19.70 -34.76 38.43
N ILE V 79 -20.90 -34.40 38.85
CA ILE V 79 -22.09 -35.22 38.62
C ILE V 79 -23.26 -34.29 38.39
N ARG V 80 -24.15 -34.68 37.48
CA ARG V 80 -25.23 -33.79 37.06
C ARG V 80 -26.34 -33.78 38.10
N TYR V 81 -27.42 -33.05 37.78
CA TYR V 81 -28.52 -32.89 38.73
C TYR V 81 -29.23 -34.22 38.99
N ASP V 82 -29.47 -35.00 37.94
CA ASP V 82 -30.21 -36.24 38.06
C ASP V 82 -29.29 -37.45 38.26
N GLY V 83 -27.99 -37.23 38.44
CA GLY V 83 -27.06 -38.33 38.54
C GLY V 83 -26.92 -39.13 37.28
N SER V 84 -27.46 -38.63 36.17
CA SER V 84 -27.41 -39.37 34.91
C SER V 84 -25.98 -39.59 34.46
N ASN V 85 -25.23 -38.51 34.25
CA ASN V 85 -23.88 -38.58 33.71
C ASN V 85 -22.89 -38.12 34.77
N LYS V 86 -21.81 -38.90 34.94
CA LYS V 86 -20.74 -38.58 35.86
C LYS V 86 -19.45 -38.37 35.07
N TYR V 87 -18.62 -37.45 35.56
CA TYR V 87 -17.34 -37.10 34.94
C TYR V 87 -16.24 -37.16 35.98
N TYR V 88 -15.04 -37.53 35.53
CA TYR V 88 -13.90 -37.69 36.42
C TYR V 88 -12.66 -37.08 35.78
N ALA V 89 -11.73 -36.65 36.62
CA ALA V 89 -10.41 -36.24 36.15
C ALA V 89 -9.55 -37.47 35.89
N ASP V 90 -8.68 -37.37 34.88
CA ASP V 90 -7.91 -38.51 34.43
C ASP V 90 -6.86 -38.97 35.44
N SER V 91 -6.59 -38.18 36.48
CA SER V 91 -5.71 -38.61 37.56
C SER V 91 -6.42 -39.44 38.62
N VAL V 92 -7.73 -39.67 38.48
CA VAL V 92 -8.51 -40.46 39.44
C VAL V 92 -9.48 -41.36 38.71
N LYS V 93 -9.45 -41.36 37.37
CA LYS V 93 -10.37 -42.17 36.61
C LYS V 93 -10.20 -43.65 36.96
N GLY V 94 -11.33 -44.35 37.08
CA GLY V 94 -11.35 -45.74 37.44
C GLY V 94 -11.13 -46.03 38.91
N ARG V 95 -10.58 -45.08 39.67
CA ARG V 95 -10.30 -45.26 41.09
C ARG V 95 -11.38 -44.65 41.97
N PHE V 96 -11.72 -43.38 41.74
CA PHE V 96 -12.75 -42.70 42.49
C PHE V 96 -14.12 -42.95 41.86
N THR V 97 -15.16 -42.82 42.68
CA THR V 97 -16.54 -42.95 42.23
C THR V 97 -17.40 -41.92 42.96
N ILE V 98 -18.18 -41.17 42.20
CA ILE V 98 -19.01 -40.10 42.73
C ILE V 98 -20.45 -40.58 42.74
N SER V 99 -21.21 -40.10 43.72
CA SER V 99 -22.62 -40.47 43.85
C SER V 99 -23.34 -39.43 44.68
N ARG V 100 -24.68 -39.43 44.56
CA ARG V 100 -25.54 -38.52 45.30
C ARG V 100 -26.84 -39.24 45.63
N ASP V 101 -27.55 -38.69 46.61
CA ASP V 101 -28.86 -39.21 47.03
C ASP V 101 -29.77 -38.02 47.28
N ASN V 102 -30.53 -37.64 46.25
CA ASN V 102 -31.35 -36.43 46.32
C ASN V 102 -32.44 -36.52 47.39
N SER V 103 -32.77 -37.73 47.85
CA SER V 103 -33.79 -37.87 48.87
C SER V 103 -33.34 -37.28 50.20
N LYS V 104 -32.04 -37.37 50.51
CA LYS V 104 -31.51 -36.91 51.78
C LYS V 104 -30.61 -35.67 51.65
N ASN V 105 -30.51 -35.11 50.44
CA ASN V 105 -29.73 -33.90 50.19
C ASN V 105 -28.30 -34.06 50.69
N THR V 106 -27.57 -34.93 50.00
CA THR V 106 -26.16 -35.18 50.30
C THR V 106 -25.43 -35.49 49.02
N LEU V 107 -24.11 -35.30 49.06
CA LEU V 107 -23.21 -35.65 47.96
C LEU V 107 -22.09 -36.52 48.50
N TYR V 108 -21.72 -37.54 47.74
CA TYR V 108 -20.75 -38.52 48.17
C TYR V 108 -19.54 -38.55 47.23
N LEU V 109 -18.49 -39.23 47.67
CA LEU V 109 -17.32 -39.45 46.83
C LEU V 109 -16.59 -40.67 47.41
N GLN V 110 -16.73 -41.80 46.72
CA GLN V 110 -16.06 -43.04 47.12
C GLN V 110 -14.67 -43.06 46.51
N MET V 111 -13.65 -43.07 47.36
CA MET V 111 -12.26 -43.05 46.92
C MET V 111 -11.63 -44.41 47.22
N ASN V 112 -11.33 -45.15 46.16
CA ASN V 112 -10.72 -46.47 46.28
C ASN V 112 -9.30 -46.45 45.75
N SER V 113 -8.51 -47.43 46.18
CA SER V 113 -7.11 -47.57 45.76
C SER V 113 -6.38 -46.23 45.93
N LEU V 114 -6.51 -45.65 47.11
CA LEU V 114 -5.95 -44.32 47.36
C LEU V 114 -4.44 -44.34 47.19
N ARG V 115 -3.89 -43.16 46.87
CA ARG V 115 -2.47 -42.99 46.65
C ARG V 115 -1.98 -41.83 47.51
N ALA V 116 -0.65 -41.73 47.64
CA ALA V 116 -0.07 -40.68 48.47
C ALA V 116 -0.39 -39.30 47.91
N GLU V 117 -0.29 -39.12 46.60
CA GLU V 117 -0.51 -37.81 46.00
C GLU V 117 -1.93 -37.30 46.18
N ASP V 118 -2.87 -38.16 46.61
CA ASP V 118 -4.24 -37.72 46.87
C ASP V 118 -4.37 -36.96 48.18
N THR V 119 -3.31 -36.87 48.98
CA THR V 119 -3.36 -36.10 50.22
C THR V 119 -3.69 -34.65 49.94
N ALA V 120 -4.84 -34.21 50.43
CA ALA V 120 -5.27 -32.83 50.22
C ALA V 120 -6.56 -32.51 50.98
N VAL V 121 -7.03 -31.27 50.88
CA VAL V 121 -8.35 -30.90 51.37
C VAL V 121 -9.35 -31.05 50.24
N TYR V 122 -10.53 -31.58 50.54
CA TYR V 122 -11.55 -31.89 49.54
C TYR V 122 -12.79 -31.05 49.81
N TYR V 123 -13.09 -30.13 48.90
CA TYR V 123 -14.28 -29.29 48.98
C TYR V 123 -15.36 -29.83 48.06
N CYS V 124 -16.60 -29.43 48.32
CA CYS V 124 -17.70 -29.63 47.39
C CYS V 124 -18.19 -28.27 46.94
N LYS V 125 -18.17 -28.03 45.65
CA LYS V 125 -18.62 -26.76 45.07
C LYS V 125 -19.86 -27.00 44.23
N THR V 126 -20.80 -26.08 44.31
CA THR V 126 -21.98 -26.15 43.47
C THR V 126 -21.65 -25.74 42.04
N HIS V 127 -22.45 -26.23 41.09
CA HIS V 127 -22.28 -25.91 39.68
C HIS V 127 -23.25 -24.79 39.32
N GLY V 128 -22.69 -23.66 38.91
CA GLY V 128 -23.49 -22.50 38.57
C GLY V 128 -22.70 -21.23 38.72
N SER V 129 -23.32 -20.13 38.30
CA SER V 129 -22.70 -18.81 38.44
C SER V 129 -22.36 -18.53 39.89
N HIS V 130 -23.39 -18.35 40.72
CA HIS V 130 -23.21 -18.02 42.13
C HIS V 130 -23.01 -19.30 42.93
N ASP V 131 -21.85 -19.92 42.69
CA ASP V 131 -21.53 -21.17 43.36
C ASP V 131 -21.07 -20.90 44.80
N ASN V 132 -21.20 -21.94 45.63
CA ASN V 132 -20.79 -21.87 47.02
C ASN V 132 -19.86 -23.03 47.35
N TRP V 133 -19.01 -22.82 48.34
CA TRP V 133 -18.01 -23.79 48.75
C TRP V 133 -18.17 -24.13 50.22
N GLY V 134 -17.86 -25.36 50.57
CA GLY V 134 -17.88 -25.80 51.95
C GLY V 134 -16.58 -25.50 52.67
N GLN V 135 -16.52 -25.94 53.92
CA GLN V 135 -15.31 -25.75 54.71
C GLN V 135 -14.20 -26.68 54.25
N GLY V 136 -14.56 -27.88 53.81
CA GLY V 136 -13.58 -28.87 53.38
C GLY V 136 -13.19 -29.79 54.52
N THR V 137 -12.77 -31.00 54.14
CA THR V 137 -12.29 -31.99 55.10
C THR V 137 -10.94 -32.52 54.65
N MET V 138 -10.02 -32.66 55.60
CA MET V 138 -8.67 -33.09 55.28
C MET V 138 -8.63 -34.59 55.01
N VAL V 139 -7.80 -34.99 54.06
CA VAL V 139 -7.58 -36.38 53.70
C VAL V 139 -6.07 -36.60 53.61
N THR V 140 -5.53 -37.38 54.55
CA THR V 140 -4.09 -37.61 54.66
C THR V 140 -3.80 -39.07 54.34
N VAL V 141 -3.07 -39.30 53.25
CA VAL V 141 -2.66 -40.65 52.86
C VAL V 141 -1.20 -40.81 53.23
N SER V 142 -0.94 -41.63 54.25
CA SER V 142 0.43 -41.84 54.72
C SER V 142 0.51 -43.17 55.44
N SER V 143 1.57 -43.93 55.17
CA SER V 143 1.81 -45.16 55.89
C SER V 143 2.22 -44.90 57.34
N ALA V 144 2.60 -43.67 57.67
CA ALA V 144 2.88 -43.31 59.06
C ALA V 144 1.57 -43.26 59.85
N SER V 145 1.58 -43.88 61.03
CA SER V 145 0.38 -43.97 61.85
C SER V 145 0.10 -42.63 62.56
N THR V 146 -1.10 -42.52 63.10
CA THR V 146 -1.49 -41.34 63.85
C THR V 146 -0.67 -41.22 65.13
N LYS V 147 -0.77 -40.07 65.79
CA LYS V 147 0.02 -39.80 66.98
C LYS V 147 -0.57 -38.61 67.71
N GLY V 148 -0.68 -38.73 69.03
CA GLY V 148 -1.23 -37.68 69.87
C GLY V 148 -0.15 -36.78 70.44
N PRO V 149 -0.50 -35.56 70.82
CA PRO V 149 0.49 -34.60 71.30
C PRO V 149 0.87 -34.85 72.76
N SER V 150 1.93 -34.16 73.18
CA SER V 150 2.37 -34.13 74.57
C SER V 150 2.34 -32.68 75.01
N VAL V 151 1.29 -32.31 75.73
CA VAL V 151 1.07 -30.91 76.10
C VAL V 151 1.90 -30.57 77.33
N PHE V 152 2.53 -29.40 77.31
CA PHE V 152 3.34 -28.91 78.41
C PHE V 152 3.00 -27.44 78.64
N PRO V 153 2.87 -27.01 79.90
CA PRO V 153 2.55 -25.61 80.17
C PRO V 153 3.76 -24.70 80.02
N LEU V 154 3.48 -23.46 79.63
CA LEU V 154 4.50 -22.43 79.47
C LEU V 154 4.20 -21.31 80.46
N ALA V 155 4.87 -21.34 81.61
CA ALA V 155 4.57 -20.41 82.69
C ALA V 155 5.21 -19.05 82.41
N PRO V 156 4.63 -17.97 82.94
CA PRO V 156 5.22 -16.64 82.74
C PRO V 156 6.38 -16.38 83.69
N SER V 157 7.26 -15.48 83.26
CA SER V 157 8.43 -15.10 84.03
C SER V 157 8.27 -13.68 84.57
N SER V 158 9.11 -13.34 85.53
CA SER V 158 9.07 -12.02 86.16
C SER V 158 9.35 -10.94 85.12
N THR V 165 3.60 -6.01 82.08
CA THR V 165 2.87 -7.05 81.34
C THR V 165 3.63 -8.37 81.38
N ALA V 166 2.93 -9.46 81.08
CA ALA V 166 3.53 -10.78 81.03
C ALA V 166 2.74 -11.64 80.06
N ALA V 167 3.28 -12.82 79.76
CA ALA V 167 2.67 -13.70 78.77
C ALA V 167 2.88 -15.14 79.19
N LEU V 168 1.91 -15.99 78.85
CA LEU V 168 1.95 -17.41 79.16
C LEU V 168 1.26 -18.17 78.05
N GLY V 169 1.40 -19.49 78.07
CA GLY V 169 0.77 -20.30 77.05
C GLY V 169 0.99 -21.78 77.30
N CYS V 170 0.67 -22.57 76.27
CA CYS V 170 0.85 -24.01 76.30
C CYS V 170 1.67 -24.44 75.09
N LEU V 171 2.18 -25.68 75.16
CA LEU V 171 3.08 -26.22 74.15
C LEU V 171 2.54 -27.55 73.65
N VAL V 172 2.11 -27.60 72.40
CA VAL V 172 1.67 -28.83 71.76
C VAL V 172 2.85 -29.36 70.96
N LYS V 173 3.45 -30.46 71.43
CA LYS V 173 4.69 -30.99 70.88
C LYS V 173 4.49 -32.39 70.34
N ASP V 174 5.20 -32.70 69.25
CA ASP V 174 5.20 -34.04 68.67
C ASP V 174 3.80 -34.61 68.47
N TYR V 175 3.13 -34.19 67.40
CA TYR V 175 1.83 -34.74 67.03
C TYR V 175 1.74 -34.89 65.52
N PHE V 176 0.98 -35.88 65.08
CA PHE V 176 0.86 -36.16 63.66
C PHE V 176 -0.48 -36.85 63.40
N PRO V 177 -1.27 -36.39 62.42
CA PRO V 177 -1.08 -35.23 61.54
C PRO V 177 -1.82 -34.00 62.03
N GLU V 178 -1.69 -32.89 61.31
CA GLU V 178 -2.50 -31.71 61.60
C GLU V 178 -3.95 -32.03 61.34
N PRO V 179 -4.90 -31.17 61.77
CA PRO V 179 -4.71 -29.96 62.58
C PRO V 179 -4.96 -30.16 64.08
N VAL V 180 -4.98 -29.05 64.83
CA VAL V 180 -5.20 -29.08 66.26
C VAL V 180 -5.98 -27.82 66.65
N THR V 181 -6.86 -27.97 67.65
CA THR V 181 -7.65 -26.86 68.17
C THR V 181 -7.30 -26.64 69.64
N VAL V 182 -7.29 -25.38 70.05
CA VAL V 182 -6.94 -24.99 71.41
C VAL V 182 -7.86 -23.86 71.84
N SER V 183 -8.21 -23.85 73.12
CA SER V 183 -9.05 -22.81 73.70
C SER V 183 -8.35 -22.20 74.90
N TRP V 184 -8.84 -21.02 75.30
CA TRP V 184 -8.27 -20.27 76.42
C TRP V 184 -9.39 -19.64 77.21
N ASN V 185 -9.01 -19.06 78.36
CA ASN V 185 -9.97 -18.45 79.28
C ASN V 185 -9.27 -17.31 80.02
N SER V 186 -9.67 -16.08 79.74
CA SER V 186 -9.07 -14.90 80.38
C SER V 186 -10.18 -13.89 80.67
N GLY V 187 -9.80 -12.62 80.84
CA GLY V 187 -10.76 -11.56 81.11
C GLY V 187 -10.42 -10.27 80.39
N SER V 191 -4.66 -7.28 77.07
CA SER V 191 -5.11 -8.65 77.28
C SER V 191 -5.33 -9.35 75.94
N GLY V 192 -4.37 -9.24 75.04
CA GLY V 192 -4.44 -9.91 73.75
C GLY V 192 -4.15 -11.40 73.87
N VAL V 193 -4.18 -12.06 72.72
CA VAL V 193 -3.96 -13.50 72.64
C VAL V 193 -3.87 -13.93 71.17
N HIS V 194 -3.16 -15.01 70.91
CA HIS V 194 -3.06 -15.53 69.54
C HIS V 194 -2.39 -16.89 69.61
N THR V 195 -2.64 -17.70 68.58
CA THR V 195 -2.02 -19.01 68.43
C THR V 195 -1.18 -19.00 67.16
N PHE V 196 -0.01 -19.65 67.23
CA PHE V 196 0.95 -19.63 66.14
C PHE V 196 0.96 -20.96 65.39
N PRO V 197 1.28 -20.96 64.10
CA PRO V 197 1.27 -22.22 63.33
C PRO V 197 2.27 -23.23 63.86
N ALA V 198 2.29 -24.42 63.27
CA ALA V 198 3.14 -25.50 63.70
C ALA V 198 4.40 -25.58 62.85
N VAL V 199 5.38 -26.30 63.37
CA VAL V 199 6.63 -26.58 62.66
C VAL V 199 6.63 -28.05 62.26
N LEU V 200 7.11 -28.32 61.05
CA LEU V 200 7.28 -29.70 60.59
C LEU V 200 8.70 -30.12 60.96
N GLN V 201 8.82 -30.87 62.05
CA GLN V 201 10.11 -31.30 62.53
C GLN V 201 10.82 -32.16 61.49
N SER V 202 12.12 -32.38 61.69
CA SER V 202 12.89 -33.25 60.82
C SER V 202 12.47 -34.71 60.93
N SER V 203 11.75 -35.07 62.00
CA SER V 203 11.30 -36.44 62.21
C SER V 203 10.01 -36.76 61.48
N GLY V 204 9.30 -35.75 60.97
CA GLY V 204 8.01 -35.94 60.36
C GLY V 204 6.83 -35.60 61.24
N LEU V 205 7.08 -35.09 62.44
CA LEU V 205 6.04 -34.73 63.39
C LEU V 205 5.81 -33.23 63.40
N TYR V 206 4.66 -32.83 63.93
CA TYR V 206 4.30 -31.43 64.07
C TYR V 206 4.45 -30.97 65.51
N SER V 207 4.46 -29.65 65.69
CA SER V 207 4.60 -29.05 67.01
C SER V 207 4.29 -27.55 66.95
N LEU V 208 3.39 -27.09 67.80
CA LEU V 208 2.99 -25.69 67.83
C LEU V 208 2.91 -25.23 69.26
N SER V 209 2.41 -24.00 69.46
CA SER V 209 2.22 -23.46 70.80
C SER V 209 1.23 -22.31 70.72
N SER V 210 0.41 -22.18 71.77
CA SER V 210 -0.56 -21.10 71.88
C SER V 210 -0.26 -20.30 73.15
N VAL V 211 -0.34 -18.98 73.03
CA VAL V 211 0.06 -18.09 74.11
C VAL V 211 -1.01 -17.01 74.30
N VAL V 212 -1.03 -16.45 75.52
CA VAL V 212 -1.97 -15.39 75.89
C VAL V 212 -1.20 -14.31 76.62
N THR V 213 -1.43 -13.06 76.24
CA THR V 213 -0.78 -11.91 76.85
C THR V 213 -1.74 -11.29 77.86
N VAL V 214 -1.31 -11.22 79.13
CA VAL V 214 -2.17 -10.72 80.20
C VAL V 214 -1.36 -9.74 81.05
N PRO V 215 -2.04 -8.94 81.87
CA PRO V 215 -1.31 -8.05 82.79
C PRO V 215 -0.61 -8.84 83.89
N SER V 216 0.60 -8.37 84.23
CA SER V 216 1.35 -8.98 85.32
C SER V 216 0.63 -8.87 86.65
N SER V 217 -0.41 -8.04 86.73
CA SER V 217 -1.14 -7.87 87.98
C SER V 217 -2.13 -9.00 88.22
N SER V 218 -2.83 -9.45 87.18
CA SER V 218 -3.81 -10.52 87.29
C SER V 218 -3.19 -11.91 87.24
N LEU V 219 -1.86 -12.01 87.30
CA LEU V 219 -1.22 -13.32 87.22
C LEU V 219 -1.69 -14.24 88.35
N GLY V 220 -1.93 -13.68 89.54
CA GLY V 220 -2.29 -14.48 90.68
C GLY V 220 -3.77 -14.78 90.81
N THR V 221 -4.62 -13.82 90.45
CA THR V 221 -6.05 -13.97 90.61
C THR V 221 -6.61 -15.07 89.71
N GLN V 222 -6.58 -14.84 88.40
CA GLN V 222 -7.23 -15.73 87.45
C GLN V 222 -6.44 -17.03 87.28
N THR V 223 -7.17 -18.13 87.11
CA THR V 223 -6.60 -19.42 86.77
C THR V 223 -6.79 -19.67 85.28
N TYR V 224 -5.75 -20.19 84.63
CA TYR V 224 -5.73 -20.35 83.19
C TYR V 224 -5.53 -21.80 82.82
N ILE V 225 -6.35 -22.30 81.89
CA ILE V 225 -6.28 -23.68 81.41
C ILE V 225 -6.42 -23.65 79.89
N CYS V 226 -5.50 -24.33 79.20
CA CYS V 226 -5.58 -24.48 77.74
C CYS V 226 -6.24 -25.82 77.42
N ASN V 227 -7.20 -25.79 76.50
CA ASN V 227 -7.99 -26.96 76.15
C ASN V 227 -7.59 -27.41 74.75
N VAL V 228 -6.64 -28.34 74.69
CA VAL V 228 -6.17 -28.87 73.42
C VAL V 228 -7.12 -29.95 72.93
N ASN V 229 -7.06 -30.23 71.62
CA ASN V 229 -7.86 -31.30 71.04
C ASN V 229 -7.23 -31.71 69.71
N HIS V 230 -7.06 -33.02 69.51
CA HIS V 230 -6.48 -33.58 68.30
C HIS V 230 -7.36 -34.76 67.89
N LYS V 231 -8.37 -34.47 67.08
CA LYS V 231 -9.35 -35.50 66.73
C LYS V 231 -8.73 -36.73 66.05
N PRO V 232 -7.76 -36.60 65.13
CA PRO V 232 -7.22 -37.80 64.48
C PRO V 232 -6.76 -38.89 65.44
N SER V 233 -6.20 -38.52 66.60
CA SER V 233 -5.80 -39.48 67.61
C SER V 233 -6.81 -39.61 68.75
N ASN V 234 -7.94 -38.88 68.68
CA ASN V 234 -8.93 -38.88 69.73
C ASN V 234 -8.35 -38.42 71.07
N THR V 235 -7.39 -37.49 71.02
CA THR V 235 -6.74 -36.97 72.21
C THR V 235 -7.38 -35.66 72.61
N LYS V 236 -7.54 -35.46 73.92
CA LYS V 236 -8.12 -34.22 74.45
C LYS V 236 -7.51 -33.99 75.82
N VAL V 237 -6.90 -32.81 76.01
CA VAL V 237 -6.17 -32.50 77.23
C VAL V 237 -6.59 -31.12 77.72
N ASP V 238 -6.51 -30.95 79.05
CA ASP V 238 -6.77 -29.67 79.71
C ASP V 238 -5.63 -29.42 80.70
N LYS V 239 -4.67 -28.58 80.32
CA LYS V 239 -3.47 -28.33 81.11
C LYS V 239 -3.56 -26.95 81.76
N LYS V 240 -3.31 -26.90 83.07
CA LYS V 240 -3.30 -25.65 83.81
C LYS V 240 -1.92 -25.04 83.77
N VAL V 241 -1.88 -23.71 83.68
CA VAL V 241 -0.63 -22.95 83.56
C VAL V 241 -0.55 -21.98 84.73
N GLU V 242 0.55 -22.04 85.47
CA GLU V 242 0.77 -21.16 86.61
C GLU V 242 2.25 -20.80 86.76
N SER W 30 23.65 53.40 9.07
CA SER W 30 24.38 52.13 9.10
C SER W 30 25.78 52.30 8.49
N VAL W 31 26.52 51.20 8.37
CA VAL W 31 27.91 51.22 7.95
C VAL W 31 28.07 50.28 6.75
N LEU W 32 29.31 50.23 6.24
CA LEU W 32 29.69 49.37 5.14
C LEU W 32 31.04 48.75 5.48
N THR W 33 31.22 47.49 5.13
CA THR W 33 32.38 46.72 5.57
C THR W 33 33.52 46.85 4.56
N GLN W 34 34.61 47.47 5.00
CA GLN W 34 35.87 47.50 4.28
C GLN W 34 36.90 46.64 4.99
N PRO W 35 37.93 46.18 4.29
CA PRO W 35 39.05 45.54 4.98
C PRO W 35 39.89 46.59 5.69
N PRO W 36 40.35 46.32 6.92
CA PRO W 36 41.04 47.39 7.66
C PRO W 36 42.32 47.86 7.01
N SER W 37 43.14 46.94 6.49
CA SER W 37 44.44 47.31 5.96
C SER W 37 44.76 46.47 4.72
N VAL W 38 45.26 47.13 3.69
CA VAL W 38 45.73 46.48 2.48
C VAL W 38 47.12 47.03 2.17
N SER W 39 47.97 46.16 1.63
CA SER W 39 49.36 46.51 1.40
C SER W 39 49.84 45.90 0.09
N GLY W 40 50.93 46.45 -0.42
CA GLY W 40 51.51 45.99 -1.66
C GLY W 40 52.68 46.87 -2.05
N ALA W 41 53.58 46.29 -2.84
CA ALA W 41 54.79 46.97 -3.27
C ALA W 41 54.50 47.88 -4.46
N PRO W 42 55.38 48.84 -4.74
CA PRO W 42 55.14 49.76 -5.84
C PRO W 42 55.00 49.02 -7.17
N GLY W 43 54.18 49.58 -8.06
CA GLY W 43 53.94 49.00 -9.36
C GLY W 43 52.95 47.85 -9.37
N GLN W 44 52.57 47.33 -8.21
CA GLN W 44 51.64 46.21 -8.13
C GLN W 44 50.20 46.72 -8.16
N ARG W 45 49.26 45.78 -8.18
CA ARG W 45 47.84 46.09 -8.12
C ARG W 45 47.29 45.66 -6.77
N VAL W 46 46.28 46.39 -6.30
CA VAL W 46 45.63 46.08 -5.02
C VAL W 46 44.15 46.45 -5.15
N THR W 47 43.34 45.79 -4.34
CA THR W 47 41.89 45.96 -4.39
C THR W 47 41.36 46.22 -3.00
N ILE W 48 40.27 47.00 -2.93
CA ILE W 48 39.65 47.40 -1.67
C ILE W 48 38.16 47.11 -1.77
N SER W 49 37.69 46.13 -0.99
CA SER W 49 36.30 45.73 -1.05
C SER W 49 35.43 46.65 -0.20
N CYS W 50 34.18 46.79 -0.63
CA CYS W 50 33.18 47.62 0.07
C CYS W 50 31.87 46.83 0.02
N SER W 51 31.66 45.96 1.01
CA SER W 51 30.51 45.07 1.03
C SER W 51 29.31 45.75 1.68
N GLY W 52 28.12 45.23 1.35
CA GLY W 52 26.88 45.77 1.88
C GLY W 52 25.72 44.81 1.72
N SER W 53 24.53 45.34 1.45
CA SER W 53 23.33 44.53 1.34
C SER W 53 22.54 45.01 0.12
N ARG W 54 21.27 44.59 0.04
CA ARG W 54 20.41 44.93 -1.09
C ARG W 54 19.71 46.28 -0.91
N SER W 55 19.57 46.76 0.32
CA SER W 55 18.94 48.06 0.53
C SER W 55 19.86 49.23 0.21
N ASN W 56 21.18 49.01 0.25
CA ASN W 56 22.14 50.10 0.12
C ASN W 56 22.94 49.93 -1.16
N ILE W 57 24.03 49.17 -1.16
CA ILE W 57 24.85 49.03 -2.36
C ILE W 57 24.02 48.39 -3.47
N GLY W 58 23.25 47.35 -3.13
CA GLY W 58 22.47 46.65 -4.13
C GLY W 58 21.46 47.51 -4.85
N SER W 59 21.14 48.69 -4.32
CA SER W 59 20.15 49.58 -4.89
C SER W 59 20.68 50.98 -5.18
N ASN W 60 21.90 51.30 -4.77
CA ASN W 60 22.44 52.65 -4.93
C ASN W 60 23.88 52.57 -5.41
N THR W 61 24.43 53.71 -5.77
CA THR W 61 25.78 53.79 -6.33
C THR W 61 26.81 53.71 -5.20
N VAL W 62 28.05 54.06 -5.52
CA VAL W 62 29.13 54.05 -4.55
C VAL W 62 30.13 55.14 -4.94
N LYS W 63 30.64 55.84 -3.94
CA LYS W 63 31.74 56.79 -4.08
C LYS W 63 32.99 56.22 -3.43
N TRP W 64 34.12 56.86 -3.75
CA TRP W 64 35.39 56.50 -3.14
C TRP W 64 36.16 57.77 -2.81
N TYR W 65 36.64 57.85 -1.57
CA TYR W 65 37.35 59.03 -1.08
C TYR W 65 38.79 58.66 -0.73
N GLN W 66 39.64 59.68 -0.69
CA GLN W 66 41.03 59.53 -0.29
C GLN W 66 41.32 60.57 0.78
N GLN W 67 41.71 60.12 1.97
CA GLN W 67 42.02 61.01 3.09
C GLN W 67 43.46 60.79 3.52
N LEU W 68 44.34 61.72 3.15
CA LEU W 68 45.73 61.67 3.57
C LEU W 68 45.85 62.04 5.04
N PRO W 69 46.95 61.65 5.69
CA PRO W 69 47.01 61.71 7.16
C PRO W 69 46.49 63.01 7.78
N GLY W 70 46.86 64.16 7.21
CA GLY W 70 46.53 65.44 7.82
C GLY W 70 45.71 66.35 6.93
N THR W 71 44.69 65.81 6.29
CA THR W 71 43.79 66.61 5.46
C THR W 71 42.39 66.06 5.62
N ALA W 72 41.51 66.44 4.70
CA ALA W 72 40.16 65.93 4.61
C ALA W 72 40.04 64.96 3.44
N PRO W 73 38.96 64.20 3.37
CA PRO W 73 38.80 63.26 2.25
C PRO W 73 38.68 63.96 0.91
N LYS W 74 39.22 63.30 -0.13
CA LYS W 74 39.18 63.77 -1.50
C LYS W 74 38.46 62.75 -2.36
N LEU W 75 37.59 63.23 -3.26
CA LEU W 75 36.76 62.35 -4.07
C LEU W 75 37.57 61.72 -5.19
N LEU W 76 37.58 60.38 -5.24
CA LEU W 76 38.28 59.64 -6.28
C LEU W 76 37.34 59.15 -7.37
N ILE W 77 36.31 58.39 -6.99
CA ILE W 77 35.38 57.80 -7.92
C ILE W 77 33.97 58.20 -7.51
N TYR W 78 33.10 58.42 -8.50
CA TYR W 78 31.69 58.66 -8.25
C TYR W 78 30.87 57.82 -9.22
N TYR W 79 29.65 57.48 -8.79
CA TYR W 79 28.76 56.61 -9.55
C TYR W 79 29.48 55.31 -9.93
N ASN W 80 30.16 54.72 -8.95
CA ASN W 80 30.76 53.40 -9.07
C ASN W 80 32.10 53.43 -9.80
N ASP W 81 32.16 54.09 -10.97
CA ASP W 81 33.32 53.96 -11.84
C ASP W 81 33.74 55.23 -12.57
N GLN W 82 33.09 56.37 -12.33
CA GLN W 82 33.46 57.60 -13.03
C GLN W 82 34.62 58.29 -12.33
N ARG W 83 35.55 58.84 -13.15
CA ARG W 83 36.72 59.53 -12.64
C ARG W 83 36.55 61.03 -12.82
N PRO W 84 36.68 61.84 -11.77
CA PRO W 84 36.67 63.30 -11.95
C PRO W 84 37.95 63.80 -12.62
N SER W 85 38.04 65.11 -12.83
CA SER W 85 39.26 65.70 -13.35
C SER W 85 40.30 65.82 -12.24
N GLY W 86 41.54 65.48 -12.57
CA GLY W 86 42.64 65.50 -11.62
C GLY W 86 42.93 64.17 -10.97
N VAL W 87 42.10 63.16 -11.21
CA VAL W 87 42.28 61.83 -10.64
C VAL W 87 42.97 60.95 -11.69
N PRO W 88 44.15 60.40 -11.42
CA PRO W 88 44.79 59.51 -12.39
C PRO W 88 43.90 58.35 -12.79
N ASP W 89 44.18 57.79 -13.96
CA ASP W 89 43.38 56.69 -14.50
C ASP W 89 43.67 55.35 -13.84
N ARG W 90 44.77 55.24 -13.07
CA ARG W 90 45.06 53.99 -12.39
C ARG W 90 44.08 53.70 -11.27
N PHE W 91 43.37 54.71 -10.79
CA PHE W 91 42.27 54.50 -9.85
C PHE W 91 41.02 54.12 -10.64
N SER W 92 40.56 52.88 -10.49
CA SER W 92 39.42 52.37 -11.22
C SER W 92 38.48 51.65 -10.27
N GLY W 93 37.21 52.03 -10.28
CA GLY W 93 36.20 51.43 -9.43
C GLY W 93 35.32 50.44 -10.18
N SER W 94 34.41 49.82 -9.44
CA SER W 94 33.53 48.81 -10.00
C SER W 94 32.44 48.51 -8.97
N LYS W 95 31.40 47.78 -9.41
CA LYS W 95 30.32 47.41 -8.52
C LYS W 95 29.64 46.16 -9.07
N SER W 96 29.15 45.32 -8.16
CA SER W 96 28.44 44.10 -8.51
C SER W 96 27.53 43.70 -7.35
N GLY W 97 26.24 43.57 -7.63
CA GLY W 97 25.30 43.16 -6.60
C GLY W 97 25.42 43.96 -5.32
N THR W 98 25.88 43.31 -4.25
CA THR W 98 25.99 43.92 -2.93
C THR W 98 27.44 44.27 -2.56
N SER W 99 28.35 44.31 -3.53
CA SER W 99 29.75 44.56 -3.27
C SER W 99 30.31 45.49 -4.34
N ALA W 100 31.29 46.30 -3.94
CA ALA W 100 32.01 47.17 -4.85
C ALA W 100 33.50 47.03 -4.56
N SER W 101 34.31 47.55 -5.48
CA SER W 101 35.76 47.41 -5.37
C SER W 101 36.44 48.60 -6.01
N LEU W 102 37.50 49.09 -5.35
CA LEU W 102 38.39 50.10 -5.91
C LEU W 102 39.72 49.45 -6.25
N ALA W 103 40.19 49.68 -7.47
CA ALA W 103 41.41 49.06 -7.98
C ALA W 103 42.46 50.14 -8.22
N ILE W 104 43.66 49.93 -7.69
CA ILE W 104 44.79 50.83 -7.88
C ILE W 104 45.84 50.04 -8.64
N THR W 105 45.97 50.31 -9.94
CA THR W 105 46.90 49.59 -10.81
C THR W 105 48.21 50.36 -10.86
N GLY W 106 49.28 49.73 -10.38
CA GLY W 106 50.57 50.41 -10.30
C GLY W 106 50.62 51.39 -9.15
N LEU W 107 51.11 50.94 -8.00
CA LEU W 107 51.08 51.74 -6.79
C LEU W 107 52.13 52.84 -6.83
N GLN W 108 52.03 53.77 -5.88
CA GLN W 108 53.00 54.83 -5.71
C GLN W 108 53.07 55.19 -4.24
N ALA W 109 54.20 55.79 -3.85
CA ALA W 109 54.34 56.23 -2.47
C ALA W 109 53.25 57.23 -2.09
N GLU W 110 52.92 58.14 -3.02
CA GLU W 110 51.92 59.17 -2.75
C GLU W 110 50.54 58.58 -2.53
N ASP W 111 50.30 57.34 -2.96
CA ASP W 111 49.01 56.70 -2.76
C ASP W 111 48.83 56.11 -1.37
N GLU W 112 49.91 56.04 -0.59
CA GLU W 112 49.82 55.54 0.80
C GLU W 112 48.91 56.45 1.61
N ALA W 113 47.72 55.96 1.98
CA ALA W 113 46.74 56.79 2.67
C ALA W 113 45.61 55.90 3.19
N ASP W 114 44.54 56.53 3.66
CA ASP W 114 43.31 55.86 4.05
C ASP W 114 42.25 56.10 2.96
N TYR W 115 41.35 55.13 2.81
CA TYR W 115 40.32 55.18 1.78
C TYR W 115 38.98 54.75 2.37
N TYR W 116 37.93 55.47 1.98
CA TYR W 116 36.58 55.23 2.49
C TYR W 116 35.60 55.17 1.32
N CYS W 117 34.67 54.22 1.38
CA CYS W 117 33.57 54.15 0.42
C CYS W 117 32.29 54.65 1.05
N GLN W 118 31.44 55.24 0.22
CA GLN W 118 30.22 55.89 0.69
C GLN W 118 29.06 55.51 -0.22
N SER W 119 27.88 55.44 0.37
CA SER W 119 26.66 55.12 -0.37
C SER W 119 25.47 55.43 0.53
N TYR W 120 24.27 55.26 -0.01
CA TYR W 120 23.02 55.50 0.70
C TYR W 120 22.25 54.18 0.82
N ASP W 121 20.98 54.29 1.18
CA ASP W 121 20.05 53.17 1.10
C ASP W 121 18.68 53.71 0.76
N ARG W 122 17.76 52.80 0.47
CA ARG W 122 16.39 53.21 0.12
C ARG W 122 15.56 53.56 1.35
N TYR W 123 16.09 53.34 2.56
CA TYR W 123 15.34 53.65 3.77
C TYR W 123 15.66 55.07 4.23
N THR W 124 16.80 55.24 4.91
CA THR W 124 17.29 56.56 5.30
C THR W 124 17.90 57.21 4.05
N HIS W 125 17.05 57.99 3.36
CA HIS W 125 17.35 58.35 1.98
C HIS W 125 18.57 59.25 1.86
N PRO W 126 18.62 60.43 2.48
CA PRO W 126 19.78 61.32 2.31
C PRO W 126 20.94 61.01 3.23
N ALA W 127 20.81 60.03 4.11
CA ALA W 127 21.89 59.73 5.05
C ALA W 127 23.03 59.03 4.35
N LEU W 128 24.24 59.30 4.82
CA LEU W 128 25.46 58.74 4.24
C LEU W 128 25.88 57.51 5.04
N LEU W 129 26.22 56.44 4.33
CA LEU W 129 26.74 55.22 4.95
C LEU W 129 28.21 55.10 4.57
N PHE W 130 29.08 55.47 5.49
CA PHE W 130 30.52 55.41 5.27
C PHE W 130 31.04 54.03 5.65
N GLY W 131 32.12 53.62 4.97
CA GLY W 131 32.75 52.36 5.28
C GLY W 131 33.70 52.46 6.47
N THR W 132 34.09 51.29 6.97
CA THR W 132 35.00 51.25 8.11
C THR W 132 36.34 51.91 7.79
N GLY W 133 36.67 52.04 6.51
CA GLY W 133 37.95 52.62 6.11
C GLY W 133 39.02 51.56 5.92
N THR W 134 39.97 51.87 5.02
CA THR W 134 41.07 50.96 4.72
C THR W 134 42.38 51.72 4.68
N LYS W 135 43.36 51.23 5.44
CA LYS W 135 44.68 51.85 5.51
C LYS W 135 45.58 51.18 4.46
N VAL W 136 45.91 51.93 3.42
CA VAL W 136 46.81 51.43 2.38
C VAL W 136 48.24 51.72 2.80
N THR W 137 49.05 50.66 2.87
CA THR W 137 50.46 50.78 3.24
C THR W 137 51.31 50.31 2.06
N VAL W 138 52.28 51.13 1.66
CA VAL W 138 53.16 50.82 0.55
C VAL W 138 54.41 50.14 1.08
N LEU W 139 54.83 49.06 0.43
CA LEU W 139 56.00 48.30 0.80
C LEU W 139 57.17 48.70 -0.11
N GLY W 140 58.27 47.93 -0.03
CA GLY W 140 59.38 48.08 -0.94
C GLY W 140 59.87 49.50 -1.15
N GLN W 141 59.76 50.36 -0.11
CA GLN W 141 60.33 51.69 -0.27
C GLN W 141 61.81 51.69 0.10
N PRO W 142 62.58 52.62 -0.45
CA PRO W 142 64.04 52.55 -0.30
C PRO W 142 64.52 52.98 1.08
N LYS W 143 65.71 52.53 1.42
CA LYS W 143 66.37 52.95 2.64
C LYS W 143 66.49 54.47 2.67
N ALA W 144 66.35 55.06 3.86
CA ALA W 144 66.43 56.50 4.03
C ALA W 144 66.92 56.81 5.45
N ALA W 145 67.73 57.86 5.56
CA ALA W 145 68.32 58.23 6.84
C ALA W 145 67.60 59.43 7.44
N PRO W 146 67.67 59.60 8.76
CA PRO W 146 67.03 60.75 9.41
C PRO W 146 67.90 62.00 9.41
N SER W 147 67.25 63.13 9.60
CA SER W 147 67.90 64.44 9.69
C SER W 147 67.74 64.93 11.13
N VAL W 148 68.74 64.66 11.95
CA VAL W 148 68.70 65.00 13.38
C VAL W 148 68.99 66.48 13.56
N THR W 149 68.35 67.07 14.55
CA THR W 149 68.57 68.48 14.90
C THR W 149 68.31 68.65 16.38
N LEU W 150 69.35 69.00 17.14
CA LEU W 150 69.29 69.07 18.59
C LEU W 150 69.43 70.50 19.05
N PHE W 151 68.47 70.98 19.87
CA PHE W 151 68.46 72.33 20.40
C PHE W 151 68.72 72.34 21.90
N PRO W 152 69.36 73.38 22.42
CA PRO W 152 69.63 73.43 23.86
C PRO W 152 68.48 74.12 24.60
N PRO W 153 68.51 74.15 25.92
CA PRO W 153 67.51 74.91 26.68
C PRO W 153 67.73 76.40 26.48
N SER W 154 66.71 77.09 26.00
CA SER W 154 66.82 78.52 25.76
C SER W 154 67.10 79.26 27.07
N SER W 155 67.60 80.49 26.94
CA SER W 155 67.86 81.30 28.12
C SER W 155 66.59 81.58 28.90
N GLU W 156 65.48 81.82 28.19
CA GLU W 156 64.23 82.17 28.85
C GLU W 156 63.70 81.00 29.68
N GLU W 157 63.84 79.77 29.17
CA GLU W 157 63.39 78.60 29.92
C GLU W 157 64.21 78.39 31.18
N LEU W 158 65.49 78.76 31.16
CA LEU W 158 66.34 78.57 32.32
C LEU W 158 66.05 79.59 33.42
N GLN W 159 65.63 80.80 33.05
CA GLN W 159 65.28 81.81 34.06
C GLN W 159 64.13 81.34 34.93
N ALA W 160 63.25 80.47 34.40
CA ALA W 160 62.14 79.89 35.16
C ALA W 160 62.53 78.59 35.85
N ASN W 161 63.83 78.33 36.03
CA ASN W 161 64.31 77.11 36.66
C ASN W 161 63.79 75.88 35.91
N LYS W 162 63.93 75.92 34.59
CA LYS W 162 63.46 74.85 33.72
C LYS W 162 64.51 74.59 32.65
N ALA W 163 64.62 73.33 32.25
CA ALA W 163 65.57 72.94 31.21
C ALA W 163 64.98 71.78 30.41
N THR W 164 65.00 71.90 29.09
CA THR W 164 64.48 70.88 28.19
C THR W 164 65.35 70.82 26.95
N LEU W 165 65.72 69.61 26.56
CA LEU W 165 66.54 69.37 25.37
C LEU W 165 65.66 68.79 24.27
N VAL W 166 65.65 69.46 23.12
CA VAL W 166 64.76 69.13 22.02
C VAL W 166 65.58 68.46 20.92
N CYS W 167 65.36 67.17 20.72
CA CYS W 167 65.99 66.41 19.64
C CYS W 167 64.92 66.09 18.61
N LEU W 168 65.09 66.62 17.40
CA LEU W 168 64.11 66.47 16.33
C LEU W 168 64.63 65.53 15.26
N ILE W 169 63.73 64.70 14.74
CA ILE W 169 64.05 63.68 13.74
C ILE W 169 63.00 63.79 12.64
N SER W 170 63.46 63.83 11.38
CA SER W 170 62.55 64.07 10.26
C SER W 170 63.15 63.48 9.00
N ASP W 171 62.28 63.29 8.00
CA ASP W 171 62.69 62.85 6.67
C ASP W 171 63.48 61.56 6.75
N PHE W 172 62.79 60.42 6.88
CA PHE W 172 63.45 59.13 6.94
C PHE W 172 62.43 58.04 6.61
N TYR W 173 62.92 56.81 6.50
CA TYR W 173 62.08 55.66 6.19
C TYR W 173 62.87 54.39 6.46
N PRO W 174 62.25 53.34 7.03
CA PRO W 174 60.85 53.21 7.48
C PRO W 174 60.56 53.90 8.83
N GLY W 175 59.30 53.83 9.25
CA GLY W 175 58.85 54.55 10.43
C GLY W 175 59.04 53.78 11.72
N ALA W 176 60.27 53.73 12.22
CA ALA W 176 60.58 53.08 13.48
C ALA W 176 62.05 53.31 13.83
N VAL W 177 62.32 53.91 14.98
CA VAL W 177 63.66 54.26 15.40
C VAL W 177 63.78 54.02 16.90
N THR W 178 64.96 54.34 17.44
CA THR W 178 65.21 54.29 18.88
C THR W 178 66.15 55.43 19.24
N VAL W 179 65.76 56.20 20.25
CA VAL W 179 66.52 57.35 20.71
C VAL W 179 67.25 56.98 21.98
N ALA W 180 68.43 57.58 22.17
CA ALA W 180 69.24 57.32 23.37
C ALA W 180 69.91 58.62 23.78
N TRP W 181 69.57 59.12 24.96
CA TRP W 181 70.22 60.28 25.54
C TRP W 181 71.33 59.85 26.48
N LYS W 182 72.37 60.69 26.57
CA LYS W 182 73.51 60.39 27.42
C LYS W 182 74.14 61.68 27.89
N ALA W 183 74.43 61.77 29.18
CA ALA W 183 75.08 62.94 29.77
C ALA W 183 76.58 62.80 29.60
N ASP W 184 77.19 63.74 28.88
CA ASP W 184 78.59 63.60 28.48
C ASP W 184 78.78 62.24 27.85
N SER W 185 79.33 61.28 28.60
CA SER W 185 79.53 59.93 28.11
C SER W 185 78.62 58.90 28.77
N SER W 186 77.96 59.24 29.92
CA SER W 186 77.28 58.20 30.67
C SER W 186 75.82 58.05 30.23
N PRO W 187 75.27 56.83 30.33
CA PRO W 187 73.85 56.63 30.02
C PRO W 187 72.93 57.48 30.90
N VAL W 188 71.79 57.85 30.35
CA VAL W 188 70.75 58.59 31.05
C VAL W 188 69.39 58.04 30.61
N LYS W 189 68.46 57.92 31.57
CA LYS W 189 67.18 57.28 31.26
C LYS W 189 65.99 58.11 31.70
N ALA W 190 65.93 58.47 32.99
CA ALA W 190 64.77 59.17 33.51
C ALA W 190 64.66 60.57 32.91
N GLY W 191 63.42 61.04 32.78
CA GLY W 191 63.16 62.36 32.25
C GLY W 191 63.11 62.47 30.75
N VAL W 192 62.86 61.36 30.05
CA VAL W 192 62.84 61.33 28.59
C VAL W 192 61.42 61.04 28.13
N GLU W 193 60.96 61.79 27.13
CA GLU W 193 59.63 61.63 26.56
C GLU W 193 59.72 61.77 25.05
N THR W 194 59.40 60.69 24.34
CA THR W 194 59.51 60.64 22.89
C THR W 194 58.15 60.30 22.30
N THR W 195 57.93 60.74 21.06
CA THR W 195 56.70 60.43 20.36
C THR W 195 56.89 59.18 19.52
N THR W 196 55.81 58.75 18.85
CA THR W 196 55.88 57.63 17.93
C THR W 196 55.98 58.13 16.49
N PRO W 197 56.70 57.41 15.62
CA PRO W 197 56.88 57.90 14.25
C PRO W 197 55.57 58.20 13.55
N SER W 198 55.46 59.41 13.01
CA SER W 198 54.31 59.84 12.23
C SER W 198 54.73 60.21 10.83
N LYS W 199 53.82 60.03 9.87
CA LYS W 199 54.12 60.33 8.48
C LYS W 199 53.92 61.81 8.18
N GLN W 200 54.77 62.33 7.31
CA GLN W 200 54.70 63.71 6.87
C GLN W 200 53.82 63.78 5.62
N SER W 201 53.84 64.94 4.94
CA SER W 201 53.13 65.08 3.69
C SER W 201 53.84 64.36 2.55
N ASN W 202 55.18 64.34 2.55
CA ASN W 202 55.97 63.69 1.52
C ASN W 202 56.11 62.18 1.76
N ASN W 203 55.33 61.61 2.68
CA ASN W 203 55.30 60.19 2.98
C ASN W 203 56.55 59.69 3.69
N LYS W 204 57.41 60.58 4.16
CA LYS W 204 58.48 60.22 5.06
C LYS W 204 58.05 60.45 6.51
N TYR W 205 58.69 59.72 7.43
CA TYR W 205 58.32 59.77 8.83
C TYR W 205 59.09 60.86 9.57
N ALA W 206 58.63 61.15 10.79
CA ALA W 206 59.23 62.19 11.61
C ALA W 206 58.88 61.91 13.06
N ALA W 207 59.67 62.49 13.96
CA ALA W 207 59.47 62.29 15.39
C ALA W 207 60.23 63.37 16.14
N SER W 208 60.07 63.36 17.47
CA SER W 208 60.70 64.34 18.34
C SER W 208 60.81 63.76 19.74
N SER W 209 61.96 64.01 20.39
CA SER W 209 62.23 63.52 21.73
C SER W 209 62.60 64.69 22.62
N TYR W 210 62.06 64.69 23.84
CA TYR W 210 62.27 65.79 24.79
C TYR W 210 62.84 65.23 26.08
N LEU W 211 64.02 65.71 26.46
CA LEU W 211 64.69 65.33 27.70
C LEU W 211 64.61 66.49 28.67
N SER W 212 63.71 66.37 29.66
CA SER W 212 63.56 67.41 30.67
C SER W 212 64.63 67.25 31.74
N LEU W 213 65.23 68.36 32.14
CA LEU W 213 66.31 68.36 33.11
C LEU W 213 66.18 69.58 34.01
N THR W 214 67.06 69.67 35.01
CA THR W 214 67.14 70.83 35.88
C THR W 214 68.26 71.75 35.43
N PRO W 215 68.18 73.04 35.79
CA PRO W 215 69.25 73.96 35.36
C PRO W 215 70.62 73.57 35.86
N GLU W 216 70.72 72.94 37.03
CA GLU W 216 72.01 72.64 37.61
C GLU W 216 72.68 71.45 36.92
N GLN W 217 71.94 70.37 36.69
CA GLN W 217 72.53 69.20 36.04
C GLN W 217 72.83 69.48 34.57
N TRP W 218 72.19 70.48 33.97
CA TRP W 218 72.53 70.88 32.61
C TRP W 218 73.85 71.64 32.57
N LYS W 219 74.12 72.44 33.60
CA LYS W 219 75.38 73.17 33.68
C LYS W 219 76.50 72.33 34.25
N SER W 220 76.17 71.36 35.12
CA SER W 220 77.16 70.44 35.66
C SER W 220 77.84 69.68 34.53
N HIS W 221 77.11 68.74 33.93
CA HIS W 221 77.64 67.99 32.80
C HIS W 221 77.99 68.94 31.66
N ARG W 222 79.14 68.69 31.03
CA ARG W 222 79.66 69.61 30.02
C ARG W 222 78.99 69.45 28.66
N SER W 223 78.20 68.42 28.45
CA SER W 223 77.60 68.21 27.14
C SER W 223 76.50 67.15 27.26
N TYR W 224 75.63 67.12 26.25
CA TYR W 224 74.59 66.11 26.13
C TYR W 224 74.47 65.70 24.66
N SER W 225 74.09 64.45 24.44
CA SER W 225 74.06 63.88 23.10
C SER W 225 72.73 63.19 22.86
N CYS W 226 72.23 63.32 21.63
CA CYS W 226 71.04 62.61 21.18
C CYS W 226 71.47 61.64 20.09
N GLN W 227 71.48 60.36 20.42
CA GLN W 227 71.88 59.31 19.49
C GLN W 227 70.64 58.63 18.94
N VAL W 228 70.44 58.72 17.62
CA VAL W 228 69.26 58.19 16.95
C VAL W 228 69.70 57.04 16.07
N THR W 229 69.26 55.83 16.39
CA THR W 229 69.58 54.64 15.61
C THR W 229 68.44 54.36 14.64
N HIS W 230 68.79 54.00 13.40
CA HIS W 230 67.81 53.76 12.36
C HIS W 230 68.38 52.73 11.40
N GLU W 231 67.80 51.53 11.40
CA GLU W 231 68.26 50.44 10.52
C GLU W 231 69.74 50.15 10.74
N GLY W 232 70.17 50.18 12.01
CA GLY W 232 71.56 49.92 12.35
C GLY W 232 72.47 51.12 12.25
N SER W 233 72.03 52.21 11.64
CA SER W 233 72.83 53.42 11.48
C SER W 233 72.47 54.41 12.59
N THR W 234 73.49 54.89 13.30
CA THR W 234 73.30 55.81 14.41
C THR W 234 73.76 57.21 14.00
N VAL W 235 72.96 58.22 14.34
CA VAL W 235 73.28 59.61 14.07
C VAL W 235 73.33 60.34 15.41
N GLU W 236 74.51 60.86 15.75
CA GLU W 236 74.73 61.55 17.00
C GLU W 236 74.81 63.06 16.77
N LYS W 237 74.14 63.81 17.64
CA LYS W 237 74.19 65.27 17.62
C LYS W 237 74.37 65.76 19.05
N THR W 238 75.35 66.63 19.24
CA THR W 238 75.77 67.06 20.57
C THR W 238 75.55 68.55 20.74
N VAL W 239 75.54 68.99 22.00
CA VAL W 239 75.41 70.40 22.36
C VAL W 239 76.05 70.61 23.71
N ALA W 240 76.50 71.83 23.96
CA ALA W 240 77.14 72.20 25.21
C ALA W 240 76.56 73.52 25.72
N PRO W 241 76.66 73.77 27.04
CA PRO W 241 76.12 75.05 27.57
C PRO W 241 77.01 76.23 27.22
N THR W 242 76.51 77.13 26.37
CA THR W 242 77.26 78.32 26.02
C THR W 242 76.30 79.33 25.39
N GLU W 243 76.64 80.61 25.52
CA GLU W 243 75.82 81.68 24.96
C GLU W 243 75.96 81.74 23.44
N GLN X 29 36.88 76.61 -8.06
CA GLN X 29 37.49 77.34 -6.91
C GLN X 29 36.57 77.30 -5.69
N VAL X 30 35.78 76.24 -5.59
CA VAL X 30 34.89 76.06 -4.44
C VAL X 30 35.70 76.07 -3.16
N GLN X 31 35.09 76.55 -2.08
CA GLN X 31 35.79 76.64 -0.81
C GLN X 31 34.80 76.55 0.35
N LEU X 32 35.24 75.88 1.42
CA LEU X 32 34.45 75.74 2.64
C LEU X 32 35.37 76.00 3.82
N VAL X 33 34.92 76.84 4.75
CA VAL X 33 35.70 77.25 5.90
C VAL X 33 34.86 77.02 7.15
N GLU X 34 35.32 76.14 8.02
CA GLU X 34 34.61 75.85 9.27
C GLU X 34 35.08 76.78 10.37
N SER X 35 34.19 77.05 11.32
CA SER X 35 34.48 77.93 12.44
C SER X 35 33.47 77.64 13.54
N GLY X 36 33.75 78.21 14.71
CA GLY X 36 32.91 78.04 15.88
C GLY X 36 33.36 76.94 16.82
N GLY X 37 34.09 75.95 16.32
CA GLY X 37 34.54 74.85 17.14
C GLY X 37 35.41 75.28 18.30
N GLY X 38 35.87 74.32 19.09
CA GLY X 38 36.71 74.62 20.23
C GLY X 38 36.63 73.56 21.32
N VAL X 39 36.52 74.01 22.57
CA VAL X 39 36.37 73.10 23.70
C VAL X 39 35.15 73.54 24.50
N VAL X 40 34.53 72.59 25.19
CA VAL X 40 33.34 72.87 26.00
C VAL X 40 33.11 71.70 26.93
N GLN X 41 32.55 71.99 28.11
CA GLN X 41 32.20 70.93 29.04
C GLN X 41 30.91 70.25 28.61
N PRO X 42 30.69 69.01 29.04
CA PRO X 42 29.47 68.31 28.63
C PRO X 42 28.22 69.05 29.07
N GLY X 43 27.15 68.87 28.30
CA GLY X 43 25.86 69.43 28.62
C GLY X 43 25.61 70.82 28.09
N ARG X 44 26.65 71.58 27.80
CA ARG X 44 26.47 72.93 27.30
C ARG X 44 26.18 72.91 25.80
N SER X 45 26.05 74.10 25.22
CA SER X 45 25.76 74.27 23.80
C SER X 45 27.00 74.77 23.07
N LEU X 46 26.88 74.84 21.74
CA LEU X 46 27.97 75.29 20.89
C LEU X 46 27.47 75.36 19.45
N ARG X 47 27.78 76.46 18.76
CA ARG X 47 27.31 76.72 17.41
C ARG X 47 28.49 76.72 16.44
N LEU X 48 28.35 76.00 15.34
CA LEU X 48 29.37 75.90 14.30
C LEU X 48 28.93 76.66 13.06
N SER X 49 29.92 77.09 12.27
CA SER X 49 29.66 77.86 11.07
C SER X 49 30.57 77.37 9.96
N CYS X 50 30.01 77.31 8.75
CA CYS X 50 30.74 76.88 7.56
C CYS X 50 30.52 77.93 6.48
N ALA X 51 31.59 78.59 6.07
CA ALA X 51 31.52 79.66 5.07
C ALA X 51 31.71 79.08 3.67
N ALA X 52 30.68 79.24 2.84
CA ALA X 52 30.72 78.72 1.48
C ALA X 52 31.02 79.83 0.48
N SER X 53 31.72 79.47 -0.58
CA SER X 53 32.13 80.44 -1.59
C SER X 53 32.47 79.71 -2.88
N GLY X 54 32.23 80.39 -3.99
CA GLY X 54 32.60 79.86 -5.28
C GLY X 54 31.53 79.07 -5.99
N PHE X 55 30.26 79.25 -5.65
CA PHE X 55 29.17 78.57 -6.34
C PHE X 55 27.84 79.15 -5.84
N THR X 56 26.76 78.62 -6.38
CA THR X 56 25.40 79.06 -6.03
C THR X 56 24.96 78.29 -4.80
N PHE X 57 25.33 78.78 -3.63
CA PHE X 57 25.03 78.07 -2.39
C PHE X 57 23.53 77.82 -2.23
N SER X 58 22.70 78.76 -2.64
CA SER X 58 21.25 78.65 -2.45
C SER X 58 20.62 77.56 -3.31
N SER X 59 21.35 77.01 -4.27
CA SER X 59 20.79 76.05 -5.23
C SER X 59 21.30 74.63 -4.99
N TYR X 60 21.81 74.33 -3.78
CA TYR X 60 22.26 72.98 -3.47
C TYR X 60 22.07 72.72 -1.99
N GLY X 61 22.05 71.43 -1.64
CA GLY X 61 21.99 71.03 -0.25
C GLY X 61 23.37 70.96 0.37
N MET X 62 23.39 70.72 1.68
CA MET X 62 24.64 70.68 2.43
C MET X 62 24.57 69.61 3.52
N HIS X 63 25.74 69.08 3.86
CA HIS X 63 25.89 68.04 4.88
C HIS X 63 26.76 68.54 6.02
N TRP X 64 26.76 67.76 7.10
CA TRP X 64 27.73 67.89 8.18
C TRP X 64 28.23 66.50 8.50
N VAL X 65 29.55 66.35 8.56
CA VAL X 65 30.18 65.06 8.85
C VAL X 65 31.24 65.26 9.92
N ARG X 66 31.52 64.21 10.68
CA ARG X 66 32.52 64.27 11.73
C ARG X 66 33.42 63.05 11.66
N GLN X 67 34.62 63.20 12.22
CA GLN X 67 35.60 62.12 12.28
C GLN X 67 36.40 62.28 13.56
N ALA X 68 36.33 61.28 14.44
CA ALA X 68 37.13 61.31 15.64
C ALA X 68 38.60 61.07 15.32
N PRO X 69 39.52 61.63 16.10
CA PRO X 69 40.94 61.49 15.77
C PRO X 69 41.35 60.05 15.53
N GLY X 70 42.02 59.80 14.41
CA GLY X 70 42.46 58.47 14.07
C GLY X 70 41.35 57.46 13.91
N LYS X 71 40.12 57.91 13.67
CA LYS X 71 38.97 57.04 13.47
C LYS X 71 38.33 57.33 12.11
N GLY X 72 37.23 56.65 11.84
CA GLY X 72 36.54 56.76 10.57
C GLY X 72 35.51 57.87 10.55
N LEU X 73 34.79 57.94 9.44
CA LEU X 73 33.82 59.01 9.21
C LEU X 73 32.45 58.61 9.75
N GLU X 74 31.68 59.61 10.17
CA GLU X 74 30.33 59.40 10.66
C GLU X 74 29.45 60.57 10.24
N TRP X 75 28.35 60.26 9.57
CA TRP X 75 27.41 61.30 9.13
C TRP X 75 26.69 61.90 10.33
N VAL X 76 26.35 63.18 10.22
CA VAL X 76 25.75 63.93 11.32
C VAL X 76 24.36 64.39 10.95
N ALA X 77 24.26 65.20 9.90
CA ALA X 77 22.98 65.77 9.50
C ALA X 77 23.07 66.25 8.06
N PHE X 78 21.95 66.77 7.57
CA PHE X 78 21.84 67.24 6.18
C PHE X 78 20.64 68.17 6.09
N ILE X 79 20.67 69.04 5.09
CA ILE X 79 19.61 70.02 4.88
C ILE X 79 19.49 70.32 3.40
N ARG X 80 18.26 70.45 2.92
CA ARG X 80 17.99 70.68 1.51
C ARG X 80 18.46 72.07 1.09
N TYR X 81 18.47 72.31 -0.22
CA TYR X 81 18.78 73.64 -0.74
C TYR X 81 17.82 74.68 -0.20
N ASP X 82 16.57 74.30 0.03
CA ASP X 82 15.55 75.21 0.52
C ASP X 82 15.62 75.40 2.04
N GLY X 83 16.17 74.43 2.77
CA GLY X 83 16.03 74.40 4.20
C GLY X 83 14.69 73.88 4.68
N SER X 84 13.80 73.51 3.75
CA SER X 84 12.47 73.04 4.14
C SER X 84 12.55 71.85 5.07
N ASN X 85 13.27 70.80 4.66
CA ASN X 85 13.35 69.55 5.41
C ASN X 85 14.76 69.35 5.94
N LYS X 86 14.87 68.97 7.21
CA LYS X 86 16.14 68.69 7.86
C LYS X 86 16.20 67.22 8.25
N TYR X 87 17.39 66.65 8.20
CA TYR X 87 17.62 65.26 8.59
C TYR X 87 18.76 65.20 9.58
N TYR X 88 18.66 64.27 10.54
CA TYR X 88 19.66 64.10 11.56
C TYR X 88 19.97 62.61 11.75
N ALA X 89 21.15 62.34 12.27
CA ALA X 89 21.49 60.98 12.67
C ALA X 89 20.89 60.67 14.02
N ASP X 90 20.53 59.40 14.22
CA ASP X 90 19.83 59.02 15.44
C ASP X 90 20.69 59.31 16.67
N SER X 91 22.01 59.26 16.55
CA SER X 91 22.87 59.55 17.69
C SER X 91 22.82 61.02 18.10
N VAL X 92 22.21 61.89 17.30
CA VAL X 92 22.14 63.31 17.64
C VAL X 92 20.75 63.85 17.34
N LYS X 93 19.76 62.97 17.31
CA LYS X 93 18.39 63.41 17.06
C LYS X 93 17.86 64.15 18.28
N GLY X 94 17.28 65.33 18.05
CA GLY X 94 16.68 66.11 19.11
C GLY X 94 17.65 66.92 19.95
N ARG X 95 18.96 66.69 19.79
CA ARG X 95 19.98 67.45 20.52
C ARG X 95 20.62 68.53 19.65
N PHE X 96 21.09 68.16 18.46
CA PHE X 96 21.64 69.11 17.52
C PHE X 96 20.51 69.74 16.69
N THR X 97 20.87 70.80 15.97
CA THR X 97 19.90 71.47 15.10
C THR X 97 20.66 72.14 13.95
N ILE X 98 20.27 71.83 12.73
CA ILE X 98 20.95 72.32 11.53
C ILE X 98 20.19 73.52 10.98
N SER X 99 20.93 74.41 10.32
CA SER X 99 20.33 75.62 9.76
C SER X 99 21.30 76.22 8.75
N ARG X 100 20.77 77.03 7.85
CA ARG X 100 21.56 77.74 6.85
C ARG X 100 20.94 79.11 6.62
N ASP X 101 21.76 80.02 6.08
CA ASP X 101 21.31 81.36 5.75
C ASP X 101 21.85 81.69 4.36
N ASN X 102 21.02 81.50 3.34
CA ASN X 102 21.47 81.66 1.96
C ASN X 102 21.83 83.09 1.64
N SER X 103 21.18 84.06 2.28
CA SER X 103 21.48 85.47 2.00
C SER X 103 22.94 85.80 2.26
N LYS X 104 23.59 85.07 3.17
CA LYS X 104 24.99 85.29 3.51
C LYS X 104 25.89 84.13 3.14
N ASN X 105 25.37 83.10 2.48
CA ASN X 105 26.18 81.98 2.01
C ASN X 105 26.99 81.37 3.15
N THR X 106 26.28 80.87 4.15
CA THR X 106 26.90 80.19 5.27
C THR X 106 25.99 79.07 5.74
N LEU X 107 26.57 78.17 6.53
CA LEU X 107 25.86 77.01 7.07
C LEU X 107 26.17 76.92 8.55
N TYR X 108 25.17 76.54 9.34
CA TYR X 108 25.30 76.48 10.78
C TYR X 108 25.00 75.06 11.28
N LEU X 109 25.34 74.83 12.55
CA LEU X 109 25.02 73.57 13.22
C LEU X 109 24.99 73.83 14.72
N GLN X 110 23.78 73.98 15.28
CA GLN X 110 23.60 74.26 16.70
C GLN X 110 23.64 72.95 17.47
N MET X 111 24.67 72.78 18.29
CA MET X 111 24.86 71.55 19.06
C MET X 111 24.55 71.84 20.52
N ASN X 112 23.41 71.35 21.00
CA ASN X 112 23.02 71.50 22.39
C ASN X 112 23.15 70.17 23.11
N SER X 113 23.26 70.24 24.44
CA SER X 113 23.35 69.05 25.28
C SER X 113 24.47 68.12 24.80
N LEU X 114 25.64 68.70 24.57
CA LEU X 114 26.76 67.95 24.02
C LEU X 114 27.19 66.84 24.97
N ARG X 115 27.90 65.87 24.40
CA ARG X 115 28.39 64.71 25.15
C ARG X 115 29.85 64.47 24.78
N ALA X 116 30.50 63.60 25.56
CA ALA X 116 31.92 63.35 25.34
C ALA X 116 32.17 62.61 24.03
N GLU X 117 31.30 61.65 23.69
CA GLU X 117 31.50 60.89 22.46
C GLU X 117 31.40 61.78 21.22
N ASP X 118 30.75 62.94 21.30
CA ASP X 118 30.69 63.85 20.18
C ASP X 118 32.03 64.50 19.87
N THR X 119 33.05 64.26 20.69
CA THR X 119 34.39 64.78 20.43
C THR X 119 34.89 64.26 19.09
N ALA X 120 35.16 65.18 18.17
CA ALA X 120 35.63 64.83 16.84
C ALA X 120 35.79 66.13 16.04
N VAL X 121 36.39 66.00 14.87
CA VAL X 121 36.44 67.11 13.91
C VAL X 121 35.15 67.12 13.12
N TYR X 122 34.72 68.32 12.70
CA TYR X 122 33.43 68.51 12.06
C TYR X 122 33.63 69.19 10.71
N TYR X 123 33.39 68.44 9.64
CA TYR X 123 33.47 68.97 8.28
C TYR X 123 32.08 69.36 7.77
N CYS X 124 32.08 70.21 6.75
CA CYS X 124 30.87 70.48 5.96
C CYS X 124 31.14 70.04 4.53
N LYS X 125 30.25 69.20 3.99
CA LYS X 125 30.39 68.64 2.65
C LYS X 125 29.15 68.94 1.83
N THR X 126 29.36 69.25 0.56
CA THR X 126 28.27 69.56 -0.33
C THR X 126 27.54 68.27 -0.76
N HIS X 127 26.31 68.45 -1.25
CA HIS X 127 25.48 67.33 -1.70
C HIS X 127 25.51 67.31 -3.22
N GLY X 128 26.33 66.42 -3.78
CA GLY X 128 26.43 66.29 -5.21
C GLY X 128 27.46 65.24 -5.56
N SER X 129 27.58 64.97 -6.86
CA SER X 129 28.59 64.03 -7.33
C SER X 129 29.98 64.55 -7.03
N HIS X 130 30.32 65.72 -7.57
CA HIS X 130 31.63 66.35 -7.36
C HIS X 130 31.53 67.27 -6.13
N ASP X 131 31.55 66.63 -4.96
CA ASP X 131 31.40 67.32 -3.68
C ASP X 131 32.75 67.80 -3.17
N ASN X 132 32.69 68.85 -2.35
CA ASN X 132 33.89 69.46 -1.78
C ASN X 132 33.79 69.47 -0.26
N TRP X 133 34.95 69.36 0.38
CA TRP X 133 35.04 69.31 1.84
C TRP X 133 35.88 70.48 2.33
N GLY X 134 35.67 70.86 3.59
CA GLY X 134 36.44 71.90 4.23
C GLY X 134 37.61 71.35 5.02
N GLN X 135 38.15 72.21 5.89
CA GLN X 135 39.27 71.82 6.73
C GLN X 135 38.79 71.18 8.03
N GLY X 136 37.67 71.66 8.56
CA GLY X 136 37.13 71.11 9.78
C GLY X 136 37.67 71.81 11.01
N THR X 137 36.80 72.16 11.95
CA THR X 137 37.19 72.74 13.22
C THR X 137 37.05 71.67 14.30
N MET X 138 38.08 71.52 15.12
CA MET X 138 38.07 70.50 16.15
C MET X 138 37.11 70.88 17.27
N VAL X 139 36.38 69.89 17.79
CA VAL X 139 35.42 70.06 18.88
C VAL X 139 35.75 69.05 19.96
N THR X 140 36.23 69.53 21.10
CA THR X 140 36.63 68.68 22.22
C THR X 140 35.66 68.88 23.37
N VAL X 141 35.10 67.78 23.86
CA VAL X 141 34.16 67.80 24.97
C VAL X 141 34.78 66.98 26.11
N SER X 142 34.98 67.62 27.26
CA SER X 142 35.55 66.94 28.41
C SER X 142 35.54 67.83 29.65
N SER X 143 35.02 67.30 30.75
CA SER X 143 35.16 67.95 32.06
C SER X 143 36.53 67.56 32.61
N ALA X 144 37.53 68.36 32.29
CA ALA X 144 38.91 68.01 32.60
C ALA X 144 39.62 69.28 33.08
N SER X 145 40.95 69.23 33.08
CA SER X 145 41.78 70.34 33.57
C SER X 145 42.48 70.96 32.36
N THR X 146 41.89 72.03 31.83
CA THR X 146 42.48 72.74 30.71
C THR X 146 43.73 73.49 31.15
N LYS X 147 44.71 73.59 30.26
CA LYS X 147 45.94 74.31 30.55
C LYS X 147 46.50 74.92 29.29
N GLY X 148 47.15 76.07 29.43
CA GLY X 148 47.76 76.75 28.32
C GLY X 148 49.22 76.37 28.18
N PRO X 149 49.82 76.68 27.03
CA PRO X 149 51.21 76.32 26.79
C PRO X 149 52.20 77.37 27.30
N SER X 150 53.45 76.92 27.44
CA SER X 150 54.57 77.76 27.84
C SER X 150 55.51 77.85 26.63
N VAL X 151 55.42 78.96 25.90
CA VAL X 151 56.19 79.13 24.68
C VAL X 151 57.63 79.49 25.01
N PHE X 152 58.57 78.91 24.26
CA PHE X 152 59.98 79.24 24.39
C PHE X 152 60.58 79.31 23.00
N PRO X 153 61.50 80.23 22.75
CA PRO X 153 62.13 80.31 21.43
C PRO X 153 63.28 79.32 21.30
N LEU X 154 63.45 78.82 20.08
CA LEU X 154 64.54 77.89 19.74
C LEU X 154 65.44 78.61 18.75
N ALA X 155 66.48 79.27 19.26
CA ALA X 155 67.36 80.04 18.41
C ALA X 155 68.21 79.10 17.54
N PRO X 156 68.65 79.59 16.38
CA PRO X 156 69.49 78.75 15.51
C PRO X 156 70.94 78.73 15.96
N SER X 157 71.66 77.73 15.45
CA SER X 157 73.09 77.58 15.73
C SER X 157 73.90 77.72 14.44
N THR X 165 72.57 78.00 5.23
CA THR X 165 71.21 77.82 5.73
C THR X 165 71.24 77.48 7.22
N ALA X 166 70.16 77.80 7.92
CA ALA X 166 70.01 77.49 9.33
C ALA X 166 68.53 77.36 9.66
N ALA X 167 68.24 76.65 10.75
CA ALA X 167 66.88 76.35 11.15
C ALA X 167 66.60 76.88 12.55
N LEU X 168 65.35 77.31 12.76
CA LEU X 168 64.93 77.89 14.02
C LEU X 168 63.45 77.57 14.22
N GLY X 169 62.94 77.96 15.39
CA GLY X 169 61.54 77.74 15.71
C GLY X 169 61.24 78.15 17.13
N CYS X 170 60.04 77.80 17.58
CA CYS X 170 59.62 78.04 18.95
C CYS X 170 58.97 76.79 19.52
N LEU X 171 59.10 76.62 20.83
CA LEU X 171 58.71 75.41 21.53
C LEU X 171 57.41 75.65 22.28
N VAL X 172 56.45 74.75 22.09
CA VAL X 172 55.18 74.77 22.82
C VAL X 172 55.22 73.62 23.82
N LYS X 173 55.15 73.96 25.11
CA LYS X 173 55.39 73.01 26.18
C LYS X 173 54.26 73.02 27.19
N ASP X 174 54.08 71.88 27.86
CA ASP X 174 53.08 71.69 28.90
C ASP X 174 51.75 72.41 28.65
N TYR X 175 50.92 71.85 27.79
CA TYR X 175 49.56 72.34 27.58
C TYR X 175 48.61 71.16 27.46
N PHE X 176 47.31 71.48 27.50
CA PHE X 176 46.27 70.46 27.46
C PHE X 176 44.91 71.16 27.33
N PRO X 177 43.99 70.65 26.48
CA PRO X 177 44.13 69.53 25.55
C PRO X 177 44.55 69.99 24.16
N GLU X 178 44.67 69.05 23.22
CA GLU X 178 44.88 69.41 21.82
C GLU X 178 43.69 70.22 21.31
N PRO X 179 43.84 70.96 20.20
CA PRO X 179 45.05 71.16 19.40
C PRO X 179 45.68 72.55 19.60
N VAL X 180 46.62 72.90 18.72
CA VAL X 180 47.25 74.21 18.74
C VAL X 180 47.48 74.65 17.31
N THR X 181 47.59 75.96 17.11
CA THR X 181 47.90 76.54 15.80
C THR X 181 49.10 77.45 15.93
N VAL X 182 49.94 77.46 14.90
CA VAL X 182 51.18 78.24 14.91
C VAL X 182 51.34 78.98 13.60
N SER X 183 51.00 80.27 13.59
CA SER X 183 51.34 81.13 12.48
C SER X 183 52.75 81.70 12.67
N TRP X 184 53.35 82.13 11.56
CA TRP X 184 54.72 82.61 11.56
C TRP X 184 54.79 83.99 10.93
N ASN X 185 55.95 84.63 11.10
CA ASN X 185 56.20 85.98 10.59
C ASN X 185 57.58 86.00 9.95
N SER X 186 57.63 85.82 8.63
CA SER X 186 58.90 85.82 7.90
C SER X 186 58.79 86.60 6.60
N THR X 190 61.29 83.75 4.75
CA THR X 190 60.78 82.71 3.85
C THR X 190 61.56 81.41 4.03
N SER X 191 60.96 80.29 3.61
CA SER X 191 61.43 78.98 4.03
C SER X 191 60.43 77.87 3.66
N GLY X 192 60.70 76.64 4.10
CA GLY X 192 59.73 75.56 4.01
C GLY X 192 59.17 75.25 5.38
N VAL X 193 57.90 75.60 5.62
CA VAL X 193 57.29 75.52 6.94
C VAL X 193 57.40 74.11 7.51
N HIS X 194 57.08 73.95 8.79
CA HIS X 194 57.03 72.64 9.42
C HIS X 194 56.52 72.80 10.85
N THR X 195 55.64 71.89 11.26
CA THR X 195 55.11 71.89 12.62
C THR X 195 54.94 70.43 13.04
N PHE X 196 55.74 70.00 14.00
CA PHE X 196 55.79 68.60 14.39
C PHE X 196 54.62 68.23 15.29
N PRO X 197 54.30 66.94 15.39
CA PRO X 197 53.22 66.51 16.28
C PRO X 197 53.65 66.64 17.74
N ALA X 198 52.66 66.50 18.62
CA ALA X 198 52.90 66.64 20.04
C ALA X 198 53.20 65.28 20.68
N VAL X 199 53.87 65.33 21.82
CA VAL X 199 54.16 64.15 22.64
C VAL X 199 53.25 64.17 23.84
N LEU X 200 52.70 63.02 24.21
CA LEU X 200 51.90 62.90 25.41
C LEU X 200 52.82 62.60 26.58
N GLN X 201 53.05 63.60 27.43
CA GLN X 201 53.99 63.49 28.52
C GLN X 201 53.49 62.51 29.57
N SER X 202 54.40 62.15 30.48
CA SER X 202 54.03 61.28 31.59
C SER X 202 53.03 61.95 32.52
N SER X 203 53.09 63.28 32.63
CA SER X 203 52.19 64.03 33.50
C SER X 203 50.79 64.17 32.94
N GLY X 204 50.56 63.77 31.69
CA GLY X 204 49.27 63.95 31.05
C GLY X 204 49.13 65.19 30.21
N LEU X 205 50.23 65.90 29.95
CA LEU X 205 50.22 67.12 29.16
C LEU X 205 50.91 66.88 27.82
N TYR X 206 50.66 67.79 26.88
CA TYR X 206 51.21 67.71 25.55
C TYR X 206 52.35 68.70 25.37
N SER X 207 53.12 68.51 24.29
CA SER X 207 54.23 69.38 23.96
C SER X 207 54.68 69.12 22.52
N LEU X 208 54.87 70.18 21.74
CA LEU X 208 55.27 70.04 20.34
C LEU X 208 56.32 71.10 20.03
N SER X 209 56.70 71.18 18.76
CA SER X 209 57.67 72.16 18.31
C SER X 209 57.40 72.52 16.86
N SER X 210 57.55 73.80 16.53
CA SER X 210 57.36 74.30 15.17
C SER X 210 58.65 74.98 14.74
N VAL X 211 59.25 74.50 13.65
CA VAL X 211 60.54 74.98 13.18
C VAL X 211 60.38 75.56 11.78
N VAL X 212 61.44 76.19 11.31
CA VAL X 212 61.44 76.88 10.02
C VAL X 212 62.87 76.94 9.51
N THR X 213 63.10 76.47 8.28
CA THR X 213 64.44 76.39 7.70
C THR X 213 64.65 77.62 6.81
N VAL X 214 65.48 78.54 7.28
CA VAL X 214 65.64 79.84 6.63
C VAL X 214 67.07 79.96 6.13
N PRO X 215 67.35 80.92 5.24
CA PRO X 215 68.73 81.19 4.85
C PRO X 215 69.45 82.05 5.88
N SER X 216 70.69 81.68 6.18
CA SER X 216 71.47 82.42 7.16
C SER X 216 71.59 83.90 6.79
N SER X 217 71.42 84.23 5.51
CA SER X 217 71.61 85.61 5.06
C SER X 217 70.56 86.54 5.66
N SER X 218 69.30 86.08 5.71
CA SER X 218 68.20 86.91 6.19
C SER X 218 67.97 86.78 7.68
N LEU X 219 69.02 86.48 8.46
CA LEU X 219 68.85 86.25 9.89
C LEU X 219 68.89 87.55 10.68
N GLY X 220 69.97 88.32 10.53
CA GLY X 220 70.04 89.60 11.21
C GLY X 220 68.97 90.56 10.77
N THR X 221 68.57 90.49 9.49
CA THR X 221 67.57 91.41 8.96
C THR X 221 66.17 91.02 9.41
N GLN X 222 65.62 89.96 8.81
CA GLN X 222 64.25 89.56 9.07
C GLN X 222 64.03 89.31 10.56
N THR X 223 62.81 89.61 11.01
CA THR X 223 62.38 89.33 12.38
C THR X 223 61.49 88.10 12.36
N TYR X 224 61.76 87.15 13.25
CA TYR X 224 61.06 85.87 13.27
C TYR X 224 60.26 85.77 14.57
N ILE X 225 58.96 86.04 14.47
CA ILE X 225 58.03 85.92 15.58
C ILE X 225 57.10 84.75 15.28
N CYS X 226 57.02 83.80 16.20
CA CYS X 226 56.12 82.66 16.06
C CYS X 226 54.84 82.97 16.84
N ASN X 227 53.70 82.88 16.16
CA ASN X 227 52.41 83.21 16.74
C ASN X 227 51.72 81.91 17.16
N VAL X 228 51.67 81.66 18.46
CA VAL X 228 51.02 80.48 18.99
C VAL X 228 49.60 80.85 19.36
N ASN X 229 48.73 79.83 19.43
CA ASN X 229 47.33 80.06 19.80
C ASN X 229 46.75 78.76 20.31
N HIS X 230 46.19 78.79 21.53
CA HIS X 230 45.57 77.63 22.18
C HIS X 230 44.20 78.08 22.68
N LYS X 231 43.18 77.93 21.84
CA LYS X 231 41.84 78.40 22.20
C LYS X 231 41.29 77.75 23.46
N PRO X 232 41.51 76.46 23.73
CA PRO X 232 40.92 75.87 24.96
C PRO X 232 41.19 76.68 26.21
N SER X 233 42.37 77.28 26.33
CA SER X 233 42.73 78.11 27.48
C SER X 233 42.64 79.60 27.19
N ASN X 234 42.24 79.98 25.98
CA ASN X 234 42.22 81.39 25.57
C ASN X 234 43.63 81.99 25.59
N THR X 235 44.63 81.17 25.30
CA THR X 235 46.02 81.61 25.31
C THR X 235 46.43 82.01 23.89
N LYS X 236 47.06 83.18 23.78
CA LYS X 236 47.51 83.68 22.48
C LYS X 236 48.83 84.43 22.70
N VAL X 237 49.90 83.91 22.10
CA VAL X 237 51.26 84.38 22.39
C VAL X 237 51.95 84.76 21.08
N ASP X 238 52.88 85.71 21.19
CA ASP X 238 53.76 86.11 20.09
C ASP X 238 55.18 86.14 20.65
N LYS X 239 55.98 85.11 20.35
CA LYS X 239 57.33 84.99 20.86
C LYS X 239 58.33 85.25 19.74
N LYS X 240 59.28 86.16 19.98
CA LYS X 240 60.31 86.51 19.01
C LYS X 240 61.52 85.59 19.18
N VAL X 241 62.04 85.11 18.05
CA VAL X 241 63.16 84.17 18.02
C VAL X 241 64.35 84.87 17.38
N GLU X 242 65.47 84.94 18.11
CA GLU X 242 66.70 85.53 17.61
C GLU X 242 67.89 84.65 18.01
N PRO X 243 69.08 84.89 17.47
CA PRO X 243 70.24 84.11 17.88
C PRO X 243 70.64 84.42 19.32
N LYS X 244 71.56 83.60 19.84
CA LYS X 244 72.05 83.75 21.21
C LYS X 244 73.19 84.75 21.28
C1 NAG Y . -30.77 -21.41 20.87
C2 NAG Y . -31.40 -20.42 19.89
C3 NAG Y . -30.80 -19.04 20.09
C4 NAG Y . -30.99 -18.60 21.54
C5 NAG Y . -30.41 -19.64 22.48
C6 NAG Y . -30.65 -19.32 23.94
C7 NAG Y . -32.19 -21.47 17.83
C8 NAG Y . -31.85 -21.88 16.44
N2 NAG Y . -31.22 -20.87 18.52
O3 NAG Y . -31.44 -18.12 19.21
O4 NAG Y . -30.34 -17.36 21.77
O5 NAG Y . -30.97 -20.94 22.23
O6 NAG Y . -32.04 -19.40 24.27
O7 NAG Y . -33.31 -21.67 18.31
C1 NAG Y . -31.34 -16.34 21.99
C2 NAG Y . -30.61 -15.06 22.36
C3 NAG Y . -31.62 -13.94 22.59
C4 NAG Y . -32.49 -13.77 21.36
C5 NAG Y . -33.15 -15.10 20.98
C6 NAG Y . -33.91 -15.02 19.68
C7 NAG Y . -28.48 -14.90 23.56
C8 NAG Y . -27.75 -15.17 24.85
N2 NAG Y . -29.77 -15.25 23.53
O3 NAG Y . -30.93 -12.73 22.88
O4 NAG Y . -33.51 -12.80 21.62
O5 NAG Y . -32.16 -16.12 20.83
O6 NAG Y . -33.08 -14.65 18.59
O7 NAG Y . -27.91 -14.40 22.60
C1 BMA Y . -33.41 -11.77 20.61
C2 BMA Y . -34.78 -11.09 20.48
C3 BMA Y . -34.68 -9.93 19.49
C4 BMA Y . -33.51 -8.98 19.83
C5 BMA Y . -32.19 -9.78 19.97
C6 BMA Y . -31.00 -8.90 20.40
O2 BMA Y . -35.20 -10.55 21.73
O3 BMA Y . -35.88 -9.18 19.44
O4 BMA Y . -33.39 -8.00 18.81
O5 BMA Y . -32.38 -10.82 20.96
O6 BMA Y . -31.19 -8.52 21.76
C1 MAN Y . -36.81 -9.87 18.56
C2 MAN Y . -36.99 -8.98 17.27
C3 MAN Y . -37.90 -7.76 17.58
C4 MAN Y . -39.18 -8.19 18.35
C5 MAN Y . -38.79 -8.96 19.62
C6 MAN Y . -39.98 -9.44 20.43
O2 MAN Y . -37.64 -9.69 16.20
O3 MAN Y . -38.24 -7.04 16.38
O4 MAN Y . -39.94 -7.05 18.71
O5 MAN Y . -38.03 -10.13 19.24
O6 MAN Y . -39.49 -10.20 21.55
C1 MAN Y . -30.21 -7.55 22.20
C2 MAN Y . -30.15 -7.63 23.74
C3 MAN Y . -31.48 -7.14 24.35
C4 MAN Y . -31.82 -5.72 23.80
C5 MAN Y . -31.80 -5.70 22.25
C6 MAN Y . -31.97 -4.30 21.68
O2 MAN Y . -29.13 -6.78 24.29
O3 MAN Y . -31.46 -7.15 25.78
O4 MAN Y . -33.12 -5.32 24.27
O5 MAN Y . -30.54 -6.23 21.76
O6 MAN Y . -31.68 -4.36 20.28
C1 NAG Z . -57.31 -19.26 -0.78
C2 NAG Z . -57.06 -19.64 0.67
C3 NAG Z . -58.32 -19.43 1.50
C4 NAG Z . -58.81 -18.01 1.35
C5 NAG Z . -58.97 -17.66 -0.14
C6 NAG Z . -59.37 -16.22 -0.36
C7 NAG Z . -55.44 -21.36 1.35
C8 NAG Z . -55.14 -22.84 1.36
N2 NAG Z . -56.60 -21.02 0.78
O3 NAG Z . -58.04 -19.71 2.87
O4 NAG Z . -60.06 -17.85 2.01
O5 NAG Z . -57.74 -17.88 -0.85
O6 NAG Z . -58.77 -15.35 0.60
O7 NAG Z . -54.68 -20.53 1.84
C1 NAG Z . -59.98 -16.82 2.99
C2 NAG Z . -61.40 -16.58 3.50
C3 NAG Z . -61.39 -15.47 4.55
C4 NAG Z . -60.41 -15.80 5.66
C5 NAG Z . -59.03 -16.20 5.13
C6 NAG Z . -58.13 -16.80 6.19
C7 NAG Z . -63.52 -16.80 2.26
C8 NAG Z . -64.31 -16.35 1.06
N2 NAG Z . -62.30 -16.26 2.40
O3 NAG Z . -62.70 -15.31 5.07
O4 NAG Z . -60.26 -14.66 6.51
O5 NAG Z . -59.14 -17.18 4.08
O6 NAG Z . -58.16 -18.22 6.18
O7 NAG Z . -63.97 -17.61 3.07
C1 BMA Z . -60.45 -15.09 7.88
C2 BMA Z . -59.69 -14.12 8.76
C3 BMA Z . -59.79 -14.62 10.22
C4 BMA Z . -61.27 -14.84 10.71
C5 BMA Z . -62.06 -15.69 9.66
C6 BMA Z . -63.56 -15.73 9.95
O2 BMA Z . -60.29 -12.83 8.71
O3 BMA Z . -59.11 -13.75 11.08
O4 BMA Z . -61.31 -15.49 12.00
O5 BMA Z . -61.84 -15.13 8.29
O6 BMA Z . -64.14 -14.56 9.43
C1 MAN Z . -57.77 -14.23 11.28
C2 MAN Z . -57.63 -14.73 12.77
C3 MAN Z . -57.71 -13.54 13.76
C4 MAN Z . -56.73 -12.44 13.32
C5 MAN Z . -57.02 -12.04 11.83
C6 MAN Z . -56.07 -11.00 11.30
O2 MAN Z . -56.34 -15.34 13.02
O3 MAN Z . -57.48 -13.90 15.13
O4 MAN Z . -56.86 -11.32 14.17
O5 MAN Z . -56.90 -13.19 10.97
O6 MAN Z . -56.14 -11.03 9.86
C1 MAN Z . -65.50 -14.46 9.92
C2 MAN Z . -66.31 -13.51 8.97
C3 MAN Z . -65.86 -12.03 9.14
C4 MAN Z . -65.86 -11.65 10.65
C5 MAN Z . -64.97 -12.65 11.43
C6 MAN Z . -64.92 -12.35 12.92
O2 MAN Z . -67.72 -13.52 9.28
O3 MAN Z . -66.65 -11.11 8.37
O4 MAN Z . -65.37 -10.32 10.84
O5 MAN Z . -65.50 -14.01 11.27
O6 MAN Z . -63.84 -13.12 13.48
C1 NAG AA . 10.37 59.45 -14.35
C2 NAG AA . 9.88 58.83 -15.65
C3 NAG AA . 10.97 57.93 -16.24
C4 NAG AA . 12.27 58.72 -16.40
C5 NAG AA . 12.66 59.36 -15.07
C6 NAG AA . 13.89 60.24 -15.19
C7 NAG AA . 7.44 58.62 -15.58
C8 NAG AA . 6.28 57.71 -15.31
N2 NAG AA . 8.66 58.08 -15.44
O3 NAG AA . 10.53 57.44 -17.51
O4 NAG AA . 13.33 57.86 -16.82
O5 NAG AA . 11.59 60.18 -14.59
O6 NAG AA . 13.68 61.30 -16.12
O7 NAG AA . 7.29 59.79 -15.90
C1 NAG AA . 13.74 58.26 -18.14
C2 NAG AA . 14.95 57.43 -18.52
C3 NAG AA . 15.41 57.78 -19.93
C4 NAG AA . 14.26 57.63 -20.91
C5 NAG AA . 13.06 58.45 -20.44
C6 NAG AA . 11.83 58.23 -21.30
C7 NAG AA . 16.54 56.58 -16.85
C8 NAG AA . 17.65 56.96 -15.91
N2 NAG AA . 16.02 57.59 -17.56
O3 NAG AA . 16.50 56.95 -20.29
O4 NAG AA . 14.66 58.07 -22.21
O5 NAG AA . 12.70 58.08 -19.11
O6 NAG AA . 11.29 56.93 -21.11
O7 NAG AA . 16.14 55.44 -16.96
C1 BMA AA . 14.44 57.00 -23.15
C2 BMA AA . 14.16 57.61 -24.53
C3 BMA AA . 14.06 56.50 -25.57
C4 BMA AA . 15.25 55.52 -25.50
C5 BMA AA . 15.39 54.98 -24.08
C6 BMA AA . 16.60 54.05 -23.93
O2 BMA AA . 15.23 58.47 -24.93
O3 BMA AA . 13.94 57.04 -26.88
O4 BMA AA . 15.06 54.43 -26.39
O5 BMA AA . 15.57 56.12 -23.19
O6 BMA AA . 17.78 54.83 -24.10
C1 MAN AA . 12.57 57.41 -27.12
C2 MAN AA . 11.93 56.38 -28.12
C3 MAN AA . 12.43 56.63 -29.56
C4 MAN AA . 12.35 58.13 -29.92
C5 MAN AA . 13.13 58.95 -28.87
C6 MAN AA . 13.11 60.44 -29.13
O2 MAN AA . 10.51 56.49 -28.18
O3 MAN AA . 11.74 55.85 -30.54
O4 MAN AA . 12.91 58.36 -31.20
O5 MAN AA . 12.51 58.75 -27.58
O6 MAN AA . 13.59 61.10 -27.96
C1 MAN AA . 18.94 53.99 -24.13
C2 MAN AA . 20.16 54.83 -23.60
C3 MAN AA . 20.57 55.89 -24.68
C4 MAN AA . 20.73 55.23 -26.08
C5 MAN AA . 19.45 54.44 -26.47
C6 MAN AA . 19.60 53.70 -27.79
O2 MAN AA . 21.31 54.02 -23.35
O3 MAN AA . 21.77 56.59 -24.31
O4 MAN AA . 20.98 56.25 -27.06
O5 MAN AA . 19.15 53.45 -25.43
O6 MAN AA . 18.52 52.79 -27.93
C1 NAG BA . 19.16 9.84 32.17
C2 NAG BA . 20.66 9.91 32.39
C3 NAG BA . 21.41 9.43 31.17
C4 NAG BA . 20.92 8.04 30.77
C5 NAG BA . 19.40 8.07 30.60
C6 NAG BA . 18.84 6.70 30.27
C7 NAG BA . 21.45 11.65 33.93
C8 NAG BA . 21.82 13.10 34.09
N2 NAG BA . 21.05 11.28 32.71
O3 NAG BA . 22.80 9.39 31.48
O4 NAG BA . 21.50 7.64 29.53
O5 NAG BA . 18.79 8.50 31.83
O6 NAG BA . 19.45 5.70 31.08
O7 NAG BA . 21.52 10.86 34.87
C1 NAG BA . 22.28 6.45 29.78
C2 NAG BA . 22.86 5.97 28.46
C3 NAG BA . 23.70 4.71 28.69
C4 NAG BA . 24.75 4.94 29.78
C5 NAG BA . 24.13 5.55 31.04
C6 NAG BA . 25.17 6.01 32.05
C7 NAG BA . 21.62 6.50 26.41
C8 NAG BA . 20.48 6.08 25.51
N2 NAG BA . 21.82 5.72 27.48
O3 NAG BA . 24.33 4.31 27.47
O4 NAG BA . 25.33 3.70 30.12
O5 NAG BA . 23.34 6.70 30.71
O6 NAG BA . 26.28 6.63 31.42
O7 NAG BA . 22.32 7.48 26.16
C1 BMA BA . 26.76 3.76 29.88
C2 BMA BA . 27.42 2.65 30.71
C3 BMA BA . 28.93 2.73 30.51
C4 BMA BA . 29.32 2.71 28.99
C5 BMA BA . 28.49 3.76 28.20
C6 BMA BA . 28.67 3.62 26.70
O2 BMA BA . 27.00 1.37 30.25
O3 BMA BA . 29.59 1.69 31.22
O4 BMA BA . 30.71 3.00 28.82
O5 BMA BA . 27.08 3.59 28.50
O6 BMA BA . 28.09 2.38 26.31
C1 MAN BA . 30.10 2.23 32.47
C2 MAN BA . 31.70 2.15 32.46
C3 MAN BA . 32.19 0.71 32.76
C4 MAN BA . 31.37 0.06 33.92
C5 MAN BA . 29.87 0.16 33.62
C6 MAN BA . 29.00 -0.47 34.67
O2 MAN BA . 32.30 3.00 33.45
O3 MAN BA . 33.60 0.69 33.05
O4 MAN BA . 31.73 -1.31 34.06
O5 MAN BA . 29.52 1.54 33.55
O6 MAN BA . 27.64 -0.32 34.26
C1 MAN BA . 28.17 2.26 24.88
C2 MAN BA . 27.03 1.28 24.42
C3 MAN BA . 27.38 -0.16 24.86
C4 MAN BA . 28.81 -0.56 24.39
C5 MAN BA . 29.84 0.49 24.93
C6 MAN BA . 31.26 0.23 24.45
O2 MAN BA . 26.90 1.25 22.98
O3 MAN BA . 26.41 -1.11 24.38
O4 MAN BA . 29.14 -1.87 24.88
O5 MAN BA . 29.47 1.82 24.49
O6 MAN BA . 32.15 1.07 25.17
C1 NAG CA . 35.77 -34.06 6.22
C2 NAG CA . 36.71 -33.56 7.32
C3 NAG CA . 36.77 -32.05 7.32
C4 NAG CA . 37.09 -31.52 5.94
C5 NAG CA . 36.15 -32.12 4.89
C6 NAG CA . 36.53 -31.72 3.49
C7 NAG CA . 36.90 -35.10 9.23
C8 NAG CA . 36.34 -35.50 10.57
N2 NAG CA . 36.31 -34.08 8.62
O3 NAG CA . 37.76 -31.65 8.26
O4 NAG CA . 36.94 -30.11 5.86
O5 NAG CA . 36.19 -33.55 4.96
O6 NAG CA . 37.89 -31.30 3.43
O7 NAG CA . 37.86 -35.69 8.72
C1 NAG CA . 38.21 -29.46 5.72
C2 NAG CA . 37.95 -27.97 5.69
C3 NAG CA . 39.26 -27.22 5.51
C4 NAG CA . 40.28 -27.64 6.57
C5 NAG CA . 40.38 -29.16 6.71
C6 NAG CA . 41.15 -29.58 7.95
C7 NAG CA . 36.05 -26.71 4.80
C8 NAG CA . 35.15 -26.48 3.62
N2 NAG CA . 37.01 -27.62 4.64
O3 NAG CA . 39.02 -25.82 5.61
O4 NAG CA . 41.55 -27.16 6.17
O5 NAG CA . 39.09 -29.77 6.81
O6 NAG CA . 40.32 -29.64 9.09
O7 NAG CA . 35.90 -26.09 5.85
C1 BMA CA . 41.99 -26.25 7.19
C2 BMA CA . 43.53 -26.20 7.13
C3 BMA CA . 44.00 -25.26 8.22
C4 BMA CA . 43.34 -23.87 8.08
C5 BMA CA . 41.80 -24.02 8.10
C6 BMA CA . 41.04 -22.71 7.93
O2 BMA CA . 43.97 -25.66 5.89
O3 BMA CA . 45.40 -25.18 8.22
O4 BMA CA . 43.76 -23.02 9.16
O5 BMA CA . 41.45 -24.93 7.02
O6 BMA CA . 41.40 -22.16 6.67
C1 MAN CA . 45.89 -26.24 9.08
C2 MAN CA . 45.93 -25.72 10.58
C3 MAN CA . 47.09 -24.71 10.80
C4 MAN CA . 48.40 -25.29 10.25
C5 MAN CA . 48.21 -25.64 8.75
C6 MAN CA . 49.47 -26.20 8.11
O2 MAN CA . 46.14 -26.79 11.50
O3 MAN CA . 47.23 -24.30 12.17
O4 MAN CA . 49.46 -24.35 10.40
O5 MAN CA . 47.16 -26.66 8.61
O6 MAN CA . 49.26 -26.29 6.70
C1 MAN CA . 40.85 -20.83 6.58
C2 MAN CA . 40.64 -20.54 5.06
C3 MAN CA . 42.03 -20.34 4.36
C4 MAN CA . 42.89 -19.29 5.13
C5 MAN CA . 43.03 -19.73 6.60
C6 MAN CA . 43.83 -18.73 7.44
O2 MAN CA . 39.91 -19.32 4.87
O3 MAN CA . 41.91 -20.00 2.96
O4 MAN CA . 44.17 -19.14 4.51
O5 MAN CA . 41.70 -19.87 7.21
O6 MAN CA . 43.62 -19.03 8.82
C1 NAG DA . 59.23 9.88 -15.50
C2 NAG DA . 59.94 9.27 -14.30
C3 NAG DA . 58.91 8.68 -13.34
C4 NAG DA . 57.90 9.73 -12.94
C5 NAG DA . 57.28 10.40 -14.18
C6 NAG DA . 56.41 11.59 -13.84
C7 NAG DA . 62.19 8.50 -14.94
C8 NAG DA . 63.02 7.32 -15.37
N2 NAG DA . 60.89 8.24 -14.72
O3 NAG DA . 59.59 8.17 -12.19
O4 NAG DA . 56.87 9.14 -12.16
O5 NAG DA . 58.31 10.89 -15.06
O6 NAG DA . 56.90 12.31 -12.72
O7 NAG DA . 62.67 9.62 -14.79
C1 NAG DA . 56.90 9.72 -10.84
C2 NAG DA . 55.68 9.20 -10.11
C3 NAG DA . 55.62 9.81 -8.70
C4 NAG DA . 56.92 9.54 -7.97
C5 NAG DA . 58.14 9.95 -8.79
C6 NAG DA . 59.45 9.49 -8.17
C7 NAG DA . 53.41 8.68 -10.84
C8 NAG DA . 52.22 9.11 -11.65
N2 NAG DA . 54.45 9.50 -10.85
O3 NAG DA . 54.53 9.24 -7.99
O4 NAG DA . 56.94 10.26 -6.74
O5 NAG DA . 58.08 9.37 -10.10
O6 NAG DA . 59.75 8.16 -8.55
O7 NAG DA . 53.40 7.63 -10.20
C1 BMA DA . 56.96 9.27 -5.69
C2 BMA DA . 57.58 9.92 -4.45
C3 BMA DA . 57.59 8.87 -3.33
C4 BMA DA . 56.17 8.33 -3.09
C5 BMA DA . 55.60 7.76 -4.41
C6 BMA DA . 54.17 7.27 -4.30
O2 BMA DA . 56.81 11.02 -4.00
O3 BMA DA . 58.15 9.40 -2.14
O4 BMA DA . 56.21 7.30 -2.11
O5 BMA DA . 55.63 8.81 -5.39
O6 BMA DA . 53.31 8.40 -4.36
C1 MAN DA . 59.59 9.28 -2.29
C2 MAN DA . 60.05 8.08 -1.38
C3 MAN DA . 60.07 8.49 0.12
C4 MAN DA . 60.85 9.81 0.29
C5 MAN DA . 60.20 10.91 -0.56
C6 MAN DA . 60.88 12.25 -0.43
O2 MAN DA . 61.40 7.67 -1.71
O3 MAN DA . 60.58 7.47 0.98
O4 MAN DA . 60.86 10.21 1.66
O5 MAN DA . 60.24 10.52 -1.96
O6 MAN DA . 60.43 13.07 -1.51
C1 MAN DA . 52.04 8.05 -3.75
C2 MAN DA . 51.03 9.24 -3.99
C3 MAN DA . 51.21 10.40 -2.95
C4 MAN DA . 51.53 9.91 -1.52
C5 MAN DA . 52.68 8.90 -1.58
C6 MAN DA . 53.10 8.38 -0.20
O2 MAN DA . 49.66 8.82 -3.87
O3 MAN DA . 50.05 11.24 -2.90
O4 MAN DA . 51.89 11.03 -0.68
O5 MAN DA . 52.24 7.77 -2.37
O6 MAN DA . 53.85 7.18 -0.39
S SO4 EA . 37.70 22.29 -10.96
O1 SO4 EA . 36.47 21.86 -11.62
O2 SO4 EA . 37.47 23.58 -10.34
O3 SO4 EA . 38.77 22.43 -11.95
O4 SO4 EA . 38.08 21.30 -9.95
S SO4 FA . 41.45 -1.31 -13.78
O1 SO4 FA . 40.95 -1.43 -15.14
O2 SO4 FA . 41.28 0.06 -13.31
O3 SO4 FA . 42.87 -1.65 -13.77
O4 SO4 FA . 40.72 -2.20 -12.90
S SO4 GA . 23.76 -16.96 5.28
O1 SO4 GA . 22.65 -17.26 6.18
O2 SO4 GA . 23.64 -15.58 4.81
O3 SO4 GA . 25.02 -17.16 5.99
O4 SO4 GA . 23.70 -17.86 4.13
S SO4 HA . 35.58 -20.57 -15.11
O1 SO4 HA . 36.64 -19.58 -15.32
O2 SO4 HA . 34.47 -20.31 -16.01
O3 SO4 HA . 36.11 -21.91 -15.38
O4 SO4 HA . 35.13 -20.49 -13.72
S SO4 IA . -76.64 -23.52 0.64
O1 SO4 IA . -76.97 -22.12 0.92
O2 SO4 IA . -77.00 -23.82 -0.75
O3 SO4 IA . -77.39 -24.38 1.55
O4 SO4 IA . -75.22 -23.75 0.84
S SO4 JA . -72.81 -0.63 -5.67
O1 SO4 JA . -72.35 0.20 -4.57
O2 SO4 JA . -73.95 0.01 -6.32
O3 SO4 JA . -73.22 -1.93 -5.14
O4 SO4 JA . -71.75 -0.83 -6.65
S SO4 KA . 22.38 11.98 11.13
O1 SO4 KA . 21.65 13.23 11.04
O2 SO4 KA . 21.89 11.05 10.11
O3 SO4 KA . 23.81 12.22 10.93
O4 SO4 KA . 22.15 11.39 12.45
S SO4 LA . 10.42 -7.91 16.17
O1 SO4 LA . 9.10 -7.45 16.58
O2 SO4 LA . 10.44 -8.14 14.74
O3 SO4 LA . 10.74 -9.15 16.87
O4 SO4 LA . 11.41 -6.89 16.53
S SO4 MA . 18.95 -2.64 5.91
O1 SO4 MA . 17.67 -2.00 6.25
O2 SO4 MA . 19.25 -2.41 4.51
O3 SO4 MA . 19.99 -2.06 6.76
O4 SO4 MA . 18.90 -4.06 6.15
S SO4 NA . -13.35 -11.35 22.73
O1 SO4 NA . -13.61 -10.87 24.07
O2 SO4 NA . -14.04 -10.49 21.77
O3 SO4 NA . -11.92 -11.31 22.47
O4 SO4 NA . -13.82 -12.72 22.59
S SO4 OA . -26.58 -10.72 43.04
O1 SO4 OA . -27.65 -9.76 42.77
O2 SO4 OA . -25.31 -10.01 43.15
O3 SO4 OA . -26.51 -11.68 41.95
O4 SO4 OA . -26.85 -11.42 44.29
S SO4 PA . 24.39 45.09 -10.85
O1 SO4 PA . 24.75 46.34 -11.52
O2 SO4 PA . 23.37 44.42 -11.65
O3 SO4 PA . 25.55 44.24 -10.72
O4 SO4 PA . 23.85 45.40 -9.52
S SO4 QA . 34.68 65.97 -14.52
O1 SO4 QA . 34.76 66.98 -13.48
O2 SO4 QA . 34.71 66.62 -15.83
O3 SO4 QA . 35.81 65.06 -14.41
O4 SO4 QA . 33.44 65.21 -14.38
#